data_5KZF
#
_entry.id   5KZF
#
_cell.length_a   115.265
_cell.length_b   202.590
_cell.length_c   303.007
_cell.angle_alpha   90.00
_cell.angle_beta   90.00
_cell.angle_gamma   90.00
#
_symmetry.space_group_name_H-M   'P 21 21 21'
#
_entity_poly.entity_id   1
_entity_poly.type   'polypeptide(L)'
_entity_poly.pdbx_seq_one_letter_code
;MPSGYGVLLATHDDDTVDVFTSGRKMRLTCSPNIDAASLKKGQTVRLNEALTVVEAGTFEAVGEISTLREILADGHRALV
VGHADEERVVWLADPLIAEDLPDGLPEALNDDTRPRKLRPGDSLLVDTKAGYAFERIPKAEVEDLVLEEVPDVSYADIGG
LSRQIEQIRDAVELPFLHKELYREYSLRPPKGVLLYGPPGCGKTLIAKAVANSLAKKMAEVRGDDAHEAKSYFLNIKGPE
LLNKFVGETERHIRLIFQRAREKASEGTPVIVFFDEMDSIFRTRGTGVSSDVETTVVPQLLSEIDGVEGLENVIVIGASN
REDMIDPAILRPGRLDVKIKIERPDAEAAQDIYSKYLTEFLPVHADDLAEFDGDRSACIKAMIEKVVDRMYAEIDDNRFL
EVTYANGDKEVMYFKDFNSGAMIQNVVDRAKKNAIKSVLETGQPGLRIQHLLDSIVDEFAENEDLPNTTNPDDWARISGK
KGERIVYIRTLVTGKSSSASRAIDTESNLGQYL
;
_entity_poly.pdbx_strand_id   A,B,C,D,E,F,G,H,I,J,K,L
#
# COMPACT_ATOMS: atom_id res chain seq x y z
N PRO A 2 -52.87 -30.93 -9.06
CA PRO A 2 -51.46 -31.31 -9.08
C PRO A 2 -50.53 -30.09 -9.08
N SER A 3 -49.47 -30.16 -8.30
CA SER A 3 -48.53 -29.05 -8.18
C SER A 3 -47.09 -29.57 -8.15
N GLY A 4 -46.23 -28.95 -8.93
CA GLY A 4 -44.82 -29.31 -8.96
C GLY A 4 -44.00 -28.49 -7.98
N TYR A 5 -42.71 -28.79 -7.88
CA TYR A 5 -41.82 -28.05 -7.01
C TYR A 5 -40.56 -27.60 -7.75
N GLY A 6 -39.96 -26.51 -7.29
CA GLY A 6 -38.75 -25.98 -7.88
C GLY A 6 -37.91 -25.26 -6.86
N VAL A 7 -36.70 -24.86 -7.24
CA VAL A 7 -35.80 -24.15 -6.32
C VAL A 7 -35.61 -22.71 -6.76
N LEU A 8 -35.92 -21.79 -5.85
CA LEU A 8 -35.82 -20.37 -6.16
C LEU A 8 -34.36 -19.96 -6.30
N LEU A 9 -34.02 -19.46 -7.50
CA LEU A 9 -32.64 -19.04 -7.81
C LEU A 9 -32.39 -17.52 -7.75
N ALA A 10 -33.22 -16.73 -8.43
CA ALA A 10 -33.05 -15.27 -8.38
C ALA A 10 -34.38 -14.53 -8.25
N THR A 11 -34.35 -13.42 -7.54
CA THR A 11 -35.52 -12.54 -7.43
C THR A 11 -35.28 -11.23 -8.16
N HIS A 12 -36.12 -10.94 -9.14
CA HIS A 12 -36.07 -9.66 -9.84
C HIS A 12 -37.16 -8.73 -9.31
N ASP A 13 -37.19 -7.51 -9.82
CA ASP A 13 -38.15 -6.51 -9.35
C ASP A 13 -39.42 -6.45 -10.20
N ASP A 14 -39.52 -7.35 -11.18
CA ASP A 14 -40.70 -7.43 -12.02
C ASP A 14 -41.72 -8.38 -11.41
N ASP A 15 -41.42 -8.86 -10.20
CA ASP A 15 -42.15 -9.96 -9.59
C ASP A 15 -42.06 -11.18 -10.50
N THR A 16 -40.96 -11.25 -11.23
CA THR A 16 -40.58 -12.44 -11.99
C THR A 16 -39.43 -13.12 -11.25
N VAL A 17 -39.44 -14.45 -11.27
CA VAL A 17 -38.54 -15.21 -10.42
C VAL A 17 -37.82 -16.32 -11.18
N ASP A 18 -36.49 -16.31 -11.08
CA ASP A 18 -35.66 -17.37 -11.67
C ASP A 18 -35.68 -18.60 -10.79
N VAL A 19 -36.11 -19.71 -11.36
CA VAL A 19 -36.31 -20.96 -10.62
C VAL A 19 -35.68 -22.16 -11.32
N PHE A 20 -34.94 -22.96 -10.57
CA PHE A 20 -34.47 -24.24 -11.10
C PHE A 20 -35.48 -25.33 -10.81
N THR A 21 -36.00 -25.95 -11.86
CA THR A 21 -36.95 -27.04 -11.68
C THR A 21 -36.84 -28.07 -12.80
N SER A 22 -37.00 -29.33 -12.45
CA SER A 22 -36.99 -30.46 -13.39
C SER A 22 -35.81 -30.40 -14.36
N GLY A 23 -34.67 -29.95 -13.86
CA GLY A 23 -33.44 -29.94 -14.64
C GLY A 23 -33.11 -28.62 -15.30
N ARG A 24 -34.11 -27.77 -15.48
CA ARG A 24 -33.91 -26.52 -16.20
C ARG A 24 -34.02 -25.27 -15.33
N LYS A 25 -33.10 -24.33 -15.55
CA LYS A 25 -33.22 -23.02 -14.95
C LYS A 25 -34.11 -22.18 -15.83
N MET A 26 -35.26 -21.77 -15.27
CA MET A 26 -36.23 -20.96 -16.00
C MET A 26 -36.41 -19.63 -15.31
N ARG A 27 -37.25 -18.79 -15.91
CA ARG A 27 -37.77 -17.64 -15.20
C ARG A 27 -39.29 -17.64 -15.37
N LEU A 28 -39.99 -17.47 -14.26
CA LEU A 28 -41.44 -17.55 -14.26
C LEU A 28 -42.04 -16.26 -13.70
N THR A 29 -43.36 -16.22 -13.70
CA THR A 29 -44.10 -15.18 -13.01
C THR A 29 -44.70 -15.79 -11.76
N CYS A 30 -44.76 -15.04 -10.67
CA CYS A 30 -45.31 -15.57 -9.43
C CYS A 30 -46.66 -14.94 -9.12
N SER A 31 -47.52 -15.74 -8.49
CA SER A 31 -48.89 -15.34 -8.15
C SER A 31 -48.93 -14.06 -7.32
N PRO A 32 -50.00 -13.27 -7.46
CA PRO A 32 -50.23 -12.08 -6.63
C PRO A 32 -50.24 -12.41 -5.14
N ASN A 33 -50.60 -13.65 -4.83
CA ASN A 33 -50.54 -14.17 -3.46
C ASN A 33 -49.12 -14.12 -2.90
N ILE A 34 -48.13 -14.30 -3.77
CA ILE A 34 -46.74 -14.33 -3.35
C ILE A 34 -46.06 -12.95 -3.37
N ASP A 35 -45.42 -12.61 -2.26
CA ASP A 35 -44.71 -11.35 -2.11
C ASP A 35 -43.24 -11.52 -2.51
N ALA A 36 -42.85 -10.85 -3.61
CA ALA A 36 -41.53 -11.02 -4.19
C ALA A 36 -40.40 -10.43 -3.32
N ALA A 37 -40.77 -9.57 -2.37
CA ALA A 37 -39.78 -8.92 -1.52
C ALA A 37 -39.30 -9.83 -0.38
N SER A 38 -40.21 -10.66 0.13
CA SER A 38 -39.93 -11.48 1.31
C SER A 38 -39.41 -12.87 0.96
N LEU A 39 -39.18 -13.12 -0.33
CA LEU A 39 -38.63 -14.39 -0.77
C LEU A 39 -37.13 -14.47 -0.50
N LYS A 40 -36.65 -15.68 -0.19
CA LYS A 40 -35.25 -15.89 0.10
C LYS A 40 -34.61 -16.79 -0.95
N LYS A 41 -33.31 -16.64 -1.15
CA LYS A 41 -32.58 -17.45 -2.10
C LYS A 41 -32.53 -18.91 -1.65
N GLY A 42 -32.71 -19.83 -2.59
CA GLY A 42 -32.61 -21.25 -2.30
C GLY A 42 -33.87 -21.81 -1.67
N GLN A 43 -34.89 -20.96 -1.51
CA GLN A 43 -36.14 -21.37 -0.93
C GLN A 43 -36.98 -22.17 -1.92
N THR A 44 -37.38 -23.38 -1.52
CA THR A 44 -38.21 -24.22 -2.40
C THR A 44 -39.55 -23.54 -2.66
N VAL A 45 -39.90 -23.41 -3.94
CA VAL A 45 -41.16 -22.81 -4.35
C VAL A 45 -42.06 -23.83 -5.03
N ARG A 46 -43.37 -23.63 -4.92
CA ARG A 46 -44.33 -24.56 -5.51
C ARG A 46 -44.94 -23.99 -6.78
N LEU A 47 -44.92 -24.79 -7.84
CA LEU A 47 -45.39 -24.37 -9.16
C LEU A 47 -46.72 -25.02 -9.50
N ASN A 48 -47.59 -24.28 -10.19
CA ASN A 48 -48.82 -24.85 -10.70
C ASN A 48 -48.59 -25.37 -12.12
N GLU A 49 -49.63 -25.91 -12.74
CA GLU A 49 -49.49 -26.45 -14.09
C GLU A 49 -49.33 -25.35 -15.13
N ALA A 50 -49.48 -24.10 -14.69
CA ALA A 50 -49.23 -22.94 -15.55
C ALA A 50 -47.82 -22.39 -15.34
N LEU A 51 -47.02 -23.10 -14.55
CA LEU A 51 -45.66 -22.64 -14.16
C LEU A 51 -45.54 -21.31 -13.36
N THR A 52 -46.41 -21.13 -12.36
CA THR A 52 -46.48 -19.91 -11.59
C THR A 52 -46.01 -20.24 -10.17
N VAL A 53 -45.41 -19.29 -9.48
CA VAL A 53 -45.01 -19.59 -8.11
C VAL A 53 -46.17 -19.18 -7.20
N VAL A 54 -46.92 -20.19 -6.76
CA VAL A 54 -48.08 -19.99 -5.91
C VAL A 54 -47.76 -19.93 -4.42
N GLU A 55 -46.76 -20.71 -4.00
CA GLU A 55 -46.49 -20.91 -2.57
C GLU A 55 -45.00 -21.01 -2.25
N ALA A 56 -44.57 -20.30 -1.22
CA ALA A 56 -43.18 -20.32 -0.78
C ALA A 56 -43.01 -21.21 0.45
N GLY A 57 -42.16 -22.22 0.32
CA GLY A 57 -41.97 -23.20 1.39
C GLY A 57 -40.67 -23.10 2.15
N THR A 58 -40.26 -24.23 2.70
CA THR A 58 -39.00 -24.34 3.42
C THR A 58 -37.87 -24.67 2.46
N PHE A 59 -36.73 -25.08 3.02
CA PHE A 59 -35.52 -25.41 2.25
C PHE A 59 -35.29 -26.92 2.27
N GLU A 60 -34.63 -27.45 1.24
CA GLU A 60 -34.39 -28.89 1.17
C GLU A 60 -33.64 -29.38 2.41
N ALA A 61 -34.24 -30.33 3.10
CA ALA A 61 -33.66 -30.87 4.33
C ALA A 61 -32.82 -32.13 4.07
N VAL A 62 -32.91 -32.65 2.86
CA VAL A 62 -32.20 -33.88 2.50
C VAL A 62 -31.54 -33.76 1.12
N GLY A 63 -30.30 -34.22 1.03
CA GLY A 63 -29.53 -34.11 -0.20
C GLY A 63 -28.10 -34.54 -0.01
N GLU A 64 -27.20 -34.11 -0.90
CA GLU A 64 -25.80 -34.53 -0.81
C GLU A 64 -25.07 -33.76 0.31
N ILE A 65 -23.98 -34.32 0.81
CA ILE A 65 -23.14 -33.63 1.79
C ILE A 65 -21.74 -33.41 1.25
N SER A 66 -21.36 -32.14 1.10
CA SER A 66 -20.02 -31.78 0.67
C SER A 66 -19.42 -30.81 1.68
N THR A 67 -18.10 -30.81 1.80
CA THR A 67 -17.44 -29.97 2.78
C THR A 67 -17.04 -28.61 2.22
N LEU A 68 -17.41 -27.55 2.92
CA LEU A 68 -17.04 -26.20 2.54
C LEU A 68 -15.60 -25.92 2.94
N ARG A 69 -14.72 -25.69 1.97
CA ARG A 69 -13.39 -25.21 2.32
C ARG A 69 -13.19 -23.70 2.16
N GLU A 70 -14.07 -23.00 1.44
CA GLU A 70 -13.91 -21.53 1.42
C GLU A 70 -15.14 -20.72 1.01
N ILE A 71 -15.20 -19.46 1.45
CA ILE A 71 -16.16 -18.50 0.93
C ILE A 71 -15.42 -17.51 0.04
N LEU A 72 -16.03 -17.11 -1.07
CA LEU A 72 -15.38 -16.19 -2.00
C LEU A 72 -15.69 -14.74 -1.65
N ALA A 73 -15.10 -13.80 -2.40
CA ALA A 73 -15.14 -12.38 -2.08
C ALA A 73 -16.54 -11.79 -1.99
N ASP A 74 -17.50 -12.40 -2.68
CA ASP A 74 -18.88 -11.93 -2.64
C ASP A 74 -19.50 -12.22 -1.28
N GLY A 75 -19.23 -13.40 -0.74
CA GLY A 75 -19.80 -13.82 0.53
C GLY A 75 -21.01 -14.71 0.35
N HIS A 76 -21.65 -14.62 -0.82
CA HIS A 76 -22.84 -15.42 -1.10
C HIS A 76 -22.54 -16.69 -1.92
N ARG A 77 -21.29 -16.87 -2.32
CA ARG A 77 -20.88 -18.08 -3.05
C ARG A 77 -19.76 -18.83 -2.34
N ALA A 78 -19.85 -20.16 -2.34
CA ALA A 78 -18.89 -20.98 -1.59
C ALA A 78 -18.22 -22.04 -2.45
N LEU A 79 -16.92 -22.20 -2.26
CA LEU A 79 -16.18 -23.29 -2.86
C LEU A 79 -16.21 -24.48 -1.90
N VAL A 80 -16.88 -25.54 -2.33
CA VAL A 80 -16.99 -26.77 -1.54
C VAL A 80 -16.34 -27.92 -2.30
N VAL A 81 -16.31 -29.09 -1.67
CA VAL A 81 -15.66 -30.25 -2.27
C VAL A 81 -16.41 -31.56 -1.96
N GLY A 82 -16.60 -32.38 -2.99
CA GLY A 82 -17.26 -33.66 -2.83
C GLY A 82 -16.31 -34.71 -2.28
N HIS A 83 -16.79 -35.93 -2.11
CA HIS A 83 -15.95 -36.97 -1.53
C HIS A 83 -15.12 -37.69 -2.60
N ALA A 84 -15.32 -37.27 -3.85
CA ALA A 84 -14.58 -37.79 -4.98
C ALA A 84 -13.37 -36.93 -5.31
N ASP A 85 -13.12 -35.93 -4.46
CA ASP A 85 -12.13 -34.86 -4.70
C ASP A 85 -12.53 -34.01 -5.88
N GLU A 86 -13.83 -33.97 -6.17
CA GLU A 86 -14.40 -33.03 -7.10
C GLU A 86 -14.60 -31.71 -6.37
N GLU A 87 -14.43 -30.60 -7.07
CA GLU A 87 -14.60 -29.29 -6.44
C GLU A 87 -15.74 -28.55 -7.13
N ARG A 88 -16.56 -27.87 -6.35
CA ARG A 88 -17.73 -27.20 -6.92
C ARG A 88 -17.99 -25.84 -6.28
N VAL A 89 -18.35 -24.86 -7.11
CA VAL A 89 -18.84 -23.58 -6.59
C VAL A 89 -20.35 -23.67 -6.46
N VAL A 90 -20.88 -23.20 -5.34
CA VAL A 90 -22.32 -23.24 -5.12
C VAL A 90 -22.85 -21.96 -4.47
N TRP A 91 -24.12 -21.68 -4.72
CA TRP A 91 -24.80 -20.55 -4.10
C TRP A 91 -25.10 -20.86 -2.63
N LEU A 92 -24.86 -19.87 -1.78
CA LEU A 92 -25.18 -20.00 -0.36
C LEU A 92 -26.58 -19.50 -0.08
N ALA A 93 -27.44 -20.40 0.38
CA ALA A 93 -28.84 -20.06 0.65
C ALA A 93 -28.93 -19.07 1.81
N ASP A 94 -30.07 -18.38 1.89
CA ASP A 94 -30.31 -17.34 2.89
C ASP A 94 -30.02 -17.73 4.37
N PRO A 95 -30.40 -18.96 4.78
CA PRO A 95 -30.10 -19.31 6.18
C PRO A 95 -28.61 -19.42 6.52
N LEU A 96 -27.77 -19.72 5.53
CA LEU A 96 -26.33 -19.83 5.77
C LEU A 96 -25.67 -18.46 5.85
N ILE A 97 -26.06 -17.57 4.95
CA ILE A 97 -25.48 -16.22 4.95
C ILE A 97 -26.15 -15.28 5.96
N ALA A 98 -27.16 -15.78 6.68
CA ALA A 98 -27.89 -14.98 7.67
C ALA A 98 -26.94 -14.37 8.70
N GLU A 99 -27.06 -13.06 8.90
CA GLU A 99 -26.11 -12.29 9.70
C GLU A 99 -26.49 -12.21 11.18
N ASP A 100 -27.53 -12.95 11.56
CA ASP A 100 -27.99 -13.01 12.95
C ASP A 100 -27.28 -14.09 13.79
N LEU A 101 -26.37 -14.82 13.16
CA LEU A 101 -25.78 -16.00 13.77
C LEU A 101 -24.43 -15.71 14.44
N PRO A 102 -24.29 -16.05 15.72
CA PRO A 102 -23.01 -15.93 16.44
C PRO A 102 -22.12 -17.16 16.24
N THR A 113 -24.35 -28.26 19.07
CA THR A 113 -24.05 -27.41 17.93
C THR A 113 -25.28 -26.59 17.52
N ARG A 114 -25.20 -25.30 17.78
CA ARG A 114 -26.27 -24.36 17.47
C ARG A 114 -25.68 -23.31 16.52
N PRO A 115 -26.46 -22.26 16.14
CA PRO A 115 -25.89 -21.29 15.19
C PRO A 115 -24.48 -20.80 15.52
N ARG A 116 -23.69 -20.61 14.46
CA ARG A 116 -22.26 -20.37 14.57
C ARG A 116 -21.78 -19.80 13.23
N LYS A 117 -20.47 -19.55 13.10
CA LYS A 117 -19.91 -19.07 11.84
C LYS A 117 -19.79 -20.20 10.80
N LEU A 118 -19.73 -19.83 9.53
CA LEU A 118 -19.41 -20.78 8.48
C LEU A 118 -17.97 -20.60 8.04
N ARG A 119 -17.19 -21.68 8.09
CA ARG A 119 -15.78 -21.62 7.80
C ARG A 119 -15.31 -22.96 7.25
N PRO A 120 -14.03 -23.05 6.81
CA PRO A 120 -13.53 -24.34 6.30
C PRO A 120 -13.80 -25.53 7.22
N GLY A 121 -14.04 -26.69 6.61
CA GLY A 121 -14.27 -27.91 7.36
C GLY A 121 -15.73 -28.21 7.60
N ASP A 122 -16.57 -27.18 7.53
CA ASP A 122 -18.01 -27.34 7.76
C ASP A 122 -18.66 -28.26 6.74
N SER A 123 -19.35 -29.30 7.23
CA SER A 123 -20.14 -30.16 6.35
C SER A 123 -21.41 -29.43 5.93
N LEU A 124 -21.64 -29.35 4.62
CA LEU A 124 -22.81 -28.67 4.08
C LEU A 124 -23.73 -29.61 3.31
N LEU A 125 -25.01 -29.26 3.33
CA LEU A 125 -26.05 -30.00 2.63
C LEU A 125 -26.36 -29.30 1.32
N VAL A 126 -25.97 -29.92 0.20
CA VAL A 126 -26.12 -29.28 -1.09
C VAL A 126 -26.99 -30.07 -2.06
N ASP A 127 -27.53 -29.32 -3.02
CA ASP A 127 -28.19 -29.86 -4.21
C ASP A 127 -27.27 -29.56 -5.38
N THR A 128 -26.66 -30.59 -5.95
CA THR A 128 -25.64 -30.40 -6.97
C THR A 128 -26.19 -29.89 -8.30
N LYS A 129 -27.36 -30.39 -8.69
CA LYS A 129 -28.01 -29.93 -9.91
C LYS A 129 -28.26 -28.43 -9.89
N ALA A 130 -29.13 -27.99 -8.98
CA ALA A 130 -29.44 -26.57 -8.83
C ALA A 130 -28.21 -25.77 -8.41
N GLY A 131 -27.25 -26.43 -7.76
CA GLY A 131 -26.04 -25.77 -7.29
C GLY A 131 -26.25 -24.88 -6.09
N TYR A 132 -26.87 -25.43 -5.05
CA TYR A 132 -27.17 -24.66 -3.84
C TYR A 132 -26.76 -25.38 -2.56
N ALA A 133 -26.15 -24.63 -1.64
CA ALA A 133 -25.86 -25.13 -0.30
C ALA A 133 -26.91 -24.60 0.67
N PHE A 134 -27.66 -25.50 1.31
CA PHE A 134 -28.76 -25.09 2.19
C PHE A 134 -28.58 -25.07 3.71
N GLU A 135 -28.03 -26.14 4.29
CA GLU A 135 -27.87 -26.21 5.74
C GLU A 135 -26.54 -26.85 6.14
N ARG A 136 -25.84 -26.24 7.10
CA ARG A 136 -24.60 -26.82 7.59
C ARG A 136 -24.89 -27.93 8.60
N ILE A 137 -24.39 -29.13 8.30
CA ILE A 137 -24.64 -30.30 9.12
C ILE A 137 -23.47 -30.58 10.04
N PRO A 138 -23.75 -30.80 11.32
CA PRO A 138 -22.74 -31.09 12.34
C PRO A 138 -22.14 -32.48 12.11
N LYS A 139 -21.08 -32.52 11.30
CA LYS A 139 -20.40 -33.76 10.90
C LYS A 139 -20.10 -34.66 12.11
N ALA A 140 -20.04 -34.04 13.30
CA ALA A 140 -19.67 -34.67 14.55
C ALA A 140 -18.37 -35.42 14.42
N GLU A 141 -18.22 -36.47 15.22
CA GLU A 141 -17.06 -37.37 15.20
C GLU A 141 -15.74 -36.61 15.47
N VAL A 142 -15.78 -35.30 15.24
CA VAL A 142 -14.70 -34.36 15.48
C VAL A 142 -14.73 -33.88 16.92
N GLU A 143 -15.94 -33.79 17.47
CA GLU A 143 -16.19 -33.42 18.86
C GLU A 143 -15.50 -34.43 19.76
N ASP A 144 -15.31 -35.62 19.22
CA ASP A 144 -14.64 -36.71 19.89
C ASP A 144 -13.17 -36.38 20.19
N LEU A 145 -12.73 -35.24 19.68
CA LEU A 145 -11.43 -34.67 20.01
C LEU A 145 -11.55 -33.79 21.25
N VAL A 146 -12.64 -34.00 22.00
CA VAL A 146 -12.84 -33.51 23.38
C VAL A 146 -12.73 -32.02 23.74
N LEU A 147 -13.44 -31.15 23.02
CA LEU A 147 -13.37 -29.72 23.29
C LEU A 147 -13.56 -29.48 24.79
N GLU A 148 -14.40 -30.25 25.45
CA GLU A 148 -14.51 -30.16 26.89
C GLU A 148 -13.18 -30.63 27.44
N GLU A 149 -12.82 -30.26 28.66
CA GLU A 149 -13.61 -29.48 29.59
C GLU A 149 -12.62 -28.93 30.62
N VAL A 150 -13.05 -28.02 31.48
CA VAL A 150 -12.14 -27.45 32.45
C VAL A 150 -11.56 -28.56 33.34
N PRO A 151 -10.18 -28.44 33.61
CA PRO A 151 -9.63 -29.62 34.33
C PRO A 151 -10.21 -29.85 35.72
N ASP A 152 -10.39 -28.79 36.50
CA ASP A 152 -10.91 -28.93 37.86
C ASP A 152 -9.85 -29.48 38.83
N VAL A 153 -8.58 -29.44 38.40
CA VAL A 153 -7.47 -29.92 39.21
C VAL A 153 -6.59 -28.75 39.64
N SER A 154 -6.26 -28.68 40.92
CA SER A 154 -5.56 -27.52 41.44
C SER A 154 -4.18 -27.78 41.98
N TYR A 155 -3.23 -26.95 41.62
CA TYR A 155 -1.86 -27.33 41.96
C TYR A 155 -1.87 -28.07 43.29
N ALA A 156 -2.83 -27.71 44.13
CA ALA A 156 -3.00 -28.32 45.44
C ALA A 156 -3.19 -29.83 45.34
N ASP A 157 -3.70 -30.30 44.20
CA ASP A 157 -3.93 -31.72 43.98
C ASP A 157 -2.65 -32.44 43.56
N ILE A 158 -1.67 -31.66 43.11
CA ILE A 158 -0.43 -32.23 42.59
C ILE A 158 0.69 -32.19 43.62
N GLY A 159 1.26 -33.35 43.91
CA GLY A 159 2.32 -33.41 44.91
C GLY A 159 3.72 -33.35 44.34
N GLY A 160 4.65 -32.85 45.15
CA GLY A 160 6.08 -32.94 44.86
C GLY A 160 6.62 -32.21 43.65
N LEU A 161 5.78 -31.41 43.03
CA LEU A 161 6.17 -30.69 41.81
C LEU A 161 6.55 -29.23 41.98
N SER A 162 6.79 -28.76 43.22
CA SER A 162 6.89 -27.32 43.52
C SER A 162 7.76 -26.40 42.66
N ARG A 163 9.00 -26.76 42.41
CA ARG A 163 9.83 -25.99 41.46
C ARG A 163 9.19 -25.95 40.08
N GLN A 164 8.67 -27.10 39.66
CA GLN A 164 8.01 -27.18 38.38
C GLN A 164 6.75 -26.33 38.32
N ILE A 165 5.97 -26.28 39.39
CA ILE A 165 4.75 -25.46 39.33
C ILE A 165 5.14 -24.00 39.23
N GLU A 166 6.22 -23.62 39.93
CA GLU A 166 6.72 -22.25 39.82
C GLU A 166 7.05 -21.92 38.36
N GLN A 167 7.79 -22.82 37.73
CA GLN A 167 8.13 -22.63 36.33
C GLN A 167 6.91 -22.53 35.43
N ILE A 168 5.90 -23.34 35.67
CA ILE A 168 4.69 -23.30 34.85
C ILE A 168 3.99 -21.97 34.99
N ARG A 169 3.79 -21.54 36.25
CA ARG A 169 3.14 -20.26 36.51
C ARG A 169 3.90 -19.15 35.81
N ASP A 170 5.21 -19.11 35.99
CA ASP A 170 6.04 -18.13 35.31
C ASP A 170 5.88 -18.16 33.79
N ALA A 171 5.61 -19.33 33.24
CA ALA A 171 5.56 -19.45 31.79
C ALA A 171 4.15 -19.39 31.20
N VAL A 172 3.14 -19.37 32.05
CA VAL A 172 1.75 -19.32 31.57
C VAL A 172 0.95 -18.23 32.26
N GLU A 173 0.82 -18.34 33.57
CA GLU A 173 0.07 -17.36 34.34
C GLU A 173 0.70 -15.96 34.27
N LEU A 174 2.00 -15.87 34.55
CA LEU A 174 2.69 -14.58 34.58
C LEU A 174 2.51 -13.76 33.29
N PRO A 175 2.67 -14.37 32.10
CA PRO A 175 2.46 -13.52 30.92
C PRO A 175 1.01 -13.12 30.72
N PHE A 176 0.08 -13.93 31.19
CA PHE A 176 -1.33 -13.62 31.02
C PHE A 176 -1.76 -12.52 31.96
N LEU A 177 -1.36 -12.67 33.22
CA LEU A 177 -1.78 -11.81 34.31
C LEU A 177 -1.08 -10.47 34.24
N HIS A 178 0.23 -10.47 34.05
CA HIS A 178 0.89 -9.21 33.81
C HIS A 178 1.48 -9.16 32.40
N LYS A 179 0.73 -8.58 31.48
CA LYS A 179 1.20 -8.41 30.12
C LYS A 179 2.03 -7.15 30.11
N GLU A 180 1.54 -6.14 30.83
CA GLU A 180 2.11 -4.82 30.78
C GLU A 180 3.57 -4.86 31.21
N LEU A 181 3.87 -5.75 32.14
CA LEU A 181 5.25 -5.89 32.62
C LEU A 181 6.10 -6.56 31.55
N TYR A 182 5.48 -7.43 30.76
CA TYR A 182 6.19 -8.08 29.67
C TYR A 182 6.46 -7.09 28.55
N ARG A 183 5.54 -6.14 28.37
CA ARG A 183 5.75 -5.14 27.36
C ARG A 183 6.83 -4.18 27.83
N GLU A 184 6.78 -3.82 29.11
CA GLU A 184 7.70 -2.83 29.64
C GLU A 184 9.15 -3.25 29.45
N TYR A 185 9.38 -4.55 29.55
CA TYR A 185 10.72 -5.11 29.40
C TYR A 185 11.00 -5.68 28.00
N SER A 186 10.09 -5.44 27.05
CA SER A 186 10.29 -5.87 25.67
C SER A 186 10.53 -7.37 25.61
N LEU A 187 9.84 -8.08 26.47
CA LEU A 187 9.94 -9.51 26.54
C LEU A 187 8.70 -10.10 25.92
N ARG A 188 8.88 -10.89 24.87
CA ARG A 188 7.72 -11.50 24.24
C ARG A 188 7.29 -12.70 25.04
N PRO A 189 6.01 -12.75 25.42
CA PRO A 189 5.44 -13.90 26.13
C PRO A 189 5.56 -15.15 25.28
N PRO A 190 5.87 -16.28 25.93
CA PRO A 190 6.10 -17.56 25.24
C PRO A 190 4.84 -18.10 24.58
N LYS A 191 5.01 -18.88 23.49
CA LYS A 191 3.87 -19.48 22.78
C LYS A 191 3.56 -20.91 23.26
N GLY A 192 4.56 -21.79 23.25
CA GLY A 192 4.43 -23.12 23.79
C GLY A 192 5.22 -23.42 25.06
N VAL A 193 4.79 -24.46 25.75
CA VAL A 193 5.50 -25.01 26.91
C VAL A 193 5.71 -26.50 26.68
N LEU A 194 6.96 -26.96 26.80
CA LEU A 194 7.26 -28.40 26.72
C LEU A 194 7.40 -29.02 28.10
N LEU A 195 6.47 -29.93 28.41
CA LEU A 195 6.59 -30.76 29.59
C LEU A 195 7.30 -32.07 29.19
N TYR A 196 8.43 -32.37 29.79
CA TYR A 196 9.12 -33.60 29.44
C TYR A 196 9.68 -34.28 30.68
N GLY A 197 10.25 -35.46 30.48
CA GLY A 197 10.77 -36.22 31.60
C GLY A 197 10.59 -37.71 31.38
N PRO A 198 10.69 -38.48 32.47
CA PRO A 198 10.40 -39.92 32.55
C PRO A 198 8.89 -40.16 32.62
N PRO A 199 8.44 -41.36 32.22
CA PRO A 199 7.02 -41.71 32.07
C PRO A 199 6.19 -41.76 33.36
N GLY A 200 5.03 -41.13 33.30
CA GLY A 200 4.08 -41.05 34.41
C GLY A 200 4.49 -39.92 35.32
N CYS A 201 3.52 -39.25 35.95
CA CYS A 201 3.83 -38.24 36.98
C CYS A 201 4.68 -37.03 36.57
N GLY A 202 4.04 -35.94 36.15
CA GLY A 202 2.59 -35.88 36.09
C GLY A 202 1.88 -35.44 34.81
N LYS A 203 2.59 -35.30 33.70
CA LYS A 203 2.35 -34.22 32.74
C LYS A 203 0.88 -33.87 32.46
N THR A 204 0.01 -34.87 32.36
CA THR A 204 -1.42 -34.61 32.23
C THR A 204 -1.97 -33.80 33.40
N LEU A 205 -1.68 -34.27 34.62
CA LEU A 205 -2.11 -33.60 35.83
C LEU A 205 -1.70 -32.14 35.80
N ILE A 206 -0.45 -31.89 35.45
CA ILE A 206 0.10 -30.54 35.41
C ILE A 206 -0.63 -29.67 34.41
N ALA A 207 -0.64 -30.11 33.16
CA ALA A 207 -1.29 -29.36 32.08
C ALA A 207 -2.71 -28.95 32.45
N LYS A 208 -3.45 -29.90 33.03
CA LYS A 208 -4.81 -29.61 33.46
C LYS A 208 -4.82 -28.65 34.65
N ALA A 209 -3.81 -28.78 35.50
CA ALA A 209 -3.75 -28.00 36.73
C ALA A 209 -3.52 -26.53 36.46
N VAL A 210 -2.69 -26.24 35.46
CA VAL A 210 -2.42 -24.87 35.04
C VAL A 210 -3.54 -24.35 34.15
N ALA A 211 -4.15 -25.23 33.36
CA ALA A 211 -5.31 -24.83 32.56
C ALA A 211 -6.43 -24.37 33.48
N ASN A 212 -6.68 -25.14 34.54
CA ASN A 212 -7.69 -24.79 35.52
C ASN A 212 -7.22 -23.71 36.47
N SER A 213 -5.92 -23.49 36.54
CA SER A 213 -5.39 -22.42 37.39
C SER A 213 -5.21 -21.16 36.59
N LEU A 214 -5.59 -21.18 35.33
CA LEU A 214 -5.43 -20.01 34.50
C LEU A 214 -6.68 -19.15 34.63
N ALA A 215 -7.78 -19.59 34.03
CA ALA A 215 -8.93 -18.71 34.05
C ALA A 215 -10.01 -19.17 35.04
N LYS A 216 -9.92 -18.63 36.25
CA LYS A 216 -11.05 -18.35 37.12
C LYS A 216 -11.17 -16.84 37.23
N LYS A 217 -10.20 -16.17 36.61
CA LYS A 217 -9.92 -14.76 36.85
C LYS A 217 -11.07 -13.81 36.47
N MET A 218 -11.24 -12.64 37.10
CA MET A 218 -10.50 -12.05 38.19
C MET A 218 -11.58 -11.17 38.85
N ALA A 219 -11.40 -10.75 40.10
CA ALA A 219 -12.41 -9.93 40.79
C ALA A 219 -11.99 -8.46 40.90
N GLU A 220 -12.93 -7.51 40.75
CA GLU A 220 -12.53 -6.11 40.82
C GLU A 220 -12.57 -5.62 42.26
N VAL A 221 -13.76 -5.30 42.75
CA VAL A 221 -13.98 -5.12 44.18
C VAL A 221 -15.07 -6.07 44.62
N ARG A 222 -14.67 -7.13 45.31
CA ARG A 222 -15.53 -8.23 45.76
C ARG A 222 -16.46 -8.67 44.59
N GLY A 223 -17.64 -9.26 44.82
CA GLY A 223 -17.85 -10.31 45.80
C GLY A 223 -16.76 -11.35 45.57
N ASP A 224 -16.60 -11.90 44.36
CA ASP A 224 -17.62 -12.14 43.31
C ASP A 224 -17.08 -13.20 42.38
N ASP A 225 -17.65 -13.24 41.18
CA ASP A 225 -17.30 -14.22 40.15
C ASP A 225 -17.62 -15.60 40.67
N ALA A 226 -18.93 -15.88 40.70
CA ALA A 226 -19.51 -17.05 41.35
C ALA A 226 -19.18 -17.01 42.90
N HIS A 227 -18.38 -17.86 43.57
CA HIS A 227 -17.23 -18.62 43.09
C HIS A 227 -17.52 -20.13 43.15
N GLU A 228 -17.86 -20.68 41.99
CA GLU A 228 -18.13 -22.09 41.80
C GLU A 228 -17.98 -22.41 40.31
N ALA A 229 -17.52 -23.60 39.98
CA ALA A 229 -17.57 -24.15 38.62
C ALA A 229 -16.93 -23.15 37.57
N LYS A 230 -17.16 -23.21 36.24
CA LYS A 230 -17.99 -24.12 35.45
C LYS A 230 -17.06 -24.95 34.49
N SER A 231 -16.37 -24.32 33.52
CA SER A 231 -15.41 -25.02 32.65
C SER A 231 -14.57 -24.17 31.68
N TYR A 232 -13.65 -24.87 31.01
CA TYR A 232 -12.54 -24.25 30.31
C TYR A 232 -11.83 -25.28 29.37
N PHE A 233 -10.63 -24.94 28.92
CA PHE A 233 -9.60 -25.87 28.43
C PHE A 233 -9.99 -26.69 27.18
N LEU A 234 -9.50 -27.92 27.12
CA LEU A 234 -9.37 -28.68 25.88
C LEU A 234 -8.78 -30.04 26.27
N ASN A 235 -8.41 -30.85 25.29
CA ASN A 235 -7.38 -31.87 25.44
C ASN A 235 -7.20 -32.58 24.11
N ILE A 236 -6.02 -33.13 23.88
CA ILE A 236 -5.76 -34.06 22.77
C ILE A 236 -4.59 -34.95 23.17
N LYS A 237 -4.61 -36.19 22.71
CA LYS A 237 -3.51 -37.11 22.95
C LYS A 237 -2.90 -37.57 21.64
N GLY A 238 -1.60 -37.84 21.65
CA GLY A 238 -0.89 -38.34 20.49
C GLY A 238 -1.51 -39.56 19.81
N PRO A 239 -1.81 -40.64 20.57
CA PRO A 239 -2.29 -41.88 19.96
C PRO A 239 -3.36 -41.73 18.89
N GLU A 240 -4.27 -40.75 18.96
CA GLU A 240 -5.13 -40.62 17.81
C GLU A 240 -4.42 -39.67 16.84
N LEU A 241 -3.73 -40.30 15.89
CA LEU A 241 -3.02 -39.63 14.82
C LEU A 241 -3.31 -40.36 13.52
N LEU A 242 -2.83 -41.60 13.45
CA LEU A 242 -2.93 -42.42 12.25
C LEU A 242 -4.29 -43.11 12.14
N ASN A 243 -5.07 -43.06 13.21
CA ASN A 243 -6.46 -43.50 13.16
C ASN A 243 -7.22 -42.56 12.22
N LYS A 244 -8.25 -43.04 11.52
CA LYS A 244 -8.89 -42.16 10.54
C LYS A 244 -10.32 -41.75 10.84
N PHE A 245 -11.25 -42.59 10.39
CA PHE A 245 -12.69 -42.52 10.63
C PHE A 245 -13.41 -41.25 10.13
N VAL A 246 -12.71 -40.12 10.03
CA VAL A 246 -13.28 -38.92 9.40
C VAL A 246 -12.63 -38.58 8.04
N GLY A 247 -11.56 -39.29 7.69
CA GLY A 247 -10.78 -38.93 6.52
C GLY A 247 -9.36 -39.49 6.52
N GLU A 248 -8.46 -38.82 5.81
CA GLU A 248 -7.07 -39.27 5.68
C GLU A 248 -6.37 -39.22 7.04
N THR A 249 -5.26 -39.95 7.16
CA THR A 249 -4.56 -40.13 8.43
C THR A 249 -4.35 -38.81 9.17
N GLU A 250 -4.02 -37.74 8.44
CA GLU A 250 -4.01 -36.42 9.05
C GLU A 250 -5.40 -35.83 8.87
N ARG A 251 -6.13 -35.68 9.96
CA ARG A 251 -7.54 -35.33 9.85
C ARG A 251 -7.81 -33.89 10.23
N HIS A 252 -7.78 -33.63 11.53
CA HIS A 252 -8.36 -32.43 12.10
C HIS A 252 -7.39 -31.29 12.43
N ILE A 253 -6.11 -31.43 12.06
CA ILE A 253 -5.08 -30.48 12.49
C ILE A 253 -5.48 -29.02 12.24
N ARG A 254 -6.31 -28.80 11.23
CA ARG A 254 -6.88 -27.47 10.95
C ARG A 254 -8.02 -27.16 11.91
N LEU A 255 -8.91 -28.15 12.08
CA LEU A 255 -10.15 -28.00 12.83
C LEU A 255 -9.92 -27.59 14.29
N ILE A 256 -8.99 -28.27 14.96
CA ILE A 256 -8.70 -28.01 16.37
C ILE A 256 -8.08 -26.63 16.60
N PHE A 257 -7.04 -26.34 15.83
CA PHE A 257 -6.39 -25.06 15.88
C PHE A 257 -7.37 -23.93 15.55
N GLN A 258 -8.44 -24.26 14.83
CA GLN A 258 -9.53 -23.30 14.64
C GLN A 258 -10.37 -23.18 15.92
N ARG A 259 -10.70 -24.33 16.51
CA ARG A 259 -11.54 -24.37 17.70
C ARG A 259 -10.93 -23.61 18.86
N ALA A 260 -9.61 -23.41 18.83
CA ALA A 260 -8.96 -22.56 19.84
C ALA A 260 -9.16 -21.06 19.56
N ARG A 261 -9.07 -20.69 18.29
CA ARG A 261 -9.24 -19.29 17.95
C ARG A 261 -10.71 -18.95 17.87
N GLU A 262 -11.56 -19.93 18.17
CA GLU A 262 -12.95 -19.64 18.51
C GLU A 262 -13.02 -18.85 19.81
N LYS A 263 -12.22 -19.25 20.79
CA LYS A 263 -12.16 -18.52 22.06
C LYS A 263 -11.15 -17.38 22.02
N ALA A 264 -10.29 -17.38 21.01
CA ALA A 264 -9.29 -16.31 20.89
C ALA A 264 -9.83 -14.90 20.56
N SER A 265 -10.97 -14.83 19.89
CA SER A 265 -11.51 -13.55 19.42
C SER A 265 -12.30 -12.83 20.52
N GLU A 266 -12.29 -13.46 21.69
CA GLU A 266 -13.08 -13.06 22.84
C GLU A 266 -12.25 -12.27 23.85
N GLY A 267 -11.15 -12.88 24.31
CA GLY A 267 -10.41 -12.37 25.45
C GLY A 267 -10.56 -13.30 26.64
N THR A 268 -11.19 -14.43 26.40
CA THR A 268 -11.06 -15.57 27.30
C THR A 268 -10.05 -16.51 26.67
N PRO A 269 -8.99 -16.85 27.43
CA PRO A 269 -7.88 -17.68 26.93
C PRO A 269 -8.32 -19.11 26.63
N VAL A 270 -7.48 -19.89 25.95
CA VAL A 270 -7.70 -21.33 25.82
C VAL A 270 -6.36 -22.05 25.61
N ILE A 271 -6.32 -23.35 25.93
CA ILE A 271 -5.08 -24.12 25.96
C ILE A 271 -5.11 -25.44 25.18
N VAL A 272 -4.29 -25.53 24.14
CA VAL A 272 -4.15 -26.76 23.38
C VAL A 272 -3.09 -27.67 23.99
N PHE A 273 -3.44 -28.92 24.26
CA PHE A 273 -2.49 -29.87 24.85
C PHE A 273 -2.13 -31.04 23.95
N PHE A 274 -0.84 -31.32 23.81
CA PHE A 274 -0.40 -32.49 23.05
C PHE A 274 0.24 -33.54 23.94
N ASP A 275 -0.49 -34.64 24.15
CA ASP A 275 0.01 -35.78 24.89
C ASP A 275 0.70 -36.76 23.96
N GLU A 276 1.78 -37.38 24.44
CA GLU A 276 2.53 -38.37 23.65
C GLU A 276 3.02 -37.81 22.31
N MET A 277 3.44 -36.55 22.32
CA MET A 277 3.98 -35.92 21.13
C MET A 277 5.32 -36.55 20.72
N ASP A 278 5.99 -37.18 21.69
CA ASP A 278 7.29 -37.81 21.47
C ASP A 278 7.31 -38.72 20.26
N SER A 279 6.20 -39.43 20.01
CA SER A 279 6.07 -40.02 18.69
C SER A 279 5.05 -39.25 17.87
N ILE A 280 5.52 -38.23 17.17
CA ILE A 280 4.94 -37.77 15.91
C ILE A 280 5.96 -38.18 14.84
N PHE A 281 7.08 -38.70 15.33
CA PHE A 281 8.22 -39.04 14.48
C PHE A 281 9.15 -40.02 15.20
N VAL A 296 3.47 -37.52 8.38
CA VAL A 296 4.60 -36.60 8.44
C VAL A 296 4.24 -35.32 9.22
N VAL A 297 5.26 -34.70 9.81
CA VAL A 297 5.12 -33.58 10.75
C VAL A 297 4.61 -32.19 10.28
N PRO A 298 5.00 -31.70 9.07
CA PRO A 298 5.07 -30.25 8.80
C PRO A 298 3.89 -29.37 9.23
N GLN A 299 2.67 -29.89 9.19
CA GLN A 299 1.44 -29.12 9.43
C GLN A 299 1.46 -28.34 10.74
N LEU A 300 1.83 -29.04 11.81
CA LEU A 300 1.83 -28.52 13.16
C LEU A 300 2.57 -27.20 13.26
N LEU A 301 3.79 -27.17 12.72
CA LEU A 301 4.66 -25.99 12.79
C LEU A 301 3.99 -24.72 12.26
N SER A 302 3.46 -24.82 11.05
CA SER A 302 2.81 -23.67 10.41
C SER A 302 1.51 -23.31 11.12
N GLU A 303 0.84 -24.29 11.75
CA GLU A 303 -0.36 -23.98 12.52
C GLU A 303 -0.06 -23.21 13.81
N ILE A 304 0.95 -23.68 14.54
CA ILE A 304 1.40 -23.03 15.77
C ILE A 304 1.88 -21.62 15.44
N ASP A 305 2.60 -21.49 14.33
CA ASP A 305 2.98 -20.18 13.82
C ASP A 305 1.74 -19.36 13.48
N GLY A 306 0.69 -20.05 13.05
CA GLY A 306 -0.57 -19.40 12.72
C GLY A 306 -1.26 -18.84 13.94
N VAL A 307 -1.01 -19.46 15.10
CA VAL A 307 -1.61 -18.95 16.34
C VAL A 307 -0.64 -18.05 17.10
N GLU A 308 0.53 -17.81 16.53
CA GLU A 308 1.56 -17.00 17.18
C GLU A 308 1.12 -15.57 17.48
N GLY A 309 0.54 -14.89 16.49
CA GLY A 309 0.06 -13.53 16.66
C GLY A 309 -1.05 -13.37 17.68
N LEU A 310 -1.54 -14.50 18.18
CA LEU A 310 -2.54 -14.50 19.24
C LEU A 310 -1.93 -15.10 20.52
N GLU A 311 -1.76 -14.26 21.54
CA GLU A 311 -1.16 -14.68 22.79
C GLU A 311 -2.22 -15.10 23.83
N ASN A 312 -3.47 -15.13 23.42
CA ASN A 312 -4.53 -15.63 24.29
C ASN A 312 -4.65 -17.17 24.18
N VAL A 313 -3.78 -17.76 23.36
CA VAL A 313 -3.73 -19.21 23.18
C VAL A 313 -2.36 -19.75 23.55
N ILE A 314 -2.35 -20.80 24.37
CA ILE A 314 -1.13 -21.47 24.76
C ILE A 314 -1.15 -22.94 24.28
N VAL A 315 -0.03 -23.41 23.72
CA VAL A 315 0.08 -24.81 23.34
C VAL A 315 1.07 -25.56 24.25
N ILE A 316 0.53 -26.41 25.12
CA ILE A 316 1.34 -27.24 25.98
C ILE A 316 1.49 -28.61 25.34
N GLY A 317 2.66 -29.23 25.47
CA GLY A 317 2.79 -30.57 24.94
C GLY A 317 3.77 -31.38 25.76
N ALA A 318 3.56 -32.69 25.76
CA ALA A 318 4.27 -33.56 26.67
C ALA A 318 4.99 -34.64 25.91
N SER A 319 6.10 -35.10 26.48
CA SER A 319 6.86 -36.19 25.90
C SER A 319 7.47 -37.06 26.99
N ASN A 320 7.39 -38.36 26.81
CA ASN A 320 8.03 -39.28 27.72
C ASN A 320 9.42 -39.64 27.22
N ARG A 321 9.70 -39.28 25.97
CA ARG A 321 11.06 -39.36 25.44
C ARG A 321 11.41 -38.11 24.64
N GLU A 322 12.34 -37.32 25.15
CA GLU A 322 12.67 -36.05 24.51
C GLU A 322 13.88 -36.24 23.61
N ASP A 323 14.42 -37.45 23.61
CA ASP A 323 15.47 -37.84 22.68
C ASP A 323 14.95 -37.73 21.25
N MET A 324 13.68 -38.04 21.09
CA MET A 324 13.07 -38.16 19.77
C MET A 324 12.65 -36.83 19.14
N ILE A 325 12.20 -35.88 19.95
CA ILE A 325 11.54 -34.68 19.43
C ILE A 325 12.35 -33.95 18.37
N ASP A 326 11.74 -33.75 17.20
CA ASP A 326 12.33 -32.97 16.12
C ASP A 326 12.60 -31.59 16.66
N PRO A 327 13.88 -31.16 16.64
CA PRO A 327 14.30 -29.89 17.25
C PRO A 327 13.58 -28.69 16.65
N ALA A 328 13.02 -28.87 15.45
CA ALA A 328 12.29 -27.82 14.75
C ALA A 328 11.18 -27.22 15.60
N ILE A 329 10.45 -28.06 16.32
CA ILE A 329 9.33 -27.60 17.12
C ILE A 329 9.80 -27.01 18.45
N LEU A 330 11.08 -27.22 18.76
CA LEU A 330 11.62 -26.77 20.04
C LEU A 330 12.34 -25.43 19.97
N ARG A 331 12.44 -24.87 18.77
CA ARG A 331 13.22 -23.65 18.57
C ARG A 331 12.42 -22.44 19.08
N PRO A 332 13.11 -21.33 19.41
CA PRO A 332 12.45 -20.15 19.95
C PRO A 332 11.27 -19.68 19.10
N GLY A 333 10.13 -19.46 19.74
CA GLY A 333 8.93 -19.06 19.04
C GLY A 333 7.88 -20.15 18.92
N ARG A 334 8.29 -21.41 19.11
CA ARG A 334 7.35 -22.53 19.05
C ARG A 334 6.98 -23.04 20.44
N LEU A 335 7.86 -23.83 21.04
CA LEU A 335 7.79 -24.08 22.48
C LEU A 335 9.06 -23.55 23.12
N ASP A 336 8.94 -22.41 23.78
CA ASP A 336 10.12 -21.69 24.26
C ASP A 336 10.62 -22.27 25.56
N VAL A 337 9.70 -22.47 26.49
CA VAL A 337 10.04 -22.99 27.82
C VAL A 337 9.96 -24.52 27.87
N LYS A 338 10.99 -25.13 28.44
CA LYS A 338 11.02 -26.57 28.60
C LYS A 338 11.15 -26.91 30.08
N ILE A 339 10.10 -27.51 30.64
CA ILE A 339 10.04 -27.86 32.05
C ILE A 339 10.28 -29.34 32.27
N LYS A 340 11.22 -29.69 33.14
CA LYS A 340 11.48 -31.10 33.39
C LYS A 340 10.64 -31.63 34.55
N ILE A 341 9.83 -32.63 34.25
CA ILE A 341 8.89 -33.28 35.19
C ILE A 341 9.57 -34.47 35.88
N GLU A 342 10.88 -34.35 36.05
CA GLU A 342 11.74 -35.36 36.65
C GLU A 342 11.16 -36.13 37.81
N ARG A 343 11.66 -37.36 37.96
CA ARG A 343 11.18 -38.28 38.99
C ARG A 343 11.26 -37.76 40.41
N PRO A 344 10.15 -38.06 41.19
CA PRO A 344 10.21 -37.53 42.56
C PRO A 344 11.18 -38.18 43.54
N ASP A 345 11.64 -37.34 44.45
CA ASP A 345 12.55 -37.66 45.55
C ASP A 345 11.73 -38.08 46.77
N ALA A 346 12.39 -38.44 47.85
CA ALA A 346 11.69 -38.90 49.06
C ALA A 346 10.69 -37.88 49.62
N GLU A 347 11.05 -36.60 49.62
CA GLU A 347 10.15 -35.57 50.15
C GLU A 347 8.95 -35.36 49.24
N ALA A 348 9.24 -35.33 47.94
CA ALA A 348 8.20 -35.27 46.94
C ALA A 348 7.28 -36.46 47.08
N ALA A 349 7.86 -37.63 47.35
CA ALA A 349 7.09 -38.85 47.52
C ALA A 349 6.14 -38.73 48.69
N GLN A 350 6.64 -38.20 49.81
CA GLN A 350 5.78 -37.92 50.95
C GLN A 350 4.64 -36.99 50.56
N ASP A 351 4.92 -36.01 49.71
CA ASP A 351 3.87 -35.10 49.26
C ASP A 351 2.79 -35.85 48.46
N ILE A 352 3.21 -36.63 47.48
CA ILE A 352 2.28 -37.39 46.64
C ILE A 352 1.43 -38.37 47.47
N TYR A 353 2.09 -39.10 48.37
CA TYR A 353 1.38 -39.98 49.30
C TYR A 353 0.32 -39.22 50.07
N SER A 354 0.74 -38.08 50.63
CA SER A 354 -0.16 -37.22 51.37
C SER A 354 -1.34 -36.80 50.50
N LYS A 355 -1.14 -36.77 49.21
CA LYS A 355 -2.25 -36.50 48.30
C LYS A 355 -3.22 -37.66 48.28
N TYR A 356 -2.68 -38.87 48.19
CA TYR A 356 -3.54 -40.05 48.10
C TYR A 356 -4.05 -40.65 49.41
N LEU A 357 -3.38 -40.34 50.51
CA LEU A 357 -3.87 -40.75 51.82
C LEU A 357 -4.49 -39.57 52.51
N THR A 358 -5.80 -39.57 52.65
CA THR A 358 -6.50 -38.46 53.28
C THR A 358 -6.94 -38.88 54.69
N GLU A 359 -7.57 -37.94 55.39
CA GLU A 359 -8.20 -38.24 56.68
C GLU A 359 -9.40 -39.14 56.46
N PHE A 360 -9.92 -39.07 55.24
CA PHE A 360 -11.18 -39.69 54.86
C PHE A 360 -11.06 -41.21 54.74
N LEU A 361 -9.85 -41.73 54.82
CA LEU A 361 -9.63 -43.17 54.72
C LEU A 361 -10.03 -43.90 55.99
N PRO A 362 -10.66 -45.08 55.86
CA PRO A 362 -10.81 -45.94 57.03
C PRO A 362 -9.46 -46.33 57.57
N VAL A 363 -9.20 -46.10 58.84
CA VAL A 363 -7.91 -46.46 59.38
C VAL A 363 -8.12 -47.34 60.61
N HIS A 364 -7.35 -48.43 60.70
CA HIS A 364 -7.54 -49.45 61.72
C HIS A 364 -7.52 -48.84 63.11
N ALA A 365 -8.35 -49.39 63.99
CA ALA A 365 -8.51 -48.88 65.34
C ALA A 365 -7.20 -48.98 66.12
N ASP A 366 -6.53 -50.11 66.02
CA ASP A 366 -5.30 -50.34 66.77
C ASP A 366 -4.21 -49.33 66.38
N ASP A 367 -4.19 -48.94 65.12
CA ASP A 367 -3.21 -47.96 64.64
C ASP A 367 -3.52 -46.57 65.21
N LEU A 368 -4.79 -46.19 65.15
CA LEU A 368 -5.24 -44.91 65.71
C LEU A 368 -4.99 -44.86 67.21
N ALA A 369 -5.04 -46.03 67.84
CA ALA A 369 -4.86 -46.15 69.28
C ALA A 369 -3.58 -45.46 69.73
N GLU A 370 -2.44 -45.96 69.24
CA GLU A 370 -1.13 -45.49 69.69
C GLU A 370 -0.94 -43.99 69.45
N PHE A 371 -1.72 -43.41 68.54
CA PHE A 371 -1.65 -41.98 68.26
C PHE A 371 -2.72 -41.19 69.01
N ASP A 372 -3.43 -41.87 69.89
CA ASP A 372 -4.34 -41.23 70.84
C ASP A 372 -5.52 -40.54 70.17
N GLY A 373 -6.02 -41.17 69.10
CA GLY A 373 -7.24 -40.70 68.46
C GLY A 373 -7.01 -39.61 67.43
N ASP A 374 -5.81 -39.04 67.43
CA ASP A 374 -5.49 -37.99 66.47
C ASP A 374 -5.19 -38.62 65.12
N ARG A 375 -6.00 -38.31 64.12
CA ARG A 375 -5.90 -39.00 62.85
C ARG A 375 -4.79 -38.49 61.94
N SER A 376 -4.73 -37.17 61.78
CA SER A 376 -3.78 -36.59 60.85
C SER A 376 -2.36 -36.94 61.25
N ALA A 377 -2.12 -37.01 62.55
CA ALA A 377 -0.82 -37.44 63.05
C ALA A 377 -0.55 -38.86 62.60
N CYS A 378 -1.52 -39.74 62.79
CA CYS A 378 -1.37 -41.16 62.44
C CYS A 378 -1.06 -41.37 60.96
N ILE A 379 -1.75 -40.63 60.09
CA ILE A 379 -1.51 -40.78 58.66
C ILE A 379 -0.16 -40.18 58.30
N LYS A 380 0.18 -39.06 58.93
CA LYS A 380 1.49 -38.45 58.71
C LYS A 380 2.60 -39.47 59.00
N ALA A 381 2.44 -40.17 60.12
CA ALA A 381 3.40 -41.20 60.53
C ALA A 381 3.41 -42.40 59.59
N MET A 382 2.24 -42.81 59.09
CA MET A 382 2.18 -43.88 58.11
C MET A 382 3.02 -43.54 56.90
N ILE A 383 2.76 -42.35 56.38
CA ILE A 383 3.41 -41.86 55.17
C ILE A 383 4.92 -41.83 55.35
N GLU A 384 5.36 -41.19 56.43
CA GLU A 384 6.78 -41.17 56.76
C GLU A 384 7.37 -42.59 56.80
N LYS A 385 6.66 -43.52 57.42
CA LYS A 385 7.12 -44.90 57.53
C LYS A 385 7.32 -45.54 56.18
N VAL A 386 6.28 -45.53 55.35
CA VAL A 386 6.37 -46.22 54.06
C VAL A 386 7.40 -45.56 53.15
N VAL A 387 7.51 -44.23 53.19
CA VAL A 387 8.52 -43.56 52.37
C VAL A 387 9.90 -43.96 52.82
N ASP A 388 10.11 -44.00 54.14
CA ASP A 388 11.41 -44.36 54.69
C ASP A 388 11.79 -45.79 54.33
N ARG A 389 10.78 -46.64 54.15
CA ARG A 389 11.04 -48.02 53.75
C ARG A 389 11.30 -48.10 52.25
N MET A 390 10.59 -47.26 51.50
CA MET A 390 10.57 -47.33 50.05
C MET A 390 11.90 -46.90 49.46
N TYR A 391 12.45 -45.81 50.00
CA TYR A 391 13.66 -45.22 49.45
C TYR A 391 14.94 -45.80 50.05
N ALA A 392 14.79 -46.80 50.90
CA ALA A 392 15.93 -47.46 51.53
C ALA A 392 16.77 -48.24 50.52
N GLU A 393 18.06 -48.38 50.81
CA GLU A 393 18.99 -49.11 49.96
C GLU A 393 19.13 -50.57 50.37
N ILE A 394 18.22 -51.01 51.23
CA ILE A 394 18.13 -52.40 51.63
C ILE A 394 18.03 -53.34 50.42
N ASP A 395 18.57 -54.54 50.56
CA ASP A 395 18.74 -55.48 49.44
C ASP A 395 17.44 -56.00 48.83
N ASP A 396 16.32 -55.72 49.47
CA ASP A 396 15.03 -56.13 48.92
C ASP A 396 14.55 -55.08 47.93
N ASN A 397 15.16 -53.91 48.04
CA ASN A 397 14.82 -52.77 47.21
C ASN A 397 15.68 -52.69 45.95
N ARG A 398 16.46 -53.73 45.67
CA ARG A 398 17.28 -53.69 44.47
C ARG A 398 16.34 -53.63 43.27
N PHE A 399 16.60 -52.72 42.34
CA PHE A 399 15.74 -52.59 41.16
C PHE A 399 16.28 -53.22 39.87
N LEU A 400 17.55 -52.95 39.57
CA LEU A 400 18.17 -53.48 38.34
C LEU A 400 19.68 -53.56 38.45
N GLU A 401 20.29 -54.34 37.56
CA GLU A 401 21.74 -54.50 37.56
C GLU A 401 22.22 -54.16 36.17
N VAL A 402 23.02 -53.11 36.09
CA VAL A 402 23.48 -52.56 34.84
C VAL A 402 24.96 -52.79 34.64
N THR A 403 25.30 -53.49 33.57
CA THR A 403 26.69 -53.76 33.23
C THR A 403 27.17 -52.85 32.11
N TYR A 404 28.11 -51.98 32.48
CA TYR A 404 28.74 -51.03 31.57
C TYR A 404 29.81 -51.65 30.66
N ALA A 405 30.13 -50.91 29.60
CA ALA A 405 31.19 -51.28 28.66
C ALA A 405 32.53 -51.61 29.34
N ASN A 406 33.02 -50.70 30.17
CA ASN A 406 34.29 -50.89 30.85
C ASN A 406 34.27 -52.07 31.83
N GLY A 407 33.10 -52.66 32.04
CA GLY A 407 33.00 -53.87 32.83
C GLY A 407 32.55 -53.72 34.26
N ASP A 408 32.32 -52.49 34.71
CA ASP A 408 31.78 -52.29 36.03
C ASP A 408 30.28 -52.59 36.02
N LYS A 409 29.74 -52.94 37.18
CA LYS A 409 28.30 -53.14 37.32
C LYS A 409 27.75 -52.25 38.42
N GLU A 410 26.48 -51.85 38.26
CA GLU A 410 25.81 -51.03 39.25
C GLU A 410 24.44 -51.60 39.59
N VAL A 411 24.09 -51.60 40.87
CA VAL A 411 22.75 -51.99 41.30
C VAL A 411 21.86 -50.76 41.43
N MET A 412 20.77 -50.73 40.67
CA MET A 412 19.81 -49.65 40.75
C MET A 412 18.76 -50.01 41.77
N TYR A 413 18.60 -49.19 42.81
CA TYR A 413 17.52 -49.42 43.77
C TYR A 413 16.25 -48.76 43.26
N PHE A 414 15.15 -48.93 43.97
CA PHE A 414 13.88 -48.40 43.46
C PHE A 414 13.71 -46.93 43.75
N LYS A 415 14.46 -46.39 44.70
CA LYS A 415 14.39 -44.97 44.99
C LYS A 415 14.61 -44.16 43.71
N ASP A 416 15.41 -44.71 42.80
CA ASP A 416 15.74 -44.06 41.55
C ASP A 416 14.64 -44.17 40.51
N PHE A 417 13.89 -45.25 40.59
CA PHE A 417 12.84 -45.54 39.61
C PHE A 417 11.40 -45.28 40.07
N ASN A 418 11.22 -44.51 41.14
CA ASN A 418 9.88 -44.19 41.62
C ASN A 418 9.14 -43.22 40.68
N SER A 419 7.88 -42.94 40.99
CA SER A 419 7.01 -42.08 40.18
C SER A 419 5.69 -41.89 40.89
N GLY A 420 4.92 -40.89 40.46
CA GLY A 420 3.63 -40.64 41.08
C GLY A 420 2.68 -41.75 40.71
N ALA A 421 2.99 -42.39 39.59
CA ALA A 421 2.24 -43.54 39.12
C ALA A 421 2.47 -44.71 40.04
N MET A 422 3.72 -45.00 40.33
CA MET A 422 4.03 -46.12 41.20
C MET A 422 3.44 -45.86 42.58
N ILE A 423 3.40 -44.61 42.99
CA ILE A 423 2.88 -44.30 44.31
C ILE A 423 1.38 -44.54 44.33
N GLN A 424 0.66 -43.92 43.41
CA GLN A 424 -0.77 -44.14 43.31
C GLN A 424 -1.07 -45.64 43.19
N ASN A 425 -0.19 -46.40 42.56
CA ASN A 425 -0.35 -47.84 42.47
C ASN A 425 -0.20 -48.54 43.82
N VAL A 426 0.81 -48.13 44.58
CA VAL A 426 1.03 -48.68 45.92
C VAL A 426 -0.16 -48.38 46.79
N VAL A 427 -0.67 -47.16 46.68
CA VAL A 427 -1.80 -46.75 47.50
C VAL A 427 -3.02 -47.60 47.12
N ASP A 428 -3.32 -47.67 45.84
CA ASP A 428 -4.50 -48.43 45.40
C ASP A 428 -4.43 -49.88 45.81
N ARG A 429 -3.24 -50.47 45.68
CA ARG A 429 -3.08 -51.88 46.01
C ARG A 429 -3.20 -52.10 47.53
N ALA A 430 -2.77 -51.10 48.30
CA ALA A 430 -2.85 -51.17 49.75
C ALA A 430 -4.28 -51.01 50.24
N LYS A 431 -5.05 -50.18 49.53
CA LYS A 431 -6.47 -50.07 49.83
C LYS A 431 -7.12 -51.41 49.56
N LYS A 432 -6.72 -52.06 48.48
CA LYS A 432 -7.29 -53.36 48.18
C LYS A 432 -6.88 -54.41 49.23
N ASN A 433 -5.68 -54.29 49.76
CA ASN A 433 -5.27 -55.17 50.86
C ASN A 433 -6.08 -54.92 52.12
N ALA A 434 -6.48 -53.67 52.35
CA ALA A 434 -7.32 -53.36 53.50
C ALA A 434 -8.74 -53.91 53.32
N ILE A 435 -9.23 -53.88 52.09
CA ILE A 435 -10.54 -54.48 51.78
C ILE A 435 -10.50 -55.98 51.98
N LYS A 436 -9.43 -56.60 51.52
CA LYS A 436 -9.29 -58.05 51.67
C LYS A 436 -9.09 -58.38 53.14
N SER A 437 -8.54 -57.43 53.87
CA SER A 437 -8.33 -57.57 55.30
C SER A 437 -9.67 -57.54 56.01
N VAL A 438 -10.56 -56.66 55.57
CA VAL A 438 -11.93 -56.67 56.06
C VAL A 438 -12.57 -58.04 55.78
N LEU A 439 -12.61 -58.45 54.52
CA LEU A 439 -13.31 -59.68 54.17
C LEU A 439 -12.77 -60.92 54.89
N GLU A 440 -11.46 -61.02 55.06
CA GLU A 440 -10.89 -62.16 55.76
C GLU A 440 -10.87 -62.08 57.30
N THR A 441 -10.43 -60.95 57.85
CA THR A 441 -10.32 -60.86 59.30
C THR A 441 -11.47 -60.10 59.99
N GLY A 442 -12.37 -59.52 59.21
CA GLY A 442 -13.53 -58.83 59.79
C GLY A 442 -13.24 -57.43 60.32
N GLN A 443 -11.96 -57.13 60.51
CA GLN A 443 -11.55 -55.83 61.04
C GLN A 443 -11.41 -54.76 59.97
N PRO A 444 -12.07 -53.62 60.17
CA PRO A 444 -11.94 -52.57 59.16
C PRO A 444 -10.66 -51.76 59.33
N GLY A 445 -10.42 -50.84 58.39
CA GLY A 445 -9.30 -49.94 58.45
C GLY A 445 -8.08 -50.42 57.68
N LEU A 446 -7.35 -49.46 57.11
CA LEU A 446 -6.10 -49.72 56.42
C LEU A 446 -4.94 -49.58 57.40
N ARG A 447 -4.14 -50.64 57.56
CA ARG A 447 -2.99 -50.57 58.44
C ARG A 447 -1.73 -50.17 57.69
N ILE A 448 -0.63 -50.04 58.42
CA ILE A 448 0.66 -49.65 57.86
C ILE A 448 1.29 -50.80 57.06
N GLN A 449 1.10 -52.03 57.55
CA GLN A 449 1.70 -53.19 56.90
C GLN A 449 1.00 -53.48 55.58
N HIS A 450 -0.19 -52.94 55.40
CA HIS A 450 -0.88 -53.04 54.12
C HIS A 450 -0.07 -52.30 53.06
N LEU A 451 0.36 -51.09 53.40
CA LEU A 451 1.18 -50.25 52.54
C LEU A 451 2.53 -50.88 52.29
N LEU A 452 3.13 -51.35 53.39
CA LEU A 452 4.45 -51.96 53.34
C LEU A 452 4.50 -53.23 52.48
N ASP A 453 3.45 -54.03 52.55
CA ASP A 453 3.43 -55.24 51.74
C ASP A 453 2.97 -54.90 50.33
N SER A 454 2.46 -53.68 50.16
CA SER A 454 2.03 -53.24 48.83
C SER A 454 3.20 -52.72 47.98
N ILE A 455 4.16 -52.10 48.64
CA ILE A 455 5.39 -51.62 48.00
C ILE A 455 6.17 -52.77 47.37
N VAL A 456 6.32 -53.85 48.13
CA VAL A 456 7.15 -54.97 47.71
C VAL A 456 6.49 -55.75 46.58
N ASP A 457 5.16 -55.81 46.59
CA ASP A 457 4.43 -56.45 45.51
C ASP A 457 4.53 -55.60 44.26
N GLU A 458 4.49 -54.29 44.44
CA GLU A 458 4.63 -53.38 43.31
C GLU A 458 6.02 -53.48 42.65
N PHE A 459 7.04 -53.45 43.49
CA PHE A 459 8.42 -53.73 43.09
C PHE A 459 8.52 -55.05 42.34
N ALA A 460 7.89 -56.09 42.87
CA ALA A 460 7.97 -57.41 42.25
C ALA A 460 7.30 -57.41 40.89
N GLU A 461 6.15 -56.77 40.80
CA GLU A 461 5.37 -56.77 39.57
C GLU A 461 6.09 -55.95 38.51
N ASN A 462 7.00 -55.11 38.96
CA ASN A 462 7.90 -54.35 38.07
C ASN A 462 9.11 -55.13 37.60
N GLU A 463 9.86 -55.65 38.57
CA GLU A 463 11.04 -56.45 38.29
C GLU A 463 10.74 -57.47 37.19
N ASP A 464 9.53 -58.01 37.21
CA ASP A 464 9.10 -58.99 36.23
C ASP A 464 8.72 -58.32 34.93
N LEU A 465 8.04 -57.18 35.03
CA LEU A 465 7.57 -56.47 33.84
C LEU A 465 7.92 -54.98 33.93
N PRO A 466 9.18 -54.64 33.60
CA PRO A 466 9.70 -53.29 33.81
C PRO A 466 9.54 -52.36 32.61
N ASN A 467 8.29 -52.09 32.21
CA ASN A 467 8.02 -51.19 31.10
C ASN A 467 7.95 -49.73 31.56
N THR A 468 8.12 -49.53 32.86
CA THR A 468 8.22 -48.20 33.43
C THR A 468 9.50 -47.50 32.99
N THR A 469 10.46 -48.27 32.50
CA THR A 469 11.73 -47.72 32.08
C THR A 469 11.73 -47.42 30.59
N ASN A 470 12.32 -46.31 30.20
CA ASN A 470 12.47 -45.99 28.80
C ASN A 470 13.91 -45.53 28.54
N PRO A 471 14.28 -45.33 27.26
CA PRO A 471 15.66 -44.93 26.96
C PRO A 471 16.12 -43.68 27.69
N ASP A 472 15.20 -42.76 27.94
CA ASP A 472 15.50 -41.53 28.66
C ASP A 472 16.16 -41.81 29.99
N ASP A 473 15.81 -42.93 30.63
CA ASP A 473 16.41 -43.30 31.90
C ASP A 473 17.84 -43.83 31.71
N TRP A 474 18.04 -44.62 30.68
CA TRP A 474 19.37 -45.17 30.46
C TRP A 474 20.31 -44.04 30.11
N ALA A 475 19.82 -43.04 29.40
CA ALA A 475 20.63 -41.88 29.05
C ALA A 475 21.23 -41.24 30.29
N ARG A 476 20.40 -41.07 31.33
CA ARG A 476 20.87 -40.44 32.56
C ARG A 476 21.73 -41.38 33.40
N ILE A 477 21.43 -42.67 33.38
CA ILE A 477 22.22 -43.64 34.14
C ILE A 477 23.64 -43.75 33.59
N SER A 478 23.72 -43.94 32.28
CA SER A 478 24.98 -43.94 31.58
C SER A 478 25.69 -42.62 31.78
N GLY A 479 24.93 -41.54 31.60
CA GLY A 479 25.46 -40.20 31.68
C GLY A 479 26.14 -39.95 33.01
N LYS A 480 25.45 -40.35 34.08
CA LYS A 480 26.01 -40.21 35.40
C LYS A 480 27.26 -41.06 35.54
N LYS A 481 27.19 -42.29 35.04
CA LYS A 481 28.35 -43.19 35.14
C LYS A 481 29.52 -42.72 34.27
N GLY A 482 29.20 -42.21 33.08
CA GLY A 482 30.23 -41.78 32.14
C GLY A 482 30.69 -42.92 31.25
N GLU A 483 29.85 -43.97 31.19
CA GLU A 483 30.13 -45.15 30.40
C GLU A 483 28.90 -45.62 29.63
N ARG A 484 29.12 -46.40 28.58
CA ARG A 484 28.01 -46.96 27.82
C ARG A 484 27.36 -48.09 28.63
N ILE A 485 26.10 -48.40 28.32
CA ILE A 485 25.43 -49.52 28.97
C ILE A 485 25.24 -50.66 27.99
N VAL A 486 25.98 -51.75 28.19
CA VAL A 486 25.86 -52.93 27.34
C VAL A 486 24.94 -54.04 27.86
N TYR A 487 24.55 -54.01 29.14
CA TYR A 487 23.59 -55.01 29.64
C TYR A 487 22.73 -54.53 30.80
N ILE A 488 21.45 -54.91 30.81
CA ILE A 488 20.54 -54.56 31.90
C ILE A 488 19.63 -55.72 32.27
N ARG A 489 19.68 -56.16 33.52
CA ARG A 489 18.79 -57.24 33.95
C ARG A 489 18.09 -56.88 35.24
N THR A 490 16.85 -57.32 35.41
CA THR A 490 16.16 -57.00 36.64
C THR A 490 16.62 -57.99 37.73
N LEU A 491 16.58 -57.54 38.98
CA LEU A 491 16.93 -58.38 40.11
C LEU A 491 15.68 -58.70 40.91
N VAL A 492 15.46 -59.99 41.12
CA VAL A 492 14.34 -60.39 41.93
C VAL A 492 14.79 -60.75 43.34
N THR A 493 13.93 -60.43 44.31
CA THR A 493 14.17 -60.78 45.70
C THR A 493 14.07 -62.30 45.88
N GLY A 494 13.56 -62.99 44.85
CA GLY A 494 13.45 -64.44 44.87
C GLY A 494 12.20 -64.93 45.58
N LYS A 495 11.50 -63.99 46.21
CA LYS A 495 10.41 -64.30 47.10
C LYS A 495 9.04 -64.22 46.44
N SER A 496 9.05 -63.96 45.14
CA SER A 496 7.82 -63.74 44.40
C SER A 496 7.83 -64.56 43.12
N SER A 497 6.70 -64.59 42.41
CA SER A 497 6.60 -65.38 41.20
C SER A 497 7.29 -64.63 40.05
N SER A 498 7.81 -63.45 40.36
CA SER A 498 8.67 -62.69 39.46
C SER A 498 10.08 -63.27 39.38
N ALA A 499 10.64 -63.31 38.17
CA ALA A 499 12.01 -63.81 37.97
C ALA A 499 12.87 -62.77 37.25
N SER A 500 14.19 -62.90 37.37
CA SER A 500 15.11 -61.99 36.69
C SER A 500 14.87 -62.02 35.19
N ARG A 501 14.98 -60.85 34.57
CA ARG A 501 14.69 -60.70 33.15
C ARG A 501 15.65 -59.70 32.53
N ALA A 502 16.26 -60.06 31.42
CA ALA A 502 17.21 -59.17 30.76
C ALA A 502 16.47 -58.17 29.86
N ILE A 503 16.67 -56.88 30.13
CA ILE A 503 16.06 -55.80 29.35
C ILE A 503 16.95 -55.42 28.18
N ASP A 504 16.36 -55.12 27.03
CA ASP A 504 17.15 -54.59 25.92
C ASP A 504 17.04 -53.06 25.87
N THR A 505 18.15 -52.40 25.54
CA THR A 505 18.18 -50.94 25.47
C THR A 505 17.58 -50.45 24.16
N PRO B 2 -43.38 -17.23 -19.52
CA PRO B 2 -42.58 -18.41 -19.20
C PRO B 2 -41.42 -18.59 -20.18
N SER B 3 -40.19 -18.58 -19.69
CA SER B 3 -39.03 -18.63 -20.57
C SER B 3 -37.83 -19.36 -19.97
N GLY B 4 -37.00 -19.94 -20.83
CA GLY B 4 -35.85 -20.70 -20.40
C GLY B 4 -34.51 -20.02 -20.59
N TYR B 5 -33.44 -20.71 -20.19
CA TYR B 5 -32.08 -20.18 -20.32
C TYR B 5 -31.17 -21.12 -21.10
N GLY B 6 -30.14 -20.54 -21.72
CA GLY B 6 -29.18 -21.31 -22.48
C GLY B 6 -27.82 -20.67 -22.42
N VAL B 7 -26.83 -21.31 -23.02
CA VAL B 7 -25.47 -20.79 -23.01
C VAL B 7 -24.98 -20.50 -24.42
N LEU B 8 -24.45 -19.30 -24.63
CA LEU B 8 -24.02 -18.89 -25.95
C LEU B 8 -22.73 -19.60 -26.35
N LEU B 9 -22.81 -20.38 -27.44
CA LEU B 9 -21.66 -21.13 -27.97
C LEU B 9 -20.94 -20.37 -29.10
N ALA B 10 -21.68 -19.91 -30.11
CA ALA B 10 -21.07 -19.11 -31.17
C ALA B 10 -22.07 -18.13 -31.78
N THR B 11 -21.57 -17.06 -32.38
CA THR B 11 -22.42 -16.10 -33.08
C THR B 11 -22.06 -16.05 -34.55
N HIS B 12 -23.07 -15.89 -35.39
CA HIS B 12 -22.88 -15.75 -36.82
C HIS B 12 -23.28 -14.35 -37.27
N ASP B 13 -23.12 -14.05 -38.55
CA ASP B 13 -23.32 -12.68 -39.05
C ASP B 13 -24.75 -12.41 -39.52
N ASP B 14 -25.55 -13.45 -39.62
CA ASP B 14 -26.93 -13.34 -40.10
C ASP B 14 -27.93 -13.19 -38.95
N ASP B 15 -27.40 -12.98 -37.74
CA ASP B 15 -28.11 -12.86 -36.46
C ASP B 15 -28.38 -14.22 -35.82
N THR B 16 -28.20 -15.29 -36.59
CA THR B 16 -28.39 -16.63 -36.05
C THR B 16 -27.29 -16.93 -35.04
N VAL B 17 -27.62 -17.73 -34.03
CA VAL B 17 -26.67 -17.97 -32.94
C VAL B 17 -26.67 -19.43 -32.46
N ASP B 18 -25.47 -20.01 -32.39
CA ASP B 18 -25.31 -21.31 -31.75
C ASP B 18 -25.40 -21.19 -30.25
N VAL B 19 -26.37 -21.90 -29.69
CA VAL B 19 -26.68 -21.89 -28.27
C VAL B 19 -26.88 -23.32 -27.78
N PHE B 20 -26.30 -23.63 -26.64
CA PHE B 20 -26.51 -24.92 -25.99
C PHE B 20 -27.62 -24.78 -24.97
N THR B 21 -28.68 -25.55 -25.14
CA THR B 21 -29.78 -25.52 -24.18
C THR B 21 -30.52 -26.85 -24.11
N SER B 22 -31.04 -27.15 -22.93
CA SER B 22 -31.83 -28.35 -22.69
C SER B 22 -31.09 -29.61 -23.12
N GLY B 23 -29.79 -29.64 -22.85
CA GLY B 23 -28.97 -30.79 -23.15
C GLY B 23 -28.60 -30.94 -24.61
N ARG B 24 -29.11 -30.05 -25.45
CA ARG B 24 -28.86 -30.14 -26.89
C ARG B 24 -28.18 -28.88 -27.46
N LYS B 25 -27.40 -29.08 -28.52
CA LYS B 25 -26.77 -27.99 -29.23
C LYS B 25 -27.67 -27.53 -30.38
N MET B 26 -28.14 -26.28 -30.31
CA MET B 26 -29.05 -25.73 -31.30
C MET B 26 -28.47 -24.46 -31.90
N ARG B 27 -29.05 -24.03 -33.02
CA ARG B 27 -28.84 -22.67 -33.50
C ARG B 27 -30.20 -22.00 -33.62
N LEU B 28 -30.32 -20.84 -33.01
CA LEU B 28 -31.61 -20.17 -32.98
C LEU B 28 -31.52 -18.85 -33.71
N THR B 29 -32.66 -18.17 -33.81
CA THR B 29 -32.71 -16.82 -34.35
C THR B 29 -32.54 -15.84 -33.20
N CYS B 30 -32.52 -14.55 -33.53
CA CYS B 30 -32.22 -13.54 -32.53
C CYS B 30 -33.20 -12.37 -32.59
N SER B 31 -33.83 -12.08 -31.45
CA SER B 31 -34.79 -10.98 -31.35
C SER B 31 -34.20 -9.67 -31.87
N PRO B 32 -35.03 -8.87 -32.58
CA PRO B 32 -34.61 -7.58 -33.15
C PRO B 32 -34.16 -6.60 -32.08
N ASN B 33 -34.64 -6.80 -30.85
CA ASN B 33 -34.16 -6.03 -29.70
C ASN B 33 -32.69 -6.32 -29.42
N ILE B 34 -32.29 -7.58 -29.56
CA ILE B 34 -30.95 -8.03 -29.21
C ILE B 34 -29.91 -7.76 -30.30
N ASP B 35 -28.72 -7.35 -29.87
CA ASP B 35 -27.60 -7.10 -30.78
C ASP B 35 -26.66 -8.30 -30.83
N ALA B 36 -26.52 -8.90 -32.01
CA ALA B 36 -25.71 -10.11 -32.18
C ALA B 36 -24.21 -9.81 -32.18
N ALA B 37 -23.85 -8.54 -32.38
CA ALA B 37 -22.45 -8.14 -32.38
C ALA B 37 -21.89 -7.97 -30.97
N SER B 38 -22.71 -7.45 -30.06
CA SER B 38 -22.26 -7.14 -28.71
C SER B 38 -22.40 -8.33 -27.76
N LEU B 39 -22.85 -9.46 -28.29
CA LEU B 39 -22.85 -10.71 -27.55
C LEU B 39 -21.41 -11.16 -27.30
N LYS B 40 -21.22 -12.01 -26.30
CA LYS B 40 -19.90 -12.54 -26.02
C LYS B 40 -19.94 -14.03 -25.69
N LYS B 41 -18.91 -14.75 -26.12
CA LYS B 41 -18.86 -16.22 -25.98
C LYS B 41 -19.07 -16.69 -24.55
N GLY B 42 -19.93 -17.71 -24.39
CA GLY B 42 -20.14 -18.32 -23.09
C GLY B 42 -21.16 -17.61 -22.24
N GLN B 43 -21.61 -16.45 -22.71
CA GLN B 43 -22.60 -15.66 -22.00
C GLN B 43 -23.92 -16.40 -21.92
N THR B 44 -24.52 -16.46 -20.73
CA THR B 44 -25.82 -17.10 -20.61
C THR B 44 -26.86 -16.21 -21.25
N VAL B 45 -27.59 -16.75 -22.23
CA VAL B 45 -28.67 -16.02 -22.86
C VAL B 45 -30.03 -16.53 -22.39
N ARG B 46 -31.08 -15.83 -22.81
CA ARG B 46 -32.43 -16.18 -22.39
C ARG B 46 -33.37 -16.36 -23.59
N LEU B 47 -34.08 -17.48 -23.60
CA LEU B 47 -34.93 -17.87 -24.72
C LEU B 47 -36.40 -17.88 -24.34
N ASN B 48 -37.23 -17.26 -25.16
CA ASN B 48 -38.67 -17.35 -24.95
C ASN B 48 -39.20 -18.71 -25.39
N GLU B 49 -40.52 -18.87 -25.34
CA GLU B 49 -41.14 -20.16 -25.65
C GLU B 49 -40.91 -20.59 -27.08
N ALA B 50 -40.55 -19.64 -27.94
CA ALA B 50 -40.39 -19.90 -29.37
C ALA B 50 -38.94 -20.20 -29.76
N LEU B 51 -38.06 -20.26 -28.75
CA LEU B 51 -36.63 -20.45 -28.95
C LEU B 51 -36.00 -19.33 -29.79
N THR B 52 -36.40 -18.09 -29.51
CA THR B 52 -35.74 -16.92 -30.06
C THR B 52 -34.97 -16.25 -28.93
N VAL B 53 -33.74 -15.80 -29.17
CA VAL B 53 -32.96 -15.26 -28.07
C VAL B 53 -33.43 -13.84 -27.79
N VAL B 54 -34.05 -13.64 -26.64
CA VAL B 54 -34.62 -12.34 -26.31
C VAL B 54 -33.78 -11.45 -25.38
N GLU B 55 -32.77 -12.03 -24.73
CA GLU B 55 -32.00 -11.26 -23.74
C GLU B 55 -30.58 -11.82 -23.51
N ALA B 56 -29.63 -10.92 -23.24
CA ALA B 56 -28.27 -11.30 -22.90
C ALA B 56 -27.97 -11.11 -21.41
N GLY B 57 -27.68 -12.20 -20.71
CA GLY B 57 -27.48 -12.17 -19.27
C GLY B 57 -26.04 -12.29 -18.81
N THR B 58 -25.85 -12.82 -17.62
CA THR B 58 -24.52 -12.99 -17.03
C THR B 58 -23.81 -14.25 -17.52
N PHE B 59 -22.73 -14.60 -16.84
CA PHE B 59 -22.05 -15.88 -17.03
C PHE B 59 -22.34 -16.79 -15.85
N GLU B 60 -22.39 -18.10 -16.07
CA GLU B 60 -22.66 -19.04 -14.98
C GLU B 60 -21.67 -18.86 -13.84
N ALA B 61 -22.20 -18.62 -12.65
CA ALA B 61 -21.35 -18.38 -11.49
C ALA B 61 -21.16 -19.62 -10.62
N VAL B 62 -21.81 -20.72 -10.98
CA VAL B 62 -21.62 -21.98 -10.26
C VAL B 62 -21.49 -23.14 -11.24
N GLY B 63 -20.86 -24.22 -10.80
CA GLY B 63 -20.59 -25.36 -11.65
C GLY B 63 -19.34 -26.08 -11.21
N GLU B 64 -18.79 -26.95 -12.08
CA GLU B 64 -17.64 -27.75 -11.69
C GLU B 64 -16.36 -26.93 -11.66
N ILE B 65 -15.36 -27.45 -10.97
CA ILE B 65 -14.03 -26.83 -10.93
C ILE B 65 -13.03 -27.75 -11.59
N SER B 66 -12.24 -27.20 -12.50
CA SER B 66 -11.19 -27.97 -13.17
C SER B 66 -9.91 -27.16 -13.30
N THR B 67 -8.78 -27.81 -13.06
CA THR B 67 -7.49 -27.14 -13.14
C THR B 67 -6.99 -27.02 -14.58
N LEU B 68 -6.66 -25.80 -15.01
CA LEU B 68 -6.23 -25.64 -16.40
C LEU B 68 -4.72 -25.77 -16.61
N ARG B 69 -4.32 -26.91 -17.15
CA ARG B 69 -2.93 -27.20 -17.44
C ARG B 69 -2.34 -26.30 -18.53
N GLU B 70 -3.11 -26.07 -19.59
CA GLU B 70 -2.64 -25.24 -20.70
C GLU B 70 -3.72 -24.58 -21.56
N ILE B 71 -3.31 -23.57 -22.31
CA ILE B 71 -4.15 -22.81 -23.20
C ILE B 71 -3.85 -23.27 -24.62
N LEU B 72 -4.87 -23.82 -25.28
CA LEU B 72 -4.68 -24.47 -26.56
C LEU B 72 -4.24 -23.48 -27.63
N ALA B 73 -3.62 -23.98 -28.69
CA ALA B 73 -3.13 -23.16 -29.78
C ALA B 73 -4.18 -22.17 -30.29
N ASP B 74 -5.41 -22.65 -30.41
CA ASP B 74 -6.55 -21.85 -30.86
C ASP B 74 -6.64 -20.52 -30.10
N GLY B 75 -6.34 -20.58 -28.81
CA GLY B 75 -6.36 -19.40 -27.95
C GLY B 75 -7.74 -19.19 -27.35
N HIS B 76 -8.75 -19.71 -28.04
CA HIS B 76 -10.12 -19.71 -27.53
C HIS B 76 -10.39 -20.97 -26.72
N ARG B 77 -9.50 -21.95 -26.85
CA ARG B 77 -9.71 -23.26 -26.25
C ARG B 77 -8.73 -23.53 -25.13
N ALA B 78 -9.17 -24.30 -24.15
CA ALA B 78 -8.36 -24.63 -22.99
C ALA B 78 -8.41 -26.12 -22.69
N LEU B 79 -7.30 -26.62 -22.17
CA LEU B 79 -7.20 -27.99 -21.72
C LEU B 79 -7.27 -28.02 -20.20
N VAL B 80 -8.38 -28.54 -19.67
CA VAL B 80 -8.59 -28.58 -18.24
C VAL B 80 -8.62 -30.01 -17.71
N VAL B 81 -8.19 -30.20 -16.47
CA VAL B 81 -8.23 -31.51 -15.82
C VAL B 81 -9.13 -31.48 -14.60
N GLY B 82 -9.97 -32.49 -14.47
CA GLY B 82 -10.93 -32.58 -13.38
C GLY B 82 -10.46 -33.36 -12.16
N HIS B 83 -11.41 -34.00 -11.49
CA HIS B 83 -11.19 -34.67 -10.22
C HIS B 83 -10.40 -35.98 -10.33
N ALA B 84 -10.79 -36.80 -11.31
CA ALA B 84 -10.30 -38.17 -11.45
C ALA B 84 -9.05 -38.26 -12.29
N ASP B 85 -8.46 -37.10 -12.61
CA ASP B 85 -7.41 -36.96 -13.61
C ASP B 85 -7.98 -37.24 -15.00
N GLU B 86 -9.22 -36.78 -15.20
CA GLU B 86 -9.86 -36.82 -16.51
C GLU B 86 -9.58 -35.51 -17.24
N GLU B 87 -9.22 -35.60 -18.52
CA GLU B 87 -8.87 -34.41 -19.28
C GLU B 87 -9.98 -34.04 -20.25
N ARG B 88 -10.26 -32.74 -20.32
CA ARG B 88 -11.38 -32.25 -21.09
C ARG B 88 -11.00 -30.95 -21.78
N VAL B 89 -11.50 -30.75 -22.98
CA VAL B 89 -11.26 -29.52 -23.73
C VAL B 89 -12.49 -28.61 -23.62
N VAL B 90 -12.26 -27.34 -23.29
CA VAL B 90 -13.38 -26.40 -23.15
C VAL B 90 -13.14 -25.12 -23.92
N TRP B 91 -14.22 -24.43 -24.28
CA TRP B 91 -14.10 -23.09 -24.84
C TRP B 91 -13.78 -22.11 -23.72
N LEU B 92 -13.01 -21.09 -24.02
CA LEU B 92 -12.77 -20.02 -23.07
C LEU B 92 -13.79 -18.92 -23.31
N ALA B 93 -14.43 -18.45 -22.25
CA ALA B 93 -15.45 -17.41 -22.39
C ALA B 93 -14.81 -16.06 -22.71
N ASP B 94 -15.63 -15.03 -22.87
CA ASP B 94 -15.11 -13.69 -23.16
C ASP B 94 -14.21 -13.12 -22.05
N PRO B 95 -14.66 -13.16 -20.77
CA PRO B 95 -13.83 -12.51 -19.76
C PRO B 95 -12.44 -13.13 -19.57
N LEU B 96 -12.30 -14.41 -19.91
CA LEU B 96 -11.02 -15.08 -19.73
C LEU B 96 -10.00 -14.63 -20.76
N ILE B 97 -10.41 -14.59 -22.03
CA ILE B 97 -9.51 -14.25 -23.12
C ILE B 97 -9.35 -12.75 -23.29
N ALA B 98 -10.01 -11.98 -22.42
CA ALA B 98 -10.00 -10.52 -22.48
C ALA B 98 -8.58 -9.94 -22.48
N GLU B 99 -8.38 -8.90 -23.27
CA GLU B 99 -7.07 -8.29 -23.44
C GLU B 99 -6.87 -7.05 -22.56
N ASP B 100 -7.85 -6.78 -21.71
CA ASP B 100 -7.84 -5.56 -20.89
C ASP B 100 -7.22 -5.77 -19.50
N LEU B 101 -6.77 -6.99 -19.23
CA LEU B 101 -6.36 -7.38 -17.88
C LEU B 101 -4.84 -7.36 -17.66
N PRO B 102 -4.40 -6.69 -16.57
CA PRO B 102 -2.97 -6.64 -16.23
C PRO B 102 -2.50 -7.75 -15.27
N ASP B 103 -1.19 -7.81 -15.02
CA ASP B 103 -0.62 -8.83 -14.12
C ASP B 103 -0.85 -8.48 -12.65
N GLY B 104 -0.76 -9.50 -11.79
CA GLY B 104 -1.07 -9.33 -10.37
C GLY B 104 0.12 -9.15 -9.45
N LEU B 105 -0.14 -9.26 -8.15
CA LEU B 105 0.87 -9.05 -7.12
C LEU B 105 0.59 -9.93 -5.91
N ASP B 111 -2.70 -11.09 -2.76
CA ASP B 111 -4.11 -11.26 -3.10
C ASP B 111 -4.30 -11.47 -4.59
N ASP B 112 -5.34 -12.24 -4.94
CA ASP B 112 -5.76 -12.37 -6.33
C ASP B 112 -7.14 -11.74 -6.52
N THR B 113 -7.19 -10.60 -7.19
CA THR B 113 -8.46 -9.95 -7.44
C THR B 113 -8.60 -9.52 -8.90
N ARG B 114 -7.86 -8.50 -9.30
CA ARG B 114 -7.90 -8.00 -10.68
C ARG B 114 -6.90 -8.79 -11.51
N PRO B 115 -7.40 -9.67 -12.37
CA PRO B 115 -6.65 -10.76 -12.99
C PRO B 115 -5.95 -10.42 -14.30
N ARG B 116 -5.37 -11.45 -14.93
CA ARG B 116 -4.88 -11.38 -16.30
C ARG B 116 -5.22 -12.70 -17.01
N LYS B 117 -4.74 -12.85 -18.24
CA LYS B 117 -4.81 -14.12 -18.95
C LYS B 117 -4.21 -15.21 -18.09
N LEU B 118 -4.84 -16.39 -18.11
CA LEU B 118 -4.55 -17.42 -17.14
C LEU B 118 -3.24 -18.15 -17.40
N ARG B 119 -2.87 -19.03 -16.48
CA ARG B 119 -1.66 -19.83 -16.56
C ARG B 119 -1.94 -21.18 -15.89
N PRO B 120 -1.18 -22.23 -16.25
CA PRO B 120 -1.44 -23.59 -15.75
C PRO B 120 -1.61 -23.67 -14.23
N GLY B 121 -2.49 -24.55 -13.78
CA GLY B 121 -2.71 -24.75 -12.36
C GLY B 121 -3.81 -23.88 -11.77
N ASP B 122 -4.13 -22.77 -12.42
CA ASP B 122 -5.20 -21.91 -11.96
C ASP B 122 -6.52 -22.67 -12.06
N SER B 123 -7.37 -22.59 -11.04
CA SER B 123 -8.62 -23.35 -11.08
C SER B 123 -9.66 -22.60 -11.91
N LEU B 124 -10.50 -23.35 -12.62
CA LEU B 124 -11.47 -22.75 -13.53
C LEU B 124 -12.87 -23.29 -13.33
N LEU B 125 -13.85 -22.40 -13.41
CA LEU B 125 -15.23 -22.79 -13.27
C LEU B 125 -15.80 -23.20 -14.62
N VAL B 126 -16.26 -24.44 -14.73
CA VAL B 126 -16.70 -24.96 -16.02
C VAL B 126 -18.07 -25.64 -16.01
N ASP B 127 -18.65 -25.63 -17.20
CA ASP B 127 -19.86 -26.37 -17.55
C ASP B 127 -19.46 -27.43 -18.56
N THR B 128 -19.51 -28.69 -18.16
CA THR B 128 -18.96 -29.75 -18.99
C THR B 128 -19.78 -30.02 -20.26
N LYS B 129 -21.11 -29.93 -20.15
CA LYS B 129 -21.99 -30.30 -21.26
C LYS B 129 -21.97 -29.26 -22.38
N ALA B 130 -21.81 -28.00 -22.02
CA ALA B 130 -21.70 -26.93 -23.00
C ALA B 130 -20.29 -26.86 -23.58
N GLY B 131 -19.32 -27.33 -22.81
CA GLY B 131 -17.93 -27.26 -23.22
C GLY B 131 -17.39 -25.84 -23.12
N TYR B 132 -17.59 -25.21 -21.97
CA TYR B 132 -17.15 -23.83 -21.76
C TYR B 132 -16.58 -23.62 -20.37
N ALA B 133 -15.61 -22.72 -20.24
CA ALA B 133 -15.03 -22.39 -18.94
C ALA B 133 -15.34 -20.93 -18.69
N PHE B 134 -15.88 -20.57 -17.53
CA PHE B 134 -16.26 -19.18 -17.31
C PHE B 134 -15.51 -18.21 -16.39
N GLU B 135 -15.16 -18.62 -15.18
CA GLU B 135 -14.52 -17.71 -14.25
C GLU B 135 -13.28 -18.33 -13.64
N ARG B 136 -12.32 -17.50 -13.25
CA ARG B 136 -11.08 -18.01 -12.67
C ARG B 136 -11.08 -17.99 -11.14
N ILE B 137 -10.71 -19.12 -10.56
CA ILE B 137 -10.68 -19.34 -9.12
C ILE B 137 -9.27 -19.69 -8.62
N PRO B 138 -8.66 -18.80 -7.79
CA PRO B 138 -7.30 -19.07 -7.28
C PRO B 138 -7.15 -20.28 -6.30
N LYS B 139 -7.92 -20.44 -5.21
CA LYS B 139 -8.85 -19.45 -4.67
C LYS B 139 -8.23 -18.75 -3.44
N ALA B 140 -8.29 -19.38 -2.27
CA ALA B 140 -7.49 -18.89 -1.11
C ALA B 140 -6.26 -19.72 -0.79
N GLU B 141 -6.07 -20.84 -1.49
CA GLU B 141 -4.94 -21.70 -1.20
C GLU B 141 -3.66 -21.03 -1.67
N VAL B 142 -3.80 -19.92 -2.38
CA VAL B 142 -2.65 -19.14 -2.83
C VAL B 142 -2.33 -18.03 -1.82
N GLU B 143 -3.10 -17.98 -0.73
CA GLU B 143 -2.89 -16.95 0.30
C GLU B 143 -2.16 -17.38 1.59
N ASP B 144 -2.56 -18.51 2.17
CA ASP B 144 -1.95 -19.02 3.40
C ASP B 144 -0.47 -19.38 3.21
N LEU B 145 -0.06 -19.58 1.97
CA LEU B 145 1.33 -19.93 1.64
C LEU B 145 1.99 -18.78 0.84
N VAL B 146 3.22 -19.00 0.38
CA VAL B 146 3.95 -18.04 -0.47
C VAL B 146 4.20 -16.58 -0.01
N LEU B 147 4.62 -16.37 1.24
CA LEU B 147 4.92 -15.01 1.73
C LEU B 147 6.20 -14.90 2.60
N GLU B 148 6.81 -13.73 2.73
CA GLU B 148 6.43 -12.48 2.08
C GLU B 148 7.71 -11.68 1.79
N GLU B 149 7.68 -10.83 0.76
CA GLU B 149 8.83 -10.02 0.36
C GLU B 149 9.11 -8.73 1.15
N VAL B 150 10.34 -8.22 1.01
CA VAL B 150 10.80 -6.97 1.65
C VAL B 150 11.53 -7.06 3.00
N PRO B 151 12.28 -6.01 3.33
CA PRO B 151 13.04 -5.92 4.58
C PRO B 151 13.08 -4.51 5.18
N ASP B 152 13.02 -4.40 6.50
CA ASP B 152 13.30 -3.12 7.17
C ASP B 152 14.68 -3.07 7.84
N VAL B 153 15.47 -4.13 7.66
CA VAL B 153 16.64 -4.35 8.52
C VAL B 153 17.97 -4.13 7.80
N SER B 154 19.00 -3.77 8.58
CA SER B 154 20.31 -3.45 8.03
C SER B 154 21.42 -4.20 8.76
N TYR B 155 22.63 -4.16 8.18
CA TYR B 155 23.82 -4.78 8.76
C TYR B 155 24.11 -4.28 10.18
N ALA B 156 23.80 -3.01 10.42
CA ALA B 156 24.05 -2.39 11.72
C ALA B 156 23.37 -3.16 12.84
N ASP B 157 22.19 -3.69 12.53
CA ASP B 157 21.39 -4.41 13.52
C ASP B 157 21.98 -5.78 13.84
N ILE B 158 22.68 -6.37 12.87
CA ILE B 158 23.25 -7.70 13.05
C ILE B 158 24.60 -7.62 13.73
N GLY B 159 24.67 -8.17 14.95
CA GLY B 159 25.89 -8.11 15.73
C GLY B 159 26.76 -9.32 15.54
N GLY B 160 28.06 -9.13 15.71
CA GLY B 160 29.01 -10.22 15.78
C GLY B 160 29.71 -10.63 14.50
N LEU B 161 29.15 -10.36 13.34
CA LEU B 161 29.83 -10.80 12.13
C LEU B 161 30.53 -9.64 11.45
N SER B 162 31.82 -9.51 11.68
CA SER B 162 32.60 -8.41 11.10
C SER B 162 33.13 -8.75 9.72
N ARG B 163 33.71 -9.94 9.58
CA ARG B 163 34.33 -10.36 8.33
C ARG B 163 33.27 -10.90 7.38
N GLN B 164 32.28 -11.60 7.93
CA GLN B 164 31.23 -12.20 7.14
C GLN B 164 30.57 -11.15 6.24
N ILE B 165 30.23 -10.00 6.81
CA ILE B 165 29.59 -8.94 6.03
C ILE B 165 30.49 -8.42 4.92
N GLU B 166 31.79 -8.30 5.21
CA GLU B 166 32.76 -7.85 4.21
C GLU B 166 32.77 -8.82 3.04
N GLN B 167 32.62 -10.10 3.33
CA GLN B 167 32.50 -11.09 2.27
C GLN B 167 31.20 -10.88 1.49
N ILE B 168 30.08 -10.82 2.21
CA ILE B 168 28.75 -10.74 1.59
C ILE B 168 28.63 -9.59 0.62
N ARG B 169 29.00 -8.39 1.06
CA ARG B 169 28.88 -7.20 0.23
C ARG B 169 29.66 -7.36 -1.08
N ASP B 170 30.85 -7.95 -0.98
CA ASP B 170 31.69 -8.15 -2.16
C ASP B 170 31.15 -9.27 -3.05
N ALA B 171 30.34 -10.15 -2.47
CA ALA B 171 29.77 -11.26 -3.23
C ALA B 171 28.39 -10.95 -3.83
N VAL B 172 27.76 -9.84 -3.42
CA VAL B 172 26.43 -9.50 -3.91
C VAL B 172 26.35 -8.07 -4.42
N GLU B 173 26.65 -7.12 -3.55
CA GLU B 173 26.50 -5.71 -3.85
C GLU B 173 27.57 -5.26 -4.86
N LEU B 174 28.83 -5.37 -4.48
CA LEU B 174 29.95 -4.98 -5.35
C LEU B 174 29.83 -5.43 -6.82
N PRO B 175 29.34 -6.66 -7.08
CA PRO B 175 29.07 -7.00 -8.48
C PRO B 175 28.07 -6.05 -9.15
N PHE B 176 26.99 -5.70 -8.45
CA PHE B 176 25.92 -4.91 -9.05
C PHE B 176 26.25 -3.43 -9.15
N LEU B 177 26.95 -2.90 -8.15
CA LEU B 177 27.31 -1.48 -8.12
C LEU B 177 28.34 -1.14 -9.19
N HIS B 178 29.35 -1.99 -9.30
CA HIS B 178 30.51 -1.79 -10.17
C HIS B 178 30.48 -2.50 -11.52
N LYS B 179 29.29 -2.94 -11.94
CA LYS B 179 29.09 -3.93 -13.02
C LYS B 179 30.01 -3.81 -14.24
N GLU B 180 30.25 -2.60 -14.71
CA GLU B 180 31.13 -2.41 -15.86
C GLU B 180 32.57 -2.79 -15.51
N LEU B 181 33.00 -2.48 -14.30
CA LEU B 181 34.35 -2.81 -13.86
C LEU B 181 34.50 -4.33 -13.77
N TYR B 182 33.41 -5.00 -13.41
CA TYR B 182 33.36 -6.46 -13.44
C TYR B 182 33.50 -6.98 -14.86
N ARG B 183 32.84 -6.30 -15.79
CA ARG B 183 32.89 -6.71 -17.20
C ARG B 183 34.31 -6.53 -17.77
N GLU B 184 35.02 -5.54 -17.25
CA GLU B 184 36.37 -5.23 -17.74
C GLU B 184 37.33 -6.39 -17.55
N TYR B 185 37.15 -7.14 -16.46
CA TYR B 185 38.01 -8.27 -16.14
C TYR B 185 37.44 -9.58 -16.62
N SER B 186 36.35 -9.49 -17.39
CA SER B 186 35.68 -10.66 -17.97
C SER B 186 35.30 -11.62 -16.86
N LEU B 187 34.69 -11.06 -15.82
CA LEU B 187 34.36 -11.80 -14.61
C LEU B 187 32.84 -11.97 -14.46
N ARG B 188 32.42 -13.22 -14.32
CA ARG B 188 31.03 -13.55 -14.08
C ARG B 188 30.61 -13.08 -12.69
N PRO B 189 29.59 -12.21 -12.61
CA PRO B 189 29.08 -11.84 -11.29
C PRO B 189 28.36 -13.02 -10.64
N PRO B 190 28.63 -13.28 -9.35
CA PRO B 190 27.98 -14.38 -8.64
C PRO B 190 26.45 -14.26 -8.62
N LYS B 191 25.76 -15.40 -8.71
CA LYS B 191 24.29 -15.43 -8.70
C LYS B 191 23.71 -15.91 -7.36
N GLY B 192 24.13 -17.09 -6.91
CA GLY B 192 23.71 -17.60 -5.62
C GLY B 192 24.71 -17.46 -4.48
N VAL B 193 24.20 -17.50 -3.26
CA VAL B 193 25.05 -17.43 -2.08
C VAL B 193 24.71 -18.58 -1.12
N LEU B 194 25.74 -19.26 -0.63
CA LEU B 194 25.56 -20.29 0.40
C LEU B 194 25.92 -19.74 1.76
N LEU B 195 24.90 -19.54 2.60
CA LEU B 195 25.09 -19.15 4.00
C LEU B 195 25.02 -20.40 4.85
N TYR B 196 26.12 -20.81 5.45
CA TYR B 196 26.13 -22.03 6.26
C TYR B 196 26.89 -21.84 7.57
N GLY B 197 26.57 -22.70 8.53
CA GLY B 197 27.17 -22.65 9.86
C GLY B 197 26.27 -23.35 10.86
N PRO B 198 26.69 -23.39 12.13
CA PRO B 198 25.87 -24.01 13.18
C PRO B 198 24.54 -23.30 13.38
N PRO B 199 23.53 -23.99 13.94
CA PRO B 199 22.21 -23.39 14.16
C PRO B 199 22.21 -22.29 15.21
N GLY B 200 21.31 -21.33 15.07
CA GLY B 200 21.14 -20.27 16.06
C GLY B 200 21.93 -19.01 15.77
N CYS B 201 22.76 -19.05 14.75
CA CYS B 201 23.57 -17.88 14.40
C CYS B 201 22.76 -16.91 13.53
N GLY B 202 21.51 -17.27 13.26
CA GLY B 202 20.57 -16.35 12.64
C GLY B 202 20.89 -15.92 11.22
N LYS B 203 21.03 -16.92 10.34
CA LYS B 203 21.41 -16.71 8.94
C LYS B 203 20.39 -15.90 8.13
N THR B 204 19.13 -15.91 8.54
CA THR B 204 18.05 -15.23 7.82
C THR B 204 18.19 -13.72 7.87
N LEU B 205 18.50 -13.22 9.07
CA LEU B 205 18.71 -11.80 9.30
C LEU B 205 19.70 -11.23 8.30
N ILE B 206 20.74 -11.99 8.02
CA ILE B 206 21.78 -11.55 7.10
C ILE B 206 21.23 -11.44 5.69
N ALA B 207 20.33 -12.35 5.33
CA ALA B 207 19.71 -12.33 4.01
C ALA B 207 18.84 -11.09 3.84
N LYS B 208 18.01 -10.81 4.84
CA LYS B 208 17.17 -9.63 4.78
C LYS B 208 18.03 -8.35 4.80
N ALA B 209 19.13 -8.40 5.53
CA ALA B 209 20.00 -7.24 5.66
C ALA B 209 20.74 -6.93 4.37
N VAL B 210 21.25 -7.95 3.70
CA VAL B 210 21.94 -7.75 2.43
C VAL B 210 20.92 -7.34 1.38
N ALA B 211 19.72 -7.89 1.50
CA ALA B 211 18.62 -7.51 0.64
C ALA B 211 18.36 -6.00 0.70
N ASN B 212 18.12 -5.49 1.91
CA ASN B 212 17.78 -4.08 2.07
C ASN B 212 18.99 -3.15 1.90
N SER B 213 20.19 -3.67 2.09
CA SER B 213 21.39 -2.86 1.92
C SER B 213 21.69 -2.67 0.44
N LEU B 214 21.51 -3.75 -0.33
CA LEU B 214 21.71 -3.70 -1.77
C LEU B 214 20.56 -2.98 -2.47
N ALA B 215 19.36 -3.13 -1.93
CA ALA B 215 18.16 -2.57 -2.57
C ALA B 215 18.12 -1.05 -2.54
N LYS B 216 18.96 -0.41 -1.73
CA LYS B 216 19.06 1.04 -1.82
C LYS B 216 20.41 1.48 -2.33
N LYS B 217 20.53 1.67 -3.64
CA LYS B 217 21.63 2.41 -4.24
C LYS B 217 21.15 3.75 -4.84
N MET B 218 19.85 3.97 -4.77
CA MET B 218 19.18 4.96 -5.61
C MET B 218 19.27 6.40 -5.10
N ALA B 219 18.44 7.26 -5.72
CA ALA B 219 18.31 8.69 -5.45
C ALA B 219 19.44 9.48 -6.09
N LYS B 230 12.45 2.45 -5.11
CA LYS B 230 12.78 1.16 -5.71
C LYS B 230 13.52 0.25 -4.73
N SER B 231 12.77 -0.47 -3.89
CA SER B 231 13.37 -1.43 -2.96
C SER B 231 12.42 -2.59 -2.62
N TYR B 232 12.95 -3.81 -2.52
CA TYR B 232 12.18 -4.97 -2.05
C TYR B 232 12.99 -6.25 -1.78
N PHE B 233 12.26 -7.32 -1.42
CA PHE B 233 12.80 -8.62 -0.97
C PHE B 233 11.77 -9.73 -1.24
N LEU B 234 12.03 -10.92 -0.72
CA LEU B 234 11.15 -12.09 -0.84
C LEU B 234 11.76 -13.20 -0.01
N ASN B 235 10.95 -14.17 0.38
CA ASN B 235 11.40 -15.22 1.30
C ASN B 235 10.64 -16.53 1.07
N ILE B 236 11.25 -17.65 1.41
CA ILE B 236 10.57 -18.95 1.41
C ILE B 236 11.21 -19.89 2.43
N LYS B 237 10.41 -20.74 3.07
CA LYS B 237 10.90 -21.63 4.11
C LYS B 237 10.90 -23.09 3.66
N GLY B 238 11.83 -23.87 4.22
CA GLY B 238 11.98 -25.28 3.92
C GLY B 238 10.83 -26.24 4.23
N PRO B 239 10.32 -26.25 5.48
CA PRO B 239 9.29 -27.19 5.93
C PRO B 239 8.05 -27.26 5.02
N GLU B 240 7.86 -26.23 4.21
CA GLU B 240 6.67 -26.07 3.39
C GLU B 240 6.78 -26.74 2.01
N LEU B 241 7.83 -27.54 1.82
CA LEU B 241 7.90 -28.38 0.63
C LEU B 241 6.93 -29.57 0.72
N LEU B 242 7.10 -30.42 1.74
CA LEU B 242 6.33 -31.66 1.85
C LEU B 242 4.82 -31.40 2.04
N ASN B 243 4.45 -30.24 2.55
CA ASN B 243 3.04 -29.90 2.69
C ASN B 243 2.43 -29.64 1.30
N LYS B 244 1.12 -29.70 1.17
CA LYS B 244 0.52 -29.58 -0.16
C LYS B 244 -0.49 -28.44 -0.32
N PHE B 245 -1.72 -28.68 0.13
CA PHE B 245 -2.83 -27.73 0.07
C PHE B 245 -3.30 -27.37 -1.35
N VAL B 246 -2.45 -27.59 -2.35
CA VAL B 246 -2.89 -27.60 -3.75
C VAL B 246 -2.96 -29.04 -4.27
N GLY B 247 -2.63 -29.98 -3.40
CA GLY B 247 -2.62 -31.39 -3.73
C GLY B 247 -1.25 -32.00 -3.94
N GLU B 248 -0.26 -31.20 -4.32
CA GLU B 248 1.15 -31.58 -4.20
C GLU B 248 2.01 -30.41 -3.68
N THR B 249 1.96 -29.30 -4.41
CA THR B 249 3.01 -28.27 -4.56
C THR B 249 4.17 -28.77 -5.42
N GLU B 250 3.87 -29.61 -6.39
CA GLU B 250 4.80 -29.89 -7.47
C GLU B 250 4.71 -28.73 -8.46
N ARG B 251 3.69 -27.90 -8.27
CA ARG B 251 3.44 -26.71 -9.09
C ARG B 251 4.23 -25.47 -8.67
N HIS B 252 4.31 -25.22 -7.37
CA HIS B 252 4.76 -23.93 -6.81
C HIS B 252 6.15 -23.44 -7.20
N ILE B 253 7.05 -24.40 -7.33
CA ILE B 253 8.47 -24.11 -7.52
C ILE B 253 8.69 -23.19 -8.72
N ARG B 254 7.83 -23.28 -9.72
CA ARG B 254 7.87 -22.37 -10.86
C ARG B 254 7.19 -21.04 -10.58
N LEU B 255 6.07 -21.10 -9.85
CA LEU B 255 5.30 -19.90 -9.50
C LEU B 255 6.20 -18.86 -8.87
N ILE B 256 6.95 -19.27 -7.85
CA ILE B 256 7.86 -18.35 -7.18
C ILE B 256 8.87 -17.71 -8.14
N PHE B 257 9.45 -18.53 -9.02
CA PHE B 257 10.44 -18.05 -9.97
C PHE B 257 9.84 -17.11 -11.01
N GLN B 258 8.52 -17.16 -11.17
CA GLN B 258 7.83 -16.15 -11.96
C GLN B 258 7.70 -14.86 -11.15
N ARG B 259 7.31 -15.03 -9.88
CA ARG B 259 7.12 -13.90 -8.96
C ARG B 259 8.34 -13.02 -8.89
N ALA B 260 9.51 -13.66 -8.84
CA ALA B 260 10.77 -12.93 -8.81
C ALA B 260 11.11 -12.37 -10.19
N ARG B 261 10.57 -13.01 -11.22
CA ARG B 261 10.86 -12.61 -12.59
C ARG B 261 10.16 -11.31 -12.98
N GLU B 262 9.00 -11.04 -12.37
CA GLU B 262 8.31 -9.77 -12.60
C GLU B 262 9.20 -8.59 -12.20
N LYS B 263 9.93 -8.75 -11.10
CA LYS B 263 10.86 -7.74 -10.66
C LYS B 263 12.18 -7.86 -11.42
N ALA B 264 12.44 -9.04 -11.98
CA ALA B 264 13.65 -9.27 -12.77
C ALA B 264 13.66 -8.38 -14.00
N SER B 265 12.51 -8.22 -14.65
CA SER B 265 12.37 -7.09 -15.56
C SER B 265 11.55 -6.03 -14.85
N GLU B 266 12.26 -5.11 -14.19
CA GLU B 266 11.68 -3.94 -13.56
C GLU B 266 12.62 -2.74 -13.74
N GLY B 267 13.86 -2.91 -13.26
CA GLY B 267 14.65 -1.80 -12.78
C GLY B 267 14.94 -1.78 -11.29
N THR B 268 14.87 -2.94 -10.62
CA THR B 268 15.10 -3.05 -9.17
C THR B 268 15.24 -4.52 -8.71
N PRO B 269 16.24 -4.80 -7.85
CA PRO B 269 16.64 -6.15 -7.41
C PRO B 269 15.75 -6.82 -6.34
N VAL B 270 15.65 -8.15 -6.42
CA VAL B 270 14.98 -8.96 -5.39
C VAL B 270 15.81 -10.20 -5.05
N ILE B 271 15.54 -10.82 -3.90
CA ILE B 271 16.27 -12.01 -3.45
C ILE B 271 15.37 -13.22 -3.21
N VAL B 272 15.78 -14.39 -3.70
CA VAL B 272 15.08 -15.63 -3.38
C VAL B 272 15.88 -16.42 -2.35
N PHE B 273 15.34 -16.50 -1.13
CA PHE B 273 16.08 -17.04 0.01
C PHE B 273 15.49 -18.34 0.52
N PHE B 274 16.37 -19.30 0.81
CA PHE B 274 15.95 -20.62 1.23
C PHE B 274 16.43 -20.95 2.64
N ASP B 275 15.48 -21.16 3.54
CA ASP B 275 15.79 -21.59 4.91
C ASP B 275 15.58 -23.10 5.03
N GLU B 276 16.45 -23.75 5.80
CA GLU B 276 16.44 -25.21 5.95
C GLU B 276 16.57 -25.93 4.61
N MET B 277 17.57 -25.52 3.85
CA MET B 277 17.88 -26.16 2.57
C MET B 277 18.47 -27.56 2.79
N ASP B 278 19.02 -27.77 3.99
CA ASP B 278 19.59 -29.06 4.37
C ASP B 278 18.55 -30.18 4.40
N SER B 279 17.27 -29.79 4.29
CA SER B 279 16.18 -30.76 4.22
C SER B 279 15.89 -31.18 2.77
N ILE B 280 16.72 -30.71 1.84
CA ILE B 280 16.62 -31.11 0.44
C ILE B 280 17.84 -31.93 -0.01
N PHE B 281 17.58 -33.24 -0.19
CA PHE B 281 18.49 -34.32 -0.62
C PHE B 281 18.19 -35.56 0.20
N VAL B 296 10.88 -34.27 -4.78
CA VAL B 296 12.32 -34.44 -4.74
C VAL B 296 12.99 -33.26 -5.49
N VAL B 297 14.31 -33.29 -5.58
CA VAL B 297 15.16 -32.13 -5.85
C VAL B 297 15.10 -31.37 -7.20
N PRO B 298 15.01 -32.08 -8.35
CA PRO B 298 15.62 -31.63 -9.61
C PRO B 298 15.32 -30.18 -10.07
N GLN B 299 14.06 -29.77 -10.01
CA GLN B 299 13.58 -28.57 -10.70
C GLN B 299 14.46 -27.33 -10.52
N LEU B 300 14.72 -26.99 -9.25
CA LEU B 300 15.47 -25.79 -8.89
C LEU B 300 16.79 -25.70 -9.64
N LEU B 301 17.44 -26.84 -9.85
CA LEU B 301 18.74 -26.88 -10.52
C LEU B 301 18.70 -26.17 -11.87
N SER B 302 17.64 -26.42 -12.62
CA SER B 302 17.49 -25.77 -13.92
C SER B 302 17.07 -24.30 -13.77
N GLU B 303 16.27 -24.02 -12.75
CA GLU B 303 15.71 -22.68 -12.57
C GLU B 303 16.75 -21.64 -12.20
N ILE B 304 17.79 -22.07 -11.48
CA ILE B 304 18.90 -21.18 -11.20
C ILE B 304 19.58 -20.81 -12.51
N ASP B 305 19.66 -21.78 -13.42
CA ASP B 305 20.18 -21.53 -14.76
C ASP B 305 19.12 -20.84 -15.60
N GLY B 306 17.88 -20.88 -15.12
CA GLY B 306 16.79 -20.19 -15.77
C GLY B 306 16.91 -18.70 -15.55
N VAL B 307 17.43 -18.33 -14.39
CA VAL B 307 17.65 -16.93 -14.07
C VAL B 307 19.10 -16.54 -14.37
N GLU B 308 19.87 -17.46 -14.93
CA GLU B 308 21.30 -17.27 -15.18
C GLU B 308 21.63 -16.00 -15.98
N GLY B 309 21.18 -15.94 -17.22
CA GLY B 309 21.43 -14.79 -18.08
C GLY B 309 20.90 -13.49 -17.52
N LEU B 310 20.02 -13.61 -16.52
CA LEU B 310 19.51 -12.44 -15.81
C LEU B 310 20.35 -12.21 -14.55
N GLU B 311 21.14 -11.15 -14.57
CA GLU B 311 22.01 -10.84 -13.44
C GLU B 311 21.20 -10.27 -12.28
N ASN B 312 20.09 -9.60 -12.62
CA ASN B 312 19.32 -8.78 -11.68
C ASN B 312 18.76 -9.53 -10.44
N VAL B 313 18.77 -10.86 -10.48
CA VAL B 313 18.24 -11.66 -9.38
C VAL B 313 19.32 -12.38 -8.57
N ILE B 314 19.21 -12.29 -7.24
CA ILE B 314 20.11 -12.97 -6.33
C ILE B 314 19.39 -14.09 -5.57
N VAL B 315 19.97 -15.29 -5.57
CA VAL B 315 19.39 -16.42 -4.84
C VAL B 315 20.27 -16.83 -3.66
N ILE B 316 19.78 -16.59 -2.46
CA ILE B 316 20.54 -16.89 -1.24
C ILE B 316 19.96 -18.13 -0.58
N GLY B 317 20.80 -18.91 0.10
CA GLY B 317 20.29 -20.06 0.81
C GLY B 317 21.07 -20.35 2.07
N ALA B 318 20.42 -21.03 3.00
CA ALA B 318 20.94 -21.18 4.35
C ALA B 318 20.84 -22.60 4.83
N SER B 319 21.96 -23.16 5.26
CA SER B 319 21.99 -24.53 5.72
C SER B 319 22.75 -24.65 7.03
N ASN B 320 22.09 -25.26 8.00
CA ASN B 320 22.67 -25.50 9.31
C ASN B 320 23.38 -26.85 9.27
N ARG B 321 23.13 -27.58 8.20
CA ARG B 321 23.88 -28.79 7.88
C ARG B 321 24.37 -28.67 6.43
N GLU B 322 25.66 -28.44 6.23
CA GLU B 322 26.17 -28.20 4.88
C GLU B 322 26.75 -29.47 4.28
N ASP B 323 26.79 -30.51 5.10
CA ASP B 323 27.33 -31.80 4.66
C ASP B 323 26.29 -32.55 3.84
N MET B 324 25.02 -32.23 4.07
CA MET B 324 23.91 -32.90 3.39
C MET B 324 23.65 -32.36 1.98
N ILE B 325 23.84 -31.05 1.81
CA ILE B 325 23.48 -30.38 0.55
C ILE B 325 24.13 -31.02 -0.66
N ASP B 326 23.32 -31.28 -1.68
CA ASP B 326 23.80 -31.86 -2.93
C ASP B 326 24.78 -30.92 -3.62
N PRO B 327 26.02 -31.39 -3.82
CA PRO B 327 27.13 -30.57 -4.32
C PRO B 327 26.84 -29.95 -5.69
N ALA B 328 25.83 -30.46 -6.38
CA ALA B 328 25.43 -29.94 -7.68
C ALA B 328 24.98 -28.48 -7.58
N ILE B 329 24.44 -28.10 -6.41
CA ILE B 329 23.98 -26.75 -6.20
C ILE B 329 25.15 -25.81 -5.91
N LEU B 330 26.25 -26.38 -5.41
CA LEU B 330 27.43 -25.61 -5.05
C LEU B 330 28.34 -25.28 -6.24
N ARG B 331 28.35 -26.16 -7.23
CA ARG B 331 29.25 -26.05 -8.37
C ARG B 331 29.04 -24.72 -9.11
N PRO B 332 30.12 -24.15 -9.68
CA PRO B 332 30.15 -22.78 -10.21
C PRO B 332 28.98 -22.42 -11.13
N GLY B 333 28.56 -21.18 -11.04
CA GLY B 333 27.46 -20.66 -11.86
C GLY B 333 26.14 -20.57 -11.12
N ARG B 334 25.97 -21.34 -10.06
CA ARG B 334 24.71 -21.32 -9.33
C ARG B 334 24.86 -20.62 -7.98
N LEU B 335 25.40 -21.32 -6.99
CA LEU B 335 25.81 -20.64 -5.76
C LEU B 335 27.33 -20.75 -5.70
N ASP B 336 27.99 -19.67 -6.09
CA ASP B 336 29.44 -19.66 -6.20
C ASP B 336 30.10 -19.33 -4.88
N VAL B 337 29.51 -18.40 -4.16
CA VAL B 337 30.07 -17.94 -2.91
C VAL B 337 29.46 -18.68 -1.73
N LYS B 338 30.32 -19.31 -0.93
CA LYS B 338 29.88 -20.02 0.27
C LYS B 338 30.46 -19.33 1.50
N ILE B 339 29.59 -18.78 2.35
CA ILE B 339 30.02 -18.00 3.50
C ILE B 339 29.75 -18.72 4.84
N LYS B 340 30.78 -18.82 5.68
CA LYS B 340 30.66 -19.54 6.95
C LYS B 340 30.16 -18.63 8.07
N ILE B 341 29.00 -19.01 8.60
CA ILE B 341 28.25 -18.25 9.60
C ILE B 341 28.63 -18.72 11.01
N GLU B 342 29.85 -19.24 11.12
CA GLU B 342 30.37 -19.87 12.34
C GLU B 342 30.02 -19.15 13.62
N ARG B 343 29.99 -19.92 14.71
CA ARG B 343 29.63 -19.45 16.04
C ARG B 343 30.47 -18.31 16.59
N PRO B 344 29.76 -17.37 17.32
CA PRO B 344 30.58 -16.25 17.82
C PRO B 344 31.57 -16.51 18.95
N ASP B 345 32.62 -15.69 18.89
CA ASP B 345 33.73 -15.60 19.83
C ASP B 345 33.32 -14.66 20.95
N ALA B 346 34.25 -14.35 21.84
CA ALA B 346 33.97 -13.50 22.99
C ALA B 346 33.43 -12.11 22.63
N GLU B 347 34.17 -11.39 21.80
CA GLU B 347 33.80 -10.01 21.46
C GLU B 347 32.57 -9.98 20.59
N ALA B 348 32.40 -11.02 19.79
CA ALA B 348 31.22 -11.13 18.95
C ALA B 348 29.99 -11.26 19.84
N ALA B 349 30.12 -12.06 20.90
CA ALA B 349 29.05 -12.19 21.88
C ALA B 349 28.78 -10.83 22.53
N GLN B 350 29.84 -10.11 22.89
CA GLN B 350 29.65 -8.77 23.45
C GLN B 350 28.77 -7.95 22.52
N ASP B 351 29.10 -7.99 21.23
CA ASP B 351 28.40 -7.18 20.25
C ASP B 351 26.93 -7.57 20.14
N ILE B 352 26.64 -8.87 20.18
CA ILE B 352 25.23 -9.29 20.16
C ILE B 352 24.50 -8.78 21.41
N TYR B 353 25.14 -8.98 22.56
CA TYR B 353 24.58 -8.53 23.83
C TYR B 353 24.25 -7.04 23.83
N SER B 354 25.08 -6.26 23.15
CA SER B 354 24.84 -4.83 23.01
C SER B 354 23.56 -4.59 22.22
N LYS B 355 23.29 -5.46 21.25
CA LYS B 355 22.10 -5.33 20.42
C LYS B 355 20.84 -5.64 21.22
N TYR B 356 20.88 -6.69 22.02
CA TYR B 356 19.70 -7.05 22.80
C TYR B 356 19.50 -6.20 24.07
N LEU B 357 20.58 -5.64 24.62
CA LEU B 357 20.43 -4.71 25.73
C LEU B 357 20.60 -3.27 25.26
N THR B 358 19.49 -2.54 25.18
CA THR B 358 19.50 -1.15 24.74
C THR B 358 19.41 -0.21 25.93
N GLU B 359 19.36 1.09 25.65
CA GLU B 359 19.17 2.09 26.69
C GLU B 359 17.74 2.01 27.24
N PHE B 360 16.91 1.22 26.57
CA PHE B 360 15.46 1.26 26.75
C PHE B 360 14.93 0.23 27.76
N LEU B 361 15.84 -0.56 28.34
CA LEU B 361 15.47 -1.47 29.42
C LEU B 361 15.58 -0.81 30.78
N PRO B 362 14.58 -1.01 31.64
CA PRO B 362 14.69 -0.53 33.03
C PRO B 362 15.83 -1.21 33.76
N VAL B 363 16.75 -0.44 34.32
CA VAL B 363 17.87 -1.05 35.03
C VAL B 363 17.79 -0.64 36.50
N HIS B 364 17.96 -1.61 37.39
CA HIS B 364 17.73 -1.40 38.81
C HIS B 364 18.59 -0.27 39.32
N ALA B 365 18.06 0.45 40.30
CA ALA B 365 18.71 1.61 40.90
C ALA B 365 20.18 1.35 41.22
N ASP B 366 20.40 0.39 42.11
CA ASP B 366 21.73 0.03 42.61
C ASP B 366 22.79 -0.16 41.53
N ASP B 367 22.39 -0.78 40.44
CA ASP B 367 23.33 -1.02 39.35
C ASP B 367 23.76 0.29 38.73
N LEU B 368 22.80 1.19 38.52
CA LEU B 368 23.09 2.53 37.99
C LEU B 368 23.88 3.37 39.00
N ALA B 369 23.70 3.05 40.28
CA ALA B 369 24.38 3.77 41.35
C ALA B 369 25.86 3.46 41.38
N GLU B 370 26.22 2.18 41.28
CA GLU B 370 27.64 1.82 41.30
C GLU B 370 28.42 2.51 40.17
N PHE B 371 27.75 2.77 39.06
CA PHE B 371 28.38 3.48 37.95
C PHE B 371 28.08 4.97 37.95
N ASP B 372 27.47 5.43 39.04
CA ASP B 372 27.28 6.85 39.31
C ASP B 372 26.31 7.48 38.32
N GLY B 373 25.27 6.74 37.97
CA GLY B 373 24.18 7.26 37.19
C GLY B 373 24.35 7.09 35.69
N ASP B 374 25.48 6.53 35.27
CA ASP B 374 25.77 6.43 33.85
C ASP B 374 25.26 5.09 33.30
N ARG B 375 24.19 5.15 32.52
CA ARG B 375 23.55 3.94 32.03
C ARG B 375 24.38 3.27 30.96
N SER B 376 24.80 4.03 29.96
CA SER B 376 25.59 3.49 28.86
C SER B 376 26.90 2.86 29.35
N ALA B 377 27.37 3.31 30.51
CA ALA B 377 28.52 2.69 31.16
C ALA B 377 28.09 1.41 31.87
N CYS B 378 26.96 1.50 32.55
CA CYS B 378 26.45 0.41 33.38
C CYS B 378 26.19 -0.84 32.56
N ILE B 379 25.49 -0.69 31.44
CA ILE B 379 25.13 -1.84 30.63
C ILE B 379 26.31 -2.34 29.80
N LYS B 380 27.24 -1.45 29.45
CA LYS B 380 28.47 -1.90 28.81
C LYS B 380 29.21 -2.82 29.74
N ALA B 381 29.30 -2.41 31.01
CA ALA B 381 29.99 -3.21 32.00
C ALA B 381 29.24 -4.51 32.27
N MET B 382 27.91 -4.45 32.31
CA MET B 382 27.09 -5.65 32.49
C MET B 382 27.45 -6.64 31.41
N ILE B 383 27.39 -6.19 30.16
CA ILE B 383 27.74 -7.02 29.02
C ILE B 383 29.12 -7.66 29.18
N GLU B 384 30.13 -6.84 29.45
CA GLU B 384 31.47 -7.35 29.71
C GLU B 384 31.46 -8.48 30.74
N LYS B 385 30.72 -8.30 31.82
CA LYS B 385 30.70 -9.27 32.90
C LYS B 385 29.97 -10.55 32.52
N VAL B 386 28.89 -10.46 31.74
CA VAL B 386 28.15 -11.67 31.41
C VAL B 386 28.89 -12.48 30.33
N VAL B 387 29.55 -11.79 29.39
CA VAL B 387 30.34 -12.46 28.36
C VAL B 387 31.53 -13.12 28.99
N ASP B 388 32.11 -12.42 29.94
CA ASP B 388 33.15 -12.96 30.78
C ASP B 388 32.69 -14.24 31.46
N ARG B 389 31.51 -14.19 32.07
CA ARG B 389 31.00 -15.32 32.83
C ARG B 389 30.71 -16.51 31.92
N MET B 390 30.28 -16.22 30.69
CA MET B 390 29.94 -17.27 29.73
C MET B 390 31.17 -17.96 29.12
N TYR B 391 32.12 -17.18 28.64
CA TYR B 391 33.25 -17.75 27.90
C TYR B 391 34.39 -18.20 28.79
N ALA B 392 34.21 -18.08 30.09
CA ALA B 392 35.19 -18.55 31.06
C ALA B 392 35.32 -20.06 31.00
N GLU B 393 36.51 -20.58 31.29
CA GLU B 393 36.64 -22.02 31.52
C GLU B 393 36.68 -22.27 33.02
N ILE B 394 35.57 -22.77 33.54
CA ILE B 394 35.40 -23.08 34.95
C ILE B 394 34.49 -24.30 35.03
N ASP B 395 34.54 -25.05 36.12
CA ASP B 395 33.87 -26.35 36.15
C ASP B 395 32.35 -26.22 36.17
N ASP B 396 31.86 -25.00 36.30
CA ASP B 396 30.43 -24.77 36.16
C ASP B 396 30.12 -24.54 34.69
N ASN B 397 31.16 -24.26 33.92
CA ASN B 397 31.00 -24.02 32.49
C ASN B 397 31.31 -25.25 31.64
N ARG B 398 31.62 -26.38 32.25
CA ARG B 398 31.89 -27.56 31.44
C ARG B 398 30.60 -27.89 30.69
N PHE B 399 30.70 -28.11 29.38
CA PHE B 399 29.52 -28.41 28.57
C PHE B 399 29.31 -29.89 28.23
N LEU B 400 30.35 -30.56 27.76
CA LEU B 400 30.29 -31.99 27.38
C LEU B 400 31.61 -32.68 27.53
N GLU B 401 31.58 -34.01 27.58
CA GLU B 401 32.78 -34.80 27.68
C GLU B 401 32.78 -35.80 26.52
N VAL B 402 33.68 -35.59 25.57
CA VAL B 402 33.71 -36.39 24.36
C VAL B 402 34.76 -37.49 24.50
N THR B 403 34.36 -38.71 24.18
CA THR B 403 35.23 -39.88 24.30
C THR B 403 35.52 -40.49 22.95
N TYR B 404 36.78 -40.45 22.53
CA TYR B 404 37.17 -40.86 21.18
C TYR B 404 37.52 -42.33 21.06
N ALA B 405 37.82 -42.75 19.83
CA ALA B 405 38.04 -44.15 19.52
C ALA B 405 39.38 -44.65 20.04
N ASN B 406 40.36 -43.75 20.18
CA ASN B 406 41.64 -44.14 20.76
C ASN B 406 41.63 -43.99 22.28
N GLY B 407 40.46 -43.67 22.83
CA GLY B 407 40.28 -43.66 24.27
C GLY B 407 40.54 -42.34 24.98
N ASP B 408 41.15 -41.38 24.29
CA ASP B 408 41.31 -40.04 24.84
C ASP B 408 39.95 -39.43 25.15
N LYS B 409 39.88 -38.60 26.18
CA LYS B 409 38.65 -37.89 26.46
C LYS B 409 38.93 -36.39 26.52
N GLU B 410 37.94 -35.60 26.13
CA GLU B 410 38.12 -34.17 26.01
C GLU B 410 36.90 -33.41 26.48
N VAL B 411 37.10 -32.42 27.34
CA VAL B 411 35.99 -31.67 27.90
C VAL B 411 35.67 -30.45 27.03
N MET B 412 34.40 -30.29 26.70
CA MET B 412 33.93 -29.18 25.91
C MET B 412 33.24 -28.14 26.79
N TYR B 413 33.57 -26.87 26.55
CA TYR B 413 33.04 -25.75 27.31
C TYR B 413 32.02 -24.97 26.50
N PHE B 414 31.07 -24.36 27.19
CA PHE B 414 30.01 -23.61 26.54
C PHE B 414 30.52 -22.48 25.64
N LYS B 415 31.73 -21.98 25.91
CA LYS B 415 32.33 -20.98 25.05
C LYS B 415 32.37 -21.47 23.60
N ASP B 416 32.60 -22.76 23.41
CA ASP B 416 32.66 -23.35 22.08
C ASP B 416 31.28 -23.59 21.48
N PHE B 417 30.27 -23.70 22.33
CA PHE B 417 28.90 -23.96 21.89
C PHE B 417 27.95 -22.77 21.90
N ASN B 418 28.47 -21.57 22.16
CA ASN B 418 27.62 -20.40 22.22
C ASN B 418 26.99 -20.07 20.87
N SER B 419 25.85 -19.40 20.89
CA SER B 419 25.20 -18.95 19.67
C SER B 419 24.33 -17.72 19.93
N GLY B 420 23.98 -17.01 18.87
CA GLY B 420 23.03 -15.91 18.97
C GLY B 420 21.75 -16.31 19.69
N ALA B 421 21.23 -17.49 19.37
CA ALA B 421 19.95 -17.94 19.92
C ALA B 421 20.03 -18.16 21.43
N MET B 422 21.21 -18.54 21.88
CA MET B 422 21.46 -18.69 23.30
C MET B 422 21.61 -17.32 23.93
N ILE B 423 22.28 -16.41 23.23
CA ILE B 423 22.44 -15.05 23.72
C ILE B 423 21.06 -14.50 24.05
N GLN B 424 20.19 -14.53 23.05
CA GLN B 424 18.83 -14.05 23.24
C GLN B 424 18.12 -14.82 24.34
N ASN B 425 18.35 -16.13 24.42
CA ASN B 425 17.72 -16.91 25.49
C ASN B 425 18.06 -16.41 26.89
N VAL B 426 19.34 -16.13 27.09
CA VAL B 426 19.82 -15.56 28.32
C VAL B 426 19.12 -14.24 28.58
N VAL B 427 19.22 -13.33 27.62
CA VAL B 427 18.57 -12.02 27.75
C VAL B 427 17.12 -12.19 28.20
N ASP B 428 16.30 -12.80 27.35
CA ASP B 428 14.87 -13.00 27.61
C ASP B 428 14.57 -13.61 28.97
N ARG B 429 15.41 -14.55 29.37
CA ARG B 429 15.26 -15.10 30.71
C ARG B 429 15.51 -14.02 31.76
N ALA B 430 16.48 -13.15 31.48
CA ALA B 430 16.87 -12.12 32.44
C ALA B 430 15.78 -11.07 32.54
N LYS B 431 15.11 -10.81 31.43
CA LYS B 431 13.97 -9.92 31.44
C LYS B 431 12.87 -10.53 32.29
N LYS B 432 12.65 -11.84 32.15
CA LYS B 432 11.65 -12.50 33.01
C LYS B 432 12.03 -12.39 34.49
N ASN B 433 13.31 -12.47 34.78
CA ASN B 433 13.79 -12.30 36.15
C ASN B 433 13.54 -10.87 36.66
N ALA B 434 13.67 -9.90 35.76
CA ALA B 434 13.43 -8.51 36.11
C ALA B 434 11.96 -8.28 36.42
N ILE B 435 11.08 -8.80 35.55
CA ILE B 435 9.64 -8.76 35.80
C ILE B 435 9.29 -9.36 37.16
N LYS B 436 9.72 -10.60 37.36
CA LYS B 436 9.47 -11.28 38.63
C LYS B 436 10.06 -10.50 39.81
N SER B 437 11.11 -9.74 39.53
CA SER B 437 11.70 -8.91 40.57
C SER B 437 10.73 -7.79 40.89
N VAL B 438 10.26 -7.09 39.86
CA VAL B 438 9.26 -6.04 40.02
C VAL B 438 8.11 -6.52 40.89
N LEU B 439 7.64 -7.74 40.61
CA LEU B 439 6.47 -8.23 41.29
C LEU B 439 6.77 -8.61 42.73
N GLU B 440 7.82 -9.39 42.93
CA GLU B 440 8.26 -9.75 44.27
C GLU B 440 8.98 -8.61 45.03
N THR B 441 9.87 -7.93 44.31
CA THR B 441 10.73 -6.85 44.83
C THR B 441 10.19 -5.49 45.30
N GLY B 442 9.25 -4.90 44.57
CA GLY B 442 8.72 -3.59 44.93
C GLY B 442 9.52 -2.43 44.34
N GLN B 443 10.60 -2.77 43.65
CA GLN B 443 11.47 -1.82 42.96
C GLN B 443 11.66 -2.24 41.50
N PRO B 444 11.49 -1.30 40.55
CA PRO B 444 11.66 -1.55 39.13
C PRO B 444 13.10 -1.70 38.71
N GLY B 445 13.33 -2.29 37.54
CA GLY B 445 14.65 -2.37 36.95
C GLY B 445 15.32 -3.74 36.97
N LEU B 446 16.18 -3.93 35.97
CA LEU B 446 16.94 -5.17 35.77
C LEU B 446 18.36 -5.05 36.32
N ARG B 447 18.78 -6.02 37.13
CA ARG B 447 20.15 -5.98 37.63
C ARG B 447 21.02 -7.16 37.19
N ILE B 448 22.34 -6.96 37.25
CA ILE B 448 23.34 -7.92 36.80
C ILE B 448 23.11 -9.34 37.37
N GLN B 449 22.62 -9.40 38.61
CA GLN B 449 22.33 -10.68 39.22
C GLN B 449 21.35 -11.48 38.36
N HIS B 450 20.31 -10.83 37.86
CA HIS B 450 19.36 -11.47 36.96
C HIS B 450 20.03 -12.05 35.72
N LEU B 451 21.07 -11.38 35.24
CA LEU B 451 21.75 -11.82 34.03
C LEU B 451 22.57 -13.07 34.27
N LEU B 452 23.38 -13.02 35.32
CA LEU B 452 24.25 -14.15 35.62
C LEU B 452 23.40 -15.36 36.01
N ASP B 453 22.47 -15.16 36.94
CA ASP B 453 21.51 -16.21 37.32
C ASP B 453 20.72 -16.73 36.11
N SER B 454 20.61 -15.93 35.07
CA SER B 454 20.01 -16.42 33.84
C SER B 454 20.98 -17.27 33.02
N ILE B 455 22.26 -16.91 33.02
CA ILE B 455 23.27 -17.67 32.30
C ILE B 455 23.42 -19.08 32.86
N VAL B 456 23.42 -19.18 34.19
CA VAL B 456 23.61 -20.50 34.81
C VAL B 456 22.42 -21.43 34.52
N ASP B 457 21.21 -20.89 34.60
CA ASP B 457 20.01 -21.64 34.25
C ASP B 457 20.05 -22.07 32.81
N GLU B 458 20.30 -21.11 31.94
CA GLU B 458 20.37 -21.37 30.52
C GLU B 458 21.35 -22.52 30.23
N PHE B 459 22.48 -22.53 30.94
CA PHE B 459 23.45 -23.61 30.78
C PHE B 459 22.91 -24.95 31.29
N ALA B 460 22.23 -24.94 32.43
CA ALA B 460 21.64 -26.16 32.97
C ALA B 460 20.64 -26.75 31.96
N GLU B 461 19.89 -25.85 31.34
CA GLU B 461 18.88 -26.30 30.40
C GLU B 461 19.53 -27.05 29.27
N ASN B 462 20.56 -26.46 28.65
CA ASN B 462 21.30 -27.12 27.58
C ASN B 462 21.98 -28.42 28.01
N GLU B 463 22.31 -28.56 29.29
CA GLU B 463 23.01 -29.75 29.73
C GLU B 463 22.01 -30.88 29.83
N ASP B 464 20.80 -30.53 30.22
CA ASP B 464 19.77 -31.55 30.32
C ASP B 464 19.20 -31.86 28.94
N LEU B 465 18.93 -30.82 28.15
CA LEU B 465 18.36 -31.04 26.83
C LEU B 465 19.19 -30.35 25.75
N PRO B 466 20.29 -31.00 25.33
CA PRO B 466 21.23 -30.41 24.35
C PRO B 466 20.83 -30.61 22.89
N ASN B 467 19.62 -30.22 22.52
CA ASN B 467 19.19 -30.31 21.13
C ASN B 467 19.82 -29.21 20.27
N THR B 468 20.52 -28.30 20.93
CA THR B 468 21.29 -27.25 20.27
C THR B 468 22.36 -27.82 19.33
N THR B 469 22.94 -28.94 19.74
CA THR B 469 24.00 -29.60 18.98
C THR B 469 23.44 -30.33 17.76
N ASN B 470 24.23 -30.37 16.69
CA ASN B 470 23.87 -31.10 15.48
C ASN B 470 25.10 -31.86 14.96
N PRO B 471 24.95 -32.70 13.90
CA PRO B 471 26.10 -33.48 13.42
C PRO B 471 27.28 -32.65 12.89
N ASP B 472 26.98 -31.49 12.30
CA ASP B 472 28.03 -30.57 11.85
C ASP B 472 29.05 -30.32 12.98
N ASP B 473 28.54 -30.19 14.20
CA ASP B 473 29.40 -30.02 15.36
C ASP B 473 30.31 -31.23 15.59
N TRP B 474 29.75 -32.42 15.69
CA TRP B 474 30.57 -33.60 15.96
C TRP B 474 31.59 -33.81 14.85
N ALA B 475 31.22 -33.44 13.63
CA ALA B 475 32.15 -33.51 12.50
C ALA B 475 33.32 -32.57 12.75
N ARG B 476 33.02 -31.40 13.29
CA ARG B 476 34.05 -30.39 13.58
C ARG B 476 34.99 -30.82 14.71
N ILE B 477 34.41 -31.37 15.77
CA ILE B 477 35.18 -31.82 16.93
C ILE B 477 36.07 -33.01 16.56
N SER B 478 35.46 -34.03 15.97
CA SER B 478 36.18 -35.23 15.56
C SER B 478 37.25 -34.89 14.55
N GLY B 479 36.93 -33.95 13.66
CA GLY B 479 37.89 -33.47 12.68
C GLY B 479 39.08 -32.78 13.32
N LYS B 480 38.83 -32.01 14.36
CA LYS B 480 39.93 -31.37 15.04
C LYS B 480 40.83 -32.43 15.68
N LYS B 481 40.22 -33.34 16.43
CA LYS B 481 40.98 -34.39 17.11
C LYS B 481 41.55 -35.41 16.13
N GLY B 482 40.85 -35.60 15.01
CA GLY B 482 41.30 -36.50 13.97
C GLY B 482 40.99 -37.95 14.28
N GLU B 483 40.03 -38.13 15.18
CA GLU B 483 39.58 -39.43 15.65
C GLU B 483 38.06 -39.53 15.70
N ARG B 484 37.57 -40.75 15.57
CA ARG B 484 36.15 -41.05 15.67
C ARG B 484 35.61 -40.80 17.08
N ILE B 485 34.42 -40.23 17.19
CA ILE B 485 33.83 -40.02 18.51
C ILE B 485 32.93 -41.20 18.87
N VAL B 486 33.34 -42.00 19.86
CA VAL B 486 32.55 -43.16 20.26
C VAL B 486 31.56 -42.93 21.42
N TYR B 487 31.73 -41.86 22.18
CA TYR B 487 30.80 -41.60 23.29
C TYR B 487 30.70 -40.13 23.65
N ILE B 488 29.51 -39.67 24.00
CA ILE B 488 29.27 -38.27 24.36
C ILE B 488 28.27 -38.17 25.48
N ARG B 489 28.59 -37.37 26.50
CA ARG B 489 27.67 -37.13 27.60
C ARG B 489 27.83 -35.71 28.12
N THR B 490 26.73 -35.11 28.55
CA THR B 490 26.77 -33.75 29.09
C THR B 490 27.23 -33.77 30.53
N LEU B 491 27.83 -32.67 30.99
CA LEU B 491 28.31 -32.60 32.35
C LEU B 491 27.57 -31.54 33.15
N VAL B 492 27.16 -31.92 34.35
CA VAL B 492 26.39 -31.04 35.21
C VAL B 492 27.15 -30.69 36.49
N THR B 493 26.87 -29.51 37.02
CA THR B 493 27.56 -29.01 38.21
C THR B 493 27.01 -29.60 39.51
N GLY B 494 25.94 -30.37 39.40
CA GLY B 494 25.33 -31.02 40.55
C GLY B 494 24.42 -30.12 41.35
N LYS B 495 24.50 -28.81 41.12
CA LYS B 495 23.76 -27.83 41.90
C LYS B 495 22.30 -27.70 41.47
N SER B 496 22.01 -28.05 40.22
CA SER B 496 20.69 -27.78 39.66
C SER B 496 19.89 -29.06 39.46
N SER B 497 18.67 -28.90 38.95
CA SER B 497 17.78 -30.03 38.69
C SER B 497 18.21 -30.81 37.46
N SER B 498 19.22 -30.30 36.76
CA SER B 498 19.78 -30.94 35.58
C SER B 498 20.68 -32.11 35.97
N ALA B 499 20.82 -33.09 35.08
CA ALA B 499 21.74 -34.20 35.28
C ALA B 499 22.36 -34.64 33.95
N SER B 500 23.51 -35.32 34.02
CA SER B 500 24.20 -35.79 32.83
C SER B 500 23.29 -36.64 31.96
N ARG B 501 23.50 -36.61 30.65
CA ARG B 501 22.85 -37.58 29.77
C ARG B 501 23.76 -38.00 28.63
N ALA B 502 23.76 -39.29 28.34
CA ALA B 502 24.45 -39.78 27.18
C ALA B 502 23.70 -39.26 25.96
N ILE B 503 24.42 -38.88 24.91
CA ILE B 503 23.79 -38.47 23.66
C ILE B 503 24.27 -39.38 22.53
N ASP B 504 23.40 -39.72 21.58
CA ASP B 504 23.86 -40.51 20.45
C ASP B 504 23.96 -39.66 19.19
N THR B 505 25.02 -39.87 18.44
CA THR B 505 25.26 -39.13 17.20
C THR B 505 24.40 -39.67 16.05
N PRO C 2 -35.35 -21.94 -36.35
CA PRO C 2 -34.72 -22.56 -35.18
C PRO C 2 -34.45 -24.04 -35.41
N SER C 3 -33.17 -24.39 -35.57
CA SER C 3 -32.83 -25.76 -35.95
C SER C 3 -31.62 -26.29 -35.17
N GLY C 4 -31.45 -27.61 -35.19
CA GLY C 4 -30.43 -28.26 -34.37
C GLY C 4 -29.23 -28.77 -35.13
N TYR C 5 -28.35 -29.47 -34.42
CA TYR C 5 -27.14 -30.06 -35.01
C TYR C 5 -27.06 -31.55 -34.74
N GLY C 6 -26.21 -32.23 -35.51
CA GLY C 6 -25.98 -33.65 -35.30
C GLY C 6 -24.64 -34.09 -35.85
N VAL C 7 -24.30 -35.36 -35.66
CA VAL C 7 -23.04 -35.85 -36.21
C VAL C 7 -23.26 -36.93 -37.26
N LEU C 8 -22.76 -36.66 -38.47
CA LEU C 8 -22.83 -37.61 -39.57
C LEU C 8 -21.91 -38.80 -39.34
N LEU C 9 -22.46 -40.02 -39.35
CA LEU C 9 -21.65 -41.24 -39.15
C LEU C 9 -21.32 -42.00 -40.44
N ALA C 10 -22.34 -42.35 -41.24
CA ALA C 10 -22.11 -42.99 -42.52
C ALA C 10 -22.93 -42.31 -43.62
N THR C 11 -22.37 -42.28 -44.83
CA THR C 11 -23.05 -41.68 -45.98
C THR C 11 -23.60 -42.75 -46.93
N HIS C 12 -24.86 -42.57 -47.34
CA HIS C 12 -25.50 -43.52 -48.24
C HIS C 12 -25.80 -42.87 -49.58
N ASP C 13 -25.87 -43.69 -50.63
CA ASP C 13 -25.93 -43.22 -52.01
C ASP C 13 -27.27 -42.58 -52.41
N ASP C 14 -28.33 -42.91 -51.68
CA ASP C 14 -29.68 -42.49 -52.03
C ASP C 14 -30.05 -41.14 -51.42
N ASP C 15 -29.05 -40.48 -50.82
CA ASP C 15 -29.13 -39.17 -50.17
C ASP C 15 -29.56 -39.30 -48.72
N THR C 16 -29.90 -40.51 -48.31
CA THR C 16 -30.16 -40.77 -46.90
C THR C 16 -28.83 -40.78 -46.16
N VAL C 17 -28.82 -40.17 -44.97
CA VAL C 17 -27.60 -40.05 -44.20
C VAL C 17 -27.84 -40.44 -42.75
N ASP C 18 -26.91 -41.20 -42.18
CA ASP C 18 -26.99 -41.64 -40.80
C ASP C 18 -26.49 -40.56 -39.85
N VAL C 19 -27.37 -40.08 -38.98
CA VAL C 19 -27.03 -39.00 -38.07
C VAL C 19 -27.25 -39.39 -36.61
N PHE C 20 -26.21 -39.18 -35.81
CA PHE C 20 -26.34 -39.33 -34.36
C PHE C 20 -26.68 -37.98 -33.77
N THR C 21 -27.88 -37.88 -33.20
CA THR C 21 -28.35 -36.64 -32.61
C THR C 21 -29.25 -36.89 -31.39
N SER C 22 -29.04 -36.10 -30.34
CA SER C 22 -29.90 -36.11 -29.15
C SER C 22 -30.19 -37.52 -28.66
N GLY C 23 -29.13 -38.30 -28.44
CA GLY C 23 -29.30 -39.72 -28.17
C GLY C 23 -29.11 -40.55 -29.41
N ARG C 24 -29.74 -41.73 -29.43
CA ARG C 24 -29.32 -42.79 -30.34
C ARG C 24 -29.81 -42.70 -31.80
N LYS C 25 -28.86 -42.46 -32.71
CA LYS C 25 -28.76 -43.02 -34.07
C LYS C 25 -29.89 -42.97 -35.15
N MET C 26 -30.44 -41.81 -35.49
CA MET C 26 -31.51 -41.80 -36.49
C MET C 26 -31.00 -41.50 -37.91
N ARG C 27 -31.64 -42.13 -38.89
CA ARG C 27 -31.26 -41.97 -40.30
C ARG C 27 -32.24 -41.07 -41.04
N LEU C 28 -31.74 -40.01 -41.65
CA LEU C 28 -32.60 -38.98 -42.21
C LEU C 28 -32.37 -38.76 -43.70
N THR C 29 -33.13 -37.83 -44.28
CA THR C 29 -32.99 -37.50 -45.70
C THR C 29 -32.34 -36.13 -45.89
N CYS C 30 -31.48 -36.02 -46.90
CA CYS C 30 -30.77 -34.77 -47.19
C CYS C 30 -31.58 -33.82 -48.07
N SER C 31 -31.51 -32.53 -47.74
CA SER C 31 -32.12 -31.48 -48.55
C SER C 31 -31.38 -31.37 -49.88
N PRO C 32 -32.09 -30.92 -50.93
CA PRO C 32 -31.44 -30.70 -52.23
C PRO C 32 -30.22 -29.80 -52.16
N ASN C 33 -30.31 -28.68 -51.46
CA ASN C 33 -29.21 -27.71 -51.37
C ASN C 33 -27.86 -28.36 -51.06
N ILE C 34 -27.86 -29.36 -50.20
CA ILE C 34 -26.62 -29.96 -49.70
C ILE C 34 -26.24 -31.25 -50.43
N ASP C 35 -24.95 -31.44 -50.64
CA ASP C 35 -24.42 -32.60 -51.34
C ASP C 35 -24.11 -33.73 -50.36
N ALA C 36 -24.50 -34.95 -50.71
CA ALA C 36 -24.21 -36.12 -49.89
C ALA C 36 -22.81 -36.69 -50.18
N ALA C 37 -22.25 -36.31 -51.32
CA ALA C 37 -20.94 -36.83 -51.73
C ALA C 37 -19.80 -36.10 -51.04
N SER C 38 -19.93 -34.79 -50.87
CA SER C 38 -18.86 -33.96 -50.35
C SER C 38 -18.88 -33.88 -48.82
N LEU C 39 -19.78 -34.62 -48.20
CA LEU C 39 -19.87 -34.68 -46.75
C LEU C 39 -18.75 -35.53 -46.17
N LYS C 40 -18.36 -35.21 -44.94
CA LYS C 40 -17.27 -35.90 -44.26
C LYS C 40 -17.76 -36.61 -43.01
N LYS C 41 -17.15 -37.76 -42.72
CA LYS C 41 -17.52 -38.54 -41.54
C LYS C 41 -17.15 -37.82 -40.26
N GLY C 42 -18.09 -37.73 -39.32
CA GLY C 42 -17.85 -37.08 -38.05
C GLY C 42 -18.06 -35.57 -38.10
N GLN C 43 -18.10 -35.05 -39.32
CA GLN C 43 -18.38 -33.64 -39.56
C GLN C 43 -19.72 -33.24 -38.97
N THR C 44 -19.74 -32.16 -38.20
CA THR C 44 -20.97 -31.71 -37.59
C THR C 44 -21.92 -31.21 -38.67
N VAL C 45 -23.09 -31.85 -38.75
CA VAL C 45 -24.11 -31.48 -39.73
C VAL C 45 -25.26 -30.78 -39.03
N ARG C 46 -26.25 -30.37 -39.81
CA ARG C 46 -27.32 -29.56 -39.28
C ARG C 46 -28.69 -30.01 -39.75
N LEU C 47 -29.65 -29.95 -38.83
CA LEU C 47 -30.99 -30.49 -39.08
C LEU C 47 -32.08 -29.45 -38.84
N ASN C 48 -32.96 -29.28 -39.82
CA ASN C 48 -34.12 -28.43 -39.66
C ASN C 48 -35.19 -29.15 -38.86
N GLU C 49 -36.31 -28.48 -38.61
CA GLU C 49 -37.36 -29.02 -37.75
C GLU C 49 -37.92 -30.34 -38.30
N ALA C 50 -37.81 -30.52 -39.62
CA ALA C 50 -38.36 -31.69 -40.30
C ALA C 50 -37.35 -32.84 -40.36
N LEU C 51 -36.21 -32.66 -39.69
CA LEU C 51 -35.14 -33.66 -39.62
C LEU C 51 -34.54 -33.94 -41.00
N THR C 52 -34.31 -32.88 -41.76
CA THR C 52 -33.61 -32.98 -43.02
C THR C 52 -32.26 -32.29 -42.87
N VAL C 53 -31.20 -32.85 -43.44
CA VAL C 53 -29.90 -32.21 -43.28
C VAL C 53 -29.87 -31.03 -44.23
N VAL C 54 -29.87 -29.82 -43.66
CA VAL C 54 -29.96 -28.63 -44.48
C VAL C 54 -28.64 -27.92 -44.78
N GLU C 55 -27.58 -28.27 -44.04
CA GLU C 55 -26.28 -27.65 -44.28
C GLU C 55 -25.14 -28.46 -43.67
N ALA C 56 -23.92 -28.19 -44.15
CA ALA C 56 -22.72 -28.83 -43.61
C ALA C 56 -22.02 -27.88 -42.66
N GLY C 57 -20.89 -28.31 -42.08
CA GLY C 57 -20.17 -27.49 -41.13
C GLY C 57 -18.80 -28.06 -40.73
N THR C 58 -18.25 -27.55 -39.64
CA THR C 58 -16.96 -28.02 -39.12
C THR C 58 -17.13 -29.29 -38.26
N PHE C 59 -16.11 -29.61 -37.49
CA PHE C 59 -16.13 -30.76 -36.58
C PHE C 59 -16.16 -30.29 -35.13
N GLU C 60 -16.66 -31.12 -34.22
CA GLU C 60 -16.77 -30.72 -32.81
C GLU C 60 -15.40 -30.41 -32.21
N ALA C 61 -15.26 -29.21 -31.64
CA ALA C 61 -14.02 -28.81 -31.00
C ALA C 61 -13.86 -29.26 -29.54
N VAL C 62 -14.95 -29.23 -28.77
CA VAL C 62 -14.86 -29.50 -27.34
C VAL C 62 -15.50 -30.83 -26.96
N GLY C 63 -14.93 -31.47 -25.94
CA GLY C 63 -15.39 -32.77 -25.48
C GLY C 63 -14.36 -33.47 -24.62
N GLU C 64 -14.49 -34.79 -24.51
CA GLU C 64 -13.58 -35.59 -23.69
C GLU C 64 -12.26 -35.85 -24.43
N ILE C 65 -11.20 -36.05 -23.65
CA ILE C 65 -9.90 -36.37 -24.19
C ILE C 65 -9.49 -37.80 -23.84
N SER C 66 -9.07 -38.56 -24.85
CA SER C 66 -8.63 -39.94 -24.64
C SER C 66 -7.36 -40.23 -25.43
N THR C 67 -6.39 -40.84 -24.76
CA THR C 67 -5.12 -41.18 -25.39
C THR C 67 -5.28 -42.31 -26.38
N LEU C 68 -4.58 -42.26 -27.52
CA LEU C 68 -4.76 -43.30 -28.52
C LEU C 68 -3.79 -44.48 -28.46
N ARG C 69 -4.28 -45.60 -27.95
CA ARG C 69 -3.52 -46.83 -27.84
C ARG C 69 -3.15 -47.50 -29.17
N GLU C 70 -4.11 -47.57 -30.09
CA GLU C 70 -3.88 -48.22 -31.38
C GLU C 70 -4.81 -47.83 -32.54
N ILE C 71 -4.40 -48.19 -33.75
CA ILE C 71 -5.13 -47.93 -34.98
C ILE C 71 -5.88 -49.20 -35.35
N LEU C 72 -5.42 -50.31 -34.79
CA LEU C 72 -5.97 -51.67 -34.97
C LEU C 72 -6.23 -52.05 -36.42
N ALA C 73 -7.33 -52.76 -36.64
CA ALA C 73 -7.70 -53.28 -37.96
C ALA C 73 -8.40 -52.25 -38.83
N ASP C 74 -8.20 -52.39 -40.14
CA ASP C 74 -8.88 -51.60 -41.18
C ASP C 74 -8.32 -50.18 -41.30
N GLY C 75 -7.54 -49.75 -40.32
CA GLY C 75 -6.80 -48.52 -40.44
C GLY C 75 -7.44 -47.24 -39.90
N HIS C 76 -8.74 -47.28 -39.65
CA HIS C 76 -9.43 -46.10 -39.14
C HIS C 76 -9.76 -46.23 -37.65
N ARG C 77 -10.73 -47.08 -37.32
CA ARG C 77 -11.26 -47.16 -35.96
C ARG C 77 -10.14 -47.26 -34.92
N ALA C 78 -10.23 -46.42 -33.90
CA ALA C 78 -9.18 -46.30 -32.90
C ALA C 78 -9.56 -46.96 -31.57
N LEU C 79 -8.60 -47.69 -31.02
CA LEU C 79 -8.68 -48.20 -29.66
C LEU C 79 -8.02 -47.16 -28.77
N VAL C 80 -8.84 -46.54 -27.93
CA VAL C 80 -8.39 -45.45 -27.07
C VAL C 80 -8.70 -45.74 -25.61
N VAL C 81 -7.95 -45.10 -24.72
CA VAL C 81 -8.09 -45.30 -23.28
C VAL C 81 -8.46 -43.98 -22.60
N GLY C 82 -9.42 -44.04 -21.69
CA GLY C 82 -9.89 -42.86 -20.99
C GLY C 82 -9.20 -42.61 -19.66
N HIS C 83 -9.93 -41.98 -18.75
CA HIS C 83 -9.41 -41.63 -17.43
C HIS C 83 -9.39 -42.80 -16.46
N ALA C 84 -10.42 -43.64 -16.55
CA ALA C 84 -10.67 -44.68 -15.57
C ALA C 84 -9.98 -45.99 -15.93
N ASP C 85 -9.13 -45.94 -16.96
CA ASP C 85 -8.54 -47.12 -17.61
C ASP C 85 -9.63 -47.89 -18.34
N GLU C 86 -10.64 -47.17 -18.82
CA GLU C 86 -11.69 -47.75 -19.64
C GLU C 86 -11.22 -47.76 -21.10
N GLU C 87 -11.54 -48.83 -21.80
CA GLU C 87 -11.09 -48.97 -23.19
C GLU C 87 -12.27 -48.81 -24.15
N ARG C 88 -12.06 -48.07 -25.23
CA ARG C 88 -13.15 -47.67 -26.11
C ARG C 88 -12.74 -47.65 -27.59
N VAL C 89 -13.60 -48.17 -28.45
CA VAL C 89 -13.36 -48.11 -29.89
C VAL C 89 -14.20 -46.99 -30.51
N VAL C 90 -13.55 -46.07 -31.21
CA VAL C 90 -14.27 -44.97 -31.85
C VAL C 90 -13.86 -44.77 -33.30
N TRP C 91 -14.75 -44.22 -34.12
CA TRP C 91 -14.42 -43.91 -35.51
C TRP C 91 -13.39 -42.79 -35.57
N LEU C 92 -12.68 -42.70 -36.69
CA LEU C 92 -11.85 -41.53 -36.95
C LEU C 92 -12.54 -40.59 -37.93
N ALA C 93 -12.68 -39.33 -37.53
CA ALA C 93 -13.19 -38.31 -38.43
C ALA C 93 -12.19 -38.07 -39.55
N ASP C 94 -12.67 -37.49 -40.65
CA ASP C 94 -11.86 -37.26 -41.85
C ASP C 94 -10.50 -36.56 -41.64
N PRO C 95 -10.44 -35.47 -40.83
CA PRO C 95 -9.15 -34.77 -40.75
C PRO C 95 -8.02 -35.58 -40.11
N LEU C 96 -8.35 -36.63 -39.37
CA LEU C 96 -7.33 -37.47 -38.77
C LEU C 96 -6.69 -38.37 -39.82
N ILE C 97 -7.50 -39.23 -40.43
CA ILE C 97 -7.00 -40.21 -41.40
C ILE C 97 -6.41 -39.58 -42.66
N ALA C 98 -6.54 -38.26 -42.79
CA ALA C 98 -6.17 -37.53 -44.00
C ALA C 98 -4.76 -37.89 -44.48
N GLU C 99 -4.65 -38.17 -45.77
CA GLU C 99 -3.40 -38.59 -46.37
C GLU C 99 -2.59 -37.38 -46.82
N ASP C 100 -3.07 -36.19 -46.48
CA ASP C 100 -2.40 -34.94 -46.82
C ASP C 100 -1.49 -34.45 -45.70
N LEU C 101 -1.41 -35.23 -44.61
CA LEU C 101 -0.64 -34.85 -43.43
C LEU C 101 0.71 -35.57 -43.38
N PRO C 102 1.81 -34.80 -43.40
CA PRO C 102 3.16 -35.37 -43.43
C PRO C 102 3.75 -35.62 -42.04
N ASP C 103 4.97 -36.17 -42.00
CA ASP C 103 5.67 -36.40 -40.74
C ASP C 103 6.39 -35.14 -40.27
N THR C 113 2.82 -30.07 -32.37
CA THR C 113 2.52 -28.66 -32.49
C THR C 113 1.87 -28.36 -33.83
N ARG C 114 2.36 -29.03 -34.87
CA ARG C 114 1.90 -28.79 -36.24
C ARG C 114 1.32 -30.08 -36.82
N PRO C 115 0.48 -29.97 -37.86
CA PRO C 115 -0.24 -31.14 -38.40
C PRO C 115 0.66 -32.34 -38.72
N ARG C 116 0.23 -33.51 -38.26
CA ARG C 116 0.98 -34.74 -38.41
C ARG C 116 0.05 -35.96 -38.41
N LYS C 117 0.65 -37.16 -38.38
CA LYS C 117 -0.12 -38.39 -38.29
C LYS C 117 -0.19 -38.90 -36.86
N LEU C 118 -0.85 -40.04 -36.65
CA LEU C 118 -1.19 -40.50 -35.32
C LEU C 118 -0.43 -41.77 -34.89
N ARG C 119 0.10 -41.74 -33.68
CA ARG C 119 0.80 -42.88 -33.09
C ARG C 119 0.47 -42.98 -31.59
N PRO C 120 0.66 -44.16 -30.97
CA PRO C 120 0.33 -44.36 -29.55
C PRO C 120 0.90 -43.29 -28.61
N GLY C 121 0.15 -42.96 -27.58
CA GLY C 121 0.56 -41.95 -26.61
C GLY C 121 -0.07 -40.59 -26.87
N ASP C 122 -0.48 -40.36 -28.11
CA ASP C 122 -1.09 -39.09 -28.51
C ASP C 122 -2.48 -38.94 -27.92
N SER C 123 -2.89 -37.71 -27.63
CA SER C 123 -4.21 -37.46 -27.06
C SER C 123 -5.21 -36.98 -28.11
N LEU C 124 -6.37 -37.63 -28.14
CA LEU C 124 -7.40 -37.32 -29.13
C LEU C 124 -8.68 -36.76 -28.50
N LEU C 125 -9.33 -35.86 -29.21
CA LEU C 125 -10.61 -35.32 -28.79
C LEU C 125 -11.75 -36.15 -29.33
N VAL C 126 -12.58 -36.69 -28.44
CA VAL C 126 -13.62 -37.63 -28.86
C VAL C 126 -15.00 -37.24 -28.33
N ASP C 127 -16.04 -37.72 -29.01
CA ASP C 127 -17.39 -37.70 -28.48
C ASP C 127 -17.81 -39.15 -28.26
N THR C 128 -17.86 -39.56 -27.00
CA THR C 128 -18.05 -40.97 -26.66
C THR C 128 -19.46 -41.45 -26.96
N LYS C 129 -20.38 -40.51 -27.15
CA LYS C 129 -21.76 -40.85 -27.52
C LYS C 129 -21.83 -41.24 -28.98
N ALA C 130 -21.20 -40.45 -29.84
CA ALA C 130 -21.21 -40.68 -31.28
C ALA C 130 -20.08 -41.62 -31.71
N GLY C 131 -19.13 -41.85 -30.81
CA GLY C 131 -18.04 -42.77 -31.07
C GLY C 131 -17.12 -42.35 -32.20
N TYR C 132 -16.60 -41.15 -32.10
CA TYR C 132 -15.67 -40.62 -33.10
C TYR C 132 -14.45 -39.99 -32.45
N ALA C 133 -13.36 -39.92 -33.21
CA ALA C 133 -12.15 -39.26 -32.76
C ALA C 133 -12.00 -38.11 -33.75
N PHE C 134 -11.86 -36.88 -33.28
CA PHE C 134 -11.77 -35.76 -34.20
C PHE C 134 -10.45 -35.05 -34.43
N GLU C 135 -9.79 -34.61 -33.37
CA GLU C 135 -8.53 -33.91 -33.54
C GLU C 135 -7.52 -34.25 -32.47
N ARG C 136 -6.25 -34.12 -32.81
CA ARG C 136 -5.15 -34.41 -31.88
C ARG C 136 -4.64 -33.15 -31.19
N ILE C 137 -4.33 -33.26 -29.90
CA ILE C 137 -3.90 -32.11 -29.12
C ILE C 137 -2.43 -32.18 -28.68
N PRO C 138 -1.55 -31.41 -29.32
CA PRO C 138 -0.15 -31.34 -28.93
C PRO C 138 0.05 -30.49 -27.66
N LYS C 139 0.91 -30.91 -26.74
CA LYS C 139 1.22 -30.04 -25.61
C LYS C 139 2.72 -29.91 -25.28
N ALA C 140 3.32 -30.98 -24.76
CA ALA C 140 4.69 -30.95 -24.23
C ALA C 140 4.88 -29.79 -23.26
N VAL C 150 22.35 -25.45 -29.28
CA VAL C 150 23.53 -25.72 -30.09
C VAL C 150 24.78 -25.06 -29.50
N PRO C 151 25.89 -25.81 -29.44
CA PRO C 151 27.10 -25.28 -28.80
C PRO C 151 27.90 -24.37 -29.72
N ASP C 152 28.58 -23.38 -29.14
CA ASP C 152 29.61 -22.65 -29.86
C ASP C 152 30.99 -23.16 -29.48
N VAL C 153 31.02 -24.07 -28.51
CA VAL C 153 32.29 -24.47 -27.90
C VAL C 153 33.08 -25.45 -28.76
N SER C 154 34.39 -25.25 -28.81
CA SER C 154 35.27 -26.08 -29.62
C SER C 154 36.29 -26.76 -28.74
N TYR C 155 36.89 -27.84 -29.22
CA TYR C 155 37.88 -28.58 -28.44
C TYR C 155 38.96 -27.65 -27.89
N ALA C 156 39.47 -26.73 -28.71
CA ALA C 156 40.58 -25.88 -28.31
C ALA C 156 40.24 -25.00 -27.11
N ASP C 157 38.96 -24.72 -26.90
CA ASP C 157 38.53 -23.96 -25.72
C ASP C 157 38.58 -24.80 -24.45
N ILE C 158 38.65 -26.12 -24.63
CA ILE C 158 38.71 -27.06 -23.52
C ILE C 158 40.15 -27.51 -23.24
N GLY C 159 40.68 -27.13 -22.09
CA GLY C 159 42.08 -27.39 -21.79
C GLY C 159 42.44 -28.70 -21.11
N GLY C 160 43.62 -29.21 -21.44
CA GLY C 160 44.23 -30.34 -20.76
C GLY C 160 43.57 -31.69 -20.95
N LEU C 161 42.74 -31.79 -21.98
CA LEU C 161 42.05 -33.03 -22.32
C LEU C 161 42.67 -33.83 -23.47
N SER C 162 43.90 -33.51 -23.83
CA SER C 162 44.53 -33.99 -25.05
C SER C 162 44.29 -35.46 -25.44
N ARG C 163 44.71 -36.43 -24.63
CA ARG C 163 44.51 -37.84 -25.02
C ARG C 163 43.02 -38.17 -25.20
N GLN C 164 42.19 -37.56 -24.38
CA GLN C 164 40.78 -37.88 -24.40
C GLN C 164 40.14 -37.43 -25.70
N ILE C 165 40.50 -36.24 -26.19
CA ILE C 165 39.90 -35.77 -27.43
C ILE C 165 40.25 -36.73 -28.59
N GLU C 166 41.45 -37.32 -28.55
CA GLU C 166 41.82 -38.30 -29.55
C GLU C 166 40.91 -39.51 -29.44
N GLN C 167 40.73 -40.00 -28.21
CA GLN C 167 39.85 -41.15 -28.01
C GLN C 167 38.43 -40.89 -28.51
N ILE C 168 37.92 -39.70 -28.18
CA ILE C 168 36.61 -39.24 -28.62
C ILE C 168 36.46 -39.22 -30.12
N ARG C 169 37.34 -38.50 -30.81
CA ARG C 169 37.27 -38.35 -32.26
C ARG C 169 37.38 -39.69 -32.95
N ASP C 170 38.25 -40.55 -32.43
CA ASP C 170 38.36 -41.90 -32.97
C ASP C 170 37.08 -42.71 -32.72
N ALA C 171 36.37 -42.40 -31.66
CA ALA C 171 35.13 -43.11 -31.35
C ALA C 171 33.90 -42.51 -32.01
N VAL C 172 34.01 -41.30 -32.54
CA VAL C 172 32.84 -40.55 -32.99
C VAL C 172 32.97 -40.00 -34.42
N GLU C 173 33.95 -39.13 -34.65
CA GLU C 173 34.12 -38.54 -35.97
C GLU C 173 34.50 -39.59 -37.00
N LEU C 174 35.58 -40.30 -36.71
CA LEU C 174 36.11 -41.34 -37.59
C LEU C 174 35.06 -42.35 -38.07
N PRO C 175 34.17 -42.83 -37.17
CA PRO C 175 33.15 -43.73 -37.72
C PRO C 175 32.19 -43.05 -38.69
N PHE C 176 31.78 -41.82 -38.39
CA PHE C 176 30.78 -41.14 -39.22
C PHE C 176 31.37 -40.49 -40.48
N LEU C 177 32.68 -40.29 -40.51
CA LEU C 177 33.37 -39.80 -41.71
C LEU C 177 33.70 -40.90 -42.71
N HIS C 178 34.20 -42.00 -42.18
CA HIS C 178 34.79 -43.08 -42.94
C HIS C 178 33.92 -44.30 -43.21
N LYS C 179 32.61 -44.19 -43.00
CA LYS C 179 31.71 -45.35 -42.94
C LYS C 179 31.94 -46.41 -44.02
N GLU C 180 32.51 -46.03 -45.16
CA GLU C 180 32.87 -47.00 -46.18
C GLU C 180 34.08 -47.86 -45.77
N LEU C 181 35.05 -47.23 -45.14
CA LEU C 181 36.25 -47.91 -44.66
C LEU C 181 35.91 -48.81 -43.47
N TYR C 182 35.01 -48.34 -42.62
CA TYR C 182 34.45 -49.15 -41.54
C TYR C 182 33.71 -50.34 -42.11
N ARG C 183 32.88 -50.06 -43.10
CA ARG C 183 32.12 -51.10 -43.79
C ARG C 183 33.04 -52.18 -44.33
N GLU C 184 34.17 -51.76 -44.91
CA GLU C 184 35.12 -52.66 -45.54
C GLU C 184 35.69 -53.67 -44.56
N TYR C 185 35.96 -53.22 -43.33
CA TYR C 185 36.54 -54.07 -42.30
C TYR C 185 35.45 -54.71 -41.44
N SER C 186 34.20 -54.51 -41.87
CA SER C 186 33.03 -55.16 -41.29
C SER C 186 32.84 -54.75 -39.84
N LEU C 187 33.21 -53.51 -39.54
CA LEU C 187 33.21 -53.01 -38.16
C LEU C 187 32.07 -52.04 -37.90
N ARG C 188 31.21 -52.38 -36.94
CA ARG C 188 30.06 -51.55 -36.64
C ARG C 188 30.46 -50.26 -35.92
N PRO C 189 29.91 -49.12 -36.35
CA PRO C 189 30.14 -47.83 -35.69
C PRO C 189 29.55 -47.81 -34.28
N PRO C 190 30.31 -47.33 -33.29
CA PRO C 190 29.89 -47.28 -31.89
C PRO C 190 28.59 -46.52 -31.67
N LYS C 191 27.67 -47.08 -30.89
CA LYS C 191 26.36 -46.48 -30.68
C LYS C 191 26.40 -45.33 -29.68
N GLY C 192 27.27 -45.44 -28.66
CA GLY C 192 27.31 -44.43 -27.61
C GLY C 192 28.59 -44.39 -26.81
N VAL C 193 28.82 -43.24 -26.18
CA VAL C 193 30.02 -43.02 -25.41
C VAL C 193 29.69 -42.82 -23.93
N LEU C 194 30.47 -43.45 -23.05
CA LEU C 194 30.38 -43.20 -21.62
C LEU C 194 31.53 -42.33 -21.18
N LEU C 195 31.21 -41.14 -20.67
CA LEU C 195 32.24 -40.27 -20.11
C LEU C 195 32.19 -40.42 -18.59
N TYR C 196 33.33 -40.64 -17.96
CA TYR C 196 33.33 -40.90 -16.53
C TYR C 196 34.57 -40.39 -15.80
N GLY C 197 34.37 -40.04 -14.53
CA GLY C 197 35.43 -39.56 -13.67
C GLY C 197 34.87 -38.60 -12.65
N PRO C 198 35.74 -38.04 -11.80
CA PRO C 198 35.35 -37.11 -10.75
C PRO C 198 34.71 -35.83 -11.31
N PRO C 199 33.78 -35.24 -10.57
CA PRO C 199 33.11 -34.01 -11.02
C PRO C 199 34.06 -32.81 -11.01
N GLY C 200 33.67 -31.73 -11.68
CA GLY C 200 34.51 -30.54 -11.74
C GLY C 200 35.18 -30.39 -13.07
N CYS C 201 34.71 -31.18 -14.04
CA CYS C 201 35.16 -31.10 -15.43
C CYS C 201 33.98 -31.51 -16.30
N GLY C 202 33.79 -30.86 -17.46
CA GLY C 202 32.73 -31.28 -18.38
C GLY C 202 33.16 -32.61 -18.98
N LYS C 203 32.28 -33.61 -19.16
CA LYS C 203 30.81 -33.57 -19.09
C LYS C 203 30.21 -32.56 -20.06
N THR C 204 29.50 -31.58 -19.52
CA THR C 204 28.75 -30.64 -20.33
C THR C 204 29.65 -29.78 -21.23
N LEU C 205 30.98 -29.93 -21.12
CA LEU C 205 31.93 -29.21 -21.98
C LEU C 205 32.39 -30.06 -23.18
N ILE C 206 32.96 -31.23 -22.89
CA ILE C 206 33.33 -32.21 -23.90
C ILE C 206 32.16 -32.66 -24.76
N ALA C 207 31.06 -33.02 -24.11
CA ALA C 207 29.90 -33.55 -24.81
C ALA C 207 29.31 -32.54 -25.80
N LYS C 208 29.46 -31.25 -25.52
CA LYS C 208 29.04 -30.24 -26.49
C LYS C 208 30.08 -30.10 -27.59
N ALA C 209 31.34 -30.02 -27.18
CA ALA C 209 32.43 -29.76 -28.12
C ALA C 209 32.55 -30.84 -29.18
N VAL C 210 32.11 -32.06 -28.85
CA VAL C 210 32.16 -33.17 -29.81
C VAL C 210 31.01 -33.04 -30.81
N ALA C 211 29.90 -32.46 -30.38
CA ALA C 211 28.80 -32.14 -31.29
C ALA C 211 29.22 -31.05 -32.27
N ASN C 212 29.75 -29.97 -31.71
CA ASN C 212 30.19 -28.83 -32.50
C ASN C 212 31.27 -29.25 -33.47
N SER C 213 32.19 -30.08 -32.99
CA SER C 213 33.29 -30.56 -33.81
C SER C 213 32.80 -31.55 -34.86
N LEU C 214 31.79 -32.34 -34.53
CA LEU C 214 31.16 -33.22 -35.51
C LEU C 214 30.57 -32.39 -36.65
N ALA C 215 29.59 -31.54 -36.33
CA ALA C 215 28.94 -30.73 -37.34
C ALA C 215 29.95 -29.94 -38.17
N LYS C 216 30.86 -29.25 -37.52
CA LYS C 216 31.88 -28.53 -38.27
C LYS C 216 32.73 -29.45 -39.14
N LYS C 217 33.48 -30.35 -38.52
CA LYS C 217 34.38 -31.26 -39.24
C LYS C 217 33.66 -32.10 -40.28
N MET C 218 32.44 -32.52 -39.98
CA MET C 218 31.63 -33.12 -41.01
C MET C 218 30.49 -32.19 -41.36
N ALA C 219 30.63 -31.48 -42.47
CA ALA C 219 31.91 -31.33 -43.18
C ALA C 219 32.29 -29.87 -43.52
N GLU C 220 31.42 -29.09 -44.18
CA GLU C 220 29.97 -29.30 -44.22
C GLU C 220 29.50 -30.31 -45.25
N VAL C 221 30.15 -30.37 -46.42
CA VAL C 221 29.60 -31.14 -47.53
C VAL C 221 28.13 -30.74 -47.68
N ARG C 222 27.87 -29.57 -48.25
CA ARG C 222 28.77 -28.87 -49.16
C ARG C 222 28.18 -27.48 -49.46
N GLY C 223 28.94 -26.56 -50.05
CA GLY C 223 30.41 -26.62 -50.17
C GLY C 223 31.03 -25.27 -49.80
N ASP C 224 30.90 -24.34 -50.75
CA ASP C 224 31.44 -23.01 -50.61
C ASP C 224 30.41 -21.97 -51.06
N ASP C 225 30.32 -20.89 -50.29
CA ASP C 225 29.41 -19.79 -50.55
C ASP C 225 28.04 -20.16 -50.03
N ALA C 226 27.89 -21.41 -49.58
CA ALA C 226 26.63 -21.90 -49.03
C ALA C 226 26.69 -22.64 -47.69
N HIS C 227 27.89 -22.92 -47.16
CA HIS C 227 27.98 -23.67 -45.91
C HIS C 227 28.58 -22.93 -44.72
N GLU C 228 27.95 -23.11 -43.57
CA GLU C 228 28.32 -22.50 -42.31
C GLU C 228 28.33 -23.64 -41.33
N ALA C 229 28.81 -23.41 -40.12
CA ALA C 229 28.90 -24.51 -39.16
C ALA C 229 27.57 -25.19 -38.85
N LYS C 230 26.51 -24.42 -38.68
CA LYS C 230 25.19 -24.98 -38.42
C LYS C 230 25.05 -25.39 -36.97
N SER C 231 23.85 -25.83 -36.56
CA SER C 231 23.66 -26.23 -35.18
C SER C 231 22.85 -27.50 -35.21
N TYR C 232 23.44 -28.57 -34.72
CA TYR C 232 22.72 -29.83 -34.59
C TYR C 232 22.98 -30.40 -33.21
N PHE C 233 22.46 -29.74 -32.19
CA PHE C 233 22.64 -30.29 -30.85
C PHE C 233 21.40 -30.36 -29.94
N LEU C 234 21.46 -31.34 -29.03
CA LEU C 234 20.53 -31.45 -27.91
C LEU C 234 21.29 -31.86 -26.64
N ASN C 235 20.81 -31.38 -25.49
CA ASN C 235 21.25 -31.91 -24.19
C ASN C 235 20.04 -32.28 -23.34
N ILE C 236 20.21 -33.25 -22.45
CA ILE C 236 19.21 -33.57 -21.42
C ILE C 236 19.97 -33.86 -20.14
N LYS C 237 19.30 -33.85 -19.00
CA LYS C 237 19.98 -34.23 -17.76
C LYS C 237 19.16 -35.14 -16.86
N GLY C 238 19.84 -36.07 -16.22
CA GLY C 238 19.24 -37.03 -15.31
C GLY C 238 18.77 -36.52 -13.96
N PRO C 239 18.97 -35.23 -13.65
CA PRO C 239 18.08 -34.78 -12.59
C PRO C 239 16.61 -34.87 -12.98
N GLU C 240 16.25 -34.53 -14.22
CA GLU C 240 14.82 -34.53 -14.53
C GLU C 240 14.40 -35.92 -15.02
N LEU C 241 13.81 -36.66 -14.09
CA LEU C 241 13.16 -37.93 -14.35
C LEU C 241 11.88 -37.95 -13.55
N LEU C 242 12.06 -37.93 -12.22
CA LEU C 242 11.00 -37.89 -11.24
C LEU C 242 10.15 -36.62 -11.39
N ASN C 243 10.72 -35.61 -12.04
CA ASN C 243 10.01 -34.39 -12.39
C ASN C 243 8.77 -34.71 -13.21
N LYS C 244 7.70 -33.94 -13.02
CA LYS C 244 6.46 -34.24 -13.74
C LYS C 244 5.97 -33.07 -14.60
N PHE C 245 5.34 -32.10 -13.97
CA PHE C 245 4.67 -31.01 -14.70
C PHE C 245 3.73 -31.57 -15.77
N VAL C 246 4.05 -31.30 -17.04
CA VAL C 246 3.21 -31.72 -18.16
C VAL C 246 2.96 -33.23 -18.20
N GLY C 247 3.81 -34.01 -17.53
CA GLY C 247 3.60 -35.45 -17.44
C GLY C 247 4.68 -36.16 -16.64
N GLU C 248 4.36 -37.34 -16.14
CA GLU C 248 5.25 -38.07 -15.25
C GLU C 248 6.45 -38.65 -16.01
N THR C 249 7.27 -39.41 -15.30
CA THR C 249 8.56 -39.92 -15.79
C THR C 249 8.54 -40.63 -17.15
N GLU C 250 7.93 -41.80 -17.20
CA GLU C 250 8.08 -42.76 -18.31
C GLU C 250 7.73 -42.22 -19.71
N ARG C 251 6.53 -41.67 -19.85
CA ARG C 251 5.95 -41.37 -21.16
C ARG C 251 6.87 -40.59 -22.10
N HIS C 252 7.69 -39.71 -21.52
CA HIS C 252 8.58 -38.83 -22.28
C HIS C 252 9.70 -39.54 -23.01
N ILE C 253 10.16 -40.64 -22.43
CA ILE C 253 11.36 -41.32 -22.91
C ILE C 253 11.25 -41.73 -24.38
N ARG C 254 10.03 -41.92 -24.87
CA ARG C 254 9.80 -42.23 -26.28
C ARG C 254 10.01 -41.00 -27.17
N LEU C 255 9.38 -39.90 -26.77
CA LEU C 255 9.34 -38.66 -27.56
C LEU C 255 10.72 -38.18 -27.98
N ILE C 256 11.64 -38.12 -27.01
CA ILE C 256 13.00 -37.67 -27.27
C ILE C 256 13.67 -38.50 -28.36
N PHE C 257 13.50 -39.81 -28.31
CA PHE C 257 14.14 -40.67 -29.30
C PHE C 257 13.46 -40.54 -30.66
N GLN C 258 12.24 -40.01 -30.65
CA GLN C 258 11.58 -39.65 -31.89
C GLN C 258 12.10 -38.30 -32.37
N ARG C 259 12.40 -37.42 -31.42
CA ARG C 259 12.92 -36.10 -31.76
C ARG C 259 14.21 -36.24 -32.54
N ALA C 260 15.13 -37.05 -32.01
CA ALA C 260 16.36 -37.36 -32.70
C ALA C 260 16.06 -37.99 -34.06
N ARG C 261 15.04 -38.85 -34.10
CA ARG C 261 14.64 -39.51 -35.33
C ARG C 261 14.33 -38.49 -36.43
N GLU C 262 14.02 -37.26 -36.03
CA GLU C 262 13.73 -36.21 -37.01
C GLU C 262 14.99 -35.74 -37.73
N LYS C 263 16.08 -35.53 -37.00
CA LYS C 263 17.27 -34.95 -37.61
C LYS C 263 18.20 -36.01 -38.20
N ALA C 264 17.80 -37.27 -38.05
CA ALA C 264 18.51 -38.39 -38.66
C ALA C 264 18.58 -38.28 -40.18
N SER C 265 17.43 -38.44 -40.82
CA SER C 265 17.33 -38.36 -42.27
C SER C 265 17.64 -36.95 -42.77
N GLU C 266 17.55 -35.98 -41.87
CA GLU C 266 17.81 -34.59 -42.21
C GLU C 266 19.31 -34.37 -42.42
N GLY C 267 20.12 -35.33 -41.95
CA GLY C 267 21.56 -35.28 -42.15
C GLY C 267 22.25 -34.28 -41.25
N THR C 268 21.61 -33.97 -40.13
CA THR C 268 22.15 -33.02 -39.17
C THR C 268 21.95 -33.57 -37.76
N PRO C 269 22.76 -34.58 -37.39
CA PRO C 269 22.56 -35.31 -36.13
C PRO C 269 22.89 -34.50 -34.89
N VAL C 270 22.01 -34.59 -33.91
CA VAL C 270 22.34 -34.19 -32.55
C VAL C 270 22.70 -35.46 -31.80
N ILE C 271 23.12 -35.32 -30.54
CA ILE C 271 23.39 -36.49 -29.73
C ILE C 271 22.67 -36.41 -28.40
N VAL C 272 22.22 -37.55 -27.91
CA VAL C 272 21.42 -37.62 -26.70
C VAL C 272 22.35 -37.74 -25.51
N PHE C 273 22.36 -36.71 -24.68
CA PHE C 273 23.30 -36.59 -23.58
C PHE C 273 22.61 -36.78 -22.26
N PHE C 274 23.01 -37.80 -21.50
CA PHE C 274 22.46 -38.00 -20.18
C PHE C 274 23.44 -37.52 -19.11
N ASP C 275 23.15 -36.37 -18.50
CA ASP C 275 23.96 -35.91 -17.37
C ASP C 275 23.47 -36.63 -16.11
N GLU C 276 24.35 -36.82 -15.15
CA GLU C 276 24.02 -37.53 -13.90
C GLU C 276 23.32 -38.85 -14.18
N MET C 277 23.84 -39.59 -15.15
CA MET C 277 23.29 -40.89 -15.53
C MET C 277 23.29 -41.90 -14.38
N ASP C 278 24.28 -41.81 -13.51
CA ASP C 278 24.40 -42.69 -12.35
C ASP C 278 23.17 -42.61 -11.45
N SER C 279 22.52 -41.45 -11.46
CA SER C 279 21.35 -41.22 -10.63
C SER C 279 20.10 -41.93 -11.17
N ILE C 280 20.18 -42.44 -12.39
CA ILE C 280 19.06 -43.14 -13.00
C ILE C 280 18.98 -44.60 -12.56
N PHE C 281 20.10 -45.14 -12.07
CA PHE C 281 20.16 -46.55 -11.67
C PHE C 281 21.46 -46.89 -10.95
N VAL C 296 12.13 -46.37 -13.23
CA VAL C 296 12.86 -47.63 -13.30
C VAL C 296 13.39 -47.83 -14.73
N VAL C 297 14.35 -48.73 -14.89
CA VAL C 297 15.22 -48.84 -16.06
C VAL C 297 14.67 -49.23 -17.46
N PRO C 298 13.75 -50.21 -17.56
CA PRO C 298 13.63 -51.07 -18.75
C PRO C 298 13.59 -50.42 -20.15
N GLN C 299 12.82 -49.35 -20.33
CA GLN C 299 12.51 -48.81 -21.66
C GLN C 299 13.71 -48.28 -22.47
N LEU C 300 14.65 -47.66 -21.76
CA LEU C 300 15.80 -46.98 -22.37
C LEU C 300 16.57 -47.90 -23.30
N LEU C 301 16.81 -49.11 -22.81
CA LEU C 301 17.52 -50.16 -23.53
C LEU C 301 16.91 -50.41 -24.91
N SER C 302 15.60 -50.63 -24.92
CA SER C 302 14.87 -50.87 -26.15
C SER C 302 14.97 -49.68 -27.10
N GLU C 303 14.73 -48.48 -26.56
CA GLU C 303 14.74 -47.28 -27.40
C GLU C 303 16.14 -46.95 -27.97
N ILE C 304 17.18 -47.42 -27.30
CA ILE C 304 18.54 -47.26 -27.80
C ILE C 304 18.77 -48.28 -28.90
N ASP C 305 18.26 -49.48 -28.68
CA ASP C 305 18.29 -50.53 -29.69
C ASP C 305 17.50 -50.12 -30.94
N GLY C 306 16.60 -49.16 -30.79
CA GLY C 306 15.81 -48.66 -31.90
C GLY C 306 16.62 -47.81 -32.87
N VAL C 307 17.61 -47.09 -32.35
CA VAL C 307 18.41 -46.19 -33.17
C VAL C 307 19.67 -46.91 -33.69
N GLU C 308 19.74 -48.21 -33.42
CA GLU C 308 20.87 -49.03 -33.80
C GLU C 308 21.18 -48.96 -35.30
N GLY C 309 20.15 -49.05 -36.14
CA GLY C 309 20.33 -49.03 -37.58
C GLY C 309 20.50 -47.64 -38.15
N LEU C 310 20.77 -46.65 -37.29
CA LEU C 310 20.82 -45.26 -37.71
C LEU C 310 22.12 -44.57 -37.29
N GLU C 311 22.56 -43.63 -38.12
CA GLU C 311 23.72 -42.80 -37.81
C GLU C 311 23.43 -41.35 -38.16
N VAL C 313 23.10 -39.74 -35.17
CA VAL C 313 22.71 -39.93 -33.78
C VAL C 313 23.68 -40.82 -33.01
N ILE C 314 24.35 -40.23 -32.01
CA ILE C 314 25.16 -40.97 -31.06
C ILE C 314 24.57 -40.66 -29.68
N VAL C 315 24.70 -41.57 -28.72
CA VAL C 315 24.19 -41.30 -27.37
C VAL C 315 25.35 -41.17 -26.38
N ILE C 316 25.61 -39.95 -25.94
CA ILE C 316 26.67 -39.72 -24.96
C ILE C 316 26.07 -39.73 -23.57
N GLY C 317 26.82 -40.22 -22.59
CA GLY C 317 26.39 -40.09 -21.22
C GLY C 317 27.56 -39.97 -20.27
N ALA C 318 27.30 -39.30 -19.15
CA ALA C 318 28.34 -38.86 -18.25
C ALA C 318 27.99 -39.25 -16.82
N SER C 319 28.98 -39.70 -16.06
CA SER C 319 28.73 -40.06 -14.67
C SER C 319 29.92 -39.75 -13.77
N ASN C 320 29.65 -39.20 -12.60
CA ASN C 320 30.67 -38.93 -11.61
C ASN C 320 30.83 -40.12 -10.67
N ARG C 321 29.90 -41.06 -10.77
CA ARG C 321 30.04 -42.35 -10.10
C ARG C 321 29.76 -43.49 -11.08
N GLU C 322 30.80 -44.23 -11.43
CA GLU C 322 30.70 -45.28 -12.44
C GLU C 322 30.49 -46.62 -11.75
N ASP C 323 30.46 -46.59 -10.43
CA ASP C 323 30.23 -47.78 -9.62
C ASP C 323 28.82 -48.28 -9.84
N MET C 324 27.87 -47.38 -9.60
CA MET C 324 26.44 -47.69 -9.59
C MET C 324 25.88 -48.12 -10.93
N ILE C 325 26.55 -47.70 -12.02
CA ILE C 325 26.00 -47.87 -13.36
C ILE C 325 25.78 -49.34 -13.70
N ASP C 326 24.53 -49.67 -14.01
CA ASP C 326 24.15 -51.03 -14.38
C ASP C 326 24.83 -51.40 -15.70
N PRO C 327 25.70 -52.42 -15.66
CA PRO C 327 26.55 -52.80 -16.80
C PRO C 327 25.74 -53.14 -18.05
N ALA C 328 24.44 -53.33 -17.89
CA ALA C 328 23.54 -53.63 -18.99
C ALA C 328 23.61 -52.58 -20.10
N ILE C 329 23.82 -51.32 -19.74
CA ILE C 329 23.92 -50.27 -20.74
C ILE C 329 25.36 -50.13 -21.24
N LEU C 330 26.29 -50.77 -20.54
CA LEU C 330 27.71 -50.72 -20.91
C LEU C 330 28.17 -51.89 -21.79
N ARG C 331 27.32 -52.90 -21.97
CA ARG C 331 27.69 -54.06 -22.79
C ARG C 331 27.77 -53.64 -24.26
N PRO C 332 28.73 -54.22 -25.02
CA PRO C 332 28.98 -53.83 -26.41
C PRO C 332 27.72 -53.77 -27.26
N GLY C 333 27.57 -52.69 -28.01
CA GLY C 333 26.38 -52.48 -28.81
C GLY C 333 25.44 -51.46 -28.20
N ARG C 334 25.79 -50.98 -27.01
CA ARG C 334 24.98 -49.94 -26.38
C ARG C 334 25.84 -48.70 -26.07
N LEU C 335 26.62 -48.73 -25.00
CA LEU C 335 27.66 -47.72 -24.87
C LEU C 335 29.00 -48.43 -24.97
N ASP C 336 29.62 -48.32 -26.14
CA ASP C 336 30.79 -49.14 -26.43
C ASP C 336 32.06 -48.50 -25.89
N VAL C 337 32.20 -47.19 -26.09
CA VAL C 337 33.43 -46.50 -25.73
C VAL C 337 33.33 -45.81 -24.37
N LYS C 338 34.11 -46.29 -23.41
CA LYS C 338 34.16 -45.68 -22.11
C LYS C 338 35.39 -44.78 -22.06
N ILE C 339 35.17 -43.49 -21.83
CA ILE C 339 36.27 -42.53 -21.81
C ILE C 339 36.38 -41.88 -20.44
N LYS C 340 37.50 -42.12 -19.77
CA LYS C 340 37.73 -41.55 -18.45
C LYS C 340 38.20 -40.12 -18.55
N ILE C 341 37.50 -39.22 -17.90
CA ILE C 341 38.01 -37.86 -17.77
C ILE C 341 38.58 -37.74 -16.36
N GLU C 342 39.90 -37.75 -16.29
CA GLU C 342 40.63 -37.89 -15.03
C GLU C 342 40.90 -36.55 -14.38
N ARG C 343 41.51 -36.60 -13.20
CA ARG C 343 41.84 -35.38 -12.50
C ARG C 343 42.95 -34.70 -13.29
N PRO C 344 42.83 -33.34 -13.48
CA PRO C 344 43.93 -32.75 -14.26
C PRO C 344 45.25 -32.76 -13.49
N ASP C 345 46.33 -33.13 -14.16
CA ASP C 345 47.64 -33.14 -13.53
C ASP C 345 48.27 -31.76 -13.68
N ALA C 346 49.57 -31.67 -13.44
CA ALA C 346 50.31 -30.41 -13.55
C ALA C 346 50.23 -29.73 -14.94
N GLU C 347 50.58 -30.46 -16.00
CA GLU C 347 50.58 -29.86 -17.34
C GLU C 347 49.17 -29.52 -17.83
N ALA C 348 48.23 -30.42 -17.54
CA ALA C 348 46.83 -30.17 -17.84
C ALA C 348 46.39 -28.87 -17.17
N ALA C 349 46.76 -28.73 -15.89
CA ALA C 349 46.43 -27.53 -15.13
C ALA C 349 46.98 -26.30 -15.81
N GLN C 350 48.19 -26.42 -16.34
CA GLN C 350 48.77 -25.33 -17.12
C GLN C 350 47.89 -24.95 -18.29
N ASP C 351 47.43 -25.98 -19.01
CA ASP C 351 46.57 -25.79 -20.17
C ASP C 351 45.28 -25.06 -19.80
N ILE C 352 44.59 -25.56 -18.78
CA ILE C 352 43.31 -24.99 -18.35
C ILE C 352 43.49 -23.56 -17.85
N TYR C 353 44.58 -23.32 -17.13
CA TYR C 353 44.87 -21.98 -16.66
C TYR C 353 45.08 -21.04 -17.83
N SER C 354 45.73 -21.54 -18.88
CA SER C 354 45.91 -20.75 -20.09
C SER C 354 44.54 -20.38 -20.65
N LYS C 355 43.64 -21.36 -20.69
CA LYS C 355 42.28 -21.11 -21.15
C LYS C 355 41.57 -20.00 -20.38
N TYR C 356 41.80 -19.94 -19.06
CA TYR C 356 41.12 -18.91 -18.28
C TYR C 356 41.88 -17.58 -18.22
N LEU C 357 43.15 -17.57 -18.61
CA LEU C 357 43.86 -16.30 -18.71
C LEU C 357 44.22 -15.98 -20.16
N THR C 358 43.43 -15.07 -20.75
CA THR C 358 43.67 -14.54 -22.08
C THR C 358 44.64 -13.36 -22.06
N GLU C 359 45.26 -13.09 -23.20
CA GLU C 359 45.98 -11.84 -23.41
C GLU C 359 45.09 -10.62 -23.15
N PHE C 360 43.78 -10.79 -23.24
CA PHE C 360 42.84 -9.69 -23.19
C PHE C 360 42.55 -9.24 -21.76
N LEU C 361 43.14 -9.91 -20.79
CA LEU C 361 42.98 -9.52 -19.40
C LEU C 361 44.05 -8.52 -18.99
N PRO C 362 43.65 -7.48 -18.23
CA PRO C 362 44.52 -6.37 -17.85
C PRO C 362 45.55 -6.74 -16.78
N VAL C 363 46.69 -7.28 -17.20
CA VAL C 363 47.80 -7.58 -16.29
C VAL C 363 48.47 -6.31 -15.76
N HIS C 364 48.78 -6.29 -14.46
CA HIS C 364 49.39 -5.13 -13.82
C HIS C 364 50.80 -4.84 -14.34
N ALA C 365 51.20 -3.57 -14.25
CA ALA C 365 52.45 -3.09 -14.82
C ALA C 365 53.68 -3.68 -14.14
N ASP C 366 53.60 -3.86 -12.83
CA ASP C 366 54.72 -4.35 -12.04
C ASP C 366 55.20 -5.73 -12.50
N ASP C 367 54.26 -6.59 -12.88
CA ASP C 367 54.61 -7.92 -13.37
C ASP C 367 55.17 -7.88 -14.78
N LEU C 368 54.57 -7.04 -15.63
CA LEU C 368 55.04 -6.86 -17.01
C LEU C 368 56.47 -6.35 -17.03
N ALA C 369 56.79 -5.51 -16.04
CA ALA C 369 58.10 -4.86 -15.95
C ALA C 369 59.25 -5.86 -15.90
N GLU C 370 59.17 -6.81 -14.98
CA GLU C 370 60.18 -7.85 -14.82
C GLU C 370 60.42 -8.62 -16.12
N PHE C 371 59.35 -8.75 -16.91
CA PHE C 371 59.35 -9.52 -18.13
C PHE C 371 59.60 -8.71 -19.39
N ASP C 372 60.00 -7.44 -19.20
CA ASP C 372 60.34 -6.54 -20.29
C ASP C 372 59.12 -6.10 -21.10
N GLY C 373 57.97 -6.01 -20.42
CA GLY C 373 56.76 -5.51 -21.04
C GLY C 373 56.16 -6.46 -22.06
N ASP C 374 56.64 -7.70 -22.07
CA ASP C 374 56.08 -8.72 -22.94
C ASP C 374 54.97 -9.46 -22.21
N ARG C 375 53.75 -9.34 -22.72
CA ARG C 375 52.58 -9.90 -22.06
C ARG C 375 52.44 -11.41 -22.23
N SER C 376 52.61 -11.90 -23.45
CA SER C 376 52.42 -13.32 -23.72
C SER C 376 53.41 -14.18 -22.95
N ALA C 377 54.59 -13.63 -22.65
CA ALA C 377 55.58 -14.33 -21.85
C ALA C 377 55.51 -13.93 -20.38
N CYS C 378 54.55 -13.05 -20.04
CA CYS C 378 54.33 -12.62 -18.65
C CYS C 378 53.24 -13.46 -17.97
N ILE C 379 52.09 -13.59 -18.62
CA ILE C 379 50.99 -14.44 -18.17
C ILE C 379 51.43 -15.89 -18.04
N LYS C 380 52.26 -16.37 -18.96
CA LYS C 380 52.68 -17.77 -18.94
C LYS C 380 53.54 -18.08 -17.72
N ALA C 381 54.42 -17.15 -17.35
CA ALA C 381 55.28 -17.33 -16.19
C ALA C 381 54.44 -17.38 -14.92
N MET C 382 53.45 -16.49 -14.84
CA MET C 382 52.50 -16.50 -13.73
C MET C 382 51.75 -17.82 -13.64
N ILE C 383 51.36 -18.33 -14.81
CA ILE C 383 50.64 -19.59 -14.89
C ILE C 383 51.49 -20.70 -14.28
N GLU C 384 52.70 -20.90 -14.80
CA GLU C 384 53.54 -21.96 -14.24
C GLU C 384 53.85 -21.71 -12.75
N LYS C 385 53.86 -20.44 -12.35
CA LYS C 385 54.05 -20.09 -10.95
C LYS C 385 52.94 -20.66 -10.08
N VAL C 386 51.70 -20.35 -10.43
CA VAL C 386 50.57 -20.79 -9.60
C VAL C 386 50.31 -22.29 -9.73
N VAL C 387 50.66 -22.89 -10.87
CA VAL C 387 50.52 -24.33 -11.00
C VAL C 387 51.52 -25.02 -10.09
N ASP C 388 52.73 -24.47 -10.04
CA ASP C 388 53.77 -25.09 -9.23
C ASP C 388 53.53 -24.84 -7.74
N ARG C 389 52.92 -23.70 -7.43
CA ARG C 389 52.50 -23.41 -6.06
C ARG C 389 51.37 -24.36 -5.66
N MET C 390 50.48 -24.65 -6.60
CA MET C 390 49.30 -25.47 -6.36
C MET C 390 49.64 -26.94 -6.14
N TYR C 391 50.50 -27.48 -6.99
CA TYR C 391 50.74 -28.94 -6.99
C TYR C 391 51.93 -29.39 -6.15
N ALA C 392 52.59 -28.46 -5.49
CA ALA C 392 53.69 -28.79 -4.59
C ALA C 392 53.20 -29.61 -3.41
N GLU C 393 54.04 -30.52 -2.92
CA GLU C 393 53.73 -31.18 -1.65
C GLU C 393 54.41 -30.41 -0.53
N ILE C 394 53.60 -29.68 0.23
CA ILE C 394 54.09 -28.84 1.32
C ILE C 394 53.08 -28.97 2.45
N ASP C 395 53.32 -28.29 3.57
CA ASP C 395 52.43 -28.43 4.72
C ASP C 395 51.16 -27.59 4.59
N ASP C 396 51.19 -26.56 3.75
CA ASP C 396 50.02 -25.70 3.58
C ASP C 396 49.10 -26.24 2.49
N ASN C 397 49.60 -27.20 1.71
CA ASN C 397 48.80 -27.81 0.67
C ASN C 397 48.21 -29.15 1.12
N ARG C 398 48.44 -29.51 2.36
CA ARG C 398 47.91 -30.76 2.88
C ARG C 398 46.42 -30.62 2.82
N PHE C 399 45.73 -31.60 2.24
CA PHE C 399 44.26 -31.54 2.09
C PHE C 399 43.42 -32.42 3.02
N LEU C 400 43.73 -33.73 3.07
CA LEU C 400 42.99 -34.63 3.94
C LEU C 400 43.87 -35.70 4.42
N GLU C 401 43.42 -36.35 5.47
CA GLU C 401 44.13 -37.42 6.15
C GLU C 401 43.22 -38.63 6.14
N VAL C 402 43.72 -39.71 5.54
CA VAL C 402 42.94 -40.92 5.31
C VAL C 402 43.45 -42.05 6.17
N THR C 403 42.57 -42.62 6.98
CA THR C 403 42.96 -43.72 7.86
C THR C 403 42.35 -45.01 7.39
N TYR C 404 43.21 -45.99 7.15
CA TYR C 404 42.80 -47.26 6.62
C TYR C 404 42.52 -48.26 7.74
N ALA C 405 42.07 -49.45 7.32
CA ALA C 405 41.57 -50.45 8.25
C ALA C 405 42.68 -51.13 9.00
N ASN C 406 43.91 -51.01 8.49
CA ASN C 406 45.03 -51.66 9.13
C ASN C 406 45.81 -50.73 10.06
N GLY C 407 45.35 -49.49 10.17
CA GLY C 407 46.00 -48.51 11.04
C GLY C 407 46.80 -47.47 10.27
N ASP C 408 47.15 -47.79 9.04
CA ASP C 408 47.92 -46.88 8.20
C ASP C 408 47.18 -45.57 7.97
N LYS C 409 47.90 -44.47 8.06
CA LYS C 409 47.33 -43.18 7.70
C LYS C 409 48.14 -42.56 6.58
N GLU C 410 47.44 -41.92 5.66
CA GLU C 410 48.06 -41.32 4.50
C GLU C 410 47.60 -39.89 4.35
N VAL C 411 48.53 -38.99 4.05
CA VAL C 411 48.19 -37.58 3.90
C VAL C 411 47.95 -37.25 2.43
N MET C 412 46.82 -36.61 2.14
CA MET C 412 46.47 -36.24 0.77
C MET C 412 46.68 -34.74 0.54
N TYR C 413 47.24 -34.42 -0.63
CA TYR C 413 47.55 -33.05 -1.02
C TYR C 413 46.60 -32.58 -2.12
N PHE C 414 46.37 -31.27 -2.18
CA PHE C 414 45.45 -30.71 -3.16
C PHE C 414 45.81 -31.03 -4.60
N LYS C 415 47.08 -31.35 -4.84
CA LYS C 415 47.51 -31.71 -6.17
C LYS C 415 46.67 -32.86 -6.69
N ASP C 416 46.30 -33.79 -5.81
CA ASP C 416 45.54 -34.96 -6.19
C ASP C 416 44.06 -34.66 -6.41
N PHE C 417 43.60 -33.58 -5.81
CA PHE C 417 42.21 -33.19 -5.87
C PHE C 417 41.81 -32.02 -6.76
N ASN C 418 42.70 -31.55 -7.63
CA ASN C 418 42.36 -30.39 -8.43
C ASN C 418 41.29 -30.69 -9.48
N SER C 419 40.90 -29.66 -10.23
CA SER C 419 39.79 -29.75 -11.19
C SER C 419 39.60 -28.46 -11.99
N GLY C 420 38.93 -28.58 -13.13
CA GLY C 420 38.65 -27.43 -13.96
C GLY C 420 37.85 -26.43 -13.17
N ALA C 421 36.89 -26.93 -12.39
CA ALA C 421 36.01 -26.09 -11.60
C ALA C 421 36.78 -25.35 -10.52
N MET C 422 37.80 -26.00 -9.97
CA MET C 422 38.60 -25.39 -8.92
C MET C 422 39.51 -24.32 -9.50
N ILE C 423 40.14 -24.62 -10.62
CA ILE C 423 40.98 -23.66 -11.32
C ILE C 423 40.16 -22.41 -11.66
N GLN C 424 39.03 -22.62 -12.32
CA GLN C 424 38.05 -21.58 -12.65
C GLN C 424 37.66 -20.78 -11.39
N ASN C 425 37.55 -21.47 -10.27
CA ASN C 425 37.31 -20.81 -8.98
C ASN C 425 38.44 -19.88 -8.58
N VAL C 426 39.67 -20.37 -8.68
CA VAL C 426 40.84 -19.59 -8.28
C VAL C 426 40.93 -18.33 -9.12
N VAL C 427 40.76 -18.51 -10.43
CA VAL C 427 40.73 -17.39 -11.36
C VAL C 427 39.66 -16.38 -10.98
N ASP C 428 38.39 -16.78 -11.03
CA ASP C 428 37.30 -15.85 -10.77
C ASP C 428 37.34 -15.22 -9.39
N ARG C 429 38.09 -15.82 -8.48
CA ARG C 429 38.32 -15.22 -7.18
C ARG C 429 39.41 -14.14 -7.27
N ALA C 430 40.48 -14.47 -7.99
CA ALA C 430 41.63 -13.58 -8.09
C ALA C 430 41.29 -12.33 -8.91
N LYS C 431 40.36 -12.49 -9.85
CA LYS C 431 39.83 -11.36 -10.59
C LYS C 431 39.15 -10.39 -9.64
N LYS C 432 38.35 -10.95 -8.73
CA LYS C 432 37.69 -10.16 -7.70
C LYS C 432 38.73 -9.51 -6.78
N ASN C 433 39.81 -10.21 -6.52
CA ASN C 433 40.89 -9.64 -5.71
C ASN C 433 41.58 -8.50 -6.45
N ALA C 434 41.53 -8.55 -7.78
CA ALA C 434 42.13 -7.51 -8.63
C ALA C 434 41.25 -6.27 -8.74
N ILE C 435 39.94 -6.48 -8.86
CA ILE C 435 38.97 -5.39 -8.81
C ILE C 435 39.01 -4.69 -7.45
N LYS C 436 38.93 -5.52 -6.42
CA LYS C 436 39.00 -5.11 -5.01
C LYS C 436 40.39 -4.53 -4.70
N SER C 437 41.37 -4.84 -5.54
CA SER C 437 42.66 -4.17 -5.46
C SER C 437 42.58 -2.80 -6.10
N VAL C 438 41.85 -2.71 -7.20
CA VAL C 438 41.77 -1.46 -7.97
C VAL C 438 41.08 -0.36 -7.18
N LEU C 439 39.91 -0.65 -6.63
CA LEU C 439 39.12 0.38 -5.97
C LEU C 439 39.85 1.02 -4.81
N GLU C 440 40.58 0.20 -4.05
CA GLU C 440 41.33 0.71 -2.92
C GLU C 440 42.69 1.29 -3.29
N THR C 441 43.44 0.63 -4.16
CA THR C 441 44.78 1.08 -4.52
C THR C 441 44.86 1.96 -5.78
N GLY C 442 43.76 2.05 -6.53
CA GLY C 442 43.69 2.94 -7.68
C GLY C 442 44.45 2.46 -8.91
N GLN C 443 45.26 1.42 -8.77
CA GLN C 443 46.06 0.90 -9.86
C GLN C 443 45.40 -0.29 -10.55
N PRO C 444 45.33 -0.26 -11.89
CA PRO C 444 44.74 -1.37 -12.65
C PRO C 444 45.67 -2.58 -12.67
N GLY C 445 45.12 -3.74 -12.97
CA GLY C 445 45.94 -4.92 -13.20
C GLY C 445 45.93 -6.01 -12.15
N LEU C 446 46.22 -7.23 -12.60
CA LEU C 446 46.28 -8.41 -11.74
C LEU C 446 47.72 -8.85 -11.54
N ARG C 447 48.06 -9.22 -10.31
CA ARG C 447 49.42 -9.63 -9.99
C ARG C 447 49.47 -11.01 -9.33
N ILE C 448 50.67 -11.60 -9.32
CA ILE C 448 50.89 -12.95 -8.82
C ILE C 448 50.35 -13.11 -7.39
N GLN C 449 50.38 -12.02 -6.65
CA GLN C 449 49.88 -11.99 -5.29
C GLN C 449 48.39 -12.35 -5.26
N HIS C 450 47.61 -11.71 -6.12
CA HIS C 450 46.19 -11.99 -6.21
C HIS C 450 45.96 -13.48 -6.44
N LEU C 451 46.80 -14.08 -7.27
CA LEU C 451 46.65 -15.48 -7.64
C LEU C 451 46.97 -16.41 -6.48
N LEU C 452 48.12 -16.24 -5.84
CA LEU C 452 48.50 -17.09 -4.72
C LEU C 452 47.57 -16.94 -3.52
N ASP C 453 47.25 -15.69 -3.21
CA ASP C 453 46.33 -15.39 -2.12
C ASP C 453 44.93 -15.91 -2.43
N SER C 454 44.62 -16.05 -3.72
CA SER C 454 43.34 -16.67 -4.10
C SER C 454 43.39 -18.19 -3.95
N ILE C 455 44.56 -18.77 -4.23
CA ILE C 455 44.75 -20.21 -4.08
C ILE C 455 44.53 -20.63 -2.64
N VAL C 456 45.19 -19.93 -1.71
CA VAL C 456 45.10 -20.30 -0.31
C VAL C 456 43.66 -20.14 0.20
N ASP C 457 42.96 -19.14 -0.31
CA ASP C 457 41.57 -18.91 0.06
C ASP C 457 40.67 -20.03 -0.46
N GLU C 458 40.97 -20.50 -1.67
CA GLU C 458 40.19 -21.57 -2.27
C GLU C 458 40.40 -22.89 -1.54
N PHE C 459 41.67 -23.20 -1.29
CA PHE C 459 42.05 -24.42 -0.59
C PHE C 459 41.40 -24.45 0.78
N ALA C 460 41.53 -23.35 1.52
CA ALA C 460 40.87 -23.22 2.81
C ALA C 460 39.36 -23.41 2.69
N GLU C 461 38.78 -22.81 1.67
CA GLU C 461 37.33 -22.87 1.48
C GLU C 461 36.89 -24.30 1.24
N ASN C 462 37.81 -25.09 0.70
CA ASN C 462 37.57 -26.50 0.46
C ASN C 462 37.70 -27.32 1.72
N GLU C 463 38.76 -27.00 2.48
CA GLU C 463 39.05 -27.65 3.74
C GLU C 463 37.81 -27.68 4.60
N ASP C 464 37.10 -26.55 4.63
CA ASP C 464 35.89 -26.45 5.45
C ASP C 464 34.67 -27.04 4.77
N LEU C 465 34.72 -27.15 3.45
CA LEU C 465 33.62 -27.72 2.69
C LEU C 465 34.26 -28.57 1.62
N PRO C 466 34.42 -29.86 1.88
CA PRO C 466 35.04 -30.71 0.84
C PRO C 466 34.04 -31.49 -0.01
N ASN C 467 33.01 -30.83 -0.51
CA ASN C 467 31.94 -31.51 -1.23
C ASN C 467 32.36 -31.90 -2.64
N THR C 468 33.53 -31.42 -3.05
CA THR C 468 34.12 -31.76 -4.34
C THR C 468 34.37 -33.28 -4.46
N THR C 469 34.73 -33.92 -3.36
CA THR C 469 35.12 -35.33 -3.36
C THR C 469 33.93 -36.26 -3.71
N ASN C 470 34.24 -37.42 -4.29
CA ASN C 470 33.22 -38.42 -4.58
C ASN C 470 33.53 -39.72 -3.86
N PRO C 471 32.61 -40.68 -3.92
CA PRO C 471 32.96 -42.03 -3.44
C PRO C 471 33.89 -42.76 -4.41
N ASP C 472 33.87 -42.41 -5.69
CA ASP C 472 34.79 -43.05 -6.61
C ASP C 472 36.22 -42.53 -6.36
N ASP C 473 36.32 -41.32 -5.80
CA ASP C 473 37.62 -40.82 -5.35
C ASP C 473 38.20 -41.78 -4.34
N TRP C 474 37.39 -42.15 -3.36
CA TRP C 474 37.81 -43.10 -2.34
C TRP C 474 38.04 -44.47 -2.98
N ALA C 475 37.29 -44.79 -4.02
CA ALA C 475 37.51 -46.04 -4.73
C ALA C 475 38.94 -46.07 -5.24
N ARG C 476 39.39 -44.94 -5.76
CA ARG C 476 40.71 -44.81 -6.36
C ARG C 476 41.83 -44.78 -5.31
N ILE C 477 41.62 -44.00 -4.25
CA ILE C 477 42.58 -43.96 -3.15
C ILE C 477 42.75 -45.33 -2.48
N SER C 478 41.63 -45.93 -2.07
CA SER C 478 41.63 -47.24 -1.45
C SER C 478 42.25 -48.28 -2.35
N GLY C 479 41.93 -48.20 -3.64
CA GLY C 479 42.53 -49.09 -4.60
C GLY C 479 44.04 -48.97 -4.61
N LYS C 480 44.54 -47.74 -4.68
CA LYS C 480 45.99 -47.53 -4.74
C LYS C 480 46.68 -47.98 -3.47
N LYS C 481 46.01 -47.81 -2.34
CA LYS C 481 46.59 -48.18 -1.06
C LYS C 481 46.64 -49.71 -0.92
N GLY C 482 45.52 -50.37 -1.18
CA GLY C 482 45.41 -51.80 -1.01
C GLY C 482 44.60 -52.13 0.21
N GLU C 483 44.06 -51.11 0.85
CA GLU C 483 43.33 -51.26 2.10
C GLU C 483 41.97 -50.57 2.05
N ARG C 484 41.11 -50.91 3.00
CA ARG C 484 39.81 -50.27 3.13
C ARG C 484 39.98 -48.89 3.74
N ILE C 485 39.13 -47.94 3.40
CA ILE C 485 39.20 -46.64 4.04
C ILE C 485 38.20 -46.59 5.20
N VAL C 486 38.71 -46.55 6.42
CA VAL C 486 37.84 -46.48 7.59
C VAL C 486 37.68 -45.11 8.25
N TYR C 487 38.29 -44.07 7.70
CA TYR C 487 38.09 -42.72 8.23
C TYR C 487 38.78 -41.68 7.38
N ILE C 488 38.27 -40.45 7.40
CA ILE C 488 38.80 -39.36 6.59
C ILE C 488 38.52 -38.03 7.28
N ARG C 489 39.47 -37.09 7.21
CA ARG C 489 39.21 -35.73 7.68
C ARG C 489 39.98 -34.71 6.87
N THR C 490 39.59 -33.44 6.94
CA THR C 490 40.32 -32.38 6.23
C THR C 490 41.32 -31.69 7.15
N LEU C 491 42.47 -31.32 6.60
CA LEU C 491 43.52 -30.68 7.38
C LEU C 491 43.58 -29.17 7.15
N VAL C 492 43.59 -28.43 8.24
CA VAL C 492 43.63 -26.97 8.16
C VAL C 492 45.01 -26.41 8.48
N THR C 493 45.34 -25.31 7.82
CA THR C 493 46.62 -24.66 8.00
C THR C 493 46.69 -23.96 9.35
N GLY C 494 45.53 -23.60 9.89
CA GLY C 494 45.46 -22.94 11.17
C GLY C 494 45.58 -21.44 11.08
N LYS C 495 45.79 -20.94 9.87
CA LYS C 495 45.93 -19.51 9.63
C LYS C 495 44.59 -18.88 9.21
N SER C 496 43.53 -19.68 9.18
CA SER C 496 42.26 -19.22 8.63
C SER C 496 41.07 -19.46 9.54
N SER C 497 39.88 -19.11 9.04
CA SER C 497 38.62 -19.37 9.73
C SER C 497 38.05 -20.72 9.31
N SER C 498 38.83 -21.42 8.50
CA SER C 498 38.53 -22.79 8.13
C SER C 498 38.87 -23.73 9.28
N ALA C 499 38.02 -24.73 9.48
CA ALA C 499 38.24 -25.70 10.55
C ALA C 499 38.31 -27.13 9.99
N SER C 500 39.09 -27.98 10.65
CA SER C 500 39.17 -29.38 10.25
C SER C 500 37.79 -30.01 10.38
N ARG C 501 37.48 -30.99 9.55
CA ARG C 501 36.22 -31.69 9.70
C ARG C 501 36.32 -33.14 9.26
N ALA C 502 35.51 -33.98 9.88
CA ALA C 502 35.43 -35.37 9.49
C ALA C 502 34.48 -35.55 8.32
N ILE C 503 34.86 -36.38 7.36
CA ILE C 503 33.98 -36.79 6.27
C ILE C 503 33.66 -38.27 6.44
N ASP C 504 32.46 -38.68 6.07
CA ASP C 504 32.17 -40.11 6.08
C ASP C 504 31.89 -40.60 4.67
N THR C 505 32.46 -41.78 4.33
CA THR C 505 32.31 -42.44 3.01
C THR C 505 30.95 -43.08 2.64
N GLU C 506 30.40 -43.89 3.55
CA GLU C 506 29.09 -44.51 3.42
C GLU C 506 27.95 -43.52 3.61
N PRO D 2 -37.18 -40.04 -42.77
CA PRO D 2 -36.80 -40.03 -41.36
C PRO D 2 -37.09 -41.39 -40.69
N SER D 3 -36.05 -42.05 -40.18
CA SER D 3 -36.20 -43.40 -39.65
C SER D 3 -35.33 -43.66 -38.43
N GLY D 4 -35.69 -44.67 -37.63
CA GLY D 4 -34.92 -45.01 -36.45
C GLY D 4 -34.09 -46.26 -36.65
N TYR D 5 -33.24 -46.56 -35.68
CA TYR D 5 -32.41 -47.77 -35.72
C TYR D 5 -32.56 -48.56 -34.43
N GLY D 6 -32.12 -49.82 -34.46
CA GLY D 6 -32.14 -50.66 -33.29
C GLY D 6 -31.26 -51.89 -33.43
N VAL D 7 -31.13 -52.65 -32.35
CA VAL D 7 -30.38 -53.90 -32.40
C VAL D 7 -31.31 -55.09 -32.20
N LEU D 8 -31.48 -55.89 -33.25
CA LEU D 8 -32.26 -57.11 -33.15
C LEU D 8 -31.69 -58.03 -32.08
N LEU D 9 -32.55 -58.48 -31.16
CA LEU D 9 -32.13 -59.37 -30.06
C LEU D 9 -32.50 -60.85 -30.25
N ALA D 10 -33.78 -61.13 -30.51
CA ALA D 10 -34.21 -62.50 -30.75
C ALA D 10 -35.11 -62.61 -31.98
N THR D 11 -34.99 -63.72 -32.71
CA THR D 11 -35.83 -63.99 -33.86
C THR D 11 -36.97 -64.94 -33.49
N HIS D 12 -38.18 -64.63 -33.95
CA HIS D 12 -39.35 -65.44 -33.62
C HIS D 12 -40.05 -65.97 -34.87
N ASP D 13 -40.86 -67.00 -34.70
CA ASP D 13 -41.42 -67.78 -35.81
C ASP D 13 -42.61 -67.12 -36.52
N ASP D 14 -43.20 -66.12 -35.88
CA ASP D 14 -44.39 -65.45 -36.41
C ASP D 14 -44.02 -64.21 -37.23
N ASP D 15 -42.72 -64.07 -37.48
CA ASP D 15 -42.08 -62.94 -38.19
C ASP D 15 -41.79 -61.75 -37.27
N THR D 16 -42.35 -61.75 -36.07
CA THR D 16 -42.08 -60.68 -35.11
C THR D 16 -40.63 -60.76 -34.63
N VAL D 17 -40.04 -59.63 -34.28
CA VAL D 17 -38.62 -59.60 -33.95
C VAL D 17 -38.29 -58.68 -32.76
N ASP D 18 -37.50 -59.20 -31.82
CA ASP D 18 -37.11 -58.44 -30.64
C ASP D 18 -36.01 -57.43 -30.96
N VAL D 19 -36.20 -56.20 -30.48
CA VAL D 19 -35.28 -55.11 -30.78
C VAL D 19 -35.03 -54.19 -29.58
N PHE D 20 -33.76 -53.84 -29.40
CA PHE D 20 -33.32 -52.85 -28.43
C PHE D 20 -33.15 -51.49 -29.11
N THR D 21 -33.96 -50.52 -28.70
CA THR D 21 -33.76 -49.13 -29.15
C THR D 21 -34.35 -48.13 -28.16
N SER D 22 -33.76 -46.93 -28.13
CA SER D 22 -34.24 -45.82 -27.31
C SER D 22 -34.56 -46.24 -25.88
N GLY D 23 -35.76 -45.88 -25.43
CA GLY D 23 -36.26 -46.35 -24.15
C GLY D 23 -37.28 -47.44 -24.41
N ARG D 24 -37.68 -48.17 -23.36
CA ARG D 24 -38.76 -49.16 -23.46
C ARG D 24 -38.62 -50.23 -24.56
N LYS D 25 -37.45 -50.87 -24.65
CA LYS D 25 -37.15 -51.75 -25.78
C LYS D 25 -38.23 -52.81 -26.01
N MET D 26 -38.42 -53.22 -27.26
CA MET D 26 -39.65 -53.93 -27.63
C MET D 26 -39.43 -55.17 -28.48
N ARG D 27 -40.53 -55.77 -28.95
CA ARG D 27 -40.53 -56.68 -30.08
C ARG D 27 -41.52 -56.09 -31.08
N LEU D 28 -41.23 -56.21 -32.37
CA LEU D 28 -41.99 -55.47 -33.37
C LEU D 28 -42.47 -56.36 -34.51
N THR D 29 -43.56 -55.95 -35.14
CA THR D 29 -44.02 -56.56 -36.38
C THR D 29 -42.98 -56.28 -37.47
N CYS D 30 -42.79 -57.23 -38.37
CA CYS D 30 -41.76 -57.08 -39.39
C CYS D 30 -42.35 -56.89 -40.78
N SER D 31 -41.68 -56.08 -41.59
CA SER D 31 -42.10 -55.84 -42.96
C SER D 31 -41.99 -57.13 -43.78
N PRO D 32 -42.95 -57.35 -44.68
CA PRO D 32 -42.93 -58.52 -45.58
C PRO D 32 -41.67 -58.56 -46.43
N ASN D 33 -41.10 -57.38 -46.69
CA ASN D 33 -39.83 -57.26 -47.38
C ASN D 33 -38.73 -58.06 -46.67
N ILE D 34 -38.67 -57.92 -45.35
CA ILE D 34 -37.65 -58.60 -44.54
C ILE D 34 -38.06 -60.03 -44.20
N ASP D 35 -37.07 -60.94 -44.19
CA ASP D 35 -37.27 -62.33 -43.78
C ASP D 35 -36.82 -62.53 -42.32
N ALA D 36 -37.60 -63.28 -41.56
CA ALA D 36 -37.31 -63.50 -40.14
C ALA D 36 -36.34 -64.64 -39.90
N ALA D 37 -36.14 -65.49 -40.91
CA ALA D 37 -35.25 -66.64 -40.79
C ALA D 37 -33.78 -66.25 -40.95
N SER D 38 -33.50 -65.39 -41.92
CA SER D 38 -32.13 -65.01 -42.25
C SER D 38 -31.58 -63.94 -41.30
N LEU D 39 -32.46 -63.37 -40.49
CA LEU D 39 -32.06 -62.36 -39.51
C LEU D 39 -31.14 -62.99 -38.45
N LYS D 40 -30.12 -62.24 -38.05
CA LYS D 40 -29.12 -62.74 -37.11
C LYS D 40 -28.99 -61.86 -35.86
N LYS D 41 -28.44 -62.43 -34.80
CA LYS D 41 -28.37 -61.77 -33.50
C LYS D 41 -27.29 -60.71 -33.40
N GLY D 42 -27.64 -59.55 -32.84
CA GLY D 42 -26.71 -58.45 -32.68
C GLY D 42 -26.71 -57.52 -33.88
N GLN D 43 -27.20 -58.04 -35.01
CA GLN D 43 -27.28 -57.28 -36.24
C GLN D 43 -28.14 -56.04 -36.06
N THR D 44 -27.57 -54.87 -36.39
CA THR D 44 -28.32 -53.63 -36.27
C THR D 44 -29.32 -53.52 -37.41
N VAL D 45 -30.59 -53.44 -37.07
CA VAL D 45 -31.64 -53.27 -38.05
C VAL D 45 -32.13 -51.82 -37.99
N ARG D 46 -33.05 -51.46 -38.88
CA ARG D 46 -33.62 -50.12 -38.85
C ARG D 46 -35.11 -50.14 -39.22
N LEU D 47 -35.86 -49.29 -38.53
CA LEU D 47 -37.31 -49.27 -38.62
C LEU D 47 -37.82 -47.88 -39.01
N ASN D 48 -39.06 -47.84 -39.52
CA ASN D 48 -39.71 -46.57 -39.80
C ASN D 48 -40.38 -46.03 -38.54
N GLU D 49 -41.11 -44.92 -38.69
CA GLU D 49 -41.78 -44.30 -37.54
C GLU D 49 -42.87 -45.20 -36.97
N ALA D 50 -43.32 -46.16 -37.77
CA ALA D 50 -44.44 -47.02 -37.38
C ALA D 50 -43.96 -48.21 -36.55
N LEU D 51 -42.64 -48.24 -36.31
CA LEU D 51 -41.99 -49.33 -35.58
C LEU D 51 -42.16 -50.68 -36.28
N THR D 52 -41.94 -50.69 -37.59
CA THR D 52 -41.83 -51.93 -38.35
C THR D 52 -40.46 -51.95 -39.00
N VAL D 53 -39.74 -53.06 -38.88
CA VAL D 53 -38.35 -53.07 -39.30
C VAL D 53 -38.25 -53.17 -40.81
N VAL D 54 -37.76 -52.10 -41.43
CA VAL D 54 -37.68 -52.05 -42.88
C VAL D 54 -36.32 -52.44 -43.46
N GLU D 55 -35.28 -52.56 -42.63
CA GLU D 55 -33.99 -52.97 -43.21
C GLU D 55 -33.10 -53.74 -42.24
N ALA D 56 -32.42 -54.75 -42.77
CA ALA D 56 -31.43 -55.51 -42.01
C ALA D 56 -30.04 -55.03 -42.40
N GLY D 57 -29.37 -54.35 -41.48
CA GLY D 57 -28.07 -53.76 -41.73
C GLY D 57 -26.89 -54.52 -41.17
N THR D 58 -25.84 -53.79 -40.82
CA THR D 58 -24.61 -54.38 -40.29
C THR D 58 -24.63 -54.45 -38.77
N PHE D 59 -23.47 -54.73 -38.18
CA PHE D 59 -23.31 -54.74 -36.74
C PHE D 59 -22.56 -53.48 -36.30
N GLU D 60 -22.87 -52.97 -35.11
CA GLU D 60 -22.26 -51.73 -34.61
C GLU D 60 -20.74 -51.84 -34.54
N ALA D 61 -20.04 -50.89 -35.16
CA ALA D 61 -18.59 -50.94 -35.25
C ALA D 61 -17.86 -50.13 -34.17
N VAL D 62 -18.60 -49.41 -33.34
CA VAL D 62 -17.98 -48.56 -32.33
C VAL D 62 -18.71 -48.61 -30.99
N GLY D 63 -17.93 -48.48 -29.91
CA GLY D 63 -18.47 -48.55 -28.57
C GLY D 63 -17.42 -48.95 -27.55
N GLU D 64 -17.89 -49.50 -26.42
CA GLU D 64 -17.01 -49.87 -25.32
C GLU D 64 -16.21 -51.14 -25.60
N ILE D 65 -15.08 -51.26 -24.92
CA ILE D 65 -14.25 -52.46 -25.00
C ILE D 65 -14.17 -53.16 -23.66
N SER D 66 -14.52 -54.43 -23.64
CA SER D 66 -14.41 -55.24 -22.42
C SER D 66 -13.63 -56.52 -22.68
N THR D 67 -12.72 -56.84 -21.78
CA THR D 67 -11.91 -58.05 -21.88
C THR D 67 -12.70 -59.29 -21.45
N LEU D 68 -12.76 -60.29 -22.31
CA LEU D 68 -13.52 -61.52 -22.01
C LEU D 68 -12.97 -62.34 -20.85
N ARG D 69 -13.86 -62.82 -19.98
CA ARG D 69 -13.48 -63.63 -18.82
C ARG D 69 -13.75 -65.13 -18.97
N GLU D 70 -14.94 -65.48 -19.45
CA GLU D 70 -15.36 -66.86 -19.64
C GLU D 70 -16.13 -67.10 -20.93
N ILE D 71 -15.63 -68.03 -21.75
CA ILE D 71 -16.45 -68.61 -22.79
C ILE D 71 -17.31 -69.66 -22.07
N LEU D 72 -18.62 -69.48 -22.10
CA LEU D 72 -19.48 -70.18 -21.16
C LEU D 72 -20.54 -71.09 -21.76
N ALA D 73 -20.36 -72.39 -21.58
CA ALA D 73 -21.46 -73.35 -21.64
C ALA D 73 -22.34 -73.27 -22.89
N ASP D 74 -23.59 -72.88 -22.66
CA ASP D 74 -24.69 -73.05 -23.62
C ASP D 74 -24.85 -71.92 -24.63
N GLY D 75 -24.65 -72.22 -25.91
CA GLY D 75 -24.93 -71.28 -26.98
C GLY D 75 -23.97 -70.11 -27.01
N HIS D 76 -23.12 -70.07 -25.97
CA HIS D 76 -22.08 -69.06 -25.74
C HIS D 76 -22.36 -67.57 -25.49
N ARG D 77 -23.36 -67.20 -24.68
CA ARG D 77 -23.40 -65.83 -24.21
C ARG D 77 -22.17 -65.66 -23.31
N ALA D 78 -21.55 -64.48 -23.29
CA ALA D 78 -20.25 -64.34 -22.64
C ALA D 78 -20.23 -63.52 -21.36
N LEU D 79 -19.29 -63.88 -20.47
CA LEU D 79 -18.96 -63.11 -19.28
C LEU D 79 -17.74 -62.24 -19.58
N VAL D 80 -17.87 -60.93 -19.37
CA VAL D 80 -16.81 -59.99 -19.70
C VAL D 80 -16.53 -59.02 -18.56
N VAL D 81 -15.43 -58.29 -18.69
CA VAL D 81 -14.96 -57.40 -17.63
C VAL D 81 -14.43 -56.07 -18.16
N GLY D 82 -14.82 -54.98 -17.51
CA GLY D 82 -14.22 -53.67 -17.73
C GLY D 82 -13.20 -53.39 -16.64
N HIS D 83 -12.39 -52.35 -16.81
CA HIS D 83 -11.32 -52.10 -15.84
C HIS D 83 -11.79 -51.24 -14.68
N ALA D 84 -13.10 -51.00 -14.62
CA ALA D 84 -13.73 -50.55 -13.39
C ALA D 84 -13.92 -51.81 -12.53
N ASP D 85 -13.49 -52.93 -13.11
CA ASP D 85 -13.40 -54.21 -12.43
C ASP D 85 -14.76 -54.75 -12.02
N GLU D 86 -15.77 -54.37 -12.79
CA GLU D 86 -17.11 -54.93 -12.65
C GLU D 86 -17.38 -55.86 -13.83
N GLU D 87 -18.13 -56.92 -13.57
CA GLU D 87 -18.34 -57.95 -14.58
C GLU D 87 -19.73 -57.86 -15.18
N ARG D 88 -19.85 -58.20 -16.46
CA ARG D 88 -21.12 -58.09 -17.17
C ARG D 88 -21.36 -59.28 -18.07
N VAL D 89 -22.59 -59.78 -18.09
CA VAL D 89 -22.95 -60.86 -18.99
C VAL D 89 -23.69 -60.30 -20.21
N VAL D 90 -23.19 -60.63 -21.40
CA VAL D 90 -23.79 -60.13 -22.63
C VAL D 90 -24.03 -61.24 -23.64
N TRP D 91 -24.83 -60.94 -24.66
CA TRP D 91 -25.02 -61.88 -25.77
C TRP D 91 -23.85 -61.78 -26.75
N LEU D 92 -23.58 -62.89 -27.45
CA LEU D 92 -22.63 -62.87 -28.54
C LEU D 92 -23.38 -62.72 -29.86
N ALA D 93 -22.94 -61.78 -30.69
CA ALA D 93 -23.54 -61.59 -32.01
C ALA D 93 -23.14 -62.75 -32.92
N ASP D 94 -23.89 -62.90 -34.00
CA ASP D 94 -23.65 -63.95 -34.99
C ASP D 94 -22.18 -64.16 -35.36
N PRO D 95 -21.44 -63.10 -35.74
CA PRO D 95 -20.08 -63.37 -36.24
C PRO D 95 -19.13 -63.97 -35.20
N LEU D 96 -19.44 -63.86 -33.91
CA LEU D 96 -18.55 -64.34 -32.86
C LEU D 96 -18.62 -65.86 -32.65
N ILE D 97 -19.83 -66.40 -32.60
CA ILE D 97 -20.02 -67.83 -32.33
C ILE D 97 -19.91 -68.65 -33.60
N ALA D 98 -19.61 -67.99 -34.71
CA ALA D 98 -19.53 -68.62 -36.02
C ALA D 98 -18.65 -69.86 -36.02
N GLU D 99 -19.15 -70.93 -36.66
CA GLU D 99 -18.47 -72.21 -36.68
C GLU D 99 -17.55 -72.34 -37.90
N ASP D 100 -17.43 -71.26 -38.65
CA ASP D 100 -16.63 -71.24 -39.88
C ASP D 100 -15.15 -70.90 -39.65
N LEU D 101 -14.81 -70.45 -38.44
CA LEU D 101 -13.47 -69.97 -38.14
C LEU D 101 -12.56 -71.08 -37.58
N PRO D 102 -11.32 -71.16 -38.08
CA PRO D 102 -10.27 -72.05 -37.58
C PRO D 102 -9.41 -71.41 -36.49
N ASP D 103 -8.35 -72.11 -36.08
CA ASP D 103 -7.35 -71.55 -35.18
C ASP D 103 -6.16 -71.00 -35.95
N THR D 113 -5.07 -59.72 -38.19
CA THR D 113 -6.15 -58.85 -38.64
C THR D 113 -7.36 -59.68 -39.05
N ARG D 114 -7.34 -60.96 -38.70
CA ARG D 114 -8.43 -61.86 -39.05
C ARG D 114 -8.97 -62.58 -37.82
N PRO D 115 -10.30 -62.78 -37.77
CA PRO D 115 -10.92 -63.55 -36.69
C PRO D 115 -10.49 -65.02 -36.68
N ARG D 116 -10.07 -65.49 -35.51
CA ARG D 116 -9.83 -66.90 -35.24
C ARG D 116 -10.51 -67.22 -33.93
N LYS D 117 -10.63 -68.49 -33.58
CA LYS D 117 -11.48 -68.89 -32.47
C LYS D 117 -11.15 -68.18 -31.15
N LEU D 118 -12.18 -67.57 -30.58
CA LEU D 118 -12.03 -66.76 -29.37
C LEU D 118 -11.76 -67.62 -28.14
N ARG D 119 -11.21 -66.99 -27.11
CA ARG D 119 -10.66 -67.65 -25.93
C ARG D 119 -10.29 -66.53 -24.95
N PRO D 120 -10.18 -66.87 -23.65
CA PRO D 120 -9.97 -65.84 -22.61
C PRO D 120 -8.84 -64.85 -22.90
N GLY D 121 -9.01 -63.60 -22.47
CA GLY D 121 -8.01 -62.57 -22.63
C GLY D 121 -8.31 -61.60 -23.76
N ASP D 122 -9.12 -62.04 -24.72
CA ASP D 122 -9.44 -61.23 -25.90
C ASP D 122 -10.26 -59.99 -25.54
N SER D 123 -9.82 -58.83 -26.04
CA SER D 123 -10.61 -57.62 -25.90
C SER D 123 -11.75 -57.63 -26.92
N LEU D 124 -12.96 -57.53 -26.43
CA LEU D 124 -14.15 -57.62 -27.27
C LEU D 124 -14.94 -56.32 -27.28
N LEU D 125 -15.49 -55.98 -28.44
CA LEU D 125 -16.29 -54.77 -28.59
C LEU D 125 -17.73 -55.03 -28.21
N VAL D 126 -18.20 -54.33 -27.17
CA VAL D 126 -19.52 -54.60 -26.62
C VAL D 126 -20.40 -53.35 -26.51
N ASP D 127 -21.71 -53.56 -26.63
CA ASP D 127 -22.69 -52.54 -26.30
C ASP D 127 -23.35 -52.94 -24.98
N THR D 128 -23.03 -52.21 -23.92
CA THR D 128 -23.41 -52.61 -22.56
C THR D 128 -24.91 -52.71 -22.36
N LYS D 129 -25.64 -51.68 -22.78
CA LYS D 129 -27.09 -51.65 -22.62
C LYS D 129 -27.76 -52.75 -23.43
N ALA D 130 -27.40 -52.84 -24.70
CA ALA D 130 -27.97 -53.84 -25.61
C ALA D 130 -27.59 -55.26 -25.20
N GLY D 131 -26.43 -55.39 -24.56
CA GLY D 131 -25.95 -56.69 -24.12
C GLY D 131 -25.46 -57.54 -25.28
N TYR D 132 -24.61 -56.96 -26.12
CA TYR D 132 -24.09 -57.66 -27.29
C TYR D 132 -22.62 -57.34 -27.56
N ALA D 133 -21.86 -58.37 -27.94
CA ALA D 133 -20.46 -58.21 -28.32
C ALA D 133 -20.37 -58.56 -29.80
N PHE D 134 -19.84 -57.66 -30.62
CA PHE D 134 -19.76 -57.89 -32.07
C PHE D 134 -18.46 -58.37 -32.73
N GLU D 135 -17.34 -57.74 -32.40
CA GLU D 135 -16.05 -58.11 -33.02
C GLU D 135 -14.88 -58.13 -32.04
N ARG D 136 -13.81 -58.84 -32.39
CA ARG D 136 -12.65 -58.90 -31.51
C ARG D 136 -11.61 -57.87 -31.90
N ILE D 137 -10.97 -57.28 -30.90
CA ILE D 137 -9.92 -56.29 -31.12
C ILE D 137 -8.56 -56.87 -30.78
N PRO D 138 -7.64 -56.86 -31.76
CA PRO D 138 -6.27 -57.39 -31.61
C PRO D 138 -5.51 -56.75 -30.45
N PRO D 151 15.84 -65.02 -35.27
CA PRO D 151 16.10 -66.47 -35.22
C PRO D 151 17.03 -66.94 -36.32
N ASP D 152 17.95 -66.08 -36.74
CA ASP D 152 18.80 -66.37 -37.87
C ASP D 152 20.14 -67.00 -37.51
N VAL D 153 20.41 -67.14 -36.22
CA VAL D 153 21.67 -67.70 -35.74
C VAL D 153 21.61 -69.22 -35.57
N SER D 154 22.73 -69.90 -35.86
CA SER D 154 22.82 -71.33 -35.67
C SER D 154 23.97 -71.65 -34.72
N TYR D 155 23.99 -72.88 -34.23
CA TYR D 155 25.04 -73.34 -33.33
C TYR D 155 26.41 -73.08 -33.92
N ALA D 156 26.51 -73.20 -35.23
CA ALA D 156 27.77 -73.04 -35.96
C ALA D 156 28.45 -71.69 -35.71
N ASP D 157 27.64 -70.67 -35.40
CA ASP D 157 28.16 -69.32 -35.18
C ASP D 157 28.76 -69.14 -33.79
N ILE D 158 28.22 -69.86 -32.81
CA ILE D 158 28.59 -69.69 -31.42
C ILE D 158 29.89 -70.40 -31.08
N GLY D 159 30.88 -69.64 -30.60
CA GLY D 159 32.18 -70.21 -30.30
C GLY D 159 32.39 -70.70 -28.88
N GLY D 160 33.26 -71.72 -28.74
CA GLY D 160 33.72 -72.21 -27.46
C GLY D 160 32.69 -72.81 -26.52
N LEU D 161 31.48 -73.01 -27.04
CA LEU D 161 30.37 -73.58 -26.27
C LEU D 161 30.08 -75.08 -26.49
N SER D 162 30.97 -75.78 -27.16
CA SER D 162 30.72 -77.15 -27.61
C SER D 162 30.05 -78.07 -26.59
N ARG D 163 30.48 -78.01 -25.34
CA ARG D 163 29.85 -78.82 -24.30
C ARG D 163 28.40 -78.43 -24.10
N GLN D 164 28.20 -77.15 -23.86
CA GLN D 164 26.90 -76.60 -23.52
C GLN D 164 25.86 -76.88 -24.60
N ILE D 165 26.22 -76.65 -25.86
CA ILE D 165 25.25 -76.81 -26.95
C ILE D 165 24.72 -78.25 -26.97
N GLU D 166 25.63 -79.23 -26.90
CA GLU D 166 25.27 -80.64 -26.82
C GLU D 166 24.32 -80.88 -25.66
N GLN D 167 24.66 -80.32 -24.50
CA GLN D 167 23.77 -80.43 -23.36
C GLN D 167 22.38 -79.86 -23.66
N ILE D 168 22.31 -78.80 -24.45
CA ILE D 168 21.03 -78.16 -24.75
C ILE D 168 20.16 -79.01 -25.66
N ARG D 169 20.74 -79.48 -26.77
CA ARG D 169 19.98 -80.25 -27.72
C ARG D 169 19.55 -81.56 -27.09
N ASP D 170 20.42 -82.17 -26.30
CA ASP D 170 20.06 -83.43 -25.63
C ASP D 170 18.75 -83.30 -24.87
N ALA D 171 18.52 -82.13 -24.29
CA ALA D 171 17.30 -81.90 -23.53
C ALA D 171 16.18 -81.27 -24.37
N VAL D 172 16.49 -80.81 -25.57
CA VAL D 172 15.46 -80.11 -26.34
C VAL D 172 15.13 -80.80 -27.65
N GLU D 173 16.11 -80.90 -28.53
CA GLU D 173 15.94 -81.55 -29.83
C GLU D 173 15.73 -83.07 -29.73
N LEU D 174 16.61 -83.74 -29.01
CA LEU D 174 16.56 -85.19 -28.83
C LEU D 174 15.23 -85.73 -28.30
N PRO D 175 14.60 -85.06 -27.32
CA PRO D 175 13.26 -85.55 -26.94
C PRO D 175 12.24 -85.47 -28.07
N PHE D 176 12.30 -84.42 -28.88
CA PHE D 176 11.26 -84.13 -29.86
C PHE D 176 11.39 -84.98 -31.12
N LEU D 177 12.62 -85.31 -31.48
CA LEU D 177 12.90 -86.10 -32.67
C LEU D 177 12.62 -87.58 -32.45
N HIS D 178 13.04 -88.08 -31.29
CA HIS D 178 12.99 -89.49 -30.96
C HIS D 178 11.80 -89.94 -30.10
N LYS D 179 10.74 -89.13 -30.01
CA LYS D 179 9.70 -89.25 -28.97
C LYS D 179 9.33 -90.69 -28.59
N GLU D 180 9.31 -91.58 -29.56
CA GLU D 180 9.03 -92.99 -29.29
C GLU D 180 10.13 -93.63 -28.44
N LEU D 181 11.38 -93.23 -28.67
CA LEU D 181 12.51 -93.82 -27.97
C LEU D 181 12.58 -93.31 -26.53
N TYR D 182 12.01 -92.13 -26.31
CA TYR D 182 11.78 -91.64 -24.95
C TYR D 182 10.64 -92.42 -24.33
N ARG D 183 9.62 -92.69 -25.15
CA ARG D 183 8.42 -93.37 -24.72
C ARG D 183 8.70 -94.78 -24.20
N GLU D 184 9.65 -95.46 -24.83
CA GLU D 184 10.00 -96.83 -24.44
C GLU D 184 10.67 -96.92 -23.07
N TYR D 185 11.36 -95.84 -22.70
CA TYR D 185 12.09 -95.80 -21.44
C TYR D 185 11.32 -95.15 -20.30
N SER D 186 10.05 -94.79 -20.54
CA SER D 186 9.23 -94.09 -19.55
C SER D 186 9.92 -92.80 -19.12
N LEU D 187 10.40 -92.05 -20.10
CA LEU D 187 11.15 -90.83 -19.82
C LEU D 187 10.36 -89.61 -20.28
N ARG D 188 10.00 -88.76 -19.33
CA ARG D 188 9.33 -87.51 -19.65
C ARG D 188 10.33 -86.49 -20.17
N PRO D 189 10.10 -85.96 -21.37
CA PRO D 189 10.99 -84.93 -21.92
C PRO D 189 10.97 -83.68 -21.04
N PRO D 190 12.14 -83.04 -20.85
CA PRO D 190 12.21 -81.90 -19.94
C PRO D 190 11.43 -80.70 -20.43
N LYS D 191 10.84 -79.98 -19.49
CA LYS D 191 10.02 -78.82 -19.77
C LYS D 191 10.87 -77.61 -20.16
N GLY D 192 11.78 -77.20 -19.28
CA GLY D 192 12.60 -76.04 -19.55
C GLY D 192 14.02 -76.10 -19.05
N VAL D 193 14.85 -75.18 -19.56
CA VAL D 193 16.28 -75.18 -19.28
C VAL D 193 16.68 -73.91 -18.50
N LEU D 194 17.71 -74.05 -17.68
CA LEU D 194 18.31 -72.91 -17.00
C LEU D 194 19.74 -72.66 -17.47
N LEU D 195 19.94 -71.59 -18.21
CA LEU D 195 21.28 -71.16 -18.57
C LEU D 195 21.82 -70.23 -17.49
N TYR D 196 22.92 -70.59 -16.86
CA TYR D 196 23.50 -69.71 -15.83
C TYR D 196 25.01 -69.57 -15.97
N GLY D 197 25.55 -68.50 -15.41
CA GLY D 197 26.97 -68.25 -15.45
C GLY D 197 27.27 -66.76 -15.38
N PRO D 198 28.57 -66.39 -15.38
CA PRO D 198 28.94 -64.98 -15.37
C PRO D 198 28.45 -64.29 -16.63
N PRO D 199 28.61 -62.97 -16.73
CA PRO D 199 28.15 -62.34 -17.98
C PRO D 199 29.25 -62.26 -19.03
N GLY D 200 28.90 -61.77 -20.21
CA GLY D 200 29.84 -61.59 -21.30
C GLY D 200 29.80 -62.60 -22.43
N CYS D 201 29.29 -63.80 -22.16
CA CYS D 201 29.03 -64.76 -23.24
C CYS D 201 27.69 -64.42 -23.88
N GLY D 202 26.88 -63.71 -23.10
CA GLY D 202 25.65 -63.09 -23.55
C GLY D 202 24.49 -64.05 -23.47
N LYS D 203 24.79 -65.34 -23.63
CA LYS D 203 23.88 -66.44 -23.27
C LYS D 203 22.55 -66.44 -24.03
N THR D 204 22.29 -65.35 -24.75
CA THR D 204 21.07 -65.22 -25.52
C THR D 204 21.24 -65.95 -26.85
N LEU D 205 22.41 -65.78 -27.46
CA LEU D 205 22.72 -66.42 -28.74
C LEU D 205 22.48 -67.92 -28.69
N ILE D 206 22.64 -68.52 -27.51
CA ILE D 206 22.38 -69.94 -27.32
C ILE D 206 20.89 -70.22 -27.40
N ALA D 207 20.10 -69.40 -26.72
CA ALA D 207 18.65 -69.56 -26.72
C ALA D 207 18.08 -69.33 -28.12
N LYS D 208 18.64 -68.36 -28.84
CA LYS D 208 18.23 -68.10 -30.21
C LYS D 208 18.60 -69.27 -31.09
N ALA D 209 19.80 -69.81 -30.87
CA ALA D 209 20.34 -70.88 -31.71
C ALA D 209 19.63 -72.21 -31.52
N VAL D 210 19.14 -72.47 -30.31
CA VAL D 210 18.33 -73.67 -30.10
C VAL D 210 16.89 -73.41 -30.57
N ALA D 211 16.45 -72.16 -30.47
CA ALA D 211 15.12 -71.81 -30.96
C ALA D 211 15.08 -71.87 -32.47
N ASN D 212 16.27 -71.81 -33.10
CA ASN D 212 16.40 -71.86 -34.56
C ASN D 212 16.76 -73.25 -35.13
N SER D 213 17.79 -73.88 -34.58
CA SER D 213 18.16 -75.23 -35.00
C SER D 213 17.02 -76.23 -34.82
N LEU D 214 16.15 -75.97 -33.86
CA LEU D 214 14.93 -76.73 -33.69
C LEU D 214 13.82 -76.24 -34.63
N ALA D 215 13.87 -74.96 -34.99
CA ALA D 215 12.82 -74.37 -35.82
C ALA D 215 12.83 -74.86 -37.26
N LYS D 216 13.88 -75.58 -37.66
CA LYS D 216 13.72 -76.39 -38.84
C LYS D 216 13.88 -77.88 -38.52
N LYS D 217 12.77 -78.55 -38.28
CA LYS D 217 12.73 -80.01 -38.30
C LYS D 217 12.01 -80.54 -39.53
N MET D 218 11.45 -79.62 -40.32
CA MET D 218 10.65 -80.03 -41.46
C MET D 218 11.56 -80.33 -42.65
N ALA D 219 11.15 -81.28 -43.51
CA ALA D 219 9.86 -81.98 -43.37
C ALA D 219 9.94 -83.12 -42.36
N LYS D 230 9.48 -72.25 -41.83
CA LYS D 230 10.01 -72.17 -40.48
C LYS D 230 9.00 -72.69 -39.46
N SER D 231 9.48 -73.47 -38.48
CA SER D 231 8.62 -74.02 -37.43
C SER D 231 8.31 -73.04 -36.29
N TYR D 232 9.21 -72.09 -36.03
CA TYR D 232 9.05 -71.19 -34.86
C TYR D 232 10.12 -70.10 -34.68
N PHE D 233 9.76 -69.01 -33.98
CA PHE D 233 10.69 -68.22 -33.17
C PHE D 233 9.96 -67.32 -32.17
N LEU D 234 10.64 -66.91 -31.10
CA LEU D 234 10.17 -65.85 -30.21
C LEU D 234 11.29 -65.45 -29.24
N ASN D 235 11.03 -64.39 -28.47
CA ASN D 235 11.82 -64.03 -27.30
C ASN D 235 11.03 -63.10 -26.38
N ILE D 236 11.45 -63.04 -25.11
CA ILE D 236 10.94 -62.06 -24.15
C ILE D 236 12.05 -61.82 -23.14
N LYS D 237 12.18 -60.60 -22.63
CA LYS D 237 13.22 -60.34 -21.63
C LYS D 237 12.63 -59.93 -20.28
N GLY D 238 13.29 -60.37 -19.22
CA GLY D 238 12.95 -59.97 -17.86
C GLY D 238 12.78 -58.49 -17.58
N PRO D 239 13.72 -57.64 -18.03
CA PRO D 239 13.69 -56.22 -17.69
C PRO D 239 12.32 -55.55 -17.82
N GLU D 240 11.48 -55.95 -18.77
CA GLU D 240 10.15 -55.39 -18.76
C GLU D 240 9.31 -56.32 -17.90
N LEU D 241 9.13 -55.88 -16.66
CA LEU D 241 8.29 -56.55 -15.66
C LEU D 241 7.46 -55.46 -14.99
N LEU D 242 8.18 -54.55 -14.32
CA LEU D 242 7.61 -53.37 -13.69
C LEU D 242 7.15 -52.39 -14.76
N ASN D 243 7.76 -52.50 -15.94
CA ASN D 243 7.37 -51.71 -17.10
C ASN D 243 5.90 -51.93 -17.46
N LYS D 244 5.24 -50.87 -17.92
CA LYS D 244 3.81 -50.93 -18.19
C LYS D 244 3.47 -50.67 -19.65
N PHE D 245 3.54 -49.40 -20.04
CA PHE D 245 3.06 -48.93 -21.33
C PHE D 245 1.62 -49.38 -21.56
N VAL D 246 1.39 -50.21 -22.57
CA VAL D 246 0.02 -50.63 -22.86
C VAL D 246 -0.45 -51.64 -21.81
N GLY D 247 -1.53 -51.27 -21.10
CA GLY D 247 -2.04 -52.08 -20.02
C GLY D 247 -1.18 -52.00 -18.77
N GLU D 248 -1.71 -52.46 -17.65
CA GLU D 248 -0.93 -52.62 -16.43
C GLU D 248 -0.43 -54.07 -16.38
N THR D 249 0.77 -54.26 -15.83
CA THR D 249 1.55 -55.47 -16.04
C THR D 249 1.19 -56.67 -15.18
N GLU D 250 0.13 -56.56 -14.38
CA GLU D 250 -0.19 -57.63 -13.45
C GLU D 250 -0.41 -58.98 -14.17
N ARG D 251 -1.28 -59.01 -15.18
CA ARG D 251 -1.63 -60.25 -15.87
C ARG D 251 -0.99 -60.53 -17.25
N HIS D 252 -0.03 -59.70 -17.68
CA HIS D 252 0.69 -59.94 -18.95
C HIS D 252 1.17 -61.39 -19.05
N ILE D 253 1.51 -61.90 -17.87
CA ILE D 253 2.05 -63.22 -17.62
C ILE D 253 1.12 -64.36 -18.07
N ARG D 254 -0.12 -63.99 -18.38
CA ARG D 254 -1.10 -64.95 -18.90
C ARG D 254 -1.15 -64.88 -20.43
N LEU D 255 -1.46 -63.69 -20.92
CA LEU D 255 -1.55 -63.41 -22.36
C LEU D 255 -0.37 -64.00 -23.13
N ILE D 256 0.84 -63.81 -22.61
CA ILE D 256 1.98 -64.41 -23.30
C ILE D 256 1.85 -65.95 -23.36
N PHE D 257 1.45 -66.55 -22.25
CA PHE D 257 1.39 -68.01 -22.17
C PHE D 257 0.29 -68.63 -23.03
N GLN D 258 -0.76 -67.86 -23.33
CA GLN D 258 -1.77 -68.37 -24.27
C GLN D 258 -1.30 -68.14 -25.72
N ARG D 259 -0.60 -67.04 -25.97
CA ARG D 259 -0.03 -66.82 -27.29
C ARG D 259 0.96 -67.94 -27.61
N ALA D 260 1.56 -68.50 -26.58
CA ALA D 260 2.38 -69.69 -26.73
C ALA D 260 1.49 -70.91 -26.99
N ARG D 261 0.22 -70.82 -26.58
CA ARG D 261 -0.69 -71.94 -26.73
C ARG D 261 -1.27 -72.02 -28.14
N GLU D 262 -1.14 -70.93 -28.91
CA GLU D 262 -1.52 -70.99 -30.32
C GLU D 262 -0.82 -72.12 -31.08
N LYS D 263 0.51 -72.14 -31.03
CA LYS D 263 1.29 -73.14 -31.76
C LYS D 263 1.39 -74.43 -30.95
N ALA D 264 0.77 -74.42 -29.77
CA ALA D 264 0.66 -75.61 -28.93
C ALA D 264 -0.42 -76.55 -29.44
N SER D 265 -1.50 -75.97 -29.95
CA SER D 265 -2.61 -76.74 -30.51
C SER D 265 -2.33 -77.00 -31.98
N GLU D 266 -1.13 -76.58 -32.41
CA GLU D 266 -0.67 -76.77 -33.79
C GLU D 266 0.31 -77.93 -33.97
N GLY D 267 1.22 -78.13 -33.03
CA GLY D 267 2.20 -79.20 -33.11
C GLY D 267 3.56 -78.70 -33.55
N THR D 268 3.62 -77.41 -33.90
CA THR D 268 4.89 -76.75 -34.17
C THR D 268 5.41 -76.11 -32.88
N PRO D 269 6.62 -76.51 -32.45
CA PRO D 269 7.23 -76.19 -31.16
C PRO D 269 7.36 -74.70 -30.82
N VAL D 270 7.36 -74.39 -29.52
CA VAL D 270 7.47 -73.02 -29.04
C VAL D 270 8.39 -72.92 -27.82
N ILE D 271 9.27 -71.92 -27.81
CA ILE D 271 10.21 -71.72 -26.72
C ILE D 271 10.06 -70.34 -26.06
N VAL D 272 9.59 -70.34 -24.80
CA VAL D 272 9.39 -69.10 -24.05
C VAL D 272 10.62 -68.74 -23.26
N PHE D 273 11.31 -67.67 -23.66
CA PHE D 273 12.57 -67.31 -23.04
C PHE D 273 12.41 -66.20 -22.00
N PHE D 274 13.00 -66.39 -20.82
CA PHE D 274 13.04 -65.33 -19.83
C PHE D 274 14.48 -64.89 -19.62
N ASP D 275 14.84 -63.71 -20.13
CA ASP D 275 16.16 -63.13 -19.89
C ASP D 275 16.14 -62.45 -18.53
N GLU D 276 17.31 -62.35 -17.88
CA GLU D 276 17.42 -61.67 -16.60
C GLU D 276 16.38 -62.16 -15.59
N MET D 277 16.32 -63.47 -15.38
CA MET D 277 15.35 -64.06 -14.47
C MET D 277 15.74 -63.81 -13.02
N ASP D 278 17.03 -63.53 -12.81
CA ASP D 278 17.54 -63.11 -11.51
C ASP D 278 16.92 -61.78 -11.08
N SER D 279 16.38 -61.04 -12.05
CA SER D 279 15.77 -59.75 -11.77
C SER D 279 14.39 -59.92 -11.14
N ILE D 280 13.63 -60.87 -11.65
CA ILE D 280 12.28 -61.15 -11.15
C ILE D 280 12.32 -61.59 -9.69
N PHE D 281 13.30 -62.43 -9.36
CA PHE D 281 13.46 -62.93 -8.00
C PHE D 281 14.46 -62.09 -7.21
N VAL D 296 5.31 -59.58 -7.92
CA VAL D 296 5.96 -60.70 -7.23
C VAL D 296 5.89 -61.97 -8.10
N VAL D 297 6.56 -63.03 -7.64
CA VAL D 297 6.77 -64.28 -8.39
C VAL D 297 5.57 -65.19 -8.76
N PRO D 298 4.58 -65.38 -7.86
CA PRO D 298 3.73 -66.59 -7.87
C PRO D 298 3.13 -67.05 -9.21
N GLN D 299 2.75 -66.12 -10.08
CA GLN D 299 2.04 -66.41 -11.32
C GLN D 299 2.79 -67.37 -12.25
N LEU D 300 4.05 -67.04 -12.50
CA LEU D 300 4.92 -67.81 -13.38
C LEU D 300 4.92 -69.30 -13.02
N LEU D 301 4.98 -69.58 -11.73
CA LEU D 301 5.06 -70.95 -11.23
C LEU D 301 3.85 -71.79 -11.64
N SER D 302 2.68 -71.16 -11.66
CA SER D 302 1.46 -71.83 -12.09
C SER D 302 1.42 -71.96 -13.61
N GLU D 303 1.69 -70.86 -14.29
CA GLU D 303 1.63 -70.84 -15.75
C GLU D 303 2.66 -71.75 -16.41
N ILE D 304 3.67 -72.16 -15.65
CA ILE D 304 4.64 -73.14 -16.12
C ILE D 304 4.03 -74.53 -16.01
N ASP D 305 3.25 -74.75 -14.95
CA ASP D 305 2.54 -76.01 -14.78
C ASP D 305 1.46 -76.15 -15.84
N GLY D 306 0.94 -75.02 -16.30
CA GLY D 306 -0.08 -75.02 -17.34
C GLY D 306 0.42 -75.63 -18.63
N VAL D 307 1.71 -75.46 -18.90
CA VAL D 307 2.30 -75.96 -20.12
C VAL D 307 2.93 -77.35 -19.91
N GLU D 308 2.74 -77.91 -18.72
CA GLU D 308 3.26 -79.24 -18.42
C GLU D 308 2.62 -80.33 -19.30
N GLY D 309 1.30 -80.33 -19.38
CA GLY D 309 0.57 -81.31 -20.16
C GLY D 309 0.84 -81.19 -21.65
N LEU D 310 1.27 -80.01 -22.08
CA LEU D 310 1.63 -79.78 -23.47
C LEU D 310 3.16 -79.79 -23.62
N GLU D 311 3.68 -80.83 -24.25
CA GLU D 311 5.12 -81.03 -24.34
C GLU D 311 5.69 -80.39 -25.61
N ASN D 312 4.84 -79.71 -26.36
CA ASN D 312 5.23 -79.04 -27.60
C ASN D 312 5.85 -77.67 -27.34
N VAL D 313 5.84 -77.23 -26.09
CA VAL D 313 6.42 -75.94 -25.74
C VAL D 313 7.56 -76.08 -24.73
N ILE D 314 8.69 -75.47 -25.07
CA ILE D 314 9.85 -75.40 -24.20
C ILE D 314 9.89 -74.01 -23.54
N VAL D 315 10.35 -73.91 -22.30
CA VAL D 315 10.56 -72.60 -21.69
C VAL D 315 11.98 -72.46 -21.14
N ILE D 316 12.77 -71.62 -21.79
CA ILE D 316 14.17 -71.42 -21.42
C ILE D 316 14.29 -70.13 -20.62
N GLY D 317 15.23 -70.10 -19.69
CA GLY D 317 15.51 -68.87 -18.96
C GLY D 317 16.96 -68.77 -18.57
N ALA D 318 17.43 -67.55 -18.36
CA ALA D 318 18.85 -67.33 -18.12
C ALA D 318 19.08 -66.39 -16.95
N SER D 319 20.18 -66.61 -16.24
CA SER D 319 20.52 -65.78 -15.10
C SER D 319 22.02 -65.63 -14.92
N ASN D 320 22.45 -64.41 -14.62
CA ASN D 320 23.86 -64.11 -14.43
C ASN D 320 24.30 -64.30 -12.99
N ARG D 321 23.33 -64.42 -12.09
CA ARG D 321 23.62 -64.92 -10.75
C ARG D 321 22.58 -65.96 -10.35
N GLU D 322 23.01 -67.21 -10.24
CA GLU D 322 22.10 -68.30 -9.99
C GLU D 322 21.78 -68.38 -8.50
N ASP D 323 22.45 -67.55 -7.71
CA ASP D 323 22.22 -67.53 -6.28
C ASP D 323 20.78 -67.17 -6.00
N MET D 324 20.35 -66.08 -6.63
CA MET D 324 19.12 -65.40 -6.25
C MET D 324 17.85 -66.10 -6.74
N ILE D 325 18.00 -67.06 -7.64
CA ILE D 325 16.83 -67.74 -8.21
C ILE D 325 16.08 -68.53 -7.14
N ASP D 326 14.77 -68.33 -7.08
CA ASP D 326 13.91 -69.16 -6.23
C ASP D 326 14.06 -70.60 -6.70
N PRO D 327 14.54 -71.49 -5.80
CA PRO D 327 14.76 -72.90 -6.14
C PRO D 327 13.50 -73.63 -6.57
N ALA D 328 12.33 -73.08 -6.24
CA ALA D 328 11.05 -73.67 -6.61
C ALA D 328 10.92 -73.86 -8.12
N ILE D 329 11.52 -72.95 -8.87
CA ILE D 329 11.41 -72.96 -10.32
C ILE D 329 12.45 -73.92 -10.92
N LEU D 330 13.41 -74.32 -10.09
CA LEU D 330 14.49 -75.23 -10.52
C LEU D 330 14.18 -76.70 -10.23
N ARG D 331 13.04 -76.96 -9.61
CA ARG D 331 12.66 -78.31 -9.19
C ARG D 331 12.28 -79.17 -10.40
N PRO D 332 12.36 -80.51 -10.26
CA PRO D 332 12.00 -81.42 -11.35
C PRO D 332 10.63 -81.11 -11.94
N GLY D 333 10.56 -81.05 -13.27
CA GLY D 333 9.31 -80.78 -13.96
C GLY D 333 9.16 -79.34 -14.43
N ARG D 334 9.90 -78.41 -13.83
CA ARG D 334 9.81 -77.00 -14.21
C ARG D 334 11.02 -76.56 -15.03
N LEU D 335 12.18 -76.35 -14.40
CA LEU D 335 13.41 -76.30 -15.15
C LEU D 335 14.30 -77.47 -14.74
N ASP D 336 14.32 -78.50 -15.57
CA ASP D 336 15.01 -79.74 -15.24
C ASP D 336 16.51 -79.65 -15.55
N VAL D 337 16.82 -79.15 -16.74
CA VAL D 337 18.19 -79.07 -17.19
C VAL D 337 18.84 -77.76 -16.77
N LYS D 338 19.88 -77.86 -15.95
CA LYS D 338 20.66 -76.69 -15.61
C LYS D 338 21.94 -76.72 -16.44
N ILE D 339 22.14 -75.70 -17.25
CA ILE D 339 23.30 -75.65 -18.13
C ILE D 339 24.15 -74.41 -17.85
N LYS D 340 25.42 -74.65 -17.50
CA LYS D 340 26.30 -73.57 -17.09
C LYS D 340 27.12 -73.01 -18.25
N ILE D 341 26.88 -71.76 -18.60
CA ILE D 341 27.72 -71.08 -19.58
C ILE D 341 28.86 -70.43 -18.80
N GLU D 342 30.08 -70.93 -18.99
CA GLU D 342 31.19 -70.59 -18.10
C GLU D 342 32.29 -69.80 -18.76
N ARG D 343 33.07 -69.07 -17.97
CA ARG D 343 34.11 -68.26 -18.60
C ARG D 343 34.91 -69.18 -19.52
N PRO D 344 35.09 -68.68 -20.81
CA PRO D 344 35.83 -69.58 -21.71
C PRO D 344 37.32 -69.69 -21.43
N ASP D 345 37.87 -70.86 -21.75
CA ASP D 345 39.29 -71.11 -21.57
C ASP D 345 40.02 -70.97 -22.90
N ALA D 346 41.33 -71.14 -22.86
CA ALA D 346 42.22 -70.85 -24.00
C ALA D 346 41.75 -71.39 -25.36
N GLU D 347 41.39 -72.66 -25.41
CA GLU D 347 40.97 -73.26 -26.67
C GLU D 347 39.56 -72.77 -27.05
N ALA D 348 38.71 -72.61 -26.05
CA ALA D 348 37.38 -72.05 -26.29
C ALA D 348 37.50 -70.60 -26.76
N ALA D 349 38.53 -69.91 -26.25
CA ALA D 349 38.83 -68.56 -26.70
C ALA D 349 39.24 -68.56 -28.15
N GLN D 350 40.07 -69.53 -28.54
CA GLN D 350 40.43 -69.68 -29.95
C GLN D 350 39.17 -69.86 -30.78
N ASP D 351 38.33 -70.80 -30.34
CA ASP D 351 37.08 -71.10 -31.03
C ASP D 351 36.21 -69.86 -31.19
N ILE D 352 36.27 -68.94 -30.23
CA ILE D 352 35.50 -67.71 -30.33
C ILE D 352 36.14 -66.71 -31.30
N TYR D 353 37.46 -66.59 -31.24
CA TYR D 353 38.17 -65.67 -32.15
C TYR D 353 38.01 -66.08 -33.59
N SER D 354 37.84 -67.38 -33.82
CA SER D 354 37.70 -67.90 -35.18
C SER D 354 36.47 -67.34 -35.89
N LYS D 355 35.43 -67.05 -35.12
CA LYS D 355 34.20 -66.52 -35.69
C LYS D 355 34.40 -65.06 -36.08
N TYR D 356 35.05 -64.28 -35.22
CA TYR D 356 35.18 -62.85 -35.46
C TYR D 356 36.27 -62.50 -36.46
N LEU D 357 37.20 -63.40 -36.72
CA LEU D 357 38.06 -63.22 -37.87
C LEU D 357 37.71 -64.24 -38.95
N THR D 358 36.96 -63.79 -39.95
CA THR D 358 36.74 -64.56 -41.16
C THR D 358 37.88 -64.31 -42.14
N GLU D 359 38.11 -65.24 -43.07
CA GLU D 359 39.09 -65.01 -44.13
C GLU D 359 38.64 -63.88 -45.05
N PHE D 360 37.39 -63.45 -44.87
CA PHE D 360 36.80 -62.37 -45.65
C PHE D 360 37.23 -61.00 -45.15
N LEU D 361 38.02 -60.99 -44.07
CA LEU D 361 38.58 -59.74 -43.54
C LEU D 361 39.93 -59.45 -44.18
N PRO D 362 40.21 -58.16 -44.41
CA PRO D 362 41.42 -57.67 -45.09
C PRO D 362 42.70 -57.78 -44.24
N VAL D 363 43.35 -58.93 -44.28
CA VAL D 363 44.63 -59.11 -43.59
C VAL D 363 45.79 -58.50 -44.37
N HIS D 364 46.68 -57.81 -43.66
CA HIS D 364 47.81 -57.10 -44.27
C HIS D 364 48.78 -58.04 -44.98
N ALA D 365 49.45 -57.51 -46.00
CA ALA D 365 50.37 -58.27 -46.84
C ALA D 365 51.58 -58.79 -46.06
N ASP D 366 52.12 -57.97 -45.18
CA ASP D 366 53.29 -58.33 -44.36
C ASP D 366 53.10 -59.67 -43.64
N ASP D 367 51.91 -59.85 -43.08
CA ASP D 367 51.61 -61.03 -42.29
C ASP D 367 51.34 -62.25 -43.16
N LEU D 368 50.78 -62.03 -44.35
CA LEU D 368 50.52 -63.13 -45.27
C LEU D 368 51.82 -63.66 -45.86
N ALA D 369 52.75 -62.74 -46.16
CA ALA D 369 54.04 -63.09 -46.74
C ALA D 369 54.80 -64.11 -45.89
N GLU D 370 54.75 -63.90 -44.58
CA GLU D 370 55.33 -64.81 -43.59
C GLU D 370 54.87 -66.25 -43.81
N PHE D 371 53.59 -66.39 -44.14
CA PHE D 371 52.91 -67.68 -44.28
C PHE D 371 52.82 -68.19 -45.72
N ASP D 372 53.60 -67.57 -46.60
CA ASP D 372 53.63 -67.91 -48.04
C ASP D 372 52.33 -67.52 -48.72
N GLY D 373 51.70 -66.48 -48.19
CA GLY D 373 50.51 -65.92 -48.80
C GLY D 373 49.28 -66.75 -48.49
N ASP D 374 49.41 -67.69 -47.57
CA ASP D 374 48.29 -68.52 -47.18
C ASP D 374 47.41 -67.73 -46.21
N ARG D 375 46.17 -67.49 -46.62
CA ARG D 375 45.24 -66.69 -45.83
C ARG D 375 44.78 -67.40 -44.57
N SER D 376 44.23 -68.60 -44.73
CA SER D 376 43.66 -69.34 -43.62
C SER D 376 44.71 -69.66 -42.56
N ALA D 377 45.86 -70.16 -42.99
CA ALA D 377 46.93 -70.49 -42.07
C ALA D 377 47.44 -69.25 -41.32
N CYS D 378 47.44 -68.11 -42.01
CA CYS D 378 47.84 -66.85 -41.39
C CYS D 378 46.88 -66.46 -40.28
N ILE D 379 45.59 -66.49 -40.57
CA ILE D 379 44.57 -66.13 -39.59
C ILE D 379 44.57 -67.09 -38.40
N LYS D 380 44.68 -68.39 -38.66
CA LYS D 380 44.83 -69.37 -37.58
C LYS D 380 46.01 -69.02 -36.69
N ALA D 381 47.13 -68.67 -37.32
CA ALA D 381 48.36 -68.40 -36.58
C ALA D 381 48.23 -67.15 -35.71
N MET D 382 47.67 -66.09 -36.27
CA MET D 382 47.34 -64.88 -35.52
C MET D 382 46.48 -65.21 -34.31
N ILE D 383 45.44 -66.02 -34.55
CA ILE D 383 44.54 -66.44 -33.49
C ILE D 383 45.29 -67.10 -32.33
N GLU D 384 46.11 -68.12 -32.61
CA GLU D 384 46.82 -68.75 -31.49
C GLU D 384 47.82 -67.77 -30.86
N LYS D 385 48.32 -66.81 -31.65
CA LYS D 385 49.22 -65.81 -31.11
C LYS D 385 48.55 -64.94 -30.04
N VAL D 386 47.41 -64.35 -30.38
CA VAL D 386 46.73 -63.44 -29.45
C VAL D 386 46.05 -64.21 -28.31
N VAL D 387 45.58 -65.42 -28.58
CA VAL D 387 44.98 -66.23 -27.53
C VAL D 387 46.05 -66.62 -26.53
N ASP D 388 47.25 -66.93 -27.02
CA ASP D 388 48.37 -67.23 -26.15
C ASP D 388 48.81 -65.98 -25.38
N ARG D 389 48.68 -64.81 -25.99
CA ARG D 389 49.05 -63.56 -25.33
C ARG D 389 48.08 -63.24 -24.19
N MET D 390 46.80 -63.46 -24.47
CA MET D 390 45.72 -63.15 -23.54
C MET D 390 45.82 -63.94 -22.23
N TYR D 391 46.11 -65.22 -22.34
CA TYR D 391 46.05 -66.13 -21.20
C TYR D 391 47.39 -66.28 -20.49
N ALA D 392 48.37 -65.48 -20.89
CA ALA D 392 49.66 -65.43 -20.20
C ALA D 392 49.50 -65.01 -18.73
N GLU D 393 50.32 -65.63 -17.88
CA GLU D 393 50.41 -65.32 -16.46
C GLU D 393 51.47 -64.25 -16.21
N ILE D 394 51.94 -63.62 -17.28
CA ILE D 394 52.82 -62.46 -17.18
C ILE D 394 52.20 -61.34 -16.32
N ASP D 395 53.07 -60.60 -15.62
CA ASP D 395 52.66 -59.58 -14.65
C ASP D 395 51.88 -58.41 -15.25
N ASP D 396 51.81 -58.34 -16.57
CA ASP D 396 51.06 -57.28 -17.23
C ASP D 396 49.65 -57.76 -17.55
N ASN D 397 49.41 -59.04 -17.28
CA ASN D 397 48.09 -59.62 -17.48
C ASN D 397 47.32 -59.68 -16.17
N ARG D 398 47.93 -59.15 -15.11
CA ARG D 398 47.31 -59.12 -13.79
C ARG D 398 46.06 -58.26 -13.76
N PHE D 399 44.97 -58.81 -13.25
CA PHE D 399 43.68 -58.10 -13.18
C PHE D 399 43.13 -57.73 -11.80
N LEU D 400 43.25 -58.62 -10.82
CA LEU D 400 42.73 -58.36 -9.48
C LEU D 400 43.65 -58.77 -8.35
N GLU D 401 43.62 -58.03 -7.25
CA GLU D 401 44.18 -58.50 -5.99
C GLU D 401 43.02 -58.77 -5.03
N VAL D 402 42.95 -60.03 -4.60
CA VAL D 402 41.87 -60.51 -3.75
C VAL D 402 42.38 -60.84 -2.36
N THR D 403 41.93 -60.06 -1.38
CA THR D 403 42.29 -60.27 0.01
C THR D 403 41.19 -61.02 0.77
N TYR D 404 41.54 -62.21 1.24
CA TYR D 404 40.62 -63.06 1.98
C TYR D 404 40.56 -62.73 3.46
N ALA D 405 39.75 -63.49 4.20
CA ALA D 405 39.58 -63.28 5.63
C ALA D 405 40.75 -63.81 6.45
N ASN D 406 41.45 -64.81 5.91
CA ASN D 406 42.54 -65.45 6.62
C ASN D 406 43.88 -64.74 6.43
N GLY D 407 43.86 -63.61 5.72
CA GLY D 407 45.05 -62.83 5.53
C GLY D 407 45.76 -63.10 4.22
N ASP D 408 45.36 -64.17 3.54
CA ASP D 408 45.96 -64.51 2.26
C ASP D 408 45.57 -63.46 1.21
N LYS D 409 46.42 -63.30 0.19
CA LYS D 409 46.10 -62.43 -0.94
C LYS D 409 46.47 -63.14 -2.23
N GLU D 410 45.54 -63.11 -3.19
CA GLU D 410 45.70 -63.87 -4.43
C GLU D 410 45.50 -62.99 -5.65
N VAL D 411 46.35 -63.16 -6.64
CA VAL D 411 46.30 -62.35 -7.85
C VAL D 411 45.56 -63.06 -8.99
N MET D 412 44.50 -62.42 -9.48
CA MET D 412 43.72 -62.95 -10.59
C MET D 412 44.21 -62.36 -11.90
N TYR D 413 44.67 -63.23 -12.80
CA TYR D 413 45.09 -62.78 -14.11
C TYR D 413 43.88 -62.68 -15.02
N PHE D 414 44.06 -62.17 -16.22
CA PHE D 414 42.90 -61.96 -17.07
C PHE D 414 42.47 -63.24 -17.72
N LYS D 415 43.29 -64.26 -17.60
CA LYS D 415 42.98 -65.55 -18.21
C LYS D 415 41.71 -66.16 -17.63
N ASP D 416 41.31 -65.68 -16.46
CA ASP D 416 40.10 -66.15 -15.78
C ASP D 416 38.85 -65.30 -15.94
N PHE D 417 39.07 -64.10 -16.43
CA PHE D 417 38.01 -63.13 -16.58
C PHE D 417 37.61 -62.84 -18.02
N ASN D 418 38.06 -63.68 -18.95
CA ASN D 418 37.72 -63.53 -20.37
C ASN D 418 36.24 -63.77 -20.63
N SER D 419 35.77 -63.35 -21.81
CA SER D 419 34.37 -63.50 -22.19
C SER D 419 34.14 -63.09 -23.63
N GLY D 420 33.00 -63.49 -24.18
CA GLY D 420 32.68 -63.23 -25.56
C GLY D 420 32.67 -61.74 -25.82
N ALA D 421 32.26 -61.00 -24.80
CA ALA D 421 32.17 -59.55 -24.88
C ALA D 421 33.55 -58.93 -25.05
N MET D 422 34.52 -59.51 -24.37
CA MET D 422 35.87 -58.98 -24.38
C MET D 422 36.66 -59.43 -25.59
N ILE D 423 36.34 -60.60 -26.11
CA ILE D 423 36.99 -61.08 -27.32
C ILE D 423 36.48 -60.23 -28.46
N GLN D 424 35.17 -60.04 -28.52
CA GLN D 424 34.59 -59.16 -29.50
C GLN D 424 35.13 -57.74 -29.36
N ASN D 425 35.30 -57.27 -28.13
CA ASN D 425 35.85 -55.93 -27.92
C ASN D 425 37.27 -55.80 -28.46
N VAL D 426 38.07 -56.83 -28.20
CA VAL D 426 39.45 -56.85 -28.68
C VAL D 426 39.45 -56.79 -30.20
N VAL D 427 38.61 -57.63 -30.80
CA VAL D 427 38.44 -57.65 -32.24
C VAL D 427 38.12 -56.25 -32.76
N ASP D 428 36.98 -55.67 -32.34
CA ASP D 428 36.56 -54.36 -32.82
C ASP D 428 37.61 -53.27 -32.66
N ARG D 429 38.28 -53.23 -31.52
CA ARG D 429 39.31 -52.22 -31.33
C ARG D 429 40.47 -52.47 -32.29
N ALA D 430 40.74 -53.73 -32.56
CA ALA D 430 41.82 -54.09 -33.49
C ALA D 430 41.47 -53.68 -34.92
N LYS D 431 40.20 -53.84 -35.28
CA LYS D 431 39.71 -53.40 -36.58
C LYS D 431 39.85 -51.89 -36.68
N LYS D 432 39.49 -51.19 -35.63
CA LYS D 432 39.62 -49.73 -35.59
C LYS D 432 41.09 -49.32 -35.79
N ASN D 433 41.99 -50.01 -35.12
CA ASN D 433 43.42 -49.76 -35.31
C ASN D 433 43.84 -50.06 -36.74
N ALA D 434 43.17 -51.03 -37.35
CA ALA D 434 43.46 -51.39 -38.73
C ALA D 434 43.09 -50.25 -39.67
N ILE D 435 41.90 -49.69 -39.46
CA ILE D 435 41.40 -48.56 -40.24
C ILE D 435 42.27 -47.31 -40.05
N LYS D 436 42.64 -47.02 -38.81
CA LYS D 436 43.52 -45.88 -38.56
C LYS D 436 44.90 -46.11 -39.18
N SER D 437 45.35 -47.37 -39.21
CA SER D 437 46.65 -47.66 -39.80
C SER D 437 46.61 -47.36 -41.30
N VAL D 438 45.51 -47.77 -41.94
CA VAL D 438 45.32 -47.55 -43.37
C VAL D 438 45.19 -46.08 -43.76
N LEU D 439 44.45 -45.32 -42.95
CA LEU D 439 44.23 -43.90 -43.22
C LEU D 439 45.53 -43.11 -43.17
N GLU D 440 46.37 -43.44 -42.21
CA GLU D 440 47.65 -42.77 -42.03
C GLU D 440 48.81 -43.41 -42.81
N THR D 441 48.93 -44.73 -42.78
CA THR D 441 50.04 -45.38 -43.51
C THR D 441 49.70 -45.73 -44.96
N GLY D 442 48.41 -45.77 -45.28
CA GLY D 442 47.94 -45.91 -46.65
C GLY D 442 47.72 -47.31 -47.18
N GLN D 443 48.43 -48.30 -46.66
CA GLN D 443 48.32 -49.66 -47.17
C GLN D 443 47.20 -50.40 -46.44
N PRO D 444 46.56 -51.37 -47.10
CA PRO D 444 45.41 -52.04 -46.50
C PRO D 444 45.84 -53.08 -45.48
N GLY D 445 44.86 -53.71 -44.84
CA GLY D 445 45.15 -54.86 -44.02
C GLY D 445 45.20 -54.70 -42.52
N LEU D 446 44.88 -55.80 -41.83
CA LEU D 446 44.99 -55.87 -40.39
C LEU D 446 46.13 -56.80 -40.00
N ARG D 447 47.05 -56.31 -39.18
CA ARG D 447 48.19 -57.12 -38.78
C ARG D 447 48.17 -57.42 -37.29
N ILE D 448 48.88 -58.48 -36.92
CA ILE D 448 48.89 -59.02 -35.56
C ILE D 448 49.10 -57.97 -34.47
N GLN D 449 49.88 -56.93 -34.79
CA GLN D 449 50.18 -55.90 -33.81
C GLN D 449 48.93 -55.13 -33.42
N HIS D 450 48.00 -54.96 -34.36
CA HIS D 450 46.72 -54.31 -34.04
C HIS D 450 45.98 -55.10 -32.98
N LEU D 451 46.00 -56.42 -33.12
CA LEU D 451 45.32 -57.28 -32.16
C LEU D 451 46.00 -57.20 -30.80
N LEU D 452 47.33 -57.27 -30.79
CA LEU D 452 48.07 -57.22 -29.52
C LEU D 452 47.87 -55.91 -28.75
N ASP D 453 48.08 -54.80 -29.44
CA ASP D 453 47.85 -53.51 -28.82
C ASP D 453 46.39 -53.39 -28.40
N SER D 454 45.48 -53.97 -29.18
CA SER D 454 44.07 -53.94 -28.79
C SER D 454 43.85 -54.70 -27.48
N ILE D 455 44.59 -55.78 -27.30
CA ILE D 455 44.47 -56.58 -26.08
C ILE D 455 44.98 -55.82 -24.87
N VAL D 456 46.16 -55.23 -24.99
CA VAL D 456 46.71 -54.50 -23.84
C VAL D 456 45.80 -53.30 -23.50
N ASP D 457 45.20 -52.68 -24.51
CA ASP D 457 44.31 -51.56 -24.26
C ASP D 457 42.97 -51.99 -23.67
N GLU D 458 42.50 -53.18 -24.07
CA GLU D 458 41.24 -53.70 -23.55
C GLU D 458 41.39 -54.09 -22.09
N PHE D 459 42.47 -54.79 -21.78
CA PHE D 459 42.82 -55.13 -20.42
C PHE D 459 42.94 -53.89 -19.56
N ALA D 460 43.62 -52.88 -20.09
CA ALA D 460 43.82 -51.64 -19.35
C ALA D 460 42.48 -50.98 -19.09
N GLU D 461 41.56 -51.10 -20.05
CA GLU D 461 40.25 -50.47 -19.87
C GLU D 461 39.45 -51.17 -18.79
N ASN D 462 39.59 -52.50 -18.73
CA ASN D 462 38.93 -53.26 -17.70
C ASN D 462 39.42 -52.92 -16.30
N GLU D 463 40.75 -52.86 -16.14
CA GLU D 463 41.36 -52.46 -14.88
C GLU D 463 40.76 -51.18 -14.30
N ASP D 464 40.51 -50.22 -15.17
CA ASP D 464 39.98 -48.95 -14.71
C ASP D 464 38.49 -49.09 -14.43
N LEU D 465 37.77 -49.78 -15.32
CA LEU D 465 36.32 -49.90 -15.19
C LEU D 465 35.90 -51.37 -15.26
N PRO D 466 36.01 -52.07 -14.13
CA PRO D 466 35.84 -53.52 -14.08
C PRO D 466 34.40 -53.94 -13.86
N ASN D 467 33.49 -53.41 -14.68
CA ASN D 467 32.08 -53.75 -14.58
C ASN D 467 31.79 -55.14 -15.13
N THR D 468 32.82 -55.77 -15.70
CA THR D 468 32.72 -57.13 -16.21
C THR D 468 32.67 -58.22 -15.12
N THR D 469 32.83 -57.83 -13.86
CA THR D 469 32.84 -58.80 -12.77
C THR D 469 31.51 -58.77 -12.01
N ASN D 470 31.04 -59.92 -11.55
CA ASN D 470 29.81 -59.99 -10.78
C ASN D 470 29.95 -61.01 -9.64
N PRO D 471 29.07 -60.94 -8.62
CA PRO D 471 29.15 -61.85 -7.45
C PRO D 471 29.33 -63.32 -7.80
N ASP D 472 28.85 -63.70 -8.97
CA ASP D 472 29.05 -65.06 -9.46
C ASP D 472 30.52 -65.42 -9.57
N ASP D 473 31.39 -64.43 -9.75
CA ASP D 473 32.83 -64.67 -9.82
C ASP D 473 33.42 -64.83 -8.42
N TRP D 474 32.99 -63.98 -7.50
CA TRP D 474 33.54 -64.02 -6.15
C TRP D 474 33.09 -65.31 -5.46
N ALA D 475 31.96 -65.85 -5.90
CA ALA D 475 31.48 -67.12 -5.40
C ALA D 475 32.47 -68.24 -5.73
N ARG D 476 32.95 -68.25 -6.97
CA ARG D 476 33.83 -69.34 -7.42
C ARG D 476 35.26 -69.14 -6.96
N ILE D 477 35.66 -67.88 -6.80
CA ILE D 477 36.98 -67.61 -6.27
C ILE D 477 37.04 -68.00 -4.79
N SER D 478 36.07 -67.50 -4.04
CA SER D 478 35.95 -67.83 -2.62
C SER D 478 35.80 -69.33 -2.44
N GLY D 479 35.08 -69.96 -3.37
CA GLY D 479 34.91 -71.40 -3.35
C GLY D 479 36.22 -72.13 -3.50
N LYS D 480 36.97 -71.81 -4.56
CA LYS D 480 38.22 -72.51 -4.81
C LYS D 480 39.22 -72.28 -3.69
N LYS D 481 39.18 -71.09 -3.08
CA LYS D 481 40.08 -70.79 -1.98
C LYS D 481 39.68 -71.52 -0.70
N GLY D 482 38.39 -71.44 -0.36
CA GLY D 482 37.91 -72.02 0.87
C GLY D 482 37.90 -70.98 1.97
N GLU D 483 37.97 -69.72 1.57
CA GLU D 483 37.95 -68.62 2.52
C GLU D 483 37.18 -67.42 1.95
N ARG D 484 36.35 -66.82 2.79
CA ARG D 484 35.54 -65.65 2.42
C ARG D 484 36.43 -64.48 1.99
N ILE D 485 35.95 -63.67 1.06
CA ILE D 485 36.71 -62.54 0.51
C ILE D 485 36.31 -61.20 1.16
N VAL D 486 37.27 -60.53 1.80
CA VAL D 486 36.97 -59.24 2.39
C VAL D 486 37.35 -58.00 1.56
N TYR D 487 38.22 -58.15 0.56
CA TYR D 487 38.64 -56.98 -0.21
C TYR D 487 39.06 -57.32 -1.62
N ILE D 488 38.69 -56.46 -2.57
CA ILE D 488 39.08 -56.68 -3.95
C ILE D 488 39.50 -55.37 -4.59
N ARG D 489 40.58 -55.41 -5.37
CA ARG D 489 40.99 -54.23 -6.09
C ARG D 489 41.60 -54.59 -7.43
N THR D 490 41.63 -53.65 -8.35
CA THR D 490 42.19 -53.92 -9.66
C THR D 490 43.66 -53.49 -9.71
N LEU D 491 44.49 -54.22 -10.44
CA LEU D 491 45.91 -53.86 -10.57
C LEU D 491 46.17 -53.24 -11.93
N VAL D 492 46.90 -52.14 -11.90
CA VAL D 492 47.32 -51.49 -13.14
C VAL D 492 48.82 -51.65 -13.34
N THR D 493 49.21 -51.85 -14.58
CA THR D 493 50.61 -52.02 -14.94
C THR D 493 51.42 -50.77 -14.57
N GLY D 494 50.76 -49.62 -14.54
CA GLY D 494 51.42 -48.37 -14.22
C GLY D 494 51.76 -47.59 -15.48
N LYS D 495 51.86 -48.30 -16.59
CA LYS D 495 52.17 -47.67 -17.87
C LYS D 495 50.96 -46.97 -18.45
N SER D 496 49.79 -47.29 -17.92
CA SER D 496 48.54 -46.80 -18.50
C SER D 496 48.13 -45.44 -17.93
N SER D 497 46.99 -44.94 -18.40
CA SER D 497 46.33 -43.79 -17.79
C SER D 497 45.27 -44.30 -16.84
N SER D 498 45.07 -45.61 -16.84
CA SER D 498 44.10 -46.27 -15.99
C SER D 498 44.70 -46.51 -14.61
N ALA D 499 43.84 -46.46 -13.58
CA ALA D 499 44.29 -46.58 -12.20
C ALA D 499 43.53 -47.64 -11.42
N SER D 500 44.20 -48.24 -10.43
CA SER D 500 43.58 -49.20 -9.52
C SER D 500 42.31 -48.64 -8.93
N ARG D 501 41.25 -49.43 -8.89
CA ARG D 501 40.06 -49.02 -8.17
C ARG D 501 39.56 -50.15 -7.28
N ALA D 502 39.05 -49.79 -6.12
CA ALA D 502 38.51 -50.74 -5.18
C ALA D 502 37.15 -51.21 -5.67
N ILE D 503 36.99 -52.53 -5.66
CA ILE D 503 35.74 -53.17 -6.06
C ILE D 503 34.95 -53.64 -4.83
N ASP D 504 33.68 -53.31 -4.78
CA ASP D 504 32.81 -53.92 -3.78
C ASP D 504 31.53 -54.36 -4.47
N THR D 505 31.27 -55.67 -4.49
CA THR D 505 30.07 -56.19 -5.15
C THR D 505 29.00 -56.68 -4.18
N GLU D 506 27.86 -57.08 -4.74
CA GLU D 506 26.72 -57.61 -3.99
C GLU D 506 25.57 -57.97 -4.94
N PRO E 2 -46.81 -54.34 -32.59
CA PRO E 2 -45.82 -53.59 -31.83
C PRO E 2 -46.16 -53.54 -30.34
N SER E 3 -45.32 -54.14 -29.51
CA SER E 3 -45.57 -54.22 -28.07
C SER E 3 -44.28 -54.33 -27.28
N GLY E 4 -44.34 -53.92 -26.01
CA GLY E 4 -43.15 -53.87 -25.17
C GLY E 4 -43.05 -54.99 -24.16
N TYR E 5 -41.97 -54.99 -23.40
CA TYR E 5 -41.72 -56.04 -22.40
C TYR E 5 -41.76 -55.50 -20.97
N GLY E 6 -41.50 -56.39 -20.00
CA GLY E 6 -41.41 -56.00 -18.61
C GLY E 6 -40.86 -57.13 -17.75
N VAL E 7 -40.74 -56.89 -16.45
CA VAL E 7 -40.30 -57.93 -15.51
C VAL E 7 -41.27 -58.05 -14.35
N LEU E 8 -41.91 -59.22 -14.24
CA LEU E 8 -42.91 -59.45 -13.19
C LEU E 8 -42.32 -59.32 -11.79
N LEU E 9 -42.93 -58.45 -10.97
CA LEU E 9 -42.48 -58.23 -9.58
C LEU E 9 -43.34 -58.93 -8.52
N ALA E 10 -44.66 -58.70 -8.54
CA ALA E 10 -45.56 -59.37 -7.61
C ALA E 10 -46.90 -59.69 -8.27
N THR E 11 -47.41 -60.89 -7.96
CA THR E 11 -48.72 -61.32 -8.43
C THR E 11 -49.76 -61.08 -7.34
N HIS E 12 -50.97 -60.70 -7.74
CA HIS E 12 -52.05 -60.47 -6.78
C HIS E 12 -53.23 -61.40 -7.04
N ASP E 13 -54.26 -61.29 -6.20
CA ASP E 13 -55.39 -62.21 -6.25
C ASP E 13 -56.47 -61.79 -7.26
N ASP E 14 -56.45 -60.53 -7.66
CA ASP E 14 -57.49 -59.96 -8.52
C ASP E 14 -57.14 -59.94 -10.01
N ASP E 15 -56.01 -60.57 -10.35
CA ASP E 15 -55.47 -60.66 -11.72
C ASP E 15 -54.67 -59.42 -12.10
N THR E 16 -54.66 -58.41 -11.24
CA THR E 16 -53.79 -57.26 -11.45
C THR E 16 -52.39 -57.59 -10.95
N VAL E 17 -51.37 -57.12 -11.66
CA VAL E 17 -50.00 -57.58 -11.43
C VAL E 17 -48.99 -56.43 -11.49
N ASP E 18 -47.92 -56.53 -10.70
CA ASP E 18 -46.85 -55.52 -10.72
C ASP E 18 -45.71 -55.94 -11.64
N VAL E 19 -45.39 -55.09 -12.61
CA VAL E 19 -44.36 -55.37 -13.60
C VAL E 19 -43.48 -54.15 -13.86
N PHE E 20 -42.17 -54.39 -13.90
CA PHE E 20 -41.22 -53.31 -14.12
C PHE E 20 -40.96 -53.08 -15.61
N THR E 21 -41.30 -51.90 -16.09
CA THR E 21 -40.97 -51.52 -17.46
C THR E 21 -40.61 -50.04 -17.55
N SER E 22 -39.52 -49.74 -18.26
CA SER E 22 -39.08 -48.37 -18.60
C SER E 22 -38.78 -47.28 -17.53
N GLY E 23 -37.98 -47.60 -16.51
CA GLY E 23 -37.58 -46.59 -15.53
C GLY E 23 -38.61 -45.97 -14.59
N ARG E 24 -39.52 -46.81 -14.08
CA ARG E 24 -40.56 -46.42 -13.14
C ARG E 24 -41.36 -47.66 -12.80
N LYS E 25 -42.33 -47.56 -11.89
CA LYS E 25 -43.14 -48.73 -11.59
C LYS E 25 -44.64 -48.47 -11.63
N MET E 26 -45.35 -49.49 -12.10
CA MET E 26 -46.75 -49.41 -12.45
C MET E 26 -47.50 -50.70 -12.08
N ARG E 27 -48.83 -50.63 -12.10
CA ARG E 27 -49.64 -51.82 -11.91
C ARG E 27 -50.59 -52.01 -13.09
N LEU E 28 -50.63 -53.23 -13.62
CA LEU E 28 -51.40 -53.52 -14.84
C LEU E 28 -52.44 -54.62 -14.60
N THR E 29 -53.43 -54.68 -15.49
CA THR E 29 -54.38 -55.79 -15.48
C THR E 29 -53.84 -56.92 -16.38
N CYS E 30 -54.57 -58.03 -16.46
CA CYS E 30 -54.13 -59.16 -17.25
C CYS E 30 -55.14 -59.56 -18.33
N SER E 31 -54.63 -59.90 -19.50
CA SER E 31 -55.44 -60.41 -20.60
C SER E 31 -56.12 -61.71 -20.18
N PRO E 32 -57.36 -61.93 -20.66
CA PRO E 32 -58.09 -63.17 -20.34
C PRO E 32 -57.35 -64.42 -20.80
N ASN E 33 -56.46 -64.24 -21.78
CA ASN E 33 -55.63 -65.32 -22.28
C ASN E 33 -54.66 -65.86 -21.23
N ILE E 34 -53.96 -64.96 -20.55
CA ILE E 34 -52.90 -65.34 -19.61
C ILE E 34 -53.46 -65.81 -18.26
N ASP E 35 -52.71 -66.69 -17.60
CA ASP E 35 -53.11 -67.22 -16.31
C ASP E 35 -52.30 -66.59 -15.18
N ALA E 36 -52.98 -66.03 -14.19
CA ALA E 36 -52.32 -65.27 -13.13
C ALA E 36 -51.61 -66.14 -12.09
N ALA E 37 -52.06 -67.39 -11.96
CA ALA E 37 -51.49 -68.30 -10.97
C ALA E 37 -50.17 -68.93 -11.43
N SER E 38 -50.04 -69.14 -12.74
CA SER E 38 -48.89 -69.85 -13.30
C SER E 38 -47.72 -68.92 -13.63
N LEU E 39 -47.89 -67.64 -13.31
CA LEU E 39 -46.82 -66.67 -13.50
C LEU E 39 -45.81 -66.76 -12.35
N LYS E 40 -44.54 -66.44 -12.64
CA LYS E 40 -43.51 -66.51 -11.62
C LYS E 40 -42.74 -65.20 -11.47
N LYS E 41 -42.21 -64.97 -10.28
CA LYS E 41 -41.45 -63.76 -9.97
C LYS E 41 -40.18 -63.66 -10.81
N GLY E 42 -39.92 -62.48 -11.36
CA GLY E 42 -38.72 -62.24 -12.13
C GLY E 42 -38.86 -62.62 -13.60
N GLN E 43 -39.93 -63.33 -13.92
CA GLN E 43 -40.22 -63.72 -15.30
C GLN E 43 -40.43 -62.49 -16.17
N THR E 44 -39.77 -62.47 -17.33
CA THR E 44 -39.93 -61.34 -18.24
C THR E 44 -41.25 -61.50 -18.97
N VAL E 45 -42.14 -60.54 -18.76
CA VAL E 45 -43.48 -60.60 -19.33
C VAL E 45 -43.57 -59.64 -20.51
N ARG E 46 -44.72 -59.60 -21.17
CA ARG E 46 -44.89 -58.70 -22.30
C ARG E 46 -46.23 -57.96 -22.26
N LEU E 47 -46.15 -56.65 -22.43
CA LEU E 47 -47.34 -55.80 -22.45
C LEU E 47 -47.63 -55.25 -23.84
N ASN E 48 -48.91 -55.18 -24.19
CA ASN E 48 -49.34 -54.54 -25.42
C ASN E 48 -49.40 -53.03 -25.26
N GLU E 49 -49.85 -52.34 -26.30
CA GLU E 49 -49.90 -50.88 -26.30
C GLU E 49 -50.84 -50.31 -25.24
N ALA E 50 -51.79 -51.13 -24.79
CA ALA E 50 -52.79 -50.69 -23.83
C ALA E 50 -52.36 -50.99 -22.39
N LEU E 51 -51.12 -51.42 -22.21
CA LEU E 51 -50.56 -51.84 -20.91
C LEU E 51 -51.23 -53.02 -20.18
N THR E 52 -51.55 -54.08 -20.91
CA THR E 52 -52.20 -55.27 -20.35
C THR E 52 -51.34 -56.46 -20.73
N VAL E 53 -50.89 -57.25 -19.75
CA VAL E 53 -49.93 -58.29 -20.07
C VAL E 53 -50.59 -59.36 -20.91
N VAL E 54 -50.12 -59.52 -22.14
CA VAL E 54 -50.68 -60.50 -23.05
C VAL E 54 -49.90 -61.80 -23.13
N GLU E 55 -48.68 -61.81 -22.60
CA GLU E 55 -47.83 -63.00 -22.71
C GLU E 55 -46.80 -63.12 -21.60
N ALA E 56 -46.56 -64.37 -21.17
CA ALA E 56 -45.48 -64.67 -20.25
C ALA E 56 -44.27 -65.21 -21.01
N GLY E 57 -43.12 -64.61 -20.79
CA GLY E 57 -41.89 -65.00 -21.48
C GLY E 57 -40.87 -65.71 -20.63
N THR E 58 -39.61 -65.59 -21.04
CA THR E 58 -38.46 -66.18 -20.34
C THR E 58 -37.92 -65.22 -19.28
N PHE E 59 -36.71 -65.49 -18.80
CA PHE E 59 -36.04 -64.63 -17.84
C PHE E 59 -34.90 -63.87 -18.51
N GLU E 60 -34.56 -62.70 -17.98
CA GLU E 60 -33.49 -61.90 -18.56
C GLU E 60 -32.16 -62.62 -18.37
N ALA E 61 -31.49 -62.91 -19.49
CA ALA E 61 -30.25 -63.67 -19.45
C ALA E 61 -29.00 -62.81 -19.44
N VAL E 62 -29.15 -61.50 -19.65
CA VAL E 62 -28.00 -60.59 -19.69
C VAL E 62 -28.19 -59.41 -18.75
N GLY E 63 -27.10 -58.98 -18.11
CA GLY E 63 -27.15 -57.91 -17.13
C GLY E 63 -25.91 -57.89 -16.26
N GLU E 64 -25.99 -57.20 -15.12
CA GLU E 64 -24.83 -57.07 -14.25
C GLU E 64 -24.55 -58.34 -13.45
N ILE E 65 -23.32 -58.47 -12.95
CA ILE E 65 -22.93 -59.60 -12.12
C ILE E 65 -22.57 -59.15 -10.71
N SER E 66 -23.22 -59.74 -9.71
CA SER E 66 -22.94 -59.42 -8.31
C SER E 66 -22.66 -60.67 -7.50
N THR E 67 -21.66 -60.61 -6.63
CA THR E 67 -21.33 -61.75 -5.78
C THR E 67 -22.25 -61.83 -4.57
N LEU E 68 -23.02 -62.91 -4.47
CA LEU E 68 -23.99 -62.98 -3.37
C LEU E 68 -23.55 -63.61 -2.06
N ARG E 69 -23.31 -62.76 -1.08
CA ARG E 69 -22.91 -63.18 0.27
C ARG E 69 -23.98 -63.94 1.05
N GLU E 70 -25.22 -63.47 1.00
CA GLU E 70 -26.29 -64.12 1.76
C GLU E 70 -27.75 -63.89 1.32
N ILE E 71 -28.62 -64.75 1.87
CA ILE E 71 -30.05 -64.77 1.67
C ILE E 71 -30.69 -64.40 3.02
N LEU E 72 -31.30 -63.22 3.08
CA LEU E 72 -31.71 -62.64 4.35
C LEU E 72 -32.96 -63.32 4.93
N ALA E 73 -33.45 -62.77 6.04
CA ALA E 73 -34.51 -63.39 6.84
C ALA E 73 -35.78 -63.73 6.05
N ASP E 74 -36.02 -63.02 4.96
CA ASP E 74 -37.20 -63.28 4.15
C ASP E 74 -37.07 -64.59 3.39
N GLY E 75 -35.97 -64.74 2.65
CA GLY E 75 -35.79 -65.91 1.81
C GLY E 75 -36.26 -65.62 0.40
N HIS E 76 -37.05 -64.57 0.26
CA HIS E 76 -37.51 -64.11 -1.04
C HIS E 76 -36.61 -62.99 -1.56
N ARG E 77 -35.65 -62.57 -0.74
CA ARG E 77 -34.72 -61.52 -1.10
C ARG E 77 -33.27 -61.94 -0.83
N ALA E 78 -32.34 -61.27 -1.49
CA ALA E 78 -30.92 -61.52 -1.27
C ALA E 78 -30.14 -60.22 -1.16
N LEU E 79 -29.08 -60.23 -0.38
CA LEU E 79 -28.19 -59.09 -0.28
C LEU E 79 -26.94 -59.39 -1.09
N VAL E 80 -26.78 -58.65 -2.19
CA VAL E 80 -25.69 -58.89 -3.13
C VAL E 80 -24.72 -57.72 -3.15
N VAL E 81 -23.47 -58.01 -3.47
CA VAL E 81 -22.42 -57.01 -3.51
C VAL E 81 -21.91 -56.84 -4.94
N GLY E 82 -21.93 -55.61 -5.44
CA GLY E 82 -21.37 -55.33 -6.75
C GLY E 82 -19.87 -55.21 -6.66
N HIS E 83 -19.19 -55.16 -7.80
CA HIS E 83 -17.74 -55.14 -7.78
C HIS E 83 -17.21 -53.73 -7.56
N ALA E 84 -18.13 -52.80 -7.39
CA ALA E 84 -17.79 -51.43 -6.98
C ALA E 84 -17.85 -51.30 -5.45
N ASP E 85 -18.03 -52.45 -4.80
CA ASP E 85 -18.13 -52.54 -3.34
C ASP E 85 -19.37 -51.84 -2.78
N GLU E 86 -20.45 -51.83 -3.55
CA GLU E 86 -21.74 -51.40 -3.03
C GLU E 86 -22.59 -52.63 -2.72
N GLU E 87 -23.37 -52.55 -1.64
CA GLU E 87 -24.29 -53.63 -1.32
C GLU E 87 -25.71 -53.21 -1.67
N ARG E 88 -26.50 -54.18 -2.12
CA ARG E 88 -27.82 -53.92 -2.67
C ARG E 88 -28.75 -55.08 -2.36
N VAL E 89 -29.99 -54.77 -2.01
CA VAL E 89 -30.99 -55.82 -1.78
C VAL E 89 -31.79 -56.03 -3.06
N VAL E 90 -31.93 -57.28 -3.49
CA VAL E 90 -32.70 -57.57 -4.69
C VAL E 90 -33.66 -58.74 -4.46
N TRP E 91 -34.74 -58.79 -5.24
CA TRP E 91 -35.69 -59.88 -5.16
C TRP E 91 -35.13 -61.14 -5.82
N LEU E 92 -35.40 -62.29 -5.21
CA LEU E 92 -34.96 -63.55 -5.78
C LEU E 92 -36.03 -64.13 -6.70
N ALA E 93 -35.65 -64.41 -7.94
CA ALA E 93 -36.57 -64.99 -8.91
C ALA E 93 -36.93 -66.42 -8.51
N ASP E 94 -38.04 -66.91 -9.04
CA ASP E 94 -38.55 -68.24 -8.70
C ASP E 94 -37.58 -69.40 -9.02
N PRO E 95 -36.86 -69.36 -10.17
CA PRO E 95 -35.95 -70.49 -10.41
C PRO E 95 -34.80 -70.60 -9.41
N LEU E 96 -34.40 -69.47 -8.80
CA LEU E 96 -33.32 -69.49 -7.82
C LEU E 96 -33.77 -70.12 -6.51
N ILE E 97 -34.89 -69.66 -5.99
CA ILE E 97 -35.43 -70.15 -4.73
C ILE E 97 -36.04 -71.54 -4.86
N ALA E 98 -36.03 -72.09 -6.07
CA ALA E 98 -36.65 -73.37 -6.36
C ALA E 98 -36.20 -74.46 -5.40
N GLU E 99 -37.17 -75.13 -4.81
CA GLU E 99 -36.92 -76.13 -3.77
C GLU E 99 -36.76 -77.51 -4.42
N ASP E 100 -36.79 -77.51 -5.75
CA ASP E 100 -36.60 -78.72 -6.54
C ASP E 100 -35.12 -79.13 -6.55
N LEU E 101 -34.25 -78.14 -6.38
CA LEU E 101 -32.81 -78.32 -6.58
C LEU E 101 -32.10 -78.85 -5.33
N PRO E 102 -31.57 -80.07 -5.41
CA PRO E 102 -30.86 -80.74 -4.32
C PRO E 102 -29.44 -80.21 -4.13
N ASP E 103 -28.66 -80.87 -3.28
CA ASP E 103 -27.27 -80.48 -3.06
C ASP E 103 -26.33 -81.25 -3.98
N ASP E 112 -17.91 -78.58 -11.21
CA ASP E 112 -19.27 -78.55 -10.68
C ASP E 112 -20.16 -77.57 -11.43
N THR E 113 -20.78 -78.03 -12.51
CA THR E 113 -21.88 -77.28 -13.09
C THR E 113 -23.15 -78.10 -12.91
N ARG E 114 -23.97 -77.69 -11.95
CA ARG E 114 -25.16 -78.45 -11.59
C ARG E 114 -26.25 -77.51 -11.06
N PRO E 115 -27.52 -77.87 -11.28
CA PRO E 115 -28.60 -77.14 -10.61
C PRO E 115 -28.52 -77.31 -9.10
N ARG E 116 -28.55 -76.21 -8.35
CA ARG E 116 -28.43 -76.25 -6.90
C ARG E 116 -29.26 -75.15 -6.25
N LYS E 117 -29.24 -75.12 -4.92
CA LYS E 117 -29.65 -73.94 -4.19
C LYS E 117 -28.44 -73.01 -4.15
N LEU E 118 -28.52 -71.96 -3.34
CA LEU E 118 -27.49 -70.93 -3.37
C LEU E 118 -26.86 -70.70 -2.00
N ARG E 119 -25.76 -69.97 -1.98
CA ARG E 119 -24.94 -69.77 -0.79
C ARG E 119 -23.83 -68.77 -1.11
N PRO E 120 -23.32 -68.08 -0.07
CA PRO E 120 -22.36 -66.98 -0.22
C PRO E 120 -21.19 -67.27 -1.15
N GLY E 121 -20.89 -66.30 -2.01
CA GLY E 121 -19.77 -66.41 -2.94
C GLY E 121 -20.20 -66.69 -4.37
N ASP E 122 -21.41 -67.19 -4.55
CA ASP E 122 -21.91 -67.50 -5.89
C ASP E 122 -22.22 -66.21 -6.66
N SER E 123 -21.92 -66.22 -7.96
CA SER E 123 -22.15 -65.06 -8.81
C SER E 123 -23.57 -65.05 -9.36
N LEU E 124 -24.28 -63.94 -9.17
CA LEU E 124 -25.66 -63.82 -9.59
C LEU E 124 -25.86 -62.75 -10.65
N LEU E 125 -26.68 -63.09 -11.65
CA LEU E 125 -27.05 -62.17 -12.71
C LEU E 125 -28.22 -61.29 -12.27
N VAL E 126 -28.01 -59.98 -12.28
CA VAL E 126 -28.99 -59.07 -11.72
C VAL E 126 -29.30 -57.86 -12.60
N ASP E 127 -30.50 -57.33 -12.39
CA ASP E 127 -30.97 -56.06 -12.93
C ASP E 127 -31.13 -55.10 -11.74
N THR E 128 -30.31 -54.05 -11.69
CA THR E 128 -30.21 -53.22 -10.49
C THR E 128 -31.45 -52.36 -10.19
N LYS E 129 -32.01 -51.70 -11.19
CA LYS E 129 -33.16 -50.82 -10.96
C LYS E 129 -34.45 -51.61 -10.79
N ALA E 130 -34.49 -52.80 -11.38
CA ALA E 130 -35.63 -53.70 -11.21
C ALA E 130 -35.54 -54.41 -9.86
N GLY E 131 -34.31 -54.67 -9.42
CA GLY E 131 -34.08 -55.32 -8.14
C GLY E 131 -34.42 -56.80 -8.16
N TYR E 132 -33.94 -57.50 -9.18
CA TYR E 132 -34.22 -58.93 -9.31
C TYR E 132 -32.98 -59.75 -9.67
N ALA E 133 -32.67 -60.73 -8.82
CA ALA E 133 -31.63 -61.71 -9.15
C ALA E 133 -32.27 -62.81 -9.97
N PHE E 134 -31.67 -63.15 -11.11
CA PHE E 134 -32.26 -64.16 -11.99
C PHE E 134 -31.59 -65.51 -12.19
N GLU E 135 -30.27 -65.53 -12.41
CA GLU E 135 -29.59 -66.80 -12.67
C GLU E 135 -28.18 -66.82 -12.11
N ARG E 136 -27.76 -67.97 -11.59
CA ARG E 136 -26.39 -68.14 -11.10
C ARG E 136 -25.42 -68.48 -12.23
N ILE E 137 -24.30 -67.80 -12.26
CA ILE E 137 -23.25 -68.04 -13.25
C ILE E 137 -22.12 -68.85 -12.65
N PRO E 138 -21.78 -69.99 -13.27
CA PRO E 138 -20.66 -70.82 -12.79
C PRO E 138 -19.31 -70.21 -13.12
N LYS E 139 -18.28 -70.60 -12.38
CA LYS E 139 -16.91 -70.26 -12.79
C LYS E 139 -16.26 -71.51 -13.38
N ALA E 140 -16.11 -71.53 -14.70
CA ALA E 140 -15.67 -72.72 -15.43
C ALA E 140 -15.48 -72.40 -16.92
N PRO E 151 -6.57 -89.38 -7.51
CA PRO E 151 -6.02 -89.97 -6.28
C PRO E 151 -6.04 -91.49 -6.34
N ASP E 152 -5.34 -92.06 -7.32
CA ASP E 152 -5.28 -93.51 -7.45
C ASP E 152 -4.02 -94.05 -6.78
N VAL E 153 -3.23 -93.15 -6.19
CA VAL E 153 -1.96 -93.52 -5.59
C VAL E 153 -2.17 -94.11 -4.20
N SER E 154 -1.34 -95.09 -3.84
CA SER E 154 -1.41 -95.72 -2.52
C SER E 154 -0.02 -95.77 -1.90
N TYR E 155 0.04 -96.10 -0.62
CA TYR E 155 1.30 -96.21 0.11
C TYR E 155 2.31 -97.12 -0.57
N ALA E 156 1.80 -98.10 -1.33
CA ALA E 156 2.63 -99.05 -2.04
C ALA E 156 3.55 -98.37 -3.05
N ASP E 157 3.13 -97.21 -3.55
CA ASP E 157 3.92 -96.47 -4.53
C ASP E 157 4.96 -95.55 -3.88
N ILE E 158 4.83 -95.35 -2.56
CA ILE E 158 5.75 -94.48 -1.85
C ILE E 158 6.86 -95.26 -1.14
N GLY E 159 8.11 -94.99 -1.51
CA GLY E 159 9.24 -95.72 -0.96
C GLY E 159 9.87 -95.18 0.32
N GLY E 160 10.36 -96.10 1.15
CA GLY E 160 11.19 -95.78 2.31
C GLY E 160 10.56 -95.03 3.47
N LEU E 161 9.28 -94.68 3.34
CA LEU E 161 8.62 -93.81 4.31
C LEU E 161 7.81 -94.50 5.42
N SER E 162 7.92 -95.83 5.51
CA SER E 162 7.04 -96.65 6.34
C SER E 162 6.78 -96.08 7.75
N ARG E 163 7.81 -95.54 8.37
CA ARG E 163 7.65 -94.87 9.66
C ARG E 163 6.55 -93.82 9.56
N GLN E 164 6.71 -92.94 8.60
CA GLN E 164 5.77 -91.84 8.41
C GLN E 164 4.37 -92.32 8.05
N ILE E 165 4.26 -93.29 7.17
CA ILE E 165 2.93 -93.75 6.76
C ILE E 165 2.22 -94.34 7.99
N GLU E 166 2.98 -95.00 8.87
CA GLU E 166 2.43 -95.48 10.14
C GLU E 166 1.86 -94.32 10.95
N GLN E 167 2.68 -93.29 11.14
CA GLN E 167 2.23 -92.12 11.90
C GLN E 167 0.97 -91.44 11.33
N ILE E 168 0.99 -91.20 10.02
CA ILE E 168 -0.13 -90.53 9.36
C ILE E 168 -1.40 -91.35 9.43
N ARG E 169 -1.28 -92.64 9.20
CA ARG E 169 -2.44 -93.52 9.25
C ARG E 169 -2.99 -93.56 10.68
N ASP E 170 -2.10 -93.38 11.65
CA ASP E 170 -2.51 -93.29 13.06
C ASP E 170 -3.29 -92.02 13.33
N ALA E 171 -2.89 -90.94 12.69
CA ALA E 171 -3.55 -89.64 12.93
C ALA E 171 -4.79 -89.45 12.04
N VAL E 172 -4.97 -90.32 11.05
CA VAL E 172 -6.00 -90.11 10.05
C VAL E 172 -7.01 -91.27 9.98
N GLU E 173 -6.52 -92.48 9.70
CA GLU E 173 -7.40 -93.64 9.52
C GLU E 173 -8.01 -94.05 10.85
N LEU E 174 -7.14 -94.46 11.78
CA LEU E 174 -7.53 -94.90 13.11
C LEU E 174 -8.62 -94.06 13.80
N PRO E 175 -8.56 -92.71 13.69
CA PRO E 175 -9.68 -91.96 14.25
C PRO E 175 -11.03 -92.27 13.61
N PHE E 176 -11.09 -92.31 12.29
CA PHE E 176 -12.37 -92.44 11.58
C PHE E 176 -12.86 -93.89 11.52
N LEU E 177 -11.95 -94.84 11.69
CA LEU E 177 -12.29 -96.26 11.69
C LEU E 177 -12.98 -96.68 12.98
N HIS E 178 -12.35 -96.31 14.08
CA HIS E 178 -12.71 -96.73 15.43
C HIS E 178 -13.55 -95.77 16.28
N LYS E 179 -14.15 -94.76 15.66
CA LYS E 179 -14.55 -93.53 16.35
C LYS E 179 -15.12 -93.70 17.77
N GLU E 180 -15.92 -94.73 17.99
CA GLU E 180 -16.51 -94.92 19.32
C GLU E 180 -15.45 -95.36 20.33
N LEU E 181 -14.37 -95.96 19.85
CA LEU E 181 -13.28 -96.35 20.73
C LEU E 181 -12.45 -95.12 21.08
N TYR E 182 -12.49 -94.13 20.20
CA TYR E 182 -11.88 -92.83 20.45
C TYR E 182 -12.71 -92.03 21.46
N ARG E 183 -14.03 -92.10 21.32
CA ARG E 183 -14.95 -91.44 22.25
C ARG E 183 -15.01 -92.20 23.58
N GLU E 184 -14.51 -93.42 23.56
CA GLU E 184 -14.44 -94.24 24.77
C GLU E 184 -13.43 -93.66 25.76
N TYR E 185 -12.27 -93.28 25.24
CA TYR E 185 -11.19 -92.74 26.06
C TYR E 185 -11.27 -91.23 26.17
N SER E 186 -12.36 -90.66 25.66
CA SER E 186 -12.54 -89.21 25.64
C SER E 186 -11.36 -88.56 24.95
N LEU E 187 -11.08 -89.02 23.73
CA LEU E 187 -9.94 -88.54 22.95
C LEU E 187 -10.39 -87.84 21.67
N ARG E 188 -10.09 -86.55 21.57
CA ARG E 188 -10.45 -85.77 20.39
C ARG E 188 -9.56 -86.09 19.19
N PRO E 189 -10.18 -86.56 18.09
CA PRO E 189 -9.41 -86.87 16.88
C PRO E 189 -8.75 -85.62 16.33
N PRO E 190 -7.50 -85.74 15.85
CA PRO E 190 -6.75 -84.58 15.36
C PRO E 190 -7.42 -83.90 14.17
N LYS E 191 -7.40 -82.57 14.15
CA LYS E 191 -7.99 -81.82 13.05
C LYS E 191 -7.10 -81.79 11.82
N GLY E 192 -5.80 -81.63 12.01
CA GLY E 192 -4.90 -81.44 10.90
C GLY E 192 -3.49 -81.99 11.07
N VAL E 193 -2.82 -82.19 9.94
CA VAL E 193 -1.51 -82.83 9.91
C VAL E 193 -0.45 -81.89 9.34
N LEU E 194 0.75 -81.92 9.92
CA LEU E 194 1.88 -81.19 9.36
C LEU E 194 2.89 -82.13 8.71
N LEU E 195 3.25 -81.85 7.46
CA LEU E 195 4.33 -82.58 6.79
C LEU E 195 5.50 -81.64 6.56
N TYR E 196 6.58 -81.84 7.28
CA TYR E 196 7.70 -80.92 7.20
C TYR E 196 9.04 -81.63 7.02
N GLY E 197 10.03 -80.89 6.53
CA GLY E 197 11.35 -81.46 6.33
C GLY E 197 12.11 -80.82 5.18
N PRO E 198 13.11 -81.54 4.66
CA PRO E 198 13.95 -81.13 3.53
C PRO E 198 13.13 -80.92 2.25
N PRO E 199 13.61 -80.05 1.35
CA PRO E 199 12.80 -79.57 0.23
C PRO E 199 12.34 -80.63 -0.77
N GLY E 200 13.26 -81.47 -1.22
CA GLY E 200 12.94 -82.38 -2.30
C GLY E 200 12.60 -83.75 -1.77
N CYS E 201 12.58 -83.84 -0.45
CA CYS E 201 12.33 -85.09 0.25
C CYS E 201 10.84 -85.24 0.52
N GLY E 202 10.21 -86.20 -0.17
CA GLY E 202 8.77 -86.33 -0.10
C GLY E 202 8.08 -85.21 -0.87
N LYS E 203 6.77 -85.35 -1.07
CA LYS E 203 5.98 -84.35 -1.79
C LYS E 203 4.48 -84.45 -1.44
N THR E 204 3.65 -83.82 -2.27
CA THR E 204 2.19 -83.98 -2.23
C THR E 204 1.77 -85.45 -2.32
N LEU E 205 2.68 -86.27 -2.85
CA LEU E 205 2.46 -87.71 -3.03
C LEU E 205 1.90 -88.38 -1.79
N ILE E 206 2.49 -88.06 -0.64
CA ILE E 206 2.09 -88.66 0.62
C ILE E 206 0.67 -88.26 1.00
N ALA E 207 0.36 -86.98 0.81
CA ALA E 207 -0.98 -86.45 1.08
C ALA E 207 -2.02 -87.17 0.23
N LYS E 208 -1.74 -87.30 -1.06
CA LYS E 208 -2.64 -88.00 -1.95
C LYS E 208 -2.77 -89.47 -1.55
N ALA E 209 -1.68 -90.02 -1.00
CA ALA E 209 -1.65 -91.42 -0.59
C ALA E 209 -2.57 -91.69 0.60
N VAL E 210 -2.48 -90.85 1.63
CA VAL E 210 -3.33 -91.03 2.80
C VAL E 210 -4.77 -90.71 2.43
N ALA E 211 -4.94 -89.73 1.54
CA ALA E 211 -6.25 -89.38 1.03
C ALA E 211 -6.95 -90.58 0.40
N ASN E 212 -6.27 -91.20 -0.56
CA ASN E 212 -6.80 -92.35 -1.26
C ASN E 212 -6.97 -93.58 -0.37
N SER E 213 -5.99 -93.84 0.49
CA SER E 213 -6.04 -95.00 1.36
C SER E 213 -7.20 -94.91 2.35
N LEU E 214 -7.45 -93.72 2.86
CA LEU E 214 -8.62 -93.51 3.72
C LEU E 214 -9.89 -93.52 2.88
N ALA E 215 -9.76 -93.19 1.60
CA ALA E 215 -10.92 -92.99 0.73
C ALA E 215 -11.81 -94.22 0.56
N LYS E 216 -11.25 -95.42 0.72
CA LYS E 216 -12.11 -96.60 0.61
C LYS E 216 -12.23 -97.36 1.94
N LYS E 217 -13.32 -97.08 2.66
CA LYS E 217 -13.69 -97.89 3.82
C LYS E 217 -14.96 -98.73 3.63
N MET E 218 -15.62 -98.56 2.48
CA MET E 218 -16.92 -99.17 2.25
C MET E 218 -16.72 -100.59 1.66
N ALA E 219 -17.73 -101.44 1.42
CA ALA E 219 -19.20 -101.35 1.61
C ALA E 219 -19.86 -100.44 0.57
N SER E 231 -13.38 -91.65 -1.86
CA SER E 231 -13.68 -90.32 -1.37
C SER E 231 -12.97 -89.24 -2.19
N TYR E 232 -13.68 -88.17 -2.51
CA TYR E 232 -13.15 -87.07 -3.31
C TYR E 232 -11.87 -86.49 -2.72
N PHE E 233 -10.88 -86.28 -3.59
CA PHE E 233 -9.65 -85.61 -3.20
C PHE E 233 -9.90 -84.13 -3.00
N LEU E 234 -8.89 -83.40 -2.54
CA LEU E 234 -8.86 -81.96 -2.71
C LEU E 234 -7.42 -81.52 -2.71
N ASN E 235 -7.06 -80.59 -3.60
CA ASN E 235 -5.69 -80.11 -3.65
C ASN E 235 -5.61 -78.64 -3.98
N ILE E 236 -4.92 -77.89 -3.13
CA ILE E 236 -4.64 -76.49 -3.40
C ILE E 236 -3.20 -76.20 -3.02
N LYS E 237 -2.45 -75.65 -3.95
CA LYS E 237 -1.03 -75.37 -3.71
C LYS E 237 -0.86 -73.90 -3.38
N GLY E 238 0.12 -73.61 -2.53
CA GLY E 238 0.41 -72.25 -2.11
C GLY E 238 0.52 -71.18 -3.20
N PRO E 239 1.31 -71.42 -4.27
CA PRO E 239 1.64 -70.38 -5.25
C PRO E 239 0.48 -69.53 -5.78
N GLU E 240 -0.77 -69.99 -5.70
CA GLU E 240 -1.84 -69.04 -6.01
C GLU E 240 -2.45 -68.52 -4.70
N LEU E 241 -1.99 -67.34 -4.28
CA LEU E 241 -2.54 -66.61 -3.15
C LEU E 241 -2.66 -65.13 -3.47
N LEU E 242 -1.49 -64.51 -3.63
CA LEU E 242 -1.33 -63.10 -3.99
C LEU E 242 -1.78 -62.88 -5.43
N ASN E 243 -1.94 -64.00 -6.14
CA ASN E 243 -2.32 -64.01 -7.55
C ASN E 243 -3.69 -63.39 -7.83
N LYS E 244 -3.73 -62.55 -8.85
CA LYS E 244 -4.97 -61.94 -9.34
C LYS E 244 -5.71 -62.93 -10.26
N PHE E 245 -6.70 -62.44 -11.01
CA PHE E 245 -7.66 -63.27 -11.77
C PHE E 245 -8.71 -63.77 -10.79
N VAL E 246 -8.49 -63.37 -9.54
CA VAL E 246 -9.11 -63.93 -8.35
C VAL E 246 -9.76 -62.80 -7.56
N GLY E 247 -8.98 -61.75 -7.29
CA GLY E 247 -9.31 -60.81 -6.25
C GLY E 247 -8.35 -60.83 -5.08
N GLU E 248 -7.13 -61.32 -5.33
CA GLU E 248 -5.99 -61.10 -4.46
C GLU E 248 -6.27 -61.54 -3.02
N THR E 249 -5.96 -60.67 -2.05
CA THR E 249 -6.33 -60.91 -0.67
C THR E 249 -7.75 -60.37 -0.54
N GLU E 250 -8.68 -61.24 -0.20
CA GLU E 250 -10.09 -60.94 -0.26
C GLU E 250 -10.84 -62.25 -0.25
N ARG E 251 -12.06 -62.29 -0.76
CA ARG E 251 -13.06 -63.37 -0.58
C ARG E 251 -12.92 -64.91 -0.76
N HIS E 252 -12.09 -65.45 -1.64
CA HIS E 252 -12.05 -66.93 -1.84
C HIS E 252 -11.68 -67.98 -0.73
N ILE E 253 -10.71 -67.71 0.13
CA ILE E 253 -10.22 -68.65 1.14
C ILE E 253 -11.34 -69.41 1.85
N ARG E 254 -12.51 -68.78 1.97
CA ARG E 254 -13.67 -69.46 2.54
C ARG E 254 -14.46 -70.25 1.49
N LEU E 255 -14.20 -69.98 0.21
CA LEU E 255 -14.87 -70.72 -0.87
C LEU E 255 -14.50 -72.19 -0.79
N ILE E 256 -13.20 -72.48 -0.74
CA ILE E 256 -12.73 -73.87 -0.63
C ILE E 256 -13.27 -74.55 0.62
N PHE E 257 -13.37 -73.79 1.70
CA PHE E 257 -13.90 -74.32 2.96
C PHE E 257 -15.39 -74.60 2.84
N GLN E 258 -16.04 -73.98 1.87
CA GLN E 258 -17.41 -74.37 1.52
C GLN E 258 -17.42 -75.60 0.61
N ARG E 259 -16.45 -75.69 -0.30
CA ARG E 259 -16.37 -76.80 -1.24
C ARG E 259 -16.10 -78.10 -0.50
N ALA E 260 -15.35 -78.01 0.59
CA ALA E 260 -15.07 -79.16 1.44
C ALA E 260 -16.25 -79.46 2.34
N ARG E 261 -17.06 -78.44 2.59
CA ARG E 261 -18.14 -78.52 3.56
C ARG E 261 -19.26 -79.44 3.09
N GLU E 262 -19.39 -79.62 1.78
CA GLU E 262 -20.49 -80.43 1.24
C GLU E 262 -20.22 -81.93 1.33
N LYS E 263 -18.96 -82.33 1.35
CA LYS E 263 -18.61 -83.73 1.62
C LYS E 263 -18.57 -83.93 3.14
N ALA E 264 -18.48 -82.82 3.85
CA ALA E 264 -18.31 -82.84 5.30
C ALA E 264 -19.61 -83.14 6.04
N SER E 265 -20.72 -82.60 5.56
CA SER E 265 -22.03 -82.86 6.13
C SER E 265 -22.63 -84.11 5.47
N GLU E 266 -21.85 -84.71 4.58
CA GLU E 266 -22.22 -85.91 3.85
C GLU E 266 -21.99 -87.16 4.70
N GLY E 267 -20.76 -87.35 5.14
CA GLY E 267 -20.32 -88.61 5.72
C GLY E 267 -19.32 -89.31 4.82
N THR E 268 -18.95 -88.65 3.74
CA THR E 268 -17.81 -89.06 2.94
C THR E 268 -16.66 -88.06 3.15
N PRO E 269 -15.55 -88.52 3.74
CA PRO E 269 -14.46 -87.63 4.17
C PRO E 269 -13.78 -86.90 3.01
N VAL E 270 -13.36 -85.66 3.27
CA VAL E 270 -12.59 -84.91 2.28
C VAL E 270 -11.38 -84.26 2.95
N ILE E 271 -10.34 -84.02 2.16
CA ILE E 271 -9.04 -83.61 2.70
C ILE E 271 -8.55 -82.32 2.05
N VAL E 272 -8.22 -81.32 2.87
CA VAL E 272 -7.71 -80.06 2.36
C VAL E 272 -6.19 -80.04 2.47
N PHE E 273 -5.51 -80.12 1.32
CA PHE E 273 -4.06 -80.12 1.31
C PHE E 273 -3.51 -78.76 0.93
N PHE E 274 -2.54 -78.27 1.71
CA PHE E 274 -1.86 -77.02 1.39
C PHE E 274 -0.38 -77.26 1.12
N ASP E 275 0.04 -77.08 -0.12
CA ASP E 275 1.45 -77.18 -0.46
C ASP E 275 2.11 -75.83 -0.25
N GLU E 276 3.44 -75.77 -0.40
CA GLU E 276 4.19 -74.51 -0.37
C GLU E 276 3.76 -73.57 0.77
N MET E 277 3.52 -74.12 1.95
CA MET E 277 2.98 -73.35 3.06
C MET E 277 3.97 -72.29 3.55
N ASP E 278 5.26 -72.51 3.29
CA ASP E 278 6.30 -71.58 3.70
C ASP E 278 6.25 -70.30 2.86
N SER E 279 5.47 -70.33 1.78
CA SER E 279 5.24 -69.14 0.97
C SER E 279 4.25 -68.21 1.68
N ILE E 280 3.59 -68.73 2.71
CA ILE E 280 2.54 -68.01 3.41
C ILE E 280 3.14 -67.26 4.60
N PHE E 281 4.45 -67.41 4.77
CA PHE E 281 5.17 -66.68 5.80
C PHE E 281 6.43 -66.05 5.23
N VAL E 296 -2.02 -61.97 3.19
CA VAL E 296 -1.70 -62.03 4.61
C VAL E 296 -2.43 -63.21 5.26
N VAL E 297 -1.91 -63.69 6.38
CA VAL E 297 -2.33 -64.94 7.02
C VAL E 297 -3.74 -65.08 7.66
N PRO E 298 -4.25 -64.04 8.37
CA PRO E 298 -5.25 -64.25 9.43
C PRO E 298 -6.44 -65.20 9.17
N GLN E 299 -6.94 -65.24 7.94
CA GLN E 299 -8.20 -65.91 7.60
C GLN E 299 -8.23 -67.42 7.92
N LEU E 300 -7.14 -68.09 7.57
CA LEU E 300 -7.03 -69.53 7.71
C LEU E 300 -7.28 -69.98 9.14
N LEU E 301 -6.71 -69.27 10.12
CA LEU E 301 -6.86 -69.64 11.53
C LEU E 301 -8.32 -69.74 11.95
N SER E 302 -9.12 -68.75 11.57
CA SER E 302 -10.56 -68.79 11.83
C SER E 302 -11.22 -69.93 11.07
N GLU E 303 -10.75 -70.16 9.84
CA GLU E 303 -11.38 -71.18 9.00
C GLU E 303 -11.08 -72.63 9.43
N ILE E 304 -9.98 -72.85 10.14
CA ILE E 304 -9.63 -74.20 10.58
C ILE E 304 -10.50 -74.59 11.76
N ASP E 305 -10.69 -73.66 12.69
CA ASP E 305 -11.57 -73.87 13.83
C ASP E 305 -13.03 -73.85 13.37
N GLY E 306 -13.24 -73.25 12.20
CA GLY E 306 -14.55 -73.31 11.56
C GLY E 306 -14.94 -74.73 11.20
N VAL E 307 -13.95 -75.53 10.79
CA VAL E 307 -14.18 -76.93 10.44
C VAL E 307 -13.86 -77.85 11.62
N GLU E 308 -13.48 -77.27 12.75
CA GLU E 308 -13.07 -78.03 13.93
C GLU E 308 -14.20 -78.87 14.52
N GLY E 309 -15.39 -78.28 14.63
CA GLY E 309 -16.55 -78.97 15.14
C GLY E 309 -16.94 -80.13 14.23
N LEU E 310 -16.45 -80.10 13.00
CA LEU E 310 -16.74 -81.14 12.03
C LEU E 310 -15.79 -82.34 12.17
N GLU E 311 -16.37 -83.51 12.41
CA GLU E 311 -15.63 -84.76 12.54
C GLU E 311 -15.00 -85.20 11.22
N ASN E 312 -15.62 -84.79 10.11
CA ASN E 312 -15.43 -85.47 8.84
C ASN E 312 -14.37 -84.90 7.88
N VAL E 313 -13.67 -83.84 8.28
CA VAL E 313 -12.69 -83.20 7.40
C VAL E 313 -11.30 -83.04 8.05
N ILE E 314 -10.26 -83.39 7.29
CA ILE E 314 -8.88 -83.26 7.74
C ILE E 314 -8.08 -82.29 6.84
N VAL E 315 -7.21 -81.49 7.46
CA VAL E 315 -6.39 -80.51 6.75
C VAL E 315 -4.91 -80.80 6.89
N ILE E 316 -4.21 -80.99 5.77
CA ILE E 316 -2.80 -81.37 5.81
C ILE E 316 -1.87 -80.30 5.25
N GLY E 317 -1.05 -79.70 6.12
CA GLY E 317 -0.06 -78.74 5.67
C GLY E 317 1.25 -79.40 5.28
N ALA E 318 1.92 -78.83 4.28
CA ALA E 318 3.21 -79.33 3.84
C ALA E 318 4.22 -78.19 3.67
N SER E 319 5.26 -78.19 4.49
CA SER E 319 6.25 -77.11 4.44
C SER E 319 7.67 -77.63 4.32
N ASN E 320 8.45 -76.96 3.48
CA ASN E 320 9.84 -77.32 3.27
C ASN E 320 10.74 -76.59 4.26
N ARG E 321 10.17 -75.59 4.94
CA ARG E 321 10.89 -74.86 5.97
C ARG E 321 9.99 -74.72 7.19
N GLU E 322 10.34 -75.38 8.29
CA GLU E 322 9.44 -75.45 9.44
C GLU E 322 9.75 -74.43 10.54
N ASP E 323 10.83 -73.68 10.37
CA ASP E 323 11.15 -72.61 11.31
C ASP E 323 10.31 -71.38 10.99
N MET E 324 9.84 -71.31 9.76
CA MET E 324 9.04 -70.18 9.29
C MET E 324 7.58 -70.27 9.73
N ILE E 325 7.06 -71.50 9.83
CA ILE E 325 5.63 -71.69 10.09
C ILE E 325 5.22 -71.08 11.43
N ASP E 326 4.19 -70.22 11.39
CA ASP E 326 3.66 -69.59 12.59
C ASP E 326 3.06 -70.64 13.52
N PRO E 327 3.64 -70.78 14.73
CA PRO E 327 3.24 -71.82 15.69
C PRO E 327 1.76 -71.75 16.11
N ALA E 328 1.09 -70.63 15.86
CA ALA E 328 -0.33 -70.51 16.18
C ALA E 328 -1.13 -71.52 15.37
N ILE E 329 -0.79 -71.66 14.09
CA ILE E 329 -1.46 -72.61 13.22
C ILE E 329 -1.08 -74.02 13.64
N LEU E 330 0.03 -74.13 14.37
CA LEU E 330 0.59 -75.41 14.76
C LEU E 330 0.15 -75.89 16.15
N ARG E 331 -0.53 -75.03 16.91
CA ARG E 331 -0.93 -75.38 18.27
C ARG E 331 -2.24 -76.17 18.24
N PRO E 332 -2.42 -77.10 19.21
CA PRO E 332 -3.48 -78.12 19.19
C PRO E 332 -4.87 -77.58 18.86
N GLY E 333 -5.65 -78.39 18.16
CA GLY E 333 -6.96 -77.98 17.70
C GLY E 333 -6.92 -77.54 16.24
N ARG E 334 -5.74 -77.16 15.76
CA ARG E 334 -5.58 -76.82 14.35
C ARG E 334 -4.75 -77.90 13.63
N LEU E 335 -3.44 -77.86 13.79
CA LEU E 335 -2.61 -78.96 13.33
C LEU E 335 -1.93 -79.59 14.53
N ASP E 336 -2.43 -80.76 14.94
CA ASP E 336 -1.93 -81.42 16.14
C ASP E 336 -0.70 -82.28 15.86
N VAL E 337 -0.72 -83.00 14.76
CA VAL E 337 0.34 -83.97 14.47
C VAL E 337 1.41 -83.40 13.55
N LYS E 338 2.65 -83.46 14.01
CA LYS E 338 3.80 -83.04 13.21
C LYS E 338 4.54 -84.29 12.75
N ILE E 339 4.50 -84.55 11.44
CA ILE E 339 5.07 -85.75 10.88
C ILE E 339 6.25 -85.44 9.96
N LYS E 340 7.45 -85.82 10.38
CA LYS E 340 8.67 -85.40 9.70
C LYS E 340 9.09 -86.32 8.56
N ILE E 341 9.20 -85.72 7.38
CA ILE E 341 9.46 -86.37 6.10
C ILE E 341 10.97 -86.44 5.82
N GLU E 342 11.75 -86.53 6.88
CA GLU E 342 13.21 -86.54 6.83
C GLU E 342 13.87 -87.35 5.72
N ARG E 343 15.06 -86.88 5.36
CA ARG E 343 15.83 -87.42 4.23
C ARG E 343 16.09 -88.91 4.25
N PRO E 344 15.93 -89.52 3.02
CA PRO E 344 16.14 -90.96 3.02
C PRO E 344 17.55 -91.42 3.37
N ASP E 345 17.59 -92.49 4.13
CA ASP E 345 18.80 -93.18 4.59
C ASP E 345 19.23 -94.18 3.51
N ALA E 346 20.23 -94.98 3.85
CA ALA E 346 20.84 -95.90 2.90
C ALA E 346 19.86 -96.86 2.24
N GLU E 347 18.97 -97.46 3.04
CA GLU E 347 18.05 -98.47 2.53
C GLU E 347 16.84 -97.87 1.83
N ALA E 348 16.38 -96.74 2.35
CA ALA E 348 15.24 -96.06 1.79
C ALA E 348 15.48 -95.73 0.32
N ALA E 349 16.74 -95.43 -0.01
CA ALA E 349 17.12 -95.19 -1.40
C ALA E 349 16.83 -96.43 -2.25
N GLN E 350 17.20 -97.60 -1.73
CA GLN E 350 16.90 -98.86 -2.42
C GLN E 350 15.41 -98.94 -2.67
N ASP E 351 14.66 -98.62 -1.62
CA ASP E 351 13.20 -98.69 -1.68
C ASP E 351 12.62 -97.77 -2.76
N ILE E 352 13.20 -96.58 -2.92
CA ILE E 352 12.71 -95.62 -3.90
C ILE E 352 13.08 -96.00 -5.33
N TYR E 353 14.36 -96.34 -5.52
CA TYR E 353 14.83 -96.85 -6.80
C TYR E 353 13.98 -98.02 -7.26
N SER E 354 13.51 -98.83 -6.31
CA SER E 354 12.61 -99.92 -6.63
C SER E 354 11.37 -99.43 -7.34
N LYS E 355 10.86 -98.27 -6.91
CA LYS E 355 9.68 -97.70 -7.52
C LYS E 355 10.02 -97.15 -8.90
N TYR E 356 11.17 -96.49 -9.00
CA TYR E 356 11.57 -95.89 -10.28
C TYR E 356 12.12 -96.89 -11.28
N LEU E 357 12.75 -97.96 -10.80
CA LEU E 357 13.25 -98.99 -11.68
C LEU E 357 12.34 -100.22 -11.67
N THR E 358 11.60 -100.42 -12.75
CA THR E 358 10.71 -101.56 -12.86
C THR E 358 11.29 -102.60 -13.81
N GLU E 359 10.58 -103.71 -13.99
CA GLU E 359 10.97 -104.73 -14.94
C GLU E 359 10.80 -104.20 -16.36
N PHE E 360 9.89 -103.24 -16.47
CA PHE E 360 9.36 -102.83 -17.77
C PHE E 360 10.36 -102.02 -18.59
N LEU E 361 11.45 -101.62 -17.95
CA LEU E 361 12.48 -100.83 -18.62
C LEU E 361 13.45 -101.71 -19.38
N PRO E 362 13.80 -101.31 -20.62
CA PRO E 362 14.79 -102.03 -21.42
C PRO E 362 16.12 -102.14 -20.68
N VAL E 363 16.68 -103.33 -20.59
CA VAL E 363 17.93 -103.51 -19.88
C VAL E 363 18.90 -104.29 -20.77
N HIS E 364 20.16 -103.85 -20.75
CA HIS E 364 21.20 -104.37 -21.65
C HIS E 364 21.36 -105.89 -21.53
N ALA E 365 21.69 -106.52 -22.66
CA ALA E 365 21.92 -107.97 -22.69
C ALA E 365 23.14 -108.38 -21.89
N ASP E 366 24.12 -107.49 -21.83
CA ASP E 366 25.36 -107.74 -21.10
C ASP E 366 25.14 -107.77 -19.60
N ASP E 367 24.26 -106.91 -19.10
CA ASP E 367 23.99 -106.86 -17.67
C ASP E 367 23.09 -108.00 -17.23
N LEU E 368 22.24 -108.47 -18.13
CA LEU E 368 21.44 -109.66 -17.86
C LEU E 368 22.30 -110.90 -18.01
N ALA E 369 23.42 -110.75 -18.74
CA ALA E 369 24.28 -111.87 -19.06
C ALA E 369 24.98 -112.45 -17.85
N GLU E 370 25.28 -111.60 -16.87
CA GLU E 370 25.94 -112.05 -15.66
C GLU E 370 24.94 -112.68 -14.68
N PHE E 371 23.68 -112.29 -14.82
CA PHE E 371 22.62 -112.74 -13.92
C PHE E 371 21.78 -113.91 -14.40
N ASP E 372 22.20 -114.54 -15.50
CA ASP E 372 21.58 -115.76 -16.01
C ASP E 372 20.16 -115.48 -16.51
N GLY E 373 19.93 -114.24 -16.93
CA GLY E 373 18.71 -113.88 -17.62
C GLY E 373 17.57 -113.48 -16.71
N ASP E 374 17.72 -113.69 -15.41
CA ASP E 374 16.66 -113.31 -14.48
C ASP E 374 16.64 -111.80 -14.36
N ARG E 375 15.52 -111.20 -14.73
CA ARG E 375 15.43 -109.75 -14.85
C ARG E 375 15.33 -109.07 -13.49
N SER E 376 14.47 -109.59 -12.61
CA SER E 376 14.29 -109.00 -11.28
C SER E 376 15.57 -109.02 -10.46
N ALA E 377 16.32 -110.12 -10.57
CA ALA E 377 17.56 -110.29 -9.82
C ALA E 377 18.70 -109.55 -10.50
N CYS E 378 18.36 -108.87 -11.61
CA CYS E 378 19.30 -108.02 -12.36
C CYS E 378 19.13 -106.55 -11.92
N ILE E 379 17.87 -106.08 -11.91
CA ILE E 379 17.49 -104.77 -11.43
C ILE E 379 17.77 -104.61 -9.94
N LYS E 380 17.49 -105.66 -9.16
CA LYS E 380 17.76 -105.62 -7.73
C LYS E 380 19.23 -105.30 -7.44
N ALA E 381 20.11 -106.11 -8.05
CA ALA E 381 21.55 -105.94 -7.89
C ALA E 381 21.99 -104.56 -8.34
N MET E 382 21.53 -104.15 -9.52
CA MET E 382 21.76 -102.80 -10.05
C MET E 382 21.46 -101.76 -8.98
N ILE E 383 20.21 -101.72 -8.53
CA ILE E 383 19.73 -100.82 -7.50
C ILE E 383 20.67 -100.76 -6.31
N GLU E 384 20.91 -101.89 -5.64
CA GLU E 384 21.80 -101.80 -4.48
C GLU E 384 23.22 -101.39 -4.87
N LYS E 385 23.61 -101.59 -6.12
CA LYS E 385 24.96 -101.23 -6.56
C LYS E 385 25.06 -99.81 -7.12
N VAL E 386 23.94 -99.09 -7.15
CA VAL E 386 23.96 -97.65 -7.35
C VAL E 386 23.86 -97.04 -5.97
N VAL E 387 22.82 -97.40 -5.22
CA VAL E 387 22.64 -96.93 -3.84
C VAL E 387 23.91 -97.09 -3.00
N ASP E 388 24.69 -98.14 -3.25
CA ASP E 388 25.94 -98.33 -2.51
C ASP E 388 27.01 -97.33 -2.92
N ARG E 389 27.11 -97.06 -4.21
CA ARG E 389 28.03 -96.07 -4.75
C ARG E 389 27.65 -94.66 -4.30
N MET E 390 26.35 -94.46 -4.06
CA MET E 390 25.77 -93.17 -3.74
C MET E 390 26.08 -92.73 -2.31
N TYR E 391 25.96 -93.66 -1.38
CA TYR E 391 26.13 -93.37 0.04
C TYR E 391 27.56 -93.68 0.50
N ALA E 392 28.40 -94.05 -0.46
CA ALA E 392 29.83 -94.22 -0.22
C ALA E 392 30.43 -92.95 0.36
N GLU E 393 31.37 -93.11 1.29
CA GLU E 393 31.99 -91.97 1.93
C GLU E 393 33.28 -91.54 1.24
N ILE E 394 33.48 -92.06 0.02
CA ILE E 394 34.72 -91.80 -0.70
C ILE E 394 34.84 -90.34 -1.10
N ASP E 395 35.98 -89.98 -1.68
CA ASP E 395 36.37 -88.57 -1.81
C ASP E 395 35.71 -87.86 -2.98
N ASP E 396 34.99 -88.62 -3.80
CA ASP E 396 34.23 -88.04 -4.90
C ASP E 396 32.80 -87.86 -4.49
N ASN E 397 32.47 -88.29 -3.30
CA ASN E 397 31.12 -88.13 -2.79
C ASN E 397 31.03 -86.91 -1.87
N ARG E 398 32.16 -86.22 -1.72
CA ARG E 398 32.21 -85.01 -0.91
C ARG E 398 31.35 -83.90 -1.51
N PHE E 399 30.36 -83.45 -0.73
CA PHE E 399 29.44 -82.39 -1.18
C PHE E 399 29.71 -80.98 -0.63
N LEU E 400 29.96 -80.87 0.67
CA LEU E 400 30.22 -79.58 1.29
C LEU E 400 31.45 -79.58 2.19
N GLU E 401 31.95 -78.39 2.47
CA GLU E 401 32.91 -78.15 3.54
C GLU E 401 32.40 -76.98 4.37
N VAL E 402 32.04 -77.29 5.61
CA VAL E 402 31.43 -76.34 6.51
C VAL E 402 32.45 -75.89 7.55
N THR E 403 32.72 -74.59 7.55
CA THR E 403 33.66 -74.01 8.50
C THR E 403 32.92 -73.31 9.63
N TYR E 404 33.09 -73.82 10.84
CA TYR E 404 32.33 -73.35 12.00
C TYR E 404 32.98 -72.15 12.65
N ALA E 405 32.30 -71.66 13.69
CA ALA E 405 32.73 -70.47 14.41
C ALA E 405 34.03 -70.70 15.17
N ASN E 406 34.27 -71.93 15.59
CA ASN E 406 35.43 -72.20 16.41
C ASN E 406 36.63 -72.65 15.59
N GLY E 407 36.46 -72.70 14.27
CA GLY E 407 37.56 -73.02 13.38
C GLY E 407 37.56 -74.45 12.89
N ASP E 408 36.69 -75.27 13.48
CA ASP E 408 36.48 -76.63 13.03
C ASP E 408 35.94 -76.67 11.59
N LYS E 409 36.52 -77.53 10.75
CA LYS E 409 36.04 -77.71 9.39
C LYS E 409 35.56 -79.12 9.12
N GLU E 410 34.25 -79.28 8.93
CA GLU E 410 33.67 -80.59 8.71
C GLU E 410 33.29 -80.79 7.24
N VAL E 411 33.41 -82.00 6.73
CA VAL E 411 33.05 -82.27 5.35
C VAL E 411 31.72 -83.06 5.24
N MET E 412 30.84 -82.62 4.36
CA MET E 412 29.54 -83.25 4.20
C MET E 412 29.50 -84.08 2.92
N TYR E 413 29.10 -85.34 3.06
CA TYR E 413 28.95 -86.25 1.93
C TYR E 413 27.50 -86.27 1.44
N PHE E 414 27.32 -86.49 0.14
CA PHE E 414 25.98 -86.57 -0.47
C PHE E 414 25.12 -87.64 0.20
N LYS E 415 25.79 -88.51 0.94
CA LYS E 415 25.14 -89.46 1.83
C LYS E 415 24.02 -88.80 2.62
N ASP E 416 24.39 -87.83 3.45
CA ASP E 416 23.40 -87.10 4.25
C ASP E 416 22.48 -86.21 3.42
N PHE E 417 22.92 -85.84 2.23
CA PHE E 417 22.21 -84.83 1.44
C PHE E 417 21.29 -85.34 0.34
N ASN E 418 20.99 -86.63 0.32
CA ASN E 418 20.11 -87.16 -0.71
C ASN E 418 18.67 -86.70 -0.59
N SER E 419 17.82 -87.16 -1.52
CA SER E 419 16.39 -86.89 -1.52
C SER E 419 15.71 -87.63 -2.67
N GLY E 420 14.39 -87.76 -2.60
CA GLY E 420 13.63 -88.44 -3.62
C GLY E 420 13.77 -87.80 -4.99
N ALA E 421 13.74 -86.47 -5.03
CA ALA E 421 13.88 -85.74 -6.28
C ALA E 421 15.23 -86.02 -6.92
N MET E 422 16.26 -86.16 -6.09
CA MET E 422 17.60 -86.37 -6.62
C MET E 422 17.73 -87.76 -7.22
N ILE E 423 17.15 -88.74 -6.55
CA ILE E 423 17.13 -90.10 -7.04
C ILE E 423 16.41 -90.16 -8.38
N GLN E 424 15.20 -89.62 -8.43
CA GLN E 424 14.45 -89.53 -9.68
C GLN E 424 15.31 -88.89 -10.77
N ASN E 425 16.04 -87.85 -10.40
CA ASN E 425 16.93 -87.18 -11.34
C ASN E 425 17.97 -88.14 -11.91
N VAL E 426 18.54 -88.95 -11.03
CA VAL E 426 19.53 -89.95 -11.43
C VAL E 426 18.94 -90.96 -12.40
N VAL E 427 17.78 -91.50 -12.04
CA VAL E 427 17.04 -92.43 -12.89
C VAL E 427 16.84 -91.87 -14.29
N ASP E 428 16.25 -90.68 -14.36
CA ASP E 428 15.96 -90.07 -15.66
C ASP E 428 17.22 -89.81 -16.47
N ARG E 429 18.26 -89.32 -15.80
CA ARG E 429 19.52 -89.03 -16.47
C ARG E 429 20.13 -90.30 -17.05
N ALA E 430 19.97 -91.40 -16.33
CA ALA E 430 20.46 -92.69 -16.79
C ALA E 430 19.64 -93.17 -17.98
N LYS E 431 18.34 -92.92 -17.96
CA LYS E 431 17.49 -93.28 -19.09
C LYS E 431 17.93 -92.51 -20.33
N LYS E 432 18.21 -91.22 -20.18
CA LYS E 432 18.69 -90.43 -21.32
C LYS E 432 20.02 -90.97 -21.83
N ASN E 433 20.93 -91.27 -20.90
CA ASN E 433 22.21 -91.88 -21.27
C ASN E 433 22.00 -93.16 -22.06
N ALA E 434 20.99 -93.95 -21.66
CA ALA E 434 20.66 -95.19 -22.33
C ALA E 434 20.14 -94.94 -23.73
N ILE E 435 19.38 -93.86 -23.88
CA ILE E 435 18.80 -93.49 -25.16
C ILE E 435 19.87 -93.09 -26.16
N LYS E 436 20.75 -92.18 -25.79
CA LYS E 436 21.77 -91.78 -26.76
C LYS E 436 22.87 -92.84 -26.89
N SER E 437 22.93 -93.73 -25.90
CA SER E 437 23.70 -94.98 -26.00
C SER E 437 23.16 -95.81 -27.16
N VAL E 438 21.87 -96.11 -27.11
CA VAL E 438 21.16 -96.80 -28.19
C VAL E 438 21.44 -96.15 -29.55
N LEU E 439 21.36 -94.82 -29.59
CA LEU E 439 21.61 -94.09 -30.83
C LEU E 439 23.00 -94.32 -31.41
N GLU E 440 24.05 -94.08 -30.64
CA GLU E 440 25.37 -94.23 -31.27
C GLU E 440 25.88 -95.68 -31.35
N THR E 441 25.75 -96.43 -30.26
CA THR E 441 26.28 -97.80 -30.20
C THR E 441 25.37 -98.84 -30.84
N GLY E 442 24.08 -98.53 -30.96
CA GLY E 442 23.16 -99.40 -31.66
C GLY E 442 22.49 -100.48 -30.83
N GLN E 443 23.11 -100.87 -29.72
CA GLN E 443 22.54 -101.95 -28.91
C GLN E 443 21.68 -101.38 -27.78
N PRO E 444 20.45 -101.90 -27.65
CA PRO E 444 19.46 -101.38 -26.71
C PRO E 444 19.74 -101.71 -25.26
N GLY E 445 19.09 -100.99 -24.34
CA GLY E 445 19.15 -101.32 -22.93
C GLY E 445 19.92 -100.35 -22.05
N LEU E 446 19.59 -100.38 -20.77
CA LEU E 446 20.21 -99.52 -19.78
C LEU E 446 21.09 -100.33 -18.86
N ARG E 447 22.41 -100.16 -18.96
CA ARG E 447 23.32 -100.91 -18.12
C ARG E 447 23.68 -100.16 -16.84
N ILE E 448 24.48 -100.79 -15.98
CA ILE E 448 24.83 -100.20 -14.69
C ILE E 448 25.72 -98.99 -14.90
N GLN E 449 26.45 -98.99 -16.01
CA GLN E 449 27.36 -97.91 -16.37
C GLN E 449 26.63 -96.57 -16.42
N HIS E 450 25.49 -96.56 -17.09
CA HIS E 450 24.67 -95.36 -17.22
C HIS E 450 24.23 -94.84 -15.87
N LEU E 451 23.88 -95.75 -14.97
CA LEU E 451 23.47 -95.40 -13.63
C LEU E 451 24.59 -94.74 -12.82
N LEU E 452 25.75 -95.39 -12.80
CA LEU E 452 26.90 -94.85 -12.06
C LEU E 452 27.29 -93.47 -12.59
N ASP E 453 27.45 -93.37 -13.91
CA ASP E 453 27.83 -92.09 -14.50
C ASP E 453 26.74 -91.04 -14.30
N SER E 454 25.50 -91.50 -14.17
CA SER E 454 24.40 -90.61 -13.82
C SER E 454 24.61 -90.07 -12.42
N ILE E 455 25.10 -90.93 -11.53
CA ILE E 455 25.39 -90.53 -10.16
C ILE E 455 26.45 -89.44 -10.13
N VAL E 456 27.59 -89.68 -10.79
CA VAL E 456 28.65 -88.69 -10.71
C VAL E 456 28.22 -87.37 -11.36
N ASP E 457 27.50 -87.46 -12.49
CA ASP E 457 27.04 -86.25 -13.17
C ASP E 457 26.05 -85.46 -12.35
N GLU E 458 25.14 -86.16 -11.69
CA GLU E 458 24.15 -85.51 -10.83
C GLU E 458 24.80 -84.82 -9.63
N PHE E 459 25.75 -85.51 -9.01
CA PHE E 459 26.50 -84.95 -7.90
C PHE E 459 27.21 -83.68 -8.32
N ALA E 460 27.85 -83.74 -9.49
CA ALA E 460 28.56 -82.58 -10.04
C ALA E 460 27.59 -81.44 -10.31
N GLU E 461 26.38 -81.79 -10.73
CA GLU E 461 25.37 -80.79 -11.02
C GLU E 461 24.93 -80.10 -9.74
N ASN E 462 25.03 -80.81 -8.61
CA ASN E 462 24.73 -80.22 -7.31
C ASN E 462 25.88 -79.43 -6.70
N GLU E 463 27.11 -79.83 -7.02
CA GLU E 463 28.28 -79.17 -6.52
C GLU E 463 28.31 -77.76 -7.09
N ASP E 464 28.02 -77.66 -8.39
CA ASP E 464 27.99 -76.37 -9.07
C ASP E 464 26.87 -75.45 -8.60
N LEU E 465 25.69 -76.05 -8.41
CA LEU E 465 24.49 -75.30 -8.05
C LEU E 465 23.77 -75.95 -6.88
N PRO E 466 24.32 -75.68 -5.60
CA PRO E 466 23.62 -76.40 -4.52
C PRO E 466 22.37 -75.68 -4.03
N ASN E 467 21.30 -75.73 -4.83
CA ASN E 467 20.01 -75.21 -4.40
C ASN E 467 19.11 -76.33 -3.87
N THR E 468 19.67 -77.53 -3.79
CA THR E 468 19.02 -78.65 -3.10
C THR E 468 19.10 -78.49 -1.59
N THR E 469 19.83 -77.49 -1.14
CA THR E 469 19.97 -77.23 0.28
C THR E 469 19.06 -76.09 0.70
N ASN E 470 19.05 -75.80 2.00
CA ASN E 470 18.27 -74.71 2.56
C ASN E 470 18.76 -74.41 3.99
N PRO E 471 18.21 -73.36 4.63
CA PRO E 471 18.59 -73.07 6.01
C PRO E 471 18.20 -74.16 7.01
N ASP E 472 17.21 -74.97 6.68
CA ASP E 472 16.83 -76.07 7.55
C ASP E 472 18.04 -76.98 7.76
N ASP E 473 18.70 -77.32 6.66
CA ASP E 473 19.88 -78.18 6.71
C ASP E 473 21.03 -77.55 7.50
N TRP E 474 21.15 -76.23 7.42
CA TRP E 474 22.22 -75.56 8.14
C TRP E 474 21.91 -75.61 9.63
N ALA E 475 20.65 -75.36 9.98
CA ALA E 475 20.21 -75.44 11.36
C ALA E 475 20.51 -76.81 11.95
N ARG E 476 20.26 -77.85 11.16
CA ARG E 476 20.52 -79.22 11.62
C ARG E 476 22.01 -79.53 11.78
N ILE E 477 22.80 -79.11 10.80
CA ILE E 477 24.26 -79.33 10.85
C ILE E 477 24.87 -78.63 12.06
N SER E 478 24.56 -77.35 12.18
CA SER E 478 25.06 -76.50 13.25
C SER E 478 24.61 -77.00 14.61
N GLY E 479 23.34 -77.42 14.67
CA GLY E 479 22.79 -78.01 15.87
C GLY E 479 23.55 -79.25 16.29
N LYS E 480 23.82 -80.13 15.34
CA LYS E 480 24.56 -81.35 15.65
C LYS E 480 25.97 -81.05 16.15
N LYS E 481 26.67 -80.15 15.47
CA LYS E 481 28.04 -79.81 15.88
C LYS E 481 28.09 -79.10 17.23
N GLY E 482 27.17 -78.18 17.45
CA GLY E 482 27.14 -77.39 18.66
C GLY E 482 27.74 -76.01 18.45
N GLU E 483 27.97 -75.66 17.18
CA GLU E 483 28.58 -74.38 16.80
C GLU E 483 27.80 -73.66 15.70
N ARG E 484 27.96 -72.35 15.62
CA ARG E 484 27.39 -71.54 14.54
C ARG E 484 28.26 -71.68 13.28
N ILE E 485 27.62 -71.71 12.12
CA ILE E 485 28.33 -71.94 10.86
C ILE E 485 28.71 -70.62 10.19
N VAL E 486 30.00 -70.34 10.12
CA VAL E 486 30.46 -69.08 9.57
C VAL E 486 30.86 -69.11 8.08
N TYR E 487 31.03 -70.31 7.52
CA TYR E 487 31.35 -70.42 6.08
C TYR E 487 30.92 -71.75 5.48
N ILE E 488 30.56 -71.75 4.20
CA ILE E 488 30.15 -72.98 3.53
C ILE E 488 30.64 -73.01 2.08
N ARG E 489 31.27 -74.10 1.66
CA ARG E 489 31.65 -74.19 0.25
C ARG E 489 31.44 -75.57 -0.34
N THR E 490 31.08 -75.63 -1.61
CA THR E 490 30.91 -76.93 -2.23
C THR E 490 32.27 -77.48 -2.66
N LEU E 491 32.42 -78.79 -2.58
CA LEU E 491 33.67 -79.45 -2.95
C LEU E 491 33.55 -80.08 -4.32
N VAL E 492 34.59 -79.85 -5.12
CA VAL E 492 34.61 -80.42 -6.45
C VAL E 492 35.76 -81.42 -6.61
N THR E 493 35.50 -82.43 -7.43
CA THR E 493 36.45 -83.52 -7.65
C THR E 493 37.56 -83.11 -8.60
N GLY E 494 37.38 -81.99 -9.28
CA GLY E 494 38.38 -81.46 -10.18
C GLY E 494 38.34 -82.09 -11.56
N LYS E 495 37.69 -83.25 -11.66
CA LYS E 495 37.58 -83.96 -12.92
C LYS E 495 36.48 -83.38 -13.79
N SER E 496 35.69 -82.48 -13.23
CA SER E 496 34.43 -82.09 -13.85
C SER E 496 34.43 -80.65 -14.36
N SER E 497 33.29 -80.25 -14.91
CA SER E 497 33.09 -78.88 -15.37
C SER E 497 32.51 -78.06 -14.23
N SER E 498 32.27 -78.73 -13.12
CA SER E 498 31.74 -78.09 -11.92
C SER E 498 32.89 -77.51 -11.10
N ALA E 499 32.63 -76.36 -10.49
CA ALA E 499 33.63 -75.67 -9.69
C ALA E 499 33.05 -75.39 -8.30
N SER E 500 33.91 -75.02 -7.35
CA SER E 500 33.46 -74.79 -5.99
C SER E 500 32.67 -73.50 -5.87
N ARG E 501 31.71 -73.48 -4.95
CA ARG E 501 30.91 -72.30 -4.69
C ARG E 501 30.81 -71.96 -3.22
N ALA E 502 31.10 -70.72 -2.85
CA ALA E 502 30.77 -70.27 -1.53
C ALA E 502 29.25 -70.19 -1.45
N ILE E 503 28.68 -70.58 -0.31
CA ILE E 503 27.25 -70.50 -0.12
C ILE E 503 26.92 -69.53 1.01
N ASP E 504 25.93 -68.67 0.78
CA ASP E 504 25.57 -67.67 1.77
C ASP E 504 24.31 -68.10 2.53
N THR E 505 24.25 -67.76 3.82
CA THR E 505 23.11 -68.09 4.66
C THR E 505 22.22 -66.88 4.88
N PRO F 2 -54.82 -49.21 -14.82
CA PRO F 2 -53.41 -48.91 -15.08
C PRO F 2 -52.91 -47.71 -14.27
N SER F 3 -52.07 -47.96 -13.26
CA SER F 3 -51.61 -46.89 -12.39
C SER F 3 -50.17 -47.12 -11.92
N GLY F 4 -49.50 -46.03 -11.55
CA GLY F 4 -48.12 -46.11 -11.10
C GLY F 4 -47.99 -45.98 -9.60
N TYR F 5 -46.77 -45.70 -9.13
CA TYR F 5 -46.49 -45.60 -7.70
C TYR F 5 -45.63 -44.38 -7.37
N GLY F 6 -45.56 -44.06 -6.08
CA GLY F 6 -44.74 -42.96 -5.62
C GLY F 6 -44.28 -43.19 -4.20
N VAL F 7 -43.54 -42.23 -3.64
CA VAL F 7 -43.10 -42.33 -2.26
C VAL F 7 -43.60 -41.15 -1.44
N LEU F 8 -44.42 -41.44 -0.43
CA LEU F 8 -44.98 -40.40 0.41
C LEU F 8 -43.87 -39.66 1.17
N LEU F 9 -43.80 -38.35 0.96
CA LEU F 9 -42.79 -37.50 1.60
C LEU F 9 -43.34 -36.70 2.79
N ALA F 10 -44.45 -35.98 2.58
CA ALA F 10 -45.09 -35.24 3.68
C ALA F 10 -46.61 -35.23 3.57
N THR F 11 -47.28 -35.01 4.71
CA THR F 11 -48.73 -34.88 4.72
C THR F 11 -49.13 -33.49 5.21
N HIS F 12 -50.12 -32.89 4.55
CA HIS F 12 -50.56 -31.54 4.88
C HIS F 12 -52.01 -31.56 5.33
N ASP F 13 -52.42 -30.52 6.05
CA ASP F 13 -53.70 -30.51 6.77
C ASP F 13 -54.95 -30.45 5.89
N ASP F 14 -54.80 -29.98 4.66
CA ASP F 14 -55.94 -29.79 3.77
C ASP F 14 -56.19 -31.01 2.87
N ASP F 15 -55.47 -32.09 3.17
CA ASP F 15 -55.53 -33.41 2.49
C ASP F 15 -54.62 -33.49 1.28
N THR F 16 -53.96 -32.39 0.93
CA THR F 16 -52.96 -32.41 -0.12
C THR F 16 -51.68 -33.06 0.41
N VAL F 17 -51.01 -33.82 -0.43
CA VAL F 17 -49.89 -34.65 0.04
C VAL F 17 -48.66 -34.54 -0.86
N ASP F 18 -47.49 -34.45 -0.23
CA ASP F 18 -46.21 -34.38 -0.95
C ASP F 18 -45.64 -35.76 -1.24
N VAL F 19 -45.52 -36.10 -2.52
CA VAL F 19 -45.05 -37.39 -3.00
C VAL F 19 -43.92 -37.22 -4.01
N PHE F 20 -42.87 -38.04 -3.90
CA PHE F 20 -41.81 -38.04 -4.90
C PHE F 20 -41.95 -39.19 -5.88
N THR F 21 -42.14 -38.86 -7.16
CA THR F 21 -42.18 -39.89 -8.19
C THR F 21 -41.76 -39.31 -9.54
N SER F 22 -41.25 -40.18 -10.41
CA SER F 22 -40.76 -39.80 -11.72
C SER F 22 -39.77 -38.64 -11.64
N GLY F 23 -38.87 -38.69 -10.66
CA GLY F 23 -37.84 -37.69 -10.49
C GLY F 23 -38.35 -36.37 -9.94
N ARG F 24 -39.66 -36.23 -9.82
CA ARG F 24 -40.24 -34.99 -9.34
C ARG F 24 -40.78 -35.10 -7.92
N LYS F 25 -40.44 -34.12 -7.08
CA LYS F 25 -41.16 -33.91 -5.84
C LYS F 25 -42.41 -33.12 -6.23
N MET F 26 -43.59 -33.70 -6.00
CA MET F 26 -44.82 -33.04 -6.40
C MET F 26 -45.94 -33.25 -5.39
N ARG F 27 -46.83 -32.26 -5.30
CA ARG F 27 -47.90 -32.26 -4.31
C ARG F 27 -49.25 -32.49 -4.98
N LEU F 28 -49.92 -33.57 -4.57
CA LEU F 28 -51.13 -34.03 -5.21
C LEU F 28 -52.28 -34.19 -4.22
N THR F 29 -53.51 -33.94 -4.67
CA THR F 29 -54.67 -34.20 -3.85
C THR F 29 -54.87 -35.71 -3.77
N CYS F 30 -55.60 -36.15 -2.76
CA CYS F 30 -55.79 -37.56 -2.53
C CYS F 30 -57.23 -37.99 -2.77
N SER F 31 -57.43 -39.23 -3.18
CA SER F 31 -58.77 -39.80 -3.25
C SER F 31 -59.41 -39.70 -1.88
N PRO F 32 -60.67 -39.27 -1.84
CA PRO F 32 -61.40 -39.12 -0.59
C PRO F 32 -61.40 -40.43 0.18
N ASN F 33 -61.48 -41.54 -0.55
CA ASN F 33 -61.51 -42.88 0.02
C ASN F 33 -60.38 -43.13 1.02
N ILE F 34 -59.19 -42.65 0.69
CA ILE F 34 -58.04 -42.79 1.58
C ILE F 34 -58.08 -41.76 2.71
N ASP F 35 -57.87 -42.23 3.93
CA ASP F 35 -57.81 -41.35 5.09
C ASP F 35 -56.43 -40.70 5.20
N ALA F 36 -56.42 -39.37 5.28
CA ALA F 36 -55.17 -38.61 5.32
C ALA F 36 -54.49 -38.72 6.69
N ALA F 37 -55.23 -39.19 7.69
CA ALA F 37 -54.69 -39.34 9.03
C ALA F 37 -53.84 -40.61 9.19
N SER F 38 -54.22 -41.65 8.46
CA SER F 38 -53.64 -42.98 8.66
C SER F 38 -52.41 -43.29 7.80
N LEU F 39 -51.94 -42.29 7.05
CA LEU F 39 -50.78 -42.50 6.20
C LEU F 39 -49.48 -42.48 7.02
N LYS F 40 -48.36 -42.73 6.35
CA LYS F 40 -47.06 -42.76 7.01
C LYS F 40 -45.94 -42.27 6.09
N LYS F 41 -44.92 -41.64 6.68
CA LYS F 41 -43.79 -41.11 5.93
C LYS F 41 -42.95 -42.23 5.33
N GLY F 42 -42.56 -42.07 4.07
CA GLY F 42 -41.73 -43.05 3.39
C GLY F 42 -42.51 -44.23 2.84
N GLN F 43 -43.79 -44.29 3.20
CA GLN F 43 -44.68 -45.34 2.74
C GLN F 43 -44.96 -45.21 1.25
N THR F 44 -44.76 -46.30 0.51
CA THR F 44 -45.06 -46.30 -0.92
C THR F 44 -46.53 -46.00 -1.14
N VAL F 45 -46.81 -44.96 -1.94
CA VAL F 45 -48.18 -44.68 -2.34
C VAL F 45 -48.41 -45.11 -3.77
N ARG F 46 -49.63 -44.97 -4.25
CA ARG F 46 -49.96 -45.37 -5.61
C ARG F 46 -50.83 -44.30 -6.29
N LEU F 47 -50.59 -44.08 -7.58
CA LEU F 47 -51.20 -42.98 -8.30
C LEU F 47 -51.86 -43.39 -9.61
N ASN F 48 -53.15 -43.13 -9.74
CA ASN F 48 -53.83 -43.29 -11.00
C ASN F 48 -53.35 -42.21 -11.96
N GLU F 49 -53.58 -42.40 -13.25
CA GLU F 49 -53.05 -41.48 -14.26
C GLU F 49 -53.56 -40.05 -14.07
N ALA F 50 -54.53 -39.86 -13.19
CA ALA F 50 -55.08 -38.55 -12.92
C ALA F 50 -54.24 -37.78 -11.90
N LEU F 51 -53.15 -38.40 -11.46
CA LEU F 51 -52.26 -37.82 -10.44
C LEU F 51 -52.98 -37.62 -9.11
N THR F 52 -53.68 -38.65 -8.67
CA THR F 52 -54.34 -38.62 -7.38
C THR F 52 -53.95 -39.88 -6.61
N VAL F 53 -53.82 -39.78 -5.30
CA VAL F 53 -53.48 -40.97 -4.54
C VAL F 53 -54.72 -41.82 -4.35
N VAL F 54 -54.72 -43.00 -4.97
CA VAL F 54 -55.82 -43.95 -4.86
C VAL F 54 -55.68 -44.85 -3.62
N GLU F 55 -54.46 -45.31 -3.34
CA GLU F 55 -54.22 -46.13 -2.18
C GLU F 55 -52.76 -46.08 -1.70
N ALA F 56 -52.56 -46.34 -0.42
CA ALA F 56 -51.24 -46.38 0.18
C ALA F 56 -50.79 -47.82 0.41
N GLY F 57 -49.55 -48.11 0.02
CA GLY F 57 -49.02 -49.46 0.11
C GLY F 57 -48.03 -49.67 1.25
N THR F 58 -47.12 -50.62 1.02
CA THR F 58 -46.04 -50.92 1.96
C THR F 58 -44.90 -49.92 1.77
N PHE F 59 -43.72 -50.24 2.30
CA PHE F 59 -42.53 -49.43 2.04
C PHE F 59 -41.66 -50.12 1.00
N GLU F 60 -40.49 -49.54 0.68
CA GLU F 60 -39.60 -50.17 -0.30
C GLU F 60 -38.75 -51.27 0.34
N ALA F 61 -38.79 -52.46 -0.25
CA ALA F 61 -38.04 -53.61 0.26
C ALA F 61 -36.73 -53.97 -0.47
N VAL F 62 -36.40 -53.25 -1.53
CA VAL F 62 -35.19 -53.53 -2.30
C VAL F 62 -34.46 -52.22 -2.61
N GLY F 63 -33.15 -52.28 -2.84
CA GLY F 63 -32.47 -51.03 -3.13
C GLY F 63 -31.05 -50.93 -2.57
N GLU F 64 -30.51 -49.71 -2.56
CA GLU F 64 -29.14 -49.47 -2.14
C GLU F 64 -28.98 -49.49 -0.62
N ILE F 65 -27.78 -49.85 -0.16
CA ILE F 65 -27.49 -49.94 1.26
C ILE F 65 -26.50 -48.88 1.71
N SER F 66 -26.82 -48.22 2.83
CA SER F 66 -25.94 -47.21 3.39
C SER F 66 -25.87 -47.33 4.91
N THR F 67 -24.68 -47.10 5.46
CA THR F 67 -24.47 -47.23 6.91
C THR F 67 -24.80 -45.94 7.64
N LEU F 68 -25.51 -46.06 8.75
CA LEU F 68 -25.90 -44.90 9.54
C LEU F 68 -24.71 -44.32 10.27
N ARG F 69 -24.54 -43.00 10.14
CA ARG F 69 -23.46 -42.24 10.81
C ARG F 69 -24.01 -41.41 11.98
N GLU F 70 -25.05 -40.61 11.73
CA GLU F 70 -25.69 -39.83 12.76
C GLU F 70 -27.18 -39.59 12.49
N ILE F 71 -27.98 -39.66 13.55
CA ILE F 71 -29.39 -39.29 13.47
C ILE F 71 -29.49 -37.76 13.63
N LEU F 72 -28.35 -37.15 13.97
CA LEU F 72 -28.17 -35.70 14.03
C LEU F 72 -29.29 -35.00 14.81
N ALA F 73 -29.78 -33.87 14.30
CA ALA F 73 -30.84 -33.15 14.99
C ALA F 73 -32.22 -33.62 14.56
N ASP F 74 -33.24 -33.10 15.24
CA ASP F 74 -34.66 -33.32 14.93
C ASP F 74 -35.11 -34.77 15.08
N GLY F 75 -34.16 -35.69 15.09
CA GLY F 75 -34.42 -37.11 15.27
C GLY F 75 -34.98 -37.83 14.05
N HIS F 76 -35.50 -37.09 13.09
CA HIS F 76 -36.15 -37.69 11.92
C HIS F 76 -35.27 -37.75 10.67
N ARG F 77 -34.08 -37.17 10.73
CA ARG F 77 -33.18 -37.17 9.58
C ARG F 77 -31.85 -37.82 9.93
N ALA F 78 -31.41 -38.76 9.09
CA ALA F 78 -30.18 -39.48 9.35
C ALA F 78 -29.08 -39.08 8.37
N LEU F 79 -27.89 -38.84 8.89
CA LEU F 79 -26.73 -38.67 8.04
C LEU F 79 -26.14 -40.06 7.87
N VAL F 80 -26.19 -40.59 6.66
CA VAL F 80 -25.65 -41.90 6.39
C VAL F 80 -24.54 -41.82 5.36
N VAL F 81 -23.93 -42.96 5.06
CA VAL F 81 -22.83 -43.02 4.11
C VAL F 81 -23.02 -44.21 3.17
N GLY F 82 -22.92 -43.93 1.87
CA GLY F 82 -23.05 -44.96 0.86
C GLY F 82 -21.76 -45.74 0.69
N HIS F 83 -21.59 -46.34 -0.49
CA HIS F 83 -20.42 -47.17 -0.76
C HIS F 83 -19.16 -46.38 -1.09
N ALA F 84 -19.34 -45.24 -1.74
CA ALA F 84 -18.23 -44.42 -2.20
C ALA F 84 -17.82 -43.39 -1.16
N ASP F 85 -18.42 -43.51 0.03
CA ASP F 85 -18.14 -42.66 1.19
C ASP F 85 -18.59 -41.22 1.02
N GLU F 86 -19.61 -41.00 0.19
CA GLU F 86 -20.23 -39.69 0.13
C GLU F 86 -21.38 -39.66 1.14
N GLU F 87 -21.38 -38.61 1.96
CA GLU F 87 -22.36 -38.49 3.04
C GLU F 87 -23.69 -37.99 2.49
N ARG F 88 -24.79 -38.47 3.05
CA ARG F 88 -26.11 -38.04 2.61
C ARG F 88 -27.09 -37.92 3.76
N VAL F 89 -27.84 -36.83 3.78
CA VAL F 89 -28.93 -36.68 4.72
C VAL F 89 -30.19 -37.28 4.12
N VAL F 90 -30.79 -38.25 4.80
CA VAL F 90 -32.04 -38.84 4.33
C VAL F 90 -33.11 -38.76 5.40
N TRP F 91 -34.37 -38.68 4.99
CA TRP F 91 -35.48 -38.71 5.94
C TRP F 91 -35.59 -40.10 6.56
N LEU F 92 -36.25 -40.19 7.71
CA LEU F 92 -36.51 -41.47 8.34
C LEU F 92 -37.98 -41.87 8.21
N ALA F 93 -38.23 -43.06 7.69
CA ALA F 93 -39.59 -43.56 7.54
C ALA F 93 -40.16 -43.99 8.89
N ASP F 94 -41.49 -44.08 8.95
CA ASP F 94 -42.21 -44.46 10.17
C ASP F 94 -41.67 -45.70 10.90
N PRO F 95 -41.42 -46.82 10.19
CA PRO F 95 -41.01 -47.99 10.97
C PRO F 95 -39.66 -47.86 11.68
N LEU F 96 -38.83 -46.91 11.23
CA LEU F 96 -37.52 -46.70 11.85
C LEU F 96 -37.61 -45.93 13.16
N ILE F 97 -38.52 -44.95 13.21
CA ILE F 97 -38.69 -44.14 14.41
C ILE F 97 -39.84 -44.69 15.27
N LEU F 118 -32.12 -47.82 16.75
CA LEU F 118 -31.10 -47.58 15.74
C LEU F 118 -29.97 -46.70 16.26
N ARG F 119 -28.75 -47.05 15.90
CA ARG F 119 -27.57 -46.27 16.27
C ARG F 119 -26.54 -46.38 15.15
N PRO F 120 -25.41 -45.65 15.25
CA PRO F 120 -24.35 -45.76 14.24
C PRO F 120 -23.93 -47.20 13.93
N GLY F 121 -23.61 -47.46 12.67
CA GLY F 121 -23.13 -48.77 12.26
C GLY F 121 -24.20 -49.63 11.60
N ASP F 122 -25.46 -49.32 11.87
CA ASP F 122 -26.58 -50.06 11.29
C ASP F 122 -26.65 -49.85 9.78
N SER F 123 -26.78 -50.95 9.04
CA SER F 123 -26.92 -50.88 7.59
C SER F 123 -28.39 -50.72 7.21
N LEU F 124 -28.70 -49.59 6.58
CA LEU F 124 -30.08 -49.25 6.24
C LEU F 124 -30.30 -49.26 4.74
N LEU F 125 -31.50 -49.65 4.34
CA LEU F 125 -31.90 -49.58 2.94
C LEU F 125 -32.44 -48.20 2.60
N VAL F 126 -31.96 -47.61 1.52
CA VAL F 126 -32.36 -46.25 1.18
C VAL F 126 -32.71 -46.07 -0.30
N ASP F 127 -33.53 -45.05 -0.57
CA ASP F 127 -33.72 -44.54 -1.92
C ASP F 127 -33.09 -43.15 -1.92
N THR F 128 -31.95 -43.01 -2.60
CA THR F 128 -31.19 -41.78 -2.56
C THR F 128 -31.92 -40.66 -3.31
N LYS F 129 -32.73 -41.06 -4.28
CA LYS F 129 -33.49 -40.12 -5.11
C LYS F 129 -34.58 -39.42 -4.30
N ALA F 130 -35.40 -40.23 -3.62
CA ALA F 130 -36.51 -39.71 -2.83
C ALA F 130 -36.02 -39.08 -1.53
N GLY F 131 -34.86 -39.51 -1.06
CA GLY F 131 -34.31 -39.01 0.19
C GLY F 131 -34.97 -39.58 1.43
N TYR F 132 -35.11 -40.90 1.46
CA TYR F 132 -35.70 -41.60 2.61
C TYR F 132 -34.99 -42.90 2.93
N ALA F 133 -35.02 -43.30 4.20
CA ALA F 133 -34.45 -44.56 4.66
C ALA F 133 -35.62 -45.39 5.20
N PHE F 134 -35.80 -46.62 4.73
CA PHE F 134 -36.94 -47.45 5.16
C PHE F 134 -36.80 -48.58 6.19
N GLU F 135 -35.81 -49.46 6.05
CA GLU F 135 -35.66 -50.60 6.97
C GLU F 135 -34.22 -51.00 7.28
N ARG F 136 -34.02 -51.75 8.37
CA ARG F 136 -32.66 -52.16 8.74
C ARG F 136 -32.43 -53.67 8.58
N ILE F 137 -31.56 -54.04 7.65
CA ILE F 137 -31.23 -55.45 7.40
C ILE F 137 -29.77 -55.76 7.72
N PRO F 138 -29.50 -56.41 8.89
CA PRO F 138 -28.06 -56.57 9.10
C PRO F 138 -27.38 -57.66 8.29
N LYS F 139 -27.72 -58.92 8.55
CA LYS F 139 -27.21 -60.11 7.82
C LYS F 139 -25.75 -59.94 7.39
N ALA F 140 -24.92 -59.32 8.22
CA ALA F 140 -23.66 -58.78 7.73
C ALA F 140 -22.47 -59.71 7.81
N GLU F 141 -22.74 -60.97 8.18
CA GLU F 141 -21.76 -62.01 8.51
C GLU F 141 -21.05 -61.68 9.83
N VAL F 142 -21.13 -60.43 10.27
CA VAL F 142 -20.61 -60.07 11.58
C VAL F 142 -21.64 -60.50 12.63
N GLU F 143 -22.79 -60.99 12.17
CA GLU F 143 -23.80 -61.54 13.07
C GLU F 143 -23.26 -62.74 13.86
N ASP F 144 -22.13 -63.27 13.41
CA ASP F 144 -21.49 -64.42 14.05
C ASP F 144 -20.42 -63.98 15.08
N LEU F 145 -20.41 -62.68 15.38
CA LEU F 145 -19.44 -62.06 16.29
C LEU F 145 -19.67 -62.49 17.73
N VAL F 146 -18.92 -61.86 18.65
CA VAL F 146 -19.05 -62.06 20.10
C VAL F 146 -18.87 -63.55 20.48
N LEU F 147 -18.27 -64.33 19.61
CA LEU F 147 -18.17 -65.77 19.89
C LEU F 147 -17.37 -66.06 21.13
N GLU F 148 -17.92 -66.85 22.07
CA GLU F 148 -19.27 -67.39 22.04
C GLU F 148 -19.91 -66.78 23.28
N GLU F 149 -21.20 -66.49 23.25
CA GLU F 149 -21.85 -65.80 24.39
C GLU F 149 -21.95 -66.36 25.83
N VAL F 150 -22.34 -67.61 26.03
CA VAL F 150 -22.51 -68.16 27.40
C VAL F 150 -21.31 -68.84 28.04
N PRO F 151 -21.31 -69.06 29.35
CA PRO F 151 -20.11 -69.75 29.86
C PRO F 151 -20.21 -71.26 29.78
N ASP F 152 -19.16 -71.97 30.18
CA ASP F 152 -19.28 -73.16 31.02
C ASP F 152 -18.11 -73.18 32.06
N VAL F 153 -16.87 -73.28 31.56
CA VAL F 153 -15.68 -73.63 32.37
C VAL F 153 -15.42 -72.75 33.59
N SER F 154 -14.94 -73.39 34.66
CA SER F 154 -14.63 -72.72 35.92
C SER F 154 -13.17 -72.90 36.33
N TYR F 155 -12.79 -72.29 37.45
CA TYR F 155 -11.43 -72.41 37.97
C TYR F 155 -11.08 -73.85 38.32
N ALA F 156 -12.11 -74.67 38.54
CA ALA F 156 -11.91 -76.05 38.93
C ALA F 156 -11.31 -76.86 37.80
N ASP F 157 -11.43 -76.34 36.57
CA ASP F 157 -10.90 -77.01 35.40
C ASP F 157 -9.52 -76.47 35.04
N ILE F 158 -9.07 -75.47 35.78
CA ILE F 158 -7.75 -74.88 35.59
C ILE F 158 -6.79 -75.34 36.68
N GLY F 159 -5.77 -76.11 36.31
CA GLY F 159 -4.83 -76.62 37.28
C GLY F 159 -3.66 -75.72 37.61
N GLY F 160 -3.25 -75.75 38.87
CA GLY F 160 -1.99 -75.18 39.32
C GLY F 160 -1.77 -73.69 39.21
N LEU F 161 -2.82 -72.93 38.91
CA LEU F 161 -2.71 -71.50 38.75
C LEU F 161 -3.09 -70.68 39.99
N SER F 162 -3.27 -71.36 41.12
CA SER F 162 -3.94 -70.78 42.30
C SER F 162 -3.52 -69.34 42.67
N ARG F 163 -2.21 -69.08 42.69
CA ARG F 163 -1.72 -67.73 42.95
C ARG F 163 -2.32 -66.75 41.95
N GLN F 164 -2.36 -67.20 40.70
CA GLN F 164 -2.88 -66.37 39.64
C GLN F 164 -4.37 -66.23 39.75
N ILE F 165 -5.10 -67.31 40.04
CA ILE F 165 -6.55 -67.19 40.11
C ILE F 165 -6.93 -66.19 41.19
N GLU F 166 -6.26 -66.24 42.34
CA GLU F 166 -6.49 -65.22 43.36
C GLU F 166 -6.19 -63.84 42.81
N GLN F 167 -5.09 -63.70 42.08
CA GLN F 167 -4.77 -62.40 41.47
C GLN F 167 -5.86 -61.88 40.54
N ILE F 168 -6.50 -62.77 39.79
CA ILE F 168 -7.54 -62.35 38.85
C ILE F 168 -8.83 -61.95 39.58
N ARG F 169 -9.32 -62.83 40.43
CA ARG F 169 -10.62 -62.58 41.05
C ARG F 169 -10.53 -61.41 42.03
N ASP F 170 -9.32 -61.09 42.47
CA ASP F 170 -9.09 -59.84 43.18
C ASP F 170 -9.32 -58.66 42.25
N ALA F 171 -9.05 -58.87 40.96
CA ALA F 171 -9.15 -57.78 39.99
C ALA F 171 -10.49 -57.70 39.26
N VAL F 172 -11.32 -58.73 39.42
CA VAL F 172 -12.58 -58.80 38.68
C VAL F 172 -13.78 -59.07 39.59
N GLU F 173 -13.77 -60.23 40.25
CA GLU F 173 -14.84 -60.57 41.20
C GLU F 173 -14.94 -59.53 42.31
N LEU F 174 -13.82 -59.35 42.99
CA LEU F 174 -13.76 -58.51 44.18
C LEU F 174 -14.39 -57.12 44.03
N PRO F 175 -14.06 -56.36 42.97
CA PRO F 175 -14.67 -55.02 42.82
C PRO F 175 -16.16 -55.05 42.52
N PHE F 176 -16.65 -56.10 41.88
CA PHE F 176 -18.06 -56.15 41.52
C PHE F 176 -18.93 -56.62 42.67
N LEU F 177 -18.43 -57.58 43.43
CA LEU F 177 -19.15 -58.07 44.59
C LEU F 177 -19.28 -57.00 45.64
N HIS F 178 -18.12 -56.46 45.98
CA HIS F 178 -17.93 -55.55 47.10
C HIS F 178 -17.92 -54.06 46.77
N LYS F 179 -18.51 -53.67 45.65
CA LYS F 179 -18.47 -52.27 45.18
C LYS F 179 -18.65 -51.25 46.31
N GLU F 180 -19.53 -51.56 47.25
CA GLU F 180 -19.79 -50.65 48.37
C GLU F 180 -18.56 -50.52 49.26
N LEU F 181 -17.81 -51.60 49.34
CA LEU F 181 -16.61 -51.67 50.15
C LEU F 181 -15.44 -51.00 49.43
N TYR F 182 -15.45 -51.08 48.11
CA TYR F 182 -14.48 -50.35 47.31
C TYR F 182 -14.70 -48.87 47.45
N ARG F 183 -15.96 -48.46 47.38
CA ARG F 183 -16.30 -47.05 47.42
C ARG F 183 -15.98 -46.50 48.79
N GLU F 184 -16.21 -47.32 49.81
CA GLU F 184 -15.92 -46.90 51.18
C GLU F 184 -14.44 -46.57 51.37
N TYR F 185 -13.57 -47.26 50.65
CA TYR F 185 -12.13 -47.00 50.74
C TYR F 185 -11.65 -46.05 49.66
N SER F 186 -12.59 -45.48 48.91
CA SER F 186 -12.26 -44.61 47.78
C SER F 186 -11.33 -45.32 46.83
N LEU F 187 -11.73 -46.52 46.43
CA LEU F 187 -10.93 -47.31 45.50
C LEU F 187 -11.68 -47.41 44.18
N ARG F 188 -10.99 -47.10 43.09
CA ARG F 188 -11.60 -47.25 41.77
C ARG F 188 -11.34 -48.65 41.26
N PRO F 189 -12.41 -49.34 40.84
CA PRO F 189 -12.24 -50.67 40.25
C PRO F 189 -11.47 -50.61 38.94
N PRO F 190 -10.58 -51.58 38.72
CA PRO F 190 -9.80 -51.63 37.48
C PRO F 190 -10.69 -51.81 36.27
N LYS F 191 -10.21 -51.39 35.10
CA LYS F 191 -10.95 -51.53 33.83
C LYS F 191 -10.40 -52.69 33.00
N GLY F 192 -9.09 -52.67 32.78
CA GLY F 192 -8.38 -53.73 32.09
C GLY F 192 -7.58 -54.69 32.96
N VAL F 193 -7.42 -55.91 32.43
CA VAL F 193 -6.64 -56.97 33.06
C VAL F 193 -5.74 -57.59 32.00
N LEU F 194 -4.45 -57.69 32.29
CA LEU F 194 -3.52 -58.29 31.34
C LEU F 194 -3.04 -59.66 31.80
N LEU F 195 -3.17 -60.65 30.93
CA LEU F 195 -2.59 -61.96 31.16
C LEU F 195 -1.37 -62.12 30.25
N TYR F 196 -0.20 -62.38 30.83
CA TYR F 196 1.00 -62.48 30.01
C TYR F 196 1.94 -63.57 30.51
N GLY F 197 2.68 -64.17 29.58
CA GLY F 197 3.65 -65.19 29.89
C GLY F 197 3.79 -66.19 28.76
N PRO F 198 4.59 -67.23 28.98
CA PRO F 198 4.78 -68.27 27.96
C PRO F 198 3.48 -69.04 27.70
N PRO F 199 3.37 -69.68 26.52
CA PRO F 199 2.33 -70.66 26.18
C PRO F 199 2.66 -72.04 26.78
N GLY F 200 1.83 -73.08 26.64
CA GLY F 200 0.51 -73.04 26.05
C GLY F 200 -0.39 -72.19 26.90
N CYS F 201 -0.52 -72.54 28.18
CA CYS F 201 -1.03 -71.60 29.18
C CYS F 201 -2.37 -71.01 28.75
N GLY F 202 -3.43 -71.76 29.03
CA GLY F 202 -4.69 -71.67 28.31
C GLY F 202 -5.46 -70.39 28.52
N LYS F 203 -4.75 -69.27 28.66
CA LYS F 203 -5.29 -67.98 29.11
C LYS F 203 -6.66 -67.65 28.55
N THR F 204 -6.99 -68.18 27.38
CA THR F 204 -8.38 -68.23 26.95
C THR F 204 -9.27 -68.86 28.04
N LEU F 205 -8.87 -70.03 28.53
CA LEU F 205 -9.60 -70.74 29.60
C LEU F 205 -9.68 -69.92 30.88
N ILE F 206 -8.62 -69.17 31.16
CA ILE F 206 -8.52 -68.40 32.39
C ILE F 206 -9.47 -67.20 32.32
N ALA F 207 -9.49 -66.54 31.17
CA ALA F 207 -10.42 -65.47 30.93
C ALA F 207 -11.87 -65.97 30.99
N LYS F 208 -12.14 -67.09 30.33
CA LYS F 208 -13.48 -67.67 30.35
C LYS F 208 -13.89 -68.09 31.76
N ALA F 209 -12.93 -68.57 32.52
CA ALA F 209 -13.19 -69.03 33.88
C ALA F 209 -13.55 -67.85 34.76
N VAL F 210 -12.77 -66.77 34.69
CA VAL F 210 -13.05 -65.61 35.53
C VAL F 210 -14.33 -64.92 35.05
N ALA F 211 -14.63 -65.06 33.78
CA ALA F 211 -15.83 -64.45 33.24
C ALA F 211 -17.04 -65.25 33.71
N ASN F 212 -16.85 -66.54 33.92
CA ASN F 212 -17.94 -67.40 34.38
C ASN F 212 -18.19 -67.30 35.89
N SER F 213 -17.11 -67.31 36.67
CA SER F 213 -17.26 -67.27 38.12
C SER F 213 -17.93 -65.98 38.54
N LEU F 214 -17.66 -64.93 37.78
CA LEU F 214 -18.32 -63.66 38.01
C LEU F 214 -19.74 -63.72 37.50
N ALA F 215 -19.95 -64.48 36.43
CA ALA F 215 -21.23 -64.49 35.71
C ALA F 215 -22.40 -64.89 36.58
N LYS F 216 -22.18 -65.73 37.58
CA LYS F 216 -23.26 -66.05 38.50
C LYS F 216 -22.98 -65.54 39.90
N LYS F 217 -23.45 -64.34 40.20
CA LYS F 217 -23.36 -63.80 41.56
C LYS F 217 -24.69 -63.66 42.31
N MET F 218 -25.81 -63.94 41.66
CA MET F 218 -27.10 -63.69 42.29
C MET F 218 -27.34 -64.69 43.42
N ALA F 219 -27.64 -64.21 44.62
CA ALA F 219 -27.70 -62.79 44.91
C ALA F 219 -26.82 -62.44 46.11
N LYS F 230 -28.16 -62.57 34.21
CA LYS F 230 -27.91 -62.22 32.81
C LYS F 230 -26.63 -61.41 32.66
N SER F 231 -25.53 -61.95 33.17
CA SER F 231 -24.24 -61.26 33.28
C SER F 231 -23.37 -61.44 32.02
N TYR F 232 -24.01 -61.97 30.98
CA TYR F 232 -23.52 -62.26 29.62
C TYR F 232 -22.38 -63.31 29.42
N PHE F 233 -21.74 -63.29 28.23
CA PHE F 233 -20.38 -63.80 27.99
C PHE F 233 -19.86 -63.28 26.63
N LEU F 234 -18.54 -63.11 26.50
CA LEU F 234 -17.95 -62.81 25.18
C LEU F 234 -16.43 -63.06 25.12
N ASN F 235 -15.94 -63.23 23.90
CA ASN F 235 -14.51 -63.04 23.60
C ASN F 235 -14.32 -62.76 22.11
N ILE F 236 -13.23 -62.10 21.76
CA ILE F 236 -12.79 -62.04 20.37
C ILE F 236 -11.35 -62.55 20.35
N LYS F 237 -10.88 -62.99 19.19
CA LYS F 237 -9.50 -63.42 19.11
C LYS F 237 -8.69 -62.52 18.19
N GLY F 238 -7.39 -62.45 18.44
CA GLY F 238 -6.47 -61.68 17.62
C GLY F 238 -6.55 -61.89 16.12
N PRO F 239 -6.58 -63.16 15.65
CA PRO F 239 -6.56 -63.46 14.21
C PRO F 239 -7.51 -62.62 13.35
N GLU F 240 -8.66 -62.18 13.85
CA GLU F 240 -9.44 -61.33 12.97
C GLU F 240 -9.09 -59.87 13.25
N LEU F 241 -8.19 -59.35 12.40
CA LEU F 241 -7.81 -57.93 12.40
C LEU F 241 -7.67 -57.38 10.99
N LEU F 242 -6.63 -57.84 10.31
CA LEU F 242 -6.28 -57.39 8.97
C LEU F 242 -7.07 -58.14 7.90
N ASN F 243 -7.52 -59.36 8.22
CA ASN F 243 -8.37 -60.08 7.27
C ASN F 243 -9.71 -59.36 7.13
N LYS F 244 -10.18 -59.19 5.90
CA LYS F 244 -11.42 -58.45 5.70
C LYS F 244 -12.51 -59.13 4.86
N PHE F 245 -13.69 -59.24 5.45
CA PHE F 245 -14.95 -59.44 4.76
C PHE F 245 -15.67 -58.12 4.94
N VAL F 246 -14.88 -57.15 5.38
CA VAL F 246 -15.33 -55.92 6.03
C VAL F 246 -14.83 -54.71 5.24
N GLY F 247 -13.51 -54.68 5.08
CA GLY F 247 -12.74 -53.47 4.84
C GLY F 247 -11.88 -53.20 6.06
N GLU F 248 -11.14 -52.10 6.05
CA GLU F 248 -10.16 -51.79 7.11
C GLU F 248 -10.77 -51.84 8.51
N THR F 249 -10.01 -52.39 9.47
CA THR F 249 -10.56 -52.79 10.76
C THR F 249 -10.98 -51.63 11.68
N GLU F 250 -10.59 -50.41 11.35
CA GLU F 250 -10.96 -49.25 12.15
C GLU F 250 -12.49 -49.12 12.29
N ARG F 251 -13.22 -49.77 11.39
CA ARG F 251 -14.67 -49.87 11.50
C ARG F 251 -15.10 -50.79 12.65
N HIS F 252 -14.58 -52.01 12.66
CA HIS F 252 -15.08 -53.06 13.55
C HIS F 252 -14.93 -52.71 15.01
N ILE F 253 -13.77 -52.15 15.33
CA ILE F 253 -13.39 -51.80 16.70
C ILE F 253 -14.38 -50.81 17.32
N ARG F 254 -15.29 -50.30 16.49
CA ARG F 254 -16.35 -49.37 16.93
C ARG F 254 -17.72 -50.03 17.22
N LEU F 255 -18.10 -51.03 16.43
CA LEU F 255 -19.37 -51.74 16.59
C LEU F 255 -19.32 -52.90 17.57
N ILE F 256 -18.12 -53.38 17.89
CA ILE F 256 -17.99 -54.43 18.89
C ILE F 256 -18.08 -53.84 20.30
N PHE F 257 -17.61 -52.61 20.46
CA PHE F 257 -17.58 -51.96 21.76
C PHE F 257 -18.94 -51.41 22.16
N GLN F 258 -19.80 -51.21 21.17
CA GLN F 258 -21.13 -50.65 21.42
C GLN F 258 -22.20 -51.74 21.62
N ARG F 259 -21.86 -52.99 21.33
CA ARG F 259 -22.75 -54.10 21.68
C ARG F 259 -22.31 -54.64 23.02
N ALA F 260 -21.21 -54.08 23.52
CA ALA F 260 -20.79 -54.25 24.90
C ALA F 260 -21.59 -53.27 25.76
N ARG F 261 -21.79 -52.07 25.22
CA ARG F 261 -22.59 -51.04 25.86
C ARG F 261 -24.06 -51.45 25.98
N GLU F 262 -24.42 -52.52 25.29
CA GLU F 262 -25.76 -53.09 25.31
C GLU F 262 -26.19 -53.46 26.73
N LYS F 263 -25.38 -54.27 27.39
CA LYS F 263 -25.67 -54.74 28.73
C LYS F 263 -25.10 -53.79 29.78
N ALA F 264 -24.43 -52.71 29.31
CA ALA F 264 -23.79 -51.68 30.18
C ALA F 264 -24.72 -50.73 30.96
N SER F 265 -25.68 -50.12 30.29
CA SER F 265 -26.73 -49.33 30.93
C SER F 265 -27.82 -50.23 31.50
N GLU F 266 -27.79 -51.50 31.11
CA GLU F 266 -28.75 -52.49 31.60
C GLU F 266 -28.46 -52.86 33.06
N GLY F 267 -27.20 -52.85 33.44
CA GLY F 267 -26.81 -53.20 34.79
C GLY F 267 -26.20 -54.59 34.98
N THR F 268 -25.78 -55.23 33.89
CA THR F 268 -25.09 -56.50 33.99
C THR F 268 -23.71 -56.47 33.32
N PRO F 269 -22.72 -57.12 33.95
CA PRO F 269 -21.29 -57.06 33.57
C PRO F 269 -20.94 -57.59 32.19
N VAL F 270 -19.90 -57.00 31.59
CA VAL F 270 -19.36 -57.44 30.30
C VAL F 270 -17.83 -57.35 30.28
N ILE F 271 -17.18 -58.39 29.73
CA ILE F 271 -15.73 -58.48 29.61
C ILE F 271 -15.27 -58.62 28.15
N VAL F 272 -14.54 -57.63 27.64
CA VAL F 272 -13.97 -57.73 26.29
C VAL F 272 -12.64 -58.48 26.35
N PHE F 273 -12.54 -59.61 25.66
CA PHE F 273 -11.31 -60.40 25.70
C PHE F 273 -10.55 -60.36 24.38
N PHE F 274 -9.25 -60.06 24.46
CA PHE F 274 -8.42 -60.05 23.27
C PHE F 274 -7.37 -61.16 23.31
N ASP F 275 -7.56 -62.16 22.47
CA ASP F 275 -6.62 -63.28 22.37
C ASP F 275 -5.45 -62.88 21.48
N GLU F 276 -4.26 -63.42 21.79
CA GLU F 276 -3.04 -63.25 20.98
C GLU F 276 -2.84 -61.83 20.46
N MET F 277 -2.95 -60.86 21.37
CA MET F 277 -2.92 -59.44 21.02
C MET F 277 -1.52 -58.94 20.68
N ASP F 278 -0.52 -59.80 20.83
CA ASP F 278 0.86 -59.43 20.50
C ASP F 278 1.07 -59.29 18.99
N SER F 279 0.08 -59.71 18.22
CA SER F 279 0.08 -59.52 16.78
C SER F 279 -0.33 -58.09 16.40
N ILE F 280 -1.00 -57.40 17.32
CA ILE F 280 -1.40 -56.02 17.10
C ILE F 280 -0.27 -55.09 17.54
N PHE F 281 0.73 -55.67 18.21
CA PHE F 281 1.88 -54.90 18.66
C PHE F 281 3.20 -55.58 18.29
N VAL F 296 -3.88 -50.34 12.41
CA VAL F 296 -2.95 -49.79 13.39
C VAL F 296 -3.61 -49.67 14.77
N VAL F 297 -2.79 -49.51 15.81
CA VAL F 297 -3.21 -49.45 17.22
C VAL F 297 -4.19 -48.35 17.71
N PRO F 298 -4.07 -47.09 17.25
CA PRO F 298 -4.65 -45.92 17.93
C PRO F 298 -6.09 -45.98 18.48
N GLN F 299 -7.01 -46.60 17.76
CA GLN F 299 -8.43 -46.46 18.10
C GLN F 299 -8.87 -47.27 19.32
N LEU F 300 -8.27 -48.45 19.50
CA LEU F 300 -8.58 -49.33 20.62
C LEU F 300 -8.51 -48.57 21.93
N LEU F 301 -7.44 -47.82 22.12
CA LEU F 301 -7.16 -47.11 23.36
C LEU F 301 -8.28 -46.15 23.74
N SER F 302 -8.71 -45.34 22.78
CA SER F 302 -9.77 -44.39 23.01
C SER F 302 -11.09 -45.12 23.26
N GLU F 303 -11.28 -46.24 22.59
CA GLU F 303 -12.48 -47.04 22.82
C GLU F 303 -12.49 -47.71 24.20
N ILE F 304 -11.31 -47.94 24.75
CA ILE F 304 -11.14 -48.50 26.08
C ILE F 304 -11.43 -47.44 27.12
N ASP F 305 -10.92 -46.24 26.87
CA ASP F 305 -11.17 -45.10 27.74
C ASP F 305 -12.65 -44.69 27.66
N GLY F 306 -13.29 -45.06 26.57
CA GLY F 306 -14.71 -44.75 26.39
C GLY F 306 -15.60 -45.43 27.42
N VAL F 307 -15.22 -46.64 27.81
CA VAL F 307 -16.01 -47.43 28.74
C VAL F 307 -15.52 -47.24 30.18
N GLU F 308 -14.52 -46.38 30.34
CA GLU F 308 -13.95 -46.07 31.65
C GLU F 308 -15.00 -45.57 32.63
N GLY F 309 -15.75 -44.55 32.22
CA GLY F 309 -16.81 -44.00 33.04
C GLY F 309 -17.86 -45.02 33.42
N LEU F 310 -17.97 -46.08 32.62
CA LEU F 310 -18.90 -47.15 32.92
C LEU F 310 -18.26 -48.15 33.88
N GLU F 311 -18.89 -48.30 35.04
CA GLU F 311 -18.41 -49.17 36.11
C GLU F 311 -18.68 -50.65 35.82
N ASN F 312 -19.42 -50.93 34.74
CA ASN F 312 -19.96 -52.26 34.51
C ASN F 312 -19.16 -53.16 33.55
N VAL F 313 -18.05 -52.66 33.00
CA VAL F 313 -17.33 -53.42 31.97
C VAL F 313 -15.82 -53.51 32.16
N ILE F 314 -15.30 -54.72 31.97
CA ILE F 314 -13.87 -55.00 32.09
C ILE F 314 -13.32 -55.45 30.73
N VAL F 315 -12.04 -55.20 30.47
CA VAL F 315 -11.41 -55.70 29.24
C VAL F 315 -10.15 -56.51 29.59
N ILE F 316 -10.13 -57.77 29.16
CA ILE F 316 -9.00 -58.65 29.44
C ILE F 316 -8.16 -58.88 28.19
N GLY F 317 -6.90 -58.45 28.24
CA GLY F 317 -5.96 -58.75 27.17
C GLY F 317 -5.11 -59.97 27.50
N ALA F 318 -4.64 -60.66 26.46
CA ALA F 318 -3.75 -61.80 26.64
C ALA F 318 -2.61 -61.75 25.62
N SER F 319 -1.38 -61.65 26.10
CA SER F 319 -0.23 -61.58 25.20
C SER F 319 0.79 -62.65 25.55
N ASN F 320 1.30 -63.35 24.55
CA ASN F 320 2.26 -64.41 24.79
C ASN F 320 3.70 -63.89 24.75
N ARG F 321 3.86 -62.66 24.29
CA ARG F 321 5.12 -61.95 24.49
C ARG F 321 4.83 -60.55 24.98
N GLU F 322 5.27 -60.27 26.20
CA GLU F 322 5.01 -59.01 26.86
C GLU F 322 6.08 -57.99 26.52
N ASP F 323 7.05 -58.39 25.69
CA ASP F 323 8.07 -57.47 25.23
C ASP F 323 7.51 -56.54 24.17
N MET F 324 6.56 -57.07 23.40
CA MET F 324 6.04 -56.35 22.24
C MET F 324 5.04 -55.27 22.61
N ILE F 325 4.30 -55.47 23.70
CA ILE F 325 3.15 -54.62 24.00
C ILE F 325 3.52 -53.14 24.15
N ASP F 326 2.81 -52.29 23.41
CA ASP F 326 2.97 -50.85 23.51
C ASP F 326 2.53 -50.40 24.88
N PRO F 327 3.46 -49.83 25.66
CA PRO F 327 3.24 -49.44 27.06
C PRO F 327 2.05 -48.51 27.24
N ALA F 328 1.61 -47.85 26.16
CA ALA F 328 0.47 -46.96 26.20
C ALA F 328 -0.79 -47.65 26.71
N ILE F 329 -0.87 -48.95 26.48
CA ILE F 329 -2.04 -49.71 26.92
C ILE F 329 -1.82 -50.26 28.33
N LEU F 330 -0.60 -50.12 28.83
CA LEU F 330 -0.25 -50.60 30.18
C LEU F 330 -0.25 -49.53 31.28
N ARG F 331 -0.50 -48.28 30.90
CA ARG F 331 -0.45 -47.19 31.87
C ARG F 331 -1.75 -47.13 32.68
N PRO F 332 -1.73 -46.43 33.84
CA PRO F 332 -2.91 -46.37 34.71
C PRO F 332 -4.21 -46.02 33.98
N GLY F 333 -5.26 -46.79 34.26
CA GLY F 333 -6.56 -46.54 33.69
C GLY F 333 -6.85 -47.32 32.42
N ARG F 334 -5.84 -48.02 31.89
CA ARG F 334 -6.05 -48.83 30.69
C ARG F 334 -6.18 -50.31 31.02
N LEU F 335 -5.03 -50.95 31.22
CA LEU F 335 -4.99 -52.27 31.82
C LEU F 335 -4.24 -52.12 33.14
N ASP F 336 -4.96 -52.13 34.24
CA ASP F 336 -4.38 -51.71 35.52
C ASP F 336 -3.59 -52.84 36.16
N VAL F 337 -4.14 -54.04 36.08
CA VAL F 337 -3.52 -55.21 36.67
C VAL F 337 -2.78 -56.04 35.62
N LYS F 338 -1.53 -56.38 35.94
CA LYS F 338 -0.75 -57.25 35.09
C LYS F 338 -0.62 -58.62 35.75
N ILE F 339 -1.27 -59.65 35.19
CA ILE F 339 -1.19 -60.97 35.78
C ILE F 339 -0.28 -61.88 34.99
N LYS F 340 0.71 -62.47 35.68
CA LYS F 340 1.65 -63.36 35.01
C LYS F 340 1.15 -64.80 35.07
N ILE F 341 0.89 -65.36 33.91
CA ILE F 341 0.33 -66.69 33.71
C ILE F 341 1.47 -67.71 33.59
N GLU F 342 2.58 -67.38 34.25
CA GLU F 342 3.78 -68.20 34.29
C GLU F 342 3.57 -69.71 34.39
N ARG F 343 4.48 -70.42 33.73
CA ARG F 343 4.46 -71.87 33.56
C ARG F 343 4.41 -72.73 34.81
N PRO F 344 3.60 -73.84 34.67
CA PRO F 344 3.52 -74.69 35.87
C PRO F 344 4.76 -75.49 36.27
N ASP F 345 4.87 -75.59 37.57
CA ASP F 345 5.87 -76.33 38.35
C ASP F 345 5.36 -77.76 38.59
N ALA F 346 6.10 -78.50 39.42
CA ALA F 346 5.83 -79.91 39.67
C ALA F 346 4.41 -80.22 40.18
N GLU F 347 4.03 -79.61 41.31
CA GLU F 347 2.70 -79.84 41.87
C GLU F 347 1.63 -79.27 40.96
N ALA F 348 1.97 -78.17 40.29
CA ALA F 348 1.05 -77.55 39.35
C ALA F 348 0.83 -78.50 38.19
N ALA F 349 1.88 -79.21 37.80
CA ALA F 349 1.77 -80.24 36.78
C ALA F 349 0.89 -81.39 37.28
N GLN F 350 1.05 -81.77 38.55
CA GLN F 350 0.17 -82.77 39.15
C GLN F 350 -1.29 -82.39 38.96
N ASP F 351 -1.60 -81.14 39.27
CA ASP F 351 -2.97 -80.63 39.16
C ASP F 351 -3.48 -80.64 37.72
N ILE F 352 -2.64 -80.14 36.82
CA ILE F 352 -3.01 -80.08 35.42
C ILE F 352 -3.32 -81.49 34.92
N TYR F 353 -2.43 -82.44 35.18
CA TYR F 353 -2.67 -83.84 34.83
C TYR F 353 -3.97 -84.36 35.45
N SER F 354 -4.21 -84.00 36.70
CA SER F 354 -5.42 -84.44 37.41
C SER F 354 -6.68 -83.95 36.71
N LYS F 355 -6.56 -82.87 35.94
CA LYS F 355 -7.67 -82.41 35.14
C LYS F 355 -7.94 -83.32 33.94
N TYR F 356 -6.88 -83.84 33.35
CA TYR F 356 -7.02 -84.64 32.13
C TYR F 356 -7.19 -86.14 32.36
N LEU F 357 -6.91 -86.62 33.56
CA LEU F 357 -7.17 -88.03 33.84
C LEU F 357 -8.34 -88.15 34.81
N THR F 358 -9.49 -88.48 34.24
CA THR F 358 -10.74 -88.64 34.97
C THR F 358 -10.85 -90.04 35.55
N GLU F 359 -11.68 -90.17 36.59
CA GLU F 359 -12.12 -91.48 37.07
C GLU F 359 -12.76 -92.27 35.93
N PHE F 360 -13.26 -91.55 34.92
CA PHE F 360 -14.07 -92.15 33.87
C PHE F 360 -13.24 -92.74 32.74
N LEU F 361 -11.91 -92.66 32.86
CA LEU F 361 -11.02 -93.20 31.85
C LEU F 361 -10.70 -94.67 32.14
N PRO F 362 -10.47 -95.47 31.08
CA PRO F 362 -10.16 -96.90 31.17
C PRO F 362 -8.74 -97.15 31.67
N VAL F 363 -8.57 -97.19 32.98
CA VAL F 363 -7.30 -97.58 33.57
C VAL F 363 -7.09 -99.10 33.48
N HIS F 364 -5.90 -99.51 33.05
CA HIS F 364 -5.61 -100.93 32.82
C HIS F 364 -5.62 -101.74 34.11
N ALA F 365 -5.85 -103.04 33.96
CA ALA F 365 -6.14 -103.95 35.07
C ALA F 365 -4.95 -104.20 36.02
N ASP F 366 -3.74 -104.32 35.48
CA ASP F 366 -2.56 -104.63 36.29
C ASP F 366 -2.11 -103.45 37.16
N ASP F 367 -2.20 -102.25 36.59
CA ASP F 367 -1.90 -101.02 37.30
C ASP F 367 -2.84 -100.89 38.51
N LEU F 368 -4.07 -101.37 38.32
CA LEU F 368 -5.06 -101.44 39.40
C LEU F 368 -4.74 -102.57 40.37
N ALA F 369 -4.17 -103.64 39.84
CA ALA F 369 -3.82 -104.81 40.62
C ALA F 369 -2.77 -104.48 41.65
N GLU F 370 -1.80 -103.65 41.25
CA GLU F 370 -0.80 -103.15 42.19
C GLU F 370 -1.44 -102.45 43.38
N PHE F 371 -2.46 -101.64 43.10
CA PHE F 371 -3.09 -100.80 44.11
C PHE F 371 -4.35 -101.38 44.72
N ASP F 372 -4.61 -102.66 44.46
CA ASP F 372 -5.69 -103.39 45.13
C ASP F 372 -7.06 -102.88 44.70
N GLY F 373 -7.19 -102.61 43.40
CA GLY F 373 -8.48 -102.34 42.80
C GLY F 373 -8.97 -100.92 42.99
N ASP F 374 -8.25 -100.14 43.79
CA ASP F 374 -8.65 -98.76 44.01
C ASP F 374 -8.19 -97.92 42.84
N ARG F 375 -9.15 -97.32 42.12
CA ARG F 375 -8.86 -96.55 40.92
C ARG F 375 -8.34 -95.15 41.26
N SER F 376 -9.04 -94.47 42.17
CA SER F 376 -8.72 -93.11 42.54
C SER F 376 -7.34 -92.99 43.20
N ALA F 377 -6.87 -94.09 43.78
CA ALA F 377 -5.51 -94.13 44.32
C ALA F 377 -4.49 -94.38 43.21
N CYS F 378 -4.85 -95.28 42.29
CA CYS F 378 -3.95 -95.69 41.22
C CYS F 378 -3.61 -94.56 40.27
N ILE F 379 -4.62 -93.84 39.79
CA ILE F 379 -4.33 -92.75 38.85
C ILE F 379 -3.55 -91.64 39.55
N LYS F 380 -3.79 -91.46 40.84
CA LYS F 380 -3.05 -90.47 41.62
C LYS F 380 -1.57 -90.81 41.66
N ALA F 381 -1.26 -92.07 42.00
CA ALA F 381 0.14 -92.50 42.03
C ALA F 381 0.77 -92.44 40.65
N MET F 382 0.00 -92.80 39.63
CA MET F 382 0.40 -92.65 38.24
C MET F 382 0.91 -91.25 38.00
N ILE F 383 0.00 -90.30 38.15
CA ILE F 383 0.28 -88.89 37.99
C ILE F 383 1.56 -88.50 38.73
N GLU F 384 1.65 -88.91 39.99
CA GLU F 384 2.88 -88.69 40.77
C GLU F 384 4.12 -89.14 40.01
N LYS F 385 4.09 -90.36 39.49
CA LYS F 385 5.29 -90.94 38.88
C LYS F 385 5.62 -90.32 37.53
N VAL F 386 4.62 -90.05 36.70
CA VAL F 386 4.88 -89.44 35.39
C VAL F 386 5.38 -88.00 35.56
N VAL F 387 4.74 -87.25 36.45
CA VAL F 387 5.20 -85.90 36.79
C VAL F 387 6.60 -85.95 37.36
N ASP F 388 6.88 -87.01 38.10
CA ASP F 388 8.19 -87.16 38.72
C ASP F 388 9.25 -87.45 37.68
N ARG F 389 8.90 -88.18 36.62
CA ARG F 389 9.86 -88.49 35.57
C ARG F 389 10.06 -87.31 34.62
N MET F 390 8.99 -86.57 34.38
CA MET F 390 9.00 -85.40 33.51
C MET F 390 10.00 -84.34 33.94
N TYR F 391 10.00 -84.02 35.23
CA TYR F 391 10.85 -82.97 35.78
C TYR F 391 12.18 -83.53 36.26
N ALA F 392 12.42 -84.81 35.99
CA ALA F 392 13.70 -85.43 36.30
C ALA F 392 14.80 -84.81 35.45
N GLU F 393 16.00 -84.70 36.01
CA GLU F 393 17.10 -84.00 35.36
C GLU F 393 17.91 -84.94 34.47
N ILE F 394 17.38 -86.15 34.27
CA ILE F 394 18.02 -87.18 33.45
C ILE F 394 18.32 -86.74 32.02
N ASP F 395 19.36 -87.31 31.45
CA ASP F 395 19.88 -86.88 30.16
C ASP F 395 18.89 -87.00 29.00
N ASP F 396 17.79 -87.70 29.23
CA ASP F 396 16.81 -87.86 28.15
C ASP F 396 15.80 -86.72 28.13
N ASN F 397 15.78 -85.93 29.20
CA ASN F 397 14.90 -84.78 29.34
C ASN F 397 15.57 -83.47 28.92
N ARG F 398 16.80 -83.57 28.43
CA ARG F 398 17.51 -82.41 27.89
C ARG F 398 16.71 -81.71 26.79
N PHE F 399 16.50 -80.41 26.96
CA PHE F 399 15.77 -79.58 25.98
C PHE F 399 16.64 -78.61 25.17
N LEU F 400 17.49 -77.84 25.85
CA LEU F 400 18.39 -76.89 25.19
C LEU F 400 19.81 -76.88 25.71
N GLU F 401 20.76 -76.49 24.86
CA GLU F 401 22.06 -76.08 25.37
C GLU F 401 22.24 -74.60 25.04
N VAL F 402 22.20 -73.76 26.07
CA VAL F 402 22.41 -72.33 25.91
C VAL F 402 23.87 -71.98 26.11
N THR F 403 24.45 -71.28 25.14
CA THR F 403 25.81 -70.78 25.29
C THR F 403 25.77 -69.28 25.52
N TYR F 404 26.58 -68.83 26.48
CA TYR F 404 26.53 -67.45 26.97
C TYR F 404 27.74 -66.66 26.48
N ALA F 405 27.58 -65.35 26.42
CA ALA F 405 28.63 -64.44 25.97
C ALA F 405 29.97 -64.69 26.65
N ASN F 406 29.96 -64.86 27.97
CA ASN F 406 31.19 -65.10 28.72
C ASN F 406 31.79 -66.47 28.43
N GLY F 407 31.07 -67.31 27.69
CA GLY F 407 31.59 -68.59 27.28
C GLY F 407 31.00 -69.79 28.00
N ASP F 408 30.31 -69.53 29.11
CA ASP F 408 29.66 -70.60 29.86
C ASP F 408 28.51 -71.22 29.06
N LYS F 409 28.31 -72.52 29.25
CA LYS F 409 27.18 -73.23 28.67
C LYS F 409 26.32 -73.80 29.77
N GLU F 410 25.01 -73.64 29.62
CA GLU F 410 24.05 -74.16 30.59
C GLU F 410 23.05 -75.04 29.86
N VAL F 411 22.67 -76.16 30.47
CA VAL F 411 21.73 -77.07 29.84
C VAL F 411 20.34 -76.88 30.42
N MET F 412 19.36 -76.74 29.53
CA MET F 412 17.99 -76.49 29.94
C MET F 412 17.20 -77.78 29.79
N TYR F 413 16.49 -78.17 30.84
CA TYR F 413 15.63 -79.34 30.77
C TYR F 413 14.17 -78.96 30.58
N PHE F 414 13.31 -79.95 30.36
CA PHE F 414 11.93 -79.70 30.04
C PHE F 414 11.16 -79.27 31.27
N LYS F 415 11.76 -79.44 32.43
CA LYS F 415 11.13 -79.01 33.67
C LYS F 415 10.89 -77.51 33.63
N ASP F 416 11.81 -76.78 33.01
CA ASP F 416 11.70 -75.35 32.89
C ASP F 416 10.70 -74.99 31.79
N PHE F 417 10.61 -75.83 30.77
CA PHE F 417 9.84 -75.58 29.56
C PHE F 417 8.46 -76.24 29.42
N ASN F 418 7.94 -76.79 30.52
CA ASN F 418 6.65 -77.46 30.49
C ASN F 418 5.49 -76.47 30.25
N SER F 419 4.31 -77.02 30.01
CA SER F 419 3.11 -76.23 29.70
C SER F 419 1.83 -77.05 29.85
N GLY F 420 0.68 -76.39 29.87
CA GLY F 420 -0.60 -77.08 29.80
C GLY F 420 -0.83 -77.70 28.44
N ALA F 421 -0.31 -77.06 27.41
CA ALA F 421 -0.42 -77.60 26.06
C ALA F 421 0.35 -78.89 25.97
N MET F 422 1.54 -78.91 26.56
CA MET F 422 2.42 -80.06 26.48
C MET F 422 1.85 -81.24 27.26
N ILE F 423 1.29 -80.96 28.43
CA ILE F 423 0.67 -81.97 29.27
C ILE F 423 -0.58 -82.55 28.64
N GLN F 424 -1.45 -81.68 28.12
CA GLN F 424 -2.63 -82.14 27.39
C GLN F 424 -2.19 -82.98 26.21
N ASN F 425 -1.07 -82.59 25.60
CA ASN F 425 -0.52 -83.31 24.46
C ASN F 425 -0.08 -84.71 24.82
N VAL F 426 0.72 -84.82 25.89
CA VAL F 426 1.14 -86.10 26.42
C VAL F 426 -0.06 -86.98 26.71
N VAL F 427 -1.05 -86.41 27.40
CA VAL F 427 -2.27 -87.13 27.74
C VAL F 427 -2.96 -87.69 26.51
N ASP F 428 -3.13 -86.88 25.48
CA ASP F 428 -3.80 -87.34 24.27
C ASP F 428 -3.01 -88.41 23.54
N ARG F 429 -1.70 -88.24 23.50
CA ARG F 429 -0.85 -89.19 22.80
C ARG F 429 -0.86 -90.53 23.51
N ALA F 430 -0.91 -90.50 24.84
CA ALA F 430 -0.96 -91.73 25.63
C ALA F 430 -2.34 -92.38 25.54
N LYS F 431 -3.39 -91.58 25.40
CA LYS F 431 -4.70 -92.12 25.09
C LYS F 431 -4.61 -92.90 23.78
N LYS F 432 -3.90 -92.34 22.80
CA LYS F 432 -3.72 -93.02 21.52
C LYS F 432 -2.92 -94.31 21.70
N ASN F 433 -1.91 -94.26 22.57
CA ASN F 433 -1.14 -95.45 22.90
C ASN F 433 -2.00 -96.54 23.53
N ALA F 434 -3.01 -96.12 24.29
CA ALA F 434 -3.91 -97.07 24.94
C ALA F 434 -4.86 -97.69 23.92
N ILE F 435 -5.43 -96.86 23.07
CA ILE F 435 -6.34 -97.33 22.03
C ILE F 435 -5.59 -98.25 21.04
N LYS F 436 -4.30 -98.01 20.87
CA LYS F 436 -3.47 -98.87 20.03
C LYS F 436 -3.04 -100.14 20.76
N SER F 437 -3.12 -100.11 22.09
CA SER F 437 -2.77 -101.28 22.90
C SER F 437 -4.01 -102.12 23.18
N VAL F 438 -5.12 -101.71 22.55
CA VAL F 438 -6.40 -102.41 22.64
C VAL F 438 -6.71 -103.21 21.37
N LEU F 439 -6.48 -102.59 20.21
CA LEU F 439 -6.71 -103.19 18.90
C LEU F 439 -5.64 -104.20 18.47
N GLU F 440 -4.59 -104.31 19.27
CA GLU F 440 -3.52 -105.25 18.96
C GLU F 440 -3.35 -106.27 20.10
N THR F 441 -3.02 -105.78 21.28
CA THR F 441 -2.88 -106.65 22.45
C THR F 441 -4.23 -107.29 22.85
N GLY F 442 -5.31 -106.54 22.70
CA GLY F 442 -6.65 -107.09 22.88
C GLY F 442 -7.34 -106.77 24.19
N GLN F 443 -6.55 -106.48 25.22
CA GLN F 443 -7.11 -106.10 26.52
C GLN F 443 -7.27 -104.59 26.60
N PRO F 444 -8.26 -104.11 27.39
CA PRO F 444 -8.46 -102.67 27.50
C PRO F 444 -7.57 -102.04 28.57
N GLY F 445 -7.67 -100.73 28.73
CA GLY F 445 -6.95 -100.01 29.76
C GLY F 445 -5.67 -99.28 29.36
N LEU F 446 -5.43 -98.16 30.03
CA LEU F 446 -4.24 -97.34 29.78
C LEU F 446 -3.18 -97.62 30.85
N ARG F 447 -1.92 -97.65 30.45
CA ARG F 447 -0.85 -97.99 31.39
C ARG F 447 0.10 -96.82 31.62
N ILE F 448 0.81 -96.88 32.75
CA ILE F 448 1.85 -95.90 33.09
C ILE F 448 2.87 -95.78 31.94
N GLN F 449 3.11 -96.91 31.27
CA GLN F 449 4.06 -96.97 30.16
C GLN F 449 3.59 -96.11 28.99
N HIS F 450 2.28 -96.11 28.76
CA HIS F 450 1.68 -95.26 27.74
C HIS F 450 2.06 -93.81 28.00
N LEU F 451 1.86 -93.37 29.24
CA LEU F 451 2.16 -92.01 29.63
C LEU F 451 3.63 -91.66 29.50
N LEU F 452 4.51 -92.51 30.02
CA LEU F 452 5.94 -92.21 30.03
C LEU F 452 6.58 -92.19 28.64
N ASP F 453 6.22 -93.16 27.82
CA ASP F 453 6.75 -93.22 26.47
C ASP F 453 6.13 -92.09 25.65
N SER F 454 4.89 -91.72 25.97
CA SER F 454 4.26 -90.58 25.32
C SER F 454 4.99 -89.29 25.70
N ILE F 455 5.46 -89.22 26.94
CA ILE F 455 6.31 -88.13 27.37
C ILE F 455 7.51 -88.07 26.45
N VAL F 456 8.33 -89.12 26.42
CA VAL F 456 9.58 -89.01 25.65
C VAL F 456 9.31 -88.70 24.17
N ASP F 457 8.18 -89.18 23.64
CA ASP F 457 7.79 -88.81 22.28
C ASP F 457 7.53 -87.30 22.18
N GLU F 458 6.77 -86.77 23.13
CA GLU F 458 6.42 -85.35 23.13
C GLU F 458 7.64 -84.44 23.29
N PHE F 459 8.63 -84.91 24.06
CA PHE F 459 9.89 -84.19 24.17
C PHE F 459 10.62 -84.24 22.85
N ALA F 460 10.58 -85.41 22.21
CA ALA F 460 11.28 -85.62 20.96
C ALA F 460 10.72 -84.70 19.87
N GLU F 461 9.40 -84.54 19.84
CA GLU F 461 8.78 -83.72 18.82
C GLU F 461 9.14 -82.26 19.02
N ASN F 462 9.42 -81.89 20.27
CA ASN F 462 9.79 -80.52 20.56
C ASN F 462 11.26 -80.26 20.28
N GLU F 463 12.10 -81.24 20.57
CA GLU F 463 13.53 -81.09 20.30
C GLU F 463 13.73 -80.80 18.82
N ASP F 464 12.95 -81.47 17.97
CA ASP F 464 13.09 -81.28 16.52
C ASP F 464 12.36 -80.04 16.04
N LEU F 465 11.30 -79.64 16.74
CA LEU F 465 10.50 -78.49 16.34
C LEU F 465 10.13 -77.62 17.53
N PRO F 466 11.09 -76.80 18.02
CA PRO F 466 10.90 -76.01 19.25
C PRO F 466 10.27 -74.64 19.03
N ASN F 467 9.13 -74.59 18.33
CA ASN F 467 8.43 -73.33 18.10
C ASN F 467 7.61 -72.90 19.32
N THR F 468 7.56 -73.80 20.31
CA THR F 468 6.96 -73.52 21.61
C THR F 468 7.69 -72.42 22.36
N THR F 469 8.99 -72.28 22.07
CA THR F 469 9.81 -71.27 22.72
C THR F 469 9.66 -69.92 22.03
N ASN F 470 9.74 -68.86 22.82
CA ASN F 470 9.70 -67.49 22.29
C ASN F 470 10.68 -66.63 23.07
N PRO F 471 11.14 -65.51 22.46
CA PRO F 471 12.18 -64.67 23.05
C PRO F 471 11.97 -64.25 24.51
N ASP F 472 10.72 -64.14 24.96
CA ASP F 472 10.50 -63.76 26.34
C ASP F 472 11.02 -64.86 27.29
N ASP F 473 11.33 -66.03 26.74
CA ASP F 473 11.99 -67.11 27.51
C ASP F 473 13.50 -66.89 27.62
N TRP F 474 14.13 -66.55 26.50
CA TRP F 474 15.57 -66.27 26.50
C TRP F 474 15.85 -65.05 27.36
N ALA F 475 14.83 -64.21 27.53
CA ALA F 475 14.93 -63.05 28.41
C ALA F 475 15.11 -63.47 29.85
N ARG F 476 14.32 -64.43 30.31
CA ARG F 476 14.39 -64.89 31.69
C ARG F 476 15.61 -65.79 31.95
N ILE F 477 16.02 -66.53 30.92
CA ILE F 477 17.23 -67.35 30.98
C ILE F 477 18.49 -66.50 31.11
N SER F 478 18.61 -65.54 30.19
CA SER F 478 19.74 -64.61 30.18
C SER F 478 19.74 -63.76 31.45
N GLY F 479 18.54 -63.33 31.86
CA GLY F 479 18.39 -62.53 33.06
C GLY F 479 18.78 -63.30 34.31
N LYS F 480 18.48 -64.59 34.32
CA LYS F 480 18.86 -65.45 35.43
C LYS F 480 20.37 -65.59 35.51
N LYS F 481 21.00 -65.96 34.38
CA LYS F 481 22.45 -66.20 34.39
C LYS F 481 23.24 -64.92 34.66
N GLY F 482 22.78 -63.82 34.11
CA GLY F 482 23.46 -62.54 34.26
C GLY F 482 24.37 -62.23 33.09
N GLU F 483 24.21 -63.01 32.01
CA GLU F 483 25.00 -62.90 30.79
C GLU F 483 24.13 -62.93 29.55
N ARG F 484 24.69 -62.50 28.43
CA ARG F 484 24.01 -62.52 27.13
C ARG F 484 24.07 -63.91 26.50
N ILE F 485 23.02 -64.28 25.77
CA ILE F 485 22.98 -65.58 25.12
C ILE F 485 23.50 -65.47 23.68
N VAL F 486 24.69 -66.01 23.44
CA VAL F 486 25.28 -65.95 22.12
C VAL F 486 24.92 -67.13 21.24
N TYR F 487 24.47 -68.24 21.83
CA TYR F 487 24.10 -69.40 21.01
C TYR F 487 23.05 -70.30 21.62
N ILE F 488 22.20 -70.89 20.78
CA ILE F 488 21.19 -71.83 21.24
C ILE F 488 21.00 -72.95 20.23
N ARG F 489 20.90 -74.17 20.74
CA ARG F 489 20.54 -75.32 19.95
C ARG F 489 19.84 -76.35 20.82
N THR F 490 18.95 -77.13 20.23
CA THR F 490 18.32 -78.17 21.00
C THR F 490 19.27 -79.33 21.21
N LEU F 491 18.80 -80.31 21.97
CA LEU F 491 19.58 -81.49 22.32
C LEU F 491 18.72 -82.72 22.09
N VAL F 492 19.32 -83.68 21.40
CA VAL F 492 18.60 -84.91 21.12
C VAL F 492 19.24 -86.08 21.81
N THR F 493 18.41 -87.07 22.14
CA THR F 493 18.86 -88.25 22.86
C THR F 493 19.54 -89.24 21.93
N GLY F 494 19.14 -89.27 20.67
CA GLY F 494 19.67 -90.22 19.71
C GLY F 494 18.82 -91.48 19.60
N LYS F 495 17.94 -91.67 20.57
CA LYS F 495 17.06 -92.83 20.63
C LYS F 495 15.76 -92.59 19.86
N SER F 496 15.67 -91.46 19.17
CA SER F 496 14.52 -91.14 18.33
C SER F 496 15.01 -90.57 17.01
N SER F 497 14.12 -90.45 16.03
CA SER F 497 14.50 -89.91 14.72
C SER F 497 14.67 -88.40 14.76
N SER F 498 14.28 -87.80 15.88
CA SER F 498 14.46 -86.37 16.07
C SER F 498 15.94 -86.01 16.11
N ALA F 499 16.29 -84.91 15.43
CA ALA F 499 17.67 -84.46 15.38
C ALA F 499 17.76 -83.00 15.80
N SER F 500 18.78 -82.69 16.61
CA SER F 500 18.92 -81.36 17.19
C SER F 500 19.24 -80.32 16.13
N ARG F 501 18.64 -79.15 16.27
CA ARG F 501 18.96 -78.05 15.37
C ARG F 501 19.22 -76.77 16.12
N ALA F 502 20.17 -75.98 15.62
CA ALA F 502 20.47 -74.70 16.22
C ALA F 502 19.26 -73.79 16.10
N ILE F 503 19.08 -72.90 17.09
CA ILE F 503 17.99 -71.95 17.05
C ILE F 503 18.52 -70.53 16.92
N ASP F 504 17.82 -69.72 16.14
CA ASP F 504 18.24 -68.35 15.90
C ASP F 504 17.54 -67.36 16.84
N THR F 505 18.33 -66.73 17.71
CA THR F 505 17.81 -65.76 18.67
C THR F 505 17.40 -64.46 17.97
N MET G 1 -9.90 10.77 -51.41
CA MET G 1 -8.73 10.35 -50.62
C MET G 1 -8.48 11.20 -49.37
N PRO G 2 -8.49 12.55 -49.47
CA PRO G 2 -8.12 13.35 -48.30
C PRO G 2 -9.25 13.47 -47.26
N SER G 3 -9.30 12.52 -46.33
CA SER G 3 -10.34 12.48 -45.30
C SER G 3 -10.11 13.48 -44.16
N GLY G 4 -10.99 13.45 -43.15
CA GLY G 4 -10.90 14.38 -42.03
C GLY G 4 -11.37 13.76 -40.72
N TYR G 5 -11.09 14.42 -39.59
CA TYR G 5 -11.28 13.79 -38.28
C TYR G 5 -12.43 14.39 -37.46
N GLY G 6 -13.00 13.58 -36.59
CA GLY G 6 -14.06 14.02 -35.70
C GLY G 6 -13.97 13.32 -34.36
N VAL G 7 -14.76 13.75 -33.39
CA VAL G 7 -14.72 13.11 -32.06
C VAL G 7 -16.01 12.35 -31.75
N LEU G 8 -15.89 11.05 -31.51
CA LEU G 8 -17.06 10.23 -31.20
C LEU G 8 -17.72 10.65 -29.90
N LEU G 9 -19.02 10.96 -29.98
CA LEU G 9 -19.82 11.37 -28.82
C LEU G 9 -20.67 10.23 -28.23
N ALA G 10 -21.43 9.55 -29.07
CA ALA G 10 -22.22 8.41 -28.63
C ALA G 10 -22.40 7.36 -29.74
N THR G 11 -22.54 6.11 -29.32
CA THR G 11 -22.85 5.01 -30.22
C THR G 11 -24.34 4.74 -30.19
N HIS G 12 -24.93 4.49 -31.36
CA HIS G 12 -26.33 4.08 -31.40
C HIS G 12 -26.45 2.63 -31.88
N ASP G 13 -27.66 2.12 -31.91
CA ASP G 13 -27.91 0.72 -32.18
C ASP G 13 -28.06 0.38 -33.67
N ASP G 14 -28.24 1.41 -34.49
CA ASP G 14 -28.51 1.21 -35.92
C ASP G 14 -27.26 1.32 -36.81
N ASP G 15 -26.09 1.40 -36.16
CA ASP G 15 -24.76 1.60 -36.78
C ASP G 15 -24.46 3.07 -36.97
N THR G 16 -25.44 3.92 -36.70
CA THR G 16 -25.22 5.36 -36.73
C THR G 16 -24.53 5.81 -35.46
N VAL G 17 -23.73 6.86 -35.57
CA VAL G 17 -22.95 7.36 -34.45
C VAL G 17 -22.92 8.88 -34.50
N ASP G 18 -23.12 9.51 -33.34
CA ASP G 18 -23.02 10.96 -33.24
C ASP G 18 -21.56 11.35 -33.11
N VAL G 19 -21.08 12.12 -34.09
CA VAL G 19 -19.70 12.58 -34.08
C VAL G 19 -19.71 14.10 -33.97
N PHE G 20 -18.70 14.66 -33.32
CA PHE G 20 -18.53 16.10 -33.31
C PHE G 20 -17.45 16.47 -34.31
N THR G 21 -17.87 17.11 -35.40
CA THR G 21 -16.96 17.44 -36.49
C THR G 21 -17.19 18.86 -36.99
N SER G 22 -16.09 19.50 -37.40
CA SER G 22 -16.14 20.82 -38.02
C SER G 22 -17.03 21.80 -37.27
N GLY G 23 -16.98 21.74 -35.94
CA GLY G 23 -17.70 22.67 -35.10
C GLY G 23 -19.08 22.26 -34.63
N ARG G 24 -19.72 21.31 -35.32
CA ARG G 24 -21.07 20.89 -34.94
C ARG G 24 -21.16 19.39 -34.73
N LYS G 25 -22.17 18.93 -33.98
CA LYS G 25 -22.37 17.50 -33.80
C LYS G 25 -23.37 16.98 -34.82
N MET G 26 -22.96 15.96 -35.58
CA MET G 26 -23.82 15.37 -36.59
C MET G 26 -24.03 13.91 -36.32
N ARG G 27 -25.07 13.32 -36.92
CA ARG G 27 -25.29 11.89 -36.83
C ARG G 27 -24.85 11.23 -38.14
N LEU G 28 -23.76 10.47 -38.08
CA LEU G 28 -23.15 9.89 -39.28
C LEU G 28 -23.30 8.38 -39.33
N THR G 29 -23.47 7.85 -40.53
CA THR G 29 -23.47 6.41 -40.77
C THR G 29 -22.06 5.85 -40.70
N CYS G 30 -21.94 4.54 -40.49
CA CYS G 30 -20.63 3.92 -40.39
C CYS G 30 -20.34 3.00 -41.58
N SER G 31 -19.06 2.86 -41.91
CA SER G 31 -18.62 1.93 -42.93
C SER G 31 -18.74 0.50 -42.40
N PRO G 32 -19.02 -0.46 -43.29
CA PRO G 32 -19.11 -1.89 -42.94
C PRO G 32 -17.84 -2.42 -42.28
N ASN G 33 -16.71 -1.76 -42.52
CA ASN G 33 -15.45 -2.13 -41.91
C ASN G 33 -15.48 -2.03 -40.39
N ILE G 34 -16.14 -0.99 -39.88
CA ILE G 34 -16.09 -0.65 -38.46
C ILE G 34 -17.11 -1.40 -37.63
N ASP G 35 -16.68 -1.87 -36.46
CA ASP G 35 -17.56 -2.55 -35.51
C ASP G 35 -18.04 -1.56 -34.45
N ALA G 36 -19.36 -1.30 -34.45
CA ALA G 36 -19.94 -0.28 -33.59
C ALA G 36 -19.94 -0.66 -32.11
N ALA G 37 -19.65 -1.92 -31.81
CA ALA G 37 -19.63 -2.40 -30.43
C ALA G 37 -18.33 -2.02 -29.71
N SER G 38 -17.21 -2.13 -30.43
CA SER G 38 -15.89 -1.97 -29.83
C SER G 38 -15.44 -0.50 -29.73
N LEU G 39 -16.30 0.41 -30.17
CA LEU G 39 -15.98 1.83 -30.13
C LEU G 39 -16.02 2.38 -28.70
N LYS G 40 -15.23 3.41 -28.44
CA LYS G 40 -15.18 4.03 -27.12
C LYS G 40 -15.63 5.50 -27.20
N LYS G 41 -16.20 6.01 -26.12
CA LYS G 41 -16.62 7.41 -26.07
C LYS G 41 -15.41 8.33 -25.92
N GLY G 42 -15.38 9.40 -26.71
CA GLY G 42 -14.28 10.35 -26.71
C GLY G 42 -13.20 10.01 -27.72
N GLN G 43 -13.21 8.76 -28.17
CA GLN G 43 -12.24 8.26 -29.13
C GLN G 43 -12.29 9.04 -30.45
N THR G 44 -11.13 9.44 -30.96
CA THR G 44 -11.10 10.22 -32.19
C THR G 44 -11.29 9.34 -33.41
N VAL G 45 -12.34 9.61 -34.18
CA VAL G 45 -12.62 8.86 -35.39
C VAL G 45 -12.28 9.66 -36.63
N ARG G 46 -12.46 9.01 -37.79
CA ARG G 46 -12.12 9.63 -39.06
C ARG G 46 -13.22 9.40 -40.09
N LEU G 47 -13.71 10.50 -40.65
CA LEU G 47 -14.78 10.48 -41.62
C LEU G 47 -14.33 10.91 -43.02
N ASN G 48 -14.96 10.30 -44.02
CA ASN G 48 -14.62 10.53 -45.42
C ASN G 48 -15.41 11.68 -46.00
N GLU G 49 -15.31 11.86 -47.31
CA GLU G 49 -15.92 12.98 -47.99
C GLU G 49 -17.43 12.83 -48.14
N ALA G 50 -17.94 11.66 -47.81
CA ALA G 50 -19.39 11.44 -47.77
C ALA G 50 -19.91 11.62 -46.35
N LEU G 51 -19.02 11.99 -45.43
CA LEU G 51 -19.28 12.05 -43.98
C LEU G 51 -19.65 10.72 -43.28
N THR G 52 -18.93 9.65 -43.61
CA THR G 52 -19.16 8.33 -43.07
C THR G 52 -17.98 8.01 -42.19
N VAL G 53 -18.18 7.40 -41.02
CA VAL G 53 -17.05 7.17 -40.16
C VAL G 53 -16.35 5.90 -40.60
N VAL G 54 -15.16 6.06 -41.17
CA VAL G 54 -14.45 4.95 -41.77
C VAL G 54 -13.35 4.32 -40.91
N GLU G 55 -13.00 4.98 -39.81
CA GLU G 55 -11.80 4.56 -39.08
C GLU G 55 -11.86 4.80 -37.58
N ALA G 56 -11.33 3.84 -36.82
CA ALA G 56 -11.18 3.95 -35.38
C ALA G 56 -9.78 4.45 -35.05
N GLY G 57 -9.66 5.23 -33.97
CA GLY G 57 -8.41 5.91 -33.69
C GLY G 57 -8.16 6.18 -32.23
N THR G 58 -7.11 6.93 -31.94
CA THR G 58 -6.68 7.24 -30.58
C THR G 58 -7.52 8.37 -29.97
N PHE G 59 -7.03 8.89 -28.85
CA PHE G 59 -7.66 10.03 -28.16
C PHE G 59 -6.80 11.28 -28.28
N GLU G 60 -7.44 12.46 -28.25
CA GLU G 60 -6.72 13.72 -28.43
C GLU G 60 -5.66 13.92 -27.35
N ALA G 61 -4.41 14.07 -27.77
CA ALA G 61 -3.30 14.26 -26.85
C ALA G 61 -3.12 15.72 -26.43
N VAL G 62 -3.39 16.64 -27.35
CA VAL G 62 -3.20 18.05 -27.09
C VAL G 62 -4.53 18.77 -26.94
N GLY G 63 -4.58 19.73 -26.03
CA GLY G 63 -5.79 20.47 -25.76
C GLY G 63 -5.68 21.31 -24.51
N GLU G 64 -6.83 21.78 -24.01
CA GLU G 64 -6.85 22.66 -22.85
C GLU G 64 -6.65 21.86 -21.56
N ILE G 65 -6.20 22.51 -20.51
CA ILE G 65 -6.05 21.85 -19.21
C ILE G 65 -6.98 22.46 -18.18
N SER G 66 -7.84 21.63 -17.59
CA SER G 66 -8.80 22.09 -16.60
C SER G 66 -8.80 21.20 -15.37
N THR G 67 -8.71 21.80 -14.19
CA THR G 67 -8.64 21.04 -12.94
C THR G 67 -10.03 20.56 -12.49
N LEU G 68 -10.22 19.25 -12.45
CA LEU G 68 -11.54 18.72 -12.12
C LEU G 68 -11.83 18.52 -10.64
N ARG G 69 -12.71 19.36 -10.13
CA ARG G 69 -13.14 19.30 -8.73
C ARG G 69 -13.92 18.03 -8.42
N GLU G 70 -14.81 17.64 -9.34
CA GLU G 70 -15.63 16.45 -9.11
C GLU G 70 -16.18 15.72 -10.35
N ILE G 71 -16.58 14.47 -10.09
CA ILE G 71 -17.17 13.53 -11.02
C ILE G 71 -18.65 13.39 -10.68
N LEU G 72 -19.50 13.60 -11.69
CA LEU G 72 -20.93 13.68 -11.46
C LEU G 72 -21.53 12.36 -11.00
N ALA G 73 -22.69 12.45 -10.37
CA ALA G 73 -23.42 11.28 -9.90
C ALA G 73 -23.76 10.33 -11.05
N ASP G 74 -23.95 10.90 -12.23
CA ASP G 74 -24.20 10.14 -13.44
C ASP G 74 -23.02 9.20 -13.73
N GLY G 75 -21.84 9.65 -13.33
CA GLY G 75 -20.64 8.85 -13.37
C GLY G 75 -19.88 8.95 -14.67
N HIS G 76 -20.57 9.31 -15.75
CA HIS G 76 -19.90 9.49 -17.03
C HIS G 76 -19.49 10.94 -17.28
N ARG G 77 -20.02 11.86 -16.47
CA ARG G 77 -19.69 13.27 -16.64
C ARG G 77 -18.78 13.77 -15.52
N ALA G 78 -18.34 15.02 -15.66
CA ALA G 78 -17.48 15.63 -14.66
C ALA G 78 -17.65 17.15 -14.66
N LEU G 79 -17.52 17.74 -13.47
CA LEU G 79 -17.51 19.19 -13.35
C LEU G 79 -16.06 19.64 -13.17
N VAL G 80 -15.55 20.34 -14.18
CA VAL G 80 -14.16 20.78 -14.17
C VAL G 80 -14.10 22.30 -14.17
N VAL G 81 -12.97 22.85 -13.72
CA VAL G 81 -12.79 24.30 -13.74
C VAL G 81 -11.63 24.67 -14.65
N GLY G 82 -11.83 25.73 -15.43
CA GLY G 82 -10.83 26.19 -16.37
C GLY G 82 -9.92 27.22 -15.74
N HIS G 83 -9.20 27.96 -16.58
CA HIS G 83 -8.24 28.94 -16.09
C HIS G 83 -8.89 30.16 -15.45
N ALA G 84 -10.13 30.42 -15.86
CA ALA G 84 -10.82 31.64 -15.46
C ALA G 84 -11.60 31.42 -14.16
N ASP G 85 -11.41 30.25 -13.55
CA ASP G 85 -12.28 29.77 -12.48
C ASP G 85 -13.69 29.67 -13.06
N GLU G 86 -13.76 29.02 -14.21
CA GLU G 86 -14.97 28.88 -15.02
C GLU G 86 -15.41 27.42 -15.09
N GLU G 87 -16.54 27.11 -14.46
CA GLU G 87 -16.98 25.72 -14.34
C GLU G 87 -17.69 25.20 -15.58
N ARG G 88 -17.45 23.93 -15.89
CA ARG G 88 -18.00 23.31 -17.09
C ARG G 88 -18.22 21.81 -16.89
N VAL G 89 -19.30 21.30 -17.50
CA VAL G 89 -19.61 19.86 -17.45
C VAL G 89 -19.13 19.17 -18.70
N VAL G 90 -18.26 18.17 -18.56
CA VAL G 90 -17.80 17.44 -19.73
C VAL G 90 -18.09 15.95 -19.60
N TRP G 91 -18.10 15.25 -20.73
CA TRP G 91 -18.17 13.79 -20.67
C TRP G 91 -16.78 13.27 -20.31
N LEU G 92 -16.73 12.09 -19.72
CA LEU G 92 -15.46 11.43 -19.47
C LEU G 92 -15.19 10.42 -20.55
N ALA G 93 -13.98 10.43 -21.10
CA ALA G 93 -13.60 9.43 -22.09
C ALA G 93 -13.61 8.05 -21.44
N ASP G 94 -13.78 7.03 -22.27
CA ASP G 94 -13.78 5.65 -21.79
C ASP G 94 -12.57 5.30 -20.90
N PRO G 95 -11.34 5.74 -21.28
CA PRO G 95 -10.21 5.46 -20.37
C PRO G 95 -10.38 6.05 -18.96
N LEU G 96 -11.04 7.18 -18.83
CA LEU G 96 -11.21 7.79 -17.52
C LEU G 96 -12.11 6.97 -16.61
N ILE G 97 -13.02 6.20 -17.19
CA ILE G 97 -13.92 5.35 -16.42
C ILE G 97 -13.63 3.87 -16.66
N LEU G 118 -8.32 10.22 -10.15
CA LEU G 118 -9.74 10.51 -10.30
C LEU G 118 -10.25 11.27 -9.08
N ARG G 119 -9.44 12.20 -8.60
CA ARG G 119 -9.77 13.02 -7.44
C ARG G 119 -9.81 14.49 -7.87
N PRO G 120 -10.16 15.41 -6.95
CA PRO G 120 -10.03 16.80 -7.38
C PRO G 120 -8.58 17.26 -7.39
N GLY G 121 -8.35 18.48 -7.86
CA GLY G 121 -7.01 19.00 -8.04
C GLY G 121 -6.25 18.30 -9.14
N ASP G 122 -6.92 17.41 -9.86
CA ASP G 122 -6.30 16.66 -10.94
C ASP G 122 -6.48 17.38 -12.26
N SER G 123 -5.36 17.83 -12.84
CA SER G 123 -5.42 18.46 -14.15
C SER G 123 -5.91 17.46 -15.19
N LEU G 124 -6.98 17.82 -15.89
CA LEU G 124 -7.55 16.98 -16.94
C LEU G 124 -7.39 17.65 -18.29
N LEU G 125 -7.06 16.85 -19.31
CA LEU G 125 -6.98 17.37 -20.67
C LEU G 125 -8.36 17.35 -21.30
N VAL G 126 -8.85 18.53 -21.65
CA VAL G 126 -10.20 18.66 -22.19
C VAL G 126 -10.25 19.35 -23.54
N ASP G 127 -11.23 18.94 -24.35
CA ASP G 127 -11.68 19.70 -25.51
C ASP G 127 -13.04 20.27 -25.17
N THR G 128 -13.11 21.58 -24.93
CA THR G 128 -14.34 22.19 -24.42
C THR G 128 -15.45 22.24 -25.46
N LYS G 129 -15.08 22.33 -26.73
CA LYS G 129 -16.06 22.44 -27.82
C LYS G 129 -16.75 21.12 -28.08
N ALA G 130 -16.02 20.02 -27.87
CA ALA G 130 -16.58 18.68 -27.97
C ALA G 130 -17.30 18.29 -26.66
N GLY G 131 -16.84 18.85 -25.55
CA GLY G 131 -17.44 18.59 -24.25
C GLY G 131 -16.90 17.33 -23.58
N TYR G 132 -15.63 17.01 -23.85
CA TYR G 132 -15.01 15.81 -23.32
C TYR G 132 -13.74 16.07 -22.51
N ALA G 133 -13.39 15.09 -21.68
CA ALA G 133 -12.18 15.12 -20.89
C ALA G 133 -11.42 13.90 -21.32
N PHE G 134 -10.13 14.02 -21.64
CA PHE G 134 -9.40 12.85 -22.12
C PHE G 134 -8.45 12.07 -21.19
N GLU G 135 -7.52 12.74 -20.52
CA GLU G 135 -6.58 12.02 -19.67
C GLU G 135 -6.05 12.88 -18.54
N ARG G 136 -5.66 12.27 -17.44
CA ARG G 136 -5.12 13.05 -16.35
C ARG G 136 -3.68 13.46 -16.67
N ILE G 137 -3.23 14.54 -16.05
CA ILE G 137 -1.86 15.00 -16.23
C ILE G 137 -1.20 14.93 -14.86
N PRO G 138 0.09 14.55 -14.81
CA PRO G 138 0.72 14.59 -13.50
C PRO G 138 0.69 16.00 -12.94
N LYS G 139 0.22 16.13 -11.71
CA LYS G 139 0.34 17.39 -10.98
C LYS G 139 1.82 17.66 -10.82
N ALA G 140 2.20 18.91 -10.61
CA ALA G 140 3.62 19.29 -10.61
C ALA G 140 4.20 19.77 -9.27
N GLU G 141 5.46 19.36 -9.02
CA GLU G 141 6.25 19.83 -7.88
C GLU G 141 5.72 19.57 -6.47
N VAL G 142 5.11 18.41 -6.26
CA VAL G 142 4.63 18.02 -4.93
C VAL G 142 5.73 17.85 -3.89
N GLU G 143 6.86 17.26 -4.29
CA GLU G 143 7.92 16.86 -3.36
C GLU G 143 8.68 17.99 -2.66
N ASP G 144 9.13 17.73 -1.43
CA ASP G 144 9.93 18.70 -0.66
C ASP G 144 9.13 19.28 0.51
N LEU G 145 7.80 19.18 0.44
CA LEU G 145 6.95 19.56 1.54
C LEU G 145 6.67 18.30 2.35
N VAL G 146 7.25 17.19 1.89
CA VAL G 146 7.04 15.87 2.49
C VAL G 146 8.26 15.13 3.05
N LEU G 147 8.21 14.81 4.35
CA LEU G 147 9.21 14.00 5.05
C LEU G 147 8.60 13.47 6.35
N GLU G 148 9.21 12.47 6.98
CA GLU G 148 10.32 11.69 6.45
C GLU G 148 10.37 10.32 7.16
N GLU G 149 11.01 9.34 6.54
CA GLU G 149 11.17 8.00 7.13
C GLU G 149 12.60 7.77 7.64
N VAL G 150 13.37 8.85 7.69
CA VAL G 150 14.82 8.84 7.80
C VAL G 150 15.41 8.85 9.22
N PRO G 151 14.49 8.68 10.28
CA PRO G 151 15.10 8.88 11.60
C PRO G 151 16.12 7.81 11.95
N ASP G 152 17.29 8.24 12.45
CA ASP G 152 18.37 7.33 12.86
C ASP G 152 18.88 7.40 14.33
N VAL G 153 18.79 8.57 14.97
CA VAL G 153 19.23 8.79 16.35
C VAL G 153 18.33 8.22 17.44
N SER G 154 18.94 7.82 18.56
CA SER G 154 18.21 7.38 19.74
C SER G 154 18.60 8.29 20.89
N TYR G 155 17.85 8.23 21.98
CA TYR G 155 18.11 9.10 23.15
C TYR G 155 19.56 9.00 23.62
N ALA G 156 20.20 7.89 23.30
CA ALA G 156 21.58 7.65 23.69
C ALA G 156 22.50 8.78 23.22
N ASP G 157 22.21 9.33 22.04
CA ASP G 157 23.01 10.42 21.47
C ASP G 157 22.63 11.81 22.01
N ILE G 158 21.41 11.93 22.52
CA ILE G 158 20.96 13.20 23.09
C ILE G 158 21.63 13.50 24.41
N GLY G 159 22.31 14.65 24.51
CA GLY G 159 22.99 15.02 25.72
C GLY G 159 22.17 15.72 26.78
N GLY G 160 22.41 15.37 28.04
CA GLY G 160 21.93 16.10 29.20
C GLY G 160 20.44 16.39 29.37
N LEU G 161 19.59 15.68 28.65
CA LEU G 161 18.15 15.88 28.72
C LEU G 161 17.40 14.90 29.63
N SER G 162 18.13 14.16 30.48
CA SER G 162 17.62 12.99 31.18
C SER G 162 16.19 13.09 31.77
N ARG G 163 15.82 14.24 32.33
CA ARG G 163 14.46 14.41 32.85
C ARG G 163 13.44 14.58 31.72
N GLN G 164 13.78 15.46 30.77
CA GLN G 164 12.90 15.76 29.66
C GLN G 164 12.57 14.48 28.92
N ILE G 165 13.59 13.68 28.61
CA ILE G 165 13.35 12.46 27.83
C ILE G 165 12.33 11.56 28.53
N GLU G 166 12.42 11.41 29.86
CA GLU G 166 11.44 10.62 30.60
C GLU G 166 10.04 11.19 30.41
N GLN G 167 9.96 12.52 30.43
CA GLN G 167 8.66 13.16 30.19
C GLN G 167 8.12 12.87 28.78
N ILE G 168 9.05 12.98 27.87
CA ILE G 168 8.81 12.78 26.48
C ILE G 168 8.45 11.36 26.31
N ARG G 169 9.23 10.53 26.96
CA ARG G 169 9.05 9.13 26.78
C ARG G 169 7.68 8.73 27.19
N ASP G 170 7.21 9.16 28.35
CA ASP G 170 5.89 8.73 28.74
C ASP G 170 4.95 9.27 27.72
N ALA G 171 5.14 10.54 27.46
CA ALA G 171 4.25 11.31 26.65
C ALA G 171 3.93 10.62 25.39
N VAL G 172 4.90 9.97 24.78
CA VAL G 172 4.59 9.27 23.54
C VAL G 172 4.53 7.77 23.64
N GLU G 173 5.57 7.18 24.18
CA GLU G 173 5.65 5.73 24.19
C GLU G 173 4.73 5.09 25.12
N LEU G 174 4.81 5.54 26.35
CA LEU G 174 3.97 4.99 27.39
C LEU G 174 2.47 4.88 27.04
N PRO G 175 1.88 5.89 26.39
CA PRO G 175 0.48 5.68 26.00
C PRO G 175 0.31 4.61 24.92
N PHE G 176 1.26 4.53 23.99
CA PHE G 176 1.11 3.63 22.85
C PHE G 176 1.43 2.18 23.18
N LEU G 177 2.52 1.90 23.88
CA LEU G 177 2.85 0.50 24.10
C LEU G 177 2.29 -0.03 25.42
N HIS G 178 1.67 0.83 26.23
CA HIS G 178 0.57 0.32 27.05
C HIS G 178 -0.73 1.02 26.72
N LYS G 179 -1.52 0.46 25.81
CA LYS G 179 -2.81 1.04 25.48
C LYS G 179 -3.88 0.54 26.45
N GLU G 180 -3.84 -0.75 26.72
CA GLU G 180 -4.87 -1.41 27.50
C GLU G 180 -4.87 -0.89 28.93
N LEU G 181 -3.73 -0.36 29.36
CA LEU G 181 -3.58 0.17 30.72
C LEU G 181 -4.26 1.53 30.85
N TYR G 182 -3.97 2.39 29.88
CA TYR G 182 -4.70 3.64 29.73
C TYR G 182 -6.19 3.36 29.68
N ARG G 183 -6.58 2.42 28.82
CA ARG G 183 -7.97 2.07 28.68
C ARG G 183 -8.56 1.62 30.00
N GLU G 184 -7.74 0.97 30.83
CA GLU G 184 -8.22 0.49 32.12
C GLU G 184 -8.44 1.64 33.09
N TYR G 185 -7.56 2.62 33.03
CA TYR G 185 -7.65 3.75 33.95
C TYR G 185 -8.51 4.88 33.40
N SER G 186 -9.15 4.63 32.27
CA SER G 186 -10.06 5.59 31.66
C SER G 186 -9.28 6.85 31.33
N LEU G 187 -8.13 6.65 30.70
CA LEU G 187 -7.20 7.72 30.43
C LEU G 187 -6.92 7.84 28.94
N ARG G 188 -7.31 8.96 28.35
CA ARG G 188 -7.09 9.17 26.92
C ARG G 188 -5.68 9.65 26.67
N PRO G 189 -4.98 8.98 25.76
CA PRO G 189 -3.59 9.34 25.46
C PRO G 189 -3.52 10.76 24.90
N PRO G 190 -2.50 11.52 25.29
CA PRO G 190 -2.33 12.90 24.81
C PRO G 190 -2.17 12.95 23.31
N LYS G 191 -2.88 13.86 22.65
CA LYS G 191 -2.86 13.92 21.19
C LYS G 191 -1.58 14.57 20.66
N GLY G 192 -1.06 15.54 21.40
CA GLY G 192 0.14 16.25 20.95
C GLY G 192 1.05 16.68 22.08
N VAL G 193 2.30 16.98 21.74
CA VAL G 193 3.29 17.40 22.73
C VAL G 193 4.00 18.69 22.31
N LEU G 194 4.01 19.68 23.19
CA LEU G 194 4.72 20.92 22.92
C LEU G 194 6.07 20.94 23.61
N LEU G 195 7.14 21.13 22.86
CA LEU G 195 8.44 21.36 23.47
C LEU G 195 8.83 22.83 23.34
N TYR G 196 8.58 23.61 24.39
CA TYR G 196 9.10 24.97 24.47
C TYR G 196 10.47 24.96 25.13
N GLY G 197 11.27 25.99 24.85
CA GLY G 197 12.57 26.12 25.47
C GLY G 197 13.40 27.21 24.83
N PRO G 198 14.53 27.55 25.46
CA PRO G 198 15.54 28.46 24.92
C PRO G 198 15.93 28.06 23.52
N PRO G 199 16.20 29.04 22.63
CA PRO G 199 16.31 28.67 21.22
C PRO G 199 17.41 27.64 20.98
N GLY G 200 18.65 27.93 21.39
CA GLY G 200 19.66 26.89 21.49
C GLY G 200 19.69 26.11 20.20
N CYS G 201 19.40 24.81 20.32
CA CYS G 201 19.65 24.04 21.54
C CYS G 201 20.16 22.64 21.16
N GLY G 202 19.33 21.80 20.52
CA GLY G 202 18.04 22.16 19.95
C GLY G 202 17.05 21.02 20.06
N LYS G 203 15.76 21.24 19.87
CA LYS G 203 14.84 20.11 20.08
C LYS G 203 15.18 18.93 19.15
N THR G 204 15.38 19.23 17.87
CA THR G 204 16.23 18.49 16.95
C THR G 204 16.07 16.94 16.85
N LEU G 205 17.21 16.25 16.91
CA LEU G 205 17.33 14.80 16.82
C LEU G 205 16.63 14.09 17.97
N ILE G 206 16.71 14.67 19.15
CA ILE G 206 16.06 14.09 20.31
C ILE G 206 14.55 14.07 20.05
N ALA G 207 14.04 15.15 19.48
CA ALA G 207 12.64 15.21 19.09
C ALA G 207 12.32 14.15 18.02
N LYS G 208 13.18 14.04 17.02
CA LYS G 208 13.08 12.93 16.06
C LYS G 208 13.36 11.59 16.75
N ALA G 209 14.37 11.61 17.60
CA ALA G 209 14.81 10.56 18.45
C ALA G 209 13.67 9.85 19.10
N VAL G 210 12.69 10.61 19.55
CA VAL G 210 11.57 10.01 20.23
C VAL G 210 10.89 9.15 19.21
N ALA G 211 10.79 9.67 18.00
CA ALA G 211 10.13 8.88 16.98
C ALA G 211 10.90 7.58 16.78
N ASN G 212 12.21 7.68 16.72
CA ASN G 212 13.02 6.52 16.43
C ASN G 212 12.82 5.47 17.48
N SER G 213 12.82 5.89 18.72
CA SER G 213 12.80 4.99 19.86
C SER G 213 11.43 4.33 20.03
N LEU G 214 10.39 5.04 19.61
CA LEU G 214 9.05 4.46 19.65
C LEU G 214 8.88 3.46 18.51
N ALA G 215 9.45 3.79 17.36
CA ALA G 215 9.28 3.01 16.15
C ALA G 215 9.80 1.58 16.26
N LYS G 216 10.63 1.31 17.26
CA LYS G 216 11.12 -0.03 17.47
C LYS G 216 10.59 -0.59 18.76
N LYS G 217 9.60 -1.48 18.66
CA LYS G 217 9.13 -2.26 19.81
C LYS G 217 8.91 -3.73 19.46
N MET G 218 7.97 -3.97 18.53
CA MET G 218 7.53 -5.31 18.18
C MET G 218 8.71 -6.12 17.62
N ALA G 219 8.59 -7.45 17.69
CA ALA G 219 9.53 -8.45 17.15
C ALA G 219 10.78 -7.92 16.45
N SER G 231 6.71 3.54 12.82
CA SER G 231 6.76 3.62 11.37
C SER G 231 7.81 4.59 10.86
N TYR G 232 7.62 5.01 9.62
CA TYR G 232 8.39 6.06 9.00
C TYR G 232 8.08 7.39 9.66
N PHE G 233 9.07 8.27 9.72
CA PHE G 233 8.96 9.53 10.45
C PHE G 233 8.06 10.52 9.70
N LEU G 234 7.88 11.72 10.25
CA LEU G 234 7.33 12.81 9.47
C LEU G 234 7.90 14.13 10.00
N ASN G 235 8.19 15.04 9.09
CA ASN G 235 8.80 16.32 9.44
C ASN G 235 8.26 17.45 8.58
N ILE G 236 7.89 18.53 9.24
CA ILE G 236 7.58 19.78 8.55
C ILE G 236 8.21 20.88 9.39
N LYS G 237 8.74 21.92 8.75
CA LYS G 237 9.30 23.03 9.52
C LYS G 237 8.68 24.35 9.08
N GLY G 238 8.80 25.35 9.93
CA GLY G 238 8.19 26.65 9.73
C GLY G 238 8.34 27.34 8.38
N PRO G 239 9.56 27.39 7.82
CA PRO G 239 9.75 28.11 6.56
C PRO G 239 8.80 27.70 5.43
N GLU G 240 8.25 26.49 5.46
CA GLU G 240 7.31 26.11 4.41
C GLU G 240 5.88 26.44 4.87
N LEU G 241 5.31 27.45 4.22
CA LEU G 241 4.02 28.02 4.57
C LEU G 241 3.45 28.71 3.32
N LEU G 242 2.43 29.56 3.49
CA LEU G 242 1.69 30.13 2.35
C LEU G 242 2.58 30.90 1.36
N ASN G 243 3.81 31.21 1.76
CA ASN G 243 4.78 31.76 0.81
C ASN G 243 5.52 30.69 -0.01
N LYS G 244 5.63 29.47 0.52
CA LYS G 244 6.56 28.47 -0.03
C LYS G 244 5.97 27.50 -1.06
N PHE G 245 6.45 27.59 -2.30
CA PHE G 245 5.98 26.73 -3.42
C PHE G 245 4.50 26.74 -3.78
N VAL G 246 3.94 27.93 -4.02
CA VAL G 246 2.47 28.12 -4.15
C VAL G 246 1.86 28.09 -2.73
N GLY G 247 2.75 27.95 -1.75
CA GLY G 247 2.37 28.16 -0.37
C GLY G 247 1.41 27.13 0.14
N GLU G 248 1.85 25.88 0.15
CA GLU G 248 1.04 24.71 0.46
C GLU G 248 -0.07 24.63 -0.60
N THR G 249 0.23 25.22 -1.76
CA THR G 249 -0.72 25.39 -2.86
C THR G 249 -1.99 26.06 -2.36
N GLU G 250 -1.85 26.83 -1.29
CA GLU G 250 -2.99 27.28 -0.49
C GLU G 250 -3.87 26.12 0.01
N ARG G 251 -3.31 24.91 0.07
CA ARG G 251 -4.05 23.69 0.46
C ARG G 251 -3.31 22.82 1.48
N HIS G 252 -2.05 22.48 1.17
CA HIS G 252 -1.33 21.29 1.67
C HIS G 252 -1.47 20.97 3.15
N ILE G 253 -1.84 21.97 3.95
CA ILE G 253 -2.10 21.74 5.37
C ILE G 253 -3.21 20.69 5.54
N ARG G 254 -3.89 20.40 4.43
CA ARG G 254 -4.69 19.18 4.27
C ARG G 254 -3.77 18.02 3.87
N LEU G 255 -3.09 18.19 2.74
CA LEU G 255 -2.25 17.15 2.12
C LEU G 255 -1.34 16.38 3.07
N ILE G 256 -0.74 17.05 4.06
CA ILE G 256 0.17 16.35 4.96
C ILE G 256 -0.57 15.55 6.03
N PHE G 257 -1.71 16.06 6.49
CA PHE G 257 -2.57 15.30 7.40
C PHE G 257 -3.22 14.15 6.65
N GLN G 258 -3.06 14.20 5.33
CA GLN G 258 -3.44 13.13 4.44
C GLN G 258 -2.33 12.09 4.43
N ARG G 259 -1.13 12.51 4.07
CA ARG G 259 0.06 11.65 4.06
C ARG G 259 0.21 10.82 5.33
N ALA G 260 -0.10 11.43 6.47
CA ALA G 260 0.01 10.75 7.77
C ALA G 260 -1.12 9.73 7.95
N ARG G 261 -2.27 10.03 7.36
CA ARG G 261 -3.45 9.16 7.46
C ARG G 261 -3.23 7.84 6.72
N GLU G 262 -2.15 7.76 5.96
CA GLU G 262 -1.78 6.53 5.24
C GLU G 262 -1.48 5.37 6.18
N LYS G 263 -0.51 5.57 7.07
CA LYS G 263 -0.09 4.53 7.99
C LYS G 263 -0.97 4.54 9.23
N ALA G 264 -1.90 5.50 9.27
CA ALA G 264 -2.79 5.67 10.39
C ALA G 264 -3.94 4.65 10.37
N SER G 265 -4.39 4.31 9.16
CA SER G 265 -5.41 3.27 9.00
C SER G 265 -4.72 1.93 8.76
N GLU G 266 -3.40 1.95 8.83
CA GLU G 266 -2.53 0.79 8.61
C GLU G 266 -2.28 0.01 9.89
N GLY G 267 -1.80 0.69 10.93
CA GLY G 267 -1.25 0.01 12.09
C GLY G 267 0.23 0.22 12.33
N THR G 268 0.81 1.23 11.68
CA THR G 268 2.13 1.71 12.08
C THR G 268 2.05 3.20 12.44
N PRO G 269 2.71 3.60 13.54
CA PRO G 269 2.63 4.97 14.09
C PRO G 269 3.49 6.02 13.39
N VAL G 270 2.94 7.22 13.20
CA VAL G 270 3.68 8.29 12.56
C VAL G 270 3.54 9.60 13.35
N ILE G 271 4.57 10.45 13.26
CA ILE G 271 4.66 11.66 14.07
C ILE G 271 4.77 12.92 13.24
N VAL G 272 3.75 13.78 13.32
CA VAL G 272 3.79 15.08 12.66
C VAL G 272 4.52 16.06 13.56
N PHE G 273 5.63 16.59 13.07
CA PHE G 273 6.45 17.48 13.89
C PHE G 273 6.50 18.87 13.28
N PHE G 274 5.99 19.86 14.01
CA PHE G 274 6.07 21.25 13.57
C PHE G 274 7.27 21.94 14.20
N ASP G 275 8.15 22.44 13.34
CA ASP G 275 9.36 23.11 13.81
C ASP G 275 9.22 24.61 13.66
N GLU G 276 9.79 25.34 14.61
CA GLU G 276 9.74 26.81 14.62
C GLU G 276 8.31 27.32 14.48
N MET G 277 7.36 26.66 15.15
CA MET G 277 5.94 26.97 14.99
C MET G 277 5.58 28.35 15.53
N ASP G 278 6.54 29.03 16.16
CA ASP G 278 6.36 30.41 16.57
C ASP G 278 6.17 31.33 15.36
N SER G 279 6.36 30.77 14.17
CA SER G 279 6.12 31.48 12.92
C SER G 279 4.64 31.48 12.55
N ILE G 280 3.84 30.75 13.32
CA ILE G 280 2.42 30.58 12.99
C ILE G 280 1.52 31.56 13.76
N PHE G 281 2.12 32.34 14.66
CA PHE G 281 1.42 33.42 15.35
C PHE G 281 2.39 34.29 16.14
N THR G 295 -2.18 34.86 5.53
CA THR G 295 -1.29 35.12 6.65
C THR G 295 -1.91 34.76 8.01
N VAL G 296 -2.88 33.85 8.02
CA VAL G 296 -3.50 33.42 9.29
C VAL G 296 -3.56 31.88 9.43
N VAL G 297 -3.44 31.43 10.68
CA VAL G 297 -3.28 30.03 11.08
C VAL G 297 -4.42 28.98 10.94
N PRO G 298 -5.69 29.37 11.24
CA PRO G 298 -6.69 28.47 11.84
C PRO G 298 -6.91 27.08 11.24
N GLN G 299 -6.52 26.84 9.99
CA GLN G 299 -6.67 25.51 9.38
C GLN G 299 -6.04 24.40 10.23
N LEU G 300 -4.88 24.71 10.82
CA LEU G 300 -4.15 23.78 11.65
C LEU G 300 -5.02 23.23 12.77
N LEU G 301 -5.64 24.14 13.51
CA LEU G 301 -6.42 23.78 14.71
C LEU G 301 -7.53 22.80 14.38
N SER G 302 -8.07 22.88 13.16
CA SER G 302 -9.11 21.96 12.72
C SER G 302 -8.52 20.63 12.25
N GLU G 303 -7.40 20.69 11.53
CA GLU G 303 -6.80 19.46 11.01
C GLU G 303 -6.10 18.64 12.09
N ILE G 304 -5.84 19.25 13.25
CA ILE G 304 -5.31 18.53 14.39
C ILE G 304 -6.45 17.73 15.03
N ASP G 305 -7.61 18.36 15.10
CA ASP G 305 -8.82 17.70 15.59
C ASP G 305 -9.22 16.59 14.64
N GLY G 306 -8.89 16.76 13.37
CA GLY G 306 -9.20 15.78 12.34
C GLY G 306 -8.51 14.46 12.57
N VAL G 307 -7.34 14.50 13.21
CA VAL G 307 -6.58 13.29 13.50
C VAL G 307 -6.79 12.80 14.94
N GLU G 308 -7.62 13.50 15.70
CA GLU G 308 -7.81 13.20 17.12
C GLU G 308 -8.41 11.81 17.37
N GLY G 309 -9.47 11.48 16.63
CA GLY G 309 -10.11 10.18 16.78
C GLY G 309 -9.23 9.01 16.37
N LEU G 310 -8.06 9.32 15.83
CA LEU G 310 -7.11 8.31 15.40
C LEU G 310 -6.17 7.87 16.51
N GLU G 311 -6.11 6.56 16.72
CA GLU G 311 -5.28 6.00 17.78
C GLU G 311 -3.79 6.07 17.44
N ASN G 312 -3.47 6.17 16.15
CA ASN G 312 -2.10 5.94 15.69
C ASN G 312 -1.17 7.14 15.44
N VAL G 313 -1.67 8.37 15.63
CA VAL G 313 -0.90 9.56 15.22
C VAL G 313 -0.63 10.58 16.32
N ILE G 314 0.64 10.95 16.48
CA ILE G 314 1.06 11.95 17.46
C ILE G 314 1.58 13.20 16.74
N VAL G 315 1.25 14.37 17.28
CA VAL G 315 1.72 15.63 16.71
C VAL G 315 2.62 16.35 17.72
N ILE G 316 3.85 16.65 17.32
CA ILE G 316 4.80 17.31 18.21
C ILE G 316 5.14 18.71 17.72
N GLY G 317 4.70 19.72 18.47
CA GLY G 317 5.12 21.09 18.21
C GLY G 317 6.33 21.49 19.03
N ALA G 318 7.14 22.40 18.49
CA ALA G 318 8.33 22.86 19.17
C ALA G 318 8.53 24.35 18.93
N SER G 319 8.79 25.09 20.00
CA SER G 319 8.97 26.53 19.87
C SER G 319 10.15 27.06 20.68
N ASN G 320 10.75 28.13 20.19
CA ASN G 320 11.79 28.84 20.94
C ASN G 320 11.23 30.04 21.68
N ARG G 321 9.95 30.32 21.42
CA ARG G 321 9.23 31.36 22.14
C ARG G 321 7.82 30.87 22.46
N GLU G 322 7.51 30.72 23.75
CA GLU G 322 6.23 30.15 24.13
C GLU G 322 5.19 31.18 24.48
N ASP G 323 5.57 32.46 24.48
CA ASP G 323 4.62 33.53 24.73
C ASP G 323 3.81 33.80 23.48
N MET G 324 4.46 33.64 22.33
CA MET G 324 3.82 33.91 21.06
C MET G 324 2.68 32.92 20.77
N ILE G 325 2.94 31.63 21.00
CA ILE G 325 2.04 30.58 20.53
C ILE G 325 0.59 30.80 21.00
N ASP G 326 -0.31 30.84 20.02
CA ASP G 326 -1.72 31.06 20.30
C ASP G 326 -2.24 29.97 21.21
N PRO G 327 -2.75 30.37 22.38
CA PRO G 327 -3.15 29.48 23.48
C PRO G 327 -4.20 28.46 23.05
N ALA G 328 -4.87 28.72 21.94
CA ALA G 328 -5.87 27.81 21.39
C ALA G 328 -5.24 26.48 20.99
N ILE G 329 -3.94 26.48 20.72
CA ILE G 329 -3.24 25.26 20.37
C ILE G 329 -2.90 24.45 21.64
N LEU G 330 -2.71 25.16 22.74
CA LEU G 330 -2.31 24.52 24.00
C LEU G 330 -3.48 23.97 24.81
N ARG G 331 -4.70 24.40 24.48
CA ARG G 331 -5.89 23.93 25.20
C ARG G 331 -6.02 22.41 25.05
N PRO G 332 -6.71 21.75 26.02
CA PRO G 332 -6.80 20.28 26.01
C PRO G 332 -7.25 19.71 24.67
N GLY G 333 -6.68 18.57 24.30
CA GLY G 333 -7.12 17.87 23.11
C GLY G 333 -6.29 18.17 21.88
N ARG G 334 -5.47 19.21 21.97
CA ARG G 334 -4.58 19.55 20.86
C ARG G 334 -3.12 19.33 21.24
N LEU G 335 -2.56 20.25 22.02
CA LEU G 335 -1.26 19.98 22.63
C LEU G 335 -1.44 19.98 24.14
N ASP G 336 -1.55 18.77 24.73
CA ASP G 336 -1.78 18.65 26.18
C ASP G 336 -0.51 18.63 27.03
N VAL G 337 0.40 17.71 26.74
CA VAL G 337 1.68 17.70 27.42
C VAL G 337 2.61 18.77 26.87
N LYS G 338 3.04 19.66 27.75
CA LYS G 338 4.03 20.68 27.41
C LYS G 338 5.33 20.32 28.12
N ILE G 339 6.40 20.20 27.34
CA ILE G 339 7.68 19.84 27.92
C ILE G 339 8.69 20.94 27.70
N LYS G 340 9.21 21.46 28.80
CA LYS G 340 10.19 22.53 28.73
C LYS G 340 11.57 21.95 28.55
N ILE G 341 12.21 22.29 27.44
CA ILE G 341 13.60 21.88 27.27
C ILE G 341 14.45 23.01 27.80
N GLU G 342 15.04 22.79 28.97
CA GLU G 342 15.85 23.81 29.64
C GLU G 342 17.29 23.65 29.25
N ARG G 343 18.04 24.74 29.31
CA ARG G 343 19.47 24.75 28.96
C ARG G 343 20.32 23.95 29.95
N PRO G 344 21.47 23.37 29.41
CA PRO G 344 22.28 22.61 30.38
C PRO G 344 22.88 23.47 31.49
N ASP G 345 22.95 22.89 32.68
CA ASP G 345 23.49 23.58 33.86
C ASP G 345 25.00 23.36 34.11
N ALA G 346 25.41 22.15 34.48
CA ALA G 346 26.82 21.84 34.66
C ALA G 346 27.19 20.47 34.10
N GLU G 347 26.61 19.43 34.72
CA GLU G 347 26.89 18.03 34.37
C GLU G 347 26.32 17.72 33.00
N ALA G 348 25.20 18.37 32.68
CA ALA G 348 24.52 18.16 31.41
C ALA G 348 25.39 18.67 30.28
N ALA G 349 26.18 19.70 30.55
CA ALA G 349 27.13 20.21 29.57
C ALA G 349 28.27 19.20 29.35
N GLN G 350 28.69 18.54 30.42
CA GLN G 350 29.70 17.50 30.32
C GLN G 350 29.18 16.36 29.45
N ASP G 351 27.91 16.01 29.65
CA ASP G 351 27.30 14.91 28.93
C ASP G 351 27.11 15.27 27.46
N ILE G 352 26.84 16.53 27.18
CA ILE G 352 26.72 16.97 25.79
C ILE G 352 28.08 16.91 25.10
N TYR G 353 29.10 17.43 25.78
CA TYR G 353 30.46 17.35 25.27
C TYR G 353 30.88 15.92 24.99
N SER G 354 30.44 14.99 25.84
CA SER G 354 30.83 13.58 25.72
C SER G 354 30.36 12.98 24.39
N LYS G 355 29.35 13.58 23.79
CA LYS G 355 28.83 13.09 22.52
C LYS G 355 29.71 13.54 21.35
N TYR G 356 30.20 14.77 21.40
CA TYR G 356 31.03 15.31 20.33
C TYR G 356 32.46 14.85 20.43
N LEU G 357 32.93 14.60 21.64
CA LEU G 357 34.26 14.04 21.82
C LEU G 357 34.13 12.54 22.06
N THR G 358 34.48 11.78 21.03
CA THR G 358 34.47 10.33 21.14
C THR G 358 35.91 9.83 21.20
N GLU G 359 36.08 8.52 21.27
CA GLU G 359 37.41 7.94 21.23
C GLU G 359 37.99 8.03 19.82
N PHE G 360 37.14 8.44 18.87
CA PHE G 360 37.48 8.40 17.46
C PHE G 360 38.16 9.68 16.99
N LEU G 361 38.34 10.63 17.90
CA LEU G 361 38.99 11.89 17.56
C LEU G 361 40.48 11.84 17.87
N PRO G 362 41.32 12.31 16.92
CA PRO G 362 42.76 12.37 17.17
C PRO G 362 43.09 13.28 18.36
N VAL G 363 43.85 12.76 19.31
CA VAL G 363 44.17 13.53 20.51
C VAL G 363 45.68 13.59 20.68
N HIS G 364 46.19 14.79 20.92
CA HIS G 364 47.63 15.01 20.98
C HIS G 364 48.30 14.22 22.10
N ALA G 365 49.52 13.77 21.83
CA ALA G 365 50.26 12.90 22.74
C ALA G 365 50.60 13.53 24.09
N ASP G 366 50.89 14.83 24.08
CA ASP G 366 51.27 15.56 25.30
C ASP G 366 50.18 15.50 26.38
N ASP G 367 48.93 15.46 25.95
CA ASP G 367 47.79 15.38 26.86
C ASP G 367 47.55 13.95 27.36
N LEU G 368 47.84 12.98 26.49
CA LEU G 368 47.68 11.57 26.82
C LEU G 368 48.75 11.07 27.78
N ALA G 369 49.85 11.82 27.88
CA ALA G 369 50.98 11.41 28.70
C ALA G 369 50.69 11.49 30.19
N GLU G 370 49.88 12.48 30.58
CA GLU G 370 49.59 12.75 31.98
C GLU G 370 48.82 11.62 32.66
N PHE G 371 47.90 11.01 31.93
CA PHE G 371 46.97 10.03 32.47
C PHE G 371 47.46 8.60 32.31
N ASP G 372 48.73 8.47 31.92
CA ASP G 372 49.39 7.18 31.69
C ASP G 372 48.82 6.49 30.47
N GLY G 373 48.53 7.28 29.43
CA GLY G 373 48.17 6.76 28.14
C GLY G 373 46.72 6.37 27.95
N ASP G 374 45.94 6.42 29.03
CA ASP G 374 44.54 6.03 28.94
C ASP G 374 43.72 7.15 28.31
N ARG G 375 43.11 6.85 27.18
CA ARG G 375 42.37 7.83 26.40
C ARG G 375 41.01 8.15 27.02
N SER G 376 40.27 7.11 27.40
CA SER G 376 38.95 7.28 28.01
C SER G 376 39.05 8.00 29.34
N ALA G 377 40.25 8.03 29.92
CA ALA G 377 40.49 8.80 31.13
C ALA G 377 41.09 10.16 30.79
N CYS G 378 41.36 10.41 29.51
CA CYS G 378 41.95 11.69 29.08
C CYS G 378 40.95 12.73 28.54
N ILE G 379 40.13 12.33 27.55
CA ILE G 379 39.09 13.20 27.03
C ILE G 379 38.05 13.51 28.10
N LYS G 380 37.83 12.56 29.00
CA LYS G 380 36.99 12.77 30.17
C LYS G 380 37.48 14.00 30.96
N ALA G 381 38.77 14.04 31.24
CA ALA G 381 39.33 15.11 32.05
C ALA G 381 39.40 16.41 31.25
N MET G 382 39.64 16.29 29.95
CA MET G 382 39.53 17.45 29.05
C MET G 382 38.15 18.10 29.19
N ILE G 383 37.11 17.28 29.04
CA ILE G 383 35.73 17.74 29.12
C ILE G 383 35.44 18.40 30.46
N GLU G 384 35.71 17.70 31.57
CA GLU G 384 35.38 18.30 32.86
C GLU G 384 36.32 19.48 33.19
N LYS G 385 37.37 19.64 32.40
CA LYS G 385 38.17 20.87 32.46
C LYS G 385 37.47 22.03 31.77
N VAL G 386 37.02 21.82 30.53
CA VAL G 386 36.46 22.94 29.76
C VAL G 386 35.09 23.35 30.27
N VAL G 387 34.30 22.39 30.76
CA VAL G 387 32.99 22.69 31.32
C VAL G 387 33.19 23.53 32.58
N ASP G 388 34.24 23.18 33.32
CA ASP G 388 34.59 23.91 34.52
C ASP G 388 35.05 25.31 34.15
N ARG G 389 35.68 25.43 32.98
CA ARG G 389 36.12 26.72 32.45
C ARG G 389 34.93 27.61 32.11
N MET G 390 34.01 27.09 31.32
CA MET G 390 32.78 27.79 30.95
C MET G 390 32.01 28.28 32.16
N TYR G 391 31.56 27.33 32.99
CA TYR G 391 30.55 27.65 34.01
C TYR G 391 31.08 28.36 35.26
N ALA G 392 32.39 28.54 35.35
CA ALA G 392 32.93 29.32 36.45
C ALA G 392 32.57 30.78 36.25
N GLU G 393 32.31 31.51 37.34
CA GLU G 393 32.01 32.93 37.21
C GLU G 393 33.28 33.75 37.33
N ILE G 394 33.74 34.28 36.21
CA ILE G 394 34.96 35.08 36.18
C ILE G 394 34.71 36.30 35.31
N ASP G 395 35.73 37.13 35.12
CA ASP G 395 35.56 38.37 34.37
C ASP G 395 35.56 38.15 32.86
N ASP G 396 36.08 37.01 32.43
CA ASP G 396 36.12 36.70 31.01
C ASP G 396 34.83 36.04 30.55
N ASN G 397 34.04 35.58 31.52
CA ASN G 397 32.78 34.94 31.20
C ASN G 397 31.59 35.89 31.31
N ARG G 398 31.81 37.15 31.63
CA ARG G 398 30.66 38.04 31.71
C ARG G 398 30.06 38.08 30.33
N PHE G 399 28.74 37.87 30.24
CA PHE G 399 28.05 37.87 28.95
C PHE G 399 27.14 39.07 28.73
N LEU G 400 26.31 39.37 29.73
CA LEU G 400 25.37 40.47 29.61
C LEU G 400 25.17 41.25 30.92
N GLU G 401 24.75 42.50 30.77
CA GLU G 401 24.49 43.38 31.88
C GLU G 401 23.04 43.81 31.79
N VAL G 402 22.30 43.55 32.86
CA VAL G 402 20.86 43.80 32.92
C VAL G 402 20.57 44.91 33.91
N THR G 403 19.86 45.93 33.45
CA THR G 403 19.50 47.06 34.28
C THR G 403 18.01 47.08 34.56
N TYR G 404 17.66 46.79 35.80
CA TYR G 404 16.28 46.81 36.26
C TYR G 404 15.77 48.23 36.55
N ALA G 405 14.45 48.37 36.54
CA ALA G 405 13.77 49.64 36.75
C ALA G 405 14.09 50.30 38.09
N ASN G 406 14.47 49.51 39.08
CA ASN G 406 14.70 50.05 40.41
C ASN G 406 16.15 50.48 40.58
N GLY G 407 16.93 50.36 39.51
CA GLY G 407 18.30 50.82 39.51
C GLY G 407 19.31 49.74 39.87
N ASP G 408 18.82 48.59 40.29
CA ASP G 408 19.69 47.45 40.53
C ASP G 408 20.21 46.94 39.18
N LYS G 409 21.50 46.64 39.13
CA LYS G 409 22.08 46.03 37.94
C LYS G 409 22.60 44.64 38.23
N GLU G 410 22.26 43.69 37.36
CA GLU G 410 22.70 42.32 37.49
C GLU G 410 23.65 41.96 36.36
N VAL G 411 24.65 41.14 36.65
CA VAL G 411 25.57 40.65 35.65
C VAL G 411 25.27 39.19 35.29
N MET G 412 25.15 38.91 34.00
CA MET G 412 24.90 37.55 33.55
C MET G 412 26.17 36.98 32.95
N TYR G 413 26.63 35.86 33.51
CA TYR G 413 27.77 35.14 32.96
C TYR G 413 27.28 34.16 31.90
N PHE G 414 28.21 33.49 31.23
CA PHE G 414 27.84 32.56 30.16
C PHE G 414 27.24 31.29 30.72
N LYS G 415 27.41 31.09 32.02
CA LYS G 415 26.97 29.87 32.65
C LYS G 415 25.45 29.78 32.59
N ASP G 416 24.79 30.93 32.63
CA ASP G 416 23.34 30.96 32.55
C ASP G 416 22.85 30.85 31.11
N PHE G 417 23.66 31.29 30.15
CA PHE G 417 23.27 31.31 28.73
C PHE G 417 23.80 30.21 27.81
N ASN G 418 24.47 29.20 28.34
CA ASN G 418 24.98 28.15 27.46
C ASN G 418 23.87 27.33 26.79
N SER G 419 24.20 26.71 25.66
CA SER G 419 23.27 25.86 24.95
C SER G 419 24.02 24.80 24.15
N GLY G 420 23.36 23.66 23.90
CA GLY G 420 23.95 22.57 23.15
C GLY G 420 24.54 23.01 21.82
N ALA G 421 23.84 23.92 21.15
CA ALA G 421 24.29 24.44 19.86
C ALA G 421 25.63 25.16 20.03
N MET G 422 25.77 25.86 21.14
CA MET G 422 27.00 26.59 21.41
C MET G 422 28.14 25.61 21.71
N ILE G 423 27.81 24.52 22.40
CA ILE G 423 28.77 23.48 22.71
C ILE G 423 29.32 22.85 21.44
N GLN G 424 28.41 22.34 20.60
CA GLN G 424 28.79 21.82 19.29
C GLN G 424 29.60 22.86 18.50
N ASN G 425 29.23 24.13 18.62
CA ASN G 425 29.97 25.19 17.94
C ASN G 425 31.42 25.24 18.40
N VAL G 426 31.60 25.19 19.72
CA VAL G 426 32.93 25.23 20.33
C VAL G 426 33.76 24.06 19.82
N VAL G 427 33.17 22.88 19.86
CA VAL G 427 33.78 21.68 19.30
C VAL G 427 34.25 21.95 17.86
N ASP G 428 33.30 22.20 16.96
CA ASP G 428 33.58 22.42 15.54
C ASP G 428 34.63 23.50 15.26
N ARG G 429 34.80 24.42 16.20
CA ARG G 429 35.87 25.41 16.06
C ARG G 429 37.20 24.80 16.48
N ALA G 430 37.18 24.04 17.57
CA ALA G 430 38.41 23.46 18.12
C ALA G 430 38.99 22.38 17.22
N LYS G 431 38.12 21.67 16.50
CA LYS G 431 38.57 20.72 15.49
C LYS G 431 39.39 21.46 14.43
N LYS G 432 38.82 22.56 13.94
CA LYS G 432 39.48 23.40 12.96
C LYS G 432 40.82 23.89 13.50
N ASN G 433 40.85 24.18 14.80
CA ASN G 433 42.07 24.61 15.48
C ASN G 433 43.12 23.49 15.55
N ALA G 434 42.64 22.25 15.63
CA ALA G 434 43.52 21.10 15.66
C ALA G 434 44.12 20.88 14.28
N ILE G 435 43.27 20.92 13.25
CA ILE G 435 43.73 20.84 11.86
C ILE G 435 44.73 21.96 11.55
N LYS G 436 44.43 23.15 12.03
CA LYS G 436 45.28 24.32 11.81
C LYS G 436 46.58 24.21 12.59
N SER G 437 46.56 23.43 13.67
CA SER G 437 47.79 23.13 14.39
C SER G 437 48.59 22.05 13.68
N VAL G 438 47.88 21.16 12.98
CA VAL G 438 48.51 20.04 12.29
C VAL G 438 49.23 20.49 11.02
N LEU G 439 48.60 21.41 10.28
CA LEU G 439 49.18 21.84 9.01
C LEU G 439 50.28 22.89 9.18
N GLU G 440 50.57 23.25 10.42
CA GLU G 440 51.65 24.18 10.71
C GLU G 440 52.72 23.54 11.59
N THR G 441 52.34 23.14 12.80
CA THR G 441 53.31 22.56 13.72
C THR G 441 53.70 21.15 13.29
N GLY G 442 52.87 20.52 12.47
CA GLY G 442 53.18 19.25 11.86
C GLY G 442 52.78 18.03 12.66
N GLN G 443 52.66 18.17 13.97
CA GLN G 443 52.29 17.05 14.82
C GLN G 443 50.76 17.00 14.98
N PRO G 444 50.19 15.78 15.01
CA PRO G 444 48.73 15.61 15.01
C PRO G 444 48.08 15.80 16.37
N GLY G 445 46.77 15.58 16.44
CA GLY G 445 46.06 15.58 17.70
C GLY G 445 45.38 16.89 18.07
N LEU G 446 44.31 16.79 18.84
CA LEU G 446 43.64 17.97 19.40
C LEU G 446 44.10 18.21 20.82
N ARG G 447 44.47 19.46 21.12
CA ARG G 447 44.94 19.84 22.44
C ARG G 447 43.82 20.52 23.24
N ILE G 448 43.82 20.33 24.55
CA ILE G 448 42.87 21.02 25.42
C ILE G 448 43.02 22.53 25.25
N GLN G 449 44.18 22.94 24.75
CA GLN G 449 44.45 24.34 24.44
C GLN G 449 43.63 24.80 23.23
N HIS G 450 43.34 23.87 22.33
CA HIS G 450 42.49 24.18 21.18
C HIS G 450 41.07 24.47 21.66
N LEU G 451 40.57 23.63 22.56
CA LEU G 451 39.25 23.84 23.15
C LEU G 451 39.19 25.15 23.93
N LEU G 452 40.13 25.34 24.85
CA LEU G 452 40.18 26.56 25.65
C LEU G 452 40.26 27.81 24.78
N ASP G 453 41.03 27.75 23.71
CA ASP G 453 41.17 28.88 22.80
C ASP G 453 39.94 29.05 21.92
N SER G 454 39.15 27.99 21.82
CA SER G 454 37.90 28.05 21.07
C SER G 454 36.79 28.69 21.90
N ILE G 455 36.77 28.40 23.19
CA ILE G 455 35.70 28.87 24.06
C ILE G 455 35.65 30.38 24.09
N VAL G 456 36.80 31.01 24.28
CA VAL G 456 36.84 32.47 24.35
C VAL G 456 36.40 33.07 23.01
N ASP G 457 36.67 32.35 21.92
CA ASP G 457 36.23 32.79 20.60
C ASP G 457 34.72 32.79 20.50
N GLU G 458 34.11 31.66 20.83
CA GLU G 458 32.67 31.53 20.76
C GLU G 458 32.01 32.57 21.64
N PHE G 459 32.60 32.79 22.80
CA PHE G 459 32.11 33.78 23.74
C PHE G 459 32.13 35.19 23.16
N ALA G 460 33.30 35.61 22.66
CA ALA G 460 33.46 36.95 22.10
C ALA G 460 32.56 37.17 20.88
N GLU G 461 32.39 36.11 20.09
CA GLU G 461 31.53 36.16 18.91
C GLU G 461 30.07 36.27 19.32
N ASN G 462 29.73 35.71 20.47
CA ASN G 462 28.37 35.85 21.00
C ASN G 462 28.16 37.24 21.62
N GLU G 463 29.23 37.82 22.14
CA GLU G 463 29.17 39.16 22.69
C GLU G 463 28.87 40.16 21.58
N ASP G 464 29.58 40.00 20.47
CA ASP G 464 29.46 40.92 19.35
C ASP G 464 28.13 40.75 18.61
N LEU G 465 27.67 39.51 18.52
CA LEU G 465 26.41 39.19 17.87
C LEU G 465 25.59 38.25 18.76
N PRO G 466 24.78 38.83 19.66
CA PRO G 466 24.00 38.08 20.65
C PRO G 466 22.61 37.68 20.18
N ASN G 467 22.53 36.88 19.12
CA ASN G 467 21.23 36.48 18.58
C ASN G 467 20.74 35.15 19.16
N THR G 468 21.55 34.55 20.02
CA THR G 468 21.18 33.32 20.71
C THR G 468 20.24 33.60 21.88
N THR G 469 20.25 34.86 22.35
CA THR G 469 19.30 35.32 23.36
C THR G 469 17.95 35.59 22.72
N ASN G 470 16.88 35.56 23.53
CA ASN G 470 15.54 35.97 23.06
C ASN G 470 14.67 36.42 24.24
N PRO G 471 13.46 36.98 23.97
CA PRO G 471 12.64 37.51 25.07
C PRO G 471 12.22 36.51 26.13
N ASP G 472 12.23 35.22 25.79
CA ASP G 472 12.01 34.14 26.73
C ASP G 472 12.90 34.38 27.95
N ASP G 473 14.18 34.64 27.67
CA ASP G 473 15.17 34.84 28.71
C ASP G 473 14.90 36.03 29.60
N TRP G 474 14.56 37.17 28.99
CA TRP G 474 14.34 38.37 29.78
C TRP G 474 13.12 38.17 30.65
N ALA G 475 12.17 37.38 30.15
CA ALA G 475 11.04 36.98 30.97
C ALA G 475 11.52 36.22 32.20
N ARG G 476 12.38 35.22 32.00
CA ARG G 476 12.87 34.43 33.13
C ARG G 476 13.66 35.28 34.12
N ILE G 477 14.58 36.09 33.58
CA ILE G 477 15.47 36.94 34.37
C ILE G 477 14.70 37.96 35.21
N SER G 478 13.88 38.77 34.53
CA SER G 478 13.01 39.70 35.23
C SER G 478 12.15 38.97 36.25
N GLY G 479 11.70 37.78 35.88
CA GLY G 479 10.86 36.98 36.74
C GLY G 479 11.55 36.68 38.06
N LYS G 480 12.79 36.20 37.96
CA LYS G 480 13.57 35.83 39.13
C LYS G 480 13.97 37.06 39.94
N LYS G 481 14.19 38.18 39.28
CA LYS G 481 14.53 39.41 40.00
C LYS G 481 13.35 39.91 40.80
N GLY G 482 12.20 40.03 40.16
CA GLY G 482 11.04 40.61 40.79
C GLY G 482 10.86 42.04 40.33
N GLU G 483 11.64 42.43 39.32
CA GLU G 483 11.53 43.77 38.75
C GLU G 483 11.58 43.73 37.22
N ARG G 484 11.22 44.85 36.59
CA ARG G 484 11.21 44.94 35.14
C ARG G 484 12.60 45.31 34.62
N ILE G 485 12.97 44.76 33.47
CA ILE G 485 14.23 45.16 32.84
C ILE G 485 14.04 46.44 32.01
N VAL G 486 14.74 47.50 32.40
CA VAL G 486 14.74 48.72 31.58
C VAL G 486 15.95 48.92 30.65
N TYR G 487 17.01 48.13 30.79
CA TYR G 487 18.14 48.23 29.85
C TYR G 487 18.97 46.94 29.77
N ILE G 488 19.54 46.64 28.61
CA ILE G 488 20.39 45.45 28.48
C ILE G 488 21.55 45.69 27.53
N ARG G 489 22.76 45.25 27.91
CA ARG G 489 23.88 45.35 26.96
C ARG G 489 24.84 44.18 27.08
N THR G 490 25.54 43.86 26.00
CA THR G 490 26.58 42.82 26.07
C THR G 490 27.90 43.38 26.58
N LEU G 491 28.63 42.59 27.35
CA LEU G 491 29.91 43.01 27.88
C LEU G 491 31.05 42.36 27.11
N VAL G 492 32.12 43.12 26.86
CA VAL G 492 33.28 42.57 26.16
C VAL G 492 34.51 42.57 27.05
N THR G 493 35.37 41.58 26.82
CA THR G 493 36.58 41.43 27.58
C THR G 493 37.63 42.45 27.14
N GLY G 494 37.46 42.97 25.94
CA GLY G 494 38.37 43.98 25.40
C GLY G 494 39.64 43.38 24.84
N LYS G 495 39.81 42.08 25.04
CA LYS G 495 41.00 41.36 24.60
C LYS G 495 40.87 40.89 23.16
N SER G 496 39.76 41.22 22.52
CA SER G 496 39.48 40.77 21.16
C SER G 496 38.85 41.89 20.32
N SER G 497 38.39 41.54 19.12
CA SER G 497 37.81 42.51 18.21
C SER G 497 36.32 42.74 18.49
N SER G 498 35.82 42.04 19.50
CA SER G 498 34.43 42.19 19.94
C SER G 498 34.19 43.53 20.63
N ALA G 499 33.00 44.10 20.42
CA ALA G 499 32.65 45.38 21.01
C ALA G 499 31.30 45.31 21.74
N SER G 500 31.22 45.95 22.90
CA SER G 500 29.99 45.94 23.68
C SER G 500 28.88 46.67 22.96
N ARG G 501 27.72 46.03 22.86
CA ARG G 501 26.58 46.63 22.18
C ARG G 501 25.30 46.50 23.02
N ALA G 502 24.45 47.51 22.92
CA ALA G 502 23.19 47.56 23.66
C ALA G 502 22.12 46.70 22.99
N ILE G 503 21.46 45.86 23.77
CA ILE G 503 20.39 45.03 23.22
C ILE G 503 19.01 45.63 23.50
N ASP G 504 18.17 45.67 22.47
CA ASP G 504 16.81 46.15 22.66
C ASP G 504 15.87 44.98 22.96
N THR G 505 14.97 45.20 23.91
CA THR G 505 13.99 44.19 24.29
C THR G 505 12.74 44.30 23.44
N MET H 1 -28.07 10.69 -46.43
CA MET H 1 -28.49 10.15 -45.14
C MET H 1 -27.68 10.60 -43.89
N PRO H 2 -26.74 11.58 -44.03
CA PRO H 2 -26.30 12.10 -42.73
C PRO H 2 -27.36 12.99 -42.11
N SER H 3 -27.02 13.62 -40.99
CA SER H 3 -28.00 14.39 -40.21
C SER H 3 -27.32 15.14 -39.08
N GLY H 4 -28.01 16.16 -38.57
CA GLY H 4 -27.42 17.07 -37.61
C GLY H 4 -28.45 17.53 -36.60
N TYR H 5 -27.97 18.11 -35.50
CA TYR H 5 -28.83 18.35 -34.35
C TYR H 5 -29.06 19.84 -34.11
N GLY H 6 -30.19 20.15 -33.49
CA GLY H 6 -30.50 21.51 -33.15
C GLY H 6 -31.29 21.57 -31.86
N VAL H 7 -31.38 22.75 -31.26
CA VAL H 7 -32.12 22.89 -30.01
C VAL H 7 -33.49 23.50 -30.25
N LEU H 8 -34.55 22.75 -29.93
CA LEU H 8 -35.90 23.25 -30.13
C LEU H 8 -36.24 24.37 -29.15
N LEU H 9 -36.58 25.55 -29.69
CA LEU H 9 -36.90 26.73 -28.87
C LEU H 9 -38.40 27.01 -28.68
N ALA H 10 -39.18 27.08 -29.77
CA ALA H 10 -40.62 27.28 -29.64
C ALA H 10 -41.41 26.48 -30.66
N THR H 11 -42.63 26.12 -30.28
CA THR H 11 -43.53 25.35 -31.12
C THR H 11 -44.70 26.21 -31.59
N HIS H 12 -45.16 25.97 -32.80
CA HIS H 12 -46.27 26.74 -33.36
C HIS H 12 -47.51 25.89 -33.56
N ASP H 13 -48.57 26.50 -34.08
CA ASP H 13 -49.85 25.83 -34.26
C ASP H 13 -49.96 25.09 -35.60
N ASP H 14 -49.10 25.43 -36.56
CA ASP H 14 -49.23 24.93 -37.92
C ASP H 14 -48.36 23.71 -38.25
N ASP H 15 -47.74 23.13 -37.23
CA ASP H 15 -46.75 22.04 -37.36
C ASP H 15 -45.44 22.52 -37.97
N THR H 16 -45.03 23.72 -37.57
CA THR H 16 -43.66 24.18 -37.81
C THR H 16 -43.04 24.49 -36.45
N VAL H 17 -41.72 24.60 -36.42
CA VAL H 17 -41.00 24.69 -35.16
C VAL H 17 -39.73 25.55 -35.26
N ASP H 18 -39.48 26.33 -34.21
CA ASP H 18 -38.25 27.11 -34.11
C ASP H 18 -37.11 26.25 -33.60
N VAL H 19 -36.03 26.16 -34.38
CA VAL H 19 -34.87 25.39 -33.98
C VAL H 19 -33.62 26.27 -34.02
N PHE H 20 -32.85 26.27 -32.94
CA PHE H 20 -31.55 26.94 -32.99
C PHE H 20 -30.48 25.95 -33.38
N THR H 21 -29.91 26.15 -34.57
CA THR H 21 -28.93 25.25 -35.13
C THR H 21 -27.87 26.01 -35.91
N SER H 22 -26.63 25.57 -35.77
CA SER H 22 -25.51 26.17 -36.48
C SER H 22 -25.48 27.67 -36.25
N GLY H 23 -25.66 28.06 -34.99
CA GLY H 23 -25.60 29.46 -34.60
C GLY H 23 -26.72 30.34 -35.12
N ARG H 24 -27.77 29.73 -35.64
CA ARG H 24 -28.90 30.50 -36.15
C ARG H 24 -30.26 30.01 -35.64
N LYS H 25 -31.10 30.95 -35.24
CA LYS H 25 -32.51 30.70 -35.03
C LYS H 25 -33.16 30.44 -36.38
N MET H 26 -33.82 29.30 -36.53
CA MET H 26 -34.49 28.96 -37.78
C MET H 26 -35.93 28.49 -37.52
N ARG H 27 -36.71 28.40 -38.59
CA ARG H 27 -38.07 27.88 -38.50
C ARG H 27 -38.26 26.79 -39.56
N LEU H 28 -38.45 25.56 -39.09
CA LEU H 28 -38.48 24.41 -39.99
C LEU H 28 -39.81 23.67 -39.92
N THR H 29 -40.18 23.01 -41.01
CA THR H 29 -41.38 22.18 -40.99
C THR H 29 -41.08 20.87 -40.26
N CYS H 30 -42.13 20.24 -39.76
CA CYS H 30 -42.00 18.99 -39.02
C CYS H 30 -42.38 17.78 -39.87
N SER H 31 -41.64 16.70 -39.69
CA SER H 31 -41.96 15.43 -40.31
C SER H 31 -43.30 14.91 -39.80
N PRO H 32 -44.03 14.15 -40.63
CA PRO H 32 -45.26 13.48 -40.19
C PRO H 32 -44.99 12.55 -39.02
N ASN H 33 -43.82 11.93 -39.03
CA ASN H 33 -43.33 11.13 -37.91
C ASN H 33 -43.43 11.90 -36.60
N ILE H 34 -42.97 13.14 -36.63
CA ILE H 34 -42.93 13.99 -35.44
C ILE H 34 -44.28 14.65 -35.17
N ASP H 35 -44.68 14.66 -33.89
CA ASP H 35 -45.83 15.44 -33.45
C ASP H 35 -45.37 16.76 -32.87
N ALA H 36 -45.93 17.86 -33.36
CA ALA H 36 -45.54 19.19 -32.92
C ALA H 36 -45.91 19.47 -31.46
N ALA H 37 -46.97 18.81 -31.00
CA ALA H 37 -47.51 19.06 -29.65
C ALA H 37 -46.72 18.36 -28.55
N SER H 38 -46.15 17.19 -28.86
CA SER H 38 -45.51 16.36 -27.85
C SER H 38 -44.04 16.74 -27.63
N LEU H 39 -43.61 17.80 -28.31
CA LEU H 39 -42.25 18.30 -28.19
C LEU H 39 -42.12 19.27 -27.03
N LYS H 40 -41.00 19.19 -26.32
CA LYS H 40 -40.77 20.03 -25.13
C LYS H 40 -39.59 20.99 -25.33
N LYS H 41 -39.65 22.15 -24.67
CA LYS H 41 -38.67 23.21 -24.89
C LYS H 41 -37.27 22.82 -24.43
N GLY H 42 -36.27 23.11 -25.26
CA GLY H 42 -34.88 22.83 -24.95
C GLY H 42 -34.45 21.50 -25.51
N GLN H 43 -35.43 20.67 -25.82
CA GLN H 43 -35.19 19.32 -26.32
C GLN H 43 -34.31 19.32 -27.56
N THR H 44 -33.29 18.48 -27.55
CA THR H 44 -32.41 18.40 -28.72
C THR H 44 -33.09 17.57 -29.78
N VAL H 45 -33.36 18.19 -30.92
CA VAL H 45 -33.97 17.52 -32.04
C VAL H 45 -32.95 17.21 -33.12
N ARG H 46 -33.40 16.49 -34.15
CA ARG H 46 -32.53 16.09 -35.24
C ARG H 46 -33.17 16.38 -36.60
N LEU H 47 -32.37 16.94 -37.50
CA LEU H 47 -32.81 17.31 -38.83
C LEU H 47 -31.93 16.68 -39.90
N ASN H 48 -32.53 16.43 -41.05
CA ASN H 48 -31.83 15.91 -42.21
C ASN H 48 -31.31 17.04 -43.10
N GLU H 49 -30.86 16.69 -44.30
CA GLU H 49 -30.20 17.65 -45.17
C GLU H 49 -31.14 18.74 -45.68
N ALA H 50 -32.42 18.43 -45.73
CA ALA H 50 -33.42 19.38 -46.21
C ALA H 50 -33.91 20.29 -45.08
N LEU H 51 -33.33 20.10 -43.90
CA LEU H 51 -33.74 20.80 -42.68
C LEU H 51 -35.20 20.54 -42.31
N THR H 52 -35.58 19.27 -42.34
CA THR H 52 -36.86 18.84 -41.79
C THR H 52 -36.56 18.18 -40.45
N VAL H 53 -37.34 18.47 -39.41
CA VAL H 53 -37.02 17.85 -38.13
C VAL H 53 -37.56 16.43 -38.15
N VAL H 54 -36.65 15.46 -38.12
CA VAL H 54 -37.04 14.07 -38.30
C VAL H 54 -37.16 13.22 -37.03
N GLU H 55 -36.63 13.71 -35.91
CA GLU H 55 -36.65 12.92 -34.69
C GLU H 55 -36.57 13.78 -33.43
N ALA H 56 -37.22 13.32 -32.36
CA ALA H 56 -37.09 13.99 -31.08
C ALA H 56 -35.82 13.51 -30.39
N GLY H 57 -35.58 13.96 -29.16
CA GLY H 57 -34.39 13.54 -28.46
C GLY H 57 -34.31 14.05 -27.04
N THR H 58 -33.13 13.91 -26.44
CA THR H 58 -32.87 14.34 -25.07
C THR H 58 -32.53 15.82 -25.02
N PHE H 59 -31.98 16.25 -23.89
CA PHE H 59 -31.51 17.62 -23.69
C PHE H 59 -29.99 17.61 -23.56
N GLU H 60 -29.32 18.70 -23.87
CA GLU H 60 -27.87 18.75 -23.79
C GLU H 60 -27.38 18.50 -22.36
N ALA H 61 -26.52 17.49 -22.21
CA ALA H 61 -26.02 17.10 -20.89
C ALA H 61 -24.68 17.75 -20.55
N VAL H 62 -24.06 18.41 -21.51
CA VAL H 62 -22.79 19.07 -21.24
C VAL H 62 -22.80 20.51 -21.73
N GLY H 63 -22.03 21.37 -21.09
CA GLY H 63 -22.03 22.78 -21.44
C GLY H 63 -21.47 23.64 -20.33
N GLU H 64 -21.77 24.94 -20.38
CA GLU H 64 -21.19 25.85 -19.41
C GLU H 64 -21.96 25.77 -18.10
N ILE H 65 -21.30 26.12 -16.99
CA ILE H 65 -21.97 26.13 -15.69
C ILE H 65 -22.13 27.55 -15.17
N SER H 66 -23.37 27.91 -14.87
CA SER H 66 -23.68 29.28 -14.46
C SER H 66 -24.63 29.29 -13.28
N THR H 67 -24.29 30.04 -12.24
CA THR H 67 -25.07 30.06 -11.01
C THR H 67 -26.33 30.92 -11.15
N LEU H 68 -27.49 30.31 -11.00
CA LEU H 68 -28.72 31.08 -11.19
C LEU H 68 -29.26 31.76 -9.93
N ARG H 69 -29.10 33.07 -9.90
CA ARG H 69 -29.57 33.89 -8.79
C ARG H 69 -31.09 33.93 -8.66
N GLU H 70 -31.78 34.07 -9.79
CA GLU H 70 -33.24 34.16 -9.77
C GLU H 70 -34.01 33.81 -11.04
N ILE H 71 -35.31 33.57 -10.84
CA ILE H 71 -36.29 33.25 -11.86
C ILE H 71 -37.07 34.54 -12.17
N LEU H 72 -37.36 34.76 -13.44
CA LEU H 72 -38.00 36.02 -13.86
C LEU H 72 -39.49 36.06 -13.53
N ALA H 73 -40.11 37.17 -13.92
CA ALA H 73 -41.55 37.37 -13.72
C ALA H 73 -42.36 36.23 -14.35
N ASP H 74 -42.26 36.08 -15.67
CA ASP H 74 -42.99 35.05 -16.39
C ASP H 74 -42.70 33.64 -15.85
N GLY H 75 -41.53 33.46 -15.26
CA GLY H 75 -41.17 32.19 -14.65
C GLY H 75 -40.62 31.17 -15.63
N HIS H 76 -40.67 31.48 -16.92
CA HIS H 76 -40.12 30.61 -17.95
C HIS H 76 -38.72 31.03 -18.40
N ARG H 77 -38.21 32.07 -17.76
CA ARG H 77 -36.86 32.56 -18.03
C ARG H 77 -36.09 32.71 -16.72
N ALA H 78 -34.78 32.50 -16.77
CA ALA H 78 -33.94 32.65 -15.58
C ALA H 78 -32.77 33.59 -15.84
N LEU H 79 -32.47 34.45 -14.87
CA LEU H 79 -31.30 35.31 -14.96
C LEU H 79 -30.14 34.58 -14.31
N VAL H 80 -29.13 34.22 -15.10
CA VAL H 80 -27.98 33.52 -14.55
C VAL H 80 -26.72 34.38 -14.61
N VAL H 81 -25.64 33.88 -14.00
CA VAL H 81 -24.41 34.64 -13.86
C VAL H 81 -23.18 33.76 -14.11
N GLY H 82 -22.35 34.21 -15.04
CA GLY H 82 -21.14 33.48 -15.37
C GLY H 82 -20.04 33.72 -14.35
N HIS H 83 -18.98 32.95 -14.47
CA HIS H 83 -17.80 33.08 -13.61
C HIS H 83 -17.30 34.52 -13.59
N ALA H 84 -17.41 35.17 -14.75
CA ALA H 84 -16.79 36.47 -14.99
C ALA H 84 -17.72 37.60 -14.59
N ASP H 85 -18.85 37.24 -13.96
CA ASP H 85 -19.88 38.17 -13.46
C ASP H 85 -20.85 38.59 -14.55
N GLU H 86 -20.64 38.09 -15.77
CA GLU H 86 -21.58 38.35 -16.86
C GLU H 86 -22.94 37.73 -16.56
N GLU H 87 -23.98 38.52 -16.78
CA GLU H 87 -25.35 38.10 -16.49
C GLU H 87 -26.11 37.85 -17.77
N ARG H 88 -26.86 36.76 -17.82
CA ARG H 88 -27.59 36.39 -19.03
C ARG H 88 -29.01 35.92 -18.72
N VAL H 89 -29.97 36.46 -19.45
CA VAL H 89 -31.31 35.89 -19.41
C VAL H 89 -31.33 34.66 -20.31
N VAL H 90 -31.80 33.53 -19.78
CA VAL H 90 -31.91 32.31 -20.57
C VAL H 90 -33.32 31.74 -20.46
N TRP H 91 -33.67 30.86 -21.38
CA TRP H 91 -34.90 30.08 -21.26
C TRP H 91 -34.72 28.98 -20.24
N LEU H 92 -35.83 28.50 -19.68
CA LEU H 92 -35.80 27.31 -18.83
C LEU H 92 -36.41 26.14 -19.56
N ALA H 93 -35.64 25.09 -19.77
CA ALA H 93 -36.12 23.90 -20.47
C ALA H 93 -37.19 23.20 -19.64
N ASP H 94 -37.97 22.34 -20.31
CA ASP H 94 -39.10 21.64 -19.70
C ASP H 94 -38.87 21.01 -18.32
N PRO H 95 -37.76 20.28 -18.12
CA PRO H 95 -37.59 19.67 -16.79
C PRO H 95 -37.43 20.69 -15.65
N LEU H 96 -36.96 21.89 -15.98
CA LEU H 96 -36.73 22.90 -14.96
C LEU H 96 -38.02 23.61 -14.52
N ILE H 97 -38.94 23.83 -15.46
CA ILE H 97 -40.22 24.43 -15.11
C ILE H 97 -41.34 23.41 -14.87
N ALA H 98 -40.97 22.13 -14.90
CA ALA H 98 -41.93 21.04 -14.68
C ALA H 98 -42.70 21.19 -13.36
N GLU H 99 -44.01 21.00 -13.39
CA GLU H 99 -44.85 21.21 -12.21
C GLU H 99 -45.05 19.95 -11.39
N ASP H 100 -44.37 18.87 -11.78
CA ASP H 100 -44.48 17.58 -11.10
C ASP H 100 -43.39 17.24 -10.08
N LEU H 101 -42.51 18.20 -9.80
CA LEU H 101 -41.31 17.95 -8.98
C LEU H 101 -41.58 17.16 -7.69
N PRO H 102 -40.78 16.11 -7.46
CA PRO H 102 -40.83 15.18 -6.32
C PRO H 102 -40.36 15.83 -5.03
N ASP H 103 -40.13 15.02 -4.00
CA ASP H 103 -39.37 15.48 -2.83
C ASP H 103 -37.89 15.21 -3.05
N GLY H 104 -37.05 16.19 -2.73
CA GLY H 104 -35.62 15.97 -2.73
C GLY H 104 -35.23 15.54 -1.33
N LEU H 105 -33.96 15.12 -1.16
CA LEU H 105 -33.36 14.59 0.10
C LEU H 105 -31.81 14.63 0.00
N PRO H 106 -31.03 14.41 1.07
CA PRO H 106 -29.58 14.56 0.87
C PRO H 106 -28.81 13.36 0.30
N GLU H 107 -27.57 13.63 -0.13
CA GLU H 107 -26.60 12.60 -0.46
C GLU H 107 -26.38 11.64 0.71
N THR H 113 -28.49 16.03 -4.77
CA THR H 113 -28.37 14.87 -5.64
C THR H 113 -29.74 14.32 -6.04
N ARG H 114 -30.80 15.00 -5.61
CA ARG H 114 -32.17 14.63 -6.00
C ARG H 114 -32.94 15.87 -6.47
N PRO H 115 -33.75 15.70 -7.55
CA PRO H 115 -34.41 16.84 -8.20
C PRO H 115 -35.54 17.48 -7.39
N ARG H 116 -35.40 18.78 -7.10
CA ARG H 116 -36.47 19.63 -6.56
C ARG H 116 -36.13 21.13 -6.57
N LYS H 117 -37.16 21.97 -6.43
CA LYS H 117 -37.05 23.32 -5.83
C LYS H 117 -35.99 24.38 -6.26
N LEU H 118 -35.91 24.71 -7.55
CA LEU H 118 -34.90 25.67 -8.02
C LEU H 118 -34.93 26.97 -7.24
N ARG H 119 -33.79 27.65 -7.17
CA ARG H 119 -33.62 28.83 -6.30
C ARG H 119 -32.24 29.44 -6.50
N PRO H 120 -32.04 30.68 -6.02
CA PRO H 120 -30.73 31.35 -6.14
C PRO H 120 -29.56 30.47 -5.71
N GLY H 121 -28.44 30.60 -6.42
CA GLY H 121 -27.22 29.89 -6.06
C GLY H 121 -27.08 28.54 -6.73
N ASP H 122 -28.18 28.00 -7.23
CA ASP H 122 -28.18 26.69 -7.88
C ASP H 122 -27.42 26.71 -9.19
N SER H 123 -26.43 25.83 -9.31
CA SER H 123 -25.61 25.81 -10.50
C SER H 123 -26.36 25.17 -11.66
N LEU H 124 -26.46 25.91 -12.76
CA LEU H 124 -27.20 25.47 -13.93
C LEU H 124 -26.28 25.13 -15.10
N LEU H 125 -26.71 24.17 -15.91
CA LEU H 125 -26.04 23.83 -17.14
C LEU H 125 -26.65 24.64 -18.28
N VAL H 126 -25.86 25.52 -18.89
CA VAL H 126 -26.38 26.41 -19.90
C VAL H 126 -25.70 26.28 -21.25
N ASP H 127 -26.48 26.58 -22.28
CA ASP H 127 -26.01 26.83 -23.65
C ASP H 127 -26.24 28.30 -23.94
N THR H 128 -25.18 29.11 -23.99
CA THR H 128 -25.35 30.55 -24.06
C THR H 128 -25.76 31.04 -25.45
N LYS H 129 -25.40 30.28 -26.48
CA LYS H 129 -25.75 30.65 -27.85
C LYS H 129 -27.24 30.44 -28.13
N ALA H 130 -27.74 29.27 -27.75
CA ALA H 130 -29.17 28.96 -27.88
C ALA H 130 -29.97 29.64 -26.79
N GLY H 131 -29.29 30.04 -25.72
CA GLY H 131 -29.93 30.77 -24.63
C GLY H 131 -30.86 29.93 -23.78
N TYR H 132 -30.39 28.76 -23.36
CA TYR H 132 -31.20 27.84 -22.58
C TYR H 132 -30.48 27.37 -21.31
N ALA H 133 -31.27 26.99 -20.31
CA ALA H 133 -30.76 26.28 -19.14
C ALA H 133 -31.44 24.91 -19.08
N PHE H 134 -30.66 23.86 -19.32
CA PHE H 134 -31.18 22.50 -19.44
C PHE H 134 -31.37 21.71 -18.12
N GLU H 135 -30.40 21.79 -17.21
CA GLU H 135 -30.40 20.93 -16.04
C GLU H 135 -29.65 21.55 -14.86
N ARG H 136 -29.95 21.10 -13.64
CA ARG H 136 -29.27 21.55 -12.43
C ARG H 136 -28.12 20.61 -12.06
N ILE H 137 -27.02 21.17 -11.58
CA ILE H 137 -25.88 20.35 -11.19
C ILE H 137 -25.61 20.43 -9.69
N PRO H 138 -25.71 19.28 -9.00
CA PRO H 138 -25.44 19.17 -7.56
C PRO H 138 -24.07 19.70 -7.19
N LYS H 139 -23.98 20.41 -6.07
CA LYS H 139 -22.75 21.10 -5.71
C LYS H 139 -22.56 21.30 -4.21
N ALA H 140 -21.33 21.21 -3.73
CA ALA H 140 -20.27 20.34 -4.24
C ALA H 140 -19.44 20.00 -3.04
N GLU H 141 -19.35 18.72 -2.66
CA GLU H 141 -18.52 18.29 -1.53
C GLU H 141 -19.06 18.88 -0.21
N VAL H 142 -20.09 19.71 -0.33
CA VAL H 142 -20.66 20.59 0.71
C VAL H 142 -21.27 19.83 1.93
N GLU H 143 -21.41 18.52 1.77
CA GLU H 143 -21.80 17.65 2.89
C GLU H 143 -20.82 17.75 4.06
N ASP H 144 -19.55 18.00 3.76
CA ASP H 144 -18.58 18.15 4.83
C ASP H 144 -19.00 19.30 5.75
N LEU H 145 -19.62 20.31 5.14
CA LEU H 145 -20.09 21.49 5.88
C LEU H 145 -21.32 21.24 6.75
N VAL H 146 -21.92 20.04 6.68
CA VAL H 146 -23.12 19.76 7.48
C VAL H 146 -22.77 19.64 8.97
N LEU H 147 -21.48 19.80 9.28
CA LEU H 147 -20.96 19.55 10.61
C LEU H 147 -21.77 20.21 11.73
N GLU H 148 -22.19 19.43 12.73
CA GLU H 148 -22.16 17.97 12.69
C GLU H 148 -23.19 17.38 13.67
N GLU H 149 -23.04 16.09 13.93
CA GLU H 149 -23.94 15.31 14.77
C GLU H 149 -23.99 15.77 16.24
N VAL H 150 -25.08 15.40 16.90
CA VAL H 150 -25.40 15.74 18.28
C VAL H 150 -24.45 15.10 19.32
N PRO H 151 -24.53 15.57 20.58
CA PRO H 151 -24.17 15.18 21.95
C PRO H 151 -24.85 13.85 22.32
N ASP H 152 -25.25 13.63 23.58
CA ASP H 152 -25.04 12.42 24.40
C ASP H 152 -24.16 12.67 25.63
N VAL H 153 -23.69 13.91 25.80
CA VAL H 153 -23.24 14.34 27.12
C VAL H 153 -24.32 15.22 27.78
N SER H 154 -24.55 15.04 29.08
CA SER H 154 -25.65 15.75 29.75
C SER H 154 -25.18 16.59 30.93
N TYR H 155 -26.12 17.24 31.60
CA TYR H 155 -25.80 18.08 32.76
C TYR H 155 -25.17 17.27 33.88
N ALA H 156 -25.52 16.00 33.97
CA ALA H 156 -25.00 15.13 35.03
C ALA H 156 -23.50 14.91 34.87
N ASP H 157 -23.01 15.06 33.64
CA ASP H 157 -21.59 14.88 33.34
C ASP H 157 -20.79 16.14 33.61
N ILE H 158 -21.48 17.27 33.67
CA ILE H 158 -20.85 18.54 33.99
C ILE H 158 -20.92 18.80 35.48
N GLY H 159 -19.79 19.08 36.10
CA GLY H 159 -19.77 19.37 37.52
C GLY H 159 -19.76 20.85 37.83
N GLY H 160 -20.19 21.19 39.05
CA GLY H 160 -19.94 22.48 39.66
C GLY H 160 -20.50 23.73 39.02
N LEU H 161 -21.27 23.56 37.95
CA LEU H 161 -21.91 24.68 37.26
C LEU H 161 -23.37 24.89 37.65
N SER H 162 -23.80 24.29 38.76
CA SER H 162 -25.20 24.28 39.16
C SER H 162 -25.96 25.61 39.00
N ARG H 163 -25.35 26.72 39.41
CA ARG H 163 -26.03 28.01 39.29
C ARG H 163 -26.14 28.49 37.85
N GLN H 164 -25.26 27.98 36.99
CA GLN H 164 -25.29 28.32 35.58
C GLN H 164 -26.28 27.48 34.78
N ILE H 165 -26.35 26.18 35.09
CA ILE H 165 -27.22 25.28 34.33
C ILE H 165 -28.68 25.72 34.46
N GLU H 166 -29.09 26.18 35.63
CA GLU H 166 -30.43 26.71 35.79
C GLU H 166 -30.64 27.88 34.82
N GLN H 167 -29.70 28.82 34.81
CA GLN H 167 -29.76 29.93 33.87
C GLN H 167 -29.91 29.45 32.43
N ILE H 168 -29.25 28.34 32.09
CA ILE H 168 -29.27 27.89 30.70
C ILE H 168 -30.57 27.20 30.33
N ARG H 169 -31.10 26.38 31.23
CA ARG H 169 -32.37 25.73 31.00
C ARG H 169 -33.47 26.79 30.93
N ASP H 170 -33.45 27.71 31.89
CA ASP H 170 -34.36 28.85 31.86
C ASP H 170 -34.24 29.62 30.54
N ALA H 171 -33.03 29.67 29.99
CA ALA H 171 -32.78 30.42 28.76
C ALA H 171 -33.14 29.66 27.49
N VAL H 172 -33.19 28.34 27.57
CA VAL H 172 -33.37 27.51 26.38
C VAL H 172 -34.47 26.45 26.51
N GLU H 173 -34.36 25.54 27.48
CA GLU H 173 -35.37 24.51 27.69
C GLU H 173 -36.73 25.09 28.04
N LEU H 174 -36.75 25.95 29.05
CA LEU H 174 -37.99 26.56 29.55
C LEU H 174 -38.82 27.30 28.47
N PRO H 175 -38.17 28.04 27.56
CA PRO H 175 -38.98 28.61 26.48
C PRO H 175 -39.66 27.56 25.61
N PHE H 176 -38.96 26.52 25.20
CA PHE H 176 -39.56 25.61 24.23
C PHE H 176 -40.53 24.64 24.92
N LEU H 177 -40.15 24.16 26.09
CA LEU H 177 -41.02 23.31 26.90
C LEU H 177 -42.36 23.98 27.20
N HIS H 178 -42.26 25.17 27.77
CA HIS H 178 -43.39 25.96 28.27
C HIS H 178 -43.90 27.10 27.37
N LYS H 179 -43.66 27.04 26.07
CA LYS H 179 -43.97 28.13 25.14
C LYS H 179 -45.25 28.90 25.50
N GLU H 180 -46.28 28.19 25.95
CA GLU H 180 -47.57 28.83 26.24
C GLU H 180 -47.51 29.85 27.38
N LEU H 181 -46.57 29.67 28.31
CA LEU H 181 -46.46 30.60 29.42
C LEU H 181 -45.78 31.87 28.94
N TYR H 182 -44.88 31.71 27.98
CA TYR H 182 -44.26 32.86 27.35
C TYR H 182 -45.33 33.62 26.60
N ARG H 183 -46.16 32.89 25.88
CA ARG H 183 -47.28 33.48 25.16
C ARG H 183 -48.18 34.28 26.10
N GLU H 184 -48.52 33.71 27.26
CA GLU H 184 -49.44 34.38 28.18
C GLU H 184 -48.82 35.62 28.82
N TYR H 185 -47.53 35.60 29.11
CA TYR H 185 -46.90 36.71 29.82
C TYR H 185 -46.29 37.76 28.90
N SER H 186 -46.57 37.63 27.61
CA SER H 186 -46.12 38.59 26.60
C SER H 186 -44.61 38.70 26.61
N LEU H 187 -43.95 37.60 26.91
CA LEU H 187 -42.50 37.57 26.93
C LEU H 187 -41.96 36.88 25.69
N ARG H 188 -41.26 37.66 24.86
CA ARG H 188 -40.59 37.09 23.71
C ARG H 188 -39.46 36.19 24.21
N PRO H 189 -39.43 34.93 23.74
CA PRO H 189 -38.38 34.01 24.13
C PRO H 189 -37.03 34.52 23.63
N PRO H 190 -35.95 34.26 24.37
CA PRO H 190 -34.62 34.77 23.97
C PRO H 190 -33.93 34.03 22.81
N LYS H 191 -33.55 34.81 21.80
CA LYS H 191 -32.86 34.32 20.60
C LYS H 191 -31.43 33.76 20.74
N GLY H 192 -30.60 34.43 21.54
CA GLY H 192 -29.21 34.02 21.70
C GLY H 192 -28.72 33.91 23.14
N VAL H 193 -27.65 33.15 23.35
CA VAL H 193 -27.13 32.97 24.70
C VAL H 193 -25.62 33.20 24.69
N LEU H 194 -25.11 34.00 25.63
CA LEU H 194 -23.67 34.28 25.68
C LEU H 194 -23.00 33.55 26.85
N LEU H 195 -22.00 32.75 26.52
CA LEU H 195 -21.24 32.02 27.51
C LEU H 195 -19.81 32.58 27.58
N TYR H 196 -19.50 33.30 28.66
CA TYR H 196 -18.21 33.94 28.77
C TYR H 196 -17.62 33.68 30.13
N GLY H 197 -16.34 34.00 30.26
CA GLY H 197 -15.61 33.78 31.50
C GLY H 197 -14.16 33.46 31.21
N PRO H 198 -13.45 32.97 32.22
CA PRO H 198 -12.05 32.59 32.10
C PRO H 198 -11.89 31.26 31.34
N PRO H 199 -10.74 31.04 30.67
CA PRO H 199 -10.32 29.87 29.88
C PRO H 199 -9.66 28.74 30.67
N GLY H 200 -10.41 27.79 31.21
CA GLY H 200 -11.84 27.73 31.06
C GLY H 200 -12.46 26.63 31.92
N CYS H 201 -13.72 26.83 32.29
CA CYS H 201 -14.52 25.80 32.94
C CYS H 201 -15.15 25.03 31.81
N GLY H 202 -14.75 25.44 30.62
CA GLY H 202 -15.16 24.92 29.33
C GLY H 202 -16.36 25.78 29.00
N LYS H 203 -16.37 26.33 27.79
CA LYS H 203 -17.54 27.04 27.28
C LYS H 203 -18.43 26.05 26.56
N THR H 204 -17.79 25.14 25.83
CA THR H 204 -18.45 24.27 24.86
C THR H 204 -19.25 23.13 25.47
N LEU H 205 -18.66 22.46 26.46
CA LEU H 205 -19.28 21.30 27.10
C LEU H 205 -20.71 21.59 27.52
N ILE H 206 -20.90 22.72 28.19
CA ILE H 206 -22.22 23.06 28.73
C ILE H 206 -23.23 23.32 27.63
N ALA H 207 -22.74 23.74 26.48
CA ALA H 207 -23.59 23.99 25.32
C ALA H 207 -24.04 22.67 24.72
N LYS H 208 -23.10 21.75 24.55
CA LYS H 208 -23.47 20.41 24.10
C LYS H 208 -24.53 19.84 25.05
N ALA H 209 -24.27 19.92 26.34
CA ALA H 209 -25.16 19.33 27.32
C ALA H 209 -26.57 19.95 27.33
N VAL H 210 -26.69 21.26 27.21
CA VAL H 210 -28.03 21.85 27.15
C VAL H 210 -28.70 21.45 25.84
N ALA H 211 -27.87 21.34 24.80
CA ALA H 211 -28.33 20.95 23.47
C ALA H 211 -29.04 19.61 23.53
N ASN H 212 -28.31 18.55 23.85
CA ASN H 212 -28.95 17.24 23.89
C ASN H 212 -29.96 17.09 25.03
N SER H 213 -29.79 17.86 26.11
CA SER H 213 -30.77 17.81 27.18
C SER H 213 -32.14 18.27 26.69
N LEU H 214 -32.13 19.26 25.82
CA LEU H 214 -33.36 19.70 25.17
C LEU H 214 -33.73 18.77 24.02
N ALA H 215 -32.73 18.12 23.44
CA ALA H 215 -32.93 17.34 22.22
C ALA H 215 -33.74 16.07 22.44
N LYS H 216 -33.91 15.61 23.68
CA LYS H 216 -34.95 14.62 23.91
C LYS H 216 -36.02 15.11 24.88
N LYS H 217 -37.08 15.71 24.34
CA LYS H 217 -38.31 15.91 25.09
C LYS H 217 -39.50 15.09 24.57
N MET H 218 -39.31 14.39 23.45
CA MET H 218 -40.47 13.89 22.71
C MET H 218 -41.08 12.64 23.35
N ALA H 219 -42.38 12.44 23.11
CA ALA H 219 -43.11 11.23 23.51
C ALA H 219 -42.96 10.90 24.99
N SER H 231 -34.85 16.96 17.90
CA SER H 231 -34.05 18.18 17.84
C SER H 231 -32.64 17.94 17.32
N TYR H 232 -32.11 18.90 16.58
CA TYR H 232 -30.82 18.78 15.93
C TYR H 232 -29.77 19.62 16.65
N PHE H 233 -28.51 19.18 16.63
CA PHE H 233 -27.40 19.99 17.13
C PHE H 233 -26.38 20.26 16.04
N LEU H 234 -25.70 21.41 16.14
CA LEU H 234 -24.66 21.78 15.20
C LEU H 234 -23.56 22.57 15.89
N ASN H 235 -22.31 22.39 15.48
CA ASN H 235 -21.19 23.09 16.09
C ASN H 235 -20.32 23.81 15.04
N ILE H 236 -19.95 25.06 15.34
CA ILE H 236 -19.02 25.82 14.48
C ILE H 236 -18.04 26.63 15.34
N LYS H 237 -16.76 26.61 14.99
CA LYS H 237 -15.77 27.31 15.81
C LYS H 237 -15.09 28.47 15.07
N GLY H 238 -14.71 29.49 15.85
CA GLY H 238 -13.98 30.64 15.35
C GLY H 238 -12.72 30.33 14.55
N PRO H 239 -11.90 29.37 15.01
CA PRO H 239 -10.77 28.94 14.19
C PRO H 239 -11.24 28.25 12.90
N GLU H 240 -11.94 29.03 12.08
CA GLU H 240 -12.51 28.59 10.82
C GLU H 240 -12.05 29.52 9.72
N LEU H 241 -12.35 30.82 9.87
CA LEU H 241 -12.02 31.76 8.81
C LEU H 241 -10.54 31.64 8.46
N LEU H 242 -10.23 31.08 7.29
CA LEU H 242 -8.83 30.95 6.93
C LEU H 242 -8.44 31.38 5.51
N ASN H 243 -7.75 32.51 5.38
CA ASN H 243 -7.49 33.42 6.47
C ASN H 243 -8.64 34.42 6.48
N LYS H 244 -9.01 34.81 5.26
CA LYS H 244 -10.10 35.75 4.98
C LYS H 244 -10.48 35.46 3.53
N PHE H 245 -11.72 35.63 3.13
CA PHE H 245 -11.99 35.56 1.71
C PHE H 245 -11.72 34.16 1.14
N VAL H 246 -11.44 33.18 1.99
CA VAL H 246 -11.48 31.78 1.55
C VAL H 246 -12.93 31.33 1.23
N GLY H 247 -13.09 30.10 0.78
CA GLY H 247 -14.42 29.55 0.52
C GLY H 247 -14.78 29.60 -0.95
N GLU H 248 -14.06 30.44 -1.70
CA GLU H 248 -14.28 30.61 -3.14
C GLU H 248 -15.71 31.05 -3.48
N THR H 249 -16.05 32.32 -3.21
CA THR H 249 -15.15 33.30 -2.62
C THR H 249 -15.81 34.06 -1.47
N GLU H 250 -15.30 33.84 -0.26
CA GLU H 250 -15.77 34.51 0.96
C GLU H 250 -17.28 34.34 1.18
N ARG H 251 -17.87 33.31 0.57
CA ARG H 251 -19.24 33.03 0.91
C ARG H 251 -19.34 31.66 1.56
N HIS H 252 -19.13 31.63 2.87
CA HIS H 252 -19.57 30.52 3.71
C HIS H 252 -20.63 30.93 4.72
N ILE H 253 -20.91 32.22 4.78
CA ILE H 253 -21.63 32.80 5.91
C ILE H 253 -23.03 32.23 6.03
N ARG H 254 -23.78 32.26 4.93
CA ARG H 254 -25.17 31.86 4.97
C ARG H 254 -25.39 30.35 4.93
N LEU H 255 -24.40 29.60 4.44
CA LEU H 255 -24.56 28.15 4.27
C LEU H 255 -25.04 27.44 5.54
N ILE H 256 -24.46 27.79 6.68
CA ILE H 256 -24.84 27.18 7.94
C ILE H 256 -26.19 27.70 8.43
N PHE H 257 -26.48 28.97 8.16
CA PHE H 257 -27.77 29.57 8.50
C PHE H 257 -28.87 28.97 7.63
N GLN H 258 -28.43 28.26 6.58
CA GLN H 258 -29.33 27.55 5.65
C GLN H 258 -29.54 26.12 6.18
N ARG H 259 -28.43 25.44 6.50
CA ARG H 259 -28.48 24.12 7.10
C ARG H 259 -29.33 24.10 8.38
N ALA H 260 -29.26 25.19 9.15
CA ALA H 260 -30.10 25.32 10.35
C ALA H 260 -31.57 25.56 10.00
N ARG H 261 -31.80 26.25 8.88
CA ARG H 261 -33.13 26.60 8.45
C ARG H 261 -33.91 25.37 7.97
N GLU H 262 -33.18 24.28 7.74
CA GLU H 262 -33.78 23.01 7.35
C GLU H 262 -34.61 22.43 8.48
N LYS H 263 -34.19 22.68 9.71
CA LYS H 263 -34.91 22.18 10.88
C LYS H 263 -35.85 23.25 11.43
N ALA H 264 -35.90 24.39 10.74
CA ALA H 264 -36.69 25.54 11.19
C ALA H 264 -38.19 25.30 11.01
N SER H 265 -38.60 25.13 9.76
CA SER H 265 -40.00 24.91 9.43
C SER H 265 -40.41 23.43 9.57
N GLU H 266 -39.45 22.60 9.99
CA GLU H 266 -39.69 21.17 10.21
C GLU H 266 -40.38 20.92 11.55
N GLY H 267 -40.18 21.82 12.50
CA GLY H 267 -40.72 21.63 13.83
C GLY H 267 -39.86 20.77 14.73
N THR H 268 -38.55 20.89 14.59
CA THR H 268 -37.62 20.41 15.62
C THR H 268 -36.54 21.46 15.82
N PRO H 269 -36.15 21.71 17.07
CA PRO H 269 -35.18 22.79 17.34
C PRO H 269 -33.74 22.41 17.03
N VAL H 270 -32.94 23.42 16.67
CA VAL H 270 -31.52 23.21 16.42
C VAL H 270 -30.73 24.42 16.92
N ILE H 271 -29.52 24.16 17.41
CA ILE H 271 -28.71 25.17 18.09
C ILE H 271 -27.39 25.43 17.38
N VAL H 272 -27.16 26.68 17.00
CA VAL H 272 -25.90 27.08 16.40
C VAL H 272 -24.90 27.49 17.49
N PHE H 273 -23.80 26.74 17.60
CA PHE H 273 -22.77 27.08 18.59
C PHE H 273 -21.57 27.76 17.94
N PHE H 274 -21.20 28.92 18.48
CA PHE H 274 -19.99 29.62 18.06
C PHE H 274 -18.89 29.51 19.09
N ASP H 275 -17.83 28.76 18.79
CA ASP H 275 -16.73 28.70 19.74
C ASP H 275 -15.80 29.88 19.48
N GLU H 276 -14.83 30.08 20.38
CA GLU H 276 -13.78 31.08 20.22
C GLU H 276 -14.28 32.42 19.67
N MET H 277 -15.46 32.86 20.11
CA MET H 277 -16.15 34.01 19.53
C MET H 277 -15.29 35.27 19.49
N ASP H 278 -14.44 35.45 20.49
CA ASP H 278 -13.57 36.61 20.58
C ASP H 278 -12.58 36.67 19.41
N SER H 279 -12.40 35.55 18.71
CA SER H 279 -11.52 35.53 17.54
C SER H 279 -12.14 36.29 16.37
N ILE H 280 -13.40 36.64 16.49
CA ILE H 280 -14.09 37.42 15.47
C ILE H 280 -13.95 38.92 15.75
N PHE H 281 -13.49 39.27 16.96
CA PHE H 281 -13.32 40.68 17.32
C PHE H 281 -12.02 40.94 18.10
N GLU H 293 -7.81 40.52 12.88
CA GLU H 293 -6.72 40.97 12.01
C GLU H 293 -7.25 41.89 10.91
N THR H 294 -7.91 41.30 9.92
CA THR H 294 -8.32 42.02 8.73
C THR H 294 -9.76 41.75 8.32
N THR H 295 -10.31 42.66 7.52
CA THR H 295 -11.64 42.54 6.92
C THR H 295 -12.76 43.04 7.78
N VAL H 296 -13.95 43.02 7.20
CA VAL H 296 -15.19 43.37 7.89
C VAL H 296 -16.03 42.13 8.04
N VAL H 297 -16.51 41.89 9.25
CA VAL H 297 -17.23 40.66 9.59
C VAL H 297 -18.70 40.92 9.93
N PRO H 298 -19.27 42.05 9.34
CA PRO H 298 -20.61 42.38 9.86
C PRO H 298 -21.72 41.34 9.68
N GLN H 299 -21.75 40.62 8.57
CA GLN H 299 -23.00 40.01 8.14
C GLN H 299 -23.60 39.06 9.17
N LEU H 300 -22.80 38.40 9.97
CA LEU H 300 -23.45 37.45 10.85
C LEU H 300 -24.64 38.19 11.48
N LEU H 301 -24.56 39.52 11.63
CA LEU H 301 -25.63 40.27 12.27
C LEU H 301 -26.96 40.12 11.54
N SER H 302 -26.96 40.41 10.24
CA SER H 302 -28.17 40.29 9.45
C SER H 302 -28.61 38.82 9.37
N GLU H 303 -27.63 37.91 9.31
CA GLU H 303 -27.96 36.48 9.31
C GLU H 303 -28.64 36.03 10.60
N ILE H 304 -28.32 36.70 11.70
CA ILE H 304 -28.93 36.44 12.99
C ILE H 304 -30.34 37.02 12.98
N ASP H 305 -30.47 38.25 12.50
CA ASP H 305 -31.78 38.87 12.32
C ASP H 305 -32.72 37.92 11.56
N GLY H 306 -32.18 37.28 10.53
CA GLY H 306 -32.94 36.39 9.69
C GLY H 306 -33.67 35.28 10.43
N VAL H 307 -33.05 34.80 11.50
CA VAL H 307 -33.61 33.71 12.29
C VAL H 307 -34.35 34.22 13.54
N GLU H 308 -34.43 35.54 13.70
CA GLU H 308 -35.10 36.11 14.87
C GLU H 308 -36.58 35.77 14.93
N GLY H 309 -37.29 36.02 13.82
CA GLY H 309 -38.71 35.71 13.74
C GLY H 309 -38.95 34.21 13.84
N LEU H 310 -37.88 33.44 13.75
CA LEU H 310 -37.95 32.00 13.90
C LEU H 310 -37.71 31.63 15.36
N GLU H 311 -38.74 31.14 16.02
CA GLU H 311 -38.67 30.77 17.42
C GLU H 311 -38.24 29.32 17.56
N ASN H 312 -37.88 28.68 16.45
CA ASN H 312 -37.46 27.29 16.46
C ASN H 312 -35.95 27.13 16.73
N VAL H 313 -35.21 28.24 16.64
CA VAL H 313 -33.75 28.18 16.71
C VAL H 313 -33.13 29.11 17.76
N ILE H 314 -32.22 28.55 18.54
CA ILE H 314 -31.40 29.33 19.47
C ILE H 314 -29.96 29.31 18.99
N VAL H 315 -29.29 30.46 19.02
CA VAL H 315 -27.87 30.55 18.70
C VAL H 315 -27.04 30.86 19.94
N ILE H 316 -26.18 29.93 20.32
CA ILE H 316 -25.30 30.11 21.47
C ILE H 316 -23.91 30.51 21.01
N GLY H 317 -23.24 31.38 21.76
CA GLY H 317 -21.88 31.72 21.41
C GLY H 317 -21.05 31.98 22.64
N ALA H 318 -19.74 31.79 22.49
CA ALA H 318 -18.87 31.70 23.65
C ALA H 318 -17.54 32.38 23.41
N SER H 319 -17.12 33.17 24.39
CA SER H 319 -15.83 33.85 24.32
C SER H 319 -15.13 33.84 25.67
N ASN H 320 -13.82 33.63 25.63
CA ASN H 320 -13.01 33.65 26.84
C ASN H 320 -12.55 35.06 27.16
N ARG H 321 -12.66 35.94 26.19
CA ARG H 321 -12.44 37.35 26.41
C ARG H 321 -13.70 38.11 26.04
N GLU H 322 -14.41 38.60 27.05
CA GLU H 322 -15.64 39.34 26.79
C GLU H 322 -15.33 40.83 26.74
N ASP H 323 -14.04 41.15 26.83
CA ASP H 323 -13.59 42.52 26.63
C ASP H 323 -13.94 42.92 25.21
N MET H 324 -13.60 42.04 24.29
CA MET H 324 -13.57 42.39 22.87
C MET H 324 -14.87 42.09 22.12
N ILE H 325 -15.86 41.49 22.78
CA ILE H 325 -17.10 41.20 22.07
C ILE H 325 -17.80 42.50 21.74
N ASP H 326 -18.06 42.71 20.45
CA ASP H 326 -18.74 43.90 19.99
C ASP H 326 -20.12 43.98 20.62
N PRO H 327 -20.42 45.10 21.30
CA PRO H 327 -21.71 45.27 21.97
C PRO H 327 -22.89 45.09 21.02
N ALA H 328 -22.64 45.24 19.72
CA ALA H 328 -23.67 45.11 18.69
C ALA H 328 -24.41 43.78 18.79
N ILE H 329 -23.66 42.70 18.95
CA ILE H 329 -24.25 41.37 19.00
C ILE H 329 -24.74 41.03 20.40
N LEU H 330 -24.48 41.95 21.33
CA LEU H 330 -24.92 41.78 22.71
C LEU H 330 -26.21 42.52 23.02
N ARG H 331 -26.73 43.25 22.02
CA ARG H 331 -27.94 44.04 22.22
C ARG H 331 -29.17 43.13 22.20
N PRO H 332 -30.26 43.55 22.86
CA PRO H 332 -31.50 42.76 22.89
C PRO H 332 -31.98 42.36 21.49
N GLY H 333 -32.38 41.09 21.35
CA GLY H 333 -32.86 40.57 20.08
C GLY H 333 -31.80 39.85 19.27
N ARG H 334 -30.58 39.78 19.79
CA ARG H 334 -29.50 39.05 19.13
C ARG H 334 -28.90 37.97 20.03
N LEU H 335 -28.07 38.37 20.98
CA LEU H 335 -27.70 37.48 22.08
C LEU H 335 -28.21 38.10 23.38
N ASP H 336 -29.43 37.69 23.79
CA ASP H 336 -30.12 38.21 25.00
C ASP H 336 -29.64 37.80 26.41
N VAL H 337 -29.51 36.49 26.63
CA VAL H 337 -28.93 35.94 27.84
C VAL H 337 -27.40 36.02 27.84
N LYS H 338 -26.86 36.64 28.89
CA LYS H 338 -25.43 36.60 29.18
C LYS H 338 -25.22 35.78 30.44
N ILE H 339 -24.59 34.62 30.28
CA ILE H 339 -24.31 33.74 31.41
C ILE H 339 -22.81 33.66 31.61
N LYS H 340 -22.35 34.17 32.74
CA LYS H 340 -20.93 34.13 33.07
C LYS H 340 -20.59 32.76 33.61
N ILE H 341 -19.67 32.05 32.93
CA ILE H 341 -19.18 30.81 33.52
C ILE H 341 -17.93 31.17 34.31
N GLU H 342 -18.11 31.25 35.63
CA GLU H 342 -17.11 31.73 36.57
C GLU H 342 -16.15 30.64 37.01
N ARG H 343 -14.99 31.04 37.50
CA ARG H 343 -14.00 30.07 37.97
C ARG H 343 -14.56 29.27 39.15
N PRO H 344 -14.24 27.91 39.16
CA PRO H 344 -14.82 27.15 40.29
C PRO H 344 -14.17 27.37 41.67
N ASP H 345 -14.94 27.14 42.72
CA ASP H 345 -14.50 27.27 44.09
C ASP H 345 -14.37 25.87 44.69
N ALA H 346 -14.04 25.79 45.97
CA ALA H 346 -13.83 24.50 46.64
C ALA H 346 -14.95 23.50 46.37
N GLU H 347 -16.19 23.93 46.59
CA GLU H 347 -17.37 23.07 46.42
C GLU H 347 -17.52 22.55 44.98
N ALA H 348 -17.40 23.50 44.05
CA ALA H 348 -17.50 23.20 42.63
C ALA H 348 -16.40 22.22 42.25
N ALA H 349 -15.20 22.49 42.77
CA ALA H 349 -14.03 21.65 42.54
C ALA H 349 -14.30 20.23 42.99
N GLN H 350 -14.98 20.08 44.12
CA GLN H 350 -15.35 18.75 44.61
C GLN H 350 -16.23 18.04 43.61
N ASP H 351 -17.25 18.73 43.12
CA ASP H 351 -18.16 18.06 42.19
C ASP H 351 -17.43 17.68 40.89
N ILE H 352 -16.69 18.64 40.36
CA ILE H 352 -15.88 18.46 39.16
C ILE H 352 -14.96 17.25 39.24
N TYR H 353 -14.18 17.16 40.33
CA TYR H 353 -13.38 15.97 40.57
C TYR H 353 -14.26 14.74 40.56
N SER H 354 -15.42 14.84 41.22
CA SER H 354 -16.30 13.71 41.38
C SER H 354 -16.76 13.16 40.02
N LYS H 355 -16.82 14.01 39.01
CA LYS H 355 -17.17 13.52 37.67
C LYS H 355 -16.05 12.66 37.07
N TYR H 356 -14.81 13.10 37.23
CA TYR H 356 -13.66 12.40 36.62
C TYR H 356 -13.17 11.18 37.41
N LEU H 357 -13.37 11.18 38.72
CA LEU H 357 -13.04 10.00 39.49
C LEU H 357 -14.33 9.24 39.75
N THR H 358 -14.50 8.11 39.06
CA THR H 358 -15.67 7.27 39.25
C THR H 358 -15.33 6.23 40.30
N GLU H 359 -16.28 5.38 40.66
CA GLU H 359 -15.96 4.20 41.46
C GLU H 359 -15.28 3.17 40.56
N PHE H 360 -15.34 3.42 39.26
CA PHE H 360 -14.84 2.47 38.28
C PHE H 360 -13.31 2.52 38.16
N LEU H 361 -12.67 3.52 38.77
CA LEU H 361 -11.22 3.63 38.73
C LEU H 361 -10.54 2.63 39.67
N PRO H 362 -9.50 1.93 39.16
CA PRO H 362 -8.73 1.06 40.04
C PRO H 362 -8.04 1.85 41.15
N VAL H 363 -8.29 1.51 42.40
CA VAL H 363 -7.71 2.29 43.50
C VAL H 363 -6.87 1.38 44.38
N HIS H 364 -5.65 1.82 44.66
CA HIS H 364 -4.65 1.01 45.34
C HIS H 364 -5.20 0.42 46.63
N ALA H 365 -4.96 -0.88 46.82
CA ALA H 365 -5.47 -1.62 47.96
C ALA H 365 -5.12 -0.97 49.29
N ASP H 366 -3.96 -0.31 49.35
CA ASP H 366 -3.53 0.35 50.58
C ASP H 366 -4.52 1.41 51.04
N ASP H 367 -5.04 2.16 50.07
CA ASP H 367 -5.96 3.25 50.37
C ASP H 367 -7.34 2.74 50.69
N LEU H 368 -7.70 1.62 50.09
CA LEU H 368 -8.99 1.00 50.32
C LEU H 368 -9.05 0.41 51.72
N ALA H 369 -7.98 -0.27 52.11
CA ALA H 369 -7.94 -0.99 53.37
C ALA H 369 -8.33 -0.09 54.53
N GLU H 370 -7.96 1.18 54.42
CA GLU H 370 -8.24 2.18 55.45
C GLU H 370 -9.73 2.43 55.63
N PHE H 371 -10.47 2.30 54.53
CA PHE H 371 -11.92 2.49 54.50
C PHE H 371 -12.73 1.20 54.57
N ASP H 372 -12.05 0.09 54.88
CA ASP H 372 -12.72 -1.20 55.09
C ASP H 372 -13.34 -1.68 53.79
N GLY H 373 -12.70 -1.32 52.69
CA GLY H 373 -13.03 -1.89 51.39
C GLY H 373 -14.19 -1.21 50.69
N ASP H 374 -14.68 -0.12 51.27
CA ASP H 374 -15.79 0.61 50.69
C ASP H 374 -15.21 1.66 49.78
N ARG H 375 -15.30 1.45 48.48
CA ARG H 375 -14.52 2.29 47.58
C ARG H 375 -15.18 3.64 47.29
N SER H 376 -16.51 3.69 47.32
CA SER H 376 -17.20 4.94 47.06
C SER H 376 -16.80 5.96 48.10
N ALA H 377 -16.76 5.51 49.35
CA ALA H 377 -16.33 6.33 50.47
C ALA H 377 -14.88 6.76 50.29
N CYS H 378 -14.05 5.81 49.87
CA CYS H 378 -12.63 6.09 49.65
C CYS H 378 -12.43 7.19 48.64
N ILE H 379 -13.09 7.10 47.50
CA ILE H 379 -12.92 8.11 46.46
C ILE H 379 -13.52 9.44 46.91
N LYS H 380 -14.64 9.41 47.62
CA LYS H 380 -15.18 10.63 48.19
C LYS H 380 -14.14 11.35 49.07
N ALA H 381 -13.52 10.60 49.97
CA ALA H 381 -12.55 11.15 50.91
C ALA H 381 -11.31 11.65 50.19
N MET H 382 -10.79 10.84 49.28
CA MET H 382 -9.68 11.22 48.43
C MET H 382 -9.93 12.57 47.79
N ILE H 383 -11.08 12.68 47.15
CA ILE H 383 -11.46 13.91 46.47
C ILE H 383 -11.40 15.06 47.44
N GLU H 384 -12.10 14.95 48.57
CA GLU H 384 -12.04 15.99 49.60
C GLU H 384 -10.61 16.40 49.96
N LYS H 385 -9.71 15.44 50.06
CA LYS H 385 -8.34 15.77 50.44
C LYS H 385 -7.57 16.45 49.32
N VAL H 386 -7.81 16.10 48.07
CA VAL H 386 -7.06 16.76 47.01
C VAL H 386 -7.60 18.17 46.79
N VAL H 387 -8.89 18.38 47.04
CA VAL H 387 -9.45 19.72 46.90
C VAL H 387 -8.97 20.60 48.03
N ASP H 388 -8.93 20.01 49.22
CA ASP H 388 -8.47 20.72 50.41
C ASP H 388 -7.00 21.11 50.25
N ARG H 389 -6.21 20.23 49.63
CA ARG H 389 -4.81 20.51 49.34
C ARG H 389 -4.70 21.58 48.27
N MET H 390 -5.58 21.49 47.30
CA MET H 390 -5.58 22.35 46.13
C MET H 390 -5.89 23.82 46.47
N TYR H 391 -6.87 24.05 47.34
CA TYR H 391 -7.34 25.41 47.62
C TYR H 391 -6.67 26.10 48.80
N ALA H 392 -5.78 25.41 49.48
CA ALA H 392 -5.08 25.96 50.64
C ALA H 392 -4.31 27.22 50.27
N GLU H 393 -4.18 28.14 51.23
CA GLU H 393 -3.46 29.39 51.02
C GLU H 393 -1.99 29.24 51.39
N ILE H 394 -1.56 28.00 51.62
CA ILE H 394 -0.18 27.69 51.98
C ILE H 394 0.84 28.20 50.96
N ASP H 395 2.06 28.49 51.42
CA ASP H 395 3.10 29.12 50.59
C ASP H 395 3.46 28.33 49.34
N ASP H 396 3.09 27.06 49.29
CA ASP H 396 3.39 26.25 48.12
C ASP H 396 2.37 26.52 47.02
N ASN H 397 1.22 27.05 47.41
CA ASN H 397 0.15 27.33 46.46
C ASN H 397 0.15 28.76 45.92
N ARG H 398 1.19 29.52 46.23
CA ARG H 398 1.30 30.87 45.65
C ARG H 398 1.56 30.75 44.17
N PHE H 399 0.64 31.30 43.37
CA PHE H 399 0.76 31.26 41.91
C PHE H 399 1.33 32.53 41.27
N LEU H 400 0.84 33.70 41.70
CA LEU H 400 1.30 34.98 41.17
C LEU H 400 1.69 35.98 42.24
N GLU H 401 2.54 36.94 41.87
CA GLU H 401 2.77 38.16 42.63
C GLU H 401 2.41 39.33 41.71
N VAL H 402 1.42 40.12 42.14
CA VAL H 402 0.96 41.26 41.37
C VAL H 402 1.33 42.57 42.04
N THR H 403 2.03 43.42 41.29
CA THR H 403 2.50 44.73 41.77
C THR H 403 1.71 45.86 41.15
N TYR H 404 0.91 46.54 41.97
CA TYR H 404 0.01 47.58 41.48
C TYR H 404 0.70 48.92 41.25
N ALA H 405 -0.08 49.89 40.79
CA ALA H 405 0.42 51.22 40.50
C ALA H 405 0.71 52.00 41.76
N ASN H 406 -0.07 51.75 42.82
CA ASN H 406 0.08 52.53 44.03
C ASN H 406 1.23 52.00 44.89
N GLY H 407 1.88 50.95 44.40
CA GLY H 407 3.06 50.42 45.05
C GLY H 407 2.77 49.20 45.90
N ASP H 408 1.51 48.78 45.89
CA ASP H 408 1.15 47.57 46.62
C ASP H 408 1.55 46.33 45.82
N LYS H 409 1.78 45.24 46.53
CA LYS H 409 2.04 43.93 45.95
C LYS H 409 1.23 42.89 46.69
N GLU H 410 0.36 42.17 46.00
CA GLU H 410 -0.34 41.07 46.68
C GLU H 410 -0.09 39.74 45.97
N VAL H 411 -0.33 38.64 46.67
CA VAL H 411 0.02 37.32 46.14
C VAL H 411 -1.20 36.45 45.79
N MET H 412 -1.35 36.18 44.51
CA MET H 412 -2.46 35.35 44.03
C MET H 412 -2.18 33.88 44.25
N TYR H 413 -3.02 33.25 45.07
CA TYR H 413 -2.96 31.82 45.30
C TYR H 413 -3.68 31.06 44.19
N PHE H 414 -3.33 29.80 43.97
CA PHE H 414 -3.95 29.02 42.91
C PHE H 414 -5.43 28.84 43.11
N LYS H 415 -5.87 29.00 44.36
CA LYS H 415 -7.28 28.81 44.69
C LYS H 415 -8.16 29.64 43.77
N ASP H 416 -7.68 30.83 43.39
CA ASP H 416 -8.46 31.71 42.53
C ASP H 416 -8.20 31.49 41.02
N PHE H 417 -7.15 30.76 40.69
CA PHE H 417 -6.85 30.42 39.31
C PHE H 417 -7.17 28.98 38.85
N ASN H 418 -7.95 28.24 39.63
CA ASN H 418 -8.35 26.89 39.21
C ASN H 418 -9.34 26.95 38.04
N SER H 419 -9.72 25.78 37.52
CA SER H 419 -10.57 25.65 36.34
C SER H 419 -10.85 24.17 36.06
N GLY H 420 -11.88 23.92 35.25
CA GLY H 420 -12.23 22.56 34.89
C GLY H 420 -11.10 21.85 34.15
N ALA H 421 -10.46 22.58 33.25
CA ALA H 421 -9.42 21.99 32.42
C ALA H 421 -8.24 21.62 33.29
N MET H 422 -8.04 22.43 34.32
CA MET H 422 -6.92 22.23 35.23
C MET H 422 -7.15 21.00 36.10
N ILE H 423 -8.36 20.86 36.60
CA ILE H 423 -8.75 19.71 37.40
C ILE H 423 -8.69 18.43 36.57
N GLN H 424 -9.12 18.48 35.32
CA GLN H 424 -9.02 17.30 34.47
C GLN H 424 -7.54 17.00 34.17
N ASN H 425 -6.74 18.06 34.09
CA ASN H 425 -5.30 17.89 33.92
C ASN H 425 -4.71 17.16 35.11
N VAL H 426 -5.14 17.54 36.32
CA VAL H 426 -4.68 16.88 37.53
C VAL H 426 -5.08 15.42 37.50
N VAL H 427 -6.33 15.15 37.16
CA VAL H 427 -6.82 13.76 37.09
C VAL H 427 -6.01 12.92 36.09
N ASP H 428 -5.81 13.43 34.88
CA ASP H 428 -5.04 12.69 33.89
C ASP H 428 -3.64 12.42 34.39
N ARG H 429 -3.07 13.43 35.03
CA ARG H 429 -1.71 13.35 35.51
C ARG H 429 -1.59 12.26 36.56
N ALA H 430 -2.52 12.27 37.51
CA ALA H 430 -2.56 11.27 38.57
C ALA H 430 -2.68 9.86 37.98
N LYS H 431 -3.60 9.69 37.02
CA LYS H 431 -3.78 8.39 36.40
C LYS H 431 -2.49 7.90 35.78
N LYS H 432 -1.81 8.76 35.05
CA LYS H 432 -0.50 8.41 34.50
C LYS H 432 0.47 7.99 35.60
N ASN H 433 0.42 8.68 36.74
CA ASN H 433 1.29 8.32 37.85
C ASN H 433 0.95 6.94 38.40
N ALA H 434 -0.34 6.60 38.40
CA ALA H 434 -0.81 5.29 38.86
C ALA H 434 -0.36 4.17 37.93
N ILE H 435 -0.35 4.46 36.64
CA ILE H 435 0.07 3.50 35.61
C ILE H 435 1.58 3.27 35.64
N LYS H 436 2.34 4.35 35.73
CA LYS H 436 3.78 4.23 35.88
C LYS H 436 4.08 3.49 37.18
N SER H 437 3.21 3.67 38.15
CA SER H 437 3.29 2.93 39.40
C SER H 437 3.05 1.44 39.16
N VAL H 438 2.09 1.10 38.29
CA VAL H 438 1.81 -0.29 37.96
C VAL H 438 3.03 -0.92 37.30
N LEU H 439 3.69 -0.18 36.41
CA LEU H 439 4.84 -0.73 35.69
C LEU H 439 6.08 -0.84 36.58
N GLU H 440 6.28 0.12 37.48
CA GLU H 440 7.48 0.13 38.31
C GLU H 440 7.38 -0.68 39.58
N THR H 441 6.26 -0.60 40.26
CA THR H 441 6.09 -1.30 41.53
C THR H 441 5.35 -2.62 41.39
N GLY H 442 4.70 -2.83 40.26
CA GLY H 442 4.04 -4.08 39.97
C GLY H 442 2.64 -4.19 40.56
N GLN H 443 2.38 -3.44 41.63
CA GLN H 443 1.09 -3.46 42.28
C GLN H 443 0.20 -2.37 41.68
N PRO H 444 -1.09 -2.66 41.50
CA PRO H 444 -2.03 -1.80 40.78
C PRO H 444 -2.74 -0.79 41.65
N GLY H 445 -3.63 -0.02 41.02
CA GLY H 445 -4.46 0.96 41.72
C GLY H 445 -3.85 2.35 41.84
N LEU H 446 -4.72 3.35 41.96
CA LEU H 446 -4.31 4.72 42.21
C LEU H 446 -4.38 5.05 43.70
N ARG H 447 -3.23 5.28 44.33
CA ARG H 447 -3.21 5.75 45.71
C ARG H 447 -3.38 7.27 45.78
N ILE H 448 -3.42 7.82 47.00
CA ILE H 448 -3.67 9.25 47.21
C ILE H 448 -2.46 10.10 46.82
N GLN H 449 -1.26 9.56 46.99
CA GLN H 449 -0.03 10.30 46.71
C GLN H 449 0.07 10.67 45.24
N HIS H 450 -0.46 9.82 44.37
CA HIS H 450 -0.50 10.10 42.94
C HIS H 450 -1.20 11.43 42.67
N LEU H 451 -2.23 11.72 43.46
CA LEU H 451 -3.08 12.88 43.22
C LEU H 451 -2.45 14.18 43.71
N LEU H 452 -1.82 14.13 44.88
CA LEU H 452 -1.14 15.30 45.41
C LEU H 452 0.07 15.61 44.54
N ASP H 453 0.93 14.61 44.38
CA ASP H 453 2.10 14.77 43.52
C ASP H 453 1.68 15.22 42.12
N SER H 454 0.44 14.91 41.74
CA SER H 454 -0.08 15.42 40.48
C SER H 454 -0.40 16.92 40.57
N ILE H 455 -1.07 17.33 41.65
CA ILE H 455 -1.40 18.75 41.87
C ILE H 455 -0.16 19.65 41.86
N VAL H 456 0.90 19.19 42.50
CA VAL H 456 2.13 19.99 42.60
C VAL H 456 2.78 20.19 41.23
N ASP H 457 2.68 19.18 40.36
CA ASP H 457 3.24 19.25 39.02
C ASP H 457 2.41 20.15 38.17
N GLU H 458 1.11 20.11 38.41
CA GLU H 458 0.18 20.95 37.68
C GLU H 458 0.47 22.42 37.98
N PHE H 459 0.54 22.73 39.27
CA PHE H 459 0.88 24.08 39.70
C PHE H 459 2.24 24.51 39.16
N ALA H 460 3.22 23.61 39.20
CA ALA H 460 4.55 23.96 38.72
C ALA H 460 4.55 24.26 37.21
N GLU H 461 3.82 23.48 36.45
CA GLU H 461 3.76 23.66 35.01
C GLU H 461 3.03 24.94 34.70
N ASN H 462 2.07 25.29 35.55
CA ASN H 462 1.37 26.55 35.39
C ASN H 462 2.28 27.75 35.69
N GLU H 463 2.98 27.68 36.81
CA GLU H 463 3.99 28.68 37.16
C GLU H 463 5.00 28.90 36.04
N ASP H 464 5.44 27.82 35.39
CA ASP H 464 6.39 27.98 34.30
C ASP H 464 5.75 28.54 33.04
N LEU H 465 4.63 27.96 32.64
CA LEU H 465 3.93 28.39 31.43
C LEU H 465 2.50 28.80 31.79
N PRO H 466 2.33 30.06 32.26
CA PRO H 466 1.04 30.56 32.77
C PRO H 466 0.09 31.01 31.66
N ASN H 467 -0.17 30.13 30.69
CA ASN H 467 -1.01 30.46 29.54
C ASN H 467 -2.50 30.55 29.87
N THR H 468 -2.89 29.99 31.02
CA THR H 468 -4.30 29.96 31.44
C THR H 468 -4.83 31.33 31.85
N THR H 469 -3.91 32.24 32.16
CA THR H 469 -4.29 33.57 32.61
C THR H 469 -4.77 34.43 31.46
N ASN H 470 -5.92 35.08 31.65
CA ASN H 470 -6.50 35.92 30.60
C ASN H 470 -6.23 37.39 30.90
N PRO H 471 -6.56 38.29 29.94
CA PRO H 471 -6.65 39.72 30.24
C PRO H 471 -7.84 40.10 31.13
N ASP H 472 -8.96 39.43 30.95
CA ASP H 472 -10.12 39.75 31.76
C ASP H 472 -9.86 39.32 33.21
N ASP H 473 -8.98 38.33 33.38
CA ASP H 473 -8.48 37.97 34.71
C ASP H 473 -7.88 39.18 35.41
N TRP H 474 -7.03 39.88 34.66
CA TRP H 474 -6.37 41.08 35.17
C TRP H 474 -7.38 42.18 35.40
N ALA H 475 -8.40 42.23 34.56
CA ALA H 475 -9.44 43.22 34.73
C ALA H 475 -10.12 43.01 36.07
N ARG H 476 -10.35 41.75 36.43
CA ARG H 476 -11.02 41.46 37.70
C ARG H 476 -10.10 41.64 38.90
N ILE H 477 -8.82 41.31 38.73
CA ILE H 477 -7.85 41.54 39.81
C ILE H 477 -7.71 43.03 40.10
N SER H 478 -7.45 43.79 39.04
CA SER H 478 -7.33 45.24 39.13
C SER H 478 -8.59 45.83 39.73
N GLY H 479 -9.73 45.39 39.24
CA GLY H 479 -11.02 45.86 39.74
C GLY H 479 -11.18 45.61 41.23
N LYS H 480 -10.85 44.39 41.65
CA LYS H 480 -10.93 44.02 43.06
C LYS H 480 -10.09 44.96 43.89
N LYS H 481 -8.85 45.19 43.47
CA LYS H 481 -7.93 46.04 44.21
C LYS H 481 -8.36 47.51 44.23
N GLY H 482 -8.76 48.01 43.07
CA GLY H 482 -9.05 49.43 42.92
C GLY H 482 -7.80 50.20 42.50
N GLU H 483 -6.91 49.48 41.82
CA GLU H 483 -5.66 50.07 41.34
C GLU H 483 -5.18 49.41 40.05
N ARG H 484 -4.44 50.17 39.24
CA ARG H 484 -3.88 49.63 38.00
C ARG H 484 -2.78 48.59 38.27
N ILE H 485 -2.63 47.62 37.39
CA ILE H 485 -1.57 46.62 37.54
C ILE H 485 -0.35 46.97 36.69
N VAL H 486 0.77 47.31 37.33
CA VAL H 486 2.01 47.59 36.61
C VAL H 486 3.01 46.44 36.45
N TYR H 487 2.87 45.36 37.23
CA TYR H 487 3.78 44.22 37.03
C TYR H 487 3.20 42.89 37.49
N ILE H 488 3.46 41.81 36.76
CA ILE H 488 3.03 40.50 37.22
C ILE H 488 4.12 39.46 37.02
N ARG H 489 4.38 38.65 38.05
CA ARG H 489 5.32 37.54 37.89
C ARG H 489 4.81 36.28 38.57
N THR H 490 5.11 35.13 38.00
CA THR H 490 4.70 33.89 38.64
C THR H 490 5.71 33.50 39.72
N LEU H 491 5.19 33.04 40.85
CA LEU H 491 6.02 32.59 41.96
C LEU H 491 6.25 31.09 41.88
N VAL H 492 7.48 30.67 42.07
CA VAL H 492 7.79 29.26 42.10
C VAL H 492 8.21 28.84 43.51
N THR H 493 7.57 27.80 44.02
CA THR H 493 8.03 27.19 45.26
C THR H 493 9.34 26.49 44.96
N GLY H 494 9.49 26.09 43.70
CA GLY H 494 10.77 25.77 43.11
C GLY H 494 11.37 24.38 43.35
N LYS H 495 10.68 23.53 44.09
CA LYS H 495 11.08 22.14 44.22
C LYS H 495 11.06 21.46 42.84
N SER H 496 10.47 22.15 41.88
CA SER H 496 10.39 21.71 40.50
C SER H 496 11.42 22.44 39.62
N SER H 497 11.45 22.12 38.33
CA SER H 497 12.38 22.76 37.41
C SER H 497 11.75 24.01 36.80
N SER H 498 10.54 24.33 37.23
CA SER H 498 9.84 25.53 36.80
C SER H 498 10.57 26.80 37.26
N ALA H 499 10.50 27.85 36.46
CA ALA H 499 11.15 29.12 36.80
C ALA H 499 10.16 30.29 36.81
N SER H 500 10.40 31.26 37.68
CA SER H 500 9.59 32.47 37.74
C SER H 500 9.64 33.25 36.43
N ARG H 501 8.47 33.54 35.86
CA ARG H 501 8.40 34.32 34.64
C ARG H 501 7.67 35.63 34.89
N ALA H 502 8.10 36.69 34.20
CA ALA H 502 7.35 37.93 34.18
C ALA H 502 6.26 37.87 33.11
N ILE H 503 5.02 38.13 33.49
CA ILE H 503 3.89 38.15 32.56
C ILE H 503 3.55 39.59 32.17
N ASP H 504 3.13 39.79 30.92
CA ASP H 504 2.78 41.13 30.48
C ASP H 504 1.30 41.24 30.13
N THR H 505 0.77 42.46 30.18
CA THR H 505 -0.65 42.67 29.94
C THR H 505 -0.91 43.53 28.70
N MET I 1 -40.74 24.92 -46.83
CA MET I 1 -39.61 25.84 -46.98
C MET I 1 -39.14 26.34 -45.62
N PRO I 2 -37.82 26.29 -45.37
CA PRO I 2 -37.33 26.79 -44.08
C PRO I 2 -37.16 28.30 -44.12
N SER I 3 -36.85 28.90 -42.97
CA SER I 3 -36.82 30.37 -42.87
C SER I 3 -35.83 30.80 -41.82
N GLY I 4 -35.19 31.95 -42.05
CA GLY I 4 -34.28 32.51 -41.07
C GLY I 4 -34.91 33.70 -40.37
N TYR I 5 -34.29 34.16 -39.30
CA TYR I 5 -34.76 35.36 -38.63
C TYR I 5 -33.72 36.46 -38.69
N GLY I 6 -34.06 37.62 -38.16
CA GLY I 6 -33.10 38.70 -38.07
C GLY I 6 -33.71 39.85 -37.30
N VAL I 7 -32.86 40.69 -36.71
CA VAL I 7 -33.33 41.85 -35.98
C VAL I 7 -33.54 43.00 -36.94
N LEU I 8 -34.71 43.64 -36.88
CA LEU I 8 -34.95 44.77 -37.76
C LEU I 8 -34.26 45.99 -37.19
N LEU I 9 -33.28 46.50 -37.94
CA LEU I 9 -32.52 47.66 -37.52
C LEU I 9 -33.22 48.97 -37.81
N ALA I 10 -33.70 49.12 -39.05
CA ALA I 10 -34.39 50.36 -39.39
C ALA I 10 -35.31 50.24 -40.61
N THR I 11 -36.27 51.15 -40.71
CA THR I 11 -37.18 51.15 -41.86
C THR I 11 -36.92 52.34 -42.77
N HIS I 12 -37.06 52.10 -44.07
CA HIS I 12 -36.82 53.14 -45.05
C HIS I 12 -38.13 53.52 -45.70
N ASP I 13 -38.08 54.45 -46.65
CA ASP I 13 -39.29 54.99 -47.26
C ASP I 13 -39.66 54.36 -48.60
N ASP I 14 -38.81 53.47 -49.08
CA ASP I 14 -39.06 52.78 -50.35
C ASP I 14 -39.63 51.37 -50.17
N ASP I 15 -39.99 51.01 -48.94
CA ASP I 15 -40.40 49.65 -48.50
C ASP I 15 -39.21 48.77 -48.15
N THR I 16 -38.01 49.20 -48.51
CA THR I 16 -36.82 48.45 -48.18
C THR I 16 -36.53 48.58 -46.68
N VAL I 17 -35.84 47.60 -46.14
CA VAL I 17 -35.65 47.52 -44.70
C VAL I 17 -34.21 47.10 -44.33
N ASP I 18 -33.68 47.72 -43.27
CA ASP I 18 -32.35 47.34 -42.77
C ASP I 18 -32.46 46.35 -41.65
N VAL I 19 -31.98 45.15 -41.94
CA VAL I 19 -32.07 44.03 -41.02
C VAL I 19 -30.72 43.43 -40.75
N PHE I 20 -30.44 43.15 -39.49
CA PHE I 20 -29.20 42.49 -39.12
C PHE I 20 -29.43 40.99 -39.05
N THR I 21 -28.82 40.25 -39.96
CA THR I 21 -28.99 38.80 -40.01
C THR I 21 -27.67 38.08 -40.28
N SER I 22 -27.45 36.99 -39.54
CA SER I 22 -26.26 36.17 -39.70
C SER I 22 -24.99 37.00 -39.63
N GLY I 23 -24.92 37.89 -38.64
CA GLY I 23 -23.75 38.71 -38.43
C GLY I 23 -23.54 39.84 -39.43
N ARG I 24 -24.42 39.94 -40.42
CA ARG I 24 -24.30 40.97 -41.46
C ARG I 24 -25.48 41.95 -41.45
N LYS I 25 -25.18 43.24 -41.56
CA LYS I 25 -26.24 44.26 -41.70
C LYS I 25 -26.61 44.39 -43.17
N MET I 26 -27.89 44.13 -43.48
CA MET I 26 -28.34 44.05 -44.86
C MET I 26 -29.53 44.94 -45.16
N ARG I 27 -29.78 45.13 -46.45
CA ARG I 27 -30.96 45.84 -46.92
C ARG I 27 -31.80 44.87 -47.74
N LEU I 28 -33.03 44.64 -47.30
CA LEU I 28 -33.86 43.63 -47.90
C LEU I 28 -35.19 44.20 -48.37
N THR I 29 -35.81 43.54 -49.35
CA THR I 29 -37.14 43.89 -49.79
C THR I 29 -38.16 43.32 -48.81
N CYS I 30 -39.30 43.98 -48.66
CA CYS I 30 -40.37 43.41 -47.85
C CYS I 30 -41.26 42.50 -48.68
N SER I 31 -42.21 41.86 -48.01
CA SER I 31 -43.22 41.05 -48.68
C SER I 31 -44.42 41.93 -49.00
N PRO I 32 -45.21 41.57 -50.01
CA PRO I 32 -46.43 42.33 -50.28
C PRO I 32 -47.37 42.34 -49.08
N ASN I 33 -47.21 41.35 -48.20
CA ASN I 33 -48.02 41.24 -46.98
C ASN I 33 -47.54 42.16 -45.86
N ILE I 34 -46.23 42.30 -45.73
CA ILE I 34 -45.65 43.13 -44.68
C ILE I 34 -45.73 44.60 -45.04
N ASP I 35 -46.31 45.39 -44.16
CA ASP I 35 -46.30 46.83 -44.33
C ASP I 35 -45.10 47.39 -43.58
N ALA I 36 -44.24 48.12 -44.30
CA ALA I 36 -43.02 48.67 -43.74
C ALA I 36 -43.29 49.67 -42.62
N ALA I 37 -44.49 50.24 -42.63
CA ALA I 37 -44.88 51.25 -41.66
C ALA I 37 -45.35 50.63 -40.34
N SER I 38 -45.67 49.34 -40.37
CA SER I 38 -46.19 48.64 -39.20
C SER I 38 -45.09 48.03 -38.35
N LEU I 39 -43.84 48.33 -38.70
CA LEU I 39 -42.69 47.69 -38.07
C LEU I 39 -42.06 48.53 -36.95
N LYS I 40 -41.58 47.84 -35.92
CA LYS I 40 -40.96 48.49 -34.76
C LYS I 40 -39.46 48.29 -34.73
N LYS I 41 -38.73 49.26 -34.21
CA LYS I 41 -37.27 49.15 -34.08
C LYS I 41 -36.87 48.02 -33.12
N GLY I 42 -36.03 47.12 -33.58
CA GLY I 42 -35.55 46.01 -32.76
C GLY I 42 -36.48 44.81 -32.80
N GLN I 43 -37.54 44.94 -33.60
CA GLN I 43 -38.47 43.85 -33.82
C GLN I 43 -37.75 42.67 -34.45
N THR I 44 -38.09 41.44 -34.04
CA THR I 44 -37.47 40.27 -34.64
C THR I 44 -38.28 39.78 -35.82
N VAL I 45 -37.76 39.98 -37.02
CA VAL I 45 -38.51 39.64 -38.21
C VAL I 45 -38.05 38.30 -38.81
N ARG I 46 -38.81 37.85 -39.80
CA ARG I 46 -38.67 36.50 -40.34
C ARG I 46 -38.64 36.54 -41.84
N LEU I 47 -37.56 35.98 -42.40
CA LEU I 47 -37.29 36.07 -43.83
C LEU I 47 -37.09 34.71 -44.49
N ASN I 48 -37.58 34.59 -45.72
CA ASN I 48 -37.50 33.36 -46.49
C ASN I 48 -36.12 33.18 -47.13
N GLU I 49 -36.00 32.21 -48.02
CA GLU I 49 -34.73 31.93 -48.68
C GLU I 49 -34.34 33.04 -49.66
N ALA I 50 -35.32 33.88 -50.00
CA ALA I 50 -35.09 35.01 -50.90
C ALA I 50 -34.57 36.22 -50.14
N LEU I 51 -34.43 36.05 -48.83
CA LEU I 51 -34.21 37.16 -47.89
C LEU I 51 -35.19 38.29 -48.16
N THR I 52 -36.46 37.95 -48.03
CA THR I 52 -37.54 38.90 -48.13
C THR I 52 -38.12 38.93 -46.75
N VAL I 53 -38.53 40.08 -46.22
CA VAL I 53 -39.01 40.03 -44.86
C VAL I 53 -40.48 39.70 -44.95
N VAL I 54 -40.77 38.42 -44.70
CA VAL I 54 -42.10 37.89 -44.88
C VAL I 54 -43.00 38.03 -43.66
N GLU I 55 -42.42 38.00 -42.46
CA GLU I 55 -43.26 38.07 -41.27
C GLU I 55 -42.65 38.95 -40.19
N ALA I 56 -43.51 39.61 -39.42
CA ALA I 56 -43.04 40.52 -38.36
C ALA I 56 -43.35 39.96 -36.97
N GLY I 57 -42.30 39.68 -36.20
CA GLY I 57 -42.48 39.02 -34.91
C GLY I 57 -42.34 39.91 -33.69
N THR I 58 -42.00 39.30 -32.56
CA THR I 58 -41.83 39.99 -31.28
C THR I 58 -40.38 40.43 -31.06
N PHE I 59 -40.04 40.77 -29.81
CA PHE I 59 -38.69 41.20 -29.45
C PHE I 59 -37.91 40.12 -28.68
N GLU I 60 -36.59 40.12 -28.85
CA GLU I 60 -35.74 39.06 -28.28
C GLU I 60 -35.86 38.97 -26.76
N ALA I 61 -36.18 37.77 -26.27
CA ALA I 61 -36.32 37.54 -24.83
C ALA I 61 -34.98 37.28 -24.14
N VAL I 62 -34.08 36.57 -24.79
CA VAL I 62 -32.85 36.12 -24.15
C VAL I 62 -31.60 36.69 -24.79
N GLY I 63 -30.58 36.93 -23.98
CA GLY I 63 -29.33 37.50 -24.45
C GLY I 63 -28.52 38.07 -23.30
N GLU I 64 -27.61 38.98 -23.62
CA GLU I 64 -26.74 39.57 -22.58
C GLU I 64 -27.50 40.55 -21.69
N ILE I 65 -26.92 40.82 -20.53
CA ILE I 65 -27.46 41.85 -19.63
C ILE I 65 -26.40 42.92 -19.42
N SER I 66 -26.79 44.17 -19.57
CA SER I 66 -25.87 45.29 -19.36
C SER I 66 -26.57 46.42 -18.61
N THR I 67 -25.87 47.02 -17.66
CA THR I 67 -26.45 48.10 -16.86
C THR I 67 -26.50 49.41 -17.65
N LEU I 68 -27.66 50.05 -17.72
CA LEU I 68 -27.77 51.24 -18.56
C LEU I 68 -27.51 52.54 -17.81
N ARG I 69 -26.32 53.10 -18.04
CA ARG I 69 -25.90 54.36 -17.42
C ARG I 69 -26.67 55.61 -17.85
N GLU I 70 -26.93 55.73 -19.16
CA GLU I 70 -27.48 56.98 -19.71
C GLU I 70 -28.24 56.82 -21.02
N ILE I 71 -29.03 57.84 -21.36
CA ILE I 71 -29.81 57.84 -22.59
C ILE I 71 -29.43 59.09 -23.38
N LEU I 72 -28.87 58.87 -24.57
CA LEU I 72 -28.24 59.93 -25.33
C LEU I 72 -29.24 60.98 -25.81
N ALA I 73 -28.70 62.13 -26.22
CA ALA I 73 -29.46 63.30 -26.64
C ALA I 73 -30.65 62.98 -27.54
N ASP I 74 -30.39 62.41 -28.72
CA ASP I 74 -31.45 62.09 -29.66
C ASP I 74 -32.53 61.18 -29.05
N GLY I 75 -32.19 60.49 -27.97
CA GLY I 75 -33.17 59.74 -27.21
C GLY I 75 -33.41 58.33 -27.70
N HIS I 76 -32.98 58.03 -28.92
CA HIS I 76 -33.13 56.69 -29.46
C HIS I 76 -32.02 55.74 -29.01
N ARG I 77 -30.89 56.29 -28.58
CA ARG I 77 -29.72 55.47 -28.22
C ARG I 77 -29.40 55.49 -26.75
N ALA I 78 -28.86 54.38 -26.25
CA ALA I 78 -28.45 54.30 -24.86
C ALA I 78 -26.96 54.01 -24.74
N LEU I 79 -26.35 54.46 -23.64
CA LEU I 79 -24.99 54.10 -23.32
C LEU I 79 -25.02 53.14 -22.14
N VAL I 80 -24.56 51.92 -22.39
CA VAL I 80 -24.66 50.82 -21.46
C VAL I 80 -23.29 50.22 -21.15
N VAL I 81 -23.23 49.46 -20.07
CA VAL I 81 -22.00 48.82 -19.63
C VAL I 81 -22.23 47.33 -19.33
N GLY I 82 -21.32 46.49 -19.82
CA GLY I 82 -21.41 45.06 -19.60
C GLY I 82 -20.81 44.65 -18.25
N HIS I 83 -20.44 43.39 -18.13
CA HIS I 83 -19.90 42.87 -16.88
C HIS I 83 -18.42 43.22 -16.71
N ALA I 84 -17.70 43.15 -17.82
CA ALA I 84 -16.26 43.31 -17.83
C ALA I 84 -15.92 44.78 -18.01
N ASP I 85 -16.96 45.61 -17.91
CA ASP I 85 -16.86 47.06 -17.97
C ASP I 85 -16.46 47.56 -19.36
N GLU I 86 -16.91 46.85 -20.38
CA GLU I 86 -16.82 47.38 -21.74
C GLU I 86 -18.06 48.24 -21.97
N GLU I 87 -17.84 49.50 -22.31
CA GLU I 87 -18.93 50.43 -22.55
C GLU I 87 -19.34 50.38 -24.02
N ARG I 88 -20.64 50.39 -24.26
CA ARG I 88 -21.16 50.31 -25.61
C ARG I 88 -22.33 51.25 -25.80
N VAL I 89 -22.53 51.72 -27.03
CA VAL I 89 -23.72 52.47 -27.40
C VAL I 89 -24.66 51.53 -28.16
N VAL I 90 -25.94 51.51 -27.80
CA VAL I 90 -26.89 50.65 -28.50
C VAL I 90 -28.17 51.40 -28.88
N TRP I 91 -28.97 50.82 -29.77
CA TRP I 91 -30.29 51.37 -30.07
C TRP I 91 -31.27 50.94 -28.99
N LEU I 92 -32.32 51.73 -28.81
CA LEU I 92 -33.39 51.37 -27.90
C LEU I 92 -34.58 50.85 -28.68
N ALA I 93 -34.98 49.61 -28.43
CA ALA I 93 -36.12 49.02 -29.13
C ALA I 93 -37.38 49.81 -28.80
N ASP I 94 -38.41 49.62 -29.61
CA ASP I 94 -39.64 50.40 -29.46
C ASP I 94 -40.32 50.32 -28.08
N PRO I 95 -40.29 49.15 -27.41
CA PRO I 95 -40.80 49.12 -26.02
C PRO I 95 -40.21 50.20 -25.12
N LEU I 96 -38.89 50.37 -25.20
CA LEU I 96 -38.17 51.19 -24.24
C LEU I 96 -38.43 52.68 -24.39
N ILE I 97 -38.35 53.19 -25.62
CA ILE I 97 -38.54 54.63 -25.81
C ILE I 97 -40.01 54.99 -25.91
N ALA I 98 -40.87 53.97 -25.85
CA ALA I 98 -42.32 54.17 -25.91
C ALA I 98 -42.75 55.17 -24.84
N GLU I 99 -43.49 56.17 -25.27
CA GLU I 99 -43.90 57.29 -24.40
C GLU I 99 -45.21 56.97 -23.70
N ASP I 100 -45.66 55.73 -23.83
CA ASP I 100 -46.92 55.26 -23.25
C ASP I 100 -46.79 54.74 -21.81
N LEU I 101 -45.60 54.88 -21.23
CA LEU I 101 -45.31 54.25 -19.95
C LEU I 101 -45.13 55.24 -18.80
N PRO I 102 -45.99 55.15 -17.76
CA PRO I 102 -45.90 56.00 -16.56
C PRO I 102 -44.76 55.61 -15.62
N ASP I 103 -44.67 56.29 -14.47
CA ASP I 103 -43.61 56.04 -13.50
C ASP I 103 -43.85 54.95 -12.44
N GLY I 104 -45.04 54.92 -11.84
CA GLY I 104 -45.33 53.94 -10.81
C GLY I 104 -46.31 54.42 -9.75
N LEU I 105 -46.52 53.60 -8.71
CA LEU I 105 -47.43 53.94 -7.62
C LEU I 105 -46.82 53.57 -6.27
N ASP I 111 -42.22 43.70 -6.54
CA ASP I 111 -42.79 43.77 -7.89
C ASP I 111 -42.32 44.99 -8.67
N ASP I 112 -41.42 44.79 -9.63
CA ASP I 112 -41.43 45.64 -10.79
C ASP I 112 -41.80 44.77 -11.99
N THR I 113 -43.08 44.72 -12.33
CA THR I 113 -43.51 44.21 -13.63
C THR I 113 -44.02 45.34 -14.52
N ARG I 114 -44.14 46.52 -13.93
CA ARG I 114 -44.81 47.65 -14.57
C ARG I 114 -43.82 48.60 -15.21
N PRO I 115 -44.09 48.99 -16.47
CA PRO I 115 -43.16 49.75 -17.33
C PRO I 115 -42.84 51.15 -16.81
N ARG I 116 -42.01 51.23 -15.77
CA ARG I 116 -41.48 52.50 -15.30
C ARG I 116 -40.48 53.06 -16.31
N LYS I 117 -40.24 54.37 -16.25
CA LYS I 117 -39.29 55.02 -17.15
C LYS I 117 -37.85 54.58 -16.90
N LEU I 118 -36.99 54.69 -17.92
CA LEU I 118 -35.60 54.24 -17.81
C LEU I 118 -34.69 55.29 -17.21
N ARG I 119 -33.92 54.89 -16.20
CA ARG I 119 -32.92 55.77 -15.59
C ARG I 119 -31.72 54.93 -15.16
N PRO I 120 -30.54 55.55 -15.04
CA PRO I 120 -29.25 54.85 -14.86
C PRO I 120 -29.26 53.75 -13.83
N GLY I 121 -28.51 52.69 -14.09
CA GLY I 121 -28.42 51.55 -13.18
C GLY I 121 -29.33 50.42 -13.57
N ASP I 122 -30.38 50.74 -14.34
CA ASP I 122 -31.34 49.73 -14.78
C ASP I 122 -30.64 48.66 -15.60
N SER I 123 -31.07 47.42 -15.43
CA SER I 123 -30.47 46.32 -16.17
C SER I 123 -31.24 46.07 -17.46
N LEU I 124 -30.57 46.28 -18.59
CA LEU I 124 -31.17 46.13 -19.91
C LEU I 124 -30.66 44.89 -20.64
N LEU I 125 -31.58 44.15 -21.27
CA LEU I 125 -31.22 42.99 -22.07
C LEU I 125 -30.78 43.44 -23.46
N VAL I 126 -29.65 42.91 -23.93
CA VAL I 126 -29.12 43.34 -25.22
C VAL I 126 -28.61 42.20 -26.10
N ASP I 127 -28.75 42.41 -27.41
CA ASP I 127 -28.00 41.69 -28.43
C ASP I 127 -26.95 42.67 -28.95
N THR I 128 -25.70 42.42 -28.61
CA THR I 128 -24.65 43.39 -28.84
C THR I 128 -24.11 43.36 -30.28
N LYS I 129 -24.40 42.27 -30.99
CA LYS I 129 -23.99 42.17 -32.40
C LYS I 129 -24.91 43.01 -33.27
N ALA I 130 -26.20 43.00 -32.96
CA ALA I 130 -27.16 43.88 -33.64
C ALA I 130 -27.10 45.28 -33.04
N GLY I 131 -26.67 45.37 -31.80
CA GLY I 131 -26.52 46.66 -31.14
C GLY I 131 -27.83 47.24 -30.67
N TYR I 132 -28.67 46.39 -30.10
CA TYR I 132 -29.99 46.81 -29.62
C TYR I 132 -30.21 46.45 -28.16
N ALA I 133 -30.96 47.30 -27.47
CA ALA I 133 -31.47 47.02 -26.13
C ALA I 133 -32.98 46.80 -26.23
N PHE I 134 -33.48 45.67 -25.76
CA PHE I 134 -34.90 45.37 -25.90
C PHE I 134 -35.85 45.40 -24.71
N GLU I 135 -35.44 44.82 -23.59
CA GLU I 135 -36.29 44.73 -22.42
C GLU I 135 -35.54 45.20 -21.16
N ARG I 136 -36.26 45.72 -20.17
CA ARG I 136 -35.64 46.00 -18.88
C ARG I 136 -35.83 44.78 -17.98
N ILE I 137 -34.77 44.41 -17.26
CA ILE I 137 -34.83 43.24 -16.40
C ILE I 137 -34.73 43.59 -14.93
N PRO I 138 -35.84 43.46 -14.20
CA PRO I 138 -35.81 43.79 -12.77
C PRO I 138 -34.93 42.82 -12.00
N LYS I 139 -33.86 43.32 -11.42
CA LYS I 139 -32.90 42.44 -10.77
C LYS I 139 -33.38 42.40 -9.34
N ALA I 140 -32.80 41.47 -8.58
CA ALA I 140 -33.29 40.91 -7.32
C ALA I 140 -33.51 41.67 -6.01
N GLU I 141 -32.57 42.54 -5.71
CA GLU I 141 -32.49 42.99 -4.34
C GLU I 141 -32.53 44.45 -3.95
N VAL I 142 -32.74 45.33 -4.92
CA VAL I 142 -32.86 46.75 -4.61
C VAL I 142 -34.33 47.15 -4.59
N GLU I 143 -35.27 46.21 -4.75
CA GLU I 143 -36.53 46.50 -4.09
C GLU I 143 -36.67 45.78 -2.76
N ASP I 144 -36.46 44.46 -2.75
CA ASP I 144 -36.71 43.65 -1.57
C ASP I 144 -35.69 43.93 -0.46
N LEU I 145 -34.57 44.54 -0.81
CA LEU I 145 -33.55 44.86 0.19
C LEU I 145 -33.63 46.35 0.55
N VAL I 146 -32.89 46.81 1.54
CA VAL I 146 -32.68 48.24 1.67
C VAL I 146 -34.01 49.00 1.69
N LEU I 147 -35.06 48.35 2.16
CA LEU I 147 -36.32 49.02 2.48
C LEU I 147 -36.64 48.79 4.00
N GLU I 148 -37.83 49.09 4.56
CA GLU I 148 -39.17 49.18 3.91
C GLU I 148 -40.32 49.89 4.62
N GLU I 149 -41.42 49.84 3.87
CA GLU I 149 -42.81 49.87 4.31
C GLU I 149 -43.29 51.11 5.10
N VAL I 150 -44.36 50.96 5.87
CA VAL I 150 -44.95 51.98 6.74
C VAL I 150 -45.09 51.44 8.15
N PRO I 151 -44.40 52.03 9.14
CA PRO I 151 -44.73 51.39 10.42
C PRO I 151 -46.06 51.90 10.97
N ASP I 152 -46.56 51.26 12.03
CA ASP I 152 -47.81 51.68 12.65
C ASP I 152 -47.60 52.48 13.93
N VAL I 153 -46.34 52.60 14.36
CA VAL I 153 -46.04 53.11 15.69
C VAL I 153 -46.15 54.63 15.80
N SER I 154 -46.74 55.08 16.91
CA SER I 154 -46.89 56.51 17.16
C SER I 154 -46.03 56.93 18.33
N TYR I 155 -46.14 58.20 18.71
CA TYR I 155 -45.37 58.73 19.83
C TYR I 155 -45.89 58.17 21.16
N ALA I 156 -47.18 57.86 21.20
CA ALA I 156 -47.81 57.40 22.44
C ALA I 156 -47.21 56.09 22.93
N ASP I 157 -46.64 55.33 22.01
CA ASP I 157 -45.96 54.09 22.36
C ASP I 157 -44.59 54.37 22.97
N ILE I 158 -44.05 55.54 22.66
CA ILE I 158 -42.73 55.95 23.13
C ILE I 158 -42.82 56.71 24.45
N GLY I 159 -42.27 56.12 25.51
CA GLY I 159 -42.29 56.75 26.81
C GLY I 159 -41.20 57.77 27.10
N GLY I 160 -41.57 58.82 27.82
CA GLY I 160 -40.64 59.79 28.36
C GLY I 160 -39.88 60.72 27.42
N LEU I 161 -40.17 60.67 26.14
CA LEU I 161 -39.41 61.43 25.16
C LEU I 161 -39.97 62.80 24.77
N SER I 162 -40.93 63.30 25.54
CA SER I 162 -41.70 64.51 25.19
C SER I 162 -40.90 65.66 24.57
N ARG I 163 -39.94 66.21 25.32
CA ARG I 163 -39.10 67.31 24.81
C ARG I 163 -38.61 67.01 23.39
N GLN I 164 -38.09 65.80 23.24
CA GLN I 164 -37.55 65.36 21.97
C GLN I 164 -38.61 65.28 20.88
N ILE I 165 -39.79 64.76 21.21
CA ILE I 165 -40.82 64.61 20.17
C ILE I 165 -41.24 65.99 19.69
N GLU I 166 -41.37 66.94 20.62
CA GLU I 166 -41.69 68.32 20.27
C GLU I 166 -40.70 68.82 19.23
N GLN I 167 -39.42 68.71 19.57
CA GLN I 167 -38.40 69.14 18.64
C GLN I 167 -38.52 68.46 17.27
N ILE I 168 -38.68 67.13 17.26
CA ILE I 168 -38.75 66.41 15.99
C ILE I 168 -39.91 66.89 15.13
N ARG I 169 -41.04 67.00 15.83
CA ARG I 169 -42.32 67.32 15.28
C ARG I 169 -42.29 68.59 14.55
N ASP I 170 -41.68 69.60 15.15
CA ASP I 170 -41.63 70.85 14.45
C ASP I 170 -40.73 70.61 13.28
N ALA I 171 -39.58 70.09 13.65
CA ALA I 171 -38.48 69.95 12.76
C ALA I 171 -38.81 69.25 11.48
N VAL I 172 -39.63 68.22 11.54
CA VAL I 172 -40.00 67.56 10.31
C VAL I 172 -41.42 67.80 9.86
N GLU I 173 -42.34 67.78 10.81
CA GLU I 173 -43.74 67.91 10.43
C GLU I 173 -44.12 69.28 9.98
N LEU I 174 -43.74 70.21 10.82
CA LEU I 174 -44.02 71.63 10.66
C LEU I 174 -43.63 72.23 9.29
N PRO I 175 -42.41 71.95 8.78
CA PRO I 175 -42.11 72.47 7.43
C PRO I 175 -43.03 71.91 6.36
N PHE I 176 -43.36 70.64 6.47
CA PHE I 176 -44.19 69.98 5.46
C PHE I 176 -45.66 70.37 5.60
N LEU I 177 -46.12 70.44 6.85
CA LEU I 177 -47.53 70.67 7.15
C LEU I 177 -47.98 72.09 6.79
N HIS I 178 -47.17 73.09 7.08
CA HIS I 178 -47.38 74.42 6.51
C HIS I 178 -46.16 74.84 5.71
N LYS I 179 -46.24 74.75 4.40
CA LYS I 179 -45.10 75.15 3.57
C LYS I 179 -45.21 76.58 3.06
N GLU I 180 -46.41 77.14 3.19
CA GLU I 180 -46.71 78.50 2.71
C GLU I 180 -46.25 79.53 3.72
N LEU I 181 -46.41 79.20 4.99
CA LEU I 181 -46.04 80.10 6.05
C LEU I 181 -44.51 80.11 6.11
N TYR I 182 -43.92 78.94 5.87
CA TYR I 182 -42.48 78.78 5.76
C TYR I 182 -41.92 79.57 4.57
N ARG I 183 -42.62 79.49 3.45
CA ARG I 183 -42.24 80.24 2.25
C ARG I 183 -42.28 81.74 2.50
N GLU I 184 -43.28 82.16 3.27
CA GLU I 184 -43.48 83.58 3.54
C GLU I 184 -42.33 84.17 4.34
N TYR I 185 -41.78 83.40 5.27
CA TYR I 185 -40.71 83.88 6.14
C TYR I 185 -39.35 83.65 5.49
N SER I 186 -39.38 83.16 4.25
CA SER I 186 -38.19 82.81 3.51
C SER I 186 -37.37 81.80 4.29
N LEU I 187 -38.07 80.86 4.93
CA LEU I 187 -37.41 79.86 5.75
C LEU I 187 -37.32 78.53 5.02
N ARG I 188 -36.10 78.18 4.60
CA ARG I 188 -35.88 76.93 3.89
C ARG I 188 -36.16 75.75 4.82
N PRO I 189 -36.93 74.76 4.33
CA PRO I 189 -37.21 73.60 5.18
C PRO I 189 -35.95 72.78 5.46
N PRO I 190 -35.82 72.28 6.69
CA PRO I 190 -34.69 71.44 7.10
C PRO I 190 -34.64 70.14 6.31
N LYS I 191 -33.46 69.78 5.82
CA LYS I 191 -33.31 68.59 5.02
C LYS I 191 -33.24 67.33 5.87
N GLY I 192 -32.52 67.41 6.98
CA GLY I 192 -32.29 66.22 7.78
C GLY I 192 -32.03 66.38 9.26
N VAL I 193 -32.31 65.32 10.00
CA VAL I 193 -32.17 65.30 11.44
C VAL I 193 -31.01 64.40 11.84
N LEU I 194 -30.32 64.77 12.92
CA LEU I 194 -29.33 63.91 13.55
C LEU I 194 -29.78 63.57 14.96
N LEU I 195 -30.09 62.30 15.20
CA LEU I 195 -30.45 61.82 16.53
C LEU I 195 -29.22 61.26 17.23
N TYR I 196 -28.89 61.74 18.42
CA TYR I 196 -27.71 61.20 19.11
C TYR I 196 -27.91 61.02 20.61
N GLY I 197 -26.79 60.72 21.28
CA GLY I 197 -26.80 60.34 22.69
C GLY I 197 -26.53 58.87 22.95
N PRO I 198 -26.69 58.43 24.20
CA PRO I 198 -26.43 57.05 24.63
C PRO I 198 -27.35 56.03 23.97
N PRO I 199 -26.94 54.75 23.94
CA PRO I 199 -27.72 53.73 23.24
C PRO I 199 -28.90 53.18 24.07
N GLY I 200 -29.70 52.32 23.45
CA GLY I 200 -30.84 51.68 24.11
C GLY I 200 -31.84 52.67 24.68
N CYS I 201 -32.27 53.61 23.85
CA CYS I 201 -33.05 54.77 24.31
C CYS I 201 -34.33 55.02 23.49
N GLY I 202 -34.15 55.14 22.19
CA GLY I 202 -34.94 56.02 21.32
C GLY I 202 -34.34 55.83 19.93
N LYS I 203 -34.27 56.89 19.14
CA LYS I 203 -33.70 56.78 17.79
C LYS I 203 -34.56 55.88 16.91
N THR I 204 -34.23 54.60 16.69
CA THR I 204 -34.94 53.76 15.69
C THR I 204 -36.45 53.76 15.87
N LEU I 205 -36.90 53.51 17.07
CA LEU I 205 -38.31 53.68 17.44
C LEU I 205 -38.81 55.11 17.17
N ILE I 206 -38.00 56.08 17.57
CA ILE I 206 -38.31 57.49 17.33
C ILE I 206 -38.49 57.80 15.85
N ALA I 207 -37.49 57.43 15.05
CA ALA I 207 -37.52 57.67 13.61
C ALA I 207 -38.77 57.09 12.97
N LYS I 208 -39.03 55.81 13.22
CA LYS I 208 -40.22 55.18 12.66
C LYS I 208 -41.50 55.88 13.14
N ALA I 209 -41.48 56.39 14.37
CA ALA I 209 -42.67 57.04 14.92
C ALA I 209 -42.98 58.36 14.22
N VAL I 210 -41.97 59.23 14.11
CA VAL I 210 -42.18 60.51 13.44
C VAL I 210 -42.52 60.27 11.97
N ALA I 211 -41.90 59.23 11.42
CA ALA I 211 -42.23 58.75 10.08
C ALA I 211 -43.73 58.51 9.93
N ASN I 212 -44.23 57.56 10.71
CA ASN I 212 -45.66 57.21 10.71
C ASN I 212 -46.56 58.41 10.91
N SER I 213 -46.23 59.24 11.90
CA SER I 213 -47.08 60.37 12.26
C SER I 213 -47.19 61.37 11.12
N LEU I 214 -46.04 61.71 10.53
CA LEU I 214 -46.02 62.62 9.39
C LEU I 214 -46.74 62.01 8.19
N ALA I 215 -46.58 60.69 8.04
CA ALA I 215 -47.14 59.95 6.92
C ALA I 215 -48.66 60.02 6.87
N LYS I 216 -49.30 60.36 7.98
CA LYS I 216 -50.73 60.58 7.94
C LYS I 216 -51.08 62.04 8.21
N LYS I 217 -51.27 62.80 7.14
CA LYS I 217 -51.99 64.07 7.17
C LYS I 217 -53.34 64.00 6.44
N MET I 218 -53.61 62.87 5.79
CA MET I 218 -54.57 62.89 4.69
C MET I 218 -55.85 62.08 4.92
N ALA I 219 -56.69 62.02 3.88
CA ALA I 219 -57.93 61.26 3.91
C ALA I 219 -57.71 59.81 3.50
N SER I 231 -47.18 58.88 3.18
CA SER I 231 -47.64 57.56 3.59
C SER I 231 -46.46 56.63 3.91
N TYR I 232 -45.42 56.71 3.08
CA TYR I 232 -44.39 55.68 3.04
C TYR I 232 -43.09 56.01 3.77
N PHE I 233 -42.55 55.00 4.45
CA PHE I 233 -41.32 55.06 5.23
C PHE I 233 -40.20 54.29 4.50
N LEU I 234 -39.03 54.18 5.14
CA LEU I 234 -37.91 53.35 4.69
C LEU I 234 -36.84 53.40 5.76
N ASN I 235 -35.99 52.38 5.80
CA ASN I 235 -34.85 52.40 6.72
C ASN I 235 -33.70 51.55 6.23
N ILE I 236 -32.47 52.02 6.46
CA ILE I 236 -31.27 51.25 6.17
C ILE I 236 -30.34 51.29 7.39
N LYS I 237 -29.51 50.27 7.55
CA LYS I 237 -28.63 50.20 8.71
C LYS I 237 -27.15 50.32 8.32
N GLY I 238 -26.35 50.78 9.27
CA GLY I 238 -24.91 50.87 9.12
C GLY I 238 -24.21 49.60 8.68
N PRO I 239 -24.42 48.48 9.40
CA PRO I 239 -23.74 47.21 9.06
C PRO I 239 -23.97 46.72 7.64
N GLU I 240 -25.21 46.80 7.16
CA GLU I 240 -25.56 46.30 5.83
C GLU I 240 -24.83 47.05 4.73
N LEU I 241 -24.41 48.27 5.03
CA LEU I 241 -23.59 49.05 4.12
C LEU I 241 -22.31 48.28 3.85
N LEU I 242 -21.61 47.90 4.92
CA LEU I 242 -20.51 46.96 4.83
C LEU I 242 -21.04 45.72 4.10
N ASN I 243 -20.32 45.19 3.11
CA ASN I 243 -18.91 45.47 2.82
C ASN I 243 -18.55 46.84 2.23
N LYS I 244 -19.57 47.66 1.96
CA LYS I 244 -19.49 49.05 1.43
C LYS I 244 -19.49 49.35 -0.11
N PHE I 245 -19.41 48.39 -1.05
CA PHE I 245 -19.25 46.95 -0.82
C PHE I 245 -17.87 46.49 -1.34
N VAL I 246 -17.05 46.08 -0.39
CA VAL I 246 -15.60 45.93 -0.52
C VAL I 246 -15.03 47.23 -1.10
N GLY I 247 -13.97 47.13 -1.91
CA GLY I 247 -13.50 48.31 -2.59
C GLY I 247 -14.00 48.40 -4.02
N GLU I 248 -14.21 49.61 -4.51
CA GLU I 248 -14.39 50.79 -3.66
C GLU I 248 -15.89 51.03 -3.58
N THR I 249 -16.49 51.21 -4.76
CA THR I 249 -17.93 51.36 -4.94
C THR I 249 -18.70 50.27 -4.18
N GLU I 250 -19.74 50.54 -3.37
CA GLU I 250 -20.67 51.71 -3.20
C GLU I 250 -21.95 51.62 -4.06
N ARG I 251 -22.07 50.59 -4.89
CA ARG I 251 -23.15 50.50 -5.88
C ARG I 251 -24.55 50.83 -5.37
N HIS I 252 -24.87 50.40 -4.15
CA HIS I 252 -26.22 50.62 -3.61
C HIS I 252 -26.48 52.07 -3.22
N ILE I 253 -25.44 52.80 -2.81
CA ILE I 253 -25.59 54.17 -2.31
C ILE I 253 -26.29 55.07 -3.34
N ARG I 254 -26.32 54.61 -4.61
CA ARG I 254 -27.02 55.33 -5.69
C ARG I 254 -28.47 54.84 -5.86
N LEU I 255 -28.65 53.53 -5.90
CA LEU I 255 -29.96 52.87 -5.98
C LEU I 255 -30.91 53.31 -4.87
N ILE I 256 -30.39 53.33 -3.64
CA ILE I 256 -31.21 53.59 -2.46
C ILE I 256 -31.79 55.00 -2.47
N PHE I 257 -30.99 55.98 -2.91
CA PHE I 257 -31.47 57.36 -2.98
C PHE I 257 -32.38 57.50 -4.18
N GLN I 258 -32.21 56.62 -5.15
CA GLN I 258 -33.09 56.58 -6.29
C GLN I 258 -34.51 56.22 -5.87
N ARG I 259 -34.69 55.10 -5.16
CA ARG I 259 -36.05 54.58 -5.00
C ARG I 259 -37.00 55.41 -4.11
N ALA I 260 -36.45 56.29 -3.28
CA ALA I 260 -37.32 57.16 -2.47
C ALA I 260 -37.85 58.30 -3.33
N ARG I 261 -37.04 58.69 -4.30
CA ARG I 261 -37.38 59.73 -5.26
C ARG I 261 -38.65 59.39 -6.02
N GLU I 262 -39.03 58.12 -6.04
CA GLU I 262 -40.23 57.67 -6.75
C GLU I 262 -41.50 57.87 -5.91
N LYS I 263 -41.35 58.01 -4.60
CA LYS I 263 -42.45 58.53 -3.78
C LYS I 263 -42.34 60.05 -3.74
N ALA I 264 -41.18 60.56 -4.12
CA ALA I 264 -40.95 62.01 -4.14
C ALA I 264 -41.54 62.65 -5.40
N SER I 265 -41.71 61.85 -6.44
CA SER I 265 -42.32 62.30 -7.68
C SER I 265 -43.83 62.13 -7.56
N GLU I 266 -44.27 61.67 -6.39
CA GLU I 266 -45.69 61.41 -6.13
C GLU I 266 -46.44 62.33 -5.15
N GLY I 267 -45.75 62.98 -4.21
CA GLY I 267 -46.42 63.85 -3.26
C GLY I 267 -46.81 63.11 -2.01
N THR I 268 -46.24 61.91 -1.86
CA THR I 268 -46.27 61.18 -0.60
C THR I 268 -44.88 61.23 0.05
N PRO I 269 -44.79 61.81 1.25
CA PRO I 269 -43.50 62.01 1.92
C PRO I 269 -42.83 60.70 2.33
N VAL I 270 -41.53 60.59 2.06
CA VAL I 270 -40.79 59.38 2.40
C VAL I 270 -39.47 59.73 3.11
N ILE I 271 -39.10 58.91 4.09
CA ILE I 271 -37.99 59.21 4.98
C ILE I 271 -36.84 58.21 4.83
N VAL I 272 -35.63 58.73 4.63
CA VAL I 272 -34.43 57.91 4.55
C VAL I 272 -33.75 57.84 5.89
N PHE I 273 -33.75 56.67 6.52
CA PHE I 273 -33.13 56.54 7.84
C PHE I 273 -31.84 55.76 7.80
N PHE I 274 -30.82 56.30 8.47
CA PHE I 274 -29.56 55.58 8.65
C PHE I 274 -29.40 55.19 10.10
N ASP I 275 -28.88 53.99 10.34
CA ASP I 275 -28.57 53.59 11.69
C ASP I 275 -27.07 53.44 11.82
N GLU I 276 -26.60 53.23 13.05
CA GLU I 276 -25.19 52.94 13.35
C GLU I 276 -24.22 53.80 12.53
N MET I 277 -24.57 55.07 12.34
CA MET I 277 -23.83 55.96 11.44
C MET I 277 -22.37 56.14 11.87
N ASP I 278 -22.15 56.14 13.18
CA ASP I 278 -20.82 56.25 13.79
C ASP I 278 -19.81 55.28 13.19
N SER I 279 -20.27 54.07 12.89
CA SER I 279 -19.42 52.97 12.42
C SER I 279 -18.77 53.23 11.06
N ILE I 280 -19.29 54.19 10.28
CA ILE I 280 -18.71 54.49 8.96
C ILE I 280 -17.75 55.67 8.92
N PHE I 281 -18.19 56.82 9.43
CA PHE I 281 -17.36 58.02 9.55
C PHE I 281 -17.56 58.68 10.92
N ARG I 282 -16.59 58.66 11.86
CA ARG I 282 -15.29 57.98 11.81
C ARG I 282 -14.34 58.49 10.72
N THR I 283 -14.14 59.80 10.71
CA THR I 283 -13.21 60.44 9.79
C THR I 283 -11.74 60.25 10.19
N ARG I 284 -10.84 60.94 9.49
CA ARG I 284 -9.39 60.79 9.67
C ARG I 284 -8.96 59.33 9.51
N VAL I 296 -15.46 54.33 1.17
CA VAL I 296 -15.29 55.32 2.23
C VAL I 296 -16.50 56.26 2.27
N VAL I 297 -16.37 57.36 3.00
CA VAL I 297 -17.48 58.26 3.31
C VAL I 297 -18.07 59.21 2.20
N PRO I 298 -17.23 60.00 1.50
CA PRO I 298 -17.73 61.22 0.84
C PRO I 298 -18.88 61.13 -0.17
N GLN I 299 -19.17 59.97 -0.75
CA GLN I 299 -20.24 59.87 -1.74
C GLN I 299 -21.60 60.26 -1.15
N LEU I 300 -21.85 59.79 0.07
CA LEU I 300 -23.12 60.00 0.77
C LEU I 300 -23.47 61.48 0.86
N LEU I 301 -22.46 62.30 1.14
CA LEU I 301 -22.60 63.74 1.23
C LEU I 301 -23.23 64.31 -0.04
N SER I 302 -22.62 63.99 -1.17
CA SER I 302 -23.10 64.40 -2.47
C SER I 302 -24.53 63.90 -2.72
N GLU I 303 -24.79 62.65 -2.33
CA GLU I 303 -26.13 62.09 -2.48
C GLU I 303 -27.17 62.82 -1.66
N ILE I 304 -26.75 63.42 -0.56
CA ILE I 304 -27.63 64.23 0.26
C ILE I 304 -27.83 65.59 -0.40
N ASP I 305 -26.76 66.13 -1.00
CA ASP I 305 -26.86 67.38 -1.74
C ASP I 305 -27.70 67.20 -3.00
N GLY I 306 -27.95 65.95 -3.38
CA GLY I 306 -28.78 65.64 -4.53
C GLY I 306 -30.26 65.63 -4.16
N VAL I 307 -30.56 65.32 -2.91
CA VAL I 307 -31.94 65.34 -2.43
C VAL I 307 -32.26 66.71 -1.82
N GLU I 308 -31.27 67.61 -1.88
CA GLU I 308 -31.40 68.98 -1.38
C GLU I 308 -32.60 69.71 -1.98
N GLY I 309 -32.59 69.89 -3.30
CA GLY I 309 -33.69 70.55 -3.99
C GLY I 309 -34.99 69.76 -3.97
N LEU I 310 -34.95 68.53 -3.45
CA LEU I 310 -36.13 67.69 -3.41
C LEU I 310 -37.01 68.02 -2.19
N GLU I 311 -38.23 68.43 -2.49
CA GLU I 311 -39.17 68.94 -1.49
C GLU I 311 -39.66 67.86 -0.52
N ASN I 312 -39.81 66.64 -1.01
CA ASN I 312 -40.61 65.62 -0.33
C ASN I 312 -39.86 64.62 0.57
N VAL I 313 -38.53 64.73 0.65
CA VAL I 313 -37.74 63.74 1.38
C VAL I 313 -36.94 64.30 2.56
N ILE I 314 -37.11 63.67 3.73
CA ILE I 314 -36.30 63.95 4.90
C ILE I 314 -35.39 62.76 5.23
N VAL I 315 -34.13 63.05 5.52
CA VAL I 315 -33.17 62.01 5.89
C VAL I 315 -32.87 62.09 7.38
N ILE I 316 -32.80 60.95 8.05
CA ILE I 316 -32.56 60.95 9.50
C ILE I 316 -31.39 60.05 9.89
N GLY I 317 -30.35 60.66 10.45
CA GLY I 317 -29.23 59.90 10.96
C GLY I 317 -29.39 59.60 12.44
N ALA I 318 -28.73 58.54 12.90
CA ALA I 318 -28.72 58.19 14.32
C ALA I 318 -27.36 57.64 14.72
N SER I 319 -26.82 58.09 15.85
CA SER I 319 -25.51 57.62 16.29
C SER I 319 -25.37 57.65 17.80
N ASN I 320 -24.68 56.66 18.35
CA ASN I 320 -24.40 56.62 19.77
C ASN I 320 -23.01 57.15 20.09
N ARG I 321 -22.24 57.46 19.06
CA ARG I 321 -20.99 58.18 19.26
C ARG I 321 -20.95 59.38 18.34
N GLU I 322 -21.09 60.57 18.91
CA GLU I 322 -21.18 61.78 18.11
C GLU I 322 -19.84 62.48 18.02
N ASP I 323 -18.84 61.92 18.69
CA ASP I 323 -17.49 62.46 18.61
C ASP I 323 -16.90 62.07 17.27
N MET I 324 -17.32 60.91 16.76
CA MET I 324 -16.78 60.34 15.54
C MET I 324 -17.32 61.01 14.29
N ILE I 325 -18.59 61.40 14.32
CA ILE I 325 -19.30 61.87 13.13
C ILE I 325 -18.56 63.01 12.46
N ASP I 326 -18.23 62.83 11.19
CA ASP I 326 -17.51 63.87 10.44
C ASP I 326 -18.39 65.11 10.33
N PRO I 327 -17.88 66.24 10.83
CA PRO I 327 -18.63 67.49 10.91
C PRO I 327 -19.22 67.94 9.57
N ALA I 328 -18.62 67.52 8.46
CA ALA I 328 -19.07 67.90 7.12
C ALA I 328 -20.55 67.58 6.89
N ILE I 329 -20.96 66.40 7.34
CA ILE I 329 -22.36 66.00 7.25
C ILE I 329 -23.23 66.83 8.20
N LEU I 330 -22.62 67.34 9.26
CA LEU I 330 -23.33 68.13 10.26
C LEU I 330 -23.46 69.61 9.88
N ARG I 331 -22.64 70.05 8.93
CA ARG I 331 -22.67 71.43 8.43
C ARG I 331 -24.04 71.74 7.83
N PRO I 332 -24.46 73.02 7.89
CA PRO I 332 -25.81 73.43 7.46
C PRO I 332 -26.20 72.93 6.07
N GLY I 333 -27.45 72.52 5.94
CA GLY I 333 -28.00 72.08 4.66
C GLY I 333 -28.09 70.57 4.47
N ARG I 334 -27.31 69.82 5.25
CA ARG I 334 -27.30 68.37 5.12
C ARG I 334 -28.12 67.72 6.24
N LEU I 335 -27.59 67.70 7.45
CA LEU I 335 -28.43 67.43 8.60
C LEU I 335 -28.45 68.71 9.43
N ASP I 336 -29.54 69.45 9.34
CA ASP I 336 -29.63 70.73 10.02
C ASP I 336 -30.00 70.57 11.48
N VAL I 337 -31.02 69.76 11.75
CA VAL I 337 -31.45 69.56 13.12
C VAL I 337 -30.61 68.49 13.81
N LYS I 338 -30.33 68.73 15.08
CA LYS I 338 -29.59 67.79 15.89
C LYS I 338 -30.36 67.63 17.19
N ILE I 339 -30.89 66.43 17.41
CA ILE I 339 -31.71 66.16 18.59
C ILE I 339 -31.15 65.02 19.42
N LYS I 340 -30.75 65.31 20.65
CA LYS I 340 -30.13 64.31 21.49
C LYS I 340 -31.18 63.60 22.34
N ILE I 341 -31.17 62.28 22.26
CA ILE I 341 -31.98 61.47 23.14
C ILE I 341 -31.12 61.10 24.33
N GLU I 342 -31.43 61.68 25.48
CA GLU I 342 -30.58 61.48 26.64
C GLU I 342 -31.10 60.34 27.49
N ARG I 343 -30.38 60.02 28.55
CA ARG I 343 -30.79 58.91 29.41
C ARG I 343 -32.14 59.21 30.02
N PRO I 344 -33.03 58.14 30.05
CA PRO I 344 -34.33 58.46 30.65
C PRO I 344 -34.11 58.85 32.10
N ASP I 345 -34.80 59.88 32.57
CA ASP I 345 -34.60 60.32 33.94
C ASP I 345 -35.60 59.60 34.82
N ALA I 346 -35.71 60.03 36.08
CA ALA I 346 -36.59 59.40 37.06
C ALA I 346 -38.03 59.20 36.54
N GLU I 347 -38.64 60.23 35.99
CA GLU I 347 -40.05 60.15 35.57
C GLU I 347 -40.19 59.43 34.22
N ALA I 348 -39.23 59.64 33.34
CA ALA I 348 -39.24 59.00 32.02
C ALA I 348 -39.21 57.50 32.21
N ALA I 349 -38.51 57.08 33.26
CA ALA I 349 -38.50 55.68 33.67
C ALA I 349 -39.93 55.22 33.93
N GLN I 350 -40.65 55.95 34.79
CA GLN I 350 -42.05 55.65 35.06
C GLN I 350 -42.84 55.47 33.76
N ASP I 351 -42.67 56.42 32.83
CA ASP I 351 -43.39 56.37 31.55
C ASP I 351 -43.09 55.09 30.76
N ILE I 352 -41.81 54.82 30.52
CA ILE I 352 -41.40 53.65 29.75
C ILE I 352 -41.83 52.35 30.44
N TYR I 353 -41.83 52.35 31.77
CA TYR I 353 -42.27 51.18 32.51
C TYR I 353 -43.75 50.97 32.26
N SER I 354 -44.49 52.07 32.23
CA SER I 354 -45.92 52.03 31.93
C SER I 354 -46.17 51.47 30.55
N LYS I 355 -45.25 51.74 29.62
CA LYS I 355 -45.36 51.16 28.29
C LYS I 355 -45.17 49.65 28.35
N TYR I 356 -44.13 49.21 29.08
CA TYR I 356 -43.84 47.78 29.14
C TYR I 356 -44.67 46.97 30.14
N LEU I 357 -45.15 47.61 31.19
CA LEU I 357 -46.10 46.94 32.07
C LEU I 357 -47.49 47.40 31.73
N THR I 358 -48.25 46.55 31.07
CA THR I 358 -49.60 46.89 30.65
C THR I 358 -50.58 46.25 31.61
N GLU I 359 -51.87 46.51 31.40
CA GLU I 359 -52.89 45.85 32.19
C GLU I 359 -53.05 44.41 31.73
N PHE I 360 -52.34 44.07 30.65
CA PHE I 360 -52.55 42.82 29.93
C PHE I 360 -51.62 41.72 30.44
N LEU I 361 -50.81 42.06 31.46
CA LEU I 361 -49.93 41.09 32.11
C LEU I 361 -50.59 40.52 33.35
N PRO I 362 -50.60 39.19 33.49
CA PRO I 362 -51.15 38.61 34.72
C PRO I 362 -50.43 39.11 35.96
N VAL I 363 -51.17 39.62 36.93
CA VAL I 363 -50.56 40.12 38.17
C VAL I 363 -51.07 39.30 39.35
N HIS I 364 -50.15 38.98 40.26
CA HIS I 364 -50.45 38.12 41.41
C HIS I 364 -51.62 38.61 42.24
N ALA I 365 -52.39 37.66 42.76
CA ALA I 365 -53.56 37.95 43.58
C ALA I 365 -53.18 38.78 44.78
N ASP I 366 -52.05 38.42 45.38
CA ASP I 366 -51.58 39.07 46.61
C ASP I 366 -51.39 40.57 46.40
N ASP I 367 -50.87 40.93 45.24
CA ASP I 367 -50.58 42.33 44.96
C ASP I 367 -51.84 43.10 44.58
N LEU I 368 -52.86 42.36 44.15
CA LEU I 368 -54.17 42.92 43.86
C LEU I 368 -54.95 43.11 45.15
N ALA I 369 -54.53 42.37 46.17
CA ALA I 369 -55.25 42.31 47.44
C ALA I 369 -55.22 43.62 48.21
N GLU I 370 -54.08 44.31 48.19
CA GLU I 370 -53.96 45.54 48.97
C GLU I 370 -54.57 46.74 48.25
N PHE I 371 -54.80 46.60 46.94
CA PHE I 371 -55.36 47.67 46.12
C PHE I 371 -56.87 47.60 45.90
N ASP I 372 -57.52 46.74 46.67
CA ASP I 372 -58.98 46.61 46.64
C ASP I 372 -59.38 46.02 45.30
N GLY I 373 -58.47 45.22 44.74
CA GLY I 373 -58.70 44.55 43.47
C GLY I 373 -58.61 45.49 42.28
N ASP I 374 -58.11 46.69 42.51
CA ASP I 374 -57.95 47.66 41.44
C ASP I 374 -56.54 47.57 40.89
N ARG I 375 -56.41 47.00 39.70
CA ARG I 375 -55.09 46.69 39.15
C ARG I 375 -54.43 47.90 38.54
N SER I 376 -55.21 48.88 38.09
CA SER I 376 -54.61 50.10 37.54
C SER I 376 -53.81 50.78 38.64
N ALA I 377 -54.43 50.91 39.82
CA ALA I 377 -53.76 51.44 41.00
C ALA I 377 -52.53 50.62 41.35
N CYS I 378 -52.65 49.31 41.13
CA CYS I 378 -51.62 48.38 41.53
C CYS I 378 -50.40 48.59 40.64
N ILE I 379 -50.53 48.31 39.34
CA ILE I 379 -49.45 48.51 38.39
C ILE I 379 -48.85 49.92 38.49
N LYS I 380 -49.70 50.92 38.67
CA LYS I 380 -49.20 52.28 38.92
C LYS I 380 -48.17 52.24 40.05
N ALA I 381 -48.64 51.86 41.24
CA ALA I 381 -47.79 51.84 42.43
C ALA I 381 -46.55 50.96 42.27
N MET I 382 -46.70 49.82 41.60
CA MET I 382 -45.58 48.94 41.31
C MET I 382 -44.50 49.67 40.54
N ILE I 383 -44.90 50.32 39.45
CA ILE I 383 -43.97 51.09 38.64
C ILE I 383 -43.24 52.13 39.48
N GLU I 384 -44.00 52.92 40.25
CA GLU I 384 -43.38 53.89 41.15
C GLU I 384 -42.36 53.20 42.06
N LYS I 385 -42.70 52.02 42.54
CA LYS I 385 -41.88 51.32 43.50
C LYS I 385 -40.58 50.83 42.88
N VAL I 386 -40.64 50.26 41.69
CA VAL I 386 -39.41 49.75 41.09
C VAL I 386 -38.55 50.91 40.62
N VAL I 387 -39.16 52.04 40.22
CA VAL I 387 -38.38 53.20 39.79
C VAL I 387 -37.70 53.85 40.99
N ASP I 388 -38.43 53.84 42.10
CA ASP I 388 -37.91 54.19 43.39
C ASP I 388 -36.64 53.40 43.65
N ARG I 389 -36.79 52.08 43.77
CA ARG I 389 -35.65 51.18 44.05
C ARG I 389 -34.52 51.38 43.05
N MET I 390 -34.88 51.74 41.83
CA MET I 390 -33.93 51.80 40.75
C MET I 390 -33.05 53.03 40.82
N TYR I 391 -33.67 54.17 41.13
CA TYR I 391 -32.96 55.44 41.09
C TYR I 391 -32.41 55.85 42.46
N ALA I 392 -32.63 55.00 43.47
CA ALA I 392 -32.14 55.29 44.81
C ALA I 392 -30.62 55.35 44.83
N GLU I 393 -30.10 56.04 45.83
CA GLU I 393 -28.66 56.24 46.01
C GLU I 393 -28.00 55.27 46.99
N ILE I 394 -28.70 54.22 47.40
CA ILE I 394 -28.18 53.36 48.46
C ILE I 394 -26.95 52.59 47.98
N ASP I 395 -26.33 51.82 48.89
CA ASP I 395 -25.03 51.21 48.63
C ASP I 395 -25.06 50.20 47.48
N ASP I 396 -26.16 49.48 47.34
CA ASP I 396 -26.24 48.37 46.39
C ASP I 396 -26.64 48.82 44.99
N ASN I 397 -26.85 50.12 44.83
CA ASN I 397 -27.07 50.72 43.52
C ASN I 397 -25.83 51.38 42.93
N ARG I 398 -24.68 51.23 43.57
CA ARG I 398 -23.48 51.86 43.04
C ARG I 398 -23.15 51.26 41.67
N PHE I 399 -22.85 52.12 40.71
CA PHE I 399 -22.57 51.66 39.36
C PHE I 399 -21.08 51.61 39.00
N LEU I 400 -20.34 52.67 39.33
CA LEU I 400 -18.94 52.77 38.94
C LEU I 400 -18.13 53.70 39.83
N GLU I 401 -16.81 53.55 39.78
CA GLU I 401 -15.90 54.43 40.52
C GLU I 401 -14.90 54.98 39.53
N VAL I 402 -14.88 56.31 39.41
CA VAL I 402 -14.02 56.98 38.47
C VAL I 402 -12.91 57.74 39.20
N THR I 403 -11.68 57.34 38.92
CA THR I 403 -10.49 58.03 39.45
C THR I 403 -10.00 59.06 38.46
N TYR I 404 -10.15 60.33 38.84
CA TYR I 404 -9.70 61.46 38.02
C TYR I 404 -8.20 61.74 38.17
N ALA I 405 -7.64 62.39 37.16
CA ALA I 405 -6.22 62.67 37.09
C ALA I 405 -5.72 63.55 38.24
N ASN I 406 -6.63 64.19 38.97
CA ASN I 406 -6.20 65.03 40.08
C ASN I 406 -6.23 64.26 41.38
N GLY I 407 -6.59 62.98 41.30
CA GLY I 407 -6.65 62.12 42.47
C GLY I 407 -8.05 61.91 42.99
N ASP I 408 -8.97 62.80 42.62
CA ASP I 408 -10.36 62.68 43.07
C ASP I 408 -11.05 61.44 42.50
N LYS I 409 -11.92 60.84 43.30
CA LYS I 409 -12.71 59.70 42.85
C LYS I 409 -14.19 59.96 43.06
N GLU I 410 -15.00 59.52 42.10
CA GLU I 410 -16.44 59.74 42.15
C GLU I 410 -17.19 58.44 41.89
N VAL I 411 -18.21 58.16 42.70
CA VAL I 411 -18.97 56.91 42.54
C VAL I 411 -20.25 57.07 41.71
N MET I 412 -20.28 56.44 40.55
CA MET I 412 -21.43 56.53 39.65
C MET I 412 -22.55 55.59 40.04
N TYR I 413 -23.76 56.13 40.13
CA TYR I 413 -24.94 55.38 40.54
C TYR I 413 -25.77 55.00 39.34
N PHE I 414 -26.46 53.86 39.39
CA PHE I 414 -27.21 53.40 38.21
C PHE I 414 -28.25 54.40 37.74
N LYS I 415 -28.64 55.32 38.61
CA LYS I 415 -29.62 56.32 38.24
C LYS I 415 -29.13 57.12 37.04
N ASP I 416 -27.82 57.36 36.98
CA ASP I 416 -27.26 58.11 35.87
C ASP I 416 -27.04 57.24 34.64
N PHE I 417 -26.91 55.93 34.83
CA PHE I 417 -26.66 55.04 33.70
C PHE I 417 -27.87 54.26 33.18
N ASN I 418 -29.06 54.52 33.71
CA ASN I 418 -30.27 53.83 33.26
C ASN I 418 -30.62 54.16 31.80
N SER I 419 -31.38 53.29 31.16
CA SER I 419 -31.73 53.50 29.76
C SER I 419 -33.03 52.79 29.41
N GLY I 420 -33.47 52.94 28.16
CA GLY I 420 -34.68 52.27 27.74
C GLY I 420 -34.46 50.78 27.68
N ALA I 421 -33.32 50.40 27.11
CA ALA I 421 -33.00 48.99 26.95
C ALA I 421 -32.90 48.29 28.28
N MET I 422 -32.44 49.01 29.29
CA MET I 422 -32.27 48.39 30.59
C MET I 422 -33.62 48.17 31.24
N ILE I 423 -34.51 49.15 31.13
CA ILE I 423 -35.88 48.99 31.60
C ILE I 423 -36.55 47.78 30.95
N GLN I 424 -36.49 47.73 29.62
CA GLN I 424 -37.08 46.62 28.88
C GLN I 424 -36.48 45.30 29.37
N ASN I 425 -35.20 45.31 29.71
CA ASN I 425 -34.60 44.08 30.24
C ASN I 425 -35.07 43.72 31.65
N VAL I 426 -35.34 44.73 32.46
CA VAL I 426 -35.84 44.51 33.80
C VAL I 426 -37.21 43.86 33.68
N VAL I 427 -38.01 44.36 32.75
CA VAL I 427 -39.36 43.83 32.55
C VAL I 427 -39.27 42.39 32.05
N ASP I 428 -38.50 42.19 30.99
CA ASP I 428 -38.40 40.87 30.37
C ASP I 428 -37.82 39.83 31.31
N ARG I 429 -37.02 40.29 32.27
CA ARG I 429 -36.49 39.42 33.32
C ARG I 429 -37.59 39.09 34.33
N ALA I 430 -38.36 40.11 34.69
CA ALA I 430 -39.39 39.96 35.71
C ALA I 430 -40.47 38.98 35.26
N LYS I 431 -40.85 39.09 33.99
CA LYS I 431 -41.80 38.15 33.41
C LYS I 431 -41.35 36.69 33.52
N LYS I 432 -40.11 36.42 33.12
CA LYS I 432 -39.56 35.08 33.22
C LYS I 432 -39.62 34.61 34.65
N ASN I 433 -39.32 35.52 35.57
CA ASN I 433 -39.41 35.20 36.99
C ASN I 433 -40.83 34.77 37.36
N ALA I 434 -41.81 35.46 36.78
CA ALA I 434 -43.22 35.18 37.04
C ALA I 434 -43.64 33.82 36.49
N ILE I 435 -43.08 33.45 35.33
CA ILE I 435 -43.27 32.10 34.75
C ILE I 435 -42.70 31.00 35.65
N LYS I 436 -41.46 31.20 36.08
CA LYS I 436 -40.80 30.23 36.96
C LYS I 436 -41.61 30.08 38.22
N SER I 437 -42.16 31.20 38.67
CA SER I 437 -43.02 31.23 39.83
C SER I 437 -44.30 30.42 39.56
N VAL I 438 -44.85 30.57 38.36
CA VAL I 438 -46.06 29.84 38.01
C VAL I 438 -45.84 28.34 38.06
N LEU I 439 -44.70 27.89 37.52
CA LEU I 439 -44.39 26.47 37.55
C LEU I 439 -44.10 25.97 38.98
N GLU I 440 -43.24 26.68 39.69
CA GLU I 440 -42.77 26.19 40.98
C GLU I 440 -43.71 26.41 42.17
N THR I 441 -44.35 27.58 42.26
CA THR I 441 -45.34 27.79 43.32
C THR I 441 -46.78 27.48 42.91
N GLY I 442 -47.01 27.29 41.62
CA GLY I 442 -48.31 26.85 41.16
C GLY I 442 -49.41 27.90 41.06
N GLN I 443 -49.13 29.14 41.47
CA GLN I 443 -50.13 30.19 41.31
C GLN I 443 -49.65 31.27 40.35
N PRO I 444 -50.59 31.88 39.58
CA PRO I 444 -50.26 32.78 38.48
C PRO I 444 -49.96 34.23 38.86
N GLY I 445 -49.28 34.91 37.94
CA GLY I 445 -49.16 36.36 37.97
C GLY I 445 -47.83 36.91 38.44
N LEU I 446 -47.48 38.06 37.90
CA LEU I 446 -46.29 38.78 38.30
C LEU I 446 -46.49 39.38 39.68
N ARG I 447 -45.47 39.37 40.53
CA ARG I 447 -45.56 40.18 41.72
C ARG I 447 -44.34 41.09 41.87
N ILE I 448 -44.48 42.12 42.69
CA ILE I 448 -43.46 43.16 42.86
C ILE I 448 -42.09 42.57 43.15
N GLN I 449 -42.06 41.49 43.91
CA GLN I 449 -40.79 40.87 44.28
C GLN I 449 -40.02 40.43 43.03
N HIS I 450 -40.75 39.90 42.04
CA HIS I 450 -40.15 39.49 40.77
C HIS I 450 -39.47 40.66 40.08
N LEU I 451 -40.09 41.82 40.17
CA LEU I 451 -39.55 43.04 39.57
C LEU I 451 -38.30 43.51 40.29
N LEU I 452 -38.34 43.51 41.62
CA LEU I 452 -37.21 44.04 42.38
C LEU I 452 -35.98 43.14 42.25
N ASP I 453 -36.21 41.82 42.33
CA ASP I 453 -35.15 40.87 42.08
C ASP I 453 -34.62 41.03 40.67
N SER I 454 -35.52 41.29 39.73
CA SER I 454 -35.11 41.55 38.35
C SER I 454 -34.18 42.77 38.24
N ILE I 455 -34.46 43.80 39.03
CA ILE I 455 -33.63 45.02 39.06
C ILE I 455 -32.23 44.78 39.63
N VAL I 456 -32.15 44.10 40.77
CA VAL I 456 -30.85 43.83 41.37
C VAL I 456 -30.01 42.88 40.49
N ASP I 457 -30.69 41.91 39.88
CA ASP I 457 -30.02 41.01 38.92
C ASP I 457 -29.50 41.77 37.72
N GLU I 458 -30.32 42.68 37.18
CA GLU I 458 -29.95 43.44 35.99
C GLU I 458 -28.75 44.32 36.27
N PHE I 459 -28.76 44.91 37.46
CA PHE I 459 -27.66 45.74 37.92
C PHE I 459 -26.37 44.92 38.02
N ALA I 460 -26.45 43.77 38.67
CA ALA I 460 -25.27 42.89 38.80
C ALA I 460 -24.73 42.52 37.42
N GLU I 461 -25.64 42.13 36.54
CA GLU I 461 -25.27 41.74 35.19
C GLU I 461 -24.56 42.89 34.49
N ASN I 462 -24.96 44.11 34.79
CA ASN I 462 -24.31 45.29 34.20
C ASN I 462 -22.93 45.58 34.77
N GLU I 463 -22.79 45.38 36.08
CA GLU I 463 -21.50 45.57 36.74
C GLU I 463 -20.48 44.58 36.19
N ASP I 464 -20.90 43.33 36.01
CA ASP I 464 -19.93 42.32 35.59
C ASP I 464 -19.56 42.50 34.12
N LEU I 465 -20.50 42.99 33.33
CA LEU I 465 -20.30 43.17 31.89
C LEU I 465 -20.81 44.52 31.43
N PRO I 466 -20.00 45.58 31.63
CA PRO I 466 -20.43 46.98 31.49
C PRO I 466 -20.33 47.55 30.08
N ASN I 467 -20.90 46.84 29.10
CA ASN I 467 -20.84 47.26 27.71
C ASN I 467 -21.91 48.28 27.35
N THR I 468 -22.81 48.55 28.29
CA THR I 468 -23.83 49.59 28.15
C THR I 468 -23.20 50.99 28.11
N THR I 469 -21.91 51.07 28.45
CA THR I 469 -21.23 52.35 28.40
C THR I 469 -20.46 52.51 27.10
N ASN I 470 -19.87 53.69 26.93
CA ASN I 470 -18.97 53.99 25.81
C ASN I 470 -18.25 55.31 26.11
N PRO I 471 -17.29 55.72 25.27
CA PRO I 471 -16.58 56.97 25.53
C PRO I 471 -17.45 58.25 25.56
N ASP I 472 -18.67 58.18 25.04
CA ASP I 472 -19.62 59.28 25.19
C ASP I 472 -19.79 59.62 26.67
N ASP I 473 -20.11 58.58 27.45
CA ASP I 473 -20.32 58.70 28.88
C ASP I 473 -19.09 59.23 29.61
N TRP I 474 -17.91 58.79 29.19
CA TRP I 474 -16.70 59.24 29.85
C TRP I 474 -16.45 60.70 29.52
N ALA I 475 -16.86 61.09 28.31
CA ALA I 475 -16.74 62.48 27.90
C ALA I 475 -17.65 63.36 28.75
N ARG I 476 -18.86 62.89 29.02
CA ARG I 476 -19.78 63.68 29.83
C ARG I 476 -19.40 63.69 31.31
N ILE I 477 -18.89 62.57 31.81
CA ILE I 477 -18.46 62.51 33.21
C ILE I 477 -17.22 63.36 33.46
N SER I 478 -16.23 63.22 32.60
CA SER I 478 -15.04 64.06 32.67
C SER I 478 -15.45 65.52 32.55
N GLY I 479 -16.26 65.81 31.54
CA GLY I 479 -16.75 67.16 31.32
C GLY I 479 -17.40 67.77 32.55
N LYS I 480 -18.26 67.00 33.21
CA LYS I 480 -18.95 67.48 34.39
C LYS I 480 -17.97 67.70 35.53
N LYS I 481 -16.92 66.89 35.56
CA LYS I 481 -15.90 67.04 36.59
C LYS I 481 -14.93 68.19 36.30
N GLY I 482 -14.51 68.30 35.04
CA GLY I 482 -13.52 69.28 34.65
C GLY I 482 -12.12 68.69 34.76
N GLU I 483 -12.08 67.38 34.95
CA GLU I 483 -10.82 66.67 35.07
C GLU I 483 -10.75 65.51 34.10
N ARG I 484 -9.55 64.99 33.91
CA ARG I 484 -9.31 63.84 33.07
C ARG I 484 -9.59 62.56 33.86
N ILE I 485 -10.10 61.53 33.18
CA ILE I 485 -10.36 60.23 33.80
C ILE I 485 -9.20 59.27 33.57
N VAL I 486 -8.48 58.94 34.64
CA VAL I 486 -7.38 58.01 34.53
C VAL I 486 -7.68 56.57 34.95
N TYR I 487 -8.80 56.33 35.62
CA TYR I 487 -9.13 54.95 35.98
C TYR I 487 -10.62 54.76 36.20
N ILE I 488 -11.13 53.58 35.87
CA ILE I 488 -12.55 53.28 36.04
C ILE I 488 -12.75 51.84 36.49
N ARG I 489 -13.59 51.62 37.49
CA ARG I 489 -13.89 50.25 37.90
C ARG I 489 -15.32 50.06 38.34
N THR I 490 -15.90 48.92 37.99
CA THR I 490 -17.29 48.64 38.38
C THR I 490 -17.36 48.18 39.84
N LEU I 491 -18.49 48.44 40.49
CA LEU I 491 -18.65 48.15 41.92
C LEU I 491 -19.74 47.11 42.17
N VAL I 492 -19.38 46.06 42.92
CA VAL I 492 -20.32 44.98 43.22
C VAL I 492 -20.70 44.92 44.69
N THR I 493 -21.92 44.48 44.95
CA THR I 493 -22.43 44.37 46.31
C THR I 493 -21.69 43.28 47.10
N GLY I 494 -21.01 42.40 46.39
CA GLY I 494 -20.33 41.27 47.01
C GLY I 494 -21.29 40.12 47.26
N LYS I 495 -22.56 40.33 46.94
CA LYS I 495 -23.61 39.36 47.19
C LYS I 495 -23.91 38.46 45.99
N SER I 496 -23.24 38.69 44.87
CA SER I 496 -23.61 38.06 43.60
C SER I 496 -22.44 37.45 42.82
N SER I 497 -22.78 36.68 41.78
CA SER I 497 -21.81 36.03 40.90
C SER I 497 -20.85 37.02 40.24
N SER I 498 -21.26 38.29 40.20
CA SER I 498 -20.50 39.35 39.58
C SER I 498 -19.42 39.92 40.48
N ALA I 499 -18.36 40.42 39.87
CA ALA I 499 -17.26 41.05 40.59
C ALA I 499 -16.70 42.21 39.78
N SER I 500 -15.95 43.08 40.47
CA SER I 500 -15.41 44.31 39.91
C SER I 500 -14.59 44.12 38.63
N ARG I 501 -14.93 44.88 37.61
CA ARG I 501 -14.12 45.00 36.39
C ARG I 501 -13.36 46.31 36.39
N ALA I 502 -12.15 46.29 35.87
CA ALA I 502 -11.47 47.53 35.56
C ALA I 502 -11.72 47.84 34.09
N ILE I 503 -12.40 48.95 33.82
CA ILE I 503 -12.75 49.36 32.47
C ILE I 503 -11.65 50.22 31.85
N ASP I 504 -11.31 49.94 30.59
CA ASP I 504 -10.32 50.74 29.86
C ASP I 504 -11.01 51.74 28.93
N THR I 505 -10.48 52.96 28.86
CA THR I 505 -11.07 53.99 28.01
C THR I 505 -10.76 53.75 26.53
N MET J 1 -31.72 44.33 -55.57
CA MET J 1 -31.89 43.73 -54.25
C MET J 1 -31.51 42.24 -54.28
N PRO J 2 -31.08 41.68 -53.13
CA PRO J 2 -30.80 42.39 -51.88
C PRO J 2 -29.36 42.89 -51.84
N SER J 3 -29.00 43.62 -50.79
CA SER J 3 -27.68 44.26 -50.75
C SER J 3 -27.17 44.41 -49.32
N GLY J 4 -25.99 44.99 -49.16
CA GLY J 4 -25.34 45.03 -47.87
C GLY J 4 -24.49 46.27 -47.72
N TYR J 5 -23.80 46.43 -46.60
CA TYR J 5 -23.13 47.69 -46.30
C TYR J 5 -21.63 47.56 -46.08
N GLY J 6 -20.95 48.70 -46.15
CA GLY J 6 -19.53 48.77 -45.86
C GLY J 6 -19.16 50.12 -45.27
N VAL J 7 -17.99 50.20 -44.66
CA VAL J 7 -17.45 51.48 -44.20
C VAL J 7 -16.43 51.95 -45.21
N LEU J 8 -16.47 53.24 -45.58
CA LEU J 8 -15.58 53.74 -46.62
C LEU J 8 -14.26 54.20 -46.01
N LEU J 9 -13.21 53.45 -46.32
CA LEU J 9 -11.89 53.68 -45.75
C LEU J 9 -11.13 54.76 -46.50
N ALA J 10 -11.17 54.71 -47.82
CA ALA J 10 -10.35 55.61 -48.62
C ALA J 10 -10.93 55.90 -49.99
N THR J 11 -10.71 57.11 -50.52
CA THR J 11 -11.10 57.38 -51.90
C THR J 11 -9.86 57.51 -52.78
N HIS J 12 -9.98 57.05 -54.02
CA HIS J 12 -8.86 57.10 -54.97
C HIS J 12 -9.24 58.01 -56.14
N ASP J 13 -8.24 58.50 -56.85
CA ASP J 13 -8.44 59.46 -57.93
C ASP J 13 -9.14 58.90 -59.16
N ASP J 14 -9.12 57.58 -59.31
CA ASP J 14 -9.66 56.89 -60.47
C ASP J 14 -11.11 56.42 -60.29
N ASP J 15 -11.76 56.88 -59.20
CA ASP J 15 -13.13 56.50 -58.84
C ASP J 15 -13.22 55.04 -58.42
N THR J 16 -12.12 54.54 -57.89
CA THR J 16 -12.10 53.27 -57.16
C THR J 16 -12.01 53.61 -55.69
N VAL J 17 -12.62 52.78 -54.84
CA VAL J 17 -12.78 53.14 -53.44
C VAL J 17 -12.45 51.98 -52.51
N ASP J 18 -11.74 52.27 -51.41
CA ASP J 18 -11.47 51.24 -50.40
C ASP J 18 -12.50 51.24 -49.29
N VAL J 19 -13.28 50.15 -49.27
CA VAL J 19 -14.35 49.91 -48.32
C VAL J 19 -14.01 48.71 -47.46
N PHE J 20 -14.30 48.82 -46.16
CA PHE J 20 -14.23 47.66 -45.30
C PHE J 20 -15.61 47.02 -45.23
N THR J 21 -15.71 45.77 -45.66
CA THR J 21 -17.00 45.09 -45.61
C THR J 21 -16.88 43.61 -45.28
N SER J 22 -17.76 43.15 -44.40
CA SER J 22 -17.81 41.76 -43.97
C SER J 22 -16.41 41.22 -43.58
N GLY J 23 -15.69 42.02 -42.81
CA GLY J 23 -14.41 41.61 -42.28
C GLY J 23 -13.29 41.56 -43.30
N ARG J 24 -13.50 42.21 -44.44
CA ARG J 24 -12.48 42.22 -45.47
C ARG J 24 -12.25 43.64 -45.98
N LYS J 25 -10.98 44.04 -46.03
CA LYS J 25 -10.58 45.33 -46.60
C LYS J 25 -10.55 45.18 -48.12
N MET J 26 -11.41 45.93 -48.81
CA MET J 26 -11.67 45.69 -50.23
C MET J 26 -11.65 46.93 -51.10
N ARG J 27 -11.33 46.75 -52.36
CA ARG J 27 -11.35 47.84 -53.31
C ARG J 27 -12.42 47.60 -54.35
N LEU J 28 -13.37 48.54 -54.42
CA LEU J 28 -14.55 48.38 -55.24
C LEU J 28 -14.78 49.61 -56.12
N THR J 29 -15.28 49.40 -57.32
CA THR J 29 -15.69 50.49 -58.21
C THR J 29 -17.04 51.01 -57.76
N CYS J 30 -17.32 52.29 -57.99
CA CYS J 30 -18.60 52.83 -57.54
C CYS J 30 -19.44 53.43 -58.66
N SER J 31 -20.75 53.49 -58.43
CA SER J 31 -21.74 53.90 -59.42
C SER J 31 -21.43 55.27 -60.04
N PRO J 32 -21.69 55.41 -61.35
CA PRO J 32 -21.42 56.63 -62.14
C PRO J 32 -21.88 57.93 -61.49
N ASN J 33 -22.98 57.90 -60.76
CA ASN J 33 -23.47 59.11 -60.09
C ASN J 33 -22.67 59.44 -58.84
N ILE J 34 -22.23 58.40 -58.15
CA ILE J 34 -21.52 58.59 -56.90
C ILE J 34 -20.21 59.32 -57.15
N ASP J 35 -20.05 60.46 -56.47
CA ASP J 35 -18.89 61.29 -56.71
C ASP J 35 -17.80 60.93 -55.72
N ALA J 36 -16.75 60.29 -56.21
CA ALA J 36 -15.72 59.71 -55.34
C ALA J 36 -14.95 60.77 -54.56
N ALA J 37 -15.00 62.02 -55.03
CA ALA J 37 -14.29 63.10 -54.37
C ALA J 37 -15.06 63.60 -53.15
N SER J 38 -16.38 63.71 -53.29
CA SER J 38 -17.22 64.27 -52.25
C SER J 38 -17.62 63.24 -51.19
N LEU J 39 -17.15 62.02 -51.37
CA LEU J 39 -17.33 60.97 -50.37
C LEU J 39 -16.52 61.29 -49.12
N LYS J 40 -16.98 60.81 -47.96
CA LYS J 40 -16.32 61.11 -46.70
C LYS J 40 -15.75 59.88 -46.03
N LYS J 41 -14.53 59.98 -45.51
CA LYS J 41 -13.86 58.83 -44.90
C LYS J 41 -14.64 58.33 -43.68
N GLY J 42 -14.97 57.04 -43.71
CA GLY J 42 -15.68 56.41 -42.59
C GLY J 42 -17.18 56.39 -42.78
N GLN J 43 -17.66 57.18 -43.73
CA GLN J 43 -19.09 57.26 -44.01
C GLN J 43 -19.59 55.94 -44.59
N THR J 44 -20.67 55.41 -44.03
CA THR J 44 -21.21 54.13 -44.49
C THR J 44 -21.60 54.22 -45.95
N VAL J 45 -21.12 53.27 -46.76
CA VAL J 45 -21.53 53.17 -48.15
C VAL J 45 -22.31 51.88 -48.37
N ARG J 46 -23.23 51.91 -49.33
CA ARG J 46 -24.09 50.77 -49.59
C ARG J 46 -23.79 50.10 -50.92
N LEU J 47 -23.70 48.76 -50.85
CA LEU J 47 -23.24 47.89 -51.91
C LEU J 47 -24.29 46.90 -52.38
N ASN J 48 -24.59 46.91 -53.67
CA ASN J 48 -25.36 45.82 -54.25
C ASN J 48 -24.48 44.59 -54.32
N GLU J 49 -25.10 43.42 -54.47
CA GLU J 49 -24.40 42.15 -54.48
C GLU J 49 -23.28 42.11 -55.53
N ALA J 50 -23.33 43.01 -56.49
CA ALA J 50 -22.27 43.18 -57.49
C ALA J 50 -21.02 43.82 -56.89
N LEU J 51 -21.13 44.24 -55.63
CA LEU J 51 -20.07 44.94 -54.89
C LEU J 51 -19.64 46.21 -55.59
N THR J 52 -20.63 46.92 -56.13
CA THR J 52 -20.44 48.26 -56.65
C THR J 52 -21.13 49.21 -55.72
N VAL J 53 -20.48 50.31 -55.36
CA VAL J 53 -21.05 51.18 -54.34
C VAL J 53 -22.17 51.98 -54.96
N VAL J 54 -23.39 51.68 -54.53
CA VAL J 54 -24.56 52.35 -55.07
C VAL J 54 -25.12 53.43 -54.16
N GLU J 55 -24.58 53.57 -52.95
CA GLU J 55 -25.08 54.67 -52.12
C GLU J 55 -24.11 55.20 -51.09
N ALA J 56 -24.23 56.49 -50.78
CA ALA J 56 -23.41 57.09 -49.74
C ALA J 56 -24.29 57.49 -48.58
N GLY J 57 -24.18 56.75 -47.48
CA GLY J 57 -25.09 56.89 -46.35
C GLY J 57 -24.59 57.67 -45.15
N THR J 58 -25.04 57.23 -43.97
CA THR J 58 -24.71 57.85 -42.70
C THR J 58 -23.38 57.36 -42.11
N PHE J 59 -23.17 57.64 -40.83
CA PHE J 59 -22.04 57.08 -40.09
C PHE J 59 -22.58 56.12 -39.03
N GLU J 60 -21.76 55.18 -38.58
CA GLU J 60 -22.17 54.25 -37.52
C GLU J 60 -22.62 55.01 -36.26
N ALA J 61 -23.83 54.72 -35.78
CA ALA J 61 -24.32 55.36 -34.56
C ALA J 61 -24.19 54.49 -33.31
N VAL J 62 -23.75 53.24 -33.50
CA VAL J 62 -23.62 52.29 -32.40
C VAL J 62 -22.35 51.49 -32.56
N GLY J 63 -21.76 51.08 -31.45
CA GLY J 63 -20.47 50.40 -31.48
C GLY J 63 -19.71 50.57 -30.18
N GLU J 64 -18.45 50.17 -30.15
CA GLU J 64 -17.74 50.11 -28.88
C GLU J 64 -17.30 51.50 -28.44
N ILE J 65 -17.11 51.69 -27.14
CA ILE J 65 -16.69 52.98 -26.62
C ILE J 65 -15.23 52.94 -26.21
N SER J 66 -14.39 53.67 -26.93
CA SER J 66 -12.99 53.77 -26.57
C SER J 66 -12.64 55.23 -26.27
N THR J 67 -11.86 55.45 -25.22
CA THR J 67 -11.53 56.82 -24.84
C THR J 67 -10.26 57.30 -25.56
N LEU J 68 -10.30 58.51 -26.11
CA LEU J 68 -9.16 59.07 -26.85
C LEU J 68 -7.92 59.40 -26.01
N ARG J 69 -6.75 59.00 -26.51
CA ARG J 69 -5.52 59.28 -25.80
C ARG J 69 -4.80 60.46 -26.45
N GLU J 70 -4.67 60.40 -27.76
CA GLU J 70 -4.00 61.45 -28.53
C GLU J 70 -4.35 61.40 -30.02
N ILE J 71 -4.05 62.48 -30.73
CA ILE J 71 -4.28 62.55 -32.16
C ILE J 71 -2.88 62.47 -32.75
N LEU J 72 -2.65 61.56 -33.69
CA LEU J 72 -1.31 61.42 -34.23
C LEU J 72 -0.95 62.62 -35.10
N ALA J 73 0.35 62.79 -35.33
CA ALA J 73 0.88 63.95 -36.05
C ALA J 73 0.21 64.14 -37.41
N ASP J 74 -0.26 63.05 -38.01
CA ASP J 74 -0.94 63.11 -39.30
C ASP J 74 -2.25 63.87 -39.20
N GLY J 75 -2.86 63.84 -38.02
CA GLY J 75 -4.14 64.49 -37.79
C GLY J 75 -5.31 63.63 -38.19
N HIS J 76 -5.05 62.61 -39.00
CA HIS J 76 -6.09 61.72 -39.48
C HIS J 76 -6.34 60.49 -38.61
N ARG J 77 -5.44 60.21 -37.68
CA ARG J 77 -5.55 59.01 -36.84
C ARG J 77 -5.54 59.32 -35.36
N ALA J 78 -6.12 58.43 -34.58
CA ALA J 78 -6.23 58.60 -33.14
C ALA J 78 -5.75 57.37 -32.39
N LEU J 79 -5.09 57.64 -31.28
CA LEU J 79 -4.64 56.63 -30.35
C LEU J 79 -5.60 56.62 -29.18
N VAL J 80 -6.39 55.55 -29.10
CA VAL J 80 -7.47 55.45 -28.13
C VAL J 80 -7.28 54.23 -27.24
N VAL J 81 -7.97 54.23 -26.09
CA VAL J 81 -7.89 53.12 -25.17
C VAL J 81 -9.25 52.44 -25.02
N GLY J 82 -9.21 51.11 -25.05
CA GLY J 82 -10.40 50.30 -25.15
C GLY J 82 -10.88 49.66 -23.87
N HIS J 83 -11.46 48.46 -23.98
CA HIS J 83 -12.24 47.84 -22.90
C HIS J 83 -11.55 47.52 -21.59
N ALA J 84 -10.36 46.93 -21.63
CA ALA J 84 -9.44 47.02 -20.51
C ALA J 84 -8.06 47.45 -20.97
N ASP J 85 -7.74 48.73 -20.76
CA ASP J 85 -6.39 49.26 -20.87
C ASP J 85 -5.60 48.81 -22.10
N GLU J 86 -6.29 48.56 -23.21
CA GLU J 86 -5.61 48.13 -24.42
C GLU J 86 -5.63 49.28 -25.41
N GLU J 87 -4.52 49.48 -26.11
CA GLU J 87 -4.41 50.63 -26.99
C GLU J 87 -4.64 50.26 -28.43
N ARG J 88 -5.39 51.10 -29.12
CA ARG J 88 -5.65 50.92 -30.54
C ARG J 88 -5.40 52.21 -31.29
N VAL J 89 -4.87 52.10 -32.50
CA VAL J 89 -4.82 53.24 -33.41
C VAL J 89 -5.91 53.05 -34.47
N VAL J 90 -6.74 54.08 -34.65
CA VAL J 90 -7.81 54.04 -35.63
C VAL J 90 -7.81 55.28 -36.51
N TRP J 91 -8.45 55.20 -37.66
CA TRP J 91 -8.67 56.40 -38.47
C TRP J 91 -9.70 57.28 -37.77
N LEU J 92 -9.73 58.56 -38.12
CA LEU J 92 -10.78 59.44 -37.63
C LEU J 92 -11.77 59.68 -38.74
N ALA J 93 -13.06 59.53 -38.45
CA ALA J 93 -14.08 59.81 -39.45
C ALA J 93 -14.00 61.29 -39.83
N ASP J 94 -14.50 61.62 -41.01
CA ASP J 94 -14.44 62.99 -41.51
C ASP J 94 -15.11 64.05 -40.60
N PRO J 95 -16.25 63.73 -39.97
CA PRO J 95 -16.86 64.74 -39.09
C PRO J 95 -16.03 65.08 -37.85
N LEU J 96 -15.07 64.21 -37.50
CA LEU J 96 -14.25 64.45 -36.33
C LEU J 96 -13.10 65.44 -36.60
N ILE J 97 -12.50 65.36 -37.78
CA ILE J 97 -11.36 66.20 -38.08
C ILE J 97 -11.75 67.55 -38.68
N ALA J 98 -13.04 67.72 -38.92
CA ALA J 98 -13.58 68.91 -39.58
C ALA J 98 -13.10 70.20 -38.93
N GLU J 99 -12.69 71.14 -39.75
CA GLU J 99 -12.07 72.37 -39.28
C GLU J 99 -13.09 73.49 -39.05
N ASP J 100 -14.36 73.16 -39.23
CA ASP J 100 -15.43 74.12 -39.04
C ASP J 100 -15.76 74.35 -37.57
N LEU J 101 -15.23 73.48 -36.71
CA LEU J 101 -15.72 73.38 -35.33
C LEU J 101 -15.00 74.26 -34.34
N PRO J 102 -15.68 75.31 -33.84
CA PRO J 102 -15.15 76.00 -32.68
C PRO J 102 -15.56 75.23 -31.44
N ASP J 103 -15.14 75.68 -30.26
CA ASP J 103 -15.50 74.99 -29.03
C ASP J 103 -16.72 75.61 -28.37
N GLY J 104 -17.30 76.63 -29.00
CA GLY J 104 -18.02 77.63 -28.24
C GLY J 104 -19.11 77.08 -27.36
N LEU J 105 -18.79 77.15 -26.06
CA LEU J 105 -19.67 76.79 -24.95
C LEU J 105 -20.76 77.80 -24.55
N PRO J 106 -20.45 79.12 -24.49
CA PRO J 106 -21.05 80.01 -23.48
C PRO J 106 -22.54 79.84 -23.21
N GLU J 107 -23.31 79.43 -24.21
CA GLU J 107 -24.71 79.12 -23.98
C GLU J 107 -24.86 77.73 -23.36
N ALA J 108 -23.88 76.86 -23.57
CA ALA J 108 -23.96 75.51 -23.02
C ALA J 108 -22.72 75.06 -22.25
N LEU J 109 -22.90 74.34 -21.15
CA LEU J 109 -21.75 73.88 -20.38
C LEU J 109 -21.55 72.35 -20.32
N ASN J 110 -22.43 71.57 -19.66
CA ASN J 110 -23.62 72.01 -18.92
C ASN J 110 -24.65 72.89 -19.64
N ASP J 111 -25.00 72.52 -20.86
CA ASP J 111 -24.45 71.33 -21.51
C ASP J 111 -24.27 71.57 -23.00
N ASP J 112 -23.06 71.34 -23.51
CA ASP J 112 -22.84 71.57 -24.93
C ASP J 112 -22.86 70.27 -25.70
N THR J 113 -21.77 69.51 -25.63
CA THR J 113 -21.63 68.27 -26.39
C THR J 113 -22.03 68.49 -27.85
N ARG J 114 -21.72 69.68 -28.33
CA ARG J 114 -22.11 70.17 -29.64
C ARG J 114 -20.87 70.02 -30.52
N PRO J 115 -20.89 70.55 -31.75
CA PRO J 115 -19.68 70.41 -32.57
C PRO J 115 -18.44 71.19 -32.11
N ARG J 116 -17.66 70.61 -31.20
CA ARG J 116 -16.37 71.17 -30.81
C ARG J 116 -15.21 70.24 -31.20
N LYS J 117 -14.01 70.79 -31.28
CA LYS J 117 -12.79 70.01 -31.53
C LYS J 117 -12.58 68.97 -30.43
N LEU J 118 -11.93 67.86 -30.76
CA LEU J 118 -11.70 66.81 -29.78
C LEU J 118 -10.52 67.16 -28.86
N ARG J 119 -10.39 66.36 -27.80
CA ARG J 119 -9.29 66.43 -26.84
C ARG J 119 -9.20 65.09 -26.11
N PRO J 120 -8.07 64.81 -25.45
CA PRO J 120 -7.94 63.57 -24.67
C PRO J 120 -8.99 63.41 -23.58
N GLY J 121 -9.43 62.17 -23.37
CA GLY J 121 -10.45 61.89 -22.37
C GLY J 121 -11.83 61.80 -22.97
N ASP J 122 -11.99 62.42 -24.14
CA ASP J 122 -13.24 62.34 -24.89
C ASP J 122 -13.60 60.89 -25.17
N SER J 123 -14.82 60.50 -24.88
CA SER J 123 -15.24 59.14 -25.19
C SER J 123 -15.71 59.06 -26.63
N LEU J 124 -14.98 58.27 -27.41
CA LEU J 124 -15.25 58.14 -28.84
C LEU J 124 -15.92 56.82 -29.16
N LEU J 125 -16.88 56.89 -30.07
CA LEU J 125 -17.48 55.70 -30.64
C LEU J 125 -16.55 55.10 -31.68
N VAL J 126 -16.19 53.84 -31.54
CA VAL J 126 -15.31 53.21 -32.50
C VAL J 126 -15.81 51.85 -33.00
N ASP J 127 -15.43 51.56 -34.23
CA ASP J 127 -15.48 50.25 -34.82
C ASP J 127 -14.05 49.80 -34.97
N THR J 128 -13.62 48.84 -34.15
CA THR J 128 -12.24 48.42 -34.16
C THR J 128 -11.96 47.49 -35.34
N LYS J 129 -12.99 46.81 -35.82
CA LYS J 129 -12.86 45.92 -36.98
C LYS J 129 -12.43 46.71 -38.22
N ALA J 130 -13.10 47.83 -38.47
CA ALA J 130 -12.76 48.68 -39.59
C ALA J 130 -11.69 49.71 -39.23
N GLY J 131 -11.47 49.88 -37.93
CA GLY J 131 -10.43 50.78 -37.44
C GLY J 131 -10.79 52.25 -37.62
N TYR J 132 -12.01 52.59 -37.29
CA TYR J 132 -12.48 53.96 -37.43
C TYR J 132 -13.15 54.43 -36.16
N ALA J 133 -13.18 55.75 -35.97
CA ALA J 133 -13.94 56.37 -34.88
C ALA J 133 -14.87 57.40 -35.49
N PHE J 134 -16.17 57.18 -35.35
CA PHE J 134 -17.16 57.99 -36.04
C PHE J 134 -17.76 59.16 -35.25
N GLU J 135 -17.60 59.18 -33.94
CA GLU J 135 -18.37 60.12 -33.14
C GLU J 135 -17.80 60.41 -31.76
N ARG J 136 -18.14 61.57 -31.21
CA ARG J 136 -17.86 61.88 -29.81
C ARG J 136 -19.13 61.65 -28.99
N ILE J 137 -18.97 61.03 -27.83
CA ILE J 137 -20.09 60.70 -26.96
C ILE J 137 -20.44 61.85 -26.03
N PRO J 138 -21.75 62.08 -25.81
CA PRO J 138 -22.24 63.09 -24.86
C PRO J 138 -21.81 62.83 -23.42
N LYS J 139 -22.28 63.63 -22.46
CA LYS J 139 -21.75 63.60 -21.08
C LYS J 139 -21.73 62.30 -20.28
N ALA J 140 -22.81 61.57 -20.28
CA ALA J 140 -22.85 60.25 -19.62
C ALA J 140 -22.25 60.30 -18.19
N GLU J 141 -22.97 60.91 -17.25
CA GLU J 141 -22.57 60.97 -15.84
C GLU J 141 -21.26 61.75 -15.63
N VAL J 142 -21.18 62.90 -16.31
CA VAL J 142 -20.04 63.82 -16.28
C VAL J 142 -20.52 65.18 -15.76
N GLU J 143 -21.52 65.72 -16.47
CA GLU J 143 -22.13 67.01 -16.15
C GLU J 143 -22.56 67.10 -14.67
N ASP J 144 -22.90 65.96 -14.07
CA ASP J 144 -23.22 65.87 -12.65
C ASP J 144 -21.99 66.18 -11.78
N LEU J 145 -20.85 66.32 -12.42
CA LEU J 145 -19.61 66.70 -11.76
C LEU J 145 -19.25 68.06 -12.33
N VAL J 146 -18.41 68.80 -11.60
CA VAL J 146 -17.80 70.06 -12.06
C VAL J 146 -18.76 71.27 -12.13
N LEU J 147 -20.03 71.12 -11.74
CA LEU J 147 -21.02 72.18 -11.99
C LEU J 147 -20.54 73.55 -11.45
N GLU J 148 -20.25 74.58 -12.28
CA GLU J 148 -20.68 74.97 -13.67
C GLU J 148 -21.69 76.11 -13.78
N GLU J 149 -22.15 76.70 -12.68
CA GLU J 149 -23.11 77.80 -12.84
C GLU J 149 -22.63 79.17 -12.33
N VAL J 150 -22.99 80.21 -13.06
CA VAL J 150 -22.66 81.59 -12.70
C VAL J 150 -23.37 82.00 -11.43
N PRO J 151 -22.64 82.61 -10.48
CA PRO J 151 -23.24 83.20 -9.29
C PRO J 151 -23.94 84.50 -9.61
N ASP J 152 -25.12 84.71 -9.04
CA ASP J 152 -25.81 85.98 -9.13
C ASP J 152 -25.53 86.77 -7.86
N VAL J 153 -24.81 86.11 -6.94
CA VAL J 153 -24.45 86.71 -5.66
C VAL J 153 -23.30 87.70 -5.82
N SER J 154 -23.44 88.86 -5.19
CA SER J 154 -22.43 89.90 -5.31
C SER J 154 -21.75 90.13 -3.96
N TYR J 155 -20.80 91.06 -3.94
CA TYR J 155 -20.15 91.44 -2.70
C TYR J 155 -21.19 91.97 -1.70
N ALA J 156 -22.17 92.71 -2.21
CA ALA J 156 -23.19 93.34 -1.38
C ALA J 156 -23.93 92.31 -0.51
N ASP J 157 -24.21 91.14 -1.09
CA ASP J 157 -24.91 90.09 -0.36
C ASP J 157 -24.14 89.66 0.87
N ILE J 158 -22.88 89.29 0.70
CA ILE J 158 -22.05 88.81 1.80
C ILE J 158 -21.72 89.90 2.82
N GLY J 159 -21.97 89.59 4.09
CA GLY J 159 -21.71 90.54 5.16
C GLY J 159 -20.34 90.48 5.79
N GLY J 160 -19.86 91.64 6.24
CA GLY J 160 -18.72 91.75 7.13
C GLY J 160 -17.37 91.17 6.73
N LEU J 161 -17.16 90.96 5.43
CA LEU J 161 -15.85 90.54 4.93
C LEU J 161 -15.02 91.72 4.43
N SER J 162 -15.49 92.93 4.74
CA SER J 162 -15.07 94.18 4.09
C SER J 162 -13.57 94.33 3.82
N ARG J 163 -12.73 93.89 4.74
CA ARG J 163 -11.28 94.02 4.55
C ARG J 163 -10.71 92.95 3.62
N GLN J 164 -11.44 91.85 3.44
CA GLN J 164 -10.97 90.79 2.55
C GLN J 164 -11.26 91.04 1.07
N ILE J 165 -12.47 91.51 0.77
CA ILE J 165 -12.94 91.63 -0.62
C ILE J 165 -12.01 92.52 -1.44
N GLU J 166 -11.48 93.55 -0.79
CA GLU J 166 -10.49 94.45 -1.38
C GLU J 166 -9.27 93.68 -1.86
N GLN J 167 -8.69 92.90 -0.96
CA GLN J 167 -7.55 92.04 -1.28
C GLN J 167 -7.89 91.12 -2.45
N ILE J 168 -9.07 90.50 -2.40
CA ILE J 168 -9.47 89.57 -3.45
C ILE J 168 -9.52 90.22 -4.83
N ARG J 169 -10.28 91.30 -4.96
CA ARG J 169 -10.38 91.99 -6.24
C ARG J 169 -9.02 92.53 -6.69
N ASP J 170 -8.17 92.87 -5.72
CA ASP J 170 -6.85 93.38 -6.05
C ASP J 170 -5.95 92.24 -6.54
N ALA J 171 -6.31 91.02 -6.18
CA ALA J 171 -5.58 89.86 -6.68
C ALA J 171 -6.25 89.16 -7.87
N VAL J 172 -7.45 89.60 -8.24
CA VAL J 172 -8.17 88.96 -9.34
C VAL J 172 -8.69 89.96 -10.37
N GLU J 173 -9.61 90.83 -9.92
CA GLU J 173 -10.16 91.86 -10.78
C GLU J 173 -9.10 92.84 -11.29
N LEU J 174 -8.35 93.42 -10.36
CA LEU J 174 -7.33 94.41 -10.67
C LEU J 174 -6.28 93.94 -11.70
N PRO J 175 -5.78 92.69 -11.56
CA PRO J 175 -4.86 92.23 -12.62
C PRO J 175 -5.49 92.19 -14.01
N PHE J 176 -6.76 91.82 -14.11
CA PHE J 176 -7.36 91.61 -15.43
C PHE J 176 -8.05 92.84 -16.01
N LEU J 177 -8.21 93.87 -15.18
CA LEU J 177 -8.69 95.16 -15.68
C LEU J 177 -7.55 95.93 -16.35
N HIS J 178 -6.42 95.97 -15.67
CA HIS J 178 -5.29 96.85 -15.97
C HIS J 178 -4.10 96.29 -16.74
N LYS J 179 -4.21 95.11 -17.34
CA LYS J 179 -3.06 94.23 -17.59
C LYS J 179 -1.76 94.90 -18.08
N GLU J 180 -1.86 95.89 -18.95
CA GLU J 180 -0.67 96.58 -19.45
C GLU J 180 0.08 97.36 -18.36
N LEU J 181 -0.65 97.82 -17.34
CA LEU J 181 -0.03 98.55 -16.25
C LEU J 181 0.83 97.59 -15.41
N TYR J 182 0.29 96.41 -15.13
CA TYR J 182 1.06 95.32 -14.53
C TYR J 182 2.28 95.02 -15.38
N ARG J 183 2.06 94.97 -16.69
CA ARG J 183 3.10 94.62 -17.65
C ARG J 183 4.27 95.61 -17.65
N GLU J 184 3.95 96.90 -17.54
CA GLU J 184 4.97 97.94 -17.50
C GLU J 184 5.88 97.74 -16.29
N TYR J 185 5.28 97.29 -15.19
CA TYR J 185 6.01 97.05 -13.96
C TYR J 185 6.56 95.64 -13.90
N SER J 186 6.43 94.91 -15.01
CA SER J 186 6.98 93.56 -15.15
C SER J 186 6.24 92.56 -14.27
N LEU J 187 5.26 93.04 -13.51
CA LEU J 187 4.56 92.24 -12.53
C LEU J 187 3.61 91.24 -13.18
N ARG J 188 3.82 89.97 -12.88
CA ARG J 188 2.98 88.89 -13.40
C ARG J 188 1.68 88.81 -12.61
N PRO J 189 0.55 88.64 -13.32
CA PRO J 189 -0.73 88.49 -12.61
C PRO J 189 -0.78 87.17 -11.84
N PRO J 190 -1.29 87.21 -10.60
CA PRO J 190 -1.34 85.99 -9.77
C PRO J 190 -2.28 84.95 -10.36
N LYS J 191 -1.87 83.67 -10.37
CA LYS J 191 -2.69 82.59 -10.95
C LYS J 191 -3.77 81.96 -10.06
N GLY J 192 -3.39 81.47 -8.88
CA GLY J 192 -4.36 80.96 -7.94
C GLY J 192 -4.53 81.77 -6.67
N VAL J 193 -5.60 81.48 -5.94
CA VAL J 193 -5.91 82.18 -4.69
C VAL J 193 -6.27 81.17 -3.60
N LEU J 194 -5.66 81.31 -2.43
CA LEU J 194 -6.03 80.47 -1.31
C LEU J 194 -6.90 81.22 -0.32
N LEU J 195 -8.07 80.66 -0.03
CA LEU J 195 -8.92 81.16 1.03
C LEU J 195 -8.83 80.20 2.21
N TYR J 196 -8.41 80.69 3.38
CA TYR J 196 -8.32 79.84 4.57
C TYR J 196 -8.88 80.49 5.81
N GLY J 197 -9.10 79.67 6.84
CA GLY J 197 -9.69 80.14 8.09
C GLY J 197 -10.40 79.05 8.86
N PRO J 198 -11.38 79.44 9.69
CA PRO J 198 -12.27 78.54 10.43
C PRO J 198 -13.27 77.86 9.49
N PRO J 199 -14.14 76.99 10.02
CA PRO J 199 -14.99 76.35 9.01
C PRO J 199 -16.19 77.20 8.57
N GLY J 200 -15.94 78.47 8.28
CA GLY J 200 -16.86 79.30 7.52
C GLY J 200 -17.99 79.87 8.36
N CYS J 201 -18.48 81.09 8.12
CA CYS J 201 -17.92 82.17 7.27
C CYS J 201 -17.84 81.91 5.76
N GLY J 202 -18.66 80.99 5.26
CA GLY J 202 -19.05 80.96 3.86
C GLY J 202 -17.95 81.15 2.83
N LYS J 203 -16.86 80.39 2.95
CA LYS J 203 -15.70 80.53 2.07
C LYS J 203 -16.06 80.34 0.59
N THR J 204 -17.12 79.59 0.32
CA THR J 204 -17.60 79.38 -1.06
C THR J 204 -18.26 80.65 -1.58
N LEU J 205 -19.13 81.22 -0.75
CA LEU J 205 -19.91 82.41 -1.08
C LEU J 205 -19.08 83.55 -1.61
N ILE J 206 -17.87 83.69 -1.07
CA ILE J 206 -17.02 84.81 -1.44
C ILE J 206 -16.36 84.55 -2.78
N ALA J 207 -16.05 83.28 -3.05
CA ALA J 207 -15.52 82.89 -4.34
C ALA J 207 -16.55 83.18 -5.42
N LYS J 208 -17.79 82.76 -5.16
CA LYS J 208 -18.88 83.07 -6.08
C LYS J 208 -18.97 84.59 -6.25
N ALA J 209 -18.98 85.32 -5.14
CA ALA J 209 -19.05 86.78 -5.15
C ALA J 209 -18.05 87.39 -6.12
N VAL J 210 -16.77 87.18 -5.87
CA VAL J 210 -15.73 87.73 -6.75
C VAL J 210 -15.90 87.23 -8.19
N ALA J 211 -16.35 85.98 -8.35
CA ALA J 211 -16.58 85.45 -9.69
C ALA J 211 -17.58 86.31 -10.47
N ASN J 212 -18.77 86.50 -9.90
CA ASN J 212 -19.75 87.38 -10.50
C ASN J 212 -19.20 88.80 -10.72
N SER J 213 -18.70 89.40 -9.65
CA SER J 213 -18.20 90.78 -9.71
C SER J 213 -17.22 90.97 -10.86
N LEU J 214 -16.44 89.93 -11.15
CA LEU J 214 -15.52 89.96 -12.29
C LEU J 214 -16.21 89.64 -13.62
N ALA J 215 -17.30 88.87 -13.57
CA ALA J 215 -17.85 88.24 -14.79
C ALA J 215 -18.67 89.19 -15.66
N LYS J 216 -18.79 90.44 -15.25
CA LYS J 216 -19.42 91.44 -16.12
C LYS J 216 -18.36 92.23 -16.88
N LYS J 217 -18.26 91.98 -18.18
CA LYS J 217 -17.39 92.75 -19.07
C LYS J 217 -17.97 92.82 -20.49
N MET J 218 -17.95 93.99 -21.13
CA MET J 218 -17.77 95.29 -20.47
C MET J 218 -18.77 96.25 -21.10
N ALA J 219 -19.07 97.34 -20.39
CA ALA J 219 -20.10 98.30 -20.77
C ALA J 219 -21.46 97.61 -20.97
N SER J 231 -18.14 87.08 -17.89
CA SER J 231 -18.13 85.67 -18.25
C SER J 231 -18.86 84.81 -17.22
N TYR J 232 -18.30 83.66 -16.86
CA TYR J 232 -18.95 82.81 -15.86
C TYR J 232 -17.97 81.95 -15.04
N PHE J 233 -18.53 81.38 -13.99
CA PHE J 233 -17.85 80.66 -12.90
C PHE J 233 -17.45 79.24 -13.26
N LEU J 234 -17.15 78.47 -12.22
CA LEU J 234 -16.99 77.03 -12.26
C LEU J 234 -16.84 76.58 -10.81
N ASN J 235 -17.25 75.35 -10.51
CA ASN J 235 -17.23 74.89 -9.12
C ASN J 235 -16.97 73.38 -9.01
N ILE J 236 -16.01 72.98 -8.18
CA ILE J 236 -15.74 71.55 -7.97
C ILE J 236 -15.39 71.24 -6.52
N LYS J 237 -16.12 70.32 -5.91
CA LYS J 237 -15.93 69.97 -4.51
C LYS J 237 -14.80 68.96 -4.26
N GLY J 238 -14.25 69.00 -3.05
CA GLY J 238 -13.21 68.07 -2.61
C GLY J 238 -13.68 66.69 -2.20
N PRO J 239 -14.88 66.56 -1.62
CA PRO J 239 -15.39 65.21 -1.44
C PRO J 239 -15.70 64.54 -2.77
N GLU J 240 -16.13 65.33 -3.76
CA GLU J 240 -16.43 64.81 -5.09
C GLU J 240 -15.17 64.36 -5.79
N LEU J 241 -14.01 64.75 -5.25
CA LEU J 241 -12.74 64.22 -5.74
C LEU J 241 -12.75 62.71 -5.51
N LEU J 242 -13.06 62.29 -4.29
CA LEU J 242 -13.33 60.88 -4.00
C LEU J 242 -14.42 60.40 -4.97
N ASN J 243 -14.30 59.20 -5.54
CA ASN J 243 -13.32 58.16 -5.16
C ASN J 243 -11.86 58.43 -5.51
N LYS J 244 -11.63 59.55 -6.21
CA LYS J 244 -10.31 60.08 -6.63
C LYS J 244 -9.70 59.67 -8.00
N PHE J 245 -10.20 58.70 -8.80
CA PHE J 245 -11.34 57.82 -8.57
C PHE J 245 -10.82 56.40 -8.29
N VAL J 246 -10.97 55.97 -7.04
CA VAL J 246 -10.30 54.78 -6.50
C VAL J 246 -8.80 54.91 -6.80
N GLY J 247 -8.13 53.80 -7.07
CA GLY J 247 -6.78 53.86 -7.61
C GLY J 247 -6.84 53.66 -9.11
N GLU J 248 -5.88 54.21 -9.84
CA GLU J 248 -4.97 55.25 -9.36
C GLU J 248 -5.65 56.58 -9.66
N THR J 249 -6.01 56.72 -10.93
CA THR J 249 -6.67 57.88 -11.51
C THR J 249 -7.78 58.39 -10.59
N GLU J 250 -8.00 59.71 -10.44
CA GLU J 250 -7.77 60.80 -11.41
C GLU J 250 -8.52 60.48 -12.70
N ARG J 251 -7.88 60.72 -13.84
CA ARG J 251 -8.52 60.64 -15.16
C ARG J 251 -9.70 61.60 -15.18
N HIS J 252 -9.65 62.58 -14.29
CA HIS J 252 -10.75 63.50 -14.02
C HIS J 252 -10.26 64.94 -13.99
N ILE J 253 -9.31 65.19 -13.09
CA ILE J 253 -8.72 66.51 -12.88
C ILE J 253 -8.19 67.11 -14.19
N ARG J 254 -8.00 66.27 -15.19
CA ARG J 254 -7.74 66.73 -16.55
C ARG J 254 -8.98 67.41 -17.13
N LEU J 255 -10.11 66.71 -17.02
CA LEU J 255 -11.38 67.16 -17.57
C LEU J 255 -11.72 68.58 -17.16
N ILE J 256 -11.89 68.79 -15.85
CA ILE J 256 -12.29 70.09 -15.32
C ILE J 256 -11.44 71.24 -15.88
N PHE J 257 -10.15 70.99 -16.02
CA PHE J 257 -9.22 72.03 -16.44
C PHE J 257 -9.32 72.30 -17.94
N GLN J 258 -9.54 71.26 -18.74
CA GLN J 258 -9.73 71.51 -20.17
C GLN J 258 -11.09 72.19 -20.40
N ARG J 259 -12.05 71.88 -19.54
CA ARG J 259 -13.35 72.53 -19.56
C ARG J 259 -13.19 74.02 -19.27
N ALA J 260 -12.21 74.36 -18.44
CA ALA J 260 -11.88 75.77 -18.27
C ALA J 260 -11.12 76.31 -19.48
N ARG J 261 -10.31 75.45 -20.10
CA ARG J 261 -9.53 75.82 -21.28
C ARG J 261 -10.46 76.23 -22.41
N GLU J 262 -11.70 75.74 -22.38
CA GLU J 262 -12.67 76.09 -23.41
C GLU J 262 -12.98 77.60 -23.43
N LYS J 263 -13.03 78.23 -22.25
CA LYS J 263 -13.14 79.68 -22.16
C LYS J 263 -11.78 80.36 -22.17
N ALA J 264 -10.73 79.57 -21.97
CA ALA J 264 -9.37 80.09 -22.06
C ALA J 264 -9.00 80.40 -23.51
N SER J 265 -9.51 79.57 -24.42
CA SER J 265 -9.27 79.72 -25.85
C SER J 265 -10.28 80.71 -26.45
N GLU J 266 -11.11 81.27 -25.56
CA GLU J 266 -12.18 82.17 -25.91
C GLU J 266 -11.77 83.64 -25.80
N GLY J 267 -11.33 84.03 -24.60
CA GLY J 267 -11.15 85.43 -24.26
C GLY J 267 -12.12 85.97 -23.23
N THR J 268 -12.86 85.07 -22.59
CA THR J 268 -13.61 85.42 -21.38
C THR J 268 -13.09 84.59 -20.21
N PRO J 269 -12.99 85.21 -19.01
CA PRO J 269 -12.42 84.60 -17.79
C PRO J 269 -13.27 83.53 -17.11
N VAL J 270 -12.65 82.42 -16.72
CA VAL J 270 -13.35 81.38 -15.98
C VAL J 270 -12.55 80.97 -14.73
N ILE J 271 -13.26 80.67 -13.65
CA ILE J 271 -12.64 80.46 -12.35
C ILE J 271 -12.88 79.06 -11.79
N VAL J 272 -11.82 78.27 -11.70
CA VAL J 272 -11.91 76.95 -11.08
C VAL J 272 -11.90 77.11 -9.55
N PHE J 273 -12.91 76.56 -8.88
CA PHE J 273 -12.99 76.66 -7.43
C PHE J 273 -12.98 75.31 -6.75
N PHE J 274 -12.01 75.10 -5.86
CA PHE J 274 -11.92 73.85 -5.11
C PHE J 274 -12.43 74.03 -3.68
N ASP J 275 -13.34 73.15 -3.27
CA ASP J 275 -13.91 73.21 -1.93
C ASP J 275 -13.41 72.03 -1.10
N GLU J 276 -13.30 72.23 0.21
CA GLU J 276 -12.78 71.20 1.11
C GLU J 276 -11.42 70.67 0.65
N MET J 277 -10.53 71.58 0.27
CA MET J 277 -9.21 71.24 -0.26
C MET J 277 -8.36 70.49 0.78
N ASP J 278 -8.58 70.80 2.05
CA ASP J 278 -7.90 70.12 3.15
C ASP J 278 -8.15 68.61 3.15
N SER J 279 -9.19 68.18 2.44
CA SER J 279 -9.57 66.78 2.40
C SER J 279 -8.76 66.01 1.36
N ILE J 280 -7.85 66.71 0.67
CA ILE J 280 -6.97 66.07 -0.29
C ILE J 280 -5.83 65.41 0.49
N PHE J 281 -5.69 65.82 1.74
CA PHE J 281 -4.59 65.37 2.60
C PHE J 281 -5.10 64.70 3.87
N GLU J 293 -2.34 55.93 0.30
CA GLU J 293 -1.34 55.08 -0.35
C GLU J 293 -0.38 55.92 -1.18
N THR J 294 -0.19 57.18 -0.75
CA THR J 294 0.55 58.24 -1.44
C THR J 294 -0.31 58.84 -2.55
N THR J 295 -1.39 58.13 -2.86
CA THR J 295 -2.40 58.53 -3.84
C THR J 295 -1.82 58.98 -5.17
N VAL J 296 -2.52 59.88 -5.85
CA VAL J 296 -2.05 60.48 -7.10
C VAL J 296 -1.65 61.96 -7.12
N VAL J 297 -1.80 62.68 -6.00
CA VAL J 297 -2.05 64.15 -6.01
C VAL J 297 -1.31 65.10 -7.01
N PRO J 298 0.01 64.91 -7.26
CA PRO J 298 0.76 65.89 -8.07
C PRO J 298 0.09 66.41 -9.36
N GLN J 299 -0.83 65.65 -9.93
CA GLN J 299 -1.57 66.10 -11.11
C GLN J 299 -2.01 67.54 -10.95
N LEU J 300 -2.80 67.81 -9.92
CA LEU J 300 -3.38 69.15 -9.73
C LEU J 300 -2.32 70.22 -9.93
N LEU J 301 -1.19 70.00 -9.27
CA LEU J 301 -0.07 70.94 -9.33
C LEU J 301 0.25 71.29 -10.79
N SER J 302 0.62 70.25 -11.55
CA SER J 302 0.98 70.41 -12.95
C SER J 302 -0.07 71.16 -13.76
N GLU J 303 -1.35 70.87 -13.49
CA GLU J 303 -2.41 71.46 -14.29
C GLU J 303 -2.56 72.94 -14.00
N ILE J 304 -2.22 73.33 -12.77
CA ILE J 304 -2.25 74.74 -12.42
C ILE J 304 -1.13 75.44 -13.18
N ASP J 305 -0.03 74.72 -13.39
CA ASP J 305 1.05 75.24 -14.20
C ASP J 305 0.62 75.26 -15.66
N GLY J 306 -0.24 74.32 -16.03
CA GLY J 306 -0.72 74.23 -17.39
C GLY J 306 -1.55 75.44 -17.77
N VAL J 307 -2.20 76.03 -16.78
CA VAL J 307 -3.03 77.19 -17.00
C VAL J 307 -2.27 78.48 -16.70
N GLU J 308 -1.00 78.36 -16.33
CA GLU J 308 -0.19 79.54 -15.98
C GLU J 308 0.21 80.36 -17.20
N GLY J 309 0.64 79.68 -18.27
CA GLY J 309 1.04 80.35 -19.50
C GLY J 309 -0.12 81.04 -20.20
N LEU J 310 -1.33 80.70 -19.75
CA LEU J 310 -2.55 81.30 -20.24
C LEU J 310 -3.07 82.13 -19.08
N GLU J 311 -3.32 83.42 -19.32
CA GLU J 311 -3.79 84.33 -18.27
C GLU J 311 -5.31 84.39 -18.15
N ASN J 312 -6.00 83.62 -18.99
CA ASN J 312 -7.46 83.61 -19.00
C ASN J 312 -8.15 83.13 -17.72
N VAL J 313 -7.62 82.11 -17.07
CA VAL J 313 -8.26 81.57 -15.87
C VAL J 313 -7.51 81.62 -14.53
N ILE J 314 -8.23 82.07 -13.51
CA ILE J 314 -7.74 82.15 -12.13
C ILE J 314 -8.34 80.95 -11.38
N VAL J 315 -7.58 80.36 -10.46
CA VAL J 315 -8.08 79.21 -9.69
C VAL J 315 -8.13 79.51 -8.19
N ILE J 316 -9.33 79.51 -7.62
CA ILE J 316 -9.51 79.85 -6.22
C ILE J 316 -9.78 78.63 -5.35
N GLY J 317 -8.90 78.38 -4.38
CA GLY J 317 -9.11 77.31 -3.42
C GLY J 317 -9.64 77.79 -2.08
N ALA J 318 -10.24 76.88 -1.32
CA ALA J 318 -10.71 77.18 0.02
C ALA J 318 -10.52 75.98 0.94
N SER J 319 -10.03 76.23 2.16
CA SER J 319 -9.78 75.15 3.11
C SER J 319 -10.03 75.57 4.56
N ASN J 320 -10.65 74.67 5.33
CA ASN J 320 -10.90 74.92 6.74
C ASN J 320 -9.69 74.62 7.60
N ARG J 321 -8.77 73.83 7.08
CA ARG J 321 -7.50 73.60 7.75
C ARG J 321 -6.35 73.88 6.80
N GLU J 322 -5.64 74.98 7.07
CA GLU J 322 -4.47 75.33 6.27
C GLU J 322 -3.25 74.64 6.88
N ASP J 323 -3.49 73.89 7.96
CA ASP J 323 -2.47 73.07 8.57
C ASP J 323 -2.08 71.96 7.60
N MET J 324 -3.09 71.37 6.97
CA MET J 324 -2.94 70.16 6.16
C MET J 324 -2.46 70.38 4.73
N ILE J 325 -2.63 71.59 4.21
CA ILE J 325 -2.32 71.83 2.80
C ILE J 325 -0.83 71.75 2.54
N ASP J 326 -0.44 70.89 1.61
CA ASP J 326 0.96 70.76 1.24
C ASP J 326 1.45 72.05 0.58
N PRO J 327 2.56 72.61 1.07
CA PRO J 327 3.08 73.93 0.67
C PRO J 327 3.38 74.06 -0.83
N ALA J 328 3.52 72.93 -1.52
CA ALA J 328 3.85 72.94 -2.95
C ALA J 328 2.78 73.70 -3.75
N ILE J 329 1.55 73.65 -3.27
CA ILE J 329 0.43 74.32 -3.93
C ILE J 329 0.44 75.81 -3.63
N LEU J 330 1.05 76.18 -2.51
CA LEU J 330 1.05 77.57 -2.06
C LEU J 330 2.23 78.42 -2.50
N ARG J 331 3.28 77.79 -3.00
CA ARG J 331 4.51 78.53 -3.32
C ARG J 331 4.29 79.41 -4.55
N PRO J 332 5.10 80.48 -4.71
CA PRO J 332 4.85 81.51 -5.72
C PRO J 332 4.57 80.99 -7.14
N GLY J 333 3.60 81.61 -7.79
CA GLY J 333 3.23 81.26 -9.14
C GLY J 333 2.00 80.38 -9.23
N ARG J 334 1.68 79.66 -8.16
CA ARG J 334 0.54 78.76 -8.18
C ARG J 334 -0.66 79.38 -7.48
N LEU J 335 -0.67 79.38 -6.15
CA LEU J 335 -1.59 80.24 -5.43
C LEU J 335 -0.76 81.25 -4.67
N ASP J 336 -0.69 82.46 -5.21
CA ASP J 336 0.21 83.48 -4.66
C ASP J 336 -0.43 84.24 -3.50
N VAL J 337 -1.70 84.57 -3.65
CA VAL J 337 -2.40 85.42 -2.69
C VAL J 337 -3.21 84.62 -1.68
N LYS J 338 -2.82 84.70 -0.42
CA LYS J 338 -3.53 83.99 0.64
C LYS J 338 -4.39 84.95 1.44
N ILE J 339 -5.69 84.70 1.45
CA ILE J 339 -6.63 85.59 2.11
C ILE J 339 -7.32 84.90 3.29
N LYS J 340 -7.30 85.55 4.45
CA LYS J 340 -7.83 84.95 5.68
C LYS J 340 -9.27 85.38 5.94
N ILE J 341 -10.15 84.40 5.93
CA ILE J 341 -11.60 84.59 6.02
C ILE J 341 -12.02 84.60 7.50
N GLU J 342 -11.06 84.92 8.37
CA GLU J 342 -11.19 84.79 9.82
C GLU J 342 -12.51 85.26 10.39
N ARG J 343 -12.86 84.65 11.53
CA ARG J 343 -14.13 84.85 12.20
C ARG J 343 -14.49 86.28 12.52
N PRO J 344 -15.80 86.59 12.21
CA PRO J 344 -16.17 87.99 12.48
C PRO J 344 -16.46 88.38 13.93
N ASP J 345 -16.13 89.64 14.18
CA ASP J 345 -16.35 90.37 15.42
C ASP J 345 -17.79 90.91 15.47
N ALA J 346 -18.10 91.70 16.49
CA ALA J 346 -19.46 92.20 16.72
C ALA J 346 -20.00 93.06 15.57
N GLU J 347 -19.09 93.74 14.89
CA GLU J 347 -19.44 94.68 13.84
C GLU J 347 -19.89 93.94 12.61
N ALA J 348 -18.99 93.14 12.06
CA ALA J 348 -19.28 92.28 10.93
C ALA J 348 -20.51 91.42 11.19
N ALA J 349 -20.72 91.05 12.45
CA ALA J 349 -21.89 90.27 12.85
C ALA J 349 -23.18 91.04 12.66
N GLN J 350 -23.22 92.29 13.14
CA GLN J 350 -24.34 93.18 12.82
C GLN J 350 -24.55 93.24 11.32
N ASP J 351 -23.44 93.33 10.59
CA ASP J 351 -23.49 93.43 9.14
C ASP J 351 -24.15 92.19 8.52
N ILE J 352 -23.92 91.03 9.12
CA ILE J 352 -24.50 89.77 8.62
C ILE J 352 -25.98 89.66 8.93
N TYR J 353 -26.33 89.97 10.17
CA TYR J 353 -27.74 90.00 10.57
C TYR J 353 -28.53 90.93 9.67
N SER J 354 -27.88 92.01 9.24
CA SER J 354 -28.48 92.96 8.32
C SER J 354 -28.81 92.31 6.98
N LYS J 355 -28.05 91.27 6.62
CA LYS J 355 -28.33 90.52 5.41
C LYS J 355 -29.46 89.54 5.62
N TYR J 356 -29.45 88.85 6.76
CA TYR J 356 -30.47 87.81 6.98
C TYR J 356 -31.78 88.35 7.55
N LEU J 357 -31.78 89.59 8.01
CA LEU J 357 -33.02 90.23 8.40
C LEU J 357 -33.29 91.41 7.47
N THR J 358 -34.29 91.25 6.61
CA THR J 358 -34.67 92.31 5.70
C THR J 358 -35.97 92.95 6.14
N GLU J 359 -36.42 93.95 5.38
CA GLU J 359 -37.70 94.59 5.66
C GLU J 359 -38.86 93.66 5.35
N PHE J 360 -38.57 92.64 4.53
CA PHE J 360 -39.62 91.81 3.94
C PHE J 360 -40.08 90.73 4.91
N LEU J 361 -39.40 90.62 6.05
CA LEU J 361 -39.79 89.67 7.09
C LEU J 361 -40.89 90.24 7.96
N PRO J 362 -41.88 89.41 8.30
CA PRO J 362 -43.07 89.81 9.05
C PRO J 362 -42.76 90.11 10.50
N VAL J 363 -42.35 91.35 10.79
CA VAL J 363 -42.16 91.81 12.16
C VAL J 363 -43.49 91.94 12.92
N HIS J 364 -43.52 91.46 14.16
CA HIS J 364 -44.72 91.52 15.00
C HIS J 364 -45.14 92.96 15.31
N ALA J 365 -46.43 93.17 15.50
CA ALA J 365 -46.97 94.50 15.74
C ALA J 365 -46.40 95.18 16.98
N ASP J 366 -46.44 94.47 18.11
CA ASP J 366 -46.03 95.05 19.39
C ASP J 366 -44.60 95.57 19.37
N ASP J 367 -43.76 94.94 18.56
CA ASP J 367 -42.37 95.35 18.42
C ASP J 367 -42.25 96.55 17.49
N LEU J 368 -43.16 96.63 16.52
CA LEU J 368 -43.26 97.79 15.65
C LEU J 368 -43.74 99.01 16.43
N ALA J 369 -44.45 98.76 17.52
CA ALA J 369 -45.06 99.82 18.32
C ALA J 369 -44.02 100.67 19.07
N GLU J 370 -43.11 100.01 19.77
CA GLU J 370 -42.09 100.68 20.58
C GLU J 370 -41.32 101.74 19.79
N PHE J 371 -41.08 101.42 18.53
CA PHE J 371 -40.32 102.26 17.61
C PHE J 371 -41.23 103.14 16.75
N ASP J 372 -42.50 103.17 17.11
CA ASP J 372 -43.51 104.06 16.53
C ASP J 372 -43.86 103.70 15.09
N GLY J 373 -43.94 102.40 14.82
CA GLY J 373 -44.37 101.91 13.52
C GLY J 373 -43.28 101.95 12.46
N ASP J 374 -42.08 102.37 12.83
CA ASP J 374 -40.97 102.43 11.90
C ASP J 374 -40.17 101.13 11.96
N ARG J 375 -40.24 100.33 10.90
CA ARG J 375 -39.65 98.99 10.90
C ARG J 375 -38.15 98.99 10.65
N SER J 376 -37.67 99.89 9.78
CA SER J 376 -36.26 99.92 9.43
C SER J 376 -35.42 100.42 10.60
N ALA J 377 -36.06 101.20 11.46
CA ALA J 377 -35.43 101.67 12.70
C ALA J 377 -35.80 100.77 13.86
N CYS J 378 -36.53 99.70 13.54
CA CYS J 378 -36.93 98.67 14.50
C CYS J 378 -36.02 97.44 14.41
N ILE J 379 -35.80 96.95 13.19
CA ILE J 379 -34.90 95.84 12.92
C ILE J 379 -33.45 96.12 13.27
N LYS J 380 -32.98 97.36 13.09
CA LYS J 380 -31.58 97.64 13.39
C LYS J 380 -31.37 97.64 14.90
N ALA J 381 -32.40 98.05 15.65
CA ALA J 381 -32.35 98.02 17.10
C ALA J 381 -32.35 96.58 17.59
N MET J 382 -33.20 95.76 16.96
CA MET J 382 -33.21 94.32 17.23
C MET J 382 -31.86 93.68 16.94
N ILE J 383 -31.31 93.97 15.76
CA ILE J 383 -30.01 93.46 15.37
C ILE J 383 -29.00 93.78 16.43
N GLU J 384 -28.74 95.06 16.70
CA GLU J 384 -27.69 95.39 17.66
C GLU J 384 -28.01 94.88 19.07
N LYS J 385 -29.29 94.64 19.37
CA LYS J 385 -29.67 93.96 20.61
C LYS J 385 -29.15 92.53 20.63
N VAL J 386 -29.43 91.77 19.57
CA VAL J 386 -29.03 90.38 19.54
C VAL J 386 -27.51 90.27 19.44
N VAL J 387 -26.87 91.20 18.73
CA VAL J 387 -25.43 91.14 18.59
C VAL J 387 -24.79 91.47 19.92
N ASP J 388 -25.36 92.43 20.65
CA ASP J 388 -24.81 92.79 21.94
C ASP J 388 -24.97 91.64 22.93
N ARG J 389 -26.13 90.98 22.88
CA ARG J 389 -26.39 89.82 23.72
C ARG J 389 -25.43 88.68 23.39
N MET J 390 -25.16 88.52 22.11
CA MET J 390 -24.38 87.41 21.58
C MET J 390 -22.90 87.59 21.91
N TYR J 391 -22.41 88.81 21.84
CA TYR J 391 -20.99 89.04 22.05
C TYR J 391 -20.67 89.46 23.49
N ALA J 392 -21.69 89.55 24.32
CA ALA J 392 -21.50 89.87 25.74
C ALA J 392 -20.62 88.85 26.44
N GLU J 393 -19.89 89.28 27.47
CA GLU J 393 -19.26 88.34 28.38
C GLU J 393 -20.13 88.23 29.61
N ILE J 394 -20.86 87.13 29.72
CA ILE J 394 -21.64 86.84 30.90
C ILE J 394 -21.44 85.36 31.17
N ASP J 395 -21.97 84.84 32.26
CA ASP J 395 -21.65 83.46 32.63
C ASP J 395 -22.40 82.43 31.79
N ASP J 396 -23.42 82.87 31.08
CA ASP J 396 -24.18 81.97 30.22
C ASP J 396 -23.59 81.94 28.81
N ASN J 397 -22.66 82.84 28.53
CA ASN J 397 -22.00 82.88 27.23
C ASN J 397 -20.66 82.17 27.24
N ARG J 398 -20.34 81.54 28.36
CA ARG J 398 -19.13 80.75 28.45
C ARG J 398 -19.28 79.50 27.61
N PHE J 399 -18.39 79.36 26.61
CA PHE J 399 -18.42 78.21 25.70
C PHE J 399 -17.38 77.12 25.99
N LEU J 400 -16.10 77.50 26.12
CA LEU J 400 -15.11 76.51 26.48
C LEU J 400 -14.35 76.85 27.74
N GLU J 401 -13.55 75.87 28.18
CA GLU J 401 -12.55 76.04 29.21
C GLU J 401 -11.32 75.27 28.80
N VAL J 402 -10.22 76.00 28.61
CA VAL J 402 -8.98 75.41 28.16
C VAL J 402 -7.94 75.36 29.28
N THR J 403 -7.47 74.16 29.61
CA THR J 403 -6.39 73.96 30.56
C THR J 403 -5.10 73.70 29.83
N TYR J 404 -4.09 74.52 30.13
CA TYR J 404 -2.80 74.45 29.46
C TYR J 404 -1.82 73.54 30.18
N ALA J 405 -0.63 73.39 29.59
CA ALA J 405 0.41 72.54 30.15
C ALA J 405 1.02 73.11 31.42
N ASN J 406 0.93 74.43 31.60
CA ASN J 406 1.46 75.04 32.83
C ASN J 406 0.40 75.10 33.93
N GLY J 407 -0.84 74.79 33.58
CA GLY J 407 -1.91 74.71 34.57
C GLY J 407 -2.87 75.87 34.55
N ASP J 408 -2.59 76.88 33.73
CA ASP J 408 -3.52 77.99 33.56
C ASP J 408 -4.80 77.52 32.88
N LYS J 409 -5.90 78.18 33.22
CA LYS J 409 -7.19 77.83 32.65
C LYS J 409 -7.89 79.05 32.08
N GLU J 410 -8.17 79.01 30.78
CA GLU J 410 -8.79 80.13 30.08
C GLU J 410 -10.18 79.78 29.58
N VAL J 411 -11.18 80.53 30.03
CA VAL J 411 -12.54 80.34 29.53
C VAL J 411 -12.73 81.09 28.22
N MET J 412 -13.24 80.39 27.22
CA MET J 412 -13.52 80.98 25.91
C MET J 412 -15.00 81.31 25.75
N TYR J 413 -15.27 82.52 25.30
CA TYR J 413 -16.63 83.00 25.14
C TYR J 413 -17.11 82.90 23.70
N PHE J 414 -18.42 82.70 23.50
CA PHE J 414 -19.00 82.55 22.16
C PHE J 414 -18.66 83.71 21.23
N LYS J 415 -18.22 84.82 21.80
CA LYS J 415 -17.76 85.95 21.00
C LYS J 415 -16.60 85.53 20.09
N ASP J 416 -15.74 84.66 20.59
CA ASP J 416 -14.59 84.21 19.82
C ASP J 416 -14.92 83.11 18.82
N PHE J 417 -15.91 82.30 19.14
CA PHE J 417 -16.27 81.16 18.30
C PHE J 417 -17.43 81.36 17.32
N ASN J 418 -17.92 82.59 17.18
CA ASN J 418 -19.03 82.83 16.28
C ASN J 418 -18.60 82.66 14.83
N SER J 419 -19.56 82.78 13.90
CA SER J 419 -19.33 82.53 12.48
C SER J 419 -20.61 82.78 11.68
N GLY J 420 -20.47 82.79 10.37
CA GLY J 420 -21.62 82.99 9.49
C GLY J 420 -22.66 81.91 9.64
N ALA J 421 -22.20 80.66 9.65
CA ALA J 421 -23.09 79.51 9.79
C ALA J 421 -23.94 79.63 11.05
N MET J 422 -23.31 80.03 12.14
CA MET J 422 -23.97 80.09 13.45
C MET J 422 -25.03 81.18 13.48
N ILE J 423 -24.71 82.32 12.89
CA ILE J 423 -25.65 83.43 12.82
C ILE J 423 -26.85 83.04 11.98
N GLN J 424 -26.56 82.53 10.78
CA GLN J 424 -27.60 82.08 9.87
C GLN J 424 -28.54 81.11 10.58
N ASN J 425 -27.95 80.23 11.39
CA ASN J 425 -28.72 79.25 12.15
C ASN J 425 -29.60 79.88 13.20
N VAL J 426 -29.09 80.94 13.82
CA VAL J 426 -29.87 81.70 14.80
C VAL J 426 -31.09 82.34 14.14
N VAL J 427 -30.86 82.99 13.01
CA VAL J 427 -31.95 83.60 12.26
C VAL J 427 -32.99 82.56 11.87
N ASP J 428 -32.53 81.49 11.22
CA ASP J 428 -33.42 80.45 10.74
C ASP J 428 -34.17 79.74 11.87
N ARG J 429 -33.62 79.78 13.08
CA ARG J 429 -34.32 79.23 14.24
C ARG J 429 -35.41 80.20 14.71
N ALA J 430 -35.04 81.47 14.78
CA ALA J 430 -35.97 82.52 15.19
C ALA J 430 -37.18 82.62 14.26
N LYS J 431 -36.97 82.30 12.98
CA LYS J 431 -38.06 82.28 12.01
C LYS J 431 -39.05 81.17 12.34
N LYS J 432 -38.53 79.98 12.63
CA LYS J 432 -39.36 78.85 13.02
C LYS J 432 -40.17 79.18 14.28
N ASN J 433 -39.50 79.78 15.27
CA ASN J 433 -40.19 80.22 16.48
C ASN J 433 -41.29 81.20 16.17
N ALA J 434 -41.04 82.05 15.17
CA ALA J 434 -42.01 83.04 14.73
C ALA J 434 -43.24 82.40 14.10
N ILE J 435 -43.01 81.37 13.29
CA ILE J 435 -44.08 80.61 12.67
C ILE J 435 -44.93 79.89 13.70
N LYS J 436 -44.27 79.29 14.68
CA LYS J 436 -44.99 78.68 15.79
C LYS J 436 -45.83 79.74 16.49
N SER J 437 -45.25 80.93 16.65
CA SER J 437 -45.94 82.03 17.30
C SER J 437 -47.14 82.48 16.48
N VAL J 438 -47.06 82.28 15.17
CA VAL J 438 -48.18 82.62 14.28
C VAL J 438 -49.32 81.62 14.43
N LEU J 439 -48.98 80.34 14.41
CA LEU J 439 -50.01 79.31 14.49
C LEU J 439 -50.68 79.27 15.86
N GLU J 440 -49.89 79.38 16.92
CA GLU J 440 -50.43 79.24 18.27
C GLU J 440 -51.27 80.42 18.74
N THR J 441 -50.73 81.63 18.71
CA THR J 441 -51.48 82.77 19.21
C THR J 441 -52.19 83.56 18.12
N GLY J 442 -51.98 83.16 16.86
CA GLY J 442 -52.69 83.81 15.76
C GLY J 442 -52.07 85.12 15.32
N GLN J 443 -51.21 85.69 16.17
CA GLN J 443 -50.52 86.93 15.85
C GLN J 443 -49.37 86.69 14.87
N PRO J 444 -49.45 87.32 13.68
CA PRO J 444 -48.33 87.25 12.75
C PRO J 444 -47.15 88.04 13.29
N GLY J 445 -45.97 87.74 12.81
CA GLY J 445 -44.80 88.48 13.24
C GLY J 445 -43.79 87.74 14.09
N LEU J 446 -42.56 88.26 14.05
CA LEU J 446 -41.45 87.76 14.82
C LEU J 446 -41.00 88.83 15.82
N ARG J 447 -40.88 88.44 17.09
CA ARG J 447 -40.45 89.37 18.13
C ARG J 447 -38.93 89.35 18.33
N ILE J 448 -38.45 90.19 19.25
CA ILE J 448 -37.05 90.16 19.65
C ILE J 448 -36.83 88.89 20.49
N GLN J 449 -37.90 88.46 21.16
CA GLN J 449 -37.90 87.29 22.02
C GLN J 449 -37.57 86.00 21.27
N HIS J 450 -38.12 85.86 20.07
CA HIS J 450 -37.83 84.71 19.21
C HIS J 450 -36.35 84.66 18.90
N LEU J 451 -35.76 85.83 18.65
CA LEU J 451 -34.34 85.93 18.34
C LEU J 451 -33.46 85.53 19.53
N LEU J 452 -33.71 86.15 20.69
CA LEU J 452 -32.91 85.86 21.88
C LEU J 452 -33.01 84.38 22.26
N ASP J 453 -34.24 83.89 22.26
CA ASP J 453 -34.50 82.49 22.58
C ASP J 453 -33.91 81.57 21.51
N SER J 454 -33.63 82.11 20.33
CA SER J 454 -32.91 81.35 19.32
C SER J 454 -31.42 81.29 19.65
N ILE J 455 -30.89 82.39 20.16
CA ILE J 455 -29.47 82.47 20.54
C ILE J 455 -29.11 81.54 21.69
N VAL J 456 -29.93 81.53 22.74
CA VAL J 456 -29.63 80.69 23.91
C VAL J 456 -29.59 79.20 23.52
N ASP J 457 -30.47 78.82 22.62
CA ASP J 457 -30.56 77.44 22.19
C ASP J 457 -29.46 77.09 21.21
N GLU J 458 -29.09 78.02 20.33
CA GLU J 458 -27.99 77.74 19.42
C GLU J 458 -26.73 77.51 20.24
N PHE J 459 -26.60 78.29 21.31
CA PHE J 459 -25.44 78.16 22.19
C PHE J 459 -25.45 76.83 22.94
N ALA J 460 -26.61 76.43 23.44
CA ALA J 460 -26.74 75.11 24.07
C ALA J 460 -26.36 73.99 23.09
N GLU J 461 -27.00 74.01 21.92
CA GLU J 461 -26.75 73.05 20.85
C GLU J 461 -25.28 73.01 20.45
N ASN J 462 -24.56 74.10 20.70
CA ASN J 462 -23.11 74.10 20.47
C ASN J 462 -22.35 73.43 21.61
N GLU J 463 -22.51 73.98 22.82
CA GLU J 463 -21.89 73.42 24.03
C GLU J 463 -22.02 71.89 24.10
N ASP J 464 -23.19 71.38 23.72
CA ASP J 464 -23.43 69.95 23.82
C ASP J 464 -22.71 69.17 22.73
N LEU J 465 -22.65 69.75 21.53
CA LEU J 465 -22.00 69.11 20.39
C LEU J 465 -21.11 70.11 19.65
N PRO J 466 -19.89 70.34 20.16
CA PRO J 466 -19.01 71.40 19.71
C PRO J 466 -18.11 71.03 18.52
N ASN J 467 -18.69 70.65 17.40
CA ASN J 467 -17.90 70.31 16.22
C ASN J 467 -17.69 71.53 15.33
N THR J 468 -18.16 72.68 15.80
CA THR J 468 -17.91 73.98 15.17
C THR J 468 -16.45 74.39 15.25
N THR J 469 -15.67 73.65 16.03
CA THR J 469 -14.25 73.92 16.20
C THR J 469 -13.41 72.97 15.36
N ASN J 470 -12.10 73.18 15.37
CA ASN J 470 -11.18 72.29 14.67
C ASN J 470 -9.76 72.50 15.19
N PRO J 471 -8.79 71.67 14.75
CA PRO J 471 -7.41 71.84 15.18
C PRO J 471 -6.83 73.24 14.92
N ASP J 472 -7.32 73.89 13.86
CA ASP J 472 -6.95 75.26 13.57
C ASP J 472 -7.12 76.09 14.84
N ASP J 473 -8.32 76.03 15.42
CA ASP J 473 -8.65 76.83 16.60
C ASP J 473 -7.72 76.56 17.77
N TRP J 474 -7.36 75.31 17.99
CA TRP J 474 -6.49 74.99 19.11
C TRP J 474 -5.09 75.53 18.84
N ALA J 475 -4.68 75.51 17.58
CA ALA J 475 -3.39 76.09 17.23
C ALA J 475 -3.41 77.59 17.50
N ARG J 476 -4.58 78.20 17.29
CA ARG J 476 -4.73 79.64 17.49
C ARG J 476 -4.70 79.99 18.98
N ILE J 477 -5.50 79.28 19.77
CA ILE J 477 -5.58 79.52 21.19
C ILE J 477 -4.25 79.24 21.88
N SER J 478 -3.66 78.10 21.55
CA SER J 478 -2.35 77.73 22.08
C SER J 478 -1.30 78.76 21.71
N GLY J 479 -1.36 79.22 20.47
CA GLY J 479 -0.47 80.26 20.01
C GLY J 479 -0.63 81.53 20.84
N LYS J 480 -1.87 81.93 21.10
CA LYS J 480 -2.12 83.11 21.91
C LYS J 480 -1.50 82.96 23.29
N LYS J 481 -1.81 81.87 23.96
CA LYS J 481 -1.27 81.66 25.30
C LYS J 481 0.24 81.55 25.26
N GLY J 482 0.76 80.86 24.26
CA GLY J 482 2.18 80.57 24.20
C GLY J 482 2.53 79.27 24.90
N GLU J 483 1.52 78.55 25.37
CA GLU J 483 1.74 77.24 25.96
C GLU J 483 0.88 76.16 25.31
N ARG J 484 1.03 74.92 25.76
CA ARG J 484 0.38 73.77 25.14
C ARG J 484 -0.95 73.40 25.83
N ILE J 485 -1.95 72.97 25.05
CA ILE J 485 -3.27 72.66 25.58
C ILE J 485 -3.42 71.20 25.99
N VAL J 486 -3.53 70.95 27.29
CA VAL J 486 -3.78 69.60 27.78
C VAL J 486 -5.26 69.20 27.85
N TYR J 487 -6.14 70.12 28.26
CA TYR J 487 -7.53 69.72 28.49
C TYR J 487 -8.57 70.74 28.07
N ILE J 488 -9.49 70.37 27.19
CA ILE J 488 -10.58 71.28 26.83
C ILE J 488 -11.91 70.69 27.24
N ARG J 489 -12.80 71.51 27.79
CA ARG J 489 -14.17 71.05 28.04
C ARG J 489 -15.20 72.12 27.72
N THR J 490 -16.39 71.70 27.34
CA THR J 490 -17.47 72.65 27.10
C THR J 490 -18.17 72.99 28.40
N LEU J 491 -18.64 74.22 28.51
CA LEU J 491 -19.35 74.65 29.71
C LEU J 491 -20.83 74.88 29.41
N VAL J 492 -21.68 74.34 30.27
CA VAL J 492 -23.12 74.54 30.13
C VAL J 492 -23.66 75.30 31.32
N THR J 493 -24.75 76.01 31.09
CA THR J 493 -25.27 76.94 32.08
C THR J 493 -25.99 76.24 33.23
N GLY J 494 -26.27 74.95 33.06
CA GLY J 494 -26.91 74.15 34.08
C GLY J 494 -28.42 74.20 34.01
N LYS J 495 -28.95 75.20 33.31
CA LYS J 495 -30.40 75.35 33.17
C LYS J 495 -30.99 74.39 32.16
N SER J 496 -30.13 73.82 31.31
CA SER J 496 -30.59 73.14 30.11
C SER J 496 -30.44 71.62 30.10
N SER J 497 -30.86 71.02 28.98
CA SER J 497 -30.75 69.60 28.73
C SER J 497 -29.34 69.28 28.25
N SER J 498 -28.60 70.34 27.97
CA SER J 498 -27.22 70.24 27.54
C SER J 498 -26.31 69.90 28.72
N ALA J 499 -25.14 69.38 28.39
CA ALA J 499 -24.20 68.93 29.38
C ALA J 499 -22.77 69.09 28.89
N SER J 500 -21.87 69.41 29.81
CA SER J 500 -20.47 69.55 29.51
C SER J 500 -19.90 68.27 28.89
N ARG J 501 -18.94 68.43 27.98
CA ARG J 501 -18.19 67.28 27.47
C ARG J 501 -16.73 67.68 27.23
N ALA J 502 -15.84 66.72 27.40
CA ALA J 502 -14.44 66.93 27.08
C ALA J 502 -14.23 66.81 25.59
N ILE J 503 -13.19 67.48 25.10
CA ILE J 503 -12.84 67.48 23.69
C ILE J 503 -11.41 66.99 23.55
N ASP J 504 -11.13 66.15 22.55
CA ASP J 504 -9.76 65.76 22.34
C ASP J 504 -8.99 66.92 21.71
N THR J 505 -7.70 66.76 21.54
CA THR J 505 -6.83 67.90 21.26
C THR J 505 -6.05 67.77 19.95
N GLU J 506 -5.18 68.75 19.71
CA GLU J 506 -4.32 68.82 18.54
C GLU J 506 -3.57 67.50 18.29
N MET K 1 -15.02 44.28 -61.57
CA MET K 1 -13.68 43.81 -61.22
C MET K 1 -13.28 44.22 -59.81
N PRO K 2 -14.06 43.80 -58.79
CA PRO K 2 -13.69 44.13 -57.42
C PRO K 2 -12.47 43.32 -57.00
N SER K 3 -11.59 43.96 -56.21
CA SER K 3 -10.34 43.36 -55.79
C SER K 3 -10.16 43.57 -54.30
N GLY K 4 -9.48 42.64 -53.65
CA GLY K 4 -9.18 42.75 -52.22
C GLY K 4 -7.71 43.02 -51.92
N TYR K 5 -7.32 42.87 -50.66
CA TYR K 5 -5.94 43.12 -50.23
C TYR K 5 -5.30 41.98 -49.46
N GLY K 6 -3.97 42.03 -49.37
CA GLY K 6 -3.24 41.03 -48.60
C GLY K 6 -2.02 41.63 -47.93
N VAL K 7 -1.45 40.91 -46.97
CA VAL K 7 -0.20 41.35 -46.35
C VAL K 7 0.93 40.52 -46.94
N LEU K 8 1.94 41.20 -47.45
CA LEU K 8 3.06 40.52 -48.11
C LEU K 8 3.99 39.94 -47.06
N LEU K 9 4.11 38.62 -47.06
CA LEU K 9 4.94 37.90 -46.09
C LEU K 9 6.35 37.50 -46.56
N ALA K 10 6.46 36.92 -47.75
CA ALA K 10 7.77 36.53 -48.25
C ALA K 10 7.85 36.48 -49.78
N THR K 11 9.07 36.59 -50.30
CA THR K 11 9.31 36.54 -51.74
C THR K 11 10.04 35.26 -52.12
N HIS K 12 9.71 34.73 -53.30
CA HIS K 12 10.40 33.55 -53.83
C HIS K 12 11.00 33.88 -55.18
N ASP K 13 11.98 33.09 -55.63
CA ASP K 13 12.71 33.40 -56.86
C ASP K 13 11.91 33.12 -58.12
N ASP K 14 10.87 32.29 -58.01
CA ASP K 14 10.07 31.87 -59.16
C ASP K 14 8.90 32.80 -59.45
N ASP K 15 8.87 33.93 -58.74
CA ASP K 15 7.85 34.98 -58.88
C ASP K 15 6.59 34.64 -58.11
N THR K 16 6.55 33.46 -57.52
CA THR K 16 5.48 33.12 -56.58
C THR K 16 5.80 33.76 -55.23
N VAL K 17 4.79 34.26 -54.54
CA VAL K 17 5.02 35.05 -53.35
C VAL K 17 4.09 34.65 -52.21
N ASP K 18 4.64 34.58 -50.99
CA ASP K 18 3.84 34.24 -49.82
C ASP K 18 3.14 35.46 -49.25
N VAL K 19 1.81 35.38 -49.21
CA VAL K 19 0.93 36.48 -48.78
C VAL K 19 -0.04 36.01 -47.72
N PHE K 20 -0.25 36.81 -46.69
CA PHE K 20 -1.30 36.49 -45.72
C PHE K 20 -2.59 37.24 -46.04
N THR K 21 -3.66 36.50 -46.28
CA THR K 21 -4.97 37.12 -46.46
C THR K 21 -6.11 36.21 -46.08
N SER K 22 -7.22 36.83 -45.69
CA SER K 22 -8.46 36.11 -45.37
C SER K 22 -8.22 35.06 -44.29
N GLY K 23 -7.27 35.33 -43.41
CA GLY K 23 -6.99 34.44 -42.30
C GLY K 23 -6.03 33.29 -42.62
N ARG K 24 -5.59 33.20 -43.87
CA ARG K 24 -4.67 32.14 -44.25
C ARG K 24 -3.37 32.66 -44.85
N LYS K 25 -2.29 31.92 -44.59
CA LYS K 25 -1.02 32.08 -45.28
C LYS K 25 -1.14 31.37 -46.64
N MET K 26 -0.97 32.12 -47.73
CA MET K 26 -1.04 31.53 -49.06
C MET K 26 0.19 31.85 -49.90
N ARG K 27 0.23 31.25 -51.08
CA ARG K 27 1.32 31.49 -52.02
C ARG K 27 0.74 31.73 -53.39
N LEU K 28 0.89 32.93 -53.91
CA LEU K 28 0.20 33.35 -55.12
C LEU K 28 1.16 33.75 -56.21
N THR K 29 0.78 33.52 -57.46
CA THR K 29 1.55 34.04 -58.59
C THR K 29 1.36 35.54 -58.69
N CYS K 30 2.40 36.24 -59.10
CA CYS K 30 2.34 37.69 -59.14
C CYS K 30 2.27 38.22 -60.56
N SER K 31 1.42 39.24 -60.75
CA SER K 31 1.20 39.82 -62.06
C SER K 31 2.50 40.28 -62.70
N PRO K 32 2.66 40.00 -64.00
CA PRO K 32 3.84 40.40 -64.77
C PRO K 32 4.12 41.89 -64.62
N ASN K 33 3.06 42.67 -64.44
CA ASN K 33 3.16 44.09 -64.18
C ASN K 33 4.05 44.41 -62.98
N ILE K 34 3.81 43.71 -61.88
CA ILE K 34 4.51 43.98 -60.61
C ILE K 34 5.92 43.41 -60.54
N ASP K 35 6.85 44.22 -60.03
CA ASP K 35 8.26 43.84 -59.91
C ASP K 35 8.50 43.18 -58.55
N ALA K 36 8.79 41.89 -58.55
CA ALA K 36 8.85 41.11 -57.31
C ALA K 36 10.05 41.44 -56.42
N ALA K 37 11.09 42.03 -57.00
CA ALA K 37 12.28 42.39 -56.24
C ALA K 37 12.06 43.67 -55.43
N SER K 38 11.34 44.62 -56.01
CA SER K 38 11.11 45.92 -55.37
C SER K 38 10.11 45.82 -54.21
N LEU K 39 9.52 44.65 -54.03
CA LEU K 39 8.59 44.40 -52.94
C LEU K 39 9.29 44.41 -51.57
N LYS K 40 8.57 44.85 -50.54
CA LYS K 40 9.08 44.85 -49.17
C LYS K 40 8.17 44.00 -48.28
N LYS K 41 8.71 43.43 -47.20
CA LYS K 41 7.89 42.61 -46.30
C LYS K 41 6.83 43.42 -45.56
N GLY K 42 5.72 42.78 -45.23
CA GLY K 42 4.65 43.43 -44.48
C GLY K 42 3.89 44.47 -45.28
N GLN K 43 4.30 44.67 -46.52
CA GLN K 43 3.68 45.67 -47.38
C GLN K 43 2.34 45.20 -47.90
N THR K 44 1.31 46.04 -47.79
CA THR K 44 -0.03 45.62 -48.20
C THR K 44 -0.12 45.56 -49.72
N VAL K 45 -0.44 44.37 -50.25
CA VAL K 45 -0.57 44.20 -51.69
C VAL K 45 -2.03 44.13 -52.09
N ARG K 46 -2.29 44.11 -53.40
CA ARG K 46 -3.67 44.13 -53.88
C ARG K 46 -3.91 42.98 -54.84
N LEU K 47 -4.87 42.14 -54.43
CA LEU K 47 -5.24 40.89 -55.09
C LEU K 47 -6.53 41.02 -55.91
N ASN K 48 -6.60 40.33 -57.05
CA ASN K 48 -7.83 40.27 -57.83
C ASN K 48 -8.54 38.93 -57.63
N GLU K 49 -9.70 38.77 -58.25
CA GLU K 49 -10.55 37.61 -57.98
C GLU K 49 -9.91 36.27 -58.32
N ALA K 50 -8.79 36.31 -59.03
CA ALA K 50 -8.05 35.10 -59.37
C ALA K 50 -6.94 34.81 -58.37
N LEU K 51 -6.89 35.64 -57.31
CA LEU K 51 -5.85 35.55 -56.28
C LEU K 51 -4.47 35.78 -56.87
N THR K 52 -4.38 36.71 -57.80
CA THR K 52 -3.10 37.13 -58.37
C THR K 52 -2.74 38.47 -57.74
N VAL K 53 -1.46 38.75 -57.55
CA VAL K 53 -1.09 40.01 -56.92
C VAL K 53 -0.89 41.04 -58.01
N VAL K 54 -1.86 41.94 -58.13
CA VAL K 54 -1.85 42.93 -59.19
C VAL K 54 -1.25 44.26 -58.75
N GLU K 55 -1.06 44.45 -57.44
CA GLU K 55 -0.48 45.72 -57.00
C GLU K 55 0.30 45.63 -55.68
N ALA K 56 1.13 46.63 -55.42
CA ALA K 56 1.83 46.77 -54.15
C ALA K 56 1.51 48.13 -53.54
N GLY K 57 0.93 48.13 -52.35
CA GLY K 57 0.50 49.36 -51.70
C GLY K 57 1.35 49.81 -50.54
N THR K 58 0.72 50.54 -49.62
CA THR K 58 1.38 51.03 -48.41
C THR K 58 1.38 49.97 -47.32
N PHE K 59 1.69 50.38 -46.08
CA PHE K 59 1.70 49.49 -44.92
C PHE K 59 0.52 49.78 -44.01
N GLU K 60 0.04 48.77 -43.27
CA GLU K 60 -1.13 48.94 -42.41
C GLU K 60 -0.96 50.15 -41.50
N ALA K 61 -1.96 51.04 -41.51
CA ALA K 61 -1.89 52.26 -40.73
C ALA K 61 -2.68 52.23 -39.42
N VAL K 62 -3.42 51.16 -39.20
CA VAL K 62 -4.28 51.05 -38.03
C VAL K 62 -4.30 49.60 -37.54
N GLY K 63 -4.53 49.41 -36.24
CA GLY K 63 -4.48 48.08 -35.65
C GLY K 63 -4.13 48.12 -34.18
N GLU K 64 -3.58 47.02 -33.66
CA GLU K 64 -3.31 46.92 -32.22
C GLU K 64 -1.99 47.57 -31.84
N ILE K 65 -1.92 48.14 -30.64
CA ILE K 65 -0.67 48.72 -30.17
C ILE K 65 -0.01 47.83 -29.12
N SER K 66 1.20 47.37 -29.40
CA SER K 66 1.94 46.56 -28.43
C SER K 66 3.24 47.26 -28.09
N THR K 67 3.86 46.89 -26.98
CA THR K 67 5.15 47.50 -26.63
C THR K 67 6.26 46.54 -27.00
N LEU K 68 7.38 47.11 -27.42
CA LEU K 68 8.52 46.34 -27.88
C LEU K 68 9.41 45.90 -26.72
N ARG K 69 9.54 44.58 -26.54
CA ARG K 69 10.38 44.00 -25.46
C ARG K 69 11.85 43.86 -25.90
N GLU K 70 12.07 43.20 -27.03
CA GLU K 70 13.42 43.09 -27.60
C GLU K 70 13.37 42.76 -29.09
N ILE K 71 14.28 43.32 -29.88
CA ILE K 71 14.43 42.82 -31.23
C ILE K 71 15.15 41.49 -31.06
N LEU K 72 14.72 40.47 -31.80
CA LEU K 72 15.24 39.12 -31.60
C LEU K 72 16.67 38.95 -32.16
N ALA K 73 17.23 37.75 -31.97
CA ALA K 73 18.60 37.48 -32.37
C ALA K 73 18.84 37.70 -33.86
N ASP K 74 18.02 37.06 -34.68
CA ASP K 74 18.15 37.13 -36.14
C ASP K 74 17.92 38.54 -36.70
N GLY K 75 17.27 39.39 -35.91
CA GLY K 75 17.15 40.79 -36.28
C GLY K 75 15.92 41.13 -37.10
N HIS K 76 15.29 40.11 -37.66
CA HIS K 76 14.08 40.29 -38.46
C HIS K 76 12.80 40.13 -37.64
N ARG K 77 12.94 39.66 -36.41
CA ARG K 77 11.79 39.40 -35.55
C ARG K 77 11.85 40.27 -34.30
N ALA K 78 10.71 40.41 -33.64
CA ALA K 78 10.64 41.21 -32.42
C ALA K 78 9.70 40.58 -31.41
N LEU K 79 10.19 40.49 -30.18
CA LEU K 79 9.40 40.11 -29.02
C LEU K 79 8.72 41.34 -28.44
N VAL K 80 7.40 41.30 -28.43
CA VAL K 80 6.59 42.44 -28.01
C VAL K 80 5.58 41.99 -26.96
N VAL K 81 5.12 42.93 -26.15
CA VAL K 81 4.15 42.64 -25.10
C VAL K 81 2.87 43.41 -25.29
N GLY K 82 1.76 42.68 -25.20
CA GLY K 82 0.45 43.21 -25.46
C GLY K 82 -0.39 43.56 -24.25
N HIS K 83 -1.70 43.38 -24.39
CA HIS K 83 -2.68 43.77 -23.35
C HIS K 83 -2.68 43.14 -21.96
N ALA K 84 -2.51 41.82 -21.85
CA ALA K 84 -2.51 41.18 -20.55
C ALA K 84 -1.11 40.81 -20.08
N ASP K 85 -0.11 41.33 -20.79
CA ASP K 85 1.28 40.83 -20.77
C ASP K 85 1.35 39.49 -21.48
N GLU K 86 0.62 39.38 -22.58
CA GLU K 86 0.87 38.33 -23.54
C GLU K 86 2.16 38.67 -24.26
N GLU K 87 3.16 37.81 -24.17
CA GLU K 87 4.35 38.02 -24.97
C GLU K 87 4.07 37.39 -26.33
N ARG K 88 4.64 37.98 -27.36
CA ARG K 88 4.38 37.53 -28.71
C ARG K 88 5.57 37.81 -29.59
N VAL K 89 5.85 36.92 -30.54
CA VAL K 89 6.91 37.18 -31.50
C VAL K 89 6.31 37.47 -32.87
N VAL K 90 6.72 38.60 -33.45
CA VAL K 90 6.21 39.04 -34.73
C VAL K 90 7.34 39.35 -35.70
N TRP K 91 7.02 39.35 -37.00
CA TRP K 91 7.95 39.83 -38.02
C TRP K 91 8.06 41.34 -37.95
N LEU K 92 9.13 41.88 -38.52
CA LEU K 92 9.26 43.33 -38.62
C LEU K 92 9.13 43.77 -40.08
N ALA K 93 8.21 44.70 -40.33
CA ALA K 93 8.03 45.22 -41.66
C ALA K 93 9.27 46.01 -42.07
N ASP K 94 9.61 45.93 -43.34
CA ASP K 94 10.84 46.53 -43.89
C ASP K 94 11.23 47.91 -43.34
N PRO K 95 10.27 48.86 -43.26
CA PRO K 95 10.72 50.19 -42.85
C PRO K 95 11.28 50.29 -41.42
N LEU K 96 10.98 49.31 -40.57
CA LEU K 96 11.52 49.30 -39.21
C LEU K 96 12.96 48.81 -39.13
N ILE K 97 13.26 47.75 -39.87
CA ILE K 97 14.57 47.09 -39.82
C ILE K 97 15.65 47.80 -40.62
N ALA K 98 15.23 48.60 -41.60
CA ALA K 98 16.15 49.24 -42.54
C ALA K 98 17.26 49.99 -41.82
N GLU K 99 18.48 49.89 -42.36
CA GLU K 99 19.62 50.52 -41.72
C GLU K 99 19.76 51.99 -42.14
N ASP K 100 18.80 52.47 -42.93
CA ASP K 100 18.75 53.87 -43.36
C ASP K 100 18.35 54.80 -42.23
N LEU K 101 17.99 54.22 -41.09
CA LEU K 101 17.42 54.98 -39.97
C LEU K 101 18.47 55.51 -39.00
N PRO K 102 18.42 56.81 -38.71
CA PRO K 102 19.28 57.48 -37.73
C PRO K 102 18.69 57.56 -36.31
N ASP K 103 19.45 58.14 -35.40
CA ASP K 103 19.01 58.41 -34.02
C ASP K 103 18.59 59.86 -33.78
N GLY K 104 18.40 60.63 -34.86
CA GLY K 104 18.62 62.08 -34.90
C GLY K 104 17.81 63.06 -34.06
N LEU K 105 17.25 62.58 -32.97
CA LEU K 105 16.40 63.40 -32.13
C LEU K 105 17.19 64.40 -31.31
N PRO K 106 18.53 64.51 -31.59
CA PRO K 106 19.24 65.46 -30.74
C PRO K 106 18.61 66.82 -30.80
N GLU K 107 18.08 67.24 -31.92
CA GLU K 107 17.40 68.53 -31.94
C GLU K 107 15.90 68.40 -31.76
N ALA K 108 15.32 69.33 -31.02
CA ALA K 108 13.88 69.45 -30.75
C ALA K 108 13.47 68.80 -29.46
N LEU K 109 12.55 69.39 -28.71
CA LEU K 109 12.14 68.76 -27.46
C LEU K 109 11.49 67.50 -27.87
N ASN K 110 10.63 67.64 -28.85
CA ASN K 110 9.97 66.50 -29.38
C ASN K 110 11.02 66.07 -30.35
N ASP K 111 10.87 64.93 -31.00
CA ASP K 111 9.73 64.08 -30.86
C ASP K 111 10.21 62.84 -31.47
N ASP K 112 9.45 61.79 -31.36
CA ASP K 112 9.82 60.57 -32.02
C ASP K 112 9.15 60.53 -33.39
N THR K 113 8.52 61.65 -33.74
CA THR K 113 7.79 61.75 -34.98
C THR K 113 8.75 61.98 -36.15
N ARG K 114 9.55 60.96 -36.37
CA ARG K 114 10.49 60.89 -37.46
C ARG K 114 10.89 59.42 -37.40
N PRO K 115 11.36 58.85 -38.50
CA PRO K 115 11.77 57.46 -38.43
C PRO K 115 13.09 57.31 -37.67
N ARG K 116 13.36 56.12 -37.11
CA ARG K 116 14.58 55.90 -36.33
C ARG K 116 14.74 54.43 -35.95
N LYS K 117 15.96 54.06 -35.56
CA LYS K 117 16.22 52.70 -35.11
C LYS K 117 15.46 52.47 -33.82
N LEU K 118 14.87 51.30 -33.69
CA LEU K 118 14.00 51.03 -32.54
C LEU K 118 14.83 50.69 -31.33
N ARG K 119 14.15 50.69 -30.17
CA ARG K 119 14.75 50.37 -28.88
C ARG K 119 13.63 49.91 -27.96
N PRO K 120 13.95 49.20 -26.88
CA PRO K 120 12.90 48.73 -25.98
C PRO K 120 12.03 49.83 -25.40
N GLY K 121 10.74 49.52 -25.30
CA GLY K 121 9.78 50.44 -24.72
C GLY K 121 8.97 51.09 -25.82
N ASP K 122 9.50 51.04 -27.03
CA ASP K 122 8.83 51.62 -28.20
C ASP K 122 7.47 50.97 -28.43
N SER K 123 6.48 51.81 -28.71
CA SER K 123 5.15 51.30 -29.01
C SER K 123 5.02 51.05 -30.49
N LEU K 124 4.65 49.82 -30.84
CA LEU K 124 4.50 49.39 -32.21
C LEU K 124 3.05 49.16 -32.59
N LEU K 125 2.76 49.37 -33.86
CA LEU K 125 1.48 49.04 -34.45
C LEU K 125 1.56 47.64 -35.05
N VAL K 126 0.84 46.69 -34.47
CA VAL K 126 0.88 45.31 -34.93
C VAL K 126 -0.48 44.80 -35.39
N ASP K 127 -0.42 43.87 -36.33
CA ASP K 127 -1.54 43.00 -36.67
C ASP K 127 -1.13 41.60 -36.29
N THR K 128 -1.73 41.06 -35.24
CA THR K 128 -1.28 39.80 -34.68
C THR K 128 -1.57 38.64 -35.61
N LYS K 129 -2.66 38.73 -36.36
CA LYS K 129 -3.03 37.68 -37.31
C LYS K 129 -1.91 37.38 -38.29
N ALA K 130 -1.48 38.41 -39.01
CA ALA K 130 -0.38 38.26 -39.95
C ALA K 130 0.92 38.02 -39.20
N GLY K 131 0.96 38.48 -37.96
CA GLY K 131 2.16 38.35 -37.13
C GLY K 131 3.20 39.37 -37.53
N TYR K 132 2.76 40.55 -37.94
CA TYR K 132 3.67 41.59 -38.40
C TYR K 132 3.55 42.87 -37.56
N ALA K 133 4.63 43.62 -37.48
CA ALA K 133 4.61 44.89 -36.78
C ALA K 133 4.95 45.87 -37.86
N PHE K 134 4.16 46.92 -38.02
CA PHE K 134 4.43 47.85 -39.11
C PHE K 134 5.07 49.20 -38.89
N GLU K 135 4.55 49.98 -37.97
CA GLU K 135 5.13 51.28 -37.73
C GLU K 135 5.10 51.68 -36.31
N ARG K 136 6.12 52.40 -35.91
CA ARG K 136 6.22 52.89 -34.54
C ARG K 136 5.32 54.11 -34.34
N ILE K 137 4.51 54.04 -33.29
CA ILE K 137 3.64 55.14 -32.92
C ILE K 137 4.26 55.96 -31.81
N PRO K 138 4.64 57.21 -32.11
CA PRO K 138 5.16 58.06 -31.04
C PRO K 138 4.08 58.26 -30.00
N LYS K 139 4.40 57.97 -28.74
CA LYS K 139 3.41 58.02 -27.69
C LYS K 139 3.31 59.45 -27.16
N ALA K 140 2.11 59.89 -26.83
CA ALA K 140 1.97 61.17 -26.13
C ALA K 140 2.40 60.97 -24.69
N GLU K 141 2.40 62.04 -23.92
CA GLU K 141 2.77 61.98 -22.51
C GLU K 141 4.26 61.75 -22.32
N VAL K 142 4.79 60.65 -22.87
CA VAL K 142 6.20 60.37 -22.73
C VAL K 142 6.99 61.48 -23.40
N GLU K 143 6.56 61.86 -24.60
CA GLU K 143 7.22 62.94 -25.32
C GLU K 143 6.98 64.21 -24.51
N ASP K 144 5.76 64.34 -24.02
CA ASP K 144 5.35 65.48 -23.20
C ASP K 144 6.10 65.52 -21.88
N LEU K 145 6.29 64.36 -21.26
CA LEU K 145 6.99 64.30 -19.99
C LEU K 145 8.47 64.59 -20.26
N VAL K 146 9.25 64.76 -19.19
CA VAL K 146 10.73 64.86 -19.24
C VAL K 146 11.35 65.88 -20.21
N LEU K 147 10.93 67.14 -20.17
CA LEU K 147 11.24 68.02 -21.30
C LEU K 147 12.34 69.06 -21.14
N GLU K 148 13.50 68.65 -21.66
CA GLU K 148 14.22 69.19 -22.82
C GLU K 148 15.07 70.45 -22.99
N GLU K 149 15.01 71.44 -22.13
CA GLU K 149 15.43 72.76 -22.61
C GLU K 149 16.94 72.87 -22.86
N VAL K 150 17.38 74.04 -23.33
CA VAL K 150 18.79 74.29 -23.62
C VAL K 150 19.15 75.67 -23.06
N PRO K 151 19.23 75.77 -21.74
CA PRO K 151 19.10 76.97 -20.91
C PRO K 151 19.92 78.18 -21.34
N ASP K 152 19.28 79.36 -21.33
CA ASP K 152 19.96 80.62 -21.66
C ASP K 152 20.47 81.32 -20.42
N VAL K 153 20.18 80.75 -19.25
CA VAL K 153 20.55 81.38 -17.99
C VAL K 153 21.98 81.04 -17.61
N SER K 154 22.67 82.03 -17.05
CA SER K 154 24.07 81.87 -16.68
C SER K 154 24.29 82.39 -15.26
N TYR K 155 25.46 82.09 -14.71
CA TYR K 155 25.79 82.43 -13.33
C TYR K 155 25.51 83.89 -12.96
N ALA K 156 25.80 84.79 -13.89
CA ALA K 156 25.58 86.23 -13.66
C ALA K 156 24.14 86.53 -13.28
N ASP K 157 23.21 85.66 -13.70
CA ASP K 157 21.80 85.84 -13.40
C ASP K 157 21.43 85.35 -11.99
N ILE K 158 22.34 84.58 -11.38
CA ILE K 158 22.07 83.98 -10.08
C ILE K 158 22.54 84.88 -8.93
N GLY K 159 21.61 85.23 -8.04
CA GLY K 159 21.93 86.06 -6.89
C GLY K 159 22.73 85.39 -5.78
N GLY K 160 23.86 85.99 -5.44
CA GLY K 160 24.61 85.66 -4.23
C GLY K 160 24.96 84.22 -3.91
N LEU K 161 25.13 83.40 -4.94
CA LEU K 161 25.48 82.00 -4.76
C LEU K 161 26.98 81.66 -4.92
N SER K 162 27.82 82.68 -4.98
CA SER K 162 29.23 82.56 -5.39
C SER K 162 30.04 81.39 -4.80
N ARG K 163 29.94 81.18 -3.49
CA ARG K 163 30.56 80.01 -2.86
C ARG K 163 30.17 78.75 -3.64
N GLN K 164 28.87 78.50 -3.64
CA GLN K 164 28.30 77.36 -4.34
C GLN K 164 28.71 77.28 -5.80
N ILE K 165 28.69 78.39 -6.52
CA ILE K 165 28.99 78.35 -7.95
C ILE K 165 30.44 77.91 -8.16
N GLU K 166 31.36 78.37 -7.31
CA GLU K 166 32.75 77.92 -7.43
C GLU K 166 32.85 76.44 -7.14
N GLN K 167 32.23 76.01 -6.04
CA GLN K 167 32.20 74.59 -5.70
C GLN K 167 31.75 73.76 -6.90
N ILE K 168 30.63 74.17 -7.49
CA ILE K 168 29.99 73.46 -8.60
C ILE K 168 30.90 73.37 -9.82
N ARG K 169 31.46 74.49 -10.26
CA ARG K 169 32.30 74.47 -11.45
C ARG K 169 33.63 73.76 -11.19
N ASP K 170 33.99 73.62 -9.92
CA ASP K 170 35.14 72.80 -9.54
C ASP K 170 34.78 71.32 -9.61
N ALA K 171 33.52 71.00 -9.37
CA ALA K 171 33.07 69.62 -9.38
C ALA K 171 32.41 69.18 -10.68
N VAL K 172 32.26 70.10 -11.63
CA VAL K 172 31.55 69.78 -12.86
C VAL K 172 32.34 70.15 -14.11
N GLU K 173 32.61 71.43 -14.27
CA GLU K 173 33.28 71.93 -15.47
C GLU K 173 34.75 71.49 -15.53
N LEU K 174 35.43 71.57 -14.39
CA LEU K 174 36.83 71.19 -14.30
C LEU K 174 37.14 69.78 -14.83
N PRO K 175 36.30 68.78 -14.51
CA PRO K 175 36.55 67.47 -15.12
C PRO K 175 36.47 67.45 -16.65
N PHE K 176 35.42 68.05 -17.22
CA PHE K 176 35.21 67.92 -18.66
C PHE K 176 36.23 68.72 -19.45
N LEU K 177 36.54 69.92 -18.96
CA LEU K 177 37.50 70.79 -19.64
C LEU K 177 38.88 70.16 -19.71
N HIS K 178 39.30 69.65 -18.56
CA HIS K 178 40.63 69.11 -18.32
C HIS K 178 40.73 67.59 -18.44
N LYS K 179 39.77 66.99 -19.14
CA LYS K 179 39.48 65.56 -19.10
C LYS K 179 40.68 64.62 -19.03
N GLU K 180 41.76 64.92 -19.76
CA GLU K 180 42.95 64.07 -19.71
C GLU K 180 43.83 64.33 -18.49
N LEU K 181 43.86 65.58 -18.03
CA LEU K 181 44.61 65.93 -16.83
C LEU K 181 44.04 65.21 -15.61
N TYR K 182 42.74 64.99 -15.61
CA TYR K 182 42.07 64.22 -14.57
C TYR K 182 42.57 62.78 -14.51
N ARG K 183 42.74 62.19 -15.68
CA ARG K 183 43.14 60.78 -15.77
C ARG K 183 44.64 60.61 -15.53
N GLU K 184 45.41 61.68 -15.76
CA GLU K 184 46.85 61.62 -15.52
C GLU K 184 47.14 61.32 -14.05
N TYR K 185 46.31 61.89 -13.17
CA TYR K 185 46.43 61.66 -11.73
C TYR K 185 45.59 60.47 -11.27
N SER K 186 45.03 59.74 -12.23
CA SER K 186 44.23 58.55 -11.98
C SER K 186 42.98 58.91 -11.17
N LEU K 187 42.33 59.99 -11.57
CA LEU K 187 41.10 60.43 -10.91
C LEU K 187 39.91 60.26 -11.84
N ARG K 188 38.82 59.73 -11.29
CA ARG K 188 37.58 59.54 -12.06
C ARG K 188 36.69 60.77 -11.99
N PRO K 189 36.24 61.28 -13.15
CA PRO K 189 35.33 62.42 -13.17
C PRO K 189 33.96 62.04 -12.58
N PRO K 190 33.33 62.97 -11.86
CA PRO K 190 32.06 62.69 -11.15
C PRO K 190 30.86 62.48 -12.06
N LYS K 191 30.01 61.53 -11.70
CA LYS K 191 28.80 61.25 -12.46
C LYS K 191 27.68 62.23 -12.13
N GLY K 192 27.52 62.60 -10.86
CA GLY K 192 26.39 63.41 -10.45
C GLY K 192 26.60 64.42 -9.33
N VAL K 193 25.58 65.24 -9.12
CA VAL K 193 25.65 66.35 -8.18
C VAL K 193 24.38 66.38 -7.33
N LEU K 194 24.51 66.67 -6.04
CA LEU K 194 23.35 66.81 -5.17
C LEU K 194 23.24 68.23 -4.68
N LEU K 195 22.20 68.94 -5.11
CA LEU K 195 21.90 70.27 -4.60
C LEU K 195 20.86 70.13 -3.50
N TYR K 196 21.23 70.43 -2.27
CA TYR K 196 20.28 70.37 -1.18
C TYR K 196 20.27 71.67 -0.42
N GLY K 197 19.19 71.90 0.32
CA GLY K 197 19.02 73.12 1.08
C GLY K 197 17.55 73.42 1.22
N PRO K 198 17.22 74.53 1.89
CA PRO K 198 15.83 74.96 2.07
C PRO K 198 15.17 75.29 0.73
N PRO K 199 13.83 75.32 0.69
CA PRO K 199 13.08 75.57 -0.55
C PRO K 199 13.07 77.03 -1.01
N GLY K 200 12.88 77.24 -2.31
CA GLY K 200 12.73 78.56 -2.89
C GLY K 200 14.03 79.30 -3.18
N CYS K 201 15.15 78.65 -2.90
CA CYS K 201 16.46 79.28 -3.03
C CYS K 201 17.11 79.26 -4.41
N GLY K 202 16.79 78.25 -5.22
CA GLY K 202 17.80 77.76 -6.14
C GLY K 202 17.47 76.49 -6.90
N LYS K 203 18.50 75.65 -7.07
CA LYS K 203 18.38 74.37 -7.78
C LYS K 203 18.08 74.54 -9.27
N THR K 204 16.86 74.29 -9.73
CA THR K 204 16.59 74.20 -11.16
C THR K 204 17.32 75.27 -11.98
N LEU K 205 17.36 76.49 -11.46
CA LEU K 205 18.12 77.57 -12.11
C LEU K 205 19.64 77.37 -12.00
N ILE K 206 20.12 76.80 -10.89
CA ILE K 206 21.55 76.50 -10.72
C ILE K 206 21.97 75.40 -11.69
N ALA K 207 21.09 74.41 -11.86
CA ALA K 207 21.35 73.27 -12.73
C ALA K 207 21.37 73.70 -14.19
N LYS K 208 20.41 74.56 -14.55
CA LYS K 208 20.39 75.16 -15.89
C LYS K 208 21.64 76.01 -16.10
N ALA K 209 22.05 76.74 -15.08
CA ALA K 209 23.20 77.59 -15.19
C ALA K 209 24.44 76.78 -15.45
N VAL K 210 24.54 75.68 -14.74
CA VAL K 210 25.71 74.87 -14.82
C VAL K 210 25.81 74.41 -16.26
N ALA K 211 24.67 74.12 -16.86
CA ALA K 211 24.68 73.64 -18.22
C ALA K 211 25.25 74.71 -19.11
N ASN K 212 24.85 75.95 -18.88
CA ASN K 212 25.26 77.03 -19.73
C ASN K 212 26.76 77.07 -19.67
N SER K 213 27.25 76.97 -18.44
CA SER K 213 28.66 77.13 -18.18
C SER K 213 29.46 76.07 -18.87
N LEU K 214 29.00 74.84 -18.79
CA LEU K 214 29.74 73.76 -19.38
C LEU K 214 29.80 73.92 -20.88
N ALA K 215 28.66 74.31 -21.44
CA ALA K 215 28.61 74.44 -22.88
C ALA K 215 29.61 75.49 -23.27
N LYS K 216 29.65 76.56 -22.50
CA LYS K 216 30.55 77.66 -22.79
C LYS K 216 32.02 77.27 -22.74
N LYS K 217 32.39 76.47 -21.75
CA LYS K 217 33.79 76.04 -21.67
C LYS K 217 34.13 75.21 -22.89
N MET K 218 33.19 74.36 -23.31
CA MET K 218 33.48 73.53 -24.46
C MET K 218 33.73 74.47 -25.62
N ALA K 219 32.82 75.44 -25.74
CA ALA K 219 32.72 76.30 -26.88
C ALA K 219 34.03 77.02 -27.02
N GLU K 220 34.55 77.37 -25.84
CA GLU K 220 35.80 78.11 -25.67
C GLU K 220 36.95 77.30 -26.15
N VAL K 221 36.87 76.02 -25.89
CA VAL K 221 37.96 75.09 -26.13
C VAL K 221 38.26 75.09 -27.60
N ARG K 222 37.22 75.20 -28.41
CA ARG K 222 37.36 75.03 -29.84
C ARG K 222 35.96 74.92 -30.38
N GLY K 223 35.81 74.27 -31.53
CA GLY K 223 36.81 74.25 -32.58
C GLY K 223 36.98 75.55 -33.34
N ASP K 224 35.88 76.19 -33.75
CA ASP K 224 34.48 75.82 -33.43
C ASP K 224 34.02 76.25 -32.05
N ASP K 225 34.65 77.32 -31.61
CA ASP K 225 34.63 77.83 -30.27
C ASP K 225 33.29 78.44 -29.95
N ALA K 226 33.03 78.57 -28.65
CA ALA K 226 31.85 79.24 -28.18
C ALA K 226 31.98 80.72 -28.51
N HIS K 227 30.87 81.46 -28.51
CA HIS K 227 29.60 80.98 -28.00
C HIS K 227 28.55 80.89 -29.05
N GLU K 228 28.31 79.64 -29.47
CA GLU K 228 27.12 79.23 -30.20
C GLU K 228 26.34 78.05 -29.56
N ALA K 229 26.78 77.58 -28.39
CA ALA K 229 26.23 76.35 -27.79
C ALA K 229 24.74 76.42 -27.41
N LYS K 230 23.98 75.34 -27.64
CA LYS K 230 24.53 74.03 -28.03
C LYS K 230 24.67 72.92 -26.95
N SER K 231 24.15 73.13 -25.74
CA SER K 231 24.21 72.11 -24.69
C SER K 231 22.83 71.75 -24.12
N TYR K 232 22.54 70.45 -23.96
CA TYR K 232 21.16 70.06 -23.57
C TYR K 232 20.90 69.88 -22.08
N PHE K 233 19.99 70.67 -21.56
CA PHE K 233 19.39 70.42 -20.26
C PHE K 233 18.30 69.38 -20.43
N LEU K 234 18.09 68.55 -19.43
CA LEU K 234 17.01 67.57 -19.47
C LEU K 234 16.20 67.72 -18.18
N ASN K 235 14.99 68.26 -18.29
CA ASN K 235 14.26 68.57 -17.07
C ASN K 235 13.23 67.51 -16.74
N ILE K 236 13.40 66.85 -15.60
CA ILE K 236 12.37 65.93 -15.12
C ILE K 236 12.16 66.06 -13.61
N LYS K 237 10.93 66.29 -13.21
CA LYS K 237 10.64 66.52 -11.79
C LYS K 237 10.09 65.28 -11.08
N GLY K 238 10.47 65.15 -9.81
CA GLY K 238 10.02 64.08 -8.94
C GLY K 238 8.52 63.79 -8.90
N PRO K 239 7.66 64.84 -8.80
CA PRO K 239 6.24 64.51 -8.75
C PRO K 239 5.74 63.85 -10.03
N GLU K 240 6.27 64.24 -11.17
CA GLU K 240 5.85 63.69 -12.46
C GLU K 240 6.30 62.24 -12.60
N LEU K 241 7.22 61.81 -11.74
CA LEU K 241 7.62 60.41 -11.71
C LEU K 241 6.38 59.62 -11.34
N LEU K 242 5.72 60.00 -10.25
CA LEU K 242 4.36 59.54 -9.96
C LEU K 242 3.51 59.83 -11.19
N ASN K 243 2.66 58.90 -11.64
CA ASN K 243 2.20 57.71 -10.92
C ASN K 243 3.22 56.60 -10.65
N LYS K 244 4.41 56.78 -11.23
CA LYS K 244 5.63 55.96 -11.04
C LYS K 244 5.91 54.72 -11.93
N PHE K 245 5.03 54.22 -12.82
CA PHE K 245 3.66 54.64 -13.10
C PHE K 245 2.70 53.56 -12.57
N VAL K 246 1.99 53.90 -11.50
CA VAL K 246 1.21 52.95 -10.72
C VAL K 246 2.13 51.76 -10.37
N GLY K 247 1.59 50.54 -10.36
CA GLY K 247 2.43 49.37 -10.15
C GLY K 247 2.81 48.64 -11.42
N GLU K 248 4.01 48.09 -11.50
CA GLU K 248 5.03 48.23 -10.49
C GLU K 248 6.05 49.24 -11.09
N THR K 249 6.06 49.34 -12.43
CA THR K 249 6.92 50.22 -13.24
C THR K 249 6.50 51.69 -13.20
N GLU K 250 7.45 52.58 -13.44
CA GLU K 250 8.83 52.19 -13.71
C GLU K 250 9.18 51.94 -15.19
N ARG K 251 8.20 51.99 -16.09
CA ARG K 251 8.51 51.81 -17.50
C ARG K 251 8.69 53.25 -17.81
N HIS K 252 9.79 53.84 -17.35
CA HIS K 252 9.91 55.27 -17.58
C HIS K 252 11.33 55.75 -17.33
N ILE K 253 11.82 55.55 -16.11
CA ILE K 253 13.16 55.94 -15.71
C ILE K 253 14.21 55.38 -16.68
N ARG K 254 13.88 54.30 -17.35
CA ARG K 254 14.73 53.78 -18.42
C ARG K 254 14.61 54.65 -19.69
N LEU K 255 13.43 55.22 -19.93
CA LEU K 255 13.18 55.99 -21.14
C LEU K 255 14.01 57.27 -21.15
N ILE K 256 14.15 57.90 -20.00
CA ILE K 256 14.80 59.20 -19.90
C ILE K 256 16.31 59.10 -20.10
N PHE K 257 16.89 57.95 -19.73
CA PHE K 257 18.30 57.75 -19.95
C PHE K 257 18.57 57.30 -21.38
N GLN K 258 17.51 56.90 -22.08
CA GLN K 258 17.58 56.66 -23.50
C GLN K 258 17.59 57.98 -24.22
N ARG K 259 16.75 58.89 -23.72
CA ARG K 259 16.67 60.22 -24.27
C ARG K 259 17.96 60.97 -24.01
N ALA K 260 18.63 60.64 -22.92
CA ALA K 260 19.93 61.25 -22.65
C ALA K 260 21.01 60.56 -23.50
N ARG K 261 20.84 59.25 -23.67
CA ARG K 261 21.76 58.45 -24.48
C ARG K 261 21.81 58.95 -25.91
N GLU K 262 20.72 59.60 -26.34
CA GLU K 262 20.60 60.19 -27.67
C GLU K 262 21.76 61.12 -28.05
N LYS K 263 22.02 62.10 -27.18
CA LYS K 263 23.15 63.02 -27.35
C LYS K 263 24.43 62.47 -26.76
N ALA K 264 24.28 61.50 -25.85
CA ALA K 264 25.43 60.84 -25.23
C ALA K 264 26.34 60.19 -26.28
N SER K 265 25.77 59.92 -27.45
CA SER K 265 26.50 59.30 -28.55
C SER K 265 27.64 60.16 -29.09
N GLU K 266 27.42 61.46 -29.20
CA GLU K 266 28.37 62.34 -29.88
C GLU K 266 28.78 63.61 -29.15
N GLY K 267 29.61 63.48 -28.12
CA GLY K 267 30.29 64.62 -27.53
C GLY K 267 29.51 65.57 -26.66
N THR K 268 28.39 66.08 -27.17
CA THR K 268 27.69 67.20 -26.54
C THR K 268 27.24 66.91 -25.11
N PRO K 269 27.39 67.91 -24.24
CA PRO K 269 27.07 67.78 -22.82
C PRO K 269 25.56 67.76 -22.57
N VAL K 270 25.10 66.88 -21.68
CA VAL K 270 23.68 66.82 -21.39
C VAL K 270 23.46 66.54 -19.90
N ILE K 271 22.53 67.28 -19.31
CA ILE K 271 22.32 67.20 -17.87
C ILE K 271 20.96 66.64 -17.51
N VAL K 272 20.91 65.42 -17.00
CA VAL K 272 19.64 64.89 -16.53
C VAL K 272 19.38 65.46 -15.13
N PHE K 273 18.28 66.18 -14.99
CA PHE K 273 17.97 66.88 -13.74
C PHE K 273 16.69 66.37 -13.09
N PHE K 274 16.84 65.79 -11.91
CA PHE K 274 15.69 65.34 -11.11
C PHE K 274 15.31 66.37 -10.06
N ASP K 275 14.13 66.98 -10.21
CA ASP K 275 13.63 67.87 -9.16
C ASP K 275 12.93 67.01 -8.12
N GLU K 276 12.55 67.61 -6.98
CA GLU K 276 11.79 66.92 -5.93
C GLU K 276 12.26 65.49 -5.62
N MET K 277 13.57 65.29 -5.60
CA MET K 277 14.11 63.94 -5.47
C MET K 277 13.82 63.32 -4.10
N ASP K 278 13.86 64.15 -3.07
CA ASP K 278 13.55 63.71 -1.72
C ASP K 278 12.11 63.23 -1.60
N SER K 279 11.26 63.60 -2.56
CA SER K 279 9.90 63.10 -2.57
C SER K 279 9.81 61.59 -2.88
N ILE K 280 10.56 61.11 -3.88
CA ILE K 280 10.56 59.69 -4.29
C ILE K 280 11.09 58.64 -3.32
N PHE K 281 12.26 58.92 -2.73
CA PHE K 281 12.90 58.07 -1.74
C PHE K 281 13.68 58.95 -0.74
N ARG K 282 13.25 59.12 0.52
CA ARG K 282 12.05 58.55 1.18
C ARG K 282 12.13 57.03 1.35
N THR K 283 13.29 56.59 1.83
CA THR K 283 13.46 55.27 2.43
C THR K 283 12.70 55.20 3.76
N ARG K 284 12.50 53.97 4.25
CA ARG K 284 11.90 53.68 5.57
C ARG K 284 10.37 53.77 5.53
N VAL K 292 3.04 52.44 0.41
CA VAL K 292 3.11 51.32 1.34
C VAL K 292 4.42 51.22 2.16
N GLU K 293 5.61 51.27 1.55
CA GLU K 293 5.86 51.54 0.13
C GLU K 293 6.16 50.27 -0.67
N THR K 294 5.72 50.24 -1.91
CA THR K 294 6.01 49.14 -2.82
C THR K 294 7.31 49.42 -3.59
N THR K 295 7.97 50.52 -3.22
CA THR K 295 9.21 50.99 -3.86
C THR K 295 8.88 51.14 -5.40
N VAL K 296 9.71 50.86 -6.43
CA VAL K 296 11.13 50.46 -6.46
C VAL K 296 12.08 51.57 -6.93
N VAL K 297 12.87 52.08 -5.97
CA VAL K 297 13.98 52.99 -6.21
C VAL K 297 15.25 52.40 -6.92
N PRO K 298 15.65 51.14 -6.60
CA PRO K 298 16.89 50.55 -7.15
C PRO K 298 17.19 50.72 -8.65
N GLN K 299 16.13 50.76 -9.46
CA GLN K 299 16.26 50.92 -10.90
C GLN K 299 17.11 52.15 -11.25
N LEU K 300 16.77 53.28 -10.64
CA LEU K 300 17.52 54.52 -10.81
C LEU K 300 19.02 54.33 -10.60
N LEU K 301 19.39 53.62 -9.54
CA LEU K 301 20.79 53.40 -9.18
C LEU K 301 21.50 52.59 -10.24
N SER K 302 20.85 51.53 -10.69
CA SER K 302 21.39 50.72 -11.77
C SER K 302 21.57 51.53 -13.06
N GLU K 303 20.64 52.44 -13.32
CA GLU K 303 20.69 53.28 -14.52
C GLU K 303 21.82 54.31 -14.48
N ILE K 304 21.98 54.96 -13.33
CA ILE K 304 23.08 55.88 -13.13
C ILE K 304 24.39 55.10 -13.19
N ASP K 305 24.32 53.79 -12.95
CA ASP K 305 25.48 52.94 -13.21
C ASP K 305 25.64 52.70 -14.71
N GLY K 306 24.52 52.72 -15.45
CA GLY K 306 24.56 52.48 -16.88
C GLY K 306 25.17 53.62 -17.68
N VAL K 307 25.36 54.76 -17.03
CA VAL K 307 25.92 55.95 -17.66
C VAL K 307 27.45 56.01 -17.45
N GLU K 308 28.07 54.87 -17.12
CA GLU K 308 29.43 54.83 -16.56
C GLU K 308 30.66 55.35 -17.36
N GLY K 309 30.78 55.01 -18.64
CA GLY K 309 31.88 55.53 -19.45
C GLY K 309 31.40 56.59 -20.42
N LEU K 310 30.27 57.20 -20.04
CA LEU K 310 29.46 58.08 -20.88
C LEU K 310 29.81 59.56 -20.80
N GLU K 311 31.03 59.91 -20.39
CA GLU K 311 31.39 61.18 -19.76
C GLU K 311 30.68 62.43 -20.32
N ASN K 312 30.14 62.33 -21.53
CA ASN K 312 29.23 63.33 -22.08
C ASN K 312 28.03 63.70 -21.18
N VAL K 313 27.57 62.77 -20.34
CA VAL K 313 26.35 62.95 -19.55
C VAL K 313 26.61 63.19 -18.06
N ILE K 314 25.85 64.13 -17.48
CA ILE K 314 25.92 64.44 -16.07
C ILE K 314 24.50 64.42 -15.47
N VAL K 315 24.35 63.84 -14.28
CA VAL K 315 23.04 63.79 -13.64
C VAL K 315 23.01 64.58 -12.33
N ILE K 316 22.23 65.66 -12.32
CA ILE K 316 22.06 66.49 -11.13
C ILE K 316 20.68 66.20 -10.54
N GLY K 317 20.55 66.31 -9.22
CA GLY K 317 19.27 66.19 -8.59
C GLY K 317 19.22 67.11 -7.37
N ALA K 318 18.02 67.51 -7.00
CA ALA K 318 17.85 68.58 -6.03
C ALA K 318 16.92 68.15 -4.91
N SER K 319 17.17 68.66 -3.71
CA SER K 319 16.35 68.25 -2.57
C SER K 319 16.14 69.34 -1.53
N ASN K 320 14.91 69.41 -1.03
CA ASN K 320 14.60 70.30 0.09
C ASN K 320 14.70 69.55 1.42
N ARG K 321 14.81 68.23 1.36
CA ARG K 321 15.12 67.41 2.53
C ARG K 321 16.24 66.43 2.22
N GLU K 322 17.42 66.64 2.80
CA GLU K 322 18.55 65.78 2.50
C GLU K 322 18.54 64.57 3.43
N ASP K 323 17.74 64.67 4.49
CA ASP K 323 17.57 63.59 5.44
C ASP K 323 16.97 62.38 4.73
N MET K 324 15.89 62.66 4.00
CA MET K 324 15.10 61.63 3.32
C MET K 324 15.90 60.77 2.35
N ILE K 325 16.80 61.40 1.60
CA ILE K 325 17.50 60.72 0.51
C ILE K 325 18.20 59.46 0.97
N ASP K 326 17.94 58.36 0.27
CA ASP K 326 18.58 57.09 0.60
C ASP K 326 20.07 57.16 0.33
N PRO K 327 20.89 56.96 1.37
CA PRO K 327 22.34 57.14 1.26
C PRO K 327 22.98 56.30 0.15
N ALA K 328 22.28 55.28 -0.33
CA ALA K 328 22.81 54.43 -1.41
C ALA K 328 23.02 55.21 -2.71
N ILE K 329 22.12 56.15 -2.98
CA ILE K 329 22.20 56.94 -4.20
C ILE K 329 23.27 58.02 -4.08
N LEU K 330 23.70 58.29 -2.84
CA LEU K 330 24.74 59.28 -2.57
C LEU K 330 26.12 58.66 -2.48
N ARG K 331 26.20 57.35 -2.62
CA ARG K 331 27.47 56.63 -2.53
C ARG K 331 28.44 57.10 -3.63
N PRO K 332 29.76 56.94 -3.39
CA PRO K 332 30.78 57.34 -4.36
C PRO K 332 30.58 56.73 -5.74
N GLY K 333 30.73 57.55 -6.78
CA GLY K 333 30.58 57.09 -8.15
C GLY K 333 29.26 57.46 -8.79
N ARG K 334 28.25 57.77 -7.97
CA ARG K 334 26.95 58.16 -8.49
C ARG K 334 26.69 59.64 -8.28
N LEU K 335 26.34 60.04 -7.05
CA LEU K 335 26.41 61.45 -6.74
C LEU K 335 27.56 61.61 -5.75
N ASP K 336 28.70 62.04 -6.28
CA ASP K 336 29.91 62.21 -5.48
C ASP K 336 29.89 63.58 -4.83
N VAL K 337 29.46 64.57 -5.61
CA VAL K 337 29.38 65.93 -5.13
C VAL K 337 28.02 66.20 -4.51
N LYS K 338 28.04 66.91 -3.38
CA LYS K 338 26.81 67.44 -2.79
C LYS K 338 27.05 68.88 -2.40
N ILE K 339 26.22 69.77 -2.87
CA ILE K 339 26.39 71.21 -2.65
C ILE K 339 25.28 71.76 -1.76
N LYS K 340 25.65 72.54 -0.75
CA LYS K 340 24.66 73.10 0.15
C LYS K 340 24.18 74.45 -0.36
N ILE K 341 22.91 74.49 -0.70
CA ILE K 341 22.24 75.63 -1.31
C ILE K 341 21.65 76.50 -0.18
N GLU K 342 22.26 76.37 0.98
CA GLU K 342 21.87 77.09 2.18
C GLU K 342 21.47 78.53 1.97
N ARG K 343 20.48 78.94 2.77
CA ARG K 343 19.81 80.23 2.68
C ARG K 343 20.67 81.49 2.68
N PRO K 344 20.21 82.45 1.78
CA PRO K 344 21.04 83.67 1.72
C PRO K 344 21.07 84.57 2.95
N ASP K 345 22.26 85.15 3.09
CA ASP K 345 22.66 86.11 4.11
C ASP K 345 22.36 87.51 3.58
N ALA K 346 22.85 88.52 4.28
CA ALA K 346 22.54 89.91 3.94
C ALA K 346 23.08 90.34 2.57
N GLU K 347 24.33 89.98 2.29
CA GLU K 347 24.97 90.37 1.04
C GLU K 347 24.32 89.67 -0.15
N ALA K 348 23.89 88.42 0.07
CA ALA K 348 23.27 87.66 -1.00
C ALA K 348 21.84 88.13 -1.20
N ALA K 349 21.23 88.67 -0.14
CA ALA K 349 19.94 89.31 -0.26
C ALA K 349 20.07 90.51 -1.16
N GLN K 350 21.14 91.27 -0.98
CA GLN K 350 21.43 92.36 -1.90
C GLN K 350 21.59 91.87 -3.33
N ASP K 351 22.48 90.89 -3.52
CA ASP K 351 22.79 90.38 -4.85
C ASP K 351 21.55 89.85 -5.58
N ILE K 352 20.60 89.33 -4.81
CA ILE K 352 19.34 88.83 -5.39
C ILE K 352 18.39 89.99 -5.73
N TYR K 353 18.23 90.91 -4.78
CA TYR K 353 17.38 92.09 -5.00
C TYR K 353 17.82 92.89 -6.22
N SER K 354 19.13 92.91 -6.48
CA SER K 354 19.66 93.56 -7.66
C SER K 354 19.16 92.87 -8.92
N LYS K 355 18.98 91.56 -8.86
CA LYS K 355 18.46 90.83 -10.02
C LYS K 355 16.98 91.12 -10.18
N TYR K 356 16.29 91.31 -9.07
CA TYR K 356 14.86 91.62 -9.15
C TYR K 356 14.58 93.11 -9.32
N LEU K 357 15.56 93.96 -9.03
CA LEU K 357 15.40 95.39 -9.29
C LEU K 357 16.39 95.88 -10.33
N THR K 358 15.89 96.12 -11.54
CA THR K 358 16.73 96.58 -12.63
C THR K 358 16.44 98.05 -12.95
N GLU K 359 17.13 98.57 -13.96
CA GLU K 359 16.93 99.95 -14.40
C GLU K 359 15.60 100.12 -15.14
N PHE K 360 15.04 99.00 -15.59
CA PHE K 360 13.90 99.03 -16.50
C PHE K 360 12.56 99.12 -15.77
N LEU K 361 12.63 99.21 -14.44
CA LEU K 361 11.43 99.41 -13.63
C LEU K 361 11.18 100.90 -13.36
N PRO K 362 9.91 101.33 -13.41
CA PRO K 362 9.48 102.73 -13.26
C PRO K 362 9.58 103.27 -11.84
N VAL K 363 10.76 103.74 -11.42
CA VAL K 363 10.94 104.29 -10.07
C VAL K 363 10.38 105.72 -9.94
N HIS K 364 9.78 106.00 -8.78
CA HIS K 364 9.13 107.30 -8.51
C HIS K 364 10.11 108.45 -8.40
N ALA K 365 9.65 109.65 -8.75
CA ALA K 365 10.50 110.84 -8.80
C ALA K 365 10.90 111.34 -7.42
N ASP K 366 9.98 111.23 -6.47
CA ASP K 366 10.22 111.69 -5.09
C ASP K 366 11.46 111.04 -4.51
N ASP K 367 11.65 109.77 -4.84
CA ASP K 367 12.79 109.00 -4.37
C ASP K 367 14.04 109.31 -5.19
N LEU K 368 13.83 109.73 -6.43
CA LEU K 368 14.92 110.09 -7.33
C LEU K 368 15.51 111.46 -6.99
N ALA K 369 14.73 112.28 -6.29
CA ALA K 369 15.13 113.64 -5.94
C ALA K 369 16.31 113.67 -4.98
N GLU K 370 16.27 112.77 -4.01
CA GLU K 370 17.26 112.73 -2.93
C GLU K 370 18.66 112.43 -3.44
N PHE K 371 18.72 111.61 -4.48
CA PHE K 371 19.97 111.13 -5.07
C PHE K 371 20.43 111.95 -6.27
N ASP K 372 19.77 113.09 -6.49
CA ASP K 372 20.09 114.03 -7.57
C ASP K 372 19.78 113.47 -8.95
N GLY K 373 18.84 112.55 -9.02
CA GLY K 373 18.32 112.07 -10.27
C GLY K 373 18.93 110.78 -10.78
N ASP K 374 20.05 110.36 -10.17
CA ASP K 374 20.73 109.17 -10.63
C ASP K 374 20.03 107.94 -10.07
N ARG K 375 19.45 107.14 -10.97
CA ARG K 375 18.64 105.99 -10.54
C ARG K 375 19.48 104.76 -10.24
N SER K 376 20.63 104.61 -10.87
CA SER K 376 21.47 103.44 -10.64
C SER K 376 21.98 103.44 -9.21
N ALA K 377 22.17 104.63 -8.66
CA ALA K 377 22.57 104.80 -7.28
C ALA K 377 21.37 105.02 -6.38
N CYS K 378 20.16 104.95 -6.97
CA CYS K 378 18.91 105.12 -6.22
C CYS K 378 18.33 103.75 -5.78
N ILE K 379 18.15 102.84 -6.74
CA ILE K 379 17.74 101.47 -6.44
C ILE K 379 18.81 100.74 -5.64
N LYS K 380 20.06 101.20 -5.77
CA LYS K 380 21.13 100.75 -4.89
C LYS K 380 20.81 101.03 -3.43
N ALA K 381 20.52 102.30 -3.13
CA ALA K 381 20.25 102.70 -1.77
C ALA K 381 18.97 102.07 -1.25
N MET K 382 17.96 102.00 -2.11
CA MET K 382 16.74 101.23 -1.82
C MET K 382 17.07 99.83 -1.35
N ILE K 383 17.74 99.08 -2.21
CA ILE K 383 18.19 97.73 -1.89
C ILE K 383 18.82 97.68 -0.51
N GLU K 384 19.90 98.43 -0.31
CA GLU K 384 20.60 98.41 0.97
C GLU K 384 19.66 98.70 2.15
N LYS K 385 18.71 99.61 1.93
CA LYS K 385 17.77 100.00 2.97
C LYS K 385 16.83 98.88 3.35
N VAL K 386 16.13 98.31 2.37
CA VAL K 386 15.15 97.28 2.66
C VAL K 386 15.82 96.00 3.14
N VAL K 387 17.02 95.71 2.63
CA VAL K 387 17.75 94.55 3.06
C VAL K 387 18.16 94.73 4.51
N ASP K 388 18.60 95.93 4.85
CA ASP K 388 18.99 96.19 6.23
C ASP K 388 17.77 96.12 7.16
N ARG K 389 16.61 96.56 6.67
CA ARG K 389 15.37 96.49 7.42
C ARG K 389 14.95 95.04 7.66
N MET K 390 15.17 94.20 6.66
CA MET K 390 14.80 92.79 6.68
C MET K 390 15.58 91.98 7.72
N TYR K 391 16.90 92.15 7.70
CA TYR K 391 17.79 91.38 8.55
C TYR K 391 18.00 92.09 9.87
N ALA K 392 17.24 93.17 10.08
CA ALA K 392 17.23 93.84 11.36
C ALA K 392 16.65 92.93 12.42
N GLU K 393 17.24 92.92 13.61
CA GLU K 393 16.66 92.16 14.69
C GLU K 393 15.90 93.12 15.58
N ILE K 394 14.58 93.08 15.45
CA ILE K 394 13.71 94.02 16.15
C ILE K 394 12.46 93.28 16.62
N ASP K 395 11.58 93.99 17.32
CA ASP K 395 10.37 93.37 17.83
C ASP K 395 9.35 93.16 16.72
N ASP K 396 9.57 93.84 15.59
CA ASP K 396 8.64 93.69 14.48
C ASP K 396 9.07 92.57 13.52
N ASN K 397 10.31 92.11 13.63
CA ASN K 397 10.81 91.06 12.74
C ASN K 397 10.77 89.67 13.36
N ARG K 398 10.29 89.57 14.59
CA ARG K 398 10.20 88.28 15.27
C ARG K 398 9.29 87.33 14.53
N PHE K 399 9.71 86.07 14.44
CA PHE K 399 9.02 85.06 13.65
C PHE K 399 8.58 83.89 14.52
N LEU K 400 9.54 83.14 15.07
CA LEU K 400 9.25 81.96 15.88
C LEU K 400 9.67 82.14 17.34
N GLU K 401 8.94 81.50 18.26
CA GLU K 401 9.34 81.35 19.66
C GLU K 401 9.58 79.86 19.93
N VAL K 402 10.83 79.42 20.03
CA VAL K 402 11.14 77.99 20.12
C VAL K 402 11.42 77.53 21.55
N THR K 403 10.59 76.64 22.08
CA THR K 403 10.79 76.13 23.45
C THR K 403 11.45 74.76 23.46
N TYR K 404 12.62 74.66 24.08
CA TYR K 404 13.37 73.41 24.07
C TYR K 404 13.04 72.52 25.27
N ALA K 405 13.64 71.33 25.31
CA ALA K 405 13.34 70.36 26.34
C ALA K 405 13.87 70.80 27.71
N ASN K 406 14.92 71.60 27.71
CA ASN K 406 15.48 72.12 28.95
C ASN K 406 14.85 73.46 29.36
N GLY K 407 13.84 73.88 28.63
CA GLY K 407 13.06 75.04 29.01
C GLY K 407 13.46 76.36 28.39
N ASP K 408 14.63 76.41 27.77
CA ASP K 408 15.11 77.62 27.11
C ASP K 408 14.12 78.03 26.03
N LYS K 409 14.04 79.32 25.74
CA LYS K 409 13.22 79.83 24.63
C LYS K 409 14.02 80.79 23.79
N GLU K 410 14.25 80.42 22.53
CA GLU K 410 14.95 81.28 21.61
C GLU K 410 13.98 81.86 20.59
N VAL K 411 14.02 83.17 20.41
CA VAL K 411 13.12 83.83 19.44
C VAL K 411 13.79 83.98 18.08
N MET K 412 13.30 83.24 17.09
CA MET K 412 13.83 83.29 15.74
C MET K 412 13.37 84.57 15.06
N TYR K 413 14.26 85.18 14.28
CA TYR K 413 13.90 86.36 13.50
C TYR K 413 13.91 85.98 12.03
N PHE K 414 13.13 86.68 11.23
CA PHE K 414 13.04 86.37 9.81
C PHE K 414 14.37 86.38 9.11
N LYS K 415 15.37 87.04 9.68
CA LYS K 415 16.71 87.09 9.10
C LYS K 415 17.21 85.67 8.80
N ASP K 416 16.92 84.73 9.69
CA ASP K 416 17.36 83.34 9.54
C ASP K 416 16.49 82.53 8.58
N PHE K 417 15.27 83.00 8.35
CA PHE K 417 14.31 82.33 7.46
C PHE K 417 14.14 82.93 6.05
N ASN K 418 14.94 83.93 5.71
CA ASN K 418 14.83 84.56 4.39
C ASN K 418 15.10 83.58 3.24
N SER K 419 14.37 83.75 2.14
CA SER K 419 14.49 82.87 0.97
C SER K 419 14.29 83.64 -0.32
N GLY K 420 14.97 83.21 -1.38
CA GLY K 420 14.81 83.80 -2.69
C GLY K 420 13.36 83.91 -3.09
N ALA K 421 12.59 82.88 -2.79
CA ALA K 421 11.15 82.88 -3.07
C ALA K 421 10.47 84.03 -2.32
N MET K 422 10.91 84.26 -1.08
CA MET K 422 10.35 85.36 -0.33
C MET K 422 10.74 86.70 -0.95
N ILE K 423 12.02 86.87 -1.27
CA ILE K 423 12.47 88.11 -1.90
C ILE K 423 11.62 88.41 -3.13
N GLN K 424 11.41 87.38 -3.95
CA GLN K 424 10.51 87.47 -5.10
C GLN K 424 9.16 88.03 -4.68
N ASN K 425 8.50 87.30 -3.78
CA ASN K 425 7.15 87.65 -3.36
C ASN K 425 7.04 89.06 -2.78
N VAL K 426 8.12 89.51 -2.15
CA VAL K 426 8.21 90.86 -1.60
C VAL K 426 8.27 91.88 -2.72
N VAL K 427 9.15 91.64 -3.69
CA VAL K 427 9.25 92.51 -4.86
C VAL K 427 7.86 92.68 -5.49
N ASP K 428 7.28 91.57 -5.95
CA ASP K 428 5.93 91.59 -6.55
C ASP K 428 4.91 92.31 -5.67
N ARG K 429 5.01 92.06 -4.37
CA ARG K 429 4.10 92.67 -3.42
C ARG K 429 4.19 94.19 -3.46
N ALA K 430 5.42 94.69 -3.55
CA ALA K 430 5.67 96.12 -3.57
C ALA K 430 5.33 96.73 -4.93
N LYS K 431 5.38 95.92 -5.98
CA LYS K 431 4.95 96.36 -7.30
C LYS K 431 3.44 96.61 -7.30
N LYS K 432 2.69 95.64 -6.79
CA LYS K 432 1.26 95.81 -6.67
C LYS K 432 0.95 96.98 -5.73
N ASN K 433 1.70 97.08 -4.64
CA ASN K 433 1.56 98.22 -3.73
C ASN K 433 1.84 99.55 -4.42
N ALA K 434 2.66 99.52 -5.47
CA ALA K 434 3.02 100.71 -6.24
C ALA K 434 1.95 101.08 -7.25
N ILE K 435 1.35 100.08 -7.88
CA ILE K 435 0.23 100.29 -8.80
C ILE K 435 -1.02 100.74 -8.03
N LYS K 436 -1.07 100.39 -6.75
CA LYS K 436 -2.06 100.99 -5.86
C LYS K 436 -1.92 102.50 -5.88
N SER K 437 -0.68 102.97 -5.73
CA SER K 437 -0.37 104.39 -5.76
C SER K 437 -0.64 105.00 -7.14
N VAL K 438 -0.23 104.30 -8.19
CA VAL K 438 -0.44 104.76 -9.56
C VAL K 438 -1.92 105.01 -9.84
N LEU K 439 -2.77 104.05 -9.50
CA LEU K 439 -4.20 104.17 -9.78
C LEU K 439 -4.93 105.04 -8.76
N GLU K 440 -4.29 105.33 -7.62
CA GLU K 440 -4.93 106.19 -6.63
C GLU K 440 -4.47 107.65 -6.75
N THR K 441 -3.23 107.94 -6.37
CA THR K 441 -2.75 109.31 -6.39
C THR K 441 -2.52 109.82 -7.82
N GLY K 442 -2.33 108.90 -8.75
CA GLY K 442 -2.26 109.25 -10.16
C GLY K 442 -0.86 109.34 -10.76
N GLN K 443 0.15 109.54 -9.91
CA GLN K 443 1.52 109.63 -10.38
C GLN K 443 2.16 108.24 -10.41
N PRO K 444 3.03 107.99 -11.40
CA PRO K 444 3.69 106.69 -11.55
C PRO K 444 4.81 106.48 -10.53
N GLY K 445 5.45 105.32 -10.58
CA GLY K 445 6.62 105.07 -9.76
C GLY K 445 6.47 104.10 -8.60
N LEU K 446 7.62 103.57 -8.17
CA LEU K 446 7.72 102.73 -6.99
C LEU K 446 8.49 103.47 -5.90
N ARG K 447 8.08 103.28 -4.65
CA ARG K 447 8.69 104.01 -3.55
C ARG K 447 9.25 103.05 -2.50
N ILE K 448 10.16 103.56 -1.67
CA ILE K 448 10.70 102.82 -0.55
C ILE K 448 9.56 102.43 0.40
N GLN K 449 8.50 103.23 0.38
CA GLN K 449 7.30 102.94 1.15
C GLN K 449 6.66 101.63 0.71
N HIS K 450 6.53 101.45 -0.61
CA HIS K 450 5.90 100.25 -1.14
C HIS K 450 6.68 99.00 -0.78
N LEU K 451 8.00 99.12 -0.80
CA LEU K 451 8.89 97.99 -0.50
C LEU K 451 8.91 97.64 0.99
N LEU K 452 9.01 98.64 1.86
CA LEU K 452 9.01 98.37 3.29
C LEU K 452 7.64 97.84 3.77
N ASP K 453 6.57 98.50 3.32
CA ASP K 453 5.22 98.02 3.60
C ASP K 453 5.04 96.61 3.05
N SER K 454 5.67 96.32 1.91
CA SER K 454 5.64 94.98 1.37
C SER K 454 6.35 93.99 2.29
N ILE K 455 7.44 94.43 2.88
CA ILE K 455 8.19 93.59 3.80
C ILE K 455 7.30 93.20 4.97
N VAL K 456 6.69 94.19 5.62
CA VAL K 456 5.87 93.89 6.79
C VAL K 456 4.64 93.06 6.38
N ASP K 457 4.15 93.27 5.17
CA ASP K 457 3.03 92.48 4.65
C ASP K 457 3.40 91.01 4.52
N GLU K 458 4.56 90.75 3.93
CA GLU K 458 5.04 89.40 3.68
C GLU K 458 5.37 88.69 4.98
N PHE K 459 5.98 89.42 5.91
CA PHE K 459 6.26 88.89 7.24
C PHE K 459 4.96 88.50 7.94
N ALA K 460 3.96 89.36 7.85
CA ALA K 460 2.64 89.06 8.41
C ALA K 460 2.05 87.77 7.82
N GLU K 461 2.04 87.71 6.49
CA GLU K 461 1.48 86.58 5.77
C GLU K 461 2.19 85.28 6.14
N ASN K 462 3.50 85.38 6.40
CA ASN K 462 4.29 84.23 6.80
C ASN K 462 4.10 83.85 8.27
N GLU K 463 3.79 84.84 9.10
CA GLU K 463 3.52 84.59 10.51
C GLU K 463 2.19 83.83 10.64
N ASP K 464 1.20 84.23 9.85
CA ASP K 464 -0.13 83.63 9.95
C ASP K 464 -0.23 82.27 9.25
N LEU K 465 0.65 82.07 8.27
CA LEU K 465 0.75 80.83 7.51
C LEU K 465 2.22 80.40 7.31
N PRO K 466 2.83 79.82 8.33
CA PRO K 466 4.27 79.53 8.32
C PRO K 466 4.63 78.21 7.68
N ASN K 467 4.34 78.04 6.39
CA ASN K 467 4.66 76.80 5.69
C ASN K 467 6.00 76.87 4.96
N THR K 468 6.71 77.98 5.13
CA THR K 468 8.07 78.12 4.62
C THR K 468 9.02 77.15 5.35
N THR K 469 8.61 76.77 6.57
CA THR K 469 9.40 75.89 7.42
C THR K 469 9.26 74.41 7.06
N ASN K 470 10.35 73.66 7.24
CA ASN K 470 10.36 72.19 7.15
C ASN K 470 11.30 71.63 8.20
N PRO K 471 11.17 70.32 8.53
CA PRO K 471 12.06 69.68 9.51
C PRO K 471 13.56 69.84 9.22
N ASP K 472 13.91 70.07 7.96
CA ASP K 472 15.29 70.40 7.60
C ASP K 472 15.78 71.63 8.36
N ASP K 473 14.84 72.52 8.70
CA ASP K 473 15.15 73.68 9.53
C ASP K 473 15.25 73.32 11.00
N TRP K 474 14.30 72.53 11.49
CA TRP K 474 14.27 72.17 12.90
C TRP K 474 15.53 71.43 13.31
N ALA K 475 16.03 70.55 12.44
CA ALA K 475 17.24 69.79 12.77
C ALA K 475 18.45 70.71 12.87
N ARG K 476 18.43 71.84 12.15
CA ARG K 476 19.49 72.82 12.23
C ARG K 476 19.34 73.78 13.41
N ILE K 477 18.09 74.08 13.77
CA ILE K 477 17.83 74.91 14.94
C ILE K 477 18.24 74.17 16.20
N SER K 478 17.69 72.96 16.36
CA SER K 478 18.04 72.07 17.48
C SER K 478 19.53 71.73 17.44
N GLY K 479 20.01 71.38 16.25
CA GLY K 479 21.42 71.13 16.04
C GLY K 479 22.29 72.23 16.60
N LYS K 480 21.96 73.48 16.30
CA LYS K 480 22.78 74.57 16.81
C LYS K 480 22.54 74.80 18.30
N LYS K 481 21.32 74.56 18.80
CA LYS K 481 21.07 74.73 20.23
C LYS K 481 21.73 73.62 21.04
N GLY K 482 21.71 72.40 20.51
CA GLY K 482 22.25 71.27 21.24
C GLY K 482 21.24 70.57 22.11
N GLU K 483 20.02 71.13 22.17
CA GLU K 483 18.91 70.54 22.92
C GLU K 483 17.72 70.27 21.99
N ARG K 484 16.77 69.46 22.45
CA ARG K 484 15.61 69.05 21.64
C ARG K 484 14.42 70.02 21.71
N ILE K 485 13.83 70.34 20.56
CA ILE K 485 12.71 71.29 20.50
C ILE K 485 11.37 70.66 20.85
N VAL K 486 10.74 71.11 21.93
CA VAL K 486 9.43 70.61 22.31
C VAL K 486 8.23 71.54 22.04
N TYR K 487 8.46 72.77 21.61
CA TYR K 487 7.36 73.64 21.24
C TYR K 487 7.78 74.74 20.27
N ILE K 488 6.93 75.06 19.31
CA ILE K 488 7.23 76.14 18.37
C ILE K 488 6.00 76.99 18.21
N ARG K 489 6.19 78.30 18.14
CA ARG K 489 5.07 79.22 18.02
C ARG K 489 5.43 80.44 17.18
N THR K 490 4.55 80.81 16.25
CA THR K 490 4.76 82.03 15.50
C THR K 490 4.43 83.24 16.35
N LEU K 491 5.03 84.37 15.99
CA LEU K 491 4.89 85.60 16.77
C LEU K 491 4.37 86.74 15.92
N VAL K 492 3.31 87.39 16.38
CA VAL K 492 2.68 88.45 15.61
C VAL K 492 2.81 89.80 16.31
N THR K 493 2.75 90.86 15.52
CA THR K 493 2.96 92.21 16.02
C THR K 493 1.66 92.84 16.53
N GLY K 494 0.52 92.24 16.17
CA GLY K 494 -0.78 92.73 16.63
C GLY K 494 -1.35 93.89 15.83
N LYS K 495 -0.50 94.54 15.04
CA LYS K 495 -0.92 95.68 14.23
C LYS K 495 -1.51 95.22 12.90
N SER K 496 -1.56 93.91 12.68
CA SER K 496 -1.98 93.36 11.40
C SER K 496 -3.10 92.33 11.54
N SER K 497 -3.47 91.71 10.43
CA SER K 497 -4.57 90.75 10.40
C SER K 497 -4.11 89.37 10.83
N SER K 498 -2.81 89.26 11.14
CA SER K 498 -2.23 87.97 11.47
C SER K 498 -2.25 87.69 12.96
N ALA K 499 -2.48 86.43 13.31
CA ALA K 499 -2.45 85.96 14.69
C ALA K 499 -1.52 84.77 14.78
N SER K 500 -1.16 84.39 16.00
CA SER K 500 -0.09 83.42 16.21
C SER K 500 -0.58 81.97 16.19
N ARG K 501 0.19 81.09 15.55
CA ARG K 501 -0.11 79.67 15.46
C ARG K 501 0.85 78.83 16.28
N ALA K 502 0.38 77.70 16.80
CA ALA K 502 1.29 76.75 17.39
C ALA K 502 1.64 75.68 16.37
N ILE K 503 2.88 75.71 15.90
CA ILE K 503 3.38 74.77 14.89
C ILE K 503 3.71 73.40 15.49
N ASP K 504 3.42 72.34 14.76
CA ASP K 504 3.83 71.00 15.15
C ASP K 504 5.03 70.56 14.30
N THR K 505 5.95 69.81 14.90
CA THR K 505 7.16 69.41 14.19
C THR K 505 7.00 68.08 13.44
N PRO L 2 -2.21 28.55 -57.38
CA PRO L 2 -2.61 29.22 -56.13
C PRO L 2 -2.74 28.22 -54.99
N SER L 3 -1.78 28.26 -54.06
CA SER L 3 -1.67 27.20 -53.06
C SER L 3 -1.69 27.71 -51.62
N GLY L 4 -2.18 26.87 -50.71
CA GLY L 4 -2.26 27.23 -49.31
C GLY L 4 -1.20 26.56 -48.46
N TYR L 5 -1.28 26.74 -47.15
CA TYR L 5 -0.33 26.15 -46.21
C TYR L 5 -1.03 25.43 -45.06
N GLY L 6 -0.24 24.67 -44.31
CA GLY L 6 -0.70 24.02 -43.10
C GLY L 6 0.45 23.59 -42.21
N VAL L 7 0.13 22.97 -41.08
CA VAL L 7 1.13 22.44 -40.15
C VAL L 7 1.05 20.92 -40.05
N LEU L 8 2.20 20.25 -40.13
CA LEU L 8 2.25 18.79 -40.05
C LEU L 8 2.09 18.30 -38.62
N LEU L 9 1.07 17.47 -38.41
CA LEU L 9 0.75 16.88 -37.11
C LEU L 9 1.30 15.45 -36.91
N ALA L 10 1.09 14.55 -37.87
CA ALA L 10 1.63 13.20 -37.74
C ALA L 10 1.93 12.52 -39.09
N THR L 11 2.93 11.66 -39.11
CA THR L 11 3.29 10.94 -40.33
C THR L 11 2.82 9.50 -40.28
N HIS L 12 2.42 8.97 -41.44
CA HIS L 12 1.96 7.59 -41.52
C HIS L 12 2.77 6.79 -42.55
N ASP L 13 2.70 5.48 -42.46
CA ASP L 13 3.57 4.59 -43.24
C ASP L 13 3.21 4.53 -44.72
N ASP L 14 1.96 4.81 -45.05
CA ASP L 14 1.47 4.68 -46.42
C ASP L 14 1.60 5.99 -47.20
N ASP L 15 2.30 6.96 -46.58
CA ASP L 15 2.64 8.25 -47.18
C ASP L 15 1.50 9.26 -47.13
N THR L 16 0.36 8.85 -46.59
CA THR L 16 -0.65 9.82 -46.20
C THR L 16 -0.14 10.52 -44.95
N VAL L 17 -0.67 11.71 -44.69
CA VAL L 17 -0.10 12.55 -43.66
C VAL L 17 -1.18 13.38 -42.93
N ASP L 18 -0.98 13.57 -41.63
CA ASP L 18 -1.87 14.34 -40.78
C ASP L 18 -1.43 15.79 -40.65
N VAL L 19 -2.24 16.68 -41.20
CA VAL L 19 -1.91 18.08 -41.35
C VAL L 19 -3.01 18.99 -40.80
N PHE L 20 -2.63 20.04 -40.09
CA PHE L 20 -3.60 21.00 -39.59
C PHE L 20 -3.67 22.22 -40.52
N THR L 21 -4.85 22.43 -41.11
CA THR L 21 -5.06 23.58 -41.98
C THR L 21 -6.51 24.03 -41.89
N SER L 22 -6.73 25.32 -42.15
CA SER L 22 -8.08 25.88 -42.12
C SER L 22 -8.75 25.64 -40.77
N GLY L 23 -7.96 25.74 -39.70
CA GLY L 23 -8.46 25.51 -38.35
C GLY L 23 -9.12 24.15 -38.22
N ARG L 24 -8.59 23.18 -38.95
CA ARG L 24 -9.18 21.85 -39.05
C ARG L 24 -8.07 20.81 -39.21
N LYS L 25 -8.17 19.67 -38.52
CA LYS L 25 -7.18 18.61 -38.68
C LYS L 25 -7.61 17.65 -39.78
N MET L 26 -6.67 17.29 -40.66
CA MET L 26 -7.00 16.44 -41.80
C MET L 26 -5.94 15.41 -42.11
N ARG L 27 -6.25 14.57 -43.09
CA ARG L 27 -5.36 13.52 -43.55
C ARG L 27 -5.31 13.55 -45.07
N LEU L 28 -4.15 13.87 -45.62
CA LEU L 28 -4.01 14.10 -47.05
C LEU L 28 -2.90 13.23 -47.62
N THR L 29 -3.08 12.78 -48.86
CA THR L 29 -2.05 11.99 -49.52
C THR L 29 -0.89 12.88 -49.95
N CYS L 30 0.30 12.32 -50.04
CA CYS L 30 1.48 13.10 -50.44
C CYS L 30 1.75 12.99 -51.93
N SER L 31 2.21 14.10 -52.52
CA SER L 31 2.63 14.06 -53.92
C SER L 31 3.90 13.23 -54.03
N PRO L 32 4.12 12.59 -55.19
CA PRO L 32 5.32 11.79 -55.43
C PRO L 32 6.61 12.56 -55.16
N ASN L 33 6.61 13.85 -55.45
CA ASN L 33 7.74 14.73 -55.17
C ASN L 33 8.22 14.66 -53.72
N ILE L 34 7.27 14.58 -52.79
CA ILE L 34 7.60 14.58 -51.36
C ILE L 34 7.77 13.17 -50.80
N ASP L 35 8.84 12.97 -50.04
CA ASP L 35 9.07 11.72 -49.35
C ASP L 35 8.61 11.83 -47.90
N ALA L 36 7.59 11.04 -47.54
CA ALA L 36 6.94 11.18 -46.24
C ALA L 36 7.88 10.92 -45.05
N ALA L 37 8.99 10.25 -45.30
CA ALA L 37 9.93 9.90 -44.24
C ALA L 37 10.80 11.07 -43.80
N SER L 38 11.10 11.98 -44.73
CA SER L 38 12.00 13.09 -44.46
C SER L 38 11.27 14.23 -43.74
N LEU L 39 9.98 14.03 -43.52
CA LEU L 39 9.13 15.03 -42.88
C LEU L 39 9.30 15.08 -41.37
N LYS L 40 9.11 16.27 -40.81
CA LYS L 40 9.26 16.50 -39.38
C LYS L 40 7.93 16.91 -38.75
N LYS L 41 7.77 16.67 -37.46
CA LYS L 41 6.54 17.03 -36.76
C LYS L 41 6.50 18.51 -36.40
N GLY L 42 5.41 19.18 -36.76
CA GLY L 42 5.28 20.60 -36.50
C GLY L 42 5.75 21.42 -37.69
N GLN L 43 6.54 20.77 -38.55
CA GLN L 43 7.05 21.43 -39.74
C GLN L 43 5.92 21.92 -40.64
N THR L 44 6.06 23.15 -41.15
CA THR L 44 5.08 23.72 -42.06
C THR L 44 5.09 22.96 -43.38
N VAL L 45 3.91 22.64 -43.90
CA VAL L 45 3.83 21.98 -45.19
C VAL L 45 2.95 22.80 -46.14
N ARG L 46 3.19 22.67 -47.44
CA ARG L 46 2.48 23.48 -48.42
C ARG L 46 1.53 22.64 -49.26
N LEU L 47 0.26 23.03 -49.27
CA LEU L 47 -0.78 22.27 -49.94
C LEU L 47 -1.24 22.95 -51.23
N ASN L 48 -1.54 22.14 -52.25
CA ASN L 48 -2.11 22.66 -53.48
C ASN L 48 -3.63 22.71 -53.39
N GLU L 49 -4.30 23.11 -54.46
CA GLU L 49 -5.75 23.26 -54.45
C GLU L 49 -6.45 21.94 -54.13
N ALA L 50 -5.88 20.85 -54.63
CA ALA L 50 -6.43 19.52 -54.44
C ALA L 50 -6.18 19.00 -53.02
N LEU L 51 -5.55 19.83 -52.18
CA LEU L 51 -5.11 19.45 -50.82
C LEU L 51 -4.07 18.32 -50.65
N THR L 52 -3.02 18.33 -51.47
CA THR L 52 -2.00 17.29 -51.47
C THR L 52 -0.74 18.00 -50.99
N VAL L 53 0.19 17.28 -50.37
CA VAL L 53 1.36 17.97 -49.85
C VAL L 53 2.43 17.94 -50.92
N VAL L 54 2.66 19.09 -51.55
CA VAL L 54 3.60 19.17 -52.64
C VAL L 54 4.98 19.64 -52.21
N GLU L 55 5.06 20.21 -51.01
CA GLU L 55 6.32 20.79 -50.55
C GLU L 55 6.44 20.86 -49.03
N ALA L 56 7.66 20.85 -48.55
CA ALA L 56 7.97 20.99 -47.13
C ALA L 56 8.78 22.27 -46.95
N GLY L 57 8.82 22.78 -45.72
CA GLY L 57 9.37 24.09 -45.47
C GLY L 57 9.84 24.26 -44.04
N THR L 58 10.13 25.50 -43.66
CA THR L 58 10.62 25.80 -42.32
C THR L 58 9.52 25.59 -41.26
N PHE L 59 9.84 25.93 -40.02
CA PHE L 59 8.85 25.91 -38.94
C PHE L 59 8.29 27.32 -38.74
N GLU L 60 7.45 27.50 -37.73
CA GLU L 60 6.80 28.80 -37.52
C GLU L 60 7.61 29.72 -36.60
N ALA L 61 8.02 30.86 -37.13
CA ALA L 61 8.82 31.83 -36.39
C ALA L 61 8.01 32.76 -35.48
N VAL L 62 6.78 33.04 -35.88
CA VAL L 62 5.99 34.04 -35.17
C VAL L 62 4.71 33.44 -34.58
N GLY L 63 4.30 33.94 -33.42
CA GLY L 63 3.12 33.40 -32.75
C GLY L 63 3.06 33.73 -31.28
N GLU L 64 2.20 33.05 -30.54
CA GLU L 64 2.04 33.31 -29.12
C GLU L 64 3.22 32.76 -28.31
N ILE L 65 3.49 33.37 -27.17
CA ILE L 65 4.58 32.94 -26.29
C ILE L 65 4.05 32.35 -24.99
N SER L 66 4.50 31.15 -24.66
CA SER L 66 4.10 30.48 -23.42
C SER L 66 5.34 30.02 -22.64
N THR L 67 5.20 29.95 -21.32
CA THR L 67 6.30 29.56 -20.46
C THR L 67 6.15 28.10 -20.17
N LEU L 68 7.24 27.37 -20.36
CA LEU L 68 7.25 25.94 -20.16
C LEU L 68 7.05 25.52 -18.74
N ARG L 69 6.32 24.43 -18.54
CA ARG L 69 6.09 23.91 -17.22
C ARG L 69 6.96 22.68 -17.11
N GLU L 70 6.47 21.55 -17.62
CA GLU L 70 7.25 20.33 -17.60
C GLU L 70 6.94 19.40 -18.73
N ILE L 71 7.96 18.89 -19.39
CA ILE L 71 7.74 17.91 -20.43
C ILE L 71 7.19 16.68 -19.74
N LEU L 72 5.99 16.26 -20.13
CA LEU L 72 5.34 15.15 -19.45
C LEU L 72 5.99 13.84 -19.87
N ALA L 73 5.50 12.72 -19.32
CA ALA L 73 6.16 11.42 -19.46
C ALA L 73 6.49 11.06 -20.90
N ASP L 74 5.65 11.47 -21.83
CA ASP L 74 5.84 11.17 -23.26
C ASP L 74 7.24 11.56 -23.74
N GLY L 75 7.59 12.82 -23.55
CA GLY L 75 8.85 13.36 -24.07
C GLY L 75 8.62 14.07 -25.38
N HIS L 76 7.52 13.71 -26.05
CA HIS L 76 7.12 14.34 -27.30
C HIS L 76 6.04 15.42 -27.10
N ARG L 77 5.58 15.56 -25.86
CA ARG L 77 4.58 16.58 -25.51
C ARG L 77 5.08 17.43 -24.37
N ALA L 78 4.52 18.62 -24.20
CA ALA L 78 4.88 19.48 -23.09
C ALA L 78 3.64 20.14 -22.50
N LEU L 79 3.76 20.57 -21.26
CA LEU L 79 2.68 21.28 -20.58
C LEU L 79 3.14 22.70 -20.36
N VAL L 80 2.53 23.65 -21.04
CA VAL L 80 2.95 25.03 -20.89
C VAL L 80 1.85 25.94 -20.37
N VAL L 81 2.23 27.18 -20.12
CA VAL L 81 1.32 28.14 -19.52
C VAL L 81 1.28 29.43 -20.33
N GLY L 82 0.08 29.96 -20.51
CA GLY L 82 -0.11 31.19 -21.25
C GLY L 82 -0.06 32.40 -20.34
N HIS L 83 -0.68 33.49 -20.79
CA HIS L 83 -0.67 34.73 -20.04
C HIS L 83 -1.70 34.75 -18.92
N ALA L 84 -2.80 34.05 -19.15
CA ALA L 84 -3.99 34.15 -18.33
C ALA L 84 -3.94 33.19 -17.14
N ASP L 85 -2.79 32.56 -16.96
CA ASP L 85 -2.61 31.44 -16.05
C ASP L 85 -3.43 30.26 -16.56
N GLU L 86 -3.50 30.15 -17.88
CA GLU L 86 -4.10 29.00 -18.52
C GLU L 86 -3.01 27.99 -18.87
N GLU L 87 -3.34 26.71 -18.76
CA GLU L 87 -2.38 25.68 -19.09
C GLU L 87 -2.86 24.88 -20.28
N ARG L 88 -1.93 24.48 -21.14
CA ARG L 88 -2.28 23.56 -22.21
C ARG L 88 -1.11 22.69 -22.65
N VAL L 89 -1.45 21.52 -23.18
CA VAL L 89 -0.47 20.56 -23.63
C VAL L 89 -0.24 20.73 -25.12
N VAL L 90 1.02 20.77 -25.53
CA VAL L 90 1.36 20.94 -26.93
C VAL L 90 2.34 19.89 -27.40
N TRP L 91 2.28 19.53 -28.68
CA TRP L 91 3.31 18.72 -29.30
C TRP L 91 4.59 19.51 -29.42
N LEU L 92 5.71 18.90 -29.04
CA LEU L 92 7.01 19.52 -29.29
C LEU L 92 7.45 19.19 -30.70
N ALA L 93 7.79 20.22 -31.46
CA ALA L 93 8.30 20.01 -32.82
C ALA L 93 9.65 19.32 -32.76
N ASP L 94 10.00 18.63 -33.84
CA ASP L 94 11.27 17.89 -33.96
C ASP L 94 12.50 18.64 -33.44
N PRO L 95 12.72 19.91 -33.85
CA PRO L 95 13.97 20.54 -33.42
C PRO L 95 14.07 20.78 -31.91
N LEU L 96 12.94 20.75 -31.20
CA LEU L 96 12.97 20.95 -29.76
C LEU L 96 13.50 19.72 -29.03
N ILE L 97 13.01 18.55 -29.41
CA ILE L 97 13.37 17.29 -28.75
C ILE L 97 14.75 16.76 -29.16
N ALA L 98 15.39 17.43 -30.11
CA ALA L 98 16.60 16.93 -30.76
C ALA L 98 17.68 16.49 -29.77
N GLU L 99 18.29 15.34 -30.07
CA GLU L 99 19.34 14.76 -29.23
C GLU L 99 20.72 15.26 -29.65
N ASP L 100 20.73 16.18 -30.61
CA ASP L 100 21.97 16.80 -31.07
C ASP L 100 22.32 17.98 -30.18
N LEU L 101 21.41 18.32 -29.27
CA LEU L 101 21.57 19.48 -28.39
C LEU L 101 22.25 19.09 -27.07
N PRO L 102 23.49 19.56 -26.86
CA PRO L 102 24.26 19.29 -25.64
C PRO L 102 23.79 20.17 -24.48
N ASP L 103 24.55 20.14 -23.38
CA ASP L 103 24.28 21.04 -22.25
C ASP L 103 24.96 22.39 -22.48
N ASP L 111 23.58 35.68 -22.70
CA ASP L 111 24.39 34.74 -21.93
C ASP L 111 23.86 33.31 -22.04
N ASP L 112 22.68 33.15 -22.64
CA ASP L 112 22.32 31.83 -23.17
C ASP L 112 21.82 31.95 -24.62
N THR L 113 22.70 31.70 -25.58
CA THR L 113 22.29 31.44 -26.96
C THR L 113 22.58 30.04 -27.50
N ARG L 114 23.35 29.25 -26.77
CA ARG L 114 23.87 27.99 -27.32
C ARG L 114 22.79 26.94 -27.29
N PRO L 115 22.54 26.28 -28.43
CA PRO L 115 21.47 25.28 -28.54
C PRO L 115 21.58 24.22 -27.45
N ARG L 116 20.48 24.04 -26.73
CA ARG L 116 20.42 23.33 -25.46
C ARG L 116 19.10 22.58 -25.37
N LYS L 117 19.01 21.62 -24.46
CA LYS L 117 17.73 20.96 -24.20
C LYS L 117 16.75 21.97 -23.56
N LEU L 118 15.54 21.52 -23.26
CA LEU L 118 14.54 22.41 -22.67
C LEU L 118 14.31 22.12 -21.20
N ARG L 119 14.16 23.18 -20.41
CA ARG L 119 13.80 23.04 -19.00
C ARG L 119 12.79 24.13 -18.63
N PRO L 120 11.98 23.89 -17.58
CA PRO L 120 11.05 24.89 -17.07
C PRO L 120 11.70 26.25 -16.85
N GLY L 121 10.97 27.31 -17.19
CA GLY L 121 11.50 28.65 -17.12
C GLY L 121 11.84 29.17 -18.50
N ASP L 122 11.99 28.24 -19.45
CA ASP L 122 12.28 28.62 -20.82
C ASP L 122 11.02 29.06 -21.55
N SER L 123 11.18 30.03 -22.44
CA SER L 123 10.07 30.57 -23.20
C SER L 123 9.94 29.83 -24.52
N LEU L 124 8.70 29.50 -24.88
CA LEU L 124 8.43 28.72 -26.09
C LEU L 124 7.36 29.35 -26.96
N LEU L 125 7.60 29.32 -28.26
CA LEU L 125 6.66 29.84 -29.25
C LEU L 125 5.67 28.76 -29.64
N VAL L 126 4.39 29.05 -29.43
CA VAL L 126 3.36 28.02 -29.58
C VAL L 126 2.26 28.37 -30.57
N ASP L 127 1.69 27.34 -31.18
CA ASP L 127 0.48 27.49 -31.96
C ASP L 127 -0.60 26.71 -31.24
N THR L 128 -1.52 27.42 -30.60
CA THR L 128 -2.51 26.79 -29.75
C THR L 128 -3.52 25.96 -30.53
N LYS L 129 -3.90 26.45 -31.70
CA LYS L 129 -4.91 25.78 -32.52
C LYS L 129 -4.38 24.46 -33.02
N ALA L 130 -3.13 24.48 -33.47
CA ALA L 130 -2.45 23.28 -33.94
C ALA L 130 -1.91 22.44 -32.78
N GLY L 131 -1.57 23.12 -31.69
CA GLY L 131 -1.07 22.44 -30.51
C GLY L 131 0.40 22.07 -30.59
N TYR L 132 1.19 22.92 -31.23
CA TYR L 132 2.61 22.68 -31.39
C TYR L 132 3.46 23.80 -30.80
N ALA L 133 4.58 23.43 -30.19
CA ALA L 133 5.60 24.39 -29.80
C ALA L 133 6.73 24.30 -30.82
N PHE L 134 7.19 25.44 -31.34
CA PHE L 134 8.20 25.39 -32.40
C PHE L 134 9.64 25.80 -32.11
N GLU L 135 9.84 26.92 -31.43
CA GLU L 135 11.17 27.42 -31.16
C GLU L 135 11.26 27.98 -29.75
N ARG L 136 12.38 27.76 -29.07
CA ARG L 136 12.57 28.38 -27.78
C ARG L 136 13.11 29.78 -27.94
N ILE L 137 12.53 30.74 -27.24
CA ILE L 137 12.99 32.11 -27.29
C ILE L 137 14.00 32.35 -26.18
N PRO L 138 15.16 32.92 -26.53
CA PRO L 138 16.15 33.25 -25.51
C PRO L 138 15.66 34.41 -24.66
N LYS L 139 14.90 34.11 -23.62
CA LYS L 139 14.24 35.15 -22.83
C LYS L 139 15.22 36.22 -22.39
N ALA L 140 14.94 37.44 -22.83
CA ALA L 140 15.85 38.55 -22.61
C ALA L 140 15.78 39.09 -21.19
N GLU L 141 16.66 40.05 -20.93
CA GLU L 141 16.71 40.82 -19.69
C GLU L 141 17.09 39.95 -18.50
N VAL L 142 16.94 38.64 -18.68
CA VAL L 142 17.25 37.65 -17.65
C VAL L 142 18.74 37.35 -17.62
N GLU L 143 19.39 37.40 -18.78
CA GLU L 143 20.85 37.24 -18.83
C GLU L 143 21.51 38.39 -18.08
N ASP L 144 20.76 39.48 -17.91
CA ASP L 144 21.24 40.64 -17.16
C ASP L 144 21.05 40.44 -15.67
N LEU L 145 20.29 39.42 -15.30
CA LEU L 145 20.11 39.06 -13.90
C LEU L 145 21.37 38.36 -13.41
N VAL L 146 21.61 38.44 -12.10
CA VAL L 146 22.76 37.84 -11.41
C VAL L 146 24.08 38.10 -12.15
N LEU L 147 24.23 39.36 -12.55
CA LEU L 147 25.32 39.80 -13.40
C LEU L 147 26.70 39.77 -12.75
N GLU L 148 27.75 39.76 -13.57
CA GLU L 148 27.74 39.24 -14.94
C GLU L 148 29.03 38.44 -15.13
N GLU L 149 30.13 39.18 -15.03
CA GLU L 149 31.47 38.70 -15.37
C GLU L 149 32.18 37.87 -14.29
N VAL L 150 33.49 37.70 -14.50
CA VAL L 150 34.37 36.89 -13.66
C VAL L 150 35.32 37.85 -12.92
N PRO L 151 35.83 37.46 -11.74
CA PRO L 151 36.52 38.47 -10.94
C PRO L 151 38.02 38.62 -11.26
N ASP L 152 38.63 39.63 -10.64
CA ASP L 152 40.03 39.98 -10.85
C ASP L 152 40.75 40.20 -9.52
N VAL L 153 40.23 41.15 -8.76
CA VAL L 153 40.85 41.66 -7.54
C VAL L 153 41.19 40.56 -6.50
N SER L 154 42.27 40.79 -5.75
CA SER L 154 42.80 39.78 -4.81
C SER L 154 42.98 40.32 -3.39
N TYR L 155 43.60 39.51 -2.54
CA TYR L 155 43.89 39.88 -1.15
C TYR L 155 44.92 40.99 -1.07
N ALA L 156 45.74 41.10 -2.11
CA ALA L 156 46.79 42.09 -2.17
C ALA L 156 46.22 43.51 -2.27
N ASP L 157 45.06 43.63 -2.93
CA ASP L 157 44.42 44.93 -3.12
C ASP L 157 43.60 45.38 -1.90
N ILE L 158 43.09 44.42 -1.13
CA ILE L 158 42.34 44.74 0.08
C ILE L 158 43.26 45.10 1.24
N GLY L 159 43.10 46.29 1.81
CA GLY L 159 43.91 46.69 2.94
C GLY L 159 43.32 46.47 4.33
N GLY L 160 44.20 46.28 5.31
CA GLY L 160 43.83 46.34 6.72
C GLY L 160 42.99 45.21 7.29
N LEU L 161 42.56 44.29 6.44
CA LEU L 161 41.61 43.25 6.83
C LEU L 161 42.25 41.95 7.33
N SER L 162 43.54 42.01 7.64
CA SER L 162 44.37 40.84 7.94
C SER L 162 43.74 39.76 8.84
N ARG L 163 42.99 40.17 9.86
CA ARG L 163 42.23 39.20 10.67
C ARG L 163 41.17 38.52 9.80
N GLN L 164 40.37 39.38 9.18
CA GLN L 164 39.19 38.97 8.42
C GLN L 164 39.54 37.98 7.31
N ILE L 165 40.55 38.30 6.51
CA ILE L 165 40.90 37.45 5.37
C ILE L 165 41.27 36.03 5.83
N GLU L 166 42.05 35.95 6.91
CA GLU L 166 42.43 34.66 7.48
C GLU L 166 41.18 33.90 7.86
N GLN L 167 40.29 34.57 8.59
CA GLN L 167 39.01 33.95 8.96
C GLN L 167 38.26 33.41 7.73
N ILE L 168 38.22 34.21 6.68
CA ILE L 168 37.56 33.86 5.43
C ILE L 168 38.11 32.57 4.86
N ARG L 169 39.40 32.57 4.52
CA ARG L 169 40.04 31.39 3.95
C ARG L 169 39.85 30.16 4.83
N ASP L 170 39.92 30.37 6.14
CA ASP L 170 39.68 29.29 7.10
C ASP L 170 38.27 28.75 6.95
N ALA L 171 37.34 29.64 6.59
CA ALA L 171 35.94 29.25 6.41
C ALA L 171 35.69 28.61 5.03
N VAL L 172 36.26 29.18 3.97
CA VAL L 172 35.99 28.66 2.63
C VAL L 172 37.06 27.83 1.90
N GLU L 173 38.29 28.34 1.83
CA GLU L 173 39.36 27.62 1.15
C GLU L 173 39.76 26.33 1.86
N LEU L 174 40.02 26.44 3.16
CA LEU L 174 40.49 25.31 3.97
C LEU L 174 39.57 24.07 3.91
N PRO L 175 38.23 24.26 3.99
CA PRO L 175 37.41 23.06 3.84
C PRO L 175 37.53 22.37 2.48
N PHE L 176 37.49 23.13 1.38
CA PHE L 176 37.45 22.50 0.06
C PHE L 176 38.80 21.98 -0.39
N LEU L 177 39.87 22.53 0.19
CA LEU L 177 41.21 22.09 -0.16
C LEU L 177 41.57 20.78 0.53
N HIS L 178 41.35 20.74 1.83
CA HIS L 178 41.73 19.63 2.72
C HIS L 178 40.63 18.63 3.08
N LYS L 179 39.49 18.68 2.39
CA LYS L 179 38.21 18.14 2.89
C LYS L 179 38.23 16.74 3.52
N GLU L 180 39.18 15.90 3.12
CA GLU L 180 39.31 14.59 3.72
C GLU L 180 39.93 14.70 5.11
N LEU L 181 40.86 15.64 5.28
CA LEU L 181 41.48 15.89 6.58
C LEU L 181 40.42 16.44 7.55
N TYR L 182 39.55 17.30 7.02
CA TYR L 182 38.34 17.72 7.71
C TYR L 182 37.54 16.51 8.17
N ARG L 183 37.12 15.71 7.20
CA ARG L 183 36.29 14.53 7.44
C ARG L 183 36.92 13.55 8.43
N GLU L 184 38.25 13.60 8.56
CA GLU L 184 38.95 12.76 9.53
C GLU L 184 38.49 13.07 10.94
N TYR L 185 38.31 14.36 11.22
CA TYR L 185 37.94 14.82 12.56
C TYR L 185 36.43 14.84 12.77
N SER L 186 35.68 14.38 11.77
CA SER L 186 34.21 14.43 11.79
C SER L 186 33.77 15.90 11.90
N LEU L 187 34.35 16.73 11.05
CA LEU L 187 34.08 18.17 11.05
C LEU L 187 33.42 18.60 9.74
N ARG L 188 32.15 18.98 9.82
CA ARG L 188 31.37 19.40 8.65
C ARG L 188 31.88 20.74 8.10
N PRO L 189 31.97 20.84 6.76
CA PRO L 189 32.32 22.11 6.12
C PRO L 189 31.19 23.13 6.21
N PRO L 190 31.51 24.40 6.50
CA PRO L 190 30.49 25.44 6.65
C PRO L 190 29.78 25.72 5.33
N LYS L 191 28.45 25.85 5.38
CA LYS L 191 27.68 26.01 4.15
C LYS L 191 27.75 27.44 3.60
N GLY L 192 27.63 28.42 4.47
CA GLY L 192 27.64 29.81 4.06
C GLY L 192 28.28 30.75 5.05
N VAL L 193 28.63 31.94 4.59
CA VAL L 193 29.35 32.92 5.40
C VAL L 193 28.53 34.19 5.57
N LEU L 194 28.63 34.82 6.74
CA LEU L 194 28.02 36.12 6.95
C LEU L 194 29.09 37.20 7.09
N LEU L 195 28.89 38.32 6.41
CA LEU L 195 29.74 39.48 6.55
C LEU L 195 28.89 40.65 7.04
N TYR L 196 29.12 41.12 8.26
CA TYR L 196 28.31 42.21 8.79
C TYR L 196 29.16 43.39 9.29
N GLY L 197 28.49 44.37 9.88
CA GLY L 197 29.13 45.59 10.33
C GLY L 197 28.79 46.85 9.53
N PRO L 198 29.35 48.00 9.95
CA PRO L 198 29.07 49.36 9.45
C PRO L 198 29.22 49.44 7.94
N PRO L 199 28.43 50.30 7.29
CA PRO L 199 28.45 50.13 5.82
C PRO L 199 29.80 50.50 5.19
N GLY L 200 30.20 51.76 5.21
CA GLY L 200 31.58 52.19 5.25
C GLY L 200 32.58 51.74 4.19
N CYS L 201 32.33 50.56 3.62
CA CYS L 201 33.17 49.90 2.62
C CYS L 201 32.66 48.46 2.46
N GLY L 202 33.08 47.80 1.40
CA GLY L 202 32.63 46.44 1.14
C GLY L 202 33.15 45.35 2.07
N LYS L 203 32.35 44.33 2.42
CA LYS L 203 30.90 44.20 2.12
C LYS L 203 30.53 44.22 0.63
N THR L 204 30.75 43.08 -0.05
CA THR L 204 30.62 42.82 -1.50
C THR L 204 31.89 43.06 -2.29
N LEU L 205 32.90 43.64 -1.65
CA LEU L 205 34.20 43.83 -2.29
C LEU L 205 35.05 42.62 -1.95
N ILE L 206 35.25 42.42 -0.66
CA ILE L 206 35.96 41.28 -0.12
C ILE L 206 35.45 39.94 -0.68
N ALA L 207 34.15 39.86 -0.94
CA ALA L 207 33.54 38.62 -1.44
C ALA L 207 34.04 38.26 -2.84
N LYS L 208 33.94 39.20 -3.76
CA LYS L 208 34.49 39.02 -5.10
C LYS L 208 35.99 38.78 -5.02
N ALA L 209 36.62 39.43 -4.05
CA ALA L 209 38.07 39.33 -3.88
C ALA L 209 38.53 37.93 -3.46
N VAL L 210 37.85 37.34 -2.48
CA VAL L 210 38.15 35.98 -2.03
C VAL L 210 37.73 35.01 -3.11
N ALA L 211 36.71 35.40 -3.89
CA ALA L 211 36.27 34.59 -5.01
C ALA L 211 37.39 34.43 -6.05
N ASN L 212 38.02 35.54 -6.39
CA ASN L 212 39.11 35.50 -7.37
C ASN L 212 40.40 34.90 -6.80
N SER L 213 40.73 35.30 -5.58
CA SER L 213 41.84 34.71 -4.83
C SER L 213 41.76 33.20 -4.85
N LEU L 214 40.64 32.69 -4.35
CA LEU L 214 40.38 31.25 -4.29
C LEU L 214 40.65 30.58 -5.62
N ALA L 215 40.05 31.07 -6.70
CA ALA L 215 40.10 30.20 -7.85
C ALA L 215 41.32 30.47 -8.69
N LYS L 216 42.40 29.82 -8.28
CA LYS L 216 43.30 29.02 -9.07
C LYS L 216 43.75 27.97 -8.07
N LYS L 217 43.25 26.74 -8.15
CA LYS L 217 43.84 25.68 -7.33
C LYS L 217 44.62 24.67 -8.15
N MET L 218 44.61 24.87 -9.47
CA MET L 218 45.15 23.88 -10.38
C MET L 218 46.67 23.97 -10.44
N ALA L 219 47.35 22.83 -10.60
CA ALA L 219 46.69 21.54 -10.73
C ALA L 219 46.46 20.89 -9.36
N LYS L 230 41.37 29.42 -13.33
CA LYS L 230 40.07 30.09 -13.29
C LYS L 230 38.95 29.16 -12.85
N SER L 231 38.25 29.53 -11.79
CA SER L 231 36.91 28.98 -11.60
C SER L 231 35.91 30.10 -11.35
N TYR L 232 35.15 30.47 -12.38
CA TYR L 232 34.24 31.62 -12.36
C TYR L 232 33.15 31.80 -11.29
N PHE L 233 33.07 33.05 -10.82
CA PHE L 233 32.15 33.58 -9.79
C PHE L 233 30.74 34.00 -10.23
N LEU L 234 29.90 34.28 -9.23
CA LEU L 234 28.51 34.70 -9.39
C LEU L 234 28.16 35.85 -8.45
N ASN L 235 27.39 36.82 -8.92
CA ASN L 235 26.98 37.94 -8.07
C ASN L 235 25.53 38.37 -8.24
N ILE L 236 24.77 38.32 -7.15
CA ILE L 236 23.41 38.87 -7.10
C ILE L 236 23.30 39.80 -5.90
N LYS L 237 22.70 40.96 -6.10
CA LYS L 237 22.57 41.91 -5.00
C LYS L 237 21.13 42.17 -4.58
N GLY L 238 20.99 42.97 -3.53
CA GLY L 238 19.71 43.33 -2.96
C GLY L 238 18.65 44.02 -3.81
N PRO L 239 19.04 44.99 -4.66
CA PRO L 239 18.08 45.82 -5.40
C PRO L 239 17.05 45.07 -6.24
N GLU L 240 17.26 43.77 -6.44
CA GLU L 240 16.27 42.91 -7.09
C GLU L 240 14.98 42.77 -6.24
N LEU L 241 14.97 43.42 -5.07
CA LEU L 241 13.83 43.39 -4.14
C LEU L 241 12.51 43.55 -4.87
N LEU L 242 12.45 44.52 -5.78
CA LEU L 242 11.26 44.74 -6.58
C LEU L 242 11.56 44.58 -8.08
N ASN L 243 10.61 44.05 -8.85
CA ASN L 243 9.24 43.84 -8.38
C ASN L 243 9.12 42.70 -7.36
N LYS L 244 7.94 42.54 -6.78
CA LYS L 244 7.75 41.53 -5.74
C LYS L 244 8.14 40.09 -6.16
N PHE L 245 7.84 39.62 -7.38
CA PHE L 245 7.14 40.34 -8.45
C PHE L 245 5.64 40.37 -8.24
N VAL L 246 5.11 39.21 -7.88
CA VAL L 246 3.73 39.07 -7.44
C VAL L 246 3.68 37.69 -6.78
N GLY L 247 2.53 37.31 -6.25
CA GLY L 247 2.42 36.01 -5.60
C GLY L 247 2.62 34.85 -6.56
N GLU L 248 3.51 33.92 -6.20
CA GLU L 248 4.38 34.06 -5.02
C GLU L 248 5.80 34.52 -5.38
N THR L 249 6.04 34.83 -6.65
CA THR L 249 7.40 34.96 -7.20
C THR L 249 8.24 35.87 -6.33
N GLU L 250 9.42 35.45 -5.82
CA GLU L 250 10.27 34.27 -6.17
C GLU L 250 10.48 34.10 -7.68
N ARG L 251 10.13 32.94 -8.25
CA ARG L 251 10.44 32.68 -9.66
C ARG L 251 11.95 32.75 -9.85
N HIS L 252 12.42 33.85 -10.44
CA HIS L 252 13.82 34.01 -10.87
C HIS L 252 14.86 33.51 -9.86
N ILE L 253 14.49 33.49 -8.58
CA ILE L 253 15.28 32.86 -7.53
C ILE L 253 15.71 31.44 -7.95
N ARG L 254 14.73 30.58 -8.24
CA ARG L 254 15.02 29.19 -8.59
C ARG L 254 15.96 29.08 -9.79
N LEU L 255 15.92 30.06 -10.68
CA LEU L 255 16.76 29.98 -11.87
C LEU L 255 18.11 30.68 -11.69
N ILE L 256 18.29 31.42 -10.59
CA ILE L 256 19.65 31.81 -10.19
C ILE L 256 20.30 30.66 -9.40
N PHE L 257 19.48 29.89 -8.69
CA PHE L 257 19.96 28.71 -7.96
C PHE L 257 20.06 27.53 -8.92
N GLN L 258 19.68 27.78 -10.18
CA GLN L 258 19.74 26.77 -11.24
C GLN L 258 21.01 26.90 -12.11
N ARG L 259 21.33 28.13 -12.50
CA ARG L 259 22.51 28.42 -13.31
C ARG L 259 23.82 28.34 -12.51
N ALA L 260 23.72 28.42 -11.19
CA ALA L 260 24.88 28.18 -10.33
C ALA L 260 25.09 26.69 -10.16
N ARG L 261 23.99 25.95 -10.16
CA ARG L 261 23.99 24.49 -10.05
C ARG L 261 24.57 23.86 -11.31
N GLU L 262 24.82 24.69 -12.31
CA GLU L 262 25.43 24.27 -13.57
C GLU L 262 26.92 23.90 -13.38
N LYS L 263 27.59 24.62 -12.50
CA LYS L 263 28.99 24.33 -12.18
C LYS L 263 29.04 23.28 -11.07
N ALA L 264 27.87 22.96 -10.53
CA ALA L 264 27.74 22.05 -9.40
C ALA L 264 27.88 20.59 -9.81
N SER L 265 27.32 20.24 -10.97
CA SER L 265 27.44 18.88 -11.50
C SER L 265 28.72 18.79 -12.32
N GLU L 266 29.45 19.89 -12.35
CA GLU L 266 30.75 19.97 -13.01
C GLU L 266 31.85 19.56 -12.04
N GLY L 267 31.95 20.26 -10.92
CA GLY L 267 33.04 20.06 -9.98
C GLY L 267 33.97 21.25 -9.82
N THR L 268 33.78 22.28 -10.62
CA THR L 268 34.44 23.56 -10.39
C THR L 268 33.52 24.47 -9.58
N PRO L 269 34.03 25.07 -8.49
CA PRO L 269 33.22 25.80 -7.51
C PRO L 269 32.70 27.15 -8.02
N VAL L 270 31.52 27.54 -7.54
CA VAL L 270 30.96 28.86 -7.85
C VAL L 270 30.34 29.44 -6.58
N ILE L 271 30.24 30.76 -6.51
CA ILE L 271 29.82 31.44 -5.28
C ILE L 271 28.58 32.30 -5.47
N VAL L 272 27.48 31.92 -4.82
CA VAL L 272 26.27 32.73 -4.86
C VAL L 272 26.34 33.79 -3.77
N PHE L 273 26.35 35.06 -4.17
CA PHE L 273 26.50 36.13 -3.20
C PHE L 273 25.19 36.89 -2.97
N PHE L 274 25.00 37.36 -1.75
CA PHE L 274 23.78 38.09 -1.40
C PHE L 274 24.09 39.44 -0.72
N ASP L 275 23.65 40.51 -1.37
CA ASP L 275 23.92 41.86 -0.92
C ASP L 275 22.64 42.52 -0.42
N GLU L 276 22.78 43.46 0.51
CA GLU L 276 21.64 44.22 1.04
C GLU L 276 20.54 43.30 1.57
N MET L 277 20.93 42.25 2.29
CA MET L 277 19.96 41.23 2.71
C MET L 277 19.13 41.65 3.91
N ASP L 278 19.46 42.80 4.50
CA ASP L 278 18.69 43.33 5.62
C ASP L 278 17.34 43.86 5.13
N SER L 279 17.21 44.00 3.81
CA SER L 279 15.94 44.34 3.19
C SER L 279 15.02 43.12 3.15
N ILE L 280 15.58 41.95 3.38
CA ILE L 280 14.82 40.71 3.28
C ILE L 280 14.25 40.28 4.64
N PHE L 281 14.60 41.02 5.69
CA PHE L 281 13.95 40.91 6.98
C PHE L 281 14.33 42.09 7.88
N VAL L 296 7.74 37.79 0.73
CA VAL L 296 8.34 37.48 2.02
C VAL L 296 9.48 36.48 1.85
N VAL L 297 10.23 36.24 2.93
CA VAL L 297 11.49 35.52 2.92
C VAL L 297 11.53 34.01 2.52
N PRO L 298 10.55 33.19 2.98
CA PRO L 298 10.78 31.74 3.15
C PRO L 298 11.47 31.01 2.00
N GLN L 299 11.15 31.40 0.77
CA GLN L 299 11.71 30.76 -0.42
C GLN L 299 13.23 30.61 -0.36
N LEU L 300 13.92 31.71 -0.03
CA LEU L 300 15.38 31.70 -0.02
C LEU L 300 15.91 30.56 0.84
N LEU L 301 15.29 30.38 2.01
CA LEU L 301 15.70 29.34 2.95
C LEU L 301 15.72 27.96 2.31
N SER L 302 14.62 27.62 1.64
CA SER L 302 14.49 26.29 1.05
C SER L 302 15.53 26.09 -0.04
N GLU L 303 15.93 27.20 -0.66
CA GLU L 303 16.87 27.10 -1.77
C GLU L 303 18.30 27.09 -1.28
N ILE L 304 18.52 27.47 -0.03
CA ILE L 304 19.87 27.35 0.54
C ILE L 304 20.12 25.91 0.96
N ASP L 305 19.12 25.31 1.59
CA ASP L 305 19.16 23.90 1.98
C ASP L 305 19.10 22.99 0.76
N GLY L 306 18.71 23.57 -0.37
CA GLY L 306 18.69 22.85 -1.63
C GLY L 306 20.09 22.64 -2.17
N VAL L 307 20.98 23.58 -1.88
CA VAL L 307 22.36 23.48 -2.32
C VAL L 307 23.30 22.94 -1.23
N GLU L 308 22.73 22.62 -0.06
CA GLU L 308 23.53 22.20 1.09
C GLU L 308 24.32 20.92 0.82
N GLY L 309 23.63 19.88 0.37
CA GLY L 309 24.26 18.60 0.12
C GLY L 309 25.01 18.56 -1.20
N LEU L 310 25.20 19.73 -1.79
CA LEU L 310 25.93 19.84 -3.06
C LEU L 310 27.42 20.04 -2.78
N GLU L 311 28.25 19.38 -3.57
CA GLU L 311 29.69 19.31 -3.33
C GLU L 311 30.35 20.68 -3.25
N ASN L 312 30.26 21.45 -4.32
CA ASN L 312 30.86 22.78 -4.30
C ASN L 312 29.93 23.90 -4.72
N VAL L 313 29.45 24.65 -3.73
CA VAL L 313 28.90 25.98 -3.89
C VAL L 313 29.08 26.65 -2.54
N ILE L 314 29.42 27.93 -2.52
CA ILE L 314 29.47 28.66 -1.27
C ILE L 314 28.53 29.86 -1.36
N VAL L 315 27.69 30.04 -0.35
CA VAL L 315 26.76 31.17 -0.35
C VAL L 315 27.21 32.23 0.64
N ILE L 316 27.42 33.44 0.15
CA ILE L 316 27.87 34.55 0.97
C ILE L 316 26.75 35.58 1.10
N GLY L 317 26.75 36.32 2.21
CA GLY L 317 25.79 37.38 2.39
C GLY L 317 26.35 38.53 3.20
N ALA L 318 25.76 39.70 3.02
CA ALA L 318 26.28 40.93 3.61
C ALA L 318 25.17 41.81 4.13
N SER L 319 25.33 42.29 5.35
CA SER L 319 24.33 43.15 5.97
C SER L 319 24.98 44.30 6.73
N ASN L 320 24.56 45.52 6.43
CA ASN L 320 25.09 46.68 7.12
C ASN L 320 24.39 46.88 8.46
N ARG L 321 23.26 46.21 8.62
CA ARG L 321 22.53 46.21 9.88
C ARG L 321 22.23 44.78 10.32
N GLU L 322 22.89 44.34 11.39
CA GLU L 322 22.73 42.96 11.85
C GLU L 322 21.64 42.86 12.91
N ASP L 323 21.02 43.99 13.22
CA ASP L 323 19.90 44.05 14.15
C ASP L 323 18.69 43.32 13.58
N MET L 324 18.53 43.44 12.26
CA MET L 324 17.31 43.01 11.59
C MET L 324 17.38 41.62 10.98
N ILE L 325 18.53 40.97 11.06
CA ILE L 325 18.68 39.67 10.40
C ILE L 325 17.97 38.58 11.19
N ASP L 326 17.02 37.91 10.54
CA ASP L 326 16.28 36.83 11.16
C ASP L 326 17.22 35.66 11.43
N PRO L 327 17.31 35.24 12.70
CA PRO L 327 18.24 34.20 13.18
C PRO L 327 18.04 32.86 12.47
N ALA L 328 16.91 32.68 11.80
CA ALA L 328 16.62 31.45 11.08
C ALA L 328 17.69 31.11 10.04
N ILE L 329 18.27 32.15 9.42
CA ILE L 329 19.29 31.93 8.40
C ILE L 329 20.70 31.79 9.02
N LEU L 330 20.85 32.24 10.27
CA LEU L 330 22.13 32.15 10.96
C LEU L 330 22.41 30.78 11.57
N ARG L 331 21.36 30.08 11.99
CA ARG L 331 21.51 28.80 12.65
C ARG L 331 22.11 27.77 11.70
N PRO L 332 22.86 26.78 12.25
CA PRO L 332 23.68 25.85 11.47
C PRO L 332 22.95 25.16 10.32
N GLY L 333 23.69 24.86 9.26
CA GLY L 333 23.13 24.23 8.09
C GLY L 333 22.97 25.24 6.97
N ARG L 334 23.04 26.52 7.33
CA ARG L 334 22.87 27.60 6.35
C ARG L 334 24.10 28.52 6.32
N LEU L 335 24.22 29.40 7.31
CA LEU L 335 25.46 30.14 7.48
C LEU L 335 26.10 29.78 8.82
N ASP L 336 27.15 28.97 8.78
CA ASP L 336 27.82 28.54 10.01
C ASP L 336 28.86 29.54 10.49
N VAL L 337 29.47 30.25 9.55
CA VAL L 337 30.50 31.23 9.89
C VAL L 337 30.02 32.64 9.63
N LYS L 338 30.28 33.53 10.59
CA LYS L 338 29.93 34.93 10.47
C LYS L 338 31.13 35.80 10.82
N ILE L 339 31.43 36.76 9.95
CA ILE L 339 32.63 37.58 10.09
C ILE L 339 32.31 39.05 10.27
N LYS L 340 32.86 39.67 11.30
CA LYS L 340 32.65 41.10 11.46
C LYS L 340 33.61 41.86 10.54
N ILE L 341 33.03 42.67 9.67
CA ILE L 341 33.75 43.44 8.66
C ILE L 341 34.13 44.81 9.26
N GLU L 342 34.14 44.88 10.58
CA GLU L 342 34.36 46.11 11.32
C GLU L 342 35.47 46.99 10.78
N ARG L 343 35.20 48.29 10.86
CA ARG L 343 35.97 49.39 10.28
C ARG L 343 37.44 49.56 10.64
N PRO L 344 38.20 50.03 9.57
CA PRO L 344 39.64 50.17 9.85
C PRO L 344 40.05 51.18 10.91
N ASP L 345 41.09 50.76 11.60
CA ASP L 345 41.80 51.45 12.67
C ASP L 345 43.03 52.09 12.06
N ALA L 346 43.86 52.73 12.88
CA ALA L 346 45.01 53.48 12.39
C ALA L 346 45.88 52.69 11.40
N GLU L 347 46.29 51.50 11.81
CA GLU L 347 47.11 50.64 10.97
C GLU L 347 46.37 50.23 9.69
N ALA L 348 45.10 49.88 9.84
CA ALA L 348 44.31 49.46 8.70
C ALA L 348 44.05 50.65 7.79
N ALA L 349 43.97 51.84 8.37
CA ALA L 349 43.83 53.06 7.58
C ALA L 349 45.08 53.29 6.74
N GLN L 350 46.25 53.05 7.34
CA GLN L 350 47.50 53.09 6.59
C GLN L 350 47.46 52.09 5.43
N ASP L 351 47.19 50.83 5.76
CA ASP L 351 47.20 49.74 4.79
C ASP L 351 46.28 50.04 3.62
N ILE L 352 45.13 50.63 3.92
CA ILE L 352 44.16 50.95 2.87
C ILE L 352 44.63 52.14 2.04
N TYR L 353 45.15 53.17 2.71
CA TYR L 353 45.68 54.35 2.03
C TYR L 353 46.81 54.00 1.06
N SER L 354 47.57 52.95 1.40
CA SER L 354 48.66 52.49 0.56
C SER L 354 48.17 52.03 -0.80
N LYS L 355 47.03 51.33 -0.81
CA LYS L 355 46.46 50.80 -2.04
C LYS L 355 46.10 51.93 -2.99
N TYR L 356 45.59 53.01 -2.44
CA TYR L 356 45.11 54.12 -3.26
C TYR L 356 46.21 55.06 -3.72
N LEU L 357 47.27 55.21 -2.93
CA LEU L 357 48.38 56.01 -3.43
C LEU L 357 49.46 55.06 -3.91
N THR L 358 49.48 54.89 -5.23
CA THR L 358 50.51 54.13 -5.92
C THR L 358 51.71 55.02 -6.24
N GLU L 359 52.87 54.40 -6.45
CA GLU L 359 54.05 55.11 -6.95
C GLU L 359 53.75 55.88 -8.25
N PHE L 360 52.73 55.41 -8.97
CA PHE L 360 52.46 55.89 -10.32
C PHE L 360 51.69 57.21 -10.33
N LEU L 361 51.33 57.70 -9.15
CA LEU L 361 50.71 59.01 -9.04
C LEU L 361 51.78 60.08 -8.92
N PRO L 362 51.65 61.17 -9.70
CA PRO L 362 52.66 62.22 -9.59
C PRO L 362 52.71 62.80 -8.18
N VAL L 363 53.91 62.82 -7.61
CA VAL L 363 54.12 63.40 -6.29
C VAL L 363 55.02 64.61 -6.45
N HIS L 364 54.58 65.75 -5.92
CA HIS L 364 55.26 67.02 -6.13
C HIS L 364 56.69 67.00 -5.62
N ALA L 365 57.56 67.72 -6.31
CA ALA L 365 58.99 67.72 -6.03
C ALA L 365 59.35 68.27 -4.64
N ASP L 366 58.54 69.21 -4.14
CA ASP L 366 58.83 69.85 -2.86
C ASP L 366 58.92 68.85 -1.71
N ASP L 367 57.98 67.91 -1.67
CA ASP L 367 57.98 66.89 -0.63
C ASP L 367 58.95 65.76 -0.95
N LEU L 368 59.31 65.65 -2.22
CA LEU L 368 60.30 64.68 -2.66
C LEU L 368 61.70 65.08 -2.22
N ALA L 369 61.91 66.39 -2.09
CA ALA L 369 63.21 66.93 -1.70
C ALA L 369 63.56 66.59 -0.26
N GLU L 370 62.55 66.66 0.62
CA GLU L 370 62.71 66.37 2.04
C GLU L 370 63.31 64.98 2.30
N PHE L 371 62.81 64.00 1.55
CA PHE L 371 63.16 62.60 1.73
C PHE L 371 64.29 62.16 0.81
N ASP L 372 64.94 63.15 0.19
CA ASP L 372 66.10 62.94 -0.71
C ASP L 372 65.71 62.24 -2.01
N GLY L 373 64.55 62.62 -2.54
CA GLY L 373 64.13 62.17 -3.85
C GLY L 373 63.40 60.85 -3.84
N ASP L 374 63.45 60.16 -2.71
CA ASP L 374 62.86 58.83 -2.64
C ASP L 374 61.34 58.94 -2.48
N ARG L 375 60.62 58.43 -3.47
CA ARG L 375 59.17 58.54 -3.48
C ARG L 375 58.50 57.46 -2.63
N SER L 376 59.05 56.25 -2.67
CA SER L 376 58.48 55.15 -1.89
C SER L 376 58.58 55.44 -0.39
N ALA L 377 59.56 56.26 -0.02
CA ALA L 377 59.67 56.73 1.35
C ALA L 377 58.95 58.06 1.53
N CYS L 378 58.55 58.68 0.42
CA CYS L 378 57.81 59.93 0.50
C CYS L 378 56.33 59.72 0.82
N ILE L 379 55.71 58.82 0.07
CA ILE L 379 54.28 58.58 0.23
C ILE L 379 54.02 57.71 1.45
N LYS L 380 55.01 56.91 1.82
CA LYS L 380 54.96 56.16 3.07
C LYS L 380 54.78 57.11 4.25
N ALA L 381 55.54 58.20 4.26
CA ALA L 381 55.44 59.19 5.32
C ALA L 381 54.19 60.03 5.15
N MET L 382 53.85 60.33 3.90
CA MET L 382 52.60 61.04 3.58
C MET L 382 51.41 60.37 4.25
N ILE L 383 51.30 59.07 4.02
CA ILE L 383 50.18 58.27 4.51
C ILE L 383 50.00 58.42 6.01
N GLU L 384 50.93 57.95 6.82
CA GLU L 384 50.72 57.99 8.26
C GLU L 384 50.76 59.41 8.81
N LYS L 385 51.26 60.37 8.01
CA LYS L 385 51.05 61.77 8.33
C LYS L 385 49.54 62.00 8.36
N VAL L 386 48.85 61.62 7.29
CA VAL L 386 47.40 61.87 7.24
C VAL L 386 46.60 60.93 8.13
N VAL L 387 47.15 59.75 8.44
CA VAL L 387 46.43 58.79 9.27
C VAL L 387 46.50 59.29 10.70
N ASP L 388 47.67 59.79 11.11
CA ASP L 388 47.81 60.35 12.44
C ASP L 388 47.02 61.64 12.57
N ARG L 389 46.92 62.41 11.48
CA ARG L 389 46.08 63.60 11.49
C ARG L 389 44.60 63.23 11.61
N MET L 390 44.21 62.13 10.96
CA MET L 390 42.81 61.73 10.89
C MET L 390 42.32 61.14 12.20
N TYR L 391 43.09 60.22 12.75
CA TYR L 391 42.69 59.55 13.97
C TYR L 391 43.02 60.40 15.18
N ALA L 392 43.61 61.56 14.91
CA ALA L 392 43.86 62.53 15.96
C ALA L 392 42.56 62.83 16.69
N GLU L 393 42.65 62.91 18.01
CA GLU L 393 41.50 63.05 18.89
C GLU L 393 41.15 64.51 19.12
N ILE L 394 41.75 65.40 18.33
CA ILE L 394 41.62 66.83 18.55
C ILE L 394 40.20 67.32 18.30
N ASP L 395 39.96 68.61 18.53
CA ASP L 395 38.60 69.11 18.57
C ASP L 395 38.06 69.53 17.21
N ASP L 396 38.88 69.41 16.18
CA ASP L 396 38.40 69.59 14.81
C ASP L 396 37.98 68.26 14.20
N ASN L 397 38.38 67.17 14.85
CA ASN L 397 38.02 65.82 14.41
C ASN L 397 36.82 65.25 15.15
N ARG L 398 36.14 66.06 15.95
CA ARG L 398 35.00 65.55 16.68
C ARG L 398 33.73 65.71 15.88
N PHE L 399 33.23 64.56 15.43
CA PHE L 399 32.02 64.39 14.63
C PHE L 399 30.65 64.66 15.20
N LEU L 400 30.33 64.15 16.38
CA LEU L 400 29.00 64.35 16.93
C LEU L 400 28.92 64.25 18.43
N GLU L 401 27.84 64.78 18.96
CA GLU L 401 27.61 64.87 20.40
C GLU L 401 26.41 63.99 20.75
N VAL L 402 26.62 63.04 21.65
CA VAL L 402 25.59 62.12 22.08
C VAL L 402 25.19 62.39 23.53
N THR L 403 23.91 62.56 23.78
CA THR L 403 23.42 62.88 25.12
C THR L 403 22.64 61.74 25.71
N TYR L 404 23.16 61.11 26.75
CA TYR L 404 22.51 59.92 27.30
C TYR L 404 21.41 60.28 28.29
N ALA L 405 20.69 59.26 28.74
CA ALA L 405 19.46 59.45 29.51
C ALA L 405 19.77 59.94 30.92
N ASN L 406 20.89 59.49 31.47
CA ASN L 406 21.27 59.86 32.82
C ASN L 406 21.81 61.28 32.90
N GLY L 407 22.00 61.91 31.74
CA GLY L 407 22.45 63.28 31.68
C GLY L 407 23.86 63.46 31.14
N ASP L 408 24.62 62.37 31.07
CA ASP L 408 25.97 62.38 30.53
C ASP L 408 26.00 62.72 29.04
N LYS L 409 27.13 63.23 28.58
CA LYS L 409 27.31 63.54 27.16
C LYS L 409 28.68 63.07 26.66
N GLU L 410 28.66 62.37 25.53
CA GLU L 410 29.88 61.86 24.93
C GLU L 410 30.11 62.50 23.58
N VAL L 411 31.37 62.71 23.22
CA VAL L 411 31.70 63.26 21.92
C VAL L 411 32.36 62.18 21.08
N MET L 412 31.84 61.95 19.88
CA MET L 412 32.35 60.85 19.06
C MET L 412 33.33 61.38 18.02
N TYR L 413 34.47 60.71 17.90
CA TYR L 413 35.55 61.15 17.01
C TYR L 413 35.50 60.41 15.67
N PHE L 414 35.91 61.08 14.60
CA PHE L 414 35.95 60.44 13.28
C PHE L 414 36.83 59.19 13.28
N LYS L 415 37.70 59.08 14.28
CA LYS L 415 38.46 57.86 14.54
C LYS L 415 37.53 56.64 14.57
N ASP L 416 36.39 56.81 15.23
CA ASP L 416 35.42 55.72 15.35
C ASP L 416 34.58 55.58 14.10
N PHE L 417 34.36 56.70 13.42
CA PHE L 417 33.51 56.71 12.24
C PHE L 417 34.24 56.63 10.90
N ASN L 418 35.55 56.46 10.92
CA ASN L 418 36.30 56.32 9.67
C ASN L 418 35.94 55.04 8.95
N SER L 419 35.99 55.08 7.62
CA SER L 419 35.63 53.93 6.81
C SER L 419 36.22 54.01 5.41
N GLY L 420 36.25 52.87 4.71
CA GLY L 420 36.86 52.78 3.40
C GLY L 420 36.39 53.82 2.40
N ALA L 421 35.08 53.94 2.22
CA ALA L 421 34.52 54.90 1.26
C ALA L 421 34.95 56.32 1.57
N MET L 422 35.21 56.58 2.86
CA MET L 422 35.68 57.89 3.27
C MET L 422 37.14 58.08 2.91
N ILE L 423 37.94 57.03 3.12
CA ILE L 423 39.35 57.06 2.74
C ILE L 423 39.44 57.39 1.25
N GLN L 424 38.72 56.61 0.45
CA GLN L 424 38.68 56.80 -0.99
C GLN L 424 38.19 58.21 -1.36
N ASN L 425 37.21 58.69 -0.61
CA ASN L 425 36.70 60.05 -0.81
C ASN L 425 37.78 61.10 -0.60
N VAL L 426 38.61 60.90 0.40
CA VAL L 426 39.66 61.85 0.73
C VAL L 426 40.73 61.84 -0.34
N VAL L 427 41.13 60.63 -0.75
CA VAL L 427 42.12 60.46 -1.81
C VAL L 427 41.65 61.14 -3.09
N ASP L 428 40.43 60.84 -3.50
CA ASP L 428 39.88 61.38 -4.74
C ASP L 428 39.54 62.85 -4.64
N ARG L 429 39.44 63.39 -3.42
CA ARG L 429 39.28 64.83 -3.28
C ARG L 429 40.65 65.49 -3.40
N ALA L 430 41.67 64.77 -2.94
CA ALA L 430 43.03 65.29 -2.92
C ALA L 430 43.65 65.30 -4.31
N LYS L 431 43.34 64.29 -5.10
CA LYS L 431 43.75 64.27 -6.50
C LYS L 431 43.19 65.49 -7.21
N LYS L 432 41.91 65.74 -6.99
CA LYS L 432 41.25 66.90 -7.56
C LYS L 432 41.93 68.18 -7.09
N ASN L 433 42.28 68.24 -5.81
CA ASN L 433 43.01 69.39 -5.26
C ASN L 433 44.34 69.60 -5.99
N ALA L 434 45.00 68.50 -6.34
CA ALA L 434 46.29 68.56 -7.01
C ALA L 434 46.13 69.07 -8.43
N ILE L 435 45.13 68.57 -9.13
CA ILE L 435 44.82 69.03 -10.48
C ILE L 435 44.53 70.54 -10.48
N LYS L 436 43.68 70.96 -9.55
CA LYS L 436 43.33 72.35 -9.39
C LYS L 436 44.57 73.19 -9.07
N SER L 437 45.51 72.59 -8.34
CA SER L 437 46.75 73.28 -7.99
C SER L 437 47.79 73.15 -9.09
N VAL L 438 47.40 72.47 -10.18
CA VAL L 438 48.24 72.28 -11.36
C VAL L 438 47.88 73.35 -12.41
N LEU L 439 46.58 73.52 -12.64
CA LEU L 439 46.05 74.54 -13.55
C LEU L 439 46.35 75.96 -13.13
N GLU L 440 46.23 76.25 -11.85
CA GLU L 440 46.46 77.60 -11.38
C GLU L 440 47.94 77.95 -11.23
N THR L 441 48.73 77.08 -10.61
CA THR L 441 50.14 77.37 -10.37
C THR L 441 51.12 76.75 -11.38
N GLY L 442 50.60 75.92 -12.29
CA GLY L 442 51.42 75.34 -13.35
C GLY L 442 52.49 74.34 -12.91
N GLN L 443 52.33 73.80 -11.71
CA GLN L 443 53.35 72.92 -11.13
C GLN L 443 52.82 71.48 -10.92
N PRO L 444 53.45 70.50 -11.60
CA PRO L 444 53.01 69.11 -11.53
C PRO L 444 53.27 68.45 -10.18
N GLY L 445 52.40 67.53 -9.77
CA GLY L 445 52.61 66.77 -8.55
C GLY L 445 51.70 67.11 -7.39
N LEU L 446 51.56 66.17 -6.47
CA LEU L 446 50.69 66.34 -5.29
C LEU L 446 51.50 66.38 -4.00
N ARG L 447 51.17 67.33 -3.12
CA ARG L 447 51.83 67.43 -1.82
C ARG L 447 50.93 66.95 -0.67
N ILE L 448 51.42 67.08 0.55
CA ILE L 448 50.71 66.65 1.75
C ILE L 448 49.55 67.59 2.08
N GLN L 449 49.69 68.86 1.68
CA GLN L 449 48.70 69.87 1.99
C GLN L 449 47.38 69.61 1.31
N HIS L 450 47.40 68.89 0.19
CA HIS L 450 46.18 68.52 -0.50
C HIS L 450 45.40 67.46 0.30
N LEU L 451 46.11 66.50 0.87
CA LEU L 451 45.48 65.48 1.70
C LEU L 451 44.94 66.10 2.98
N LEU L 452 45.78 66.89 3.65
CA LEU L 452 45.38 67.53 4.90
C LEU L 452 44.21 68.49 4.69
N ASP L 453 44.21 69.19 3.56
CA ASP L 453 43.11 70.11 3.26
C ASP L 453 41.90 69.33 2.73
N SER L 454 42.11 68.07 2.36
CA SER L 454 41.01 67.22 1.95
C SER L 454 40.24 66.68 3.15
N ILE L 455 40.97 66.25 4.18
CA ILE L 455 40.36 65.65 5.38
C ILE L 455 39.37 66.59 6.06
N VAL L 456 39.76 67.85 6.23
CA VAL L 456 38.89 68.84 6.85
C VAL L 456 37.59 69.02 6.07
N ASP L 457 37.69 69.12 4.75
CA ASP L 457 36.53 69.34 3.89
C ASP L 457 35.58 68.16 3.89
N GLU L 458 36.16 66.97 3.78
CA GLU L 458 35.39 65.73 3.85
C GLU L 458 34.63 65.66 5.16
N PHE L 459 35.34 65.97 6.25
CA PHE L 459 34.75 65.94 7.58
C PHE L 459 33.59 66.90 7.71
N ALA L 460 33.81 68.13 7.24
CA ALA L 460 32.77 69.15 7.28
C ALA L 460 31.54 68.72 6.49
N GLU L 461 31.78 68.18 5.29
CA GLU L 461 30.69 67.72 4.45
C GLU L 461 29.93 66.60 5.14
N ASN L 462 30.63 65.81 5.95
CA ASN L 462 29.98 64.73 6.67
C ASN L 462 29.14 65.22 7.85
N GLU L 463 29.69 66.17 8.62
CA GLU L 463 28.95 66.78 9.71
C GLU L 463 27.69 67.47 9.20
N ASP L 464 27.74 67.92 7.96
CA ASP L 464 26.60 68.60 7.37
C ASP L 464 25.55 67.59 6.95
N LEU L 465 26.02 66.50 6.37
CA LEU L 465 25.16 65.45 5.85
C LEU L 465 25.63 64.09 6.36
N PRO L 466 25.28 63.76 7.62
CA PRO L 466 25.76 62.59 8.36
C PRO L 466 25.03 61.30 8.05
N ASN L 467 24.95 60.94 6.77
CA ASN L 467 24.22 59.76 6.36
C ASN L 467 25.05 58.49 6.38
N THR L 468 26.33 58.64 6.72
CA THR L 468 27.23 57.49 6.90
C THR L 468 26.85 56.71 8.17
N THR L 469 26.07 57.36 9.04
CA THR L 469 25.58 56.75 10.28
C THR L 469 24.46 55.72 10.04
N ASN L 470 24.28 54.86 11.04
CA ASN L 470 23.21 53.86 11.09
C ASN L 470 22.98 53.45 12.55
N PRO L 471 21.82 52.83 12.84
CA PRO L 471 21.56 52.36 14.22
C PRO L 471 22.52 51.25 14.69
N ASP L 472 23.12 50.54 13.74
CA ASP L 472 24.16 49.58 14.05
C ASP L 472 25.28 50.27 14.85
N ASP L 473 25.48 51.57 14.60
CA ASP L 473 26.47 52.34 15.36
C ASP L 473 25.98 52.75 16.74
N TRP L 474 24.75 53.24 16.82
CA TRP L 474 24.21 53.70 18.08
C TRP L 474 24.15 52.56 19.09
N ALA L 475 23.93 51.35 18.58
CA ALA L 475 23.89 50.16 19.45
C ALA L 475 25.21 50.00 20.18
N ARG L 476 26.29 50.14 19.43
CA ARG L 476 27.65 49.99 19.96
C ARG L 476 28.05 51.15 20.86
N ILE L 477 27.65 52.35 20.48
CA ILE L 477 27.89 53.54 21.30
C ILE L 477 27.20 53.43 22.66
N SER L 478 25.89 53.18 22.65
CA SER L 478 25.13 52.96 23.88
C SER L 478 25.72 51.80 24.67
N GLY L 479 26.20 50.80 23.93
CA GLY L 479 26.81 49.62 24.54
C GLY L 479 28.02 49.97 25.36
N LYS L 480 28.97 50.65 24.74
CA LYS L 480 30.21 51.03 25.42
C LYS L 480 29.95 51.99 26.55
N LYS L 481 28.93 52.84 26.41
CA LYS L 481 28.64 53.78 27.50
C LYS L 481 27.94 53.10 28.67
N GLY L 482 27.03 52.18 28.35
CA GLY L 482 26.24 51.52 29.38
C GLY L 482 25.08 52.38 29.84
N GLU L 483 24.50 53.11 28.90
CA GLU L 483 23.33 53.95 29.16
C GLU L 483 22.56 54.14 27.85
N ARG L 484 21.32 54.61 27.94
CA ARG L 484 20.48 54.76 26.76
C ARG L 484 20.61 56.16 26.14
N ILE L 485 20.55 56.22 24.81
CA ILE L 485 20.78 57.45 24.06
C ILE L 485 19.50 58.22 23.77
N VAL L 486 19.34 59.37 24.42
CA VAL L 486 18.16 60.20 24.24
C VAL L 486 18.30 61.42 23.32
N TYR L 487 19.44 61.58 22.66
CA TYR L 487 19.66 62.68 21.71
C TYR L 487 21.03 62.56 21.04
N ILE L 488 21.16 63.09 19.82
CA ILE L 488 22.41 63.09 19.06
C ILE L 488 22.41 64.31 18.15
N ARG L 489 23.56 64.93 17.95
CA ARG L 489 23.64 66.04 17.01
C ARG L 489 25.03 66.09 16.42
N THR L 490 25.17 66.69 15.24
CA THR L 490 26.49 66.82 14.67
C THR L 490 27.22 68.03 15.24
N LEU L 491 28.54 67.99 15.22
CA LEU L 491 29.36 69.10 15.65
C LEU L 491 30.09 69.71 14.45
N VAL L 492 30.25 71.03 14.48
CA VAL L 492 30.93 71.75 13.42
C VAL L 492 32.07 72.61 13.95
N THR L 493 33.12 72.72 13.16
CA THR L 493 34.34 73.42 13.55
C THR L 493 34.22 74.95 13.47
N GLY L 494 33.14 75.43 12.85
CA GLY L 494 32.85 76.85 12.82
C GLY L 494 33.56 77.64 11.74
N LYS L 495 34.63 77.06 11.19
CA LYS L 495 35.37 77.72 10.12
C LYS L 495 34.81 77.34 8.76
N SER L 496 33.72 76.57 8.77
CA SER L 496 33.12 76.05 7.54
C SER L 496 31.65 76.47 7.40
N SER L 497 31.14 76.32 6.19
CA SER L 497 29.74 76.65 5.88
C SER L 497 28.83 75.49 6.24
N SER L 498 29.41 74.43 6.79
CA SER L 498 28.63 73.33 7.34
C SER L 498 28.06 73.75 8.69
N ALA L 499 26.98 73.10 9.09
CA ALA L 499 26.31 73.42 10.35
C ALA L 499 25.88 72.15 11.06
N SER L 500 25.72 72.24 12.37
CA SER L 500 25.27 71.13 13.18
C SER L 500 23.83 70.74 12.84
N ARG L 501 23.57 69.45 12.87
CA ARG L 501 22.29 68.89 12.46
C ARG L 501 21.84 67.84 13.45
N ALA L 502 20.72 68.04 14.13
CA ALA L 502 20.31 67.03 15.11
C ALA L 502 19.86 65.78 14.39
N ILE L 503 20.51 64.66 14.69
CA ILE L 503 20.17 63.33 14.20
C ILE L 503 19.05 62.71 15.05
N ASP L 504 18.21 61.87 14.45
CA ASP L 504 17.20 61.17 15.21
C ASP L 504 17.35 59.65 15.12
N THR L 505 17.02 58.95 16.20
CA THR L 505 17.10 57.51 16.23
C THR L 505 15.74 56.86 15.98
#